data_5AA5
#
_entry.id   5AA5
#
_cell.length_a   81.780
_cell.length_b   267.971
_cell.length_c   144.686
_cell.angle_alpha   90.00
_cell.angle_beta   106.58
_cell.angle_gamma   90.00
#
_symmetry.space_group_name_H-M   'P 1 21 1'
#
loop_
_entity.id
_entity.type
_entity.pdbx_description
1 polymer 'NIFE-HYDROGENASE SMALL SUBUNIT, HOFK'
2 polymer 'NIFE-HYDROGENASE LARGE SUBUNIT, HOFG'
3 non-polymer 'IRON/SULFUR CLUSTER'
4 non-polymer 'MALONIC ACID'
5 non-polymer formyl[bis(hydrocyanato-1kappaC)]ironnickel(Fe-Ni)
#
loop_
_entity_poly.entity_id
_entity_poly.type
_entity_poly.pdbx_seq_one_letter_code
_entity_poly.pdbx_strand_id
1 'polypeptide(L)'
;MAEQAVPYGRKTQHTPALKEVHILWITAGLGCDGDSVSITAASQPSVEDVVLGAIPGLPKVHLHNPVLAYENGDEFMAPF
HKAARGEIDNFVLVLEGSIPNERINGEGYWAAMGTDPQTHQPITIPEWLDRLAPKALAVVGAGTCATYGGIHAMEGNPTG
CMGLADYLGWQWKSRAGLPIVNVPGCPVQPDNFMETLLYLLYQLAGLAPMIPLDEALRPKWLFTRTVHDGCDRAGSYEQA
IFATEYGNPNCIVKLGCWGPVVQCNVPKRGWIAGVGGCPNVGGICIGCTMPGFPDKFMPFMDAPPGAVLSSNLIKSYGPL
IRSLRKLTKDTLNDEPKWRHNQPVLTTGYRG
;
A,B,D,F,H,M
2 'polypeptide(L)'
;MATIAAPGARPRAQAAPGKLVEMNWDPITRIVGSLGIYTKIDFENRRVAECYSTSSIFRGYSIFMKGKDPRDSHFITSRI
CGICGDNHATCSVYAQNMAYGVKPPPIADWIINLGEAAEYMFDHNIFQDNLVGVDFCEQMVRETNPGVWEKAKTAEAPHA
AEHGYRTIADIMTALNPFTGEFYRETLLVSRYTREMFCLMEGRHVHPSTLYPGGVGTVPTIQLFTDYITRLMKYVEFMKK
VVPLHDDLFDFFYEALPGYEEVGRRRILLGCWGSFQDPNVCDYNYRTMTKWGRGMFVTPGVVVDGELLTTDLVDINLNIR
ILLGSSFYQDWDHEETSVKNDPLGNAVDRKHPWNQTTLPRPQKRNFGGNYTWVMSPRWLDKRTGDHLALDTGGGPIARLW
ATALAGLVDIGYIKSTGHSVKIYLPRTALKPEAEFEWKIPMWSNAIERDRARTYFQAYSAAAALYFAEQALAELHAGRTR
TFTDFKVPDEAIGCGFHEAVRGVLSHHLVIRDGKIANYHPYPPTPWNASPRDIYGTPGPYEDAVQNTPIFEENGPEKFKG
IDIMRAVRSFDPCLPCGVH
;
C,E,G,I,K,L
#
# COMPACT_ATOMS: atom_id res chain seq x y z
N ALA A 5 31.38 52.93 46.52
CA ALA A 5 32.16 52.27 45.50
C ALA A 5 31.41 51.08 44.90
N VAL A 6 31.29 50.01 45.68
CA VAL A 6 30.63 48.79 45.22
C VAL A 6 29.18 49.03 44.80
N PRO A 7 28.89 48.84 43.49
CA PRO A 7 27.57 49.08 42.90
C PRO A 7 26.54 48.01 43.24
N TYR A 8 25.34 48.43 43.62
CA TYR A 8 24.24 47.50 43.87
C TYR A 8 23.83 46.85 42.57
N GLY A 9 24.25 45.61 42.37
CA GLY A 9 24.01 44.90 41.13
C GLY A 9 25.06 43.83 40.98
N ARG A 10 26.18 44.02 41.68
CA ARG A 10 27.23 43.03 41.75
C ARG A 10 26.70 41.77 42.44
N LYS A 11 25.63 41.94 43.22
CA LYS A 11 24.98 40.84 43.92
C LYS A 11 24.48 39.77 42.95
N THR A 12 24.40 40.12 41.67
CA THR A 12 24.02 39.17 40.63
C THR A 12 25.21 38.30 40.24
N GLN A 13 26.40 38.88 40.38
CA GLN A 13 27.63 38.18 40.04
C GLN A 13 27.98 37.15 41.11
N HIS A 14 28.54 36.03 40.68
CA HIS A 14 28.94 34.97 41.61
C HIS A 14 30.28 34.39 41.22
N THR A 15 30.98 33.86 42.22
CA THR A 15 32.24 33.19 41.97
C THR A 15 31.99 31.74 41.59
N PRO A 16 32.65 31.29 40.51
CA PRO A 16 32.56 29.89 40.08
C PRO A 16 33.23 28.93 41.06
N ALA A 17 32.77 27.69 41.06
CA ALA A 17 33.37 26.65 41.89
C ALA A 17 34.86 26.56 41.62
N LEU A 18 35.22 26.53 40.34
CA LEU A 18 36.61 26.52 39.92
C LEU A 18 37.02 27.93 39.52
N LYS A 19 38.09 28.44 40.13
CA LYS A 19 38.49 29.83 39.93
C LYS A 19 39.24 30.04 38.62
N GLU A 20 40.17 29.13 38.32
CA GLU A 20 40.86 29.09 37.03
C GLU A 20 40.77 27.70 36.43
N VAL A 21 41.10 27.57 35.15
CA VAL A 21 41.21 26.25 34.54
C VAL A 21 42.25 26.27 33.44
N HIS A 22 43.06 25.23 33.39
CA HIS A 22 44.04 25.11 32.32
C HIS A 22 43.54 24.13 31.26
N ILE A 23 43.55 24.57 30.02
CA ILE A 23 43.17 23.67 28.94
C ILE A 23 44.42 23.21 28.25
N LEU A 24 44.87 22.01 28.62
CA LEU A 24 46.07 21.43 28.04
C LEU A 24 45.71 20.69 26.76
N TRP A 25 46.07 21.30 25.64
CA TRP A 25 45.67 20.82 24.32
C TRP A 25 46.82 20.11 23.61
N ILE A 26 46.78 18.79 23.58
CA ILE A 26 47.81 18.03 22.88
C ILE A 26 47.42 17.81 21.42
N THR A 27 48.15 18.47 20.52
CA THR A 27 47.89 18.39 19.08
C THR A 27 48.75 17.36 18.39
N ALA A 28 49.66 16.74 19.13
CA ALA A 28 50.67 15.84 18.56
C ALA A 28 50.20 14.40 18.47
N GLY A 29 48.89 14.21 18.29
CA GLY A 29 48.34 12.89 17.99
C GLY A 29 48.48 12.66 16.51
N LEU A 30 48.05 11.51 16.02
CA LEU A 30 48.06 11.29 14.58
C LEU A 30 46.95 12.15 13.95
N GLY A 31 47.28 13.43 13.76
CA GLY A 31 46.32 14.39 13.27
C GLY A 31 46.88 15.41 12.31
N CYS A 32 46.08 16.41 11.99
CA CYS A 32 46.44 17.40 10.98
C CYS A 32 46.29 18.82 11.49
N ASP A 33 45.82 18.94 12.73
CA ASP A 33 45.60 20.24 13.37
C ASP A 33 44.41 20.98 12.78
N GLY A 34 43.57 20.25 12.04
CA GLY A 34 42.38 20.83 11.45
C GLY A 34 41.38 21.30 12.49
N ASP A 35 41.28 20.55 13.58
CA ASP A 35 40.34 20.88 14.63
C ASP A 35 40.82 22.09 15.43
N SER A 36 42.13 22.25 15.52
CA SER A 36 42.71 23.45 16.13
C SER A 36 42.45 24.67 15.25
N VAL A 37 42.77 24.54 13.96
CA VAL A 37 42.50 25.58 13.00
C VAL A 37 41.01 25.91 12.96
N SER A 38 40.18 24.87 13.04
CA SER A 38 38.75 25.02 12.82
C SER A 38 38.05 25.90 13.87
N ILE A 39 38.45 25.79 15.12
CA ILE A 39 37.78 26.57 16.16
C ILE A 39 38.12 28.06 16.11
N THR A 40 39.19 28.45 15.41
CA THR A 40 39.47 29.88 15.25
C THR A 40 38.43 30.53 14.34
N ALA A 41 37.59 29.71 13.73
CA ALA A 41 36.53 30.20 12.85
C ALA A 41 35.23 30.45 13.62
N ALA A 42 35.22 30.09 14.90
CA ALA A 42 33.99 30.12 15.70
C ALA A 42 33.63 31.52 16.18
N SER A 43 32.32 31.77 16.32
CA SER A 43 31.82 33.06 16.82
C SER A 43 30.79 32.90 17.93
N GLN A 44 30.37 31.66 18.18
CA GLN A 44 29.32 31.38 19.16
C GLN A 44 29.70 30.26 20.09
N PRO A 45 30.66 30.50 21.00
CA PRO A 45 31.45 31.72 21.12
C PRO A 45 32.80 31.56 20.42
N SER A 46 33.51 32.67 20.25
CA SER A 46 34.81 32.61 19.59
C SER A 46 35.90 32.32 20.61
N VAL A 47 37.03 31.82 20.14
CA VAL A 47 38.17 31.59 21.02
C VAL A 47 38.54 32.84 21.82
N GLU A 48 38.69 33.97 21.13
CA GLU A 48 39.10 35.20 21.81
C GLU A 48 38.03 35.67 22.78
N ASP A 49 36.83 35.10 22.69
CA ASP A 49 35.78 35.41 23.66
C ASP A 49 35.95 34.58 24.93
N VAL A 50 36.29 33.31 24.76
CA VAL A 50 36.50 32.40 25.88
C VAL A 50 37.75 32.78 26.67
N VAL A 51 38.80 33.18 25.96
CA VAL A 51 40.07 33.50 26.59
C VAL A 51 40.03 34.83 27.35
N LEU A 52 39.30 35.81 26.78
CA LEU A 52 39.15 37.09 27.44
C LEU A 52 37.99 37.05 28.44
N GLY A 53 37.23 35.96 28.43
CA GLY A 53 36.08 35.82 29.31
C GLY A 53 35.03 36.89 29.08
N ALA A 54 34.35 36.81 27.93
CA ALA A 54 33.30 37.76 27.58
C ALA A 54 32.03 37.47 28.37
N ILE A 55 31.69 36.20 28.47
CA ILE A 55 30.62 35.76 29.37
C ILE A 55 31.17 35.70 30.79
N PRO A 56 30.63 36.54 31.68
CA PRO A 56 31.12 36.57 33.06
C PRO A 56 30.68 35.34 33.84
N GLY A 57 31.29 35.10 35.00
CA GLY A 57 30.87 34.04 35.90
C GLY A 57 31.62 32.73 35.78
N LEU A 58 32.45 32.60 34.76
CA LEU A 58 33.08 31.32 34.46
C LEU A 58 34.52 31.23 34.93
N PRO A 59 35.08 30.02 34.98
CA PRO A 59 36.49 29.83 35.35
C PRO A 59 37.39 30.62 34.44
N LYS A 60 38.43 31.25 35.00
CA LYS A 60 39.41 31.96 34.19
C LYS A 60 40.14 30.94 33.33
N VAL A 61 40.25 31.22 32.04
CA VAL A 61 40.78 30.23 31.12
C VAL A 61 42.19 30.53 30.66
N HIS A 62 43.04 29.50 30.74
CA HIS A 62 44.38 29.57 30.18
C HIS A 62 44.50 28.55 29.06
N LEU A 63 44.45 29.03 27.83
CA LEU A 63 44.50 28.14 26.68
C LEU A 63 45.94 27.80 26.32
N HIS A 64 46.27 26.51 26.39
CA HIS A 64 47.60 26.07 26.02
C HIS A 64 47.59 25.32 24.70
N ASN A 65 47.27 26.02 23.62
CA ASN A 65 47.32 25.43 22.29
C ASN A 65 48.61 25.80 21.56
N PRO A 66 49.29 24.81 20.98
CA PRO A 66 50.59 25.03 20.34
C PRO A 66 50.48 25.93 19.11
N VAL A 67 49.30 26.01 18.52
CA VAL A 67 49.13 26.76 17.29
C VAL A 67 49.10 28.26 17.56
N LEU A 68 48.50 28.64 18.68
CA LEU A 68 48.30 30.05 19.01
C LEU A 68 49.30 30.58 20.04
N ALA A 69 49.95 29.67 20.77
CA ALA A 69 50.68 30.02 21.98
C ALA A 69 51.79 31.04 21.76
N TYR A 70 51.92 31.97 22.70
CA TYR A 70 53.05 32.91 22.72
C TYR A 70 54.36 32.19 23.08
N GLU A 71 54.31 31.38 24.14
CA GLU A 71 55.48 30.62 24.60
C GLU A 71 55.88 29.58 23.57
N ASN A 72 57.17 29.26 23.55
CA ASN A 72 57.72 28.35 22.54
C ASN A 72 58.58 27.24 23.15
N GLY A 73 58.55 26.06 22.53
CA GLY A 73 59.43 24.99 22.95
C GLY A 73 59.33 24.63 24.42
N ASP A 74 60.42 24.80 25.16
CA ASP A 74 60.50 24.34 26.55
C ASP A 74 59.59 25.12 27.50
N GLU A 75 59.41 26.42 27.23
CA GLU A 75 58.60 27.26 28.09
C GLU A 75 57.11 27.03 27.85
N PHE A 76 56.78 26.42 26.71
CA PHE A 76 55.40 26.06 26.42
C PHE A 76 55.02 24.72 27.04
N MET A 77 55.99 23.81 27.10
CA MET A 77 55.76 22.47 27.65
C MET A 77 55.82 22.48 29.17
N ALA A 78 56.21 23.61 29.73
CA ALA A 78 56.34 23.75 31.18
C ALA A 78 55.08 23.31 31.93
N PRO A 79 53.93 23.86 31.56
CA PRO A 79 52.68 23.49 32.24
C PRO A 79 52.32 22.01 32.07
N PHE A 80 52.72 21.39 30.97
CA PHE A 80 52.40 19.99 30.70
C PHE A 80 53.15 19.05 31.63
N HIS A 81 54.45 19.29 31.77
CA HIS A 81 55.29 18.50 32.66
C HIS A 81 54.88 18.69 34.12
N LYS A 82 54.48 19.91 34.44
CA LYS A 82 54.05 20.26 35.79
C LYS A 82 52.73 19.56 36.11
N ALA A 83 51.85 19.49 35.12
CA ALA A 83 50.55 18.84 35.29
C ALA A 83 50.73 17.34 35.50
N ALA A 84 51.65 16.76 34.74
CA ALA A 84 51.89 15.33 34.81
C ALA A 84 52.44 14.95 36.18
N ARG A 85 53.18 15.87 36.79
CA ARG A 85 53.72 15.64 38.12
C ARG A 85 52.67 15.92 39.19
N GLY A 86 51.42 16.05 38.76
CA GLY A 86 50.32 16.29 39.67
C GLY A 86 50.38 17.60 40.45
N GLU A 87 50.97 18.62 39.84
CA GLU A 87 51.15 19.90 40.50
C GLU A 87 50.20 20.97 39.94
N ILE A 88 49.34 20.54 39.03
CA ILE A 88 48.26 21.40 38.53
C ILE A 88 46.93 20.68 38.72
N ASP A 89 46.15 21.14 39.69
CA ASP A 89 44.92 20.45 40.09
C ASP A 89 43.69 20.93 39.34
N ASN A 90 43.90 21.82 38.38
CA ASN A 90 42.79 22.44 37.67
C ASN A 90 42.99 22.48 36.16
N PHE A 91 43.15 21.33 35.52
CA PHE A 91 43.32 21.33 34.08
C PHE A 91 42.43 20.32 33.37
N VAL A 92 41.92 20.74 32.22
CA VAL A 92 41.20 19.86 31.30
C VAL A 92 42.13 19.43 30.18
N LEU A 93 42.04 18.19 29.75
CA LEU A 93 42.94 17.69 28.70
C LEU A 93 42.21 17.54 27.37
N VAL A 94 42.67 18.27 26.36
CA VAL A 94 42.09 18.13 25.03
C VAL A 94 43.07 17.43 24.08
N LEU A 95 42.64 16.32 23.51
CA LEU A 95 43.47 15.57 22.58
C LEU A 95 42.96 15.72 21.15
N GLU A 96 43.90 15.85 20.22
CA GLU A 96 43.59 16.05 18.82
C GLU A 96 44.47 15.15 17.97
N GLY A 97 43.87 14.28 17.18
CA GLY A 97 44.62 13.33 16.38
C GLY A 97 44.56 11.95 17.01
N SER A 98 44.99 10.94 16.27
CA SER A 98 44.82 9.55 16.71
C SER A 98 45.92 9.07 17.65
N ILE A 99 45.54 8.22 18.59
CA ILE A 99 46.49 7.60 19.50
C ILE A 99 47.13 6.39 18.84
N PRO A 100 48.44 6.44 18.63
CA PRO A 100 49.13 5.36 17.92
C PRO A 100 49.36 4.15 18.81
N ASN A 101 49.55 2.99 18.20
CA ASN A 101 49.99 1.81 18.93
C ASN A 101 51.52 1.78 18.99
N GLU A 102 52.06 2.06 20.17
CA GLU A 102 53.49 2.17 20.31
C GLU A 102 54.06 0.87 20.86
N ARG A 103 53.22 -0.16 20.91
CA ARG A 103 53.66 -1.46 21.38
C ARG A 103 54.26 -2.29 20.25
N ILE A 104 53.90 -1.96 19.01
CA ILE A 104 54.51 -2.61 17.85
C ILE A 104 55.91 -2.05 17.63
N ASN A 105 56.23 -0.96 18.32
CA ASN A 105 57.60 -0.49 18.45
C ASN A 105 58.14 -0.98 19.79
N GLY A 106 59.41 -1.33 19.85
CA GLY A 106 60.39 -0.99 18.85
C GLY A 106 61.41 -0.21 19.65
N GLU A 107 61.95 0.85 19.07
CA GLU A 107 62.77 1.78 19.85
C GLU A 107 62.55 3.20 19.34
N GLY A 108 61.76 3.30 18.28
CA GLY A 108 61.40 4.60 17.72
C GLY A 108 60.05 5.07 18.22
N TYR A 109 59.32 5.79 17.39
CA TYR A 109 58.02 6.30 17.79
C TYR A 109 57.17 6.72 16.60
N TRP A 110 55.86 6.55 16.73
CA TRP A 110 54.92 6.99 15.70
C TRP A 110 54.58 8.47 15.87
N ALA A 111 54.65 8.96 17.10
CA ALA A 111 54.33 10.35 17.37
C ALA A 111 54.73 10.76 18.78
N ALA A 112 55.22 11.98 18.92
CA ALA A 112 55.70 12.47 20.20
C ALA A 112 55.52 13.97 20.35
N MET A 113 55.56 14.42 21.61
CA MET A 113 55.49 15.83 21.92
C MET A 113 56.51 16.17 23.00
N GLY A 114 57.53 16.93 22.64
CA GLY A 114 58.55 17.31 23.59
C GLY A 114 59.47 16.15 23.95
N THR A 115 60.38 16.38 24.89
CA THR A 115 61.35 15.37 25.26
C THR A 115 61.50 15.28 26.77
N ASP A 116 61.92 14.12 27.25
CA ASP A 116 62.15 13.92 28.68
C ASP A 116 63.30 14.83 29.12
N PRO A 117 63.03 15.71 30.10
CA PRO A 117 64.02 16.68 30.58
C PRO A 117 65.32 16.02 31.01
N GLN A 118 65.21 14.78 31.47
CA GLN A 118 66.36 13.99 31.85
C GLN A 118 66.91 13.23 30.65
N THR A 119 66.22 12.16 30.27
CA THR A 119 66.65 11.27 29.21
C THR A 119 66.88 11.93 27.84
N HIS A 120 66.15 13.01 27.56
CA HIS A 120 66.21 13.67 26.27
C HIS A 120 65.69 12.76 25.15
N GLN A 121 64.70 11.95 25.49
CA GLN A 121 64.01 11.16 24.48
C GLN A 121 62.62 11.73 24.21
N PRO A 122 62.16 11.62 22.96
CA PRO A 122 60.82 12.13 22.64
C PRO A 122 59.75 11.42 23.45
N ILE A 123 58.80 12.17 24.00
CA ILE A 123 57.73 11.62 24.82
C ILE A 123 56.50 11.29 24.00
N THR A 124 56.17 10.00 23.89
CA THR A 124 55.06 9.56 23.05
C THR A 124 53.72 9.99 23.61
N ILE A 125 52.69 9.92 22.78
CA ILE A 125 51.35 10.29 23.18
C ILE A 125 50.77 9.39 24.28
N PRO A 126 50.82 8.06 24.08
CA PRO A 126 50.43 7.10 25.13
C PRO A 126 51.08 7.45 26.46
N GLU A 127 52.35 7.85 26.45
CA GLU A 127 53.02 8.24 27.68
C GLU A 127 52.37 9.47 28.29
N TRP A 128 52.07 10.47 27.47
CA TRP A 128 51.49 11.71 27.98
C TRP A 128 50.13 11.41 28.60
N LEU A 129 49.29 10.69 27.85
CA LEU A 129 47.96 10.31 28.34
C LEU A 129 48.03 9.61 29.70
N ASP A 130 48.84 8.56 29.76
CA ASP A 130 49.07 7.82 31.00
C ASP A 130 49.40 8.74 32.16
N ARG A 131 50.23 9.74 31.90
CA ARG A 131 50.66 10.68 32.93
C ARG A 131 49.58 11.70 33.25
N LEU A 132 48.79 12.09 32.25
CA LEU A 132 47.90 13.23 32.38
C LEU A 132 46.44 12.88 32.66
N ALA A 133 45.92 11.86 31.98
CA ALA A 133 44.51 11.49 32.06
C ALA A 133 43.98 11.31 33.47
N PRO A 134 44.70 10.52 34.30
CA PRO A 134 44.27 10.26 35.68
C PRO A 134 44.36 11.47 36.60
N LYS A 135 44.69 12.63 36.05
CA LYS A 135 44.84 13.84 36.87
C LYS A 135 43.91 14.94 36.39
N ALA A 136 43.59 14.91 35.09
CA ALA A 136 42.75 15.95 34.50
C ALA A 136 41.35 15.91 35.09
N LEU A 137 40.75 17.10 35.21
CA LEU A 137 39.36 17.22 35.64
C LEU A 137 38.44 16.61 34.58
N ALA A 138 38.82 16.75 33.31
CA ALA A 138 38.07 16.11 32.23
C ALA A 138 38.97 15.83 31.03
N VAL A 139 38.62 14.80 30.27
CA VAL A 139 39.28 14.53 29.00
C VAL A 139 38.34 14.75 27.82
N VAL A 140 38.73 15.63 26.90
CA VAL A 140 37.95 15.89 25.69
C VAL A 140 38.69 15.42 24.44
N GLY A 141 37.94 14.88 23.49
CA GLY A 141 38.49 14.47 22.20
C GLY A 141 38.04 15.43 21.13
N ALA A 142 38.99 16.08 20.47
CA ALA A 142 38.66 17.05 19.45
C ALA A 142 38.82 16.41 18.09
N GLY A 143 37.70 16.23 17.41
CA GLY A 143 37.72 15.63 16.08
C GLY A 143 37.59 14.12 16.10
N THR A 144 37.22 13.56 14.97
CA THR A 144 36.95 12.14 14.84
C THR A 144 38.18 11.28 15.14
N CYS A 145 39.35 11.75 14.71
CA CYS A 145 40.61 11.04 14.96
C CYS A 145 40.83 10.73 16.45
N ALA A 146 40.83 11.76 17.28
CA ALA A 146 40.99 11.58 18.72
C ALA A 146 39.84 10.78 19.33
N THR A 147 38.63 10.91 18.80
CA THR A 147 37.49 10.24 19.41
C THR A 147 37.34 8.77 18.98
N TYR A 148 37.45 8.49 17.69
CA TYR A 148 37.20 7.13 17.20
C TYR A 148 38.33 6.59 16.32
N GLY A 149 39.46 7.28 16.25
CA GLY A 149 40.55 6.86 15.41
C GLY A 149 40.59 7.60 14.11
N GLY A 150 39.41 7.83 13.53
CA GLY A 150 39.29 8.63 12.32
C GLY A 150 40.02 8.09 11.11
N ILE A 151 40.36 8.99 10.20
CA ILE A 151 40.90 8.61 8.91
C ILE A 151 42.23 7.84 8.99
N HIS A 152 43.01 8.10 10.03
CA HIS A 152 44.32 7.46 10.15
C HIS A 152 44.23 6.07 10.77
N ALA A 153 43.10 5.77 11.39
CA ALA A 153 42.81 4.42 11.87
C ALA A 153 42.08 3.61 10.80
N MET A 154 42.26 4.03 9.55
CA MET A 154 41.73 3.33 8.39
C MET A 154 42.35 1.95 8.20
N GLU A 155 41.69 1.06 7.46
CA GLU A 155 42.26 -0.26 7.19
C GLU A 155 43.56 -0.17 6.36
N GLY A 156 44.59 -0.86 6.84
CA GLY A 156 45.88 -0.87 6.16
C GLY A 156 46.87 0.15 6.70
N ASN A 157 46.53 0.79 7.82
CA ASN A 157 47.44 1.79 8.39
C ASN A 157 48.58 1.13 9.15
N PRO A 158 49.77 1.75 9.09
CA PRO A 158 50.97 1.19 9.71
C PRO A 158 51.10 1.50 11.19
N THR A 159 50.30 2.45 11.69
CA THR A 159 50.43 2.89 13.08
C THR A 159 49.57 2.11 14.05
N GLY A 160 48.54 1.45 13.54
CA GLY A 160 47.61 0.74 14.40
C GLY A 160 46.92 1.64 15.40
N CYS A 161 46.69 2.89 15.02
CA CYS A 161 46.14 3.90 15.94
C CYS A 161 44.66 3.71 16.27
N MET A 162 44.17 4.58 17.15
CA MET A 162 42.87 4.41 17.79
C MET A 162 42.36 5.72 18.37
N GLY A 163 41.18 5.67 18.99
CA GLY A 163 40.61 6.83 19.64
C GLY A 163 40.83 6.83 21.14
N LEU A 164 40.40 7.89 21.81
CA LEU A 164 40.55 8.02 23.26
C LEU A 164 39.90 6.88 24.01
N ALA A 165 38.61 6.67 23.75
CA ALA A 165 37.82 5.66 24.42
C ALA A 165 38.41 4.25 24.24
N ASP A 166 39.07 4.02 23.12
CA ASP A 166 39.78 2.77 22.87
C ASP A 166 41.02 2.66 23.75
N TYR A 167 41.71 3.77 23.97
CA TYR A 167 42.91 3.74 24.77
C TYR A 167 42.60 3.67 26.27
N LEU A 168 41.69 4.53 26.74
CA LEU A 168 41.23 4.46 28.12
C LEU A 168 39.99 3.60 28.16
N GLY A 169 39.19 3.68 29.22
CA GLY A 169 37.96 2.91 29.25
C GLY A 169 36.86 3.54 28.40
N TRP A 170 36.00 2.72 27.81
CA TRP A 170 34.78 3.25 27.19
C TRP A 170 33.82 3.76 28.28
N GLN A 171 34.03 3.29 29.51
CA GLN A 171 33.29 3.79 30.67
C GLN A 171 34.25 4.50 31.64
N TRP A 172 35.40 4.92 31.12
CA TRP A 172 36.40 5.64 31.88
C TRP A 172 35.85 6.96 32.44
N LYS A 173 36.14 7.23 33.71
CA LYS A 173 35.77 8.50 34.34
C LYS A 173 37.01 9.26 34.78
N SER A 174 36.94 10.58 34.72
CA SER A 174 38.01 11.42 35.23
C SER A 174 38.00 11.36 36.75
N ARG A 175 39.00 11.96 37.37
CA ARG A 175 39.06 12.06 38.82
C ARG A 175 37.94 12.95 39.37
N ALA A 176 37.18 13.55 38.45
CA ALA A 176 36.05 14.43 38.82
C ALA A 176 34.72 13.82 38.36
N GLY A 177 34.78 12.59 37.88
CA GLY A 177 33.58 11.85 37.52
C GLY A 177 32.99 12.20 36.18
N LEU A 178 33.75 12.90 35.35
CA LEU A 178 33.30 13.19 33.99
C LEU A 178 33.72 12.06 33.05
N PRO A 179 32.82 11.65 32.16
CA PRO A 179 33.12 10.69 31.10
C PRO A 179 34.07 11.32 30.08
N ILE A 180 34.61 10.52 29.16
CA ILE A 180 35.31 11.09 28.03
C ILE A 180 34.30 11.91 27.25
N VAL A 181 34.70 13.07 26.76
CA VAL A 181 33.81 13.91 25.98
C VAL A 181 34.25 13.94 24.52
N ASN A 182 33.54 13.18 23.69
CA ASN A 182 33.85 13.14 22.27
C ASN A 182 33.12 14.23 21.50
N VAL A 183 33.88 15.12 20.89
CA VAL A 183 33.32 16.07 19.94
C VAL A 183 33.90 15.75 18.57
N PRO A 184 33.25 14.83 17.85
CA PRO A 184 33.70 14.34 16.55
C PRO A 184 33.42 15.33 15.41
N GLY A 185 33.76 14.90 14.20
CA GLY A 185 33.79 15.77 13.04
C GLY A 185 35.20 15.78 12.48
N CYS A 186 35.34 16.04 11.19
CA CYS A 186 36.65 16.03 10.54
C CYS A 186 36.72 17.14 9.49
N PRO A 187 37.03 18.37 9.93
CA PRO A 187 37.29 18.74 11.31
C PRO A 187 36.00 18.94 12.10
N VAL A 188 36.15 19.16 13.40
CA VAL A 188 35.03 19.51 14.25
C VAL A 188 34.39 20.80 13.73
N GLN A 189 33.07 20.82 13.66
CA GLN A 189 32.34 22.04 13.31
C GLN A 189 32.65 23.09 14.36
N PRO A 190 33.16 24.25 13.91
CA PRO A 190 33.76 25.29 14.75
C PRO A 190 32.94 25.58 16.01
N ASP A 191 31.68 25.95 15.84
CA ASP A 191 30.83 26.30 16.97
C ASP A 191 30.45 25.07 17.80
N ASN A 192 30.55 23.88 17.21
CA ASN A 192 30.19 22.67 17.95
C ASN A 192 31.18 22.44 19.08
N PHE A 193 32.47 22.63 18.81
CA PHE A 193 33.48 22.43 19.85
C PHE A 193 33.44 23.54 20.90
N MET A 194 33.27 24.79 20.45
CA MET A 194 33.27 25.93 21.36
C MET A 194 32.08 25.94 22.29
N GLU A 195 31.00 25.30 21.86
CA GLU A 195 29.80 25.17 22.68
C GLU A 195 29.98 24.09 23.73
N THR A 196 30.71 23.05 23.37
CA THR A 196 30.96 21.94 24.29
C THR A 196 31.93 22.43 25.36
N LEU A 197 32.91 23.21 24.93
CA LEU A 197 33.90 23.75 25.85
C LEU A 197 33.19 24.72 26.77
N LEU A 198 32.37 25.59 26.19
CA LEU A 198 31.64 26.58 26.96
C LEU A 198 30.76 25.90 27.99
N TYR A 199 30.22 24.72 27.65
CA TYR A 199 29.35 24.00 28.58
C TYR A 199 30.16 23.49 29.77
N LEU A 200 31.30 22.88 29.49
CA LEU A 200 32.18 22.41 30.55
C LEU A 200 32.64 23.55 31.45
N LEU A 201 32.78 24.75 30.87
CA LEU A 201 33.14 25.93 31.66
C LEU A 201 32.00 26.26 32.60
N TYR A 202 30.78 26.13 32.09
CA TYR A 202 29.59 26.35 32.89
C TYR A 202 29.43 25.26 33.95
N GLN A 203 29.77 24.02 33.59
CA GLN A 203 29.64 22.90 34.51
C GLN A 203 30.66 22.96 35.64
N LEU A 204 31.89 23.38 35.33
CA LEU A 204 32.94 23.51 36.33
C LEU A 204 32.69 24.69 37.26
N ALA A 205 31.85 25.61 36.79
CA ALA A 205 31.50 26.78 37.60
C ALA A 205 30.37 26.43 38.58
N GLY A 206 29.74 25.29 38.35
CA GLY A 206 28.61 24.86 39.15
C GLY A 206 27.32 25.52 38.70
N LEU A 207 27.14 25.62 37.39
CA LEU A 207 26.00 26.33 36.84
C LEU A 207 25.15 25.44 35.93
N ALA A 208 25.75 24.38 35.41
CA ALA A 208 25.03 23.42 34.62
C ALA A 208 25.14 22.03 35.25
N PRO A 209 24.16 21.17 35.01
CA PRO A 209 24.24 19.79 35.51
C PRO A 209 25.32 19.03 34.76
N MET A 210 25.49 17.73 35.01
CA MET A 210 26.46 16.95 34.24
C MET A 210 26.18 17.08 32.75
N ILE A 211 27.24 17.08 31.95
CA ILE A 211 27.11 17.21 30.50
C ILE A 211 26.48 15.95 29.90
N PRO A 212 25.34 16.10 29.21
CA PRO A 212 24.59 14.97 28.66
C PRO A 212 25.24 14.33 27.43
N LEU A 213 25.72 13.10 27.57
CA LEU A 213 26.37 12.43 26.45
C LEU A 213 25.60 11.18 26.07
N ASP A 214 25.73 10.76 24.81
CA ASP A 214 25.12 9.51 24.38
C ASP A 214 26.08 8.35 24.64
N GLU A 215 25.81 7.22 24.00
CA GLU A 215 26.57 6.00 24.25
C GLU A 215 27.98 6.11 23.68
N ALA A 216 28.14 6.91 22.63
CA ALA A 216 29.45 7.11 22.03
C ALA A 216 30.08 8.38 22.59
N LEU A 217 29.45 8.92 23.63
CA LEU A 217 30.02 10.00 24.40
C LEU A 217 30.01 11.33 23.65
N ARG A 218 28.96 11.55 22.86
CA ARG A 218 28.79 12.77 22.09
C ARG A 218 27.77 13.70 22.73
N PRO A 219 28.06 15.01 22.76
CA PRO A 219 27.07 15.97 23.29
C PRO A 219 25.75 15.81 22.58
N LYS A 220 24.69 15.57 23.36
CA LYS A 220 23.40 15.14 22.82
C LYS A 220 22.69 16.22 22.01
N TRP A 221 22.85 17.47 22.41
CA TRP A 221 22.15 18.55 21.73
C TRP A 221 22.76 18.84 20.36
N LEU A 222 23.86 18.16 20.03
CA LEU A 222 24.57 18.39 18.78
C LEU A 222 24.57 17.17 17.85
N PHE A 223 24.61 15.96 18.41
CA PHE A 223 24.82 14.78 17.58
C PHE A 223 23.70 13.74 17.60
N THR A 224 22.52 14.11 18.09
CA THR A 224 21.42 13.15 18.17
C THR A 224 20.69 13.00 16.83
N ARG A 225 20.18 14.11 16.30
CA ARG A 225 19.53 14.09 15.00
C ARG A 225 20.55 13.82 13.89
N THR A 226 20.08 13.36 12.74
CA THR A 226 20.97 12.99 11.64
C THR A 226 21.17 14.13 10.65
N VAL A 227 22.07 13.92 9.70
CA VAL A 227 22.28 14.87 8.61
C VAL A 227 20.99 15.06 7.84
N HIS A 228 20.45 13.95 7.33
CA HIS A 228 19.22 13.94 6.58
C HIS A 228 18.07 14.62 7.33
N ASP A 229 18.14 14.61 8.66
CA ASP A 229 17.11 15.26 9.49
C ASP A 229 17.11 16.77 9.34
N GLY A 230 18.23 17.35 8.92
CA GLY A 230 18.33 18.79 8.76
C GLY A 230 18.74 19.23 7.38
N CYS A 231 18.59 18.35 6.39
CA CYS A 231 18.93 18.67 5.02
C CYS A 231 17.75 19.28 4.26
N ASP A 232 17.99 20.39 3.57
CA ASP A 232 16.91 21.05 2.84
C ASP A 232 16.54 20.27 1.60
N ARG A 233 17.48 19.48 1.09
CA ARG A 233 17.22 18.70 -0.12
C ARG A 233 16.27 17.54 0.17
N ALA A 234 15.88 17.41 1.43
CA ALA A 234 15.05 16.29 1.90
C ALA A 234 13.70 16.26 1.19
N GLY A 235 13.15 17.44 0.89
CA GLY A 235 11.90 17.54 0.16
C GLY A 235 12.02 16.91 -1.21
N SER A 236 13.16 17.18 -1.85
CA SER A 236 13.50 16.53 -3.12
C SER A 236 13.50 15.00 -2.99
N TYR A 237 13.93 14.50 -1.83
CA TYR A 237 14.09 13.07 -1.58
C TYR A 237 12.75 12.36 -1.44
N GLU A 238 11.80 13.06 -0.81
CA GLU A 238 10.44 12.55 -0.60
C GLU A 238 9.75 12.32 -1.94
N GLN A 239 10.04 13.20 -2.90
CA GLN A 239 9.61 12.98 -4.27
C GLN A 239 10.66 12.13 -4.97
N ALA A 240 10.37 11.67 -6.18
CA ALA A 240 11.30 10.81 -6.90
C ALA A 240 12.55 11.56 -7.35
N ILE A 241 12.55 12.87 -7.14
CA ILE A 241 13.54 13.76 -7.74
C ILE A 241 14.95 13.61 -7.15
N PHE A 242 15.77 12.80 -7.81
CA PHE A 242 17.14 12.60 -7.38
C PHE A 242 18.12 13.17 -8.39
N ALA A 243 19.20 13.77 -7.90
CA ALA A 243 20.24 14.31 -8.75
C ALA A 243 20.97 13.21 -9.51
N THR A 244 21.50 13.55 -10.67
CA THR A 244 22.12 12.57 -11.55
C THR A 244 23.58 12.92 -11.84
N GLU A 245 23.89 14.22 -11.88
CA GLU A 245 25.27 14.69 -11.90
C GLU A 245 25.44 15.65 -10.73
N TYR A 246 26.67 16.04 -10.43
CA TYR A 246 26.97 16.61 -9.11
C TYR A 246 26.58 18.07 -8.93
N GLY A 247 26.51 18.82 -10.02
CA GLY A 247 26.22 20.24 -9.89
C GLY A 247 24.75 20.53 -9.60
N ASN A 248 23.98 19.46 -9.35
CA ASN A 248 22.53 19.57 -9.31
C ASN A 248 22.02 19.97 -7.93
N PRO A 249 20.92 20.73 -7.89
CA PRO A 249 20.30 21.26 -6.67
C PRO A 249 19.47 20.25 -5.87
N ASN A 250 19.22 19.07 -6.43
CA ASN A 250 18.38 18.09 -5.77
C ASN A 250 19.15 17.10 -4.89
N CYS A 251 18.45 16.12 -4.35
CA CYS A 251 19.06 15.14 -3.46
C CYS A 251 20.19 14.38 -4.15
N ILE A 252 21.28 14.14 -3.43
CA ILE A 252 22.44 13.50 -4.03
C ILE A 252 22.75 12.17 -3.36
N VAL A 253 21.71 11.50 -2.87
CA VAL A 253 21.86 10.20 -2.23
C VAL A 253 22.47 9.17 -3.16
N LYS A 254 22.02 9.13 -4.41
CA LYS A 254 22.51 8.16 -5.38
C LYS A 254 23.95 8.45 -5.80
N LEU A 255 24.44 9.62 -5.42
CA LEU A 255 25.78 10.07 -5.80
C LEU A 255 26.77 10.00 -4.63
N GLY A 256 26.32 9.49 -3.48
CA GLY A 256 27.23 9.17 -2.40
C GLY A 256 26.86 9.65 -1.01
N CYS A 257 25.72 10.31 -0.86
CA CYS A 257 25.35 10.91 0.41
C CYS A 257 24.84 9.88 1.41
N TRP A 258 25.42 9.87 2.61
CA TRP A 258 25.05 8.93 3.65
C TRP A 258 24.15 9.55 4.72
N GLY A 259 23.71 10.77 4.49
CA GLY A 259 22.98 11.56 5.48
C GLY A 259 21.95 10.89 6.36
N PRO A 260 21.10 10.02 5.80
CA PRO A 260 19.98 9.45 6.58
C PRO A 260 20.45 8.58 7.75
N VAL A 261 21.70 8.13 7.70
CA VAL A 261 22.24 7.25 8.73
C VAL A 261 23.47 7.83 9.42
N VAL A 262 23.62 9.15 9.38
CA VAL A 262 24.79 9.80 9.96
C VAL A 262 24.39 10.89 10.96
N GLN A 263 25.03 10.88 12.12
CA GLN A 263 24.70 11.83 13.18
C GLN A 263 25.62 13.04 13.19
N CYS A 264 25.10 14.14 12.65
CA CYS A 264 25.85 15.37 12.51
C CYS A 264 24.84 16.48 12.28
N ASN A 265 25.13 17.68 12.79
CA ASN A 265 24.18 18.76 12.74
C ASN A 265 24.53 19.80 11.70
N VAL A 266 25.53 19.52 10.89
CA VAL A 266 26.09 20.54 10.00
C VAL A 266 25.09 21.15 9.03
N PRO A 267 24.42 20.33 8.21
CA PRO A 267 23.41 20.85 7.27
C PRO A 267 22.40 21.81 7.93
N LYS A 268 22.02 21.54 9.17
CA LYS A 268 21.03 22.36 9.87
C LYS A 268 21.62 23.68 10.38
N ARG A 269 22.91 23.67 10.70
CA ARG A 269 23.55 24.82 11.34
C ARG A 269 24.42 25.66 10.40
N GLY A 270 24.80 25.11 9.25
CA GLY A 270 25.82 25.71 8.41
C GLY A 270 27.19 25.35 8.94
N TRP A 271 28.22 25.72 8.20
CA TRP A 271 29.58 25.51 8.67
C TRP A 271 30.11 26.70 9.48
N ILE A 272 30.09 27.88 8.86
CA ILE A 272 30.58 29.09 9.49
C ILE A 272 29.55 30.19 9.30
N ALA A 273 29.01 30.69 10.42
CA ALA A 273 27.95 31.70 10.38
C ALA A 273 26.88 31.36 9.35
N GLY A 274 26.39 30.13 9.41
CA GLY A 274 25.27 29.71 8.58
C GLY A 274 25.53 29.58 7.10
N VAL A 275 26.80 29.47 6.69
CA VAL A 275 27.16 29.54 5.28
C VAL A 275 27.54 28.21 4.63
N GLY A 276 28.35 27.41 5.30
CA GLY A 276 28.86 26.23 4.63
C GLY A 276 27.93 25.02 4.65
N GLY A 277 28.54 23.85 4.75
CA GLY A 277 27.79 22.62 4.87
C GLY A 277 28.30 21.53 3.94
N CYS A 278 27.52 20.47 3.81
CA CYS A 278 27.89 19.43 2.87
C CYS A 278 26.74 19.17 1.88
N PRO A 279 25.79 18.27 2.22
CA PRO A 279 24.79 17.95 1.20
C PRO A 279 23.87 19.12 0.87
N ASN A 280 23.67 20.01 1.83
CA ASN A 280 22.80 21.17 1.63
C ASN A 280 23.35 22.14 0.60
N VAL A 281 24.63 22.00 0.27
CA VAL A 281 25.25 22.85 -0.72
C VAL A 281 25.96 22.04 -1.79
N GLY A 282 25.57 20.77 -1.90
CA GLY A 282 26.04 19.91 -2.98
C GLY A 282 27.15 18.93 -2.69
N GLY A 283 27.65 18.91 -1.47
CA GLY A 283 28.69 17.97 -1.11
C GLY A 283 28.13 16.76 -0.41
N ILE A 284 28.33 15.59 -0.99
CA ILE A 284 27.81 14.36 -0.40
C ILE A 284 28.37 14.21 1.01
N CYS A 285 27.56 13.62 1.90
CA CYS A 285 28.00 13.34 3.26
C CYS A 285 28.82 12.06 3.29
N ILE A 286 30.04 12.17 3.82
CA ILE A 286 30.93 11.02 3.83
C ILE A 286 31.06 10.43 5.23
N GLY A 287 30.21 10.90 6.15
CA GLY A 287 30.14 10.36 7.50
C GLY A 287 31.38 10.58 8.38
N CYS A 288 32.04 11.72 8.21
CA CYS A 288 33.26 11.98 8.96
C CYS A 288 33.07 12.10 10.48
N THR A 289 31.82 12.17 10.95
CA THR A 289 31.59 12.26 12.39
C THR A 289 31.36 10.90 13.05
N MET A 290 31.42 9.84 12.26
CA MET A 290 31.01 8.53 12.76
C MET A 290 32.19 7.64 13.13
N PRO A 291 32.00 6.81 14.16
CA PRO A 291 32.98 5.80 14.55
C PRO A 291 33.39 4.88 13.40
N GLY A 292 32.56 4.79 12.36
CA GLY A 292 32.86 3.91 11.25
C GLY A 292 33.72 4.55 10.18
N PHE A 293 33.91 5.85 10.30
CA PHE A 293 34.63 6.63 9.31
C PHE A 293 36.10 6.25 9.31
N PRO A 294 36.68 6.12 8.10
CA PRO A 294 36.00 6.26 6.82
C PRO A 294 35.73 4.91 6.17
N ASP A 295 35.98 3.84 6.90
CA ASP A 295 36.06 2.51 6.31
C ASP A 295 34.72 2.00 5.87
N LYS A 296 33.67 2.41 6.57
CA LYS A 296 32.33 1.92 6.25
C LYS A 296 31.61 2.82 5.25
N PHE A 297 32.36 3.74 4.62
CA PHE A 297 31.76 4.69 3.70
C PHE A 297 32.46 4.72 2.33
N MET A 298 33.49 3.90 2.17
CA MET A 298 34.25 3.92 0.92
C MET A 298 33.83 2.78 0.00
N PRO A 299 33.79 3.05 -1.31
CA PRO A 299 34.08 4.34 -1.95
C PRO A 299 33.00 5.40 -1.69
N PHE A 300 33.45 6.64 -1.52
CA PHE A 300 32.55 7.71 -1.11
C PHE A 300 31.53 8.08 -2.16
N MET A 301 31.93 8.01 -3.42
CA MET A 301 31.10 8.50 -4.51
C MET A 301 30.12 7.45 -5.04
N ASP A 302 30.18 6.24 -4.48
CA ASP A 302 29.18 5.22 -4.76
C ASP A 302 27.95 5.44 -3.91
N ALA A 303 26.80 5.03 -4.41
CA ALA A 303 25.57 5.12 -3.64
C ALA A 303 25.59 4.14 -2.47
N PRO A 304 25.21 4.62 -1.28
CA PRO A 304 25.08 3.73 -0.12
C PRO A 304 24.18 2.55 -0.47
N PRO A 305 24.69 1.32 -0.33
CA PRO A 305 23.93 0.11 -0.64
C PRO A 305 22.53 0.11 -0.05
N GLY A 306 22.35 0.79 1.08
CA GLY A 306 21.05 0.88 1.71
C GLY A 306 20.17 1.91 1.05
N ALA A 307 20.74 2.68 0.14
CA ALA A 307 20.02 3.77 -0.51
C ALA A 307 19.23 3.25 -1.72
N VAL A 308 19.77 2.24 -2.39
CA VAL A 308 19.12 1.68 -3.57
C VAL A 308 17.74 1.11 -3.21
N LEU A 309 17.58 0.72 -1.95
CA LEU A 309 16.30 0.22 -1.46
C LEU A 309 15.24 1.32 -1.42
N SER A 310 15.69 2.56 -1.21
CA SER A 310 14.77 3.69 -1.09
C SER A 310 14.71 4.51 -2.36
N SER A 311 15.73 4.35 -3.20
CA SER A 311 15.77 5.03 -4.50
C SER A 311 14.89 4.30 -5.52
N ASN A 312 14.96 2.98 -5.51
CA ASN A 312 14.08 2.16 -6.34
C ASN A 312 12.80 1.84 -5.59
N LEU A 313 12.64 2.45 -4.41
CA LEU A 313 11.39 2.39 -3.69
C LEU A 313 10.33 3.03 -4.57
N ILE A 314 9.38 2.21 -5.01
CA ILE A 314 8.44 2.61 -6.04
C ILE A 314 7.29 3.45 -5.48
N LYS A 315 7.53 4.75 -5.32
CA LYS A 315 6.49 5.66 -4.87
C LYS A 315 5.62 6.07 -6.06
N SER A 316 4.51 5.36 -6.21
CA SER A 316 3.58 5.51 -7.32
C SER A 316 2.78 6.80 -7.26
N TYR A 317 2.60 7.32 -6.05
CA TYR A 317 1.78 8.52 -5.82
C TYR A 317 2.47 9.80 -6.32
N GLY A 318 3.80 9.76 -6.41
CA GLY A 318 4.62 10.92 -6.71
C GLY A 318 4.10 11.93 -7.72
N PRO A 319 4.13 11.57 -9.02
CA PRO A 319 3.68 12.47 -10.07
C PRO A 319 2.28 13.02 -9.79
N LEU A 320 1.49 12.25 -9.05
CA LEU A 320 0.16 12.67 -8.65
C LEU A 320 0.21 13.70 -7.53
N ILE A 321 0.99 13.39 -6.50
CA ILE A 321 1.09 14.28 -5.34
C ILE A 321 1.70 15.61 -5.75
N ARG A 322 2.52 15.59 -6.80
CA ARG A 322 3.11 16.81 -7.32
C ARG A 322 2.05 17.68 -7.98
N SER A 323 1.25 17.07 -8.84
CA SER A 323 0.18 17.75 -9.53
C SER A 323 -0.76 18.45 -8.56
N LEU A 324 -0.98 17.82 -7.40
CA LEU A 324 -1.79 18.41 -6.34
C LEU A 324 -1.21 19.76 -5.91
N ARG A 325 0.09 19.74 -5.64
CA ARG A 325 0.81 20.95 -5.21
C ARG A 325 0.85 22.00 -6.30
N LYS A 326 1.13 21.59 -7.53
CA LYS A 326 1.14 22.52 -8.65
C LYS A 326 -0.22 23.21 -8.82
N LEU A 327 -1.29 22.43 -8.77
CA LEU A 327 -2.64 22.97 -8.93
C LEU A 327 -2.99 23.92 -7.79
N THR A 328 -2.61 23.54 -6.58
CA THR A 328 -2.92 24.38 -5.43
C THR A 328 -2.16 25.69 -5.53
N LYS A 329 -0.91 25.60 -5.99
CA LYS A 329 -0.05 26.78 -6.08
C LYS A 329 -0.59 27.79 -7.08
N ASP A 330 -1.08 27.29 -8.21
CA ASP A 330 -1.61 28.13 -9.27
C ASP A 330 -2.70 29.05 -8.75
N THR A 331 -3.49 28.54 -7.80
CA THR A 331 -4.56 29.30 -7.20
C THR A 331 -4.03 30.34 -6.21
N LEU A 332 -2.83 30.08 -5.69
CA LEU A 332 -2.21 30.97 -4.72
C LEU A 332 -1.43 32.06 -5.43
N ASN A 333 -1.21 31.86 -6.72
CA ASN A 333 -0.58 32.87 -7.57
C ASN A 333 -1.65 33.74 -8.22
N ASP A 334 -2.89 33.58 -7.76
CA ASP A 334 -4.01 34.40 -8.19
C ASP A 334 -4.42 35.37 -7.09
N GLU A 335 -4.50 36.65 -7.39
CA GLU A 335 -5.01 37.59 -6.40
C GLU A 335 -6.52 37.40 -6.27
N PRO A 336 -7.08 37.83 -5.14
CA PRO A 336 -8.55 37.91 -5.06
C PRO A 336 -9.05 38.99 -6.01
N LYS A 337 -10.26 38.84 -6.53
CA LYS A 337 -10.75 39.69 -7.60
C LYS A 337 -11.21 41.06 -7.12
N TRP A 338 -11.19 41.29 -5.81
CA TRP A 338 -11.57 42.59 -5.28
C TRP A 338 -10.37 43.55 -5.22
N ARG A 339 -9.32 43.22 -5.96
CA ARG A 339 -8.15 44.09 -6.07
C ARG A 339 -8.05 44.67 -7.48
N HIS A 340 -8.58 45.87 -7.65
CA HIS A 340 -8.75 46.48 -8.96
C HIS A 340 -8.90 47.97 -8.86
N ASN A 341 -8.82 48.64 -10.00
CA ASN A 341 -8.94 50.08 -10.04
C ASN A 341 -10.25 50.53 -10.68
N GLN A 342 -11.33 49.78 -10.42
CA GLN A 342 -12.65 50.09 -10.96
C GLN A 342 -13.38 51.10 -10.08
N PRO A 343 -14.36 51.80 -10.67
CA PRO A 343 -15.07 52.93 -10.03
C PRO A 343 -15.87 52.53 -8.80
N VAL A 344 -16.00 51.23 -8.53
CA VAL A 344 -16.78 50.79 -7.38
C VAL A 344 -16.07 49.71 -6.58
N LEU A 345 -16.10 49.88 -5.26
CA LEU A 345 -15.54 48.91 -4.32
C LEU A 345 -16.27 47.58 -4.42
N THR A 346 -15.52 46.49 -4.39
CA THR A 346 -16.14 45.16 -4.34
C THR A 346 -15.45 44.29 -3.31
N THR A 347 -14.87 44.93 -2.30
CA THR A 347 -14.15 44.21 -1.26
C THR A 347 -15.14 43.51 -0.31
N GLY A 348 -16.28 44.15 -0.11
CA GLY A 348 -17.27 43.68 0.83
C GLY A 348 -17.53 44.71 1.91
N TYR A 349 -17.56 45.98 1.52
CA TYR A 349 -17.58 47.06 2.47
C TYR A 349 -18.49 48.19 2.01
N ALA B 5 -53.80 -5.14 -57.58
CA ALA B 5 -53.55 -3.79 -57.09
C ALA B 5 -52.27 -3.73 -56.24
N VAL B 6 -51.58 -4.87 -56.18
CA VAL B 6 -50.38 -5.01 -55.36
C VAL B 6 -49.30 -3.98 -55.72
N PRO B 7 -48.84 -3.22 -54.71
CA PRO B 7 -47.77 -2.23 -54.85
C PRO B 7 -46.37 -2.86 -54.83
N TYR B 8 -45.39 -2.14 -55.33
CA TYR B 8 -44.01 -2.65 -55.42
C TYR B 8 -43.46 -3.03 -54.05
N GLY B 9 -43.81 -2.25 -53.04
CA GLY B 9 -43.31 -2.47 -51.69
C GLY B 9 -43.59 -3.85 -51.14
N ARG B 10 -44.65 -4.49 -51.64
CA ARG B 10 -45.05 -5.80 -51.18
C ARG B 10 -43.91 -6.81 -51.28
N LYS B 11 -43.02 -6.58 -52.23
CA LYS B 11 -41.86 -7.46 -52.44
C LYS B 11 -40.94 -7.44 -51.22
N THR B 12 -41.10 -6.42 -50.38
CA THR B 12 -40.29 -6.29 -49.18
C THR B 12 -40.79 -7.17 -48.06
N GLN B 13 -42.10 -7.45 -48.07
CA GLN B 13 -42.70 -8.33 -47.08
C GLN B 13 -42.43 -9.79 -47.41
N HIS B 14 -41.85 -10.51 -46.45
CA HIS B 14 -41.56 -11.92 -46.63
C HIS B 14 -42.38 -12.74 -45.64
N THR B 15 -42.80 -13.91 -46.07
CA THR B 15 -43.58 -14.80 -45.23
C THR B 15 -42.70 -15.51 -44.21
N PRO B 16 -43.08 -15.41 -42.93
CA PRO B 16 -42.34 -16.07 -41.85
C PRO B 16 -42.27 -17.58 -42.04
N ALA B 17 -41.13 -18.17 -41.72
CA ALA B 17 -40.90 -19.60 -41.84
C ALA B 17 -42.06 -20.39 -41.24
N LEU B 18 -42.37 -20.08 -39.97
CA LEU B 18 -43.54 -20.60 -39.29
C LEU B 18 -44.67 -19.58 -39.36
N LYS B 19 -45.76 -19.95 -40.03
CA LYS B 19 -46.88 -19.04 -40.28
C LYS B 19 -47.53 -18.52 -38.99
N GLU B 20 -47.81 -19.42 -38.05
CA GLU B 20 -48.44 -19.05 -36.80
C GLU B 20 -47.75 -19.68 -35.61
N VAL B 21 -47.91 -19.09 -34.43
CA VAL B 21 -47.32 -19.69 -33.24
C VAL B 21 -48.25 -19.57 -32.02
N HIS B 22 -48.30 -20.63 -31.22
CA HIS B 22 -49.01 -20.61 -29.95
C HIS B 22 -48.03 -20.50 -28.79
N ILE B 23 -48.37 -19.67 -27.80
CA ILE B 23 -47.57 -19.62 -26.57
C ILE B 23 -48.40 -20.16 -25.42
N LEU B 24 -48.08 -21.38 -25.00
CA LEU B 24 -48.78 -21.99 -23.87
C LEU B 24 -48.08 -21.54 -22.59
N TRP B 25 -48.75 -20.73 -21.80
CA TRP B 25 -48.13 -20.14 -20.63
C TRP B 25 -48.72 -20.78 -19.38
N ILE B 26 -47.95 -21.69 -18.80
CA ILE B 26 -48.37 -22.41 -17.61
C ILE B 26 -47.95 -21.62 -16.38
N THR B 27 -48.92 -20.99 -15.74
CA THR B 27 -48.66 -20.17 -14.57
C THR B 27 -48.83 -21.00 -13.29
N ALA B 28 -49.39 -22.20 -13.45
CA ALA B 28 -49.72 -23.03 -12.30
C ALA B 28 -48.50 -23.65 -11.61
N GLY B 29 -47.31 -23.11 -11.90
CA GLY B 29 -46.12 -23.53 -11.19
C GLY B 29 -46.14 -22.96 -9.77
N LEU B 30 -45.18 -23.35 -8.94
CA LEU B 30 -45.09 -22.72 -7.63
C LEU B 30 -44.59 -21.29 -7.82
N GLY B 31 -45.48 -20.40 -8.26
CA GLY B 31 -45.09 -19.03 -8.52
C GLY B 31 -46.05 -18.05 -7.88
N CYS B 32 -46.08 -16.83 -8.41
CA CYS B 32 -46.94 -15.79 -7.88
C CYS B 32 -47.55 -14.96 -9.00
N ASP B 33 -47.21 -15.30 -10.23
CA ASP B 33 -47.73 -14.62 -11.43
C ASP B 33 -47.11 -13.24 -11.62
N GLY B 34 -46.08 -12.91 -10.83
CA GLY B 34 -45.43 -11.62 -10.97
C GLY B 34 -44.74 -11.44 -12.31
N ASP B 35 -44.28 -12.53 -12.89
CA ASP B 35 -43.60 -12.45 -14.17
C ASP B 35 -44.63 -12.15 -15.27
N SER B 36 -45.82 -12.67 -15.10
CA SER B 36 -46.91 -12.42 -16.02
C SER B 36 -47.36 -10.97 -15.91
N VAL B 37 -47.64 -10.52 -14.69
CA VAL B 37 -48.06 -9.16 -14.47
C VAL B 37 -46.99 -8.20 -14.95
N SER B 38 -45.72 -8.63 -14.83
CA SER B 38 -44.60 -7.78 -15.19
C SER B 38 -44.55 -7.46 -16.69
N ILE B 39 -44.74 -8.44 -17.56
CA ILE B 39 -44.57 -8.19 -18.99
C ILE B 39 -45.66 -7.27 -19.57
N THR B 40 -46.74 -7.05 -18.82
CA THR B 40 -47.74 -6.07 -19.24
C THR B 40 -47.19 -4.66 -19.15
N ALA B 41 -46.15 -4.48 -18.35
CA ALA B 41 -45.55 -3.16 -18.16
C ALA B 41 -44.54 -2.81 -19.25
N ALA B 42 -44.16 -3.81 -20.05
CA ALA B 42 -43.17 -3.63 -21.11
C ALA B 42 -43.66 -2.70 -22.22
N SER B 43 -42.73 -2.18 -23.00
CA SER B 43 -43.04 -1.28 -24.12
C SER B 43 -42.04 -1.46 -25.26
N GLN B 44 -41.12 -2.41 -25.11
CA GLN B 44 -40.07 -2.58 -26.09
C GLN B 44 -39.75 -4.05 -26.37
N PRO B 45 -40.67 -4.77 -27.00
CA PRO B 45 -41.99 -4.29 -27.43
C PRO B 45 -43.04 -4.53 -26.37
N SER B 46 -44.21 -3.93 -26.52
CA SER B 46 -45.30 -4.16 -25.59
C SER B 46 -45.95 -5.50 -25.88
N VAL B 47 -46.66 -6.03 -24.89
CA VAL B 47 -47.39 -7.29 -25.05
C VAL B 47 -48.46 -7.13 -26.14
N GLU B 48 -49.20 -6.02 -26.12
CA GLU B 48 -50.25 -5.82 -27.12
C GLU B 48 -49.62 -5.56 -28.48
N ASP B 49 -48.35 -5.20 -28.49
CA ASP B 49 -47.63 -5.01 -29.74
C ASP B 49 -47.41 -6.33 -30.44
N VAL B 50 -46.92 -7.31 -29.68
CA VAL B 50 -46.75 -8.67 -30.17
C VAL B 50 -48.07 -9.29 -30.60
N VAL B 51 -49.10 -9.12 -29.77
CA VAL B 51 -50.39 -9.75 -30.02
C VAL B 51 -51.07 -9.20 -31.27
N LEU B 52 -50.74 -7.96 -31.64
CA LEU B 52 -51.34 -7.34 -32.83
C LEU B 52 -50.35 -7.25 -34.00
N GLY B 53 -49.17 -7.84 -33.83
CA GLY B 53 -48.16 -7.87 -34.88
C GLY B 53 -47.76 -6.48 -35.35
N ALA B 54 -47.22 -5.69 -34.43
CA ALA B 54 -46.74 -4.35 -34.77
C ALA B 54 -45.54 -4.42 -35.70
N ILE B 55 -44.72 -5.46 -35.52
CA ILE B 55 -43.57 -5.67 -36.39
C ILE B 55 -43.90 -6.72 -37.46
N PRO B 56 -43.86 -6.31 -38.74
CA PRO B 56 -44.26 -7.17 -39.85
C PRO B 56 -43.34 -8.36 -40.05
N GLY B 57 -43.82 -9.36 -40.79
CA GLY B 57 -42.99 -10.48 -41.18
C GLY B 57 -42.76 -11.50 -40.08
N LEU B 58 -43.50 -11.37 -38.99
CA LEU B 58 -43.34 -12.33 -37.91
C LEU B 58 -44.53 -13.28 -37.84
N PRO B 59 -44.32 -14.45 -37.24
CA PRO B 59 -45.38 -15.45 -37.00
C PRO B 59 -46.57 -14.84 -36.28
N LYS B 60 -47.77 -15.19 -36.73
CA LYS B 60 -48.97 -14.80 -36.01
C LYS B 60 -48.90 -15.35 -34.60
N VAL B 61 -49.18 -14.50 -33.63
CA VAL B 61 -49.08 -14.90 -32.23
C VAL B 61 -50.44 -15.15 -31.60
N HIS B 62 -50.64 -16.37 -31.10
CA HIS B 62 -51.78 -16.68 -30.23
C HIS B 62 -51.23 -16.86 -28.82
N LEU B 63 -51.55 -15.93 -27.93
CA LEU B 63 -51.04 -15.98 -26.58
C LEU B 63 -52.08 -16.58 -25.64
N HIS B 64 -51.71 -17.69 -25.00
CA HIS B 64 -52.61 -18.38 -24.08
C HIS B 64 -52.11 -18.21 -22.64
N ASN B 65 -52.49 -17.09 -22.03
CA ASN B 65 -52.04 -16.76 -20.69
C ASN B 65 -53.25 -16.41 -19.83
N PRO B 66 -53.36 -17.07 -18.67
CA PRO B 66 -54.56 -17.03 -17.83
C PRO B 66 -54.97 -15.63 -17.38
N VAL B 67 -54.00 -14.75 -17.17
CA VAL B 67 -54.26 -13.44 -16.57
C VAL B 67 -54.94 -12.50 -17.56
N LEU B 68 -54.69 -12.71 -18.85
CA LEU B 68 -55.24 -11.85 -19.88
C LEU B 68 -56.32 -12.54 -20.72
N ALA B 69 -56.34 -13.87 -20.66
CA ALA B 69 -57.17 -14.68 -21.56
C ALA B 69 -58.64 -14.29 -21.55
N TYR B 70 -59.22 -14.20 -22.75
CA TYR B 70 -60.66 -13.99 -22.87
C TYR B 70 -61.37 -15.25 -22.43
N GLU B 71 -60.94 -16.36 -23.02
CA GLU B 71 -61.47 -17.67 -22.73
C GLU B 71 -61.37 -17.99 -21.26
N ASN B 72 -62.29 -18.81 -20.77
CA ASN B 72 -62.33 -19.13 -19.35
C ASN B 72 -62.42 -20.62 -19.10
N GLY B 73 -61.77 -21.08 -18.03
CA GLY B 73 -61.91 -22.45 -17.58
C GLY B 73 -61.56 -23.53 -18.58
N ASP B 74 -62.56 -24.25 -19.05
CA ASP B 74 -62.36 -25.38 -19.95
C ASP B 74 -62.03 -24.94 -21.37
N GLU B 75 -62.59 -23.81 -21.77
CA GLU B 75 -62.26 -23.26 -23.08
C GLU B 75 -60.84 -22.71 -23.13
N PHE B 76 -60.34 -22.24 -21.99
CA PHE B 76 -58.98 -21.73 -21.93
C PHE B 76 -57.96 -22.87 -21.99
N MET B 77 -58.30 -24.01 -21.38
CA MET B 77 -57.38 -25.15 -21.30
C MET B 77 -57.43 -25.99 -22.58
N ALA B 78 -58.44 -25.76 -23.40
CA ALA B 78 -58.64 -26.50 -24.65
C ALA B 78 -57.36 -26.65 -25.46
N PRO B 79 -56.75 -25.52 -25.86
CA PRO B 79 -55.54 -25.64 -26.70
C PRO B 79 -54.41 -26.37 -25.99
N PHE B 80 -54.41 -26.35 -24.67
CA PHE B 80 -53.41 -27.08 -23.91
C PHE B 80 -53.57 -28.58 -24.09
N HIS B 81 -54.75 -29.09 -23.74
CA HIS B 81 -55.09 -30.50 -23.90
C HIS B 81 -54.84 -31.00 -25.32
N LYS B 82 -55.21 -30.16 -26.30
CA LYS B 82 -55.05 -30.49 -27.71
C LYS B 82 -53.59 -30.60 -28.11
N ALA B 83 -52.72 -29.91 -27.40
CA ALA B 83 -51.30 -29.93 -27.71
C ALA B 83 -50.62 -31.14 -27.09
N ALA B 84 -51.21 -31.67 -26.02
CA ALA B 84 -50.71 -32.87 -25.36
C ALA B 84 -51.25 -34.10 -26.07
N ARG B 85 -52.28 -33.91 -26.89
CA ARG B 85 -52.80 -34.96 -27.77
C ARG B 85 -52.03 -34.99 -29.08
N GLY B 86 -50.98 -34.18 -29.18
CA GLY B 86 -50.16 -34.11 -30.37
C GLY B 86 -50.89 -33.44 -31.53
N GLU B 87 -51.98 -32.74 -31.24
CA GLU B 87 -52.79 -32.11 -32.27
C GLU B 87 -52.42 -30.65 -32.47
N ILE B 88 -51.32 -30.24 -31.86
CA ILE B 88 -50.77 -28.91 -32.06
C ILE B 88 -49.25 -29.05 -32.13
N ASP B 89 -48.64 -28.39 -33.11
CA ASP B 89 -47.23 -28.59 -33.43
C ASP B 89 -46.41 -27.32 -33.26
N ASN B 90 -47.03 -26.19 -33.60
CA ASN B 90 -46.37 -24.90 -33.51
C ASN B 90 -46.75 -24.13 -32.23
N PHE B 91 -46.42 -24.71 -31.08
CA PHE B 91 -46.63 -24.00 -29.83
C PHE B 91 -45.34 -23.90 -29.02
N VAL B 92 -45.16 -22.76 -28.36
CA VAL B 92 -44.03 -22.56 -27.46
C VAL B 92 -44.49 -22.66 -26.01
N LEU B 93 -43.84 -23.50 -25.22
CA LEU B 93 -44.22 -23.68 -23.83
C LEU B 93 -43.41 -22.75 -22.93
N VAL B 94 -44.12 -21.89 -22.20
CA VAL B 94 -43.49 -21.02 -21.21
C VAL B 94 -43.96 -21.41 -19.81
N LEU B 95 -43.02 -21.55 -18.89
CA LEU B 95 -43.37 -21.90 -17.52
C LEU B 95 -43.01 -20.79 -16.55
N GLU B 96 -43.88 -20.59 -15.57
CA GLU B 96 -43.71 -19.54 -14.58
C GLU B 96 -44.03 -20.13 -13.21
N GLY B 97 -43.03 -20.15 -12.33
CA GLY B 97 -43.15 -20.80 -11.03
C GLY B 97 -42.17 -21.95 -10.92
N SER B 98 -41.99 -22.47 -9.72
CA SER B 98 -41.10 -23.60 -9.50
C SER B 98 -41.80 -24.89 -9.83
N ILE B 99 -41.01 -25.89 -10.20
CA ILE B 99 -41.53 -27.24 -10.41
C ILE B 99 -41.42 -28.05 -9.14
N PRO B 100 -42.56 -28.56 -8.65
CA PRO B 100 -42.60 -29.25 -7.37
C PRO B 100 -42.20 -30.71 -7.50
N ASN B 101 -41.80 -31.32 -6.39
CA ASN B 101 -41.54 -32.74 -6.36
C ASN B 101 -42.79 -33.51 -5.95
N GLU B 102 -43.51 -34.04 -6.92
CA GLU B 102 -44.73 -34.79 -6.64
C GLU B 102 -44.42 -36.26 -6.32
N ARG B 103 -43.14 -36.58 -6.20
CA ARG B 103 -42.70 -37.94 -5.89
C ARG B 103 -42.70 -38.22 -4.39
N ILE B 104 -42.74 -37.17 -3.57
CA ILE B 104 -42.83 -37.36 -2.12
C ILE B 104 -44.30 -37.45 -1.70
N ASN B 105 -45.19 -37.29 -2.68
CA ASN B 105 -46.59 -37.68 -2.54
C ASN B 105 -46.77 -38.98 -3.29
N GLY B 106 -47.62 -39.88 -2.80
CA GLY B 106 -48.60 -39.57 -1.79
C GLY B 106 -49.88 -39.33 -2.55
N GLU B 107 -51.00 -39.19 -1.85
CA GLU B 107 -52.22 -38.73 -2.50
C GLU B 107 -52.19 -37.21 -2.51
N GLY B 108 -52.67 -36.60 -3.58
CA GLY B 108 -52.78 -35.15 -3.63
C GLY B 108 -51.74 -34.49 -4.51
N TYR B 109 -51.55 -33.18 -4.29
CA TYR B 109 -50.74 -32.38 -5.20
C TYR B 109 -50.27 -31.07 -4.58
N TRP B 110 -49.08 -30.64 -4.97
CA TRP B 110 -48.56 -29.35 -4.57
C TRP B 110 -49.11 -28.26 -5.49
N ALA B 111 -49.29 -28.61 -6.76
CA ALA B 111 -49.69 -27.65 -7.77
C ALA B 111 -50.34 -28.37 -8.94
N ALA B 112 -51.45 -27.82 -9.42
CA ALA B 112 -52.14 -28.38 -10.57
C ALA B 112 -52.79 -27.27 -11.40
N MET B 113 -52.96 -27.52 -12.70
CA MET B 113 -53.66 -26.58 -13.55
C MET B 113 -54.96 -27.17 -14.09
N GLY B 114 -54.85 -27.93 -15.17
CA GLY B 114 -56.06 -28.41 -15.83
C GLY B 114 -56.74 -29.51 -15.04
N THR B 115 -57.81 -30.06 -15.60
CA THR B 115 -58.42 -31.23 -15.00
C THR B 115 -58.43 -32.40 -15.99
N ASP B 116 -58.06 -33.57 -15.50
CA ASP B 116 -58.02 -34.78 -16.33
C ASP B 116 -59.40 -35.13 -16.86
N PRO B 117 -59.57 -35.13 -18.19
CA PRO B 117 -60.88 -35.41 -18.79
C PRO B 117 -61.38 -36.82 -18.46
N GLN B 118 -60.47 -37.72 -18.11
CA GLN B 118 -60.82 -39.11 -17.81
C GLN B 118 -60.89 -39.37 -16.30
N THR B 119 -59.74 -39.36 -15.63
CA THR B 119 -59.70 -39.60 -14.19
C THR B 119 -60.47 -38.52 -13.43
N HIS B 120 -60.61 -37.35 -14.06
CA HIS B 120 -61.25 -36.20 -13.45
C HIS B 120 -60.44 -35.68 -12.25
N GLN B 121 -59.13 -35.87 -12.30
CA GLN B 121 -58.26 -35.39 -11.22
C GLN B 121 -57.46 -34.19 -11.70
N PRO B 122 -57.06 -33.31 -10.76
CA PRO B 122 -56.19 -32.19 -11.11
C PRO B 122 -54.89 -32.69 -11.72
N ILE B 123 -54.43 -32.03 -12.78
CA ILE B 123 -53.19 -32.41 -13.43
C ILE B 123 -52.00 -31.67 -12.81
N THR B 124 -51.02 -32.41 -12.30
CA THR B 124 -49.86 -31.82 -11.66
C THR B 124 -48.95 -31.14 -12.69
N ILE B 125 -48.07 -30.26 -12.21
CA ILE B 125 -47.15 -29.55 -13.09
C ILE B 125 -46.14 -30.47 -13.79
N PRO B 126 -45.59 -31.45 -13.06
CA PRO B 126 -44.72 -32.41 -13.74
C PRO B 126 -45.43 -33.17 -14.86
N GLU B 127 -46.68 -33.55 -14.64
CA GLU B 127 -47.43 -34.27 -15.65
C GLU B 127 -47.63 -33.43 -16.91
N TRP B 128 -47.91 -32.14 -16.72
CA TRP B 128 -48.09 -31.23 -17.85
C TRP B 128 -46.81 -31.11 -18.66
N LEU B 129 -45.67 -31.09 -17.98
CA LEU B 129 -44.39 -30.89 -18.66
C LEU B 129 -43.99 -32.09 -19.50
N ASP B 130 -44.30 -33.28 -19.01
CA ASP B 130 -43.94 -34.51 -19.71
C ASP B 130 -44.72 -34.62 -21.02
N ARG B 131 -45.95 -34.13 -21.00
CA ARG B 131 -46.82 -34.25 -22.16
C ARG B 131 -46.57 -33.15 -23.19
N LEU B 132 -46.14 -31.98 -22.71
CA LEU B 132 -46.02 -30.80 -23.57
C LEU B 132 -44.59 -30.52 -24.03
N ALA B 133 -43.62 -30.65 -23.12
CA ALA B 133 -42.24 -30.25 -23.38
C ALA B 133 -41.62 -30.97 -24.58
N PRO B 134 -41.75 -32.30 -24.63
CA PRO B 134 -41.12 -33.03 -25.74
C PRO B 134 -41.81 -32.77 -27.08
N LYS B 135 -42.93 -32.06 -27.07
CA LYS B 135 -43.65 -31.70 -28.30
C LYS B 135 -43.48 -30.23 -28.65
N ALA B 136 -43.01 -29.44 -27.69
CA ALA B 136 -42.91 -28.00 -27.86
C ALA B 136 -41.82 -27.63 -28.87
N LEU B 137 -42.02 -26.51 -29.54
CA LEU B 137 -41.00 -25.95 -30.41
C LEU B 137 -39.85 -25.36 -29.59
N ALA B 138 -40.20 -24.83 -28.41
CA ALA B 138 -39.21 -24.29 -27.51
C ALA B 138 -39.76 -24.20 -26.10
N VAL B 139 -38.88 -24.29 -25.11
CA VAL B 139 -39.32 -24.24 -23.73
C VAL B 139 -38.68 -23.07 -22.98
N VAL B 140 -39.50 -22.06 -22.67
CA VAL B 140 -38.98 -20.84 -22.05
C VAL B 140 -39.37 -20.73 -20.57
N GLY B 141 -38.37 -20.54 -19.72
CA GLY B 141 -38.60 -20.35 -18.31
C GLY B 141 -38.69 -18.87 -17.99
N ALA B 142 -39.82 -18.46 -17.41
CA ALA B 142 -40.05 -17.05 -17.14
C ALA B 142 -39.95 -16.78 -15.66
N GLY B 143 -38.80 -16.24 -15.25
CA GLY B 143 -38.58 -15.91 -13.84
C GLY B 143 -37.61 -16.86 -13.19
N THR B 144 -37.04 -16.42 -12.07
CA THR B 144 -36.04 -17.22 -11.36
C THR B 144 -36.61 -18.50 -10.76
N CYS B 145 -37.89 -18.47 -10.41
CA CYS B 145 -38.56 -19.66 -9.90
C CYS B 145 -38.51 -20.79 -10.93
N ALA B 146 -38.88 -20.47 -12.17
CA ALA B 146 -39.01 -21.48 -13.21
C ALA B 146 -37.67 -21.82 -13.84
N THR B 147 -36.67 -20.99 -13.60
CA THR B 147 -35.36 -21.20 -14.21
C THR B 147 -34.45 -21.96 -13.26
N TYR B 148 -34.39 -21.50 -12.01
CA TYR B 148 -33.46 -22.09 -11.05
C TYR B 148 -34.16 -22.56 -9.76
N GLY B 149 -35.48 -22.45 -9.71
CA GLY B 149 -36.19 -22.86 -8.51
C GLY B 149 -36.61 -21.66 -7.69
N GLY B 150 -35.80 -20.61 -7.73
CA GLY B 150 -36.18 -19.33 -7.16
C GLY B 150 -36.48 -19.35 -5.68
N ILE B 151 -37.21 -18.34 -5.23
CA ILE B 151 -37.47 -18.16 -3.80
C ILE B 151 -38.17 -19.34 -3.16
N HIS B 152 -38.92 -20.09 -3.96
CA HIS B 152 -39.72 -21.17 -3.39
C HIS B 152 -38.94 -22.46 -3.23
N ALA B 153 -37.79 -22.56 -3.90
CA ALA B 153 -36.86 -23.67 -3.70
C ALA B 153 -35.85 -23.32 -2.62
N MET B 154 -36.33 -22.64 -1.59
CA MET B 154 -35.50 -22.17 -0.50
C MET B 154 -35.16 -23.30 0.46
N GLU B 155 -34.13 -23.11 1.29
CA GLU B 155 -33.84 -24.11 2.31
C GLU B 155 -35.03 -24.25 3.26
N GLY B 156 -35.51 -25.48 3.40
CA GLY B 156 -36.59 -25.79 4.32
C GLY B 156 -37.97 -25.78 3.68
N ASN B 157 -38.02 -25.75 2.36
CA ASN B 157 -39.30 -25.71 1.66
C ASN B 157 -39.91 -27.11 1.60
N PRO B 158 -41.22 -27.21 1.82
CA PRO B 158 -41.92 -28.49 1.97
C PRO B 158 -42.16 -29.21 0.65
N THR B 159 -42.09 -28.50 -0.46
CA THR B 159 -42.41 -29.09 -1.76
C THR B 159 -41.18 -29.63 -2.48
N GLY B 160 -40.00 -29.28 -2.01
CA GLY B 160 -38.75 -29.76 -2.60
C GLY B 160 -38.64 -29.43 -4.07
N CYS B 161 -38.99 -28.19 -4.43
CA CYS B 161 -39.16 -27.79 -5.83
C CYS B 161 -37.86 -27.42 -6.53
N MET B 162 -37.94 -27.20 -7.83
CA MET B 162 -36.77 -26.98 -8.65
C MET B 162 -37.10 -26.15 -9.90
N GLY B 163 -36.12 -26.00 -10.79
CA GLY B 163 -36.32 -25.27 -12.02
C GLY B 163 -36.33 -26.19 -13.23
N LEU B 164 -36.67 -25.63 -14.39
CA LEU B 164 -36.77 -26.39 -15.63
C LEU B 164 -35.58 -27.30 -15.92
N ALA B 165 -34.38 -26.71 -15.92
CA ALA B 165 -33.17 -27.46 -16.24
C ALA B 165 -32.97 -28.63 -15.30
N ASP B 166 -33.34 -28.44 -14.04
CA ASP B 166 -33.28 -29.52 -13.06
C ASP B 166 -34.20 -30.66 -13.46
N TYR B 167 -35.45 -30.33 -13.81
CA TYR B 167 -36.44 -31.34 -14.15
C TYR B 167 -36.16 -31.98 -15.51
N LEU B 168 -35.87 -31.15 -16.51
CA LEU B 168 -35.70 -31.63 -17.88
C LEU B 168 -34.27 -31.96 -18.25
N GLY B 169 -33.31 -31.47 -17.48
CA GLY B 169 -31.91 -31.70 -17.80
C GLY B 169 -31.25 -30.55 -18.53
N TRP B 170 -30.10 -30.12 -18.00
CA TRP B 170 -29.41 -28.93 -18.49
C TRP B 170 -29.07 -28.96 -19.98
N GLN B 171 -28.85 -30.14 -20.54
CA GLN B 171 -28.58 -30.21 -21.97
C GLN B 171 -29.82 -30.63 -22.74
N TRP B 172 -30.98 -30.42 -22.14
CA TRP B 172 -32.24 -30.77 -22.81
C TRP B 172 -32.46 -29.90 -24.03
N LYS B 173 -32.96 -30.51 -25.11
CA LYS B 173 -33.30 -29.77 -26.32
C LYS B 173 -34.73 -30.06 -26.76
N SER B 174 -35.34 -29.09 -27.41
CA SER B 174 -36.66 -29.28 -28.00
C SER B 174 -36.53 -30.09 -29.27
N ARG B 175 -37.66 -30.31 -29.94
CA ARG B 175 -37.66 -31.02 -31.21
C ARG B 175 -37.48 -30.03 -32.36
N ALA B 176 -36.91 -28.87 -32.05
CA ALA B 176 -36.53 -27.91 -33.05
C ALA B 176 -35.08 -27.53 -32.83
N GLY B 177 -34.48 -28.14 -31.80
CA GLY B 177 -33.07 -27.95 -31.51
C GLY B 177 -32.77 -26.90 -30.46
N LEU B 178 -33.77 -26.09 -30.12
CA LEU B 178 -33.60 -25.03 -29.15
C LEU B 178 -33.45 -25.57 -27.74
N PRO B 179 -32.38 -25.17 -27.04
CA PRO B 179 -32.17 -25.48 -25.62
C PRO B 179 -33.16 -24.75 -24.74
N ILE B 180 -33.24 -25.11 -23.46
CA ILE B 180 -34.08 -24.39 -22.52
C ILE B 180 -33.68 -22.93 -22.50
N VAL B 181 -34.66 -22.04 -22.66
CA VAL B 181 -34.37 -20.61 -22.60
C VAL B 181 -34.77 -20.05 -21.24
N ASN B 182 -33.78 -19.86 -20.38
CA ASN B 182 -34.02 -19.28 -19.06
C ASN B 182 -34.00 -17.76 -19.08
N VAL B 183 -35.08 -17.17 -18.57
CA VAL B 183 -35.11 -15.72 -18.36
C VAL B 183 -35.29 -15.41 -16.88
N PRO B 184 -34.17 -15.27 -16.15
CA PRO B 184 -34.15 -15.04 -14.72
C PRO B 184 -34.68 -13.67 -14.35
N GLY B 185 -34.77 -13.41 -13.05
CA GLY B 185 -35.30 -12.17 -12.54
C GLY B 185 -36.52 -12.44 -11.70
N CYS B 186 -36.67 -11.71 -10.61
CA CYS B 186 -37.79 -11.92 -9.70
C CYS B 186 -38.44 -10.59 -9.33
N PRO B 187 -39.36 -10.11 -10.16
CA PRO B 187 -39.78 -10.76 -11.40
C PRO B 187 -38.87 -10.43 -12.57
N VAL B 188 -39.08 -11.14 -13.67
CA VAL B 188 -38.35 -10.90 -14.89
C VAL B 188 -38.49 -9.42 -15.24
N GLN B 189 -37.42 -8.82 -15.75
CA GLN B 189 -37.49 -7.40 -16.11
C GLN B 189 -38.32 -7.30 -17.38
N PRO B 190 -39.33 -6.41 -17.37
CA PRO B 190 -40.37 -6.36 -18.40
C PRO B 190 -39.83 -6.45 -19.83
N ASP B 191 -38.93 -5.55 -20.21
CA ASP B 191 -38.44 -5.57 -21.60
C ASP B 191 -37.45 -6.72 -21.82
N ASN B 192 -36.86 -7.22 -20.75
CA ASN B 192 -35.96 -8.37 -20.86
C ASN B 192 -36.67 -9.56 -21.48
N PHE B 193 -37.87 -9.85 -20.97
CA PHE B 193 -38.62 -11.00 -21.44
C PHE B 193 -39.18 -10.78 -22.85
N MET B 194 -39.81 -9.63 -23.06
CA MET B 194 -40.40 -9.35 -24.37
C MET B 194 -39.35 -9.34 -25.47
N GLU B 195 -38.11 -8.97 -25.13
CA GLU B 195 -37.02 -8.99 -26.11
C GLU B 195 -36.58 -10.42 -26.42
N THR B 196 -36.52 -11.25 -25.38
CA THR B 196 -36.22 -12.67 -25.57
C THR B 196 -37.32 -13.31 -26.41
N LEU B 197 -38.56 -13.07 -25.99
CA LEU B 197 -39.72 -13.58 -26.70
C LEU B 197 -39.74 -13.06 -28.13
N LEU B 198 -39.35 -11.80 -28.32
CA LEU B 198 -39.32 -11.22 -29.65
C LEU B 198 -38.20 -11.83 -30.49
N TYR B 199 -37.08 -12.14 -29.85
CA TYR B 199 -35.98 -12.76 -30.58
C TYR B 199 -36.45 -14.11 -31.12
N LEU B 200 -37.12 -14.88 -30.28
CA LEU B 200 -37.62 -16.20 -30.66
C LEU B 200 -38.62 -16.10 -31.82
N LEU B 201 -39.42 -15.04 -31.85
CA LEU B 201 -40.34 -14.83 -32.95
C LEU B 201 -39.61 -14.52 -34.26
N TYR B 202 -38.42 -13.92 -34.15
CA TYR B 202 -37.58 -13.65 -35.31
C TYR B 202 -36.93 -14.93 -35.82
N GLN B 203 -36.46 -15.74 -34.89
CA GLN B 203 -35.79 -17.00 -35.24
C GLN B 203 -36.75 -17.94 -35.97
N LEU B 204 -37.95 -18.11 -35.42
CA LEU B 204 -38.93 -19.02 -35.99
C LEU B 204 -39.34 -18.58 -37.39
N ALA B 205 -39.25 -17.29 -37.67
CA ALA B 205 -39.58 -16.76 -39.00
C ALA B 205 -38.37 -16.90 -39.93
N GLY B 206 -37.29 -17.47 -39.40
CA GLY B 206 -36.04 -17.59 -40.13
C GLY B 206 -35.45 -16.23 -40.49
N LEU B 207 -35.40 -15.33 -39.52
CA LEU B 207 -34.87 -13.99 -39.76
C LEU B 207 -33.69 -13.68 -38.84
N ALA B 208 -33.26 -14.68 -38.08
CA ALA B 208 -32.18 -14.51 -37.12
C ALA B 208 -31.65 -15.85 -36.62
N PRO B 209 -30.33 -15.93 -36.37
CA PRO B 209 -29.65 -17.12 -35.87
C PRO B 209 -30.16 -17.58 -34.52
N MET B 210 -29.82 -18.81 -34.14
CA MET B 210 -30.20 -19.40 -32.86
C MET B 210 -29.94 -18.44 -31.71
N ILE B 211 -30.87 -18.40 -30.75
CA ILE B 211 -30.76 -17.49 -29.62
C ILE B 211 -29.48 -17.76 -28.81
N PRO B 212 -28.52 -16.83 -28.89
CA PRO B 212 -27.26 -16.93 -28.15
C PRO B 212 -27.47 -16.97 -26.63
N LEU B 213 -27.04 -18.06 -26.00
CA LEU B 213 -27.21 -18.23 -24.56
C LEU B 213 -25.93 -18.69 -23.86
N ASP B 214 -25.80 -18.38 -22.58
CA ASP B 214 -24.66 -18.80 -21.78
C ASP B 214 -24.92 -20.17 -21.15
N GLU B 215 -23.93 -20.65 -20.39
CA GLU B 215 -23.93 -21.97 -19.81
C GLU B 215 -25.08 -22.18 -18.80
N ALA B 216 -25.66 -21.08 -18.33
CA ALA B 216 -26.82 -21.15 -17.44
C ALA B 216 -28.12 -20.95 -18.21
N LEU B 217 -27.99 -20.94 -19.55
CA LEU B 217 -29.14 -20.87 -20.45
C LEU B 217 -29.83 -19.51 -20.40
N ARG B 218 -29.05 -18.48 -20.08
CA ARG B 218 -29.53 -17.10 -20.10
C ARG B 218 -29.12 -16.40 -21.40
N PRO B 219 -30.02 -15.58 -21.96
CA PRO B 219 -29.64 -14.75 -23.11
C PRO B 219 -28.38 -13.94 -22.85
N LYS B 220 -27.38 -14.09 -23.71
CA LYS B 220 -26.08 -13.47 -23.51
C LYS B 220 -26.15 -11.95 -23.45
N TRP B 221 -26.82 -11.34 -24.42
CA TRP B 221 -26.87 -9.88 -24.55
C TRP B 221 -27.61 -9.21 -23.39
N LEU B 222 -28.19 -10.02 -22.51
CA LEU B 222 -28.94 -9.48 -21.39
C LEU B 222 -28.29 -9.77 -20.06
N PHE B 223 -27.58 -10.89 -19.93
CA PHE B 223 -27.13 -11.31 -18.61
C PHE B 223 -25.64 -11.56 -18.48
N THR B 224 -24.86 -11.10 -19.46
CA THR B 224 -23.41 -11.20 -19.38
C THR B 224 -22.85 -10.28 -18.30
N ARG B 225 -23.11 -8.98 -18.45
CA ARG B 225 -22.57 -7.97 -17.55
C ARG B 225 -23.27 -7.95 -16.19
N THR B 226 -22.50 -7.68 -15.15
CA THR B 226 -23.02 -7.64 -13.80
C THR B 226 -23.81 -6.38 -13.47
N VAL B 227 -24.63 -6.45 -12.42
CA VAL B 227 -25.30 -5.29 -11.88
C VAL B 227 -24.31 -4.13 -11.78
N HIS B 228 -23.17 -4.39 -11.16
CA HIS B 228 -22.13 -3.38 -10.94
C HIS B 228 -21.65 -2.66 -12.21
N ASP B 229 -21.43 -3.40 -13.29
CA ASP B 229 -20.92 -2.79 -14.51
C ASP B 229 -21.94 -1.84 -15.16
N GLY B 230 -23.09 -1.67 -14.53
CA GLY B 230 -24.12 -0.80 -15.07
C GLY B 230 -24.78 0.05 -14.00
N CYS B 231 -24.11 0.21 -12.87
CA CYS B 231 -24.66 0.93 -11.72
C CYS B 231 -24.16 2.37 -11.74
N ASP B 232 -25.05 3.35 -11.78
CA ASP B 232 -24.61 4.75 -11.78
C ASP B 232 -24.21 5.24 -10.38
N ARG B 233 -23.93 4.30 -9.48
CA ARG B 233 -23.32 4.65 -8.20
C ARG B 233 -21.88 4.16 -8.21
N ALA B 234 -21.52 3.42 -9.23
CA ALA B 234 -20.15 2.94 -9.40
C ALA B 234 -19.15 4.08 -9.22
N GLY B 235 -19.56 5.28 -9.63
CA GLY B 235 -18.73 6.46 -9.48
C GLY B 235 -18.28 6.66 -8.06
N SER B 236 -19.21 6.62 -7.12
CA SER B 236 -18.88 6.79 -5.72
C SER B 236 -18.09 5.58 -5.19
N TYR B 237 -18.17 4.47 -5.91
CA TYR B 237 -17.46 3.25 -5.54
C TYR B 237 -15.97 3.37 -5.84
N GLU B 238 -15.67 3.91 -7.01
CA GLU B 238 -14.29 4.11 -7.47
C GLU B 238 -13.56 5.13 -6.61
N GLN B 239 -14.31 6.11 -6.12
CA GLN B 239 -13.74 7.17 -5.28
C GLN B 239 -13.92 6.83 -3.80
N ALA B 240 -14.21 5.56 -3.52
CA ALA B 240 -14.27 5.03 -2.16
C ALA B 240 -15.24 5.79 -1.25
N ILE B 241 -16.44 6.06 -1.73
CA ILE B 241 -17.41 6.81 -0.95
C ILE B 241 -18.65 5.95 -0.73
N PHE B 242 -18.69 5.26 0.41
CA PHE B 242 -19.74 4.29 0.68
C PHE B 242 -20.74 4.76 1.72
N ALA B 243 -22.02 4.58 1.41
CA ALA B 243 -23.09 4.96 2.33
C ALA B 243 -23.05 4.11 3.60
N THR B 244 -23.47 4.71 4.70
CA THR B 244 -23.48 4.02 5.98
C THR B 244 -24.91 3.83 6.49
N GLU B 245 -25.84 4.63 5.98
CA GLU B 245 -27.25 4.37 6.21
C GLU B 245 -27.95 4.29 4.84
N TYR B 246 -29.25 3.98 4.84
CA TYR B 246 -29.89 3.50 3.62
C TYR B 246 -30.38 4.55 2.61
N GLY B 247 -30.77 5.73 3.08
CA GLY B 247 -31.25 6.75 2.16
C GLY B 247 -30.14 7.53 1.49
N ASN B 248 -28.94 6.95 1.49
CA ASN B 248 -27.74 7.67 1.08
C ASN B 248 -27.39 7.47 -0.40
N PRO B 249 -27.17 8.58 -1.13
CA PRO B 249 -26.95 8.61 -2.58
C PRO B 249 -25.69 7.88 -3.12
N ASN B 250 -24.84 7.32 -2.26
CA ASN B 250 -23.60 6.68 -2.73
C ASN B 250 -23.67 5.17 -2.68
N CYS B 251 -22.58 4.50 -3.05
CA CYS B 251 -22.54 3.04 -3.05
C CYS B 251 -23.08 2.47 -1.76
N ILE B 252 -23.79 1.34 -1.86
CA ILE B 252 -24.41 0.72 -0.71
C ILE B 252 -23.94 -0.70 -0.47
N VAL B 253 -22.78 -1.07 -1.02
CA VAL B 253 -22.25 -2.43 -0.86
C VAL B 253 -22.13 -2.83 0.60
N LYS B 254 -21.64 -1.92 1.44
CA LYS B 254 -21.54 -2.18 2.88
C LYS B 254 -22.91 -2.44 3.51
N LEU B 255 -23.98 -2.25 2.76
CA LEU B 255 -25.32 -2.33 3.31
C LEU B 255 -26.14 -3.51 2.77
N GLY B 256 -25.54 -4.32 1.91
CA GLY B 256 -26.21 -5.52 1.42
C GLY B 256 -26.10 -5.81 -0.07
N CYS B 257 -25.57 -4.86 -0.83
CA CYS B 257 -25.56 -4.99 -2.29
C CYS B 257 -24.61 -6.08 -2.77
N TRP B 258 -25.13 -6.97 -3.62
CA TRP B 258 -24.33 -8.03 -4.23
C TRP B 258 -23.95 -7.71 -5.68
N GLY B 259 -24.21 -6.47 -6.11
CA GLY B 259 -24.03 -6.07 -7.50
C GLY B 259 -22.77 -6.52 -8.22
N PRO B 260 -21.62 -6.50 -7.53
CA PRO B 260 -20.36 -6.84 -8.21
C PRO B 260 -20.29 -8.30 -8.69
N VAL B 261 -21.08 -9.18 -8.09
CA VAL B 261 -21.06 -10.60 -8.49
C VAL B 261 -22.44 -11.13 -8.87
N VAL B 262 -23.30 -10.25 -9.38
CA VAL B 262 -24.64 -10.65 -9.82
C VAL B 262 -24.87 -10.26 -11.27
N GLN B 263 -25.35 -11.20 -12.08
CA GLN B 263 -25.52 -10.93 -13.51
C GLN B 263 -26.94 -10.49 -13.83
N CYS B 264 -27.08 -9.19 -14.11
CA CYS B 264 -28.37 -8.59 -14.33
C CYS B 264 -28.19 -7.20 -14.92
N ASN B 265 -29.12 -6.77 -15.75
CA ASN B 265 -28.98 -5.50 -16.45
C ASN B 265 -29.84 -4.38 -15.87
N VAL B 266 -30.51 -4.64 -14.75
CA VAL B 266 -31.52 -3.70 -14.26
C VAL B 266 -31.05 -2.26 -14.06
N PRO B 267 -29.96 -2.04 -13.29
CA PRO B 267 -29.54 -0.66 -13.01
C PRO B 267 -29.18 0.10 -14.27
N LYS B 268 -28.54 -0.59 -15.21
CA LYS B 268 -28.18 -0.05 -16.52
C LYS B 268 -29.40 0.24 -17.37
N ARG B 269 -30.40 -0.61 -17.24
CA ARG B 269 -31.51 -0.61 -18.16
C ARG B 269 -32.73 0.13 -17.61
N GLY B 270 -32.77 0.27 -16.29
CA GLY B 270 -33.92 0.85 -15.61
C GLY B 270 -34.98 -0.22 -15.43
N TRP B 271 -35.99 0.02 -14.60
CA TRP B 271 -37.05 -0.98 -14.48
C TRP B 271 -38.13 -0.80 -15.55
N ILE B 272 -38.92 0.26 -15.45
CA ILE B 272 -39.95 0.55 -16.45
C ILE B 272 -39.63 1.85 -17.15
N ALA B 273 -39.47 1.81 -18.47
CA ALA B 273 -39.18 3.01 -19.24
C ALA B 273 -38.02 3.82 -18.62
N GLY B 274 -36.99 3.10 -18.19
CA GLY B 274 -35.80 3.73 -17.64
C GLY B 274 -35.92 4.40 -16.27
N VAL B 275 -37.06 4.24 -15.59
CA VAL B 275 -37.28 5.00 -14.36
C VAL B 275 -36.75 4.37 -13.08
N GLY B 276 -36.88 3.06 -12.90
CA GLY B 276 -36.52 2.50 -11.61
C GLY B 276 -35.18 1.78 -11.49
N GLY B 277 -35.19 0.69 -10.73
CA GLY B 277 -34.01 -0.16 -10.59
C GLY B 277 -33.81 -0.70 -9.18
N CYS B 278 -32.58 -1.09 -8.87
CA CYS B 278 -32.28 -1.52 -7.52
C CYS B 278 -31.17 -0.64 -6.90
N PRO B 279 -29.89 -1.08 -6.92
CA PRO B 279 -28.95 -0.28 -6.13
C PRO B 279 -28.80 1.14 -6.67
N ASN B 280 -28.97 1.30 -7.98
CA ASN B 280 -28.90 2.62 -8.61
C ASN B 280 -29.88 3.64 -8.06
N VAL B 281 -30.90 3.18 -7.32
CA VAL B 281 -31.87 4.11 -6.72
C VAL B 281 -31.96 3.88 -5.23
N GLY B 282 -31.07 3.06 -4.69
CA GLY B 282 -30.94 2.91 -3.25
C GLY B 282 -31.57 1.64 -2.68
N GLY B 283 -31.64 0.60 -3.49
CA GLY B 283 -32.15 -0.67 -3.03
C GLY B 283 -31.11 -1.71 -3.31
N ILE B 284 -30.64 -2.37 -2.25
CA ILE B 284 -29.54 -3.31 -2.35
C ILE B 284 -29.87 -4.39 -3.36
N CYS B 285 -28.86 -4.89 -4.07
CA CYS B 285 -29.07 -6.00 -4.99
C CYS B 285 -29.01 -7.32 -4.25
N ILE B 286 -30.07 -8.12 -4.38
CA ILE B 286 -30.16 -9.34 -3.61
C ILE B 286 -30.00 -10.58 -4.49
N GLY B 287 -29.51 -10.37 -5.71
CA GLY B 287 -29.16 -11.46 -6.60
C GLY B 287 -30.32 -12.31 -7.08
N CYS B 288 -31.51 -11.70 -7.21
CA CYS B 288 -32.71 -12.43 -7.56
C CYS B 288 -32.75 -13.02 -8.98
N THR B 289 -31.64 -12.93 -9.71
CA THR B 289 -31.57 -13.53 -11.05
C THR B 289 -30.57 -14.68 -11.10
N MET B 290 -30.09 -15.11 -9.93
CA MET B 290 -29.02 -16.09 -9.85
C MET B 290 -29.52 -17.44 -9.31
N PRO B 291 -28.99 -18.54 -9.88
CA PRO B 291 -29.16 -19.89 -9.37
C PRO B 291 -29.09 -19.98 -7.84
N GLY B 292 -28.17 -19.22 -7.25
CA GLY B 292 -28.00 -19.22 -5.81
C GLY B 292 -29.09 -18.50 -5.05
N PHE B 293 -29.95 -17.78 -5.77
CA PHE B 293 -31.00 -17.03 -5.11
C PHE B 293 -32.05 -17.98 -4.56
N PRO B 294 -32.49 -17.76 -3.31
CA PRO B 294 -32.07 -16.65 -2.44
C PRO B 294 -31.08 -17.07 -1.36
N ASP B 295 -30.81 -18.37 -1.25
CA ASP B 295 -30.10 -18.88 -0.08
C ASP B 295 -28.69 -18.36 0.09
N LYS B 296 -27.97 -18.21 -1.01
CA LYS B 296 -26.57 -17.77 -0.96
C LYS B 296 -26.43 -16.27 -0.70
N PHE B 297 -27.55 -15.59 -0.49
CA PHE B 297 -27.55 -14.14 -0.34
C PHE B 297 -28.10 -13.67 1.01
N MET B 298 -28.46 -14.61 1.88
CA MET B 298 -29.13 -14.22 3.13
C MET B 298 -28.19 -14.27 4.33
N PRO B 299 -28.40 -13.38 5.31
CA PRO B 299 -29.41 -12.30 5.24
C PRO B 299 -29.07 -11.25 4.17
N PHE B 300 -30.10 -10.60 3.65
CA PHE B 300 -29.91 -9.62 2.59
C PHE B 300 -29.22 -8.34 3.06
N MET B 301 -29.60 -7.86 4.23
CA MET B 301 -29.11 -6.56 4.68
C MET B 301 -27.74 -6.63 5.36
N ASP B 302 -27.14 -7.81 5.38
CA ASP B 302 -25.75 -7.90 5.83
C ASP B 302 -24.85 -7.75 4.62
N ALA B 303 -23.73 -7.05 4.81
CA ALA B 303 -22.80 -6.82 3.72
C ALA B 303 -22.17 -8.14 3.30
N PRO B 304 -22.09 -8.38 1.99
CA PRO B 304 -21.49 -9.63 1.54
C PRO B 304 -20.03 -9.74 1.97
N PRO B 305 -19.60 -10.94 2.42
CA PRO B 305 -18.24 -11.19 2.90
C PRO B 305 -17.15 -10.63 1.99
N GLY B 306 -17.30 -10.83 0.68
CA GLY B 306 -16.32 -10.35 -0.28
C GLY B 306 -16.22 -8.85 -0.32
N ALA B 307 -17.21 -8.16 0.25
CA ALA B 307 -17.29 -6.71 0.20
C ALA B 307 -16.31 -6.06 1.16
N VAL B 308 -16.23 -6.60 2.37
CA VAL B 308 -15.35 -6.06 3.41
C VAL B 308 -13.94 -5.86 2.89
N LEU B 309 -13.47 -6.83 2.11
CA LEU B 309 -12.13 -6.79 1.55
C LEU B 309 -11.98 -5.63 0.58
N SER B 310 -12.79 -5.64 -0.47
CA SER B 310 -12.70 -4.65 -1.55
C SER B 310 -12.71 -3.20 -1.08
N SER B 311 -13.66 -2.86 -0.21
CA SER B 311 -13.87 -1.49 0.22
C SER B 311 -12.66 -0.92 0.96
N ASN B 312 -12.08 -1.74 1.84
CA ASN B 312 -10.93 -1.33 2.62
C ASN B 312 -9.72 -0.95 1.77
N LEU B 313 -9.35 -1.84 0.85
CA LEU B 313 -8.19 -1.66 -0.02
C LEU B 313 -8.12 -0.27 -0.65
N ILE B 314 -9.14 0.09 -1.43
CA ILE B 314 -9.11 1.30 -2.24
C ILE B 314 -9.32 2.58 -1.42
N LYS B 315 -9.24 2.45 -0.09
CA LYS B 315 -9.28 3.62 0.78
C LYS B 315 -7.96 4.36 0.72
N SER B 316 -7.04 3.82 -0.07
CA SER B 316 -5.68 4.36 -0.19
C SER B 316 -5.62 5.61 -1.07
N TYR B 317 -5.77 5.42 -2.37
CA TYR B 317 -5.66 6.50 -3.34
C TYR B 317 -6.93 7.35 -3.43
N GLY B 318 -7.96 6.93 -2.70
CA GLY B 318 -9.24 7.63 -2.66
C GLY B 318 -9.11 9.13 -2.47
N PRO B 319 -8.47 9.55 -1.36
CA PRO B 319 -8.28 10.96 -0.99
C PRO B 319 -7.55 11.80 -2.04
N LEU B 320 -6.41 11.32 -2.53
CA LEU B 320 -5.64 12.07 -3.52
C LEU B 320 -6.45 12.34 -4.78
N ILE B 321 -6.88 11.28 -5.45
CA ILE B 321 -7.57 11.45 -6.72
C ILE B 321 -8.81 12.32 -6.55
N ARG B 322 -9.47 12.21 -5.40
CA ARG B 322 -10.61 13.07 -5.13
C ARG B 322 -10.22 14.55 -5.10
N SER B 323 -9.07 14.86 -4.52
CA SER B 323 -8.67 16.27 -4.40
C SER B 323 -8.07 16.78 -5.69
N LEU B 324 -7.49 15.86 -6.46
CA LEU B 324 -7.03 16.18 -7.80
C LEU B 324 -8.20 16.69 -8.64
N ARG B 325 -9.31 15.94 -8.61
CA ARG B 325 -10.49 16.31 -9.37
C ARG B 325 -11.17 17.56 -8.84
N LYS B 326 -11.16 17.75 -7.52
CA LYS B 326 -11.81 18.92 -6.96
C LYS B 326 -11.07 20.18 -7.38
N LEU B 327 -9.73 20.12 -7.38
CA LEU B 327 -8.92 21.26 -7.80
C LEU B 327 -9.09 21.53 -9.30
N THR B 328 -9.16 20.48 -10.11
CA THR B 328 -9.30 20.64 -11.56
C THR B 328 -10.67 21.24 -11.90
N LYS B 329 -11.71 20.71 -11.27
CA LYS B 329 -13.04 21.25 -11.38
C LYS B 329 -13.07 22.75 -11.05
N ASP B 330 -12.24 23.16 -10.10
CA ASP B 330 -12.14 24.59 -9.75
C ASP B 330 -11.73 25.43 -10.95
N THR B 331 -10.71 24.97 -11.67
CA THR B 331 -10.22 25.68 -12.84
C THR B 331 -11.28 25.72 -13.94
N LEU B 332 -12.15 24.71 -13.96
CA LEU B 332 -13.14 24.59 -15.01
C LEU B 332 -14.38 25.41 -14.73
N ASN B 333 -14.51 25.87 -13.49
CA ASN B 333 -15.60 26.74 -13.10
C ASN B 333 -15.25 28.20 -13.32
N ASP B 334 -14.04 28.45 -13.81
CA ASP B 334 -13.61 29.80 -14.17
C ASP B 334 -13.64 30.00 -15.68
N GLU B 335 -14.31 31.07 -16.11
CA GLU B 335 -14.38 31.40 -17.53
C GLU B 335 -13.02 31.82 -18.06
N PRO B 336 -12.84 31.78 -19.39
CA PRO B 336 -11.62 32.33 -19.99
C PRO B 336 -11.60 33.82 -19.74
N LYS B 337 -10.41 34.42 -19.70
CA LYS B 337 -10.28 35.83 -19.36
C LYS B 337 -10.83 36.78 -20.43
N TRP B 338 -11.01 36.28 -21.66
CA TRP B 338 -11.45 37.14 -22.76
C TRP B 338 -12.96 37.27 -22.85
N ARG B 339 -13.64 37.25 -21.70
CA ARG B 339 -15.09 37.44 -21.69
C ARG B 339 -15.46 38.57 -20.72
N HIS B 340 -15.86 39.70 -21.29
CA HIS B 340 -15.98 40.95 -20.55
C HIS B 340 -16.54 42.01 -21.49
N ASN B 341 -17.11 43.07 -20.93
CA ASN B 341 -17.67 44.14 -21.75
C ASN B 341 -16.75 45.36 -21.79
N GLN B 342 -15.45 45.12 -21.94
CA GLN B 342 -14.48 46.21 -22.01
C GLN B 342 -14.54 46.94 -23.34
N PRO B 343 -13.87 48.10 -23.43
CA PRO B 343 -13.86 48.90 -24.67
C PRO B 343 -13.07 48.26 -25.82
N VAL B 344 -12.10 47.42 -25.50
CA VAL B 344 -11.28 46.79 -26.54
C VAL B 344 -11.30 45.27 -26.46
N LEU B 345 -11.44 44.64 -27.63
CA LEU B 345 -11.54 43.18 -27.74
C LEU B 345 -10.20 42.49 -27.46
N THR B 346 -10.26 41.38 -26.73
CA THR B 346 -9.05 40.68 -26.30
C THR B 346 -9.14 39.17 -26.53
N THR B 347 -9.87 38.79 -27.57
CA THR B 347 -10.14 37.40 -27.87
C THR B 347 -9.04 36.74 -28.69
N GLY B 348 -8.41 37.53 -29.56
CA GLY B 348 -7.41 37.01 -30.45
C GLY B 348 -7.66 37.39 -31.90
N TYR B 349 -8.92 37.70 -32.22
CA TYR B 349 -9.31 38.03 -33.59
C TYR B 349 -8.67 39.33 -34.06
N LYS C 19 82.20 26.37 24.97
CA LYS C 19 82.29 27.38 23.92
C LYS C 19 81.04 27.35 23.03
N LEU C 20 80.79 26.20 22.43
CA LEU C 20 79.55 26.00 21.69
C LEU C 20 78.45 25.66 22.67
N VAL C 21 77.29 26.30 22.52
CA VAL C 21 76.18 26.10 23.44
C VAL C 21 74.99 25.47 22.74
N GLU C 22 74.53 24.35 23.28
CA GLU C 22 73.40 23.63 22.67
C GLU C 22 72.06 24.25 23.05
N MET C 23 71.24 24.52 22.04
CA MET C 23 69.94 25.13 22.25
C MET C 23 68.93 24.52 21.30
N ASN C 24 67.84 24.00 21.86
CA ASN C 24 66.80 23.38 21.02
C ASN C 24 65.39 23.91 21.33
N TRP C 25 64.49 23.79 20.36
CA TRP C 25 63.10 24.15 20.58
C TRP C 25 62.20 23.09 20.00
N ASP C 26 61.44 22.44 20.87
CA ASP C 26 60.65 21.27 20.49
C ASP C 26 59.61 21.00 21.57
N PRO C 27 58.32 21.23 21.23
CA PRO C 27 57.93 21.62 19.88
C PRO C 27 57.96 23.13 19.65
N ILE C 28 58.06 23.51 18.39
CA ILE C 28 57.95 24.89 18.02
C ILE C 28 56.49 25.26 17.89
N THR C 29 56.10 26.36 18.53
CA THR C 29 54.70 26.78 18.53
C THR C 29 54.39 27.79 17.43
N ARG C 30 53.11 28.17 17.33
CA ARG C 30 52.66 29.10 16.31
C ARG C 30 53.12 28.67 14.91
N ILE C 31 53.11 27.36 14.69
CA ILE C 31 53.23 26.79 13.36
C ILE C 31 52.23 25.64 13.28
N VAL C 32 52.23 24.88 12.19
CA VAL C 32 51.30 23.77 12.07
C VAL C 32 52.04 22.44 12.22
N GLY C 33 51.53 21.57 13.08
CA GLY C 33 52.14 20.26 13.27
C GLY C 33 53.33 20.27 14.22
N SER C 34 54.12 19.20 14.16
CA SER C 34 55.22 18.94 15.10
C SER C 34 56.60 19.29 14.53
N LEU C 35 57.23 20.34 15.05
CA LEU C 35 58.54 20.71 14.57
C LEU C 35 59.52 20.98 15.70
N GLY C 36 60.68 20.33 15.61
CA GLY C 36 61.75 20.56 16.56
C GLY C 36 62.99 21.07 15.87
N ILE C 37 63.57 22.13 16.41
CA ILE C 37 64.81 22.65 15.86
C ILE C 37 65.96 22.59 16.86
N TYR C 38 67.02 21.88 16.49
CA TYR C 38 68.15 21.62 17.37
C TYR C 38 69.42 22.27 16.84
N THR C 39 69.95 23.24 17.59
CA THR C 39 71.11 23.96 17.11
C THR C 39 72.27 23.98 18.11
N LYS C 40 73.48 24.17 17.60
CA LYS C 40 74.64 24.49 18.41
C LYS C 40 75.02 25.94 18.14
N ILE C 41 75.12 26.75 19.19
CA ILE C 41 75.34 28.19 19.02
C ILE C 41 76.67 28.69 19.56
N ASP C 42 77.24 29.68 18.87
CA ASP C 42 78.46 30.35 19.31
C ASP C 42 78.14 31.78 19.73
N PHE C 43 78.00 32.01 21.04
CA PHE C 43 77.52 33.29 21.52
C PHE C 43 78.58 34.39 21.44
N GLU C 44 79.84 34.03 21.64
CA GLU C 44 80.92 35.00 21.43
C GLU C 44 80.96 35.42 19.96
N ASN C 45 80.60 34.49 19.08
CA ASN C 45 80.63 34.70 17.65
C ASN C 45 79.30 35.22 17.09
N ARG C 46 78.22 34.98 17.83
CA ARG C 46 76.87 35.37 17.43
C ARG C 46 76.44 34.67 16.13
N ARG C 47 76.81 33.40 16.00
CA ARG C 47 76.40 32.62 14.83
C ARG C 47 76.00 31.20 15.23
N VAL C 48 75.27 30.53 14.35
CA VAL C 48 74.86 29.15 14.59
C VAL C 48 75.81 28.21 13.87
N ALA C 49 76.45 27.32 14.63
CA ALA C 49 77.40 26.38 14.07
C ALA C 49 76.69 25.33 13.23
N GLU C 50 75.67 24.70 13.80
CA GLU C 50 74.88 23.71 13.06
C GLU C 50 73.41 23.72 13.49
N CYS C 51 72.57 23.15 12.62
CA CYS C 51 71.13 23.06 12.89
C CYS C 51 70.54 21.74 12.38
N TYR C 52 69.64 21.16 13.15
CA TYR C 52 68.95 19.94 12.76
C TYR C 52 67.43 20.12 12.84
N SER C 53 66.74 19.70 11.79
CA SER C 53 65.28 19.84 11.70
C SER C 53 64.56 18.50 11.75
N THR C 54 63.75 18.31 12.78
CA THR C 54 63.10 17.01 13.02
C THR C 54 61.59 17.16 13.19
N SER C 55 60.85 16.21 12.65
CA SER C 55 59.41 16.12 12.88
C SER C 55 59.11 14.75 13.45
N SER C 56 58.22 14.69 14.43
CA SER C 56 58.06 13.48 15.22
C SER C 56 56.77 12.71 14.95
N ILE C 57 55.98 13.14 13.97
CA ILE C 57 54.70 12.51 13.74
C ILE C 57 54.57 11.97 12.33
N PHE C 58 54.28 10.66 12.25
CA PHE C 58 54.13 9.96 10.99
C PHE C 58 52.76 9.29 10.93
N ARG C 59 52.06 9.41 9.81
CA ARG C 59 50.73 8.83 9.69
C ARG C 59 50.62 7.76 8.61
N GLY C 60 51.44 7.89 7.55
CA GLY C 60 51.53 6.87 6.52
C GLY C 60 50.46 6.87 5.44
N TYR C 61 50.19 8.03 4.85
CA TYR C 61 49.20 8.13 3.78
C TYR C 61 49.53 7.25 2.57
N SER C 62 50.79 7.24 2.16
CA SER C 62 51.26 6.39 1.07
C SER C 62 50.84 4.94 1.26
N ILE C 63 50.86 4.50 2.51
CA ILE C 63 50.60 3.09 2.81
C ILE C 63 49.12 2.75 2.81
N PHE C 64 48.33 3.39 3.66
CA PHE C 64 46.94 3.00 3.80
C PHE C 64 46.07 3.47 2.63
N MET C 65 46.67 4.19 1.68
CA MET C 65 45.94 4.56 0.49
C MET C 65 45.99 3.46 -0.57
N LYS C 66 46.97 2.57 -0.44
CA LYS C 66 47.10 1.47 -1.38
C LYS C 66 45.88 0.54 -1.36
N GLY C 67 45.36 0.24 -2.55
CA GLY C 67 44.22 -0.67 -2.69
C GLY C 67 42.87 0.00 -2.49
N LYS C 68 42.88 1.30 -2.29
CA LYS C 68 41.64 2.06 -2.13
C LYS C 68 41.14 2.56 -3.48
N ASP C 69 39.86 2.90 -3.55
CA ASP C 69 39.29 3.46 -4.75
C ASP C 69 39.85 4.85 -5.00
N PRO C 70 40.42 5.08 -6.20
CA PRO C 70 41.06 6.34 -6.59
C PRO C 70 40.13 7.55 -6.46
N ARG C 71 38.84 7.35 -6.67
CA ARG C 71 37.88 8.45 -6.55
C ARG C 71 37.80 8.93 -5.10
N ASP C 72 38.34 8.13 -4.20
CA ASP C 72 38.37 8.46 -2.79
C ASP C 72 39.60 9.30 -2.41
N SER C 73 40.50 9.49 -3.38
CA SER C 73 41.82 10.03 -3.07
C SER C 73 41.78 11.49 -2.61
N HIS C 74 40.91 12.30 -3.21
CA HIS C 74 40.89 13.72 -2.89
C HIS C 74 40.28 13.99 -1.52
N PHE C 75 39.24 13.24 -1.16
CA PHE C 75 38.69 13.32 0.20
C PHE C 75 39.73 12.93 1.23
N ILE C 76 40.46 11.86 0.93
CA ILE C 76 41.43 11.30 1.84
C ILE C 76 42.66 12.18 1.98
N THR C 77 43.30 12.51 0.85
CA THR C 77 44.53 13.31 0.89
C THR C 77 44.32 14.69 1.50
N SER C 78 43.06 15.15 1.55
CA SER C 78 42.76 16.44 2.14
C SER C 78 43.15 16.45 3.61
N ARG C 79 43.03 15.29 4.22
CA ARG C 79 43.28 15.17 5.64
C ARG C 79 44.76 15.25 5.97
N ILE C 80 45.60 15.39 4.95
CA ILE C 80 47.04 15.48 5.18
C ILE C 80 47.34 16.69 6.03
N CYS C 81 46.51 17.72 5.92
CA CYS C 81 46.71 18.93 6.71
C CYS C 81 45.44 19.71 7.06
N GLY C 82 45.45 20.27 8.26
CA GLY C 82 44.30 20.97 8.81
C GLY C 82 44.23 22.43 8.45
N ILE C 83 45.26 22.98 7.82
CA ILE C 83 45.19 24.37 7.37
C ILE C 83 45.20 24.50 5.84
N CYS C 84 45.76 23.52 5.14
CA CYS C 84 45.87 23.59 3.70
C CYS C 84 45.26 22.38 2.98
N GLY C 85 44.40 21.63 3.69
CA GLY C 85 43.80 20.43 3.15
C GLY C 85 43.26 20.57 1.74
N ASP C 86 42.56 21.68 1.50
CA ASP C 86 41.93 21.91 0.20
C ASP C 86 42.93 21.99 -0.96
N ASN C 87 44.14 22.45 -0.68
CA ASN C 87 45.19 22.43 -1.70
C ASN C 87 45.45 21.00 -2.14
N HIS C 88 45.50 20.09 -1.16
CA HIS C 88 45.70 18.68 -1.47
C HIS C 88 44.49 18.13 -2.21
N ALA C 89 43.30 18.56 -1.80
CA ALA C 89 42.07 18.08 -2.41
C ALA C 89 41.98 18.53 -3.87
N THR C 90 42.55 19.69 -4.18
CA THR C 90 42.48 20.24 -5.52
C THR C 90 43.54 19.61 -6.42
N CYS C 91 44.72 19.41 -5.87
CA CYS C 91 45.81 18.81 -6.63
C CYS C 91 45.48 17.36 -6.97
N SER C 92 44.88 16.67 -6.01
CA SER C 92 44.41 15.31 -6.20
C SER C 92 43.39 15.23 -7.34
N VAL C 93 42.39 16.11 -7.28
CA VAL C 93 41.42 16.22 -8.37
C VAL C 93 42.10 16.52 -9.71
N TYR C 94 43.18 17.29 -9.67
CA TYR C 94 43.97 17.56 -10.87
C TYR C 94 44.56 16.25 -11.40
N ALA C 95 45.05 15.42 -10.48
CA ALA C 95 45.70 14.17 -10.86
C ALA C 95 44.68 13.15 -11.32
N GLN C 96 43.55 13.07 -10.63
CA GLN C 96 42.48 12.16 -11.03
C GLN C 96 41.93 12.47 -12.42
N ASN C 97 41.78 13.74 -12.74
CA ASN C 97 41.30 14.13 -14.07
C ASN C 97 42.23 13.59 -15.16
N MET C 98 43.52 13.80 -14.99
CA MET C 98 44.51 13.30 -15.94
C MET C 98 44.42 11.78 -16.09
N ALA C 99 44.35 11.08 -14.96
CA ALA C 99 44.25 9.62 -14.97
C ALA C 99 42.98 9.15 -15.66
N TYR C 100 41.87 9.87 -15.43
CA TYR C 100 40.57 9.48 -15.96
C TYR C 100 40.32 10.07 -17.35
N GLY C 101 41.21 10.96 -17.78
CA GLY C 101 41.10 11.62 -19.08
C GLY C 101 39.88 12.53 -19.20
N VAL C 102 39.52 13.18 -18.10
CA VAL C 102 38.30 13.98 -18.08
C VAL C 102 38.58 15.44 -17.78
N LYS C 103 38.06 16.32 -18.62
CA LYS C 103 38.10 17.77 -18.39
C LYS C 103 36.77 18.26 -17.84
N PRO C 104 36.81 18.96 -16.70
CA PRO C 104 35.57 19.44 -16.10
C PRO C 104 35.08 20.67 -16.85
N PRO C 105 33.82 21.06 -16.62
CA PRO C 105 33.25 22.28 -17.19
C PRO C 105 34.07 23.51 -16.82
N PRO C 106 34.22 24.45 -17.75
CA PRO C 106 34.98 25.69 -17.53
C PRO C 106 34.56 26.47 -16.28
N ILE C 107 33.27 26.50 -15.96
CA ILE C 107 32.84 27.25 -14.79
C ILE C 107 33.26 26.54 -13.51
N ALA C 108 33.46 25.23 -13.60
CA ALA C 108 33.86 24.46 -12.44
C ALA C 108 35.28 24.82 -12.05
N ASP C 109 36.09 25.20 -13.04
CA ASP C 109 37.46 25.59 -12.79
C ASP C 109 37.56 27.03 -12.32
N TRP C 110 36.61 27.87 -12.72
CA TRP C 110 36.59 29.24 -12.22
C TRP C 110 36.18 29.21 -10.75
N ILE C 111 35.26 28.31 -10.42
CA ILE C 111 34.79 28.11 -9.06
C ILE C 111 35.87 27.53 -8.14
N ILE C 112 36.65 26.59 -8.67
CA ILE C 112 37.75 26.00 -7.94
C ILE C 112 38.85 27.04 -7.74
N ASN C 113 39.09 27.86 -8.77
CA ASN C 113 40.04 28.96 -8.66
C ASN C 113 39.58 30.02 -7.65
N LEU C 114 38.29 30.36 -7.70
CA LEU C 114 37.71 31.29 -6.74
C LEU C 114 37.82 30.73 -5.34
N GLY C 115 37.84 29.41 -5.24
CA GLY C 115 37.96 28.75 -3.96
C GLY C 115 39.38 28.80 -3.46
N GLU C 116 40.30 28.30 -4.29
CA GLU C 116 41.71 28.25 -3.90
C GLU C 116 42.29 29.65 -3.63
N ALA C 117 41.73 30.68 -4.26
CA ALA C 117 42.17 32.05 -4.00
C ALA C 117 41.77 32.52 -2.61
N ALA C 118 40.54 32.22 -2.20
CA ALA C 118 40.10 32.55 -0.84
C ALA C 118 40.98 31.84 0.18
N GLU C 119 41.40 30.63 -0.15
CA GLU C 119 42.30 29.87 0.72
C GLU C 119 43.59 30.64 0.95
N TYR C 120 44.21 31.11 -0.13
CA TYR C 120 45.38 31.98 -0.04
C TYR C 120 45.10 33.20 0.83
N MET C 121 43.98 33.88 0.56
CA MET C 121 43.59 35.09 1.29
C MET C 121 43.46 34.80 2.78
N PHE C 122 42.81 33.69 3.13
CA PHE C 122 42.59 33.34 4.52
C PHE C 122 43.89 33.00 5.23
N ASP C 123 44.62 32.05 4.65
CA ASP C 123 45.78 31.46 5.31
C ASP C 123 46.90 32.47 5.50
N HIS C 124 47.24 33.21 4.44
CA HIS C 124 48.29 34.23 4.51
C HIS C 124 47.97 35.27 5.58
N ASN C 125 46.69 35.61 5.68
CA ASN C 125 46.26 36.61 6.65
C ASN C 125 46.42 36.15 8.10
N ILE C 126 45.91 34.98 8.42
CA ILE C 126 45.90 34.51 9.79
C ILE C 126 47.30 34.09 10.23
N PHE C 127 48.07 33.50 9.31
CA PHE C 127 49.41 33.05 9.66
C PHE C 127 50.36 34.22 9.88
N GLN C 128 50.31 35.20 8.99
CA GLN C 128 51.21 36.34 9.05
C GLN C 128 50.94 37.24 10.25
N ASP C 129 49.67 37.41 10.59
CA ASP C 129 49.32 38.41 11.60
C ASP C 129 48.80 37.82 12.90
N ASN C 130 48.88 36.50 13.04
CA ASN C 130 48.50 35.83 14.29
C ASN C 130 49.53 34.80 14.77
N LEU C 131 50.35 34.31 13.84
CA LEU C 131 51.40 33.34 14.17
C LEU C 131 52.79 33.94 13.99
N VAL C 132 53.09 34.36 12.77
CA VAL C 132 54.40 34.91 12.44
C VAL C 132 54.63 36.29 13.04
N GLY C 133 53.60 37.13 13.00
CA GLY C 133 53.71 38.51 13.44
C GLY C 133 53.79 38.69 14.94
N VAL C 134 53.74 37.60 15.69
CA VAL C 134 53.92 37.68 17.13
C VAL C 134 55.40 37.84 17.45
N ASP C 135 56.24 37.35 16.54
CA ASP C 135 57.68 37.52 16.64
C ASP C 135 58.09 38.98 16.44
N PHE C 136 57.14 39.80 15.99
CA PHE C 136 57.38 41.22 15.77
C PHE C 136 56.60 42.11 16.75
N CYS C 137 55.79 41.49 17.60
CA CYS C 137 54.90 42.28 18.46
C CYS C 137 55.68 42.94 19.59
N GLU C 138 55.05 43.91 20.26
CA GLU C 138 55.72 44.68 21.29
C GLU C 138 56.34 43.81 22.36
N GLN C 139 55.57 42.85 22.85
CA GLN C 139 55.99 42.03 23.98
C GLN C 139 57.20 41.18 23.62
N MET C 140 57.18 40.56 22.46
CA MET C 140 58.32 39.75 22.03
C MET C 140 59.55 40.62 21.84
N VAL C 141 59.39 41.77 21.19
CA VAL C 141 60.50 42.63 20.86
C VAL C 141 61.17 43.24 22.09
N ARG C 142 60.37 43.58 23.10
CA ARG C 142 60.90 44.12 24.35
C ARG C 142 61.66 43.07 25.15
N GLU C 143 61.22 41.82 25.05
CA GLU C 143 61.86 40.72 25.77
C GLU C 143 63.17 40.31 25.10
N THR C 144 63.36 40.71 23.85
CA THR C 144 64.50 40.24 23.07
C THR C 144 65.44 41.35 22.58
N ASN C 145 64.88 42.51 22.26
CA ASN C 145 65.66 43.66 21.79
C ASN C 145 65.08 44.96 22.29
N PRO C 146 65.16 45.19 23.61
CA PRO C 146 64.69 46.40 24.28
C PRO C 146 65.16 47.71 23.62
N GLY C 147 66.30 47.66 22.94
CA GLY C 147 66.83 48.81 22.23
C GLY C 147 66.00 49.12 21.01
N VAL C 148 65.64 48.08 20.27
CA VAL C 148 64.86 48.21 19.04
C VAL C 148 63.45 48.73 19.31
N TRP C 149 62.91 48.39 20.48
CA TRP C 149 61.60 48.91 20.86
C TRP C 149 61.64 50.42 21.06
N GLU C 150 62.73 50.92 21.65
CA GLU C 150 62.88 52.35 21.87
C GLU C 150 62.94 53.13 20.56
N LYS C 151 63.65 52.58 19.57
CA LYS C 151 63.72 53.20 18.25
C LYS C 151 62.34 53.32 17.64
N ALA C 152 61.54 52.27 17.80
CA ALA C 152 60.22 52.19 17.20
C ALA C 152 59.32 53.33 17.67
N LYS C 153 59.32 53.61 18.96
CA LYS C 153 58.44 54.64 19.51
C LYS C 153 58.64 56.04 18.91
N THR C 154 59.83 56.31 18.36
CA THR C 154 60.11 57.61 17.77
C THR C 154 60.15 57.55 16.25
N ALA C 155 59.89 56.36 15.71
CA ALA C 155 59.92 56.13 14.26
C ALA C 155 58.52 56.17 13.68
N GLU C 156 58.15 57.31 13.10
CA GLU C 156 56.87 57.43 12.43
C GLU C 156 56.82 56.50 11.23
N ALA C 157 55.64 55.95 10.95
CA ALA C 157 55.46 55.07 9.80
C ALA C 157 55.36 55.88 8.52
N PRO C 158 56.13 55.50 7.50
CA PRO C 158 56.07 56.12 6.17
C PRO C 158 54.65 56.23 5.62
N HIS C 159 53.83 55.21 5.84
CA HIS C 159 52.47 55.20 5.30
C HIS C 159 51.41 55.39 6.36
N ALA C 160 51.75 56.04 7.47
CA ALA C 160 50.80 56.25 8.57
C ALA C 160 49.46 56.79 8.08
N ALA C 161 49.47 57.40 6.90
CA ALA C 161 48.26 57.90 6.27
C ALA C 161 47.34 56.75 5.84
N GLU C 162 47.93 55.69 5.30
CA GLU C 162 47.16 54.55 4.80
C GLU C 162 46.56 53.68 5.91
N HIS C 163 47.40 53.23 6.84
CA HIS C 163 46.99 52.21 7.80
C HIS C 163 46.59 52.77 9.17
N GLY C 164 46.97 54.01 9.45
CA GLY C 164 46.52 54.68 10.67
C GLY C 164 47.35 54.44 11.92
N TYR C 165 48.55 53.90 11.77
CA TYR C 165 49.48 53.79 12.89
C TYR C 165 50.60 54.81 12.73
N ARG C 166 50.65 55.79 13.63
CA ARG C 166 51.60 56.90 13.51
C ARG C 166 53.05 56.42 13.53
N THR C 167 53.44 55.75 14.62
CA THR C 167 54.80 55.26 14.77
C THR C 167 54.85 53.75 14.59
N ILE C 168 56.05 53.24 14.32
CA ILE C 168 56.26 51.81 14.13
C ILE C 168 55.90 50.99 15.37
N ALA C 169 56.11 51.57 16.55
CA ALA C 169 55.80 50.88 17.79
C ALA C 169 54.32 50.58 17.90
N ASP C 170 53.50 51.53 17.47
CA ASP C 170 52.05 51.36 17.50
C ASP C 170 51.61 50.13 16.69
N ILE C 171 52.24 49.92 15.55
CA ILE C 171 52.04 48.70 14.77
C ILE C 171 52.38 47.47 15.59
N MET C 172 53.52 47.52 16.28
CA MET C 172 53.96 46.39 17.08
C MET C 172 53.00 46.10 18.23
N THR C 173 52.50 47.16 18.88
CA THR C 173 51.58 46.99 19.99
C THR C 173 50.28 46.33 19.53
N ALA C 174 49.85 46.65 18.32
CA ALA C 174 48.61 46.08 17.76
C ALA C 174 48.77 44.62 17.37
N LEU C 175 50.01 44.15 17.28
CA LEU C 175 50.28 42.76 16.93
C LEU C 175 50.27 41.86 18.16
N ASN C 176 50.12 42.47 19.33
CA ASN C 176 50.07 41.73 20.60
C ASN C 176 48.90 40.77 20.69
N PRO C 177 49.19 39.51 21.03
CA PRO C 177 48.21 38.41 21.11
C PRO C 177 46.96 38.74 21.93
N PHE C 178 45.80 38.64 21.27
CA PHE C 178 44.50 38.81 21.91
C PHE C 178 44.18 40.23 22.39
N THR C 179 45.16 40.94 22.93
CA THR C 179 44.91 42.31 23.38
C THR C 179 45.14 43.33 22.27
N GLY C 180 45.99 42.99 21.31
CA GLY C 180 46.28 43.87 20.18
C GLY C 180 45.13 43.96 19.19
N GLU C 181 44.81 45.18 18.78
CA GLU C 181 43.68 45.39 17.88
C GLU C 181 43.84 44.72 16.52
N PHE C 182 45.05 44.78 15.97
CA PHE C 182 45.27 44.19 14.65
C PHE C 182 45.24 42.67 14.69
N TYR C 183 45.65 42.10 15.82
CA TYR C 183 45.59 40.66 16.04
C TYR C 183 44.14 40.21 16.07
N ARG C 184 43.28 41.01 16.71
CA ARG C 184 41.86 40.69 16.81
C ARG C 184 41.13 40.92 15.48
N GLU C 185 41.60 41.90 14.72
CA GLU C 185 41.00 42.25 13.44
C GLU C 185 41.26 41.21 12.36
N THR C 186 42.48 40.66 12.34
CA THR C 186 42.83 39.63 11.37
C THR C 186 42.16 38.31 11.75
N LEU C 187 41.68 38.21 12.98
CA LEU C 187 40.90 37.04 13.38
C LEU C 187 39.53 37.08 12.71
N LEU C 188 38.90 38.25 12.74
CA LEU C 188 37.59 38.43 12.11
C LEU C 188 37.67 38.28 10.61
N VAL C 189 38.76 38.79 10.04
CA VAL C 189 38.97 38.70 8.60
C VAL C 189 39.10 37.24 8.15
N SER C 190 39.81 36.43 8.93
CA SER C 190 39.95 35.01 8.64
C SER C 190 38.62 34.27 8.66
N ARG C 191 37.59 34.90 9.21
CA ARG C 191 36.29 34.25 9.26
C ARG C 191 35.48 34.48 7.97
N TYR C 192 35.30 35.75 7.58
CA TYR C 192 34.52 36.03 6.38
C TYR C 192 35.28 35.63 5.13
N THR C 193 36.59 35.43 5.29
CA THR C 193 37.40 34.97 4.19
C THR C 193 37.20 33.47 4.02
N ARG C 194 36.99 32.77 5.14
CA ARG C 194 36.68 31.35 5.09
C ARG C 194 35.25 31.11 4.67
N GLU C 195 34.36 32.06 4.94
CA GLU C 195 33.00 32.00 4.41
C GLU C 195 33.05 32.03 2.87
N MET C 196 33.90 32.91 2.35
CA MET C 196 34.13 32.98 0.91
C MET C 196 34.51 31.62 0.35
N PHE C 197 35.40 30.93 1.05
CA PHE C 197 35.89 29.65 0.60
C PHE C 197 34.77 28.64 0.63
N CYS C 198 33.93 28.74 1.65
CA CYS C 198 32.87 27.77 1.86
C CYS C 198 31.82 27.89 0.77
N LEU C 199 31.63 29.11 0.27
CA LEU C 199 30.70 29.34 -0.82
C LEU C 199 31.08 28.53 -2.05
N MET C 200 32.37 28.33 -2.25
CA MET C 200 32.84 27.61 -3.42
C MET C 200 33.10 26.14 -3.14
N GLU C 201 33.81 25.85 -2.06
CA GLU C 201 34.22 24.48 -1.82
C GLU C 201 33.43 23.79 -0.71
N GLY C 202 32.45 24.50 -0.14
CA GLY C 202 31.49 23.89 0.77
C GLY C 202 31.76 24.02 2.25
N ARG C 203 32.95 23.59 2.69
CA ARG C 203 33.37 23.75 4.08
C ARG C 203 34.90 23.71 4.19
N HIS C 204 35.41 24.21 5.31
CA HIS C 204 36.83 24.43 5.49
C HIS C 204 37.32 23.73 6.76
N VAL C 205 38.54 23.17 6.76
CA VAL C 205 39.50 23.23 5.66
C VAL C 205 39.27 22.14 4.61
N HIS C 206 38.60 21.07 5.01
CA HIS C 206 38.34 19.96 4.11
C HIS C 206 37.08 20.19 3.31
N PRO C 207 37.25 20.45 2.01
CA PRO C 207 36.13 20.72 1.10
C PRO C 207 35.19 19.54 1.02
N SER C 208 33.97 19.78 0.55
CA SER C 208 32.98 18.72 0.41
C SER C 208 32.34 18.70 -0.99
N THR C 209 32.44 19.81 -1.71
CA THR C 209 31.85 19.90 -3.06
C THR C 209 32.87 19.73 -4.20
N LEU C 210 34.11 19.35 -3.86
CA LEU C 210 35.10 19.06 -4.90
C LEU C 210 35.05 17.59 -5.27
N TYR C 211 35.01 17.31 -6.56
CA TYR C 211 35.07 15.95 -7.06
C TYR C 211 36.03 15.89 -8.24
N PRO C 212 36.42 14.68 -8.63
CA PRO C 212 37.08 14.54 -9.93
C PRO C 212 36.06 14.84 -11.03
N GLY C 213 36.40 15.74 -11.94
CA GLY C 213 35.54 16.02 -13.06
C GLY C 213 34.53 17.12 -12.82
N GLY C 214 34.76 17.93 -11.78
CA GLY C 214 33.90 19.07 -11.52
C GLY C 214 33.64 19.38 -10.05
N VAL C 215 32.50 20.00 -9.78
CA VAL C 215 32.11 20.36 -8.42
C VAL C 215 30.61 20.23 -8.21
N GLY C 216 30.19 20.23 -6.95
CA GLY C 216 28.78 20.15 -6.61
C GLY C 216 28.19 21.53 -6.38
N THR C 217 29.06 22.51 -6.14
CA THR C 217 28.66 23.88 -5.93
C THR C 217 27.69 24.35 -7.01
N VAL C 218 26.51 24.78 -6.58
CA VAL C 218 25.46 25.20 -7.52
C VAL C 218 25.66 26.66 -7.95
N PRO C 219 26.00 26.88 -9.23
CA PRO C 219 26.26 28.20 -9.79
C PRO C 219 24.99 29.06 -9.83
N THR C 220 25.06 30.24 -9.22
CA THR C 220 23.92 31.13 -9.08
C THR C 220 24.39 32.57 -8.99
N ILE C 221 23.56 33.51 -9.44
CA ILE C 221 23.88 34.92 -9.30
C ILE C 221 24.11 35.22 -7.82
N GLN C 222 23.34 34.54 -6.97
CA GLN C 222 23.43 34.73 -5.53
C GLN C 222 24.75 34.20 -4.96
N LEU C 223 25.24 33.12 -5.55
CA LEU C 223 26.49 32.53 -5.10
C LEU C 223 27.66 33.50 -5.24
N PHE C 224 27.70 34.23 -6.34
CA PHE C 224 28.84 35.10 -6.61
C PHE C 224 28.71 36.46 -5.91
N THR C 225 27.50 36.99 -5.81
CA THR C 225 27.34 38.26 -5.13
C THR C 225 27.66 38.09 -3.65
N ASP C 226 27.61 36.86 -3.17
CA ASP C 226 28.00 36.57 -1.79
C ASP C 226 29.52 36.52 -1.66
N TYR C 227 30.19 35.99 -2.69
CA TYR C 227 31.64 35.94 -2.76
C TYR C 227 32.22 37.32 -3.04
N ILE C 228 31.61 38.04 -3.98
CA ILE C 228 32.08 39.35 -4.42
C ILE C 228 31.85 40.42 -3.37
N THR C 229 30.80 40.26 -2.58
CA THR C 229 30.51 41.23 -1.54
C THR C 229 31.58 41.13 -0.46
N ARG C 230 32.04 39.91 -0.17
CA ARG C 230 33.10 39.71 0.81
C ARG C 230 34.46 40.04 0.23
N LEU C 231 34.65 39.70 -1.05
CA LEU C 231 35.91 39.95 -1.71
C LEU C 231 36.24 41.43 -1.70
N MET C 232 35.22 42.27 -1.81
CA MET C 232 35.42 43.71 -1.75
C MET C 232 36.01 44.15 -0.42
N LYS C 233 35.54 43.54 0.67
CA LYS C 233 35.99 43.93 1.99
C LYS C 233 37.46 43.57 2.21
N TYR C 234 37.91 42.54 1.51
CA TYR C 234 39.28 42.06 1.63
C TYR C 234 40.20 42.95 0.82
N VAL C 235 39.68 43.42 -0.31
CA VAL C 235 40.40 44.33 -1.19
C VAL C 235 40.68 45.67 -0.49
N GLU C 236 39.69 46.19 0.23
CA GLU C 236 39.89 47.42 0.97
C GLU C 236 40.77 47.16 2.18
N PHE C 237 40.90 45.88 2.52
CA PHE C 237 41.76 45.48 3.62
C PHE C 237 43.22 45.45 3.19
N MET C 238 43.47 44.88 2.02
CA MET C 238 44.82 44.72 1.52
C MET C 238 45.46 46.05 1.17
N LYS C 239 44.62 47.07 1.01
CA LYS C 239 45.10 48.40 0.66
C LYS C 239 45.79 49.06 1.86
N LYS C 240 45.48 48.56 3.05
CA LYS C 240 46.02 49.11 4.30
C LYS C 240 47.07 48.18 4.86
N VAL C 241 46.90 46.90 4.59
CA VAL C 241 47.77 45.86 5.12
C VAL C 241 49.13 45.86 4.42
N VAL C 242 49.12 46.04 3.11
CA VAL C 242 50.36 46.00 2.34
C VAL C 242 51.36 47.07 2.78
N PRO C 243 50.91 48.33 2.89
CA PRO C 243 51.81 49.39 3.37
C PRO C 243 52.17 49.22 4.84
N LEU C 244 51.33 48.50 5.58
CA LEU C 244 51.56 48.28 7.00
C LEU C 244 52.77 47.40 7.22
N HIS C 245 52.74 46.23 6.59
CA HIS C 245 53.84 45.29 6.66
C HIS C 245 55.09 45.82 5.94
N ASP C 246 54.88 46.79 5.06
CA ASP C 246 55.98 47.45 4.38
C ASP C 246 56.73 48.34 5.37
N ASP C 247 55.99 49.09 6.16
CA ASP C 247 56.59 49.99 7.14
C ASP C 247 57.22 49.21 8.28
N LEU C 248 56.65 48.06 8.59
CA LEU C 248 57.17 47.19 9.64
C LEU C 248 58.44 46.49 9.19
N PHE C 249 58.34 45.77 8.07
CA PHE C 249 59.45 44.98 7.57
C PHE C 249 60.62 45.86 7.14
N ASP C 250 60.31 47.05 6.64
CA ASP C 250 61.37 47.99 6.31
C ASP C 250 62.11 48.44 7.57
N PHE C 251 61.34 48.76 8.60
CA PHE C 251 61.87 49.28 9.86
C PHE C 251 62.95 48.39 10.41
N PHE C 252 62.77 47.09 10.20
CA PHE C 252 63.69 46.12 10.77
C PHE C 252 65.03 46.11 10.06
N TYR C 253 65.06 46.59 8.82
CA TYR C 253 66.31 46.62 8.07
C TYR C 253 67.22 47.75 8.57
N GLU C 254 66.65 48.74 9.25
CA GLU C 254 67.44 49.88 9.71
C GLU C 254 67.76 49.80 11.21
N ALA C 255 66.78 49.35 11.99
CA ALA C 255 66.93 49.30 13.44
C ALA C 255 67.85 48.17 13.88
N LEU C 256 68.05 47.21 13.00
CA LEU C 256 68.97 46.10 13.25
C LEU C 256 69.83 45.87 12.02
N PRO C 257 70.80 46.78 11.80
CA PRO C 257 71.64 46.72 10.60
C PRO C 257 72.23 45.33 10.38
N GLY C 258 72.10 44.83 9.15
CA GLY C 258 72.61 43.52 8.81
C GLY C 258 71.56 42.43 8.95
N TYR C 259 70.32 42.84 9.18
CA TYR C 259 69.24 41.87 9.36
C TYR C 259 68.86 41.23 8.03
N GLU C 260 69.43 41.73 6.94
CA GLU C 260 69.22 41.17 5.61
C GLU C 260 69.66 39.71 5.55
N GLU C 261 70.50 39.32 6.50
CA GLU C 261 71.11 37.99 6.50
C GLU C 261 70.28 36.96 7.26
N VAL C 262 69.31 37.41 8.05
CA VAL C 262 68.52 36.48 8.85
C VAL C 262 67.72 35.58 7.93
N GLY C 263 67.95 34.28 8.06
CA GLY C 263 67.27 33.30 7.23
C GLY C 263 67.73 33.32 5.78
N ARG C 264 68.75 34.14 5.49
CA ARG C 264 69.25 34.24 4.13
C ARG C 264 69.67 32.88 3.61
N ARG C 265 69.47 32.67 2.31
CA ARG C 265 69.77 31.40 1.68
C ARG C 265 70.07 31.71 0.23
N ARG C 266 70.81 30.82 -0.43
CA ARG C 266 71.05 30.96 -1.87
C ARG C 266 69.73 30.79 -2.63
N ILE C 267 69.49 31.68 -3.60
CA ILE C 267 68.23 31.71 -4.33
C ILE C 267 67.97 30.38 -5.01
N LEU C 268 67.25 29.51 -4.30
CA LEU C 268 66.91 28.20 -4.84
C LEU C 268 65.40 27.98 -4.72
N LEU C 269 64.66 28.63 -5.61
CA LEU C 269 63.20 28.68 -5.53
C LEU C 269 62.50 27.75 -6.50
N GLY C 270 61.40 27.17 -6.04
CA GLY C 270 60.60 26.31 -6.88
C GLY C 270 59.12 26.64 -6.80
N CYS C 271 58.53 26.93 -7.95
CA CYS C 271 57.09 27.17 -8.05
C CYS C 271 56.53 26.34 -9.20
N TRP C 272 55.39 25.70 -8.98
CA TRP C 272 54.84 24.80 -9.97
C TRP C 272 53.47 25.24 -10.47
N GLY C 273 53.22 26.55 -10.46
CA GLY C 273 52.01 27.10 -11.03
C GLY C 273 50.77 26.84 -10.19
N SER C 274 49.80 27.74 -10.24
CA SER C 274 48.65 27.62 -9.35
C SER C 274 47.30 27.54 -10.06
N PHE C 275 46.88 28.63 -10.67
CA PHE C 275 45.51 28.71 -11.18
C PHE C 275 45.36 28.24 -12.63
N GLN C 276 44.55 27.22 -12.84
CA GLN C 276 44.37 26.67 -14.18
C GLN C 276 43.55 27.58 -15.09
N ASP C 277 43.94 27.69 -16.35
CA ASP C 277 43.14 28.38 -17.36
C ASP C 277 42.32 27.36 -18.14
N PRO C 278 41.00 27.36 -17.91
CA PRO C 278 40.07 26.39 -18.49
C PRO C 278 40.08 26.36 -20.01
N ASN C 279 40.69 27.36 -20.63
CA ASN C 279 40.70 27.48 -22.08
C ASN C 279 41.87 26.72 -22.72
N VAL C 280 42.78 26.22 -21.89
CA VAL C 280 43.94 25.51 -22.40
C VAL C 280 44.18 24.21 -21.63
N CYS C 281 43.69 24.16 -20.40
CA CYS C 281 43.91 22.99 -19.56
C CYS C 281 42.86 21.92 -19.77
N ASP C 282 43.30 20.78 -20.30
CA ASP C 282 42.43 19.61 -20.40
C ASP C 282 42.98 18.48 -19.52
N TYR C 283 43.93 18.81 -18.66
CA TYR C 283 44.50 17.87 -17.70
C TYR C 283 45.10 16.65 -18.40
N ASN C 284 45.48 16.86 -19.65
CA ASN C 284 46.15 15.82 -20.44
C ASN C 284 47.66 16.01 -20.33
N TYR C 285 48.38 14.92 -20.03
CA TYR C 285 49.82 15.00 -19.83
C TYR C 285 50.56 15.46 -21.08
N ARG C 286 50.17 14.92 -22.23
CA ARG C 286 50.88 15.18 -23.49
C ARG C 286 50.91 16.67 -23.83
N THR C 287 49.98 17.43 -23.27
CA THR C 287 49.94 18.87 -23.50
C THR C 287 50.07 19.64 -22.20
N MET C 288 50.54 18.96 -21.15
CA MET C 288 50.72 19.59 -19.85
C MET C 288 51.73 20.73 -19.94
N THR C 289 52.63 20.67 -20.92
CA THR C 289 53.63 21.71 -21.11
C THR C 289 53.00 23.03 -21.54
N LYS C 290 51.85 22.94 -22.19
CA LYS C 290 51.15 24.12 -22.68
C LYS C 290 50.24 24.73 -21.62
N TRP C 291 49.38 23.91 -21.01
CA TRP C 291 48.43 24.47 -20.05
C TRP C 291 49.06 24.76 -18.70
N GLY C 292 50.26 24.22 -18.46
CA GLY C 292 51.02 24.60 -17.29
C GLY C 292 51.45 26.06 -17.45
N ARG C 293 51.83 26.43 -18.67
CA ARG C 293 52.28 27.79 -18.95
C ARG C 293 51.13 28.79 -18.94
N GLY C 294 49.91 28.28 -18.99
CA GLY C 294 48.73 29.13 -19.04
C GLY C 294 48.18 29.51 -17.69
N MET C 295 48.81 29.00 -16.63
CA MET C 295 48.37 29.29 -15.27
C MET C 295 48.56 30.77 -14.96
N PHE C 296 47.75 31.29 -14.02
CA PHE C 296 47.79 32.70 -13.70
C PHE C 296 48.79 32.94 -12.58
N VAL C 297 49.49 31.88 -12.24
CA VAL C 297 50.72 31.95 -11.47
C VAL C 297 51.65 31.01 -12.21
N THR C 298 52.66 31.57 -12.87
CA THR C 298 53.47 30.79 -13.79
C THR C 298 54.45 29.85 -13.10
N PRO C 299 54.49 28.57 -13.52
CA PRO C 299 55.44 27.57 -13.03
C PRO C 299 56.87 27.93 -13.41
N GLY C 300 57.85 27.38 -12.69
CA GLY C 300 59.24 27.64 -12.99
C GLY C 300 60.22 27.28 -11.89
N VAL C 301 61.50 27.27 -12.25
CA VAL C 301 62.57 27.06 -11.28
C VAL C 301 63.56 28.23 -11.37
N VAL C 302 63.87 28.84 -10.24
CA VAL C 302 64.74 30.03 -10.24
C VAL C 302 66.00 29.84 -9.41
N VAL C 303 67.11 29.49 -10.07
CA VAL C 303 68.40 29.35 -9.39
C VAL C 303 69.29 30.59 -9.55
N ASP C 304 69.57 31.27 -8.43
CA ASP C 304 70.45 32.44 -8.42
C ASP C 304 69.90 33.64 -9.20
N GLY C 305 68.58 33.69 -9.35
CA GLY C 305 67.96 34.80 -10.04
C GLY C 305 67.59 34.50 -11.48
N GLU C 306 68.02 33.35 -11.98
CA GLU C 306 67.79 32.97 -13.37
C GLU C 306 66.67 31.95 -13.52
N LEU C 307 65.64 32.31 -14.28
CA LEU C 307 64.56 31.39 -14.56
C LEU C 307 65.07 30.27 -15.46
N LEU C 308 65.26 29.10 -14.89
CA LEU C 308 65.79 27.95 -15.63
C LEU C 308 64.78 27.40 -16.62
N THR C 309 63.56 27.18 -16.15
CA THR C 309 62.50 26.58 -16.97
C THR C 309 61.11 26.99 -16.50
N THR C 310 60.14 26.91 -17.40
CA THR C 310 58.73 27.04 -17.04
C THR C 310 57.99 25.82 -17.60
N ASP C 311 58.78 24.89 -18.13
CA ASP C 311 58.28 23.65 -18.67
C ASP C 311 57.87 22.73 -17.53
N LEU C 312 56.60 22.36 -17.50
CA LEU C 312 56.04 21.59 -16.38
C LEU C 312 56.48 20.13 -16.42
N VAL C 313 56.53 19.54 -17.62
CA VAL C 313 56.97 18.16 -17.74
C VAL C 313 58.46 18.06 -17.42
N ASP C 314 59.19 19.10 -17.77
CA ASP C 314 60.62 19.19 -17.52
C ASP C 314 60.89 19.29 -16.02
N ILE C 315 59.97 19.92 -15.29
CA ILE C 315 60.10 20.11 -13.85
C ILE C 315 59.72 18.83 -13.08
N ASN C 316 58.66 18.17 -13.52
CA ASN C 316 58.20 16.93 -12.92
C ASN C 316 59.19 15.76 -13.09
N LEU C 317 59.87 15.72 -14.24
CA LEU C 317 60.80 14.63 -14.55
C LEU C 317 62.08 14.68 -13.71
N ASN C 318 62.38 15.83 -13.14
CA ASN C 318 63.61 15.99 -12.38
C ASN C 318 63.37 16.06 -10.87
N ILE C 319 62.35 15.35 -10.41
CA ILE C 319 62.06 15.26 -8.99
C ILE C 319 62.62 13.97 -8.41
N ARG C 320 63.55 14.12 -7.46
CA ARG C 320 64.17 12.98 -6.78
C ARG C 320 63.88 12.98 -5.27
N ILE C 321 63.34 11.87 -4.77
CA ILE C 321 63.08 11.75 -3.35
C ILE C 321 64.22 10.99 -2.67
N LEU C 322 65.13 11.73 -2.05
CA LEU C 322 66.29 11.13 -1.41
C LEU C 322 66.07 10.86 0.07
N LEU C 323 66.90 9.99 0.63
CA LEU C 323 66.92 9.77 2.07
C LEU C 323 68.31 10.12 2.62
N GLY C 324 68.67 9.53 3.76
CA GLY C 324 69.97 9.84 4.34
C GLY C 324 69.92 10.38 5.76
N SER C 325 68.70 10.64 6.25
CA SER C 325 68.47 11.07 7.62
C SER C 325 67.02 10.86 7.98
N SER C 326 66.39 9.87 7.36
CA SER C 326 64.97 9.63 7.58
C SER C 326 64.69 8.25 8.16
N PHE C 327 63.66 8.16 8.99
CA PHE C 327 63.24 6.89 9.58
C PHE C 327 62.60 5.93 8.56
N TYR C 328 63.21 5.78 7.40
CA TYR C 328 62.72 4.83 6.40
C TYR C 328 63.86 4.00 5.82
N GLN C 329 63.50 2.86 5.24
CA GLN C 329 64.44 2.10 4.43
C GLN C 329 64.24 2.49 2.96
N ASP C 330 65.32 2.49 2.19
CA ASP C 330 65.27 2.88 0.80
C ASP C 330 64.56 1.83 -0.04
N TRP C 331 63.82 2.28 -1.04
CA TRP C 331 63.02 1.38 -1.87
C TRP C 331 63.81 0.93 -3.11
N ASP C 332 65.11 0.80 -2.96
CA ASP C 332 65.97 0.41 -4.08
C ASP C 332 65.80 -1.07 -4.41
N HIS C 333 65.32 -1.84 -3.43
CA HIS C 333 65.03 -3.26 -3.66
C HIS C 333 63.52 -3.47 -3.76
N GLU C 334 62.85 -2.50 -4.38
CA GLU C 334 61.42 -2.59 -4.62
C GLU C 334 61.15 -2.48 -6.12
N GLU C 335 60.01 -3.03 -6.55
CA GLU C 335 59.63 -3.03 -7.95
C GLU C 335 58.90 -1.74 -8.34
N THR C 336 59.42 -1.06 -9.35
CA THR C 336 58.82 0.19 -9.82
C THR C 336 57.74 -0.08 -10.84
N SER C 337 56.78 0.83 -10.95
CA SER C 337 55.66 0.64 -11.86
C SER C 337 55.72 1.62 -13.04
N VAL C 338 56.36 2.75 -12.85
CA VAL C 338 56.43 3.76 -13.91
C VAL C 338 57.85 3.94 -14.46
N LYS C 339 58.09 3.39 -15.65
CA LYS C 339 59.40 3.53 -16.29
C LYS C 339 59.43 4.71 -17.25
N ASN C 340 58.29 5.00 -17.88
CA ASN C 340 58.19 6.10 -18.81
C ASN C 340 56.90 6.90 -18.60
N ASP C 341 56.95 8.20 -18.85
CA ASP C 341 55.74 9.01 -18.75
C ASP C 341 54.96 8.94 -20.06
N PRO C 342 53.72 9.45 -20.05
CA PRO C 342 52.84 9.43 -21.22
C PRO C 342 53.50 9.94 -22.50
N LEU C 343 54.51 10.79 -22.38
CA LEU C 343 55.21 11.31 -23.56
C LEU C 343 56.41 10.43 -23.93
N GLY C 344 56.74 9.47 -23.07
CA GLY C 344 57.79 8.51 -23.36
C GLY C 344 59.13 8.71 -22.66
N ASN C 345 59.27 9.81 -21.94
CA ASN C 345 60.52 10.09 -21.22
C ASN C 345 60.76 9.11 -20.07
N ALA C 346 62.03 8.85 -19.79
CA ALA C 346 62.41 7.89 -18.75
C ALA C 346 62.15 8.44 -17.35
N VAL C 347 61.53 7.62 -16.50
CA VAL C 347 61.21 8.03 -15.13
C VAL C 347 62.08 7.32 -14.10
N ASP C 348 62.74 8.11 -13.26
CA ASP C 348 63.66 7.60 -12.24
C ASP C 348 62.94 6.72 -11.21
N ARG C 349 63.70 5.86 -10.54
CA ARG C 349 63.18 5.00 -9.47
C ARG C 349 62.90 5.82 -8.22
N LYS C 350 63.63 6.93 -8.08
CA LYS C 350 63.49 7.79 -6.91
C LYS C 350 62.35 8.79 -7.08
N HIS C 351 61.89 8.95 -8.32
CA HIS C 351 60.75 9.82 -8.60
C HIS C 351 59.52 9.31 -7.87
N PRO C 352 58.72 10.23 -7.31
CA PRO C 352 57.55 9.87 -6.49
C PRO C 352 56.51 9.02 -7.22
N TRP C 353 56.74 8.76 -8.51
CA TRP C 353 55.90 7.84 -9.25
C TRP C 353 56.30 6.39 -8.98
N ASN C 354 57.54 6.17 -8.53
CA ASN C 354 58.04 4.83 -8.23
C ASN C 354 58.39 4.63 -6.76
N GLN C 355 58.10 5.62 -5.91
CA GLN C 355 58.49 5.53 -4.51
C GLN C 355 57.66 4.49 -3.74
N THR C 356 58.33 3.82 -2.81
CA THR C 356 57.68 2.93 -1.86
C THR C 356 58.11 3.36 -0.48
N THR C 357 57.15 3.70 0.36
CA THR C 357 57.44 4.16 1.70
C THR C 357 57.56 2.97 2.64
N LEU C 358 58.78 2.75 3.13
CA LEU C 358 59.02 1.73 4.14
C LEU C 358 59.47 2.40 5.44
N PRO C 359 58.51 2.67 6.35
CA PRO C 359 58.78 3.33 7.62
C PRO C 359 59.55 2.43 8.59
N ARG C 360 60.63 2.97 9.16
CA ARG C 360 61.45 2.23 10.12
C ARG C 360 61.64 3.04 11.39
N PRO C 361 60.68 2.96 12.32
CA PRO C 361 60.75 3.69 13.59
C PRO C 361 62.07 3.43 14.30
N GLN C 362 62.84 4.49 14.55
CA GLN C 362 64.16 4.34 15.16
C GLN C 362 64.36 5.30 16.33
N LYS C 363 65.42 5.06 17.10
CA LYS C 363 65.86 6.06 18.07
C LYS C 363 66.35 7.26 17.27
N ARG C 364 66.10 8.46 17.78
CA ARG C 364 66.58 9.65 17.10
C ARG C 364 68.09 9.78 17.27
N ASN C 365 68.81 9.97 16.17
CA ASN C 365 70.25 10.15 16.21
C ASN C 365 70.68 11.19 15.20
N PHE C 366 71.12 12.35 15.70
CA PHE C 366 71.43 13.47 14.82
C PHE C 366 72.68 13.20 14.01
N GLY C 367 73.35 12.10 14.33
CA GLY C 367 74.50 11.67 13.57
C GLY C 367 74.09 10.78 12.42
N GLY C 368 72.84 10.34 12.45
CA GLY C 368 72.31 9.50 11.39
C GLY C 368 70.90 9.89 11.00
N ASN C 369 69.93 9.13 11.50
CA ASN C 369 68.52 9.38 11.21
C ASN C 369 67.85 10.11 12.37
N TYR C 370 67.23 11.24 12.08
CA TYR C 370 66.65 12.05 13.14
C TYR C 370 65.31 12.70 12.78
N THR C 371 64.62 12.17 11.78
CA THR C 371 63.37 12.79 11.36
C THR C 371 62.50 11.90 10.47
N TRP C 372 61.20 12.17 10.46
CA TRP C 372 60.29 11.45 9.58
C TRP C 372 60.20 12.12 8.21
N VAL C 373 60.73 13.33 8.11
CA VAL C 373 60.72 14.07 6.86
C VAL C 373 61.76 13.50 5.89
N MET C 374 61.39 13.38 4.61
CA MET C 374 62.32 12.90 3.60
C MET C 374 63.03 14.08 2.96
N SER C 375 63.92 13.82 2.01
CA SER C 375 64.71 14.89 1.41
C SER C 375 64.48 15.04 -0.08
N PRO C 376 63.37 15.71 -0.45
CA PRO C 376 63.07 16.03 -1.85
C PRO C 376 64.14 16.94 -2.45
N ARG C 377 64.62 16.59 -3.65
CA ARG C 377 65.62 17.39 -4.32
C ARG C 377 65.27 17.54 -5.80
N TRP C 378 65.88 18.54 -6.44
CA TRP C 378 65.63 18.77 -7.85
C TRP C 378 66.92 18.62 -8.65
N LEU C 379 66.91 17.70 -9.60
CA LEU C 379 68.07 17.39 -10.42
C LEU C 379 68.36 18.49 -11.43
N ASP C 380 69.52 19.13 -11.31
CA ASP C 380 69.93 20.21 -12.21
C ASP C 380 70.99 19.69 -13.18
N LYS C 381 70.54 19.18 -14.31
CA LYS C 381 71.41 18.52 -15.28
C LYS C 381 72.47 19.44 -15.87
N ARG C 382 72.45 20.71 -15.50
CA ARG C 382 73.45 21.66 -15.95
C ARG C 382 74.73 21.50 -15.15
N THR C 383 74.60 20.95 -13.96
CA THR C 383 75.74 20.73 -13.07
C THR C 383 75.70 19.30 -12.51
N GLY C 384 74.53 18.69 -12.53
CA GLY C 384 74.37 17.31 -12.10
C GLY C 384 73.98 17.17 -10.64
N ASP C 385 73.81 18.30 -9.96
CA ASP C 385 73.50 18.33 -8.54
C ASP C 385 72.05 17.97 -8.23
N HIS C 386 71.82 17.55 -6.99
CA HIS C 386 70.47 17.45 -6.46
C HIS C 386 70.24 18.66 -5.56
N LEU C 387 69.52 19.65 -6.08
CA LEU C 387 69.33 20.91 -5.38
C LEU C 387 68.23 20.87 -4.34
N ALA C 388 68.53 21.40 -3.16
CA ALA C 388 67.55 21.57 -2.12
C ALA C 388 66.78 22.86 -2.39
N LEU C 389 65.80 22.77 -3.27
CA LEU C 389 64.93 23.90 -3.58
C LEU C 389 64.01 24.17 -2.40
N ASP C 390 63.78 25.44 -2.10
CA ASP C 390 62.76 25.80 -1.12
C ASP C 390 61.64 26.58 -1.79
N THR C 391 60.50 26.63 -1.12
CA THR C 391 59.40 27.47 -1.56
C THR C 391 59.50 28.78 -0.81
N GLY C 392 58.57 29.69 -1.06
CA GLY C 392 58.51 30.95 -0.35
C GLY C 392 58.82 30.87 1.14
N GLY C 393 58.02 30.10 1.89
CA GLY C 393 56.99 29.27 1.30
C GLY C 393 55.57 29.78 1.47
N GLY C 394 54.92 30.12 0.36
CA GLY C 394 55.55 30.14 -0.94
C GLY C 394 55.27 31.38 -1.79
N PRO C 395 54.78 32.49 -1.19
CA PRO C 395 54.69 33.75 -1.94
C PRO C 395 55.95 34.16 -2.69
N ILE C 396 57.12 34.12 -2.06
CA ILE C 396 58.31 34.63 -2.72
C ILE C 396 58.65 33.82 -3.97
N ALA C 397 58.33 32.53 -3.93
CA ALA C 397 58.62 31.64 -5.06
C ALA C 397 57.68 31.87 -6.25
N ARG C 398 56.40 32.11 -5.98
CA ARG C 398 55.44 32.37 -7.04
C ARG C 398 55.70 33.73 -7.69
N LEU C 399 55.97 34.74 -6.86
CA LEU C 399 56.23 36.08 -7.36
C LEU C 399 57.47 36.12 -8.24
N TRP C 400 58.55 35.48 -7.79
CA TRP C 400 59.79 35.42 -8.55
C TRP C 400 59.58 34.85 -9.96
N ALA C 401 59.12 33.61 -10.02
CA ALA C 401 58.91 32.92 -11.30
C ALA C 401 57.86 33.60 -12.20
N THR C 402 56.76 34.06 -11.62
CA THR C 402 55.75 34.75 -12.41
C THR C 402 56.29 36.08 -12.96
N ALA C 403 57.12 36.75 -12.17
CA ALA C 403 57.70 38.03 -12.56
C ALA C 403 58.69 37.88 -13.71
N LEU C 404 59.60 36.91 -13.60
CA LEU C 404 60.62 36.72 -14.62
C LEU C 404 60.05 36.21 -15.96
N ALA C 405 59.17 35.21 -15.89
CA ALA C 405 58.71 34.50 -17.09
C ALA C 405 57.86 35.36 -18.03
N GLY C 406 57.27 36.44 -17.53
CA GLY C 406 56.52 37.36 -18.39
C GLY C 406 55.27 36.78 -19.02
N LEU C 407 54.93 35.55 -18.65
CA LEU C 407 53.83 34.83 -19.29
C LEU C 407 52.43 35.15 -18.74
N VAL C 408 52.33 36.02 -17.75
CA VAL C 408 51.02 36.31 -17.17
C VAL C 408 50.55 37.74 -17.38
N ASP C 409 49.38 37.89 -17.98
CA ASP C 409 48.72 39.18 -18.09
C ASP C 409 47.21 39.01 -18.03
N ILE C 410 46.59 39.63 -17.02
CA ILE C 410 45.15 39.61 -16.88
C ILE C 410 44.65 40.97 -16.37
N GLY C 411 45.41 42.01 -16.65
CA GLY C 411 45.03 43.36 -16.26
C GLY C 411 45.19 43.61 -14.78
N TYR C 412 44.57 42.78 -13.96
CA TYR C 412 44.73 42.86 -12.51
C TYR C 412 46.14 42.40 -12.13
N ILE C 413 46.62 41.35 -12.79
CA ILE C 413 47.98 40.84 -12.58
C ILE C 413 48.81 41.01 -13.86
N LYS C 414 49.94 41.68 -13.75
CA LYS C 414 50.78 41.92 -14.91
C LYS C 414 52.24 41.59 -14.63
N SER C 415 52.77 40.61 -15.35
CA SER C 415 54.18 40.32 -15.28
C SER C 415 54.96 41.28 -16.16
N THR C 416 55.92 41.99 -15.56
CA THR C 416 56.66 43.01 -16.30
C THR C 416 58.03 42.49 -16.72
N GLY C 417 58.37 41.27 -16.29
CA GLY C 417 59.66 40.70 -16.59
C GLY C 417 60.70 40.95 -15.51
N HIS C 418 60.49 42.02 -14.75
CA HIS C 418 61.39 42.35 -13.64
C HIS C 418 60.61 42.56 -12.35
N SER C 419 59.31 42.27 -12.39
CA SER C 419 58.42 42.51 -11.27
C SER C 419 57.02 41.96 -11.50
N VAL C 420 56.11 42.26 -10.58
CA VAL C 420 54.69 41.96 -10.75
C VAL C 420 53.83 43.11 -10.27
N LYS C 421 52.95 43.60 -11.15
CA LYS C 421 52.08 44.73 -10.84
C LYS C 421 50.69 44.23 -10.49
N ILE C 422 50.27 44.47 -9.25
CA ILE C 422 48.97 44.03 -8.78
C ILE C 422 48.04 45.22 -8.70
N TYR C 423 46.93 45.18 -9.42
CA TYR C 423 45.99 46.29 -9.40
C TYR C 423 44.79 46.00 -8.52
N LEU C 424 44.43 46.98 -7.69
CA LEU C 424 43.25 46.87 -6.84
C LEU C 424 42.29 48.03 -7.07
N PRO C 425 41.12 47.74 -7.67
CA PRO C 425 40.08 48.71 -8.04
C PRO C 425 39.63 49.59 -6.88
N ARG C 426 38.82 50.60 -7.20
CA ARG C 426 38.29 51.49 -6.18
C ARG C 426 37.41 50.71 -5.23
N THR C 427 37.38 51.14 -3.98
CA THR C 427 36.49 50.52 -3.00
C THR C 427 35.62 51.59 -2.35
N ALA C 428 34.76 51.16 -1.43
CA ALA C 428 33.78 52.05 -0.80
C ALA C 428 34.42 53.26 -0.15
N LEU C 429 35.68 53.16 0.24
CA LEU C 429 36.32 54.25 0.97
C LEU C 429 37.77 54.51 0.56
N LYS C 430 38.23 53.87 -0.52
CA LYS C 430 39.62 54.02 -0.95
C LYS C 430 39.79 53.97 -2.45
N PRO C 431 40.55 54.93 -2.99
CA PRO C 431 40.86 54.99 -4.42
C PRO C 431 41.62 53.74 -4.89
N GLU C 432 41.82 53.61 -6.19
CA GLU C 432 42.50 52.43 -6.73
C GLU C 432 43.90 52.31 -6.17
N ALA C 433 44.52 51.15 -6.34
CA ALA C 433 45.87 50.93 -5.83
C ALA C 433 46.65 49.95 -6.69
N GLU C 434 47.84 50.35 -7.12
CA GLU C 434 48.76 49.43 -7.76
C GLU C 434 49.86 49.06 -6.78
N PHE C 435 50.23 47.78 -6.76
CA PHE C 435 51.32 47.31 -5.94
C PHE C 435 52.29 46.53 -6.81
N GLU C 436 53.50 47.05 -6.94
CA GLU C 436 54.48 46.40 -7.77
C GLU C 436 55.47 45.65 -6.90
N TRP C 437 55.36 44.32 -6.88
CA TRP C 437 56.34 43.53 -6.17
C TRP C 437 57.61 43.51 -6.98
N LYS C 438 58.63 44.22 -6.50
CA LYS C 438 59.91 44.23 -7.18
C LYS C 438 60.78 43.11 -6.63
N ILE C 439 61.48 42.43 -7.53
CA ILE C 439 62.38 41.35 -7.17
C ILE C 439 63.42 41.82 -6.16
N PRO C 440 63.54 41.08 -5.04
CA PRO C 440 64.42 41.44 -3.92
C PRO C 440 65.90 41.16 -4.20
N MET C 441 66.78 41.78 -3.41
CA MET C 441 68.20 41.52 -3.56
C MET C 441 68.62 40.23 -2.88
N TRP C 442 67.81 39.77 -1.92
CA TRP C 442 68.12 38.57 -1.13
C TRP C 442 66.95 37.60 -1.07
N SER C 443 67.25 36.34 -0.74
CA SER C 443 66.22 35.34 -0.44
C SER C 443 66.22 35.05 1.05
N ASN C 444 65.87 36.04 1.86
CA ASN C 444 65.98 35.91 3.31
C ASN C 444 64.62 35.87 4.01
N ALA C 445 64.63 36.07 5.32
CA ALA C 445 63.43 35.87 6.13
C ALA C 445 62.41 36.99 5.97
N ILE C 446 62.88 38.23 5.97
CA ILE C 446 61.99 39.38 5.88
C ILE C 446 61.33 39.43 4.52
N GLU C 447 62.08 39.11 3.47
CA GLU C 447 61.57 39.18 2.12
C GLU C 447 60.53 38.09 1.82
N ARG C 448 60.63 36.97 2.53
CA ARG C 448 59.60 35.94 2.45
C ARG C 448 58.32 36.46 3.09
N ASP C 449 58.47 37.15 4.22
CA ASP C 449 57.31 37.69 4.94
C ASP C 449 56.69 38.85 4.18
N ARG C 450 57.51 39.62 3.46
CA ARG C 450 56.97 40.69 2.62
C ARG C 450 56.18 40.10 1.47
N ALA C 451 56.76 39.12 0.78
CA ALA C 451 56.13 38.49 -0.37
C ALA C 451 54.76 37.90 -0.03
N ARG C 452 54.56 37.58 1.25
CA ARG C 452 53.32 36.98 1.70
C ARG C 452 52.21 38.02 1.76
N THR C 453 52.55 39.20 2.28
CA THR C 453 51.58 40.29 2.35
C THR C 453 51.18 40.77 0.95
N TYR C 454 52.09 40.60 -0.01
CA TYR C 454 51.80 40.97 -1.38
C TYR C 454 50.93 39.94 -2.08
N PHE C 455 51.19 38.66 -1.84
CA PHE C 455 50.45 37.64 -2.55
C PHE C 455 49.02 37.58 -2.01
N GLN C 456 48.82 38.15 -0.83
CA GLN C 456 47.46 38.36 -0.33
C GLN C 456 46.72 39.27 -1.30
N ALA C 457 47.41 40.32 -1.74
CA ALA C 457 46.85 41.28 -2.68
C ALA C 457 46.76 40.68 -4.07
N TYR C 458 47.78 39.95 -4.47
CA TYR C 458 47.80 39.19 -5.71
C TYR C 458 46.55 38.32 -5.79
N SER C 459 46.22 37.69 -4.68
CA SER C 459 45.10 36.77 -4.65
C SER C 459 43.78 37.49 -4.82
N ALA C 460 43.63 38.62 -4.12
CA ALA C 460 42.42 39.42 -4.22
C ALA C 460 42.18 39.84 -5.67
N ALA C 461 43.21 40.39 -6.31
CA ALA C 461 43.10 40.82 -7.70
C ALA C 461 42.76 39.65 -8.62
N ALA C 462 43.52 38.56 -8.51
CA ALA C 462 43.26 37.37 -9.31
C ALA C 462 41.80 36.91 -9.18
N ALA C 463 41.26 36.98 -7.97
CA ALA C 463 39.88 36.56 -7.73
C ALA C 463 38.89 37.46 -8.47
N LEU C 464 39.20 38.75 -8.57
CA LEU C 464 38.33 39.66 -9.31
C LEU C 464 38.19 39.19 -10.74
N TYR C 465 39.30 38.75 -11.32
CA TYR C 465 39.29 38.24 -12.68
C TYR C 465 38.44 36.98 -12.77
N PHE C 466 38.76 36.00 -11.92
CA PHE C 466 38.07 34.72 -11.93
C PHE C 466 36.56 34.91 -11.78
N ALA C 467 36.17 35.87 -10.95
CA ALA C 467 34.76 36.18 -10.72
C ALA C 467 34.08 36.62 -12.02
N GLU C 468 34.75 37.47 -12.77
CA GLU C 468 34.22 37.95 -14.05
C GLU C 468 34.04 36.79 -15.02
N GLN C 469 35.05 35.95 -15.13
CA GLN C 469 34.98 34.76 -15.98
C GLN C 469 33.81 33.88 -15.58
N ALA C 470 33.54 33.81 -14.28
CA ALA C 470 32.48 32.94 -13.78
C ALA C 470 31.10 33.51 -14.12
N LEU C 471 30.94 34.82 -13.96
CA LEU C 471 29.69 35.49 -14.31
C LEU C 471 29.36 35.32 -15.79
N ALA C 472 30.35 35.59 -16.64
CA ALA C 472 30.21 35.42 -18.08
C ALA C 472 29.72 34.02 -18.45
N GLU C 473 30.21 33.00 -17.75
CA GLU C 473 29.78 31.63 -17.98
C GLU C 473 28.36 31.41 -17.44
N LEU C 474 28.06 32.06 -16.33
CA LEU C 474 26.74 31.99 -15.71
C LEU C 474 25.67 32.67 -16.56
N HIS C 475 26.07 33.73 -17.26
CA HIS C 475 25.15 34.51 -18.08
C HIS C 475 24.96 33.87 -19.46
N ALA C 476 25.96 33.10 -19.89
CA ALA C 476 25.87 32.38 -21.14
C ALA C 476 24.98 31.17 -20.99
N GLY C 477 24.57 30.90 -19.76
CA GLY C 477 23.73 29.77 -19.46
C GLY C 477 24.52 28.50 -19.17
N ARG C 478 25.83 28.55 -19.43
CA ARG C 478 26.70 27.39 -19.21
C ARG C 478 26.97 27.19 -17.73
N THR C 479 26.18 26.34 -17.10
CA THR C 479 26.22 26.20 -15.66
C THR C 479 26.36 24.76 -15.19
N ARG C 480 26.54 23.85 -16.15
CA ARG C 480 26.85 22.47 -15.80
C ARG C 480 28.22 22.47 -15.15
N THR C 481 28.40 21.76 -14.04
CA THR C 481 29.69 21.85 -13.36
C THR C 481 30.41 20.52 -13.22
N PHE C 482 29.91 19.49 -13.91
CA PHE C 482 30.47 18.16 -13.77
C PHE C 482 30.48 17.38 -15.09
N THR C 483 31.64 16.82 -15.42
CA THR C 483 31.77 15.92 -16.57
C THR C 483 31.89 14.49 -16.06
N ASP C 484 31.03 13.60 -16.52
CA ASP C 484 31.10 12.21 -16.08
C ASP C 484 32.44 11.62 -16.51
N PHE C 485 32.82 10.48 -15.92
CA PHE C 485 34.12 9.88 -16.19
C PHE C 485 34.14 8.41 -15.80
N LYS C 486 35.02 7.63 -16.43
CA LYS C 486 35.19 6.23 -16.06
C LYS C 486 36.60 5.98 -15.52
N VAL C 487 36.66 5.23 -14.43
CA VAL C 487 37.92 4.88 -13.78
C VAL C 487 38.65 3.81 -14.58
N PRO C 488 39.81 4.17 -15.18
CA PRO C 488 40.60 3.20 -15.94
C PRO C 488 41.00 2.03 -15.07
N ASP C 489 41.24 0.86 -15.65
CA ASP C 489 41.66 -0.28 -14.86
C ASP C 489 43.14 -0.13 -14.56
N GLU C 490 43.86 0.47 -15.50
CA GLU C 490 45.25 0.83 -15.31
C GLU C 490 45.52 2.19 -15.93
N ALA C 491 46.37 2.98 -15.27
CA ALA C 491 46.69 4.34 -15.70
C ALA C 491 47.56 5.07 -14.67
N ILE C 492 48.29 6.09 -15.12
CA ILE C 492 49.00 6.98 -14.22
C ILE C 492 48.38 8.36 -14.31
N GLY C 493 48.82 9.26 -13.45
CA GLY C 493 48.31 10.62 -13.43
C GLY C 493 49.04 11.43 -12.39
N CYS C 494 49.24 12.71 -12.68
CA CYS C 494 49.98 13.57 -11.76
C CYS C 494 49.36 14.96 -11.70
N GLY C 495 49.19 15.47 -10.49
CA GLY C 495 48.62 16.79 -10.30
C GLY C 495 49.66 17.81 -9.88
N PHE C 496 49.63 18.98 -10.50
CA PHE C 496 50.54 20.06 -10.15
C PHE C 496 49.75 21.31 -9.78
N HIS C 497 50.18 21.94 -8.70
CA HIS C 497 49.39 22.97 -8.04
C HIS C 497 50.28 23.72 -7.07
N GLU C 498 50.04 25.02 -6.92
CA GLU C 498 50.77 25.79 -5.93
C GLU C 498 49.94 25.81 -4.66
N ALA C 499 50.49 25.30 -3.57
CA ALA C 499 49.80 25.35 -2.29
C ALA C 499 50.02 26.72 -1.67
N VAL C 500 49.48 26.93 -0.48
CA VAL C 500 49.67 28.20 0.22
C VAL C 500 51.13 28.40 0.60
N ARG C 501 51.87 27.30 0.71
CA ARG C 501 53.27 27.36 1.09
C ARG C 501 54.22 26.90 0.00
N GLY C 502 53.73 26.86 -1.25
CA GLY C 502 54.59 26.55 -2.37
C GLY C 502 54.27 25.27 -3.12
N VAL C 503 55.29 24.71 -3.76
CA VAL C 503 55.14 23.54 -4.63
C VAL C 503 54.29 22.44 -4.01
N LEU C 504 53.40 21.87 -4.81
CA LEU C 504 52.55 20.77 -4.37
C LEU C 504 52.28 19.84 -5.55
N SER C 505 52.69 18.58 -5.42
CA SER C 505 52.50 17.59 -6.47
C SER C 505 51.93 16.28 -5.94
N HIS C 506 50.85 15.81 -6.56
CA HIS C 506 50.33 14.49 -6.28
C HIS C 506 50.70 13.57 -7.42
N HIS C 507 51.24 12.40 -7.11
CA HIS C 507 51.52 11.43 -8.16
C HIS C 507 50.74 10.15 -7.91
N LEU C 508 49.87 9.84 -8.86
CA LEU C 508 48.96 8.72 -8.74
C LEU C 508 49.33 7.60 -9.70
N VAL C 509 48.96 6.38 -9.34
CA VAL C 509 49.15 5.22 -10.20
C VAL C 509 48.04 4.23 -9.89
N ILE C 510 47.21 3.93 -10.88
CA ILE C 510 46.13 2.96 -10.69
C ILE C 510 46.46 1.62 -11.33
N ARG C 511 46.33 0.55 -10.55
CA ARG C 511 46.47 -0.82 -11.04
C ARG C 511 45.22 -1.61 -10.65
N ASP C 512 44.56 -2.21 -11.64
CA ASP C 512 43.33 -2.96 -11.41
C ASP C 512 42.20 -2.09 -10.86
N GLY C 513 42.14 -0.85 -11.34
CA GLY C 513 41.11 0.07 -10.88
C GLY C 513 41.23 0.37 -9.40
N LYS C 514 42.45 0.25 -8.87
CA LYS C 514 42.74 0.51 -7.47
C LYS C 514 43.98 1.40 -7.38
N ILE C 515 44.11 2.15 -6.30
CA ILE C 515 45.33 2.93 -6.08
C ILE C 515 46.50 1.97 -5.91
N ALA C 516 47.51 2.11 -6.75
CA ALA C 516 48.68 1.25 -6.67
C ALA C 516 49.88 2.03 -6.11
N ASN C 517 49.83 3.35 -6.25
CA ASN C 517 50.85 4.23 -5.70
C ASN C 517 50.33 5.66 -5.65
N TYR C 518 50.36 6.26 -4.48
CA TYR C 518 49.98 7.65 -4.32
C TYR C 518 51.06 8.35 -3.50
N HIS C 519 51.64 9.40 -4.06
CA HIS C 519 52.67 10.14 -3.36
C HIS C 519 52.56 11.63 -3.57
N PRO C 520 52.00 12.31 -2.56
CA PRO C 520 51.90 13.77 -2.49
C PRO C 520 53.17 14.39 -1.93
N TYR C 521 53.70 15.41 -2.59
CA TYR C 521 54.84 16.12 -2.03
C TYR C 521 54.57 17.63 -2.01
N PRO C 522 54.03 18.10 -0.88
CA PRO C 522 53.79 19.50 -0.51
C PRO C 522 55.11 20.22 -0.34
N PRO C 523 55.08 21.55 -0.16
CA PRO C 523 56.31 22.33 -0.07
C PRO C 523 57.14 22.03 1.17
N THR C 524 56.51 21.90 2.34
CA THR C 524 57.24 21.72 3.59
C THR C 524 58.23 20.55 3.56
N PRO C 525 57.83 19.41 2.98
CA PRO C 525 58.79 18.31 2.80
C PRO C 525 60.07 18.75 2.08
N TRP C 526 59.97 19.76 1.22
CA TRP C 526 61.14 20.36 0.59
C TRP C 526 61.87 21.25 1.58
N ASN C 527 61.12 22.07 2.30
CA ASN C 527 61.68 23.07 3.19
C ASN C 527 62.26 22.48 4.48
N ALA C 528 61.60 21.45 5.00
CA ALA C 528 61.97 20.91 6.30
C ALA C 528 62.87 19.69 6.19
N SER C 529 63.20 19.29 4.97
CA SER C 529 64.02 18.09 4.77
C SER C 529 65.34 18.18 5.51
N PRO C 530 65.84 17.03 5.97
CA PRO C 530 67.13 16.90 6.64
C PRO C 530 68.24 16.71 5.62
N ARG C 531 69.49 16.64 6.10
CA ARG C 531 70.62 16.33 5.23
C ARG C 531 70.39 15.00 4.49
N ASP C 532 70.58 15.02 3.17
CA ASP C 532 70.36 13.81 2.39
C ASP C 532 71.65 13.00 2.24
N ILE C 533 71.65 12.03 1.34
CA ILE C 533 72.76 11.09 1.20
C ILE C 533 74.04 11.73 0.68
N TYR C 534 73.94 12.95 0.17
CA TYR C 534 75.11 13.66 -0.33
C TYR C 534 75.56 14.72 0.68
N GLY C 535 74.93 14.70 1.85
CA GLY C 535 75.31 15.58 2.95
C GLY C 535 74.94 17.03 2.76
N THR C 536 73.90 17.29 1.99
CA THR C 536 73.45 18.66 1.76
C THR C 536 72.20 18.94 2.60
N PRO C 537 72.32 19.89 3.54
CA PRO C 537 71.22 20.21 4.47
C PRO C 537 70.00 20.72 3.73
N GLY C 538 68.85 20.70 4.40
CA GLY C 538 67.64 21.25 3.82
C GLY C 538 67.56 22.75 4.06
N PRO C 539 66.57 23.39 3.44
CA PRO C 539 66.30 24.84 3.53
C PRO C 539 66.30 25.38 4.96
N TYR C 540 65.47 24.80 5.85
CA TYR C 540 65.45 25.20 7.27
C TYR C 540 66.85 25.16 7.87
N GLU C 541 67.44 23.96 7.86
CA GLU C 541 68.75 23.72 8.44
C GLU C 541 69.78 24.66 7.82
N ASP C 542 69.68 24.84 6.51
CA ASP C 542 70.61 25.70 5.78
C ASP C 542 70.38 27.17 6.11
N ALA C 543 69.12 27.57 6.21
CA ALA C 543 68.78 28.96 6.48
C ALA C 543 69.10 29.37 7.91
N VAL C 544 68.94 28.44 8.85
CA VAL C 544 69.25 28.73 10.25
C VAL C 544 70.74 28.88 10.48
N GLN C 545 71.52 28.03 9.81
CA GLN C 545 72.97 28.03 9.95
C GLN C 545 73.56 29.33 9.41
N ASN C 546 72.86 29.96 8.49
CA ASN C 546 73.30 31.22 7.89
C ASN C 546 72.84 32.44 8.67
N THR C 547 72.03 32.20 9.70
CA THR C 547 71.42 33.28 10.46
C THR C 547 72.30 33.75 11.60
N PRO C 548 72.61 35.07 11.62
CA PRO C 548 73.33 35.72 12.72
C PRO C 548 72.39 36.00 13.87
N ILE C 549 72.88 35.96 15.11
CA ILE C 549 72.04 36.24 16.27
C ILE C 549 72.05 37.73 16.60
N PHE C 550 70.89 38.38 16.50
CA PHE C 550 70.79 39.80 16.81
C PHE C 550 70.18 40.02 18.17
N GLU C 551 69.69 38.94 18.77
CA GLU C 551 69.06 39.00 20.08
C GLU C 551 70.05 39.54 21.11
N GLU C 552 69.55 40.41 21.99
CA GLU C 552 70.38 41.01 23.04
C GLU C 552 70.29 40.21 24.34
N ASN C 553 70.11 38.90 24.21
CA ASN C 553 70.01 38.05 25.39
C ASN C 553 71.19 37.10 25.52
N GLY C 554 71.69 36.95 26.74
CA GLY C 554 72.66 35.92 27.06
C GLY C 554 72.01 34.55 27.09
N PRO C 555 72.82 33.49 27.24
CA PRO C 555 72.34 32.11 27.15
C PRO C 555 71.31 31.71 28.20
N GLU C 556 71.06 32.58 29.18
CA GLU C 556 70.11 32.28 30.24
C GLU C 556 68.69 32.68 29.84
N LYS C 557 68.56 33.89 29.30
CA LYS C 557 67.27 34.41 28.89
C LYS C 557 67.11 34.36 27.38
N PHE C 558 67.80 33.41 26.74
CA PHE C 558 67.80 33.30 25.28
C PHE C 558 66.54 32.63 24.75
N LYS C 559 65.90 33.30 23.80
CA LYS C 559 64.72 32.74 23.17
C LYS C 559 65.04 32.28 21.75
N GLY C 560 66.13 32.80 21.19
CA GLY C 560 66.49 32.47 19.82
C GLY C 560 65.50 33.07 18.84
N ILE C 561 65.11 34.32 19.10
CA ILE C 561 64.09 34.98 18.31
C ILE C 561 64.42 35.05 16.81
N ASP C 562 65.70 35.26 16.48
CA ASP C 562 66.10 35.39 15.08
C ASP C 562 65.96 34.06 14.36
N ILE C 563 66.24 32.97 15.06
CA ILE C 563 66.18 31.64 14.47
C ILE C 563 64.73 31.23 14.23
N MET C 564 63.84 31.70 15.09
CA MET C 564 62.43 31.38 14.95
C MET C 564 61.77 32.20 13.84
N ARG C 565 62.31 33.39 13.62
CA ARG C 565 61.83 34.26 12.54
C ARG C 565 62.23 33.67 11.20
N ALA C 566 63.40 33.03 11.17
CA ALA C 566 63.91 32.40 9.96
C ALA C 566 63.08 31.19 9.59
N VAL C 567 62.72 30.38 10.57
CA VAL C 567 61.99 29.16 10.30
C VAL C 567 60.55 29.46 9.98
N ARG C 568 59.95 30.40 10.70
CA ARG C 568 58.56 30.75 10.46
C ARG C 568 58.33 31.48 9.14
N SER C 569 59.38 32.08 8.57
CA SER C 569 59.24 32.73 7.29
C SER C 569 58.96 31.70 6.18
N PHE C 570 59.33 30.44 6.47
CA PHE C 570 59.03 29.31 5.58
C PHE C 570 57.64 28.73 5.84
N ASP C 571 56.93 29.28 6.82
CA ASP C 571 55.57 28.85 7.13
C ASP C 571 55.50 27.33 7.31
N PRO C 572 56.20 26.81 8.33
CA PRO C 572 56.29 25.36 8.49
C PRO C 572 54.92 24.73 8.70
N CYS C 573 54.70 23.62 7.99
CA CYS C 573 53.46 22.88 8.09
C CYS C 573 53.76 21.39 8.11
N LEU C 574 54.08 20.87 9.29
CA LEU C 574 54.66 19.54 9.38
C LEU C 574 53.69 18.38 9.12
N PRO C 575 52.38 18.63 9.23
CA PRO C 575 51.50 17.56 8.74
C PRO C 575 51.75 17.32 7.26
N CYS C 576 51.77 18.39 6.46
CA CYS C 576 52.16 18.29 5.05
C CYS C 576 53.60 17.74 4.96
N GLY C 577 54.42 18.08 5.94
CA GLY C 577 55.83 17.70 5.96
C GLY C 577 56.13 16.21 5.97
N VAL C 578 55.23 15.40 6.51
CA VAL C 578 55.49 13.96 6.65
C VAL C 578 54.38 13.05 6.11
N HIS C 579 53.12 13.39 6.41
CA HIS C 579 51.96 12.57 6.02
C HIS C 579 52.19 11.05 6.12
N ALA D 5 -72.66 25.51 -4.24
CA ALA D 5 -72.10 24.64 -5.27
C ALA D 5 -70.59 24.53 -5.12
N VAL D 6 -69.99 25.37 -4.28
CA VAL D 6 -68.55 25.35 -4.07
C VAL D 6 -68.14 24.13 -3.25
N PRO D 7 -67.58 23.11 -3.91
CA PRO D 7 -67.33 21.80 -3.29
C PRO D 7 -66.30 21.86 -2.16
N TYR D 8 -66.61 21.21 -1.05
CA TYR D 8 -65.67 21.03 0.04
C TYR D 8 -64.45 20.35 -0.55
N GLY D 9 -63.27 20.87 -0.24
CA GLY D 9 -62.07 20.33 -0.84
C GLY D 9 -61.39 21.41 -1.65
N ARG D 10 -62.19 22.35 -2.15
CA ARG D 10 -61.60 23.51 -2.82
C ARG D 10 -60.80 24.32 -1.79
N LYS D 11 -61.02 24.02 -0.53
CA LYS D 11 -60.27 24.65 0.57
C LYS D 11 -58.80 24.28 0.53
N THR D 12 -58.49 23.22 -0.23
CA THR D 12 -57.11 22.79 -0.46
C THR D 12 -56.49 23.61 -1.58
N GLN D 13 -57.33 24.31 -2.34
CA GLN D 13 -56.89 25.19 -3.43
C GLN D 13 -56.57 26.61 -2.95
N HIS D 14 -55.28 26.91 -2.84
CA HIS D 14 -54.85 28.22 -2.38
C HIS D 14 -54.28 29.05 -3.51
N THR D 15 -54.82 30.26 -3.66
CA THR D 15 -54.36 31.23 -4.67
C THR D 15 -52.87 31.56 -4.55
N PRO D 16 -52.16 31.52 -5.69
CA PRO D 16 -50.72 31.79 -5.66
C PRO D 16 -50.45 33.22 -5.23
N ALA D 17 -49.33 33.43 -4.55
CA ALA D 17 -48.93 34.76 -4.09
C ALA D 17 -48.85 35.73 -5.27
N LEU D 18 -48.43 35.20 -6.43
CA LEU D 18 -48.38 35.98 -7.66
C LEU D 18 -49.33 35.39 -8.69
N LYS D 19 -50.47 36.05 -8.88
CA LYS D 19 -51.57 35.50 -9.68
C LYS D 19 -51.16 35.07 -11.09
N GLU D 20 -50.29 35.86 -11.71
CA GLU D 20 -49.83 35.52 -13.06
C GLU D 20 -48.36 35.87 -13.24
N VAL D 21 -47.75 35.30 -14.27
CA VAL D 21 -46.35 35.60 -14.58
C VAL D 21 -46.12 35.63 -16.09
N HIS D 22 -45.29 36.58 -16.52
CA HIS D 22 -44.90 36.70 -17.92
C HIS D 22 -43.47 36.20 -18.08
N ILE D 23 -43.24 35.37 -19.09
CA ILE D 23 -41.90 34.87 -19.36
C ILE D 23 -41.37 35.47 -20.66
N LEU D 24 -40.58 36.52 -20.52
CA LEU D 24 -39.99 37.19 -21.68
C LEU D 24 -38.74 36.45 -22.13
N TRP D 25 -38.85 35.77 -23.28
CA TRP D 25 -37.78 34.92 -23.74
C TRP D 25 -37.02 35.57 -24.90
N ILE D 26 -35.77 35.95 -24.64
CA ILE D 26 -34.93 36.51 -25.68
C ILE D 26 -34.03 35.44 -26.27
N THR D 27 -34.33 35.02 -27.50
CA THR D 27 -33.51 34.03 -28.19
C THR D 27 -32.54 34.70 -29.17
N ALA D 28 -32.60 36.02 -29.23
CA ALA D 28 -31.81 36.79 -30.19
C ALA D 28 -30.40 37.09 -29.68
N GLY D 29 -29.99 36.40 -28.63
CA GLY D 29 -28.61 36.51 -28.18
C GLY D 29 -27.74 35.76 -29.17
N LEU D 30 -26.45 35.71 -28.92
CA LEU D 30 -25.56 34.98 -29.81
C LEU D 30 -25.66 33.48 -29.54
N GLY D 31 -26.41 32.78 -30.38
CA GLY D 31 -26.54 31.35 -30.25
C GLY D 31 -27.57 30.76 -31.18
N CYS D 32 -27.61 29.43 -31.24
CA CYS D 32 -28.66 28.72 -31.95
C CYS D 32 -29.89 28.79 -31.08
N ASP D 33 -30.97 28.15 -31.47
CA ASP D 33 -32.13 28.15 -30.57
C ASP D 33 -32.32 26.78 -29.96
N GLY D 34 -31.20 26.15 -29.59
CA GLY D 34 -31.18 24.80 -29.07
C GLY D 34 -31.86 24.63 -27.74
N ASP D 35 -31.78 25.64 -26.88
CA ASP D 35 -32.38 25.52 -25.56
C ASP D 35 -33.88 25.71 -25.63
N SER D 36 -34.33 26.46 -26.63
CA SER D 36 -35.76 26.59 -26.86
C SER D 36 -36.28 25.29 -27.44
N VAL D 37 -35.59 24.77 -28.44
CA VAL D 37 -35.99 23.51 -29.04
C VAL D 37 -35.95 22.39 -28.00
N SER D 38 -34.93 22.39 -27.15
CA SER D 38 -34.75 21.32 -26.18
C SER D 38 -35.91 21.17 -25.21
N ILE D 39 -36.35 22.29 -24.63
CA ILE D 39 -37.37 22.22 -23.60
C ILE D 39 -38.70 21.67 -24.11
N THR D 40 -38.91 21.65 -25.42
CA THR D 40 -40.13 21.04 -25.95
C THR D 40 -40.02 19.51 -25.90
N ALA D 41 -38.89 19.01 -25.39
CA ALA D 41 -38.71 17.58 -25.21
C ALA D 41 -39.03 17.15 -23.78
N ALA D 42 -39.26 18.11 -22.91
CA ALA D 42 -39.51 17.80 -21.50
C ALA D 42 -40.85 17.11 -21.29
N SER D 43 -40.94 16.35 -20.19
CA SER D 43 -42.17 15.68 -19.77
C SER D 43 -42.39 15.84 -18.27
N GLN D 44 -41.31 16.13 -17.55
CA GLN D 44 -41.32 16.23 -16.11
C GLN D 44 -40.87 17.59 -15.57
N PRO D 45 -41.63 18.65 -15.85
CA PRO D 45 -42.90 18.69 -16.58
C PRO D 45 -42.71 19.13 -18.02
N SER D 46 -43.71 18.87 -18.86
CA SER D 46 -43.66 19.30 -20.25
C SER D 46 -43.98 20.79 -20.37
N VAL D 47 -43.67 21.37 -21.53
CA VAL D 47 -43.93 22.79 -21.76
C VAL D 47 -45.42 23.10 -21.86
N GLU D 48 -46.23 22.15 -22.34
CA GLU D 48 -47.68 22.37 -22.39
C GLU D 48 -48.29 22.14 -20.99
N ASP D 49 -47.66 21.26 -20.21
CA ASP D 49 -47.99 21.10 -18.80
C ASP D 49 -47.97 22.44 -18.07
N VAL D 50 -46.93 23.23 -18.36
CA VAL D 50 -46.72 24.49 -17.65
C VAL D 50 -47.63 25.62 -18.11
N VAL D 51 -47.84 25.75 -19.42
CA VAL D 51 -48.71 26.80 -19.91
C VAL D 51 -50.17 26.54 -19.54
N LEU D 52 -50.62 25.30 -19.71
CA LEU D 52 -52.00 24.94 -19.43
C LEU D 52 -52.24 24.77 -17.93
N GLY D 53 -51.20 25.01 -17.13
CA GLY D 53 -51.28 24.91 -15.69
C GLY D 53 -51.76 23.58 -15.17
N ALA D 54 -51.12 22.50 -15.60
CA ALA D 54 -51.47 21.15 -15.18
C ALA D 54 -51.32 20.97 -13.66
N ILE D 55 -50.28 21.56 -13.10
CA ILE D 55 -50.12 21.56 -11.65
C ILE D 55 -50.81 22.78 -11.09
N PRO D 56 -51.89 22.57 -10.33
CA PRO D 56 -52.72 23.66 -9.81
C PRO D 56 -51.98 24.46 -8.74
N GLY D 57 -52.42 25.70 -8.51
CA GLY D 57 -51.89 26.51 -7.43
C GLY D 57 -50.74 27.42 -7.80
N LEU D 58 -50.19 27.21 -9.00
CA LEU D 58 -49.08 28.04 -9.47
C LEU D 58 -49.62 29.24 -10.23
N PRO D 59 -48.79 30.29 -10.39
CA PRO D 59 -49.15 31.46 -11.18
C PRO D 59 -49.52 31.10 -12.60
N LYS D 60 -50.51 31.79 -13.17
CA LYS D 60 -50.83 31.64 -14.59
C LYS D 60 -49.64 32.04 -15.45
N VAL D 61 -49.14 31.11 -16.26
CA VAL D 61 -47.93 31.36 -17.04
C VAL D 61 -48.23 31.87 -18.44
N HIS D 62 -47.64 32.99 -18.79
CA HIS D 62 -47.64 33.49 -20.15
C HIS D 62 -46.25 33.36 -20.77
N LEU D 63 -46.14 32.50 -21.78
CA LEU D 63 -44.84 32.18 -22.39
C LEU D 63 -44.63 32.94 -23.69
N HIS D 64 -43.74 33.94 -23.66
CA HIS D 64 -43.41 34.73 -24.85
C HIS D 64 -42.10 34.25 -25.46
N ASN D 65 -42.18 33.21 -26.28
CA ASN D 65 -41.00 32.64 -26.93
C ASN D 65 -41.15 32.61 -28.43
N PRO D 66 -40.26 33.30 -29.13
CA PRO D 66 -40.29 33.51 -30.58
C PRO D 66 -40.56 32.25 -31.38
N VAL D 67 -39.93 31.15 -30.98
CA VAL D 67 -40.01 29.92 -31.75
C VAL D 67 -41.41 29.31 -31.78
N LEU D 68 -42.19 29.57 -30.74
CA LEU D 68 -43.52 28.95 -30.61
C LEU D 68 -44.67 29.94 -30.68
N ALA D 69 -44.39 31.22 -30.42
CA ALA D 69 -45.42 32.25 -30.23
C ALA D 69 -46.45 32.32 -31.35
N TYR D 70 -47.67 32.70 -30.99
CA TYR D 70 -48.73 32.89 -31.97
C TYR D 70 -48.62 34.27 -32.62
N GLU D 71 -48.40 35.30 -31.80
CA GLU D 71 -48.17 36.65 -32.31
C GLU D 71 -46.92 36.70 -33.16
N ASN D 72 -46.85 37.68 -34.05
CA ASN D 72 -45.73 37.76 -34.98
C ASN D 72 -45.20 39.17 -35.06
N GLY D 73 -43.95 39.30 -35.49
CA GLY D 73 -43.33 40.59 -35.71
C GLY D 73 -43.57 41.60 -34.60
N ASP D 74 -44.21 42.71 -34.97
CA ASP D 74 -44.33 43.86 -34.09
C ASP D 74 -45.33 43.64 -32.97
N GLU D 75 -46.26 42.71 -33.16
CA GLU D 75 -47.24 42.41 -32.12
C GLU D 75 -46.65 41.46 -31.08
N PHE D 76 -45.78 40.57 -31.54
CA PHE D 76 -45.06 39.69 -30.64
C PHE D 76 -44.15 40.47 -29.71
N MET D 77 -43.55 41.54 -30.24
CA MET D 77 -42.57 42.33 -29.50
C MET D 77 -43.24 43.31 -28.54
N ALA D 78 -44.54 43.53 -28.74
CA ALA D 78 -45.31 44.49 -27.95
C ALA D 78 -45.19 44.29 -26.44
N PRO D 79 -45.30 43.03 -25.96
CA PRO D 79 -45.15 42.76 -24.53
C PRO D 79 -43.73 43.04 -24.04
N PHE D 80 -42.76 42.86 -24.93
CA PHE D 80 -41.36 43.16 -24.62
C PHE D 80 -41.17 44.66 -24.40
N HIS D 81 -41.70 45.45 -25.33
CA HIS D 81 -41.56 46.90 -25.28
C HIS D 81 -42.33 47.51 -24.12
N LYS D 82 -43.47 46.92 -23.80
CA LYS D 82 -44.29 47.41 -22.69
C LYS D 82 -43.53 47.26 -21.35
N ALA D 83 -42.92 46.09 -21.15
CA ALA D 83 -42.20 45.83 -19.93
C ALA D 83 -41.02 46.79 -19.76
N ALA D 84 -40.43 47.18 -20.88
CA ALA D 84 -39.29 48.10 -20.87
C ALA D 84 -39.64 49.42 -20.20
N ARG D 85 -40.88 49.84 -20.38
CA ARG D 85 -41.37 51.11 -19.83
C ARG D 85 -41.67 51.02 -18.33
N GLY D 86 -41.79 49.80 -17.83
CA GLY D 86 -42.12 49.58 -16.43
C GLY D 86 -43.61 49.30 -16.24
N GLU D 87 -44.30 49.08 -17.36
CA GLU D 87 -45.74 48.84 -17.33
C GLU D 87 -46.07 47.44 -16.79
N ILE D 88 -45.13 46.51 -16.97
CA ILE D 88 -45.32 45.13 -16.53
C ILE D 88 -44.57 44.85 -15.22
N ASP D 89 -45.30 44.34 -14.24
CA ASP D 89 -44.76 44.12 -12.90
C ASP D 89 -44.66 42.63 -12.55
N ASN D 90 -44.74 41.78 -13.58
CA ASN D 90 -44.72 40.34 -13.39
C ASN D 90 -44.14 39.65 -14.61
N PHE D 91 -42.84 39.82 -14.80
CA PHE D 91 -42.14 39.13 -15.87
C PHE D 91 -40.81 38.60 -15.37
N VAL D 92 -40.48 37.38 -15.80
CA VAL D 92 -39.15 36.82 -15.59
C VAL D 92 -38.41 36.87 -16.92
N LEU D 93 -37.13 37.20 -16.86
CA LEU D 93 -36.34 37.36 -18.08
C LEU D 93 -35.48 36.14 -18.36
N VAL D 94 -35.73 35.52 -19.50
CA VAL D 94 -34.93 34.38 -19.94
C VAL D 94 -34.06 34.75 -21.13
N LEU D 95 -32.75 34.60 -20.97
CA LEU D 95 -31.82 34.84 -22.06
C LEU D 95 -31.29 33.54 -22.63
N GLU D 96 -31.25 33.46 -23.95
CA GLU D 96 -30.68 32.30 -24.61
C GLU D 96 -29.70 32.76 -25.68
N GLY D 97 -28.45 32.36 -25.55
CA GLY D 97 -27.39 32.86 -26.40
C GLY D 97 -26.52 33.81 -25.60
N SER D 98 -25.32 34.07 -26.08
CA SER D 98 -24.37 34.89 -25.32
C SER D 98 -24.54 36.38 -25.63
N ILE D 99 -24.04 37.21 -24.72
CA ILE D 99 -24.14 38.66 -24.87
C ILE D 99 -22.96 39.22 -25.65
N PRO D 100 -23.24 39.82 -26.82
CA PRO D 100 -22.19 40.34 -27.70
C PRO D 100 -21.57 41.60 -27.13
N ASN D 101 -20.29 41.82 -27.45
CA ASN D 101 -19.64 43.06 -27.09
C ASN D 101 -19.93 44.11 -28.15
N GLU D 102 -20.75 45.09 -27.81
CA GLU D 102 -21.16 46.10 -28.78
C GLU D 102 -20.28 47.35 -28.70
N ARG D 103 -19.39 47.39 -27.71
CA ARG D 103 -18.50 48.52 -27.55
C ARG D 103 -17.41 48.51 -28.62
N ILE D 104 -17.07 47.32 -29.12
CA ILE D 104 -16.06 47.21 -30.16
C ILE D 104 -16.60 47.76 -31.47
N ASN D 105 -17.90 48.05 -31.50
CA ASN D 105 -18.52 48.81 -32.57
C ASN D 105 -18.92 50.18 -32.03
N GLY D 106 -19.25 51.13 -32.89
CA GLY D 106 -19.34 50.91 -34.32
C GLY D 106 -20.70 51.39 -34.80
N GLU D 107 -20.90 51.39 -36.11
CA GLU D 107 -22.19 51.74 -36.66
C GLU D 107 -22.89 50.50 -37.18
N GLY D 108 -22.93 49.46 -36.35
CA GLY D 108 -23.58 48.21 -36.73
C GLY D 108 -24.03 47.40 -35.52
N TYR D 109 -24.29 46.12 -35.74
CA TYR D 109 -24.74 45.24 -34.66
C TYR D 109 -24.34 43.78 -34.85
N TRP D 110 -24.03 43.12 -33.74
CA TRP D 110 -23.76 41.68 -33.75
C TRP D 110 -25.05 40.87 -33.63
N ALA D 111 -25.97 41.31 -32.78
CA ALA D 111 -27.25 40.65 -32.58
C ALA D 111 -28.33 41.64 -32.16
N ALA D 112 -29.58 41.36 -32.51
CA ALA D 112 -30.66 42.30 -32.28
C ALA D 112 -32.07 41.70 -32.44
N MET D 113 -33.05 42.31 -31.76
CA MET D 113 -34.45 42.00 -32.00
C MET D 113 -35.32 43.23 -31.76
N GLY D 114 -36.19 43.55 -32.71
CA GLY D 114 -37.05 44.71 -32.59
C GLY D 114 -36.45 45.94 -33.24
N THR D 115 -36.82 46.18 -34.50
CA THR D 115 -36.20 47.23 -35.30
C THR D 115 -36.53 48.64 -34.81
N ASP D 116 -37.60 48.77 -34.02
CA ASP D 116 -37.94 50.04 -33.39
C ASP D 116 -38.49 51.04 -34.42
N PRO D 117 -39.56 51.78 -34.07
CA PRO D 117 -39.88 52.94 -34.89
C PRO D 117 -39.26 54.21 -34.32
N GLN D 118 -38.77 54.14 -33.08
CA GLN D 118 -38.19 55.29 -32.38
C GLN D 118 -37.22 56.04 -33.27
N THR D 119 -36.47 55.29 -34.08
CA THR D 119 -35.55 55.87 -35.05
C THR D 119 -35.34 54.96 -36.25
N HIS D 120 -36.13 53.88 -36.33
CA HIS D 120 -35.88 52.85 -37.34
C HIS D 120 -34.54 52.19 -37.07
N GLN D 121 -34.19 52.02 -35.80
CA GLN D 121 -32.91 51.44 -35.41
C GLN D 121 -33.05 50.16 -34.61
N PRO D 122 -32.47 49.05 -35.12
CA PRO D 122 -32.46 47.76 -34.43
C PRO D 122 -31.87 47.85 -33.04
N ILE D 123 -32.57 47.33 -32.03
CA ILE D 123 -32.04 47.30 -30.67
C ILE D 123 -31.03 46.17 -30.50
N THR D 124 -29.95 46.44 -29.79
CA THR D 124 -28.95 45.41 -29.53
C THR D 124 -29.30 44.67 -28.24
N ILE D 125 -28.78 43.45 -28.10
CA ILE D 125 -29.07 42.63 -26.94
C ILE D 125 -28.66 43.28 -25.63
N PRO D 126 -27.51 43.98 -25.61
CA PRO D 126 -27.10 44.68 -24.40
C PRO D 126 -28.08 45.77 -24.00
N GLU D 127 -28.69 46.43 -24.98
CA GLU D 127 -29.70 47.44 -24.69
C GLU D 127 -30.93 46.83 -24.03
N TRP D 128 -31.43 45.74 -24.61
CA TRP D 128 -32.56 45.01 -24.04
C TRP D 128 -32.32 44.64 -22.59
N LEU D 129 -31.14 44.08 -22.32
CA LEU D 129 -30.84 43.53 -21.00
C LEU D 129 -30.98 44.56 -19.88
N ASP D 130 -30.08 45.54 -19.83
CA ASP D 130 -30.11 46.54 -18.77
C ASP D 130 -31.28 47.51 -18.94
N ARG D 131 -32.16 47.21 -19.90
CA ARG D 131 -33.44 47.90 -20.01
C ARG D 131 -34.52 47.09 -19.27
N LEU D 132 -34.46 45.77 -19.38
CA LEU D 132 -35.44 44.88 -18.76
C LEU D 132 -34.93 44.24 -17.47
N ALA D 133 -33.62 44.00 -17.40
CA ALA D 133 -33.02 43.27 -16.29
C ALA D 133 -33.33 43.87 -14.91
N PRO D 134 -33.22 45.20 -14.78
CA PRO D 134 -33.43 45.83 -13.47
C PRO D 134 -34.90 46.03 -13.12
N LYS D 135 -35.80 45.56 -13.98
CA LYS D 135 -37.23 45.66 -13.72
C LYS D 135 -37.87 44.27 -13.62
N ALA D 136 -37.03 43.25 -13.69
CA ALA D 136 -37.53 41.88 -13.69
C ALA D 136 -37.55 41.29 -12.29
N LEU D 137 -38.42 40.30 -12.10
CA LEU D 137 -38.44 39.51 -10.86
C LEU D 137 -37.23 38.61 -10.79
N ALA D 138 -36.90 37.97 -11.91
CA ALA D 138 -35.74 37.11 -11.98
C ALA D 138 -35.17 37.08 -13.39
N VAL D 139 -33.86 36.88 -13.50
CA VAL D 139 -33.21 36.73 -14.79
C VAL D 139 -32.66 35.31 -14.89
N VAL D 140 -33.12 34.56 -15.88
CA VAL D 140 -32.72 33.17 -16.03
C VAL D 140 -31.74 33.01 -17.19
N GLY D 141 -30.71 32.21 -16.98
CA GLY D 141 -29.77 31.91 -18.05
C GLY D 141 -30.09 30.53 -18.58
N ALA D 142 -30.43 30.44 -19.85
CA ALA D 142 -30.77 29.15 -20.45
C ALA D 142 -29.74 28.72 -21.48
N GLY D 143 -28.83 27.85 -21.08
CA GLY D 143 -27.79 27.38 -21.97
C GLY D 143 -26.42 27.92 -21.61
N THR D 144 -25.39 27.13 -21.88
CA THR D 144 -24.04 27.47 -21.46
C THR D 144 -23.59 28.78 -22.10
N CYS D 145 -24.20 29.13 -23.22
CA CYS D 145 -23.89 30.41 -23.87
C CYS D 145 -24.35 31.58 -23.01
N ALA D 146 -25.62 31.60 -22.65
CA ALA D 146 -26.18 32.71 -21.88
C ALA D 146 -25.62 32.77 -20.45
N THR D 147 -25.30 31.60 -19.89
CA THR D 147 -24.75 31.54 -18.53
C THR D 147 -23.29 31.99 -18.50
N TYR D 148 -22.46 31.42 -19.37
CA TYR D 148 -21.02 31.58 -19.28
C TYR D 148 -20.36 31.97 -20.59
N GLY D 149 -21.14 32.19 -21.64
CA GLY D 149 -20.58 32.58 -22.92
C GLY D 149 -20.50 31.44 -23.92
N GLY D 150 -20.13 30.26 -23.43
CA GLY D 150 -20.19 29.04 -24.22
C GLY D 150 -19.30 28.98 -25.44
N ILE D 151 -19.73 28.21 -26.44
CA ILE D 151 -18.94 27.94 -27.63
C ILE D 151 -18.62 29.21 -28.40
N HIS D 152 -19.49 30.21 -28.26
CA HIS D 152 -19.35 31.41 -29.06
C HIS D 152 -18.41 32.41 -28.40
N ALA D 153 -18.12 32.19 -27.13
CA ALA D 153 -17.13 32.98 -26.43
C ALA D 153 -15.78 32.28 -26.55
N MET D 154 -15.66 31.50 -27.62
CA MET D 154 -14.45 30.75 -27.92
C MET D 154 -13.24 31.66 -28.14
N GLU D 155 -12.06 31.11 -27.95
CA GLU D 155 -10.82 31.81 -28.26
C GLU D 155 -10.78 32.16 -29.74
N GLY D 156 -10.63 33.44 -30.05
CA GLY D 156 -10.54 33.89 -31.43
C GLY D 156 -11.86 34.35 -32.06
N ASN D 157 -12.91 34.50 -31.26
CA ASN D 157 -14.20 34.93 -31.78
C ASN D 157 -14.25 36.43 -32.00
N PRO D 158 -14.99 36.86 -33.02
CA PRO D 158 -15.06 38.27 -33.45
C PRO D 158 -15.89 39.14 -32.51
N THR D 159 -16.92 38.57 -31.90
CA THR D 159 -17.90 39.36 -31.15
C THR D 159 -17.48 39.70 -29.72
N GLY D 160 -16.51 38.97 -29.17
CA GLY D 160 -16.07 39.19 -27.80
C GLY D 160 -17.21 39.06 -26.80
N CYS D 161 -18.10 38.11 -27.06
CA CYS D 161 -19.31 37.93 -26.26
C CYS D 161 -19.04 37.37 -24.86
N MET D 162 -20.12 37.21 -24.09
CA MET D 162 -20.02 36.86 -22.67
C MET D 162 -21.34 36.30 -22.16
N GLY D 163 -21.35 35.89 -20.89
CA GLY D 163 -22.55 35.38 -20.24
C GLY D 163 -23.28 36.47 -19.48
N LEU D 164 -24.41 36.13 -18.88
CA LEU D 164 -25.21 37.11 -18.16
C LEU D 164 -24.50 37.66 -16.92
N ALA D 165 -23.67 36.83 -16.30
CA ALA D 165 -22.93 37.26 -15.11
C ALA D 165 -21.84 38.27 -15.48
N ASP D 166 -21.12 37.99 -16.56
CA ASP D 166 -20.10 38.89 -17.06
C ASP D 166 -20.69 40.28 -17.27
N TYR D 167 -21.88 40.32 -17.84
CA TYR D 167 -22.51 41.57 -18.23
C TYR D 167 -23.14 42.32 -17.06
N LEU D 168 -23.82 41.59 -16.19
CA LEU D 168 -24.59 42.21 -15.11
C LEU D 168 -23.80 42.28 -13.81
N GLY D 169 -22.89 41.34 -13.62
CA GLY D 169 -22.18 41.21 -12.35
C GLY D 169 -22.59 39.95 -11.62
N TRP D 170 -21.61 39.23 -11.08
CA TRP D 170 -21.86 37.95 -10.43
C TRP D 170 -22.63 38.10 -9.12
N GLN D 171 -22.73 39.32 -8.61
CA GLN D 171 -23.47 39.57 -7.38
C GLN D 171 -24.79 40.27 -7.65
N TRP D 172 -25.09 40.47 -8.93
CA TRP D 172 -26.30 41.17 -9.36
C TRP D 172 -27.56 40.49 -8.86
N LYS D 173 -28.38 41.23 -8.11
CA LYS D 173 -29.67 40.70 -7.65
C LYS D 173 -30.81 41.45 -8.33
N SER D 174 -31.88 40.73 -8.64
CA SER D 174 -33.06 41.35 -9.27
C SER D 174 -33.79 42.25 -8.29
N ARG D 175 -34.81 42.94 -8.79
CA ARG D 175 -35.58 43.84 -7.95
C ARG D 175 -36.42 43.08 -6.95
N ALA D 176 -36.34 41.75 -6.98
CA ALA D 176 -37.02 40.92 -6.00
C ALA D 176 -36.04 40.01 -5.25
N GLY D 177 -34.76 40.37 -5.30
CA GLY D 177 -33.75 39.70 -4.49
C GLY D 177 -33.28 38.36 -5.02
N LEU D 178 -33.75 37.99 -6.21
CA LEU D 178 -33.34 36.74 -6.83
C LEU D 178 -32.06 36.90 -7.63
N PRO D 179 -30.97 36.24 -7.18
CA PRO D 179 -29.72 36.22 -7.94
C PRO D 179 -29.93 35.65 -9.33
N ILE D 180 -28.99 35.87 -10.24
CA ILE D 180 -29.08 35.31 -11.58
C ILE D 180 -29.23 33.81 -11.50
N VAL D 181 -30.24 33.26 -12.17
CA VAL D 181 -30.41 31.81 -12.24
C VAL D 181 -29.73 31.24 -13.50
N ASN D 182 -28.68 30.45 -13.29
CA ASN D 182 -27.97 29.80 -14.39
C ASN D 182 -28.33 28.34 -14.61
N VAL D 183 -28.88 28.03 -15.77
CA VAL D 183 -29.15 26.64 -16.14
C VAL D 183 -28.31 26.31 -17.36
N PRO D 184 -27.07 25.87 -17.13
CA PRO D 184 -26.09 25.57 -18.16
C PRO D 184 -26.38 24.27 -18.91
N GLY D 185 -25.61 24.02 -19.97
CA GLY D 185 -25.83 22.87 -20.82
C GLY D 185 -25.95 23.29 -22.27
N CYS D 186 -25.52 22.42 -23.17
CA CYS D 186 -25.45 22.74 -24.59
C CYS D 186 -25.91 21.55 -25.44
N PRO D 187 -27.23 21.41 -25.62
CA PRO D 187 -28.22 22.34 -25.07
C PRO D 187 -28.65 21.98 -23.66
N VAL D 188 -29.39 22.88 -23.04
CA VAL D 188 -29.93 22.64 -21.71
C VAL D 188 -30.68 21.32 -21.71
N GLN D 189 -30.43 20.52 -20.68
CA GLN D 189 -31.11 19.25 -20.51
C GLN D 189 -32.57 19.60 -20.26
N PRO D 190 -33.47 19.05 -21.09
CA PRO D 190 -34.90 19.41 -21.12
C PRO D 190 -35.52 19.48 -19.74
N ASP D 191 -35.50 18.36 -19.01
CA ASP D 191 -36.09 18.30 -17.68
C ASP D 191 -35.43 19.25 -16.69
N ASN D 192 -34.13 19.50 -16.87
CA ASN D 192 -33.39 20.40 -15.99
C ASN D 192 -33.97 21.80 -15.99
N PHE D 193 -34.29 22.28 -17.18
CA PHE D 193 -34.79 23.64 -17.29
C PHE D 193 -36.21 23.71 -16.79
N MET D 194 -37.01 22.74 -17.19
CA MET D 194 -38.40 22.69 -16.78
C MET D 194 -38.55 22.44 -15.29
N GLU D 195 -37.54 21.81 -14.69
CA GLU D 195 -37.48 21.61 -13.24
C GLU D 195 -37.19 22.92 -12.53
N THR D 196 -36.29 23.70 -13.12
CA THR D 196 -35.88 24.99 -12.57
C THR D 196 -36.98 26.02 -12.74
N LEU D 197 -37.59 26.07 -13.92
CA LEU D 197 -38.68 27.02 -14.17
C LEU D 197 -39.84 26.72 -13.25
N LEU D 198 -40.17 25.43 -13.15
CA LEU D 198 -41.21 24.98 -12.25
C LEU D 198 -40.88 25.41 -10.82
N TYR D 199 -39.62 25.26 -10.44
CA TYR D 199 -39.23 25.66 -9.09
C TYR D 199 -39.47 27.15 -8.89
N LEU D 200 -39.15 27.95 -9.90
CA LEU D 200 -39.39 29.40 -9.82
C LEU D 200 -40.88 29.73 -9.75
N LEU D 201 -41.70 28.99 -10.48
CA LEU D 201 -43.15 29.19 -10.42
C LEU D 201 -43.67 28.83 -9.02
N TYR D 202 -43.01 27.91 -8.36
CA TYR D 202 -43.37 27.54 -6.99
C TYR D 202 -42.95 28.62 -6.00
N GLN D 203 -41.72 29.08 -6.14
CA GLN D 203 -41.18 30.13 -5.27
C GLN D 203 -41.97 31.42 -5.37
N LEU D 204 -42.30 31.82 -6.59
CA LEU D 204 -43.06 33.05 -6.82
C LEU D 204 -44.49 32.93 -6.27
N ALA D 205 -45.03 31.72 -6.29
CA ALA D 205 -46.39 31.47 -5.81
C ALA D 205 -46.43 31.47 -4.28
N GLY D 206 -45.27 31.28 -3.68
CA GLY D 206 -45.14 31.34 -2.22
C GLY D 206 -45.00 29.98 -1.57
N LEU D 207 -44.88 28.94 -2.39
CA LEU D 207 -44.91 27.58 -1.87
C LEU D 207 -43.51 26.99 -1.69
N ALA D 208 -42.47 27.76 -2.01
CA ALA D 208 -41.10 27.26 -1.88
C ALA D 208 -40.12 28.34 -1.46
N PRO D 209 -39.02 27.92 -0.81
CA PRO D 209 -37.96 28.81 -0.33
C PRO D 209 -37.07 29.32 -1.47
N MET D 210 -36.21 30.29 -1.18
CA MET D 210 -35.29 30.83 -2.19
C MET D 210 -34.55 29.70 -2.88
N ILE D 211 -34.58 29.70 -4.21
CA ILE D 211 -33.98 28.62 -5.01
C ILE D 211 -32.50 28.44 -4.69
N PRO D 212 -32.13 27.25 -4.18
CA PRO D 212 -30.76 26.95 -3.76
C PRO D 212 -29.78 26.85 -4.93
N LEU D 213 -28.98 27.89 -5.13
CA LEU D 213 -28.00 27.92 -6.19
C LEU D 213 -26.60 27.77 -5.62
N ASP D 214 -25.62 27.51 -6.48
CA ASP D 214 -24.23 27.43 -6.05
C ASP D 214 -23.46 28.69 -6.47
N GLU D 215 -22.16 28.68 -6.22
CA GLU D 215 -21.29 29.82 -6.50
C GLU D 215 -21.33 30.26 -7.97
N ALA D 216 -21.58 29.34 -8.88
CA ALA D 216 -21.74 29.69 -10.30
C ALA D 216 -23.20 29.94 -10.61
N LEU D 217 -24.00 29.97 -9.56
CA LEU D 217 -25.43 30.26 -9.66
C LEU D 217 -26.21 29.14 -10.34
N ARG D 218 -25.73 27.91 -10.20
CA ARG D 218 -26.42 26.74 -10.72
C ARG D 218 -27.33 26.05 -9.68
N PRO D 219 -28.53 25.61 -10.10
CA PRO D 219 -29.43 24.86 -9.21
C PRO D 219 -28.70 23.69 -8.54
N LYS D 220 -28.58 23.73 -7.22
CA LYS D 220 -27.78 22.74 -6.51
C LYS D 220 -28.27 21.31 -6.75
N TRP D 221 -29.58 21.09 -6.77
CA TRP D 221 -30.09 19.73 -6.87
C TRP D 221 -29.88 19.14 -8.27
N LEU D 222 -29.36 19.93 -9.20
CA LEU D 222 -29.13 19.45 -10.55
C LEU D 222 -27.65 19.41 -10.93
N PHE D 223 -26.84 20.28 -10.35
CA PHE D 223 -25.48 20.48 -10.84
C PHE D 223 -24.35 20.28 -9.82
N THR D 224 -24.69 19.80 -8.63
CA THR D 224 -23.67 19.57 -7.61
C THR D 224 -22.79 18.38 -7.96
N ARG D 225 -23.37 17.18 -7.99
CA ARG D 225 -22.61 15.96 -8.30
C ARG D 225 -21.97 16.03 -9.70
N THR D 226 -20.82 15.39 -9.86
CA THR D 226 -20.12 15.39 -11.15
C THR D 226 -20.72 14.35 -12.06
N VAL D 227 -20.29 14.38 -13.32
CA VAL D 227 -20.80 13.47 -14.33
C VAL D 227 -20.37 12.04 -14.02
N HIS D 228 -19.09 11.90 -13.70
CA HIS D 228 -18.48 10.64 -13.31
C HIS D 228 -19.19 9.99 -12.13
N ASP D 229 -19.63 10.81 -11.19
CA ASP D 229 -20.36 10.30 -10.03
C ASP D 229 -21.61 9.54 -10.43
N GLY D 230 -22.13 9.81 -11.62
CA GLY D 230 -23.36 9.19 -12.06
C GLY D 230 -23.21 8.34 -13.31
N CYS D 231 -21.97 8.02 -13.68
CA CYS D 231 -21.67 7.25 -14.90
C CYS D 231 -21.58 5.75 -14.60
N ASP D 232 -22.27 4.93 -15.39
CA ASP D 232 -22.32 3.49 -15.11
C ASP D 232 -21.09 2.75 -15.59
N ARG D 233 -20.23 3.44 -16.35
CA ARG D 233 -19.01 2.84 -16.84
C ARG D 233 -17.92 2.98 -15.79
N ALA D 234 -18.29 3.51 -14.63
CA ALA D 234 -17.34 3.80 -13.56
C ALA D 234 -16.74 2.52 -12.95
N GLY D 235 -17.46 1.41 -13.06
CA GLY D 235 -16.94 0.12 -12.67
C GLY D 235 -15.64 -0.16 -13.41
N SER D 236 -15.72 -0.18 -14.74
CA SER D 236 -14.55 -0.49 -15.56
C SER D 236 -13.40 0.47 -15.30
N TYR D 237 -13.69 1.60 -14.65
CA TYR D 237 -12.66 2.57 -14.30
C TYR D 237 -11.87 2.06 -13.11
N GLU D 238 -12.59 1.64 -12.07
CA GLU D 238 -11.97 1.10 -10.87
C GLU D 238 -11.10 -0.12 -11.21
N GLN D 239 -11.59 -0.96 -12.11
CA GLN D 239 -10.89 -2.19 -12.48
C GLN D 239 -9.80 -1.94 -13.54
N ALA D 240 -9.48 -0.69 -13.80
CA ALA D 240 -8.38 -0.32 -14.70
C ALA D 240 -8.59 -0.81 -16.14
N ILE D 241 -9.85 -1.01 -16.51
CA ILE D 241 -10.20 -1.43 -17.86
C ILE D 241 -10.68 -0.22 -18.66
N PHE D 242 -9.85 0.25 -19.59
CA PHE D 242 -10.17 1.46 -20.33
C PHE D 242 -10.28 1.19 -21.82
N ALA D 243 -11.29 1.79 -22.45
CA ALA D 243 -11.57 1.56 -23.86
C ALA D 243 -10.40 1.94 -24.73
N THR D 244 -10.10 1.09 -25.71
CA THR D 244 -9.02 1.35 -26.67
C THR D 244 -9.56 2.07 -27.91
N GLU D 245 -10.82 1.81 -28.22
CA GLU D 245 -11.46 2.43 -29.38
C GLU D 245 -12.90 2.82 -29.06
N TYR D 246 -13.37 3.89 -29.67
CA TYR D 246 -14.75 4.32 -29.48
C TYR D 246 -15.70 3.20 -29.88
N GLY D 247 -16.74 3.00 -29.08
CA GLY D 247 -17.72 1.97 -29.37
C GLY D 247 -17.62 0.86 -28.35
N ASN D 248 -16.47 0.80 -27.68
CA ASN D 248 -16.26 -0.15 -26.60
C ASN D 248 -17.14 0.20 -25.40
N PRO D 249 -17.58 -0.81 -24.64
CA PRO D 249 -18.50 -0.55 -23.52
C PRO D 249 -17.81 -0.08 -22.26
N ASN D 250 -16.48 -0.08 -22.21
CA ASN D 250 -15.76 0.34 -21.01
C ASN D 250 -15.48 1.84 -20.97
N CYS D 251 -14.85 2.29 -19.90
CA CYS D 251 -14.60 3.71 -19.68
C CYS D 251 -13.78 4.34 -20.79
N ILE D 252 -14.12 5.57 -21.16
CA ILE D 252 -13.47 6.25 -22.28
C ILE D 252 -12.71 7.51 -21.87
N VAL D 253 -12.17 7.51 -20.66
CA VAL D 253 -11.44 8.67 -20.15
C VAL D 253 -10.19 8.94 -20.99
N LYS D 254 -9.54 7.88 -21.43
CA LYS D 254 -8.33 8.03 -22.24
C LYS D 254 -8.70 8.43 -23.65
N LEU D 255 -10.00 8.47 -23.92
CA LEU D 255 -10.49 8.76 -25.26
C LEU D 255 -11.07 10.16 -25.37
N GLY D 256 -11.12 10.88 -24.25
CA GLY D 256 -11.55 12.27 -24.27
C GLY D 256 -12.52 12.70 -23.20
N CYS D 257 -13.02 11.76 -22.39
CA CYS D 257 -14.10 12.08 -21.46
C CYS D 257 -13.59 12.85 -20.25
N TRP D 258 -14.12 14.04 -20.05
CA TRP D 258 -13.76 14.89 -18.92
C TRP D 258 -14.69 14.69 -17.71
N GLY D 259 -15.55 13.67 -17.82
CA GLY D 259 -16.58 13.39 -16.83
C GLY D 259 -16.23 13.52 -15.36
N PRO D 260 -15.02 13.08 -14.96
CA PRO D 260 -14.60 13.12 -13.55
C PRO D 260 -14.53 14.53 -12.97
N VAL D 261 -14.50 15.54 -13.83
CA VAL D 261 -14.32 16.89 -13.36
C VAL D 261 -15.34 17.85 -13.95
N VAL D 262 -16.49 17.33 -14.37
CA VAL D 262 -17.55 18.16 -14.95
C VAL D 262 -18.85 18.01 -14.17
N GLN D 263 -19.54 19.12 -13.94
CA GLN D 263 -20.75 19.09 -13.13
C GLN D 263 -22.00 19.06 -13.99
N CYS D 264 -22.53 17.87 -14.18
CA CYS D 264 -23.66 17.65 -15.06
C CYS D 264 -24.37 16.41 -14.56
N ASN D 265 -25.68 16.27 -14.81
CA ASN D 265 -26.43 15.12 -14.30
C ASN D 265 -26.89 14.14 -15.37
N VAL D 266 -26.45 14.33 -16.61
CA VAL D 266 -26.99 13.57 -17.74
C VAL D 266 -26.88 12.04 -17.62
N PRO D 267 -25.68 11.52 -17.35
CA PRO D 267 -25.53 10.06 -17.21
C PRO D 267 -26.51 9.44 -16.19
N LYS D 268 -26.66 10.12 -15.06
CA LYS D 268 -27.54 9.67 -14.00
C LYS D 268 -29.01 9.86 -14.38
N ARG D 269 -29.29 10.90 -15.14
CA ARG D 269 -30.66 11.30 -15.40
C ARG D 269 -31.16 10.81 -16.76
N GLY D 270 -30.24 10.67 -17.71
CA GLY D 270 -30.60 10.31 -19.06
C GLY D 270 -30.91 11.59 -19.79
N TRP D 271 -31.03 11.54 -21.11
CA TRP D 271 -31.40 12.72 -21.86
C TRP D 271 -32.92 12.91 -21.99
N ILE D 272 -33.61 11.96 -22.62
CA ILE D 272 -35.05 12.06 -22.80
C ILE D 272 -35.73 10.78 -22.32
N ALA D 273 -36.53 10.88 -21.27
CA ALA D 273 -37.22 9.70 -20.76
C ALA D 273 -36.26 8.55 -20.44
N GLY D 274 -35.09 8.88 -19.93
CA GLY D 274 -34.13 7.88 -19.51
C GLY D 274 -33.29 7.29 -20.62
N VAL D 275 -33.49 7.79 -21.84
CA VAL D 275 -32.92 7.15 -23.02
C VAL D 275 -31.52 7.62 -23.38
N GLY D 276 -31.32 8.93 -23.42
CA GLY D 276 -30.11 9.45 -24.03
C GLY D 276 -28.88 9.36 -23.15
N GLY D 277 -27.91 10.23 -23.41
CA GLY D 277 -26.78 10.41 -22.53
C GLY D 277 -25.51 10.84 -23.22
N CYS D 278 -24.41 10.79 -22.48
CA CYS D 278 -23.13 11.09 -23.06
C CYS D 278 -22.18 9.92 -22.80
N PRO D 279 -21.36 9.96 -21.73
CA PRO D 279 -20.40 8.84 -21.67
C PRO D 279 -21.06 7.51 -21.34
N ASN D 280 -22.19 7.51 -20.63
CA ASN D 280 -22.89 6.26 -20.30
C ASN D 280 -23.35 5.48 -21.53
N VAL D 281 -23.36 6.11 -22.70
CA VAL D 281 -23.71 5.45 -23.93
C VAL D 281 -22.62 5.55 -25.00
N GLY D 282 -21.38 5.83 -24.56
CA GLY D 282 -20.24 5.88 -25.48
C GLY D 282 -19.90 7.23 -26.10
N GLY D 283 -20.46 8.30 -25.57
CA GLY D 283 -20.11 9.65 -26.02
C GLY D 283 -19.33 10.43 -24.98
N ILE D 284 -18.09 10.80 -25.31
CA ILE D 284 -17.21 11.45 -24.34
C ILE D 284 -17.76 12.78 -23.85
N CYS D 285 -17.70 13.00 -22.55
CA CYS D 285 -18.07 14.30 -22.01
C CYS D 285 -17.10 15.39 -22.47
N ILE D 286 -17.64 16.44 -23.08
CA ILE D 286 -16.81 17.54 -23.54
C ILE D 286 -16.99 18.78 -22.65
N GLY D 287 -17.65 18.59 -21.51
CA GLY D 287 -17.78 19.63 -20.50
C GLY D 287 -18.65 20.80 -20.90
N CYS D 288 -19.69 20.54 -21.66
CA CYS D 288 -20.51 21.62 -22.22
C CYS D 288 -21.33 22.41 -21.20
N THR D 289 -21.35 21.98 -19.93
CA THR D 289 -22.09 22.73 -18.90
C THR D 289 -21.19 23.52 -17.96
N MET D 290 -19.94 23.74 -18.36
CA MET D 290 -19.01 24.43 -17.50
C MET D 290 -18.65 25.80 -18.05
N PRO D 291 -18.26 26.72 -17.16
CA PRO D 291 -17.73 28.04 -17.54
C PRO D 291 -16.53 27.98 -18.46
N GLY D 292 -15.63 27.02 -18.23
CA GLY D 292 -14.43 26.93 -19.01
C GLY D 292 -14.64 26.37 -20.40
N PHE D 293 -15.87 25.95 -20.69
CA PHE D 293 -16.22 25.37 -21.98
C PHE D 293 -16.29 26.43 -23.08
N PRO D 294 -15.74 26.12 -24.25
CA PRO D 294 -15.12 24.84 -24.60
C PRO D 294 -13.59 24.87 -24.57
N ASP D 295 -13.00 26.03 -24.38
CA ASP D 295 -11.56 26.19 -24.56
C ASP D 295 -10.74 25.32 -23.60
N LYS D 296 -11.24 25.12 -22.39
CA LYS D 296 -10.49 24.36 -21.41
C LYS D 296 -10.71 22.87 -21.55
N PHE D 297 -11.20 22.44 -22.72
CA PHE D 297 -11.51 21.03 -22.95
C PHE D 297 -10.95 20.52 -24.28
N MET D 298 -10.55 21.44 -25.16
CA MET D 298 -10.09 21.08 -26.50
C MET D 298 -8.59 20.80 -26.54
N PRO D 299 -8.15 19.90 -27.44
CA PRO D 299 -9.01 19.15 -28.36
C PRO D 299 -9.82 18.08 -27.64
N PHE D 300 -11.09 17.98 -28.01
CA PHE D 300 -12.05 17.13 -27.31
C PHE D 300 -11.62 15.68 -27.24
N MET D 301 -11.14 15.14 -28.35
CA MET D 301 -10.82 13.72 -28.43
C MET D 301 -9.45 13.37 -27.89
N ASP D 302 -8.84 14.32 -27.17
CA ASP D 302 -7.60 14.03 -26.44
C ASP D 302 -7.94 13.70 -24.99
N ALA D 303 -7.09 12.91 -24.36
CA ALA D 303 -7.28 12.58 -22.96
C ALA D 303 -6.98 13.78 -22.08
N PRO D 304 -7.84 14.05 -21.10
CA PRO D 304 -7.53 15.07 -20.10
C PRO D 304 -6.24 14.73 -19.35
N PRO D 305 -5.27 15.66 -19.30
CA PRO D 305 -3.98 15.39 -18.66
C PRO D 305 -4.13 14.79 -17.27
N GLY D 306 -5.06 15.32 -16.49
CA GLY D 306 -5.34 14.79 -15.17
C GLY D 306 -5.68 13.32 -15.20
N ALA D 307 -6.39 12.90 -16.25
CA ALA D 307 -6.73 11.50 -16.41
C ALA D 307 -5.49 10.68 -16.61
N VAL D 308 -4.56 11.22 -17.41
CA VAL D 308 -3.33 10.53 -17.75
C VAL D 308 -2.58 10.10 -16.49
N LEU D 309 -2.51 11.01 -15.51
CA LEU D 309 -1.86 10.73 -14.24
C LEU D 309 -2.58 9.63 -13.47
N SER D 310 -3.87 9.82 -13.28
CA SER D 310 -4.70 8.88 -12.54
C SER D 310 -4.96 7.57 -13.29
N SER D 311 -4.94 7.63 -14.61
CA SER D 311 -5.11 6.43 -15.43
C SER D 311 -3.89 5.51 -15.31
N ASN D 312 -2.72 6.10 -15.52
CA ASN D 312 -1.46 5.35 -15.43
C ASN D 312 -1.18 4.78 -14.04
N LEU D 313 -2.06 5.09 -13.10
CA LEU D 313 -1.85 4.64 -11.72
C LEU D 313 -1.87 3.12 -11.65
N ILE D 314 -0.94 2.58 -10.88
CA ILE D 314 -0.84 1.13 -10.72
C ILE D 314 -1.69 0.65 -9.56
N LYS D 315 -2.74 -0.11 -9.87
CA LYS D 315 -3.54 -0.73 -8.84
C LYS D 315 -3.19 -2.21 -8.78
N SER D 316 -2.14 -2.54 -8.02
CA SER D 316 -1.59 -3.89 -7.97
C SER D 316 -2.63 -4.95 -7.61
N TYR D 317 -3.39 -4.70 -6.55
CA TYR D 317 -4.45 -5.59 -6.08
C TYR D 317 -5.54 -5.85 -7.13
N GLY D 318 -5.43 -5.19 -8.28
CA GLY D 318 -6.47 -5.21 -9.30
C GLY D 318 -6.93 -6.56 -9.82
N PRO D 319 -5.99 -7.37 -10.33
CA PRO D 319 -6.36 -8.62 -11.02
C PRO D 319 -6.84 -9.74 -10.09
N LEU D 320 -6.59 -9.64 -8.80
CA LEU D 320 -7.00 -10.70 -7.88
C LEU D 320 -8.30 -10.34 -7.15
N ILE D 321 -8.52 -9.06 -6.93
CA ILE D 321 -9.83 -8.60 -6.46
C ILE D 321 -10.83 -8.81 -7.59
N ARG D 322 -10.30 -8.87 -8.82
CA ARG D 322 -11.07 -9.20 -10.02
C ARG D 322 -11.27 -10.71 -10.11
N SER D 323 -10.56 -11.43 -9.24
CA SER D 323 -10.57 -12.89 -9.27
C SER D 323 -11.66 -13.44 -8.37
N LEU D 324 -11.75 -12.93 -7.13
CA LEU D 324 -12.76 -13.43 -6.22
C LEU D 324 -14.15 -13.07 -6.70
N ARG D 325 -14.26 -11.93 -7.39
CA ARG D 325 -15.53 -11.59 -8.02
C ARG D 325 -15.89 -12.73 -8.96
N LYS D 326 -14.92 -13.15 -9.77
CA LYS D 326 -15.09 -14.33 -10.63
C LYS D 326 -15.41 -15.56 -9.79
N LEU D 327 -14.54 -15.86 -8.82
CA LEU D 327 -14.74 -17.02 -7.96
C LEU D 327 -16.07 -16.97 -7.23
N THR D 328 -16.42 -15.80 -6.71
CA THR D 328 -17.69 -15.65 -6.01
C THR D 328 -18.87 -15.77 -6.98
N LYS D 329 -18.74 -15.19 -8.16
CA LYS D 329 -19.82 -15.25 -9.14
C LYS D 329 -20.09 -16.68 -9.56
N ASP D 330 -19.12 -17.56 -9.36
CA ASP D 330 -19.27 -18.95 -9.77
C ASP D 330 -20.07 -19.73 -8.74
N THR D 331 -19.83 -19.45 -7.46
CA THR D 331 -20.61 -20.12 -6.43
C THR D 331 -22.07 -19.64 -6.51
N LEU D 332 -22.27 -18.45 -7.06
CA LEU D 332 -23.61 -17.88 -7.12
C LEU D 332 -24.36 -18.31 -8.37
N ASN D 333 -23.66 -18.87 -9.35
CA ASN D 333 -24.29 -19.41 -10.55
C ASN D 333 -24.54 -20.92 -10.48
N ASP D 334 -24.69 -21.43 -9.27
CA ASP D 334 -24.99 -22.85 -9.05
C ASP D 334 -26.04 -23.01 -7.97
N GLU D 335 -27.03 -23.87 -8.22
CA GLU D 335 -28.14 -24.03 -7.29
C GLU D 335 -27.79 -24.89 -6.08
N PRO D 336 -28.48 -24.67 -4.96
CA PRO D 336 -28.30 -25.48 -3.76
C PRO D 336 -28.61 -26.95 -4.04
N LYS D 337 -28.11 -27.84 -3.17
CA LYS D 337 -28.16 -29.27 -3.43
C LYS D 337 -29.57 -29.88 -3.34
N TRP D 338 -30.47 -29.22 -2.62
CA TRP D 338 -31.81 -29.78 -2.40
C TRP D 338 -32.78 -29.59 -3.56
N ARG D 339 -32.28 -29.13 -4.70
CA ARG D 339 -33.14 -28.92 -5.87
C ARG D 339 -32.90 -30.02 -6.87
N HIS D 340 -33.84 -30.95 -6.91
CA HIS D 340 -33.69 -32.18 -7.64
C HIS D 340 -35.03 -32.88 -7.71
N ASN D 341 -35.14 -33.88 -8.57
CA ASN D 341 -36.35 -34.67 -8.66
C ASN D 341 -36.11 -36.09 -8.15
N GLN D 342 -35.54 -36.19 -6.96
CA GLN D 342 -35.24 -37.48 -6.35
C GLN D 342 -36.36 -37.93 -5.40
N PRO D 343 -36.46 -39.25 -5.17
CA PRO D 343 -37.54 -39.88 -4.40
C PRO D 343 -37.69 -39.34 -2.98
N VAL D 344 -36.63 -38.75 -2.44
CA VAL D 344 -36.67 -38.23 -1.08
C VAL D 344 -36.44 -36.72 -1.04
N LEU D 345 -37.13 -36.05 -0.12
CA LEU D 345 -36.95 -34.63 0.10
C LEU D 345 -35.63 -34.40 0.83
N THR D 346 -34.94 -33.30 0.51
CA THR D 346 -33.64 -33.00 1.12
C THR D 346 -33.46 -31.53 1.46
N THR D 347 -34.55 -30.80 1.62
CA THR D 347 -34.46 -29.37 1.91
C THR D 347 -34.15 -29.08 3.38
N GLY D 348 -34.62 -29.96 4.27
CA GLY D 348 -34.46 -29.77 5.70
C GLY D 348 -35.78 -29.87 6.43
N TYR D 349 -36.81 -30.30 5.69
CA TYR D 349 -38.16 -30.39 6.22
C TYR D 349 -38.50 -31.82 6.65
N VAL E 21 -47.32 50.48 -50.17
CA VAL E 21 -47.46 50.33 -48.73
C VAL E 21 -46.26 49.62 -48.11
N GLU E 22 -45.73 50.18 -47.03
CA GLU E 22 -44.56 49.62 -46.37
C GLU E 22 -44.95 48.76 -45.17
N MET E 23 -45.11 47.46 -45.43
CA MET E 23 -45.48 46.51 -44.37
C MET E 23 -44.37 45.50 -44.11
N ASN E 24 -43.85 45.52 -42.88
CA ASN E 24 -42.73 44.67 -42.50
C ASN E 24 -42.94 43.99 -41.14
N TRP E 25 -42.42 42.77 -41.01
CA TRP E 25 -42.52 42.03 -39.77
C TRP E 25 -41.15 41.51 -39.32
N ASP E 26 -40.77 41.89 -38.11
CA ASP E 26 -39.44 41.63 -37.60
C ASP E 26 -39.46 41.82 -36.08
N PRO E 27 -39.14 40.77 -35.32
CA PRO E 27 -38.69 39.45 -35.78
C PRO E 27 -39.84 38.52 -36.17
N ILE E 28 -39.63 37.69 -37.19
CA ILE E 28 -40.61 36.69 -37.59
C ILE E 28 -40.57 35.47 -36.67
N THR E 29 -41.71 35.12 -36.11
CA THR E 29 -41.79 34.06 -35.13
C THR E 29 -42.17 32.73 -35.78
N ARG E 30 -42.15 31.68 -34.98
CA ARG E 30 -42.44 30.32 -35.44
C ARG E 30 -41.50 29.92 -36.57
N ILE E 31 -40.26 30.36 -36.42
CA ILE E 31 -39.14 29.88 -37.21
C ILE E 31 -37.95 29.88 -36.26
N VAL E 32 -36.81 29.36 -36.71
CA VAL E 32 -35.62 29.32 -35.87
C VAL E 32 -34.64 30.45 -36.24
N GLY E 33 -34.32 31.28 -35.25
CA GLY E 33 -33.42 32.40 -35.48
C GLY E 33 -34.19 33.70 -35.66
N SER E 34 -33.47 34.82 -35.66
CA SER E 34 -34.12 36.11 -35.80
C SER E 34 -34.16 36.57 -37.26
N LEU E 35 -35.31 36.42 -37.90
CA LEU E 35 -35.51 36.86 -39.28
C LEU E 35 -36.41 38.09 -39.37
N GLY E 36 -36.18 38.91 -40.38
CA GLY E 36 -37.01 40.08 -40.63
C GLY E 36 -37.38 40.21 -42.09
N ILE E 37 -38.67 40.39 -42.37
CA ILE E 37 -39.15 40.53 -43.73
C ILE E 37 -39.76 41.91 -43.97
N TYR E 38 -39.11 42.70 -44.81
CA TYR E 38 -39.59 44.05 -45.17
C TYR E 38 -40.06 44.04 -46.63
N THR E 39 -41.20 44.66 -46.90
CA THR E 39 -41.81 44.54 -48.22
C THR E 39 -42.50 45.79 -48.72
N LYS E 40 -42.72 45.82 -50.04
CA LYS E 40 -43.56 46.82 -50.70
C LYS E 40 -44.71 46.11 -51.41
N ILE E 41 -45.93 46.28 -50.91
CA ILE E 41 -47.08 45.55 -51.44
C ILE E 41 -48.15 46.45 -52.08
N ASP E 42 -48.57 46.07 -53.28
CA ASP E 42 -49.62 46.80 -53.97
C ASP E 42 -50.97 46.19 -53.62
N PHE E 43 -51.71 46.87 -52.74
CA PHE E 43 -53.02 46.39 -52.33
C PHE E 43 -54.02 46.46 -53.47
N GLU E 44 -54.08 47.63 -54.10
CA GLU E 44 -55.02 47.93 -55.18
C GLU E 44 -54.97 46.88 -56.29
N ASN E 45 -53.81 46.28 -56.48
CA ASN E 45 -53.65 45.22 -57.47
C ASN E 45 -53.42 43.86 -56.82
N ARG E 46 -53.33 43.83 -55.49
CA ARG E 46 -53.06 42.62 -54.71
C ARG E 46 -51.74 41.96 -55.08
N ARG E 47 -50.67 42.75 -55.15
CA ARG E 47 -49.37 42.22 -55.55
C ARG E 47 -48.26 42.68 -54.61
N VAL E 48 -47.17 41.92 -54.60
CA VAL E 48 -45.99 42.32 -53.87
C VAL E 48 -44.94 42.84 -54.86
N ALA E 49 -44.61 44.12 -54.75
CA ALA E 49 -43.66 44.76 -55.65
C ALA E 49 -42.25 44.26 -55.41
N GLU E 50 -41.66 44.68 -54.29
CA GLU E 50 -40.32 44.26 -53.93
C GLU E 50 -40.35 43.36 -52.70
N CYS E 51 -39.19 43.16 -52.10
CA CYS E 51 -39.06 42.41 -50.86
C CYS E 51 -37.59 42.36 -50.45
N TYR E 52 -37.32 42.35 -49.15
CA TYR E 52 -35.96 42.24 -48.65
C TYR E 52 -35.91 41.50 -47.31
N SER E 53 -35.16 40.39 -47.29
CA SER E 53 -35.03 39.59 -46.07
C SER E 53 -33.72 39.88 -45.35
N THR E 54 -33.77 39.90 -44.02
CA THR E 54 -32.59 40.25 -43.23
C THR E 54 -32.48 39.46 -41.91
N SER E 55 -31.27 38.95 -41.63
CA SER E 55 -30.96 38.38 -40.32
C SER E 55 -30.32 39.43 -39.44
N SER E 56 -30.12 39.10 -38.17
CA SER E 56 -29.60 40.09 -37.23
C SER E 56 -28.56 39.47 -36.32
N ILE E 57 -28.29 38.19 -36.50
CA ILE E 57 -27.32 37.49 -35.67
C ILE E 57 -26.14 37.02 -36.50
N PHE E 58 -24.93 37.40 -36.06
CA PHE E 58 -23.70 36.87 -36.62
C PHE E 58 -22.84 36.28 -35.50
N ARG E 59 -22.32 35.08 -35.72
CA ARG E 59 -21.55 34.39 -34.68
C ARG E 59 -20.10 34.13 -35.10
N GLY E 60 -19.90 33.91 -36.39
CA GLY E 60 -18.57 33.80 -36.95
C GLY E 60 -17.87 32.46 -36.76
N TYR E 61 -18.57 31.36 -37.06
CA TYR E 61 -17.98 30.03 -36.98
C TYR E 61 -16.75 29.87 -37.87
N SER E 62 -16.76 30.47 -39.06
CA SER E 62 -15.64 30.34 -39.99
C SER E 62 -14.40 31.01 -39.42
N ILE E 63 -14.63 31.97 -38.53
CA ILE E 63 -13.55 32.74 -37.93
C ILE E 63 -12.88 32.00 -36.78
N PHE E 64 -13.64 31.67 -35.73
CA PHE E 64 -13.00 31.06 -34.57
C PHE E 64 -12.68 29.58 -34.76
N MET E 65 -13.13 28.99 -35.86
CA MET E 65 -12.77 27.61 -36.13
C MET E 65 -11.32 27.49 -36.60
N LYS E 66 -10.82 28.55 -37.24
CA LYS E 66 -9.44 28.59 -37.72
C LYS E 66 -8.42 28.33 -36.60
N GLY E 67 -7.46 27.46 -36.88
CA GLY E 67 -6.40 27.20 -35.92
C GLY E 67 -6.71 26.14 -34.89
N LYS E 68 -7.93 25.60 -34.94
CA LYS E 68 -8.33 24.54 -34.03
C LYS E 68 -8.02 23.16 -34.61
N ASP E 69 -7.96 22.16 -33.75
CA ASP E 69 -7.75 20.78 -34.16
C ASP E 69 -8.92 20.34 -35.03
N PRO E 70 -8.64 19.69 -36.17
CA PRO E 70 -9.69 19.25 -37.09
C PRO E 70 -10.70 18.31 -36.44
N ARG E 71 -10.23 17.53 -35.47
CA ARG E 71 -11.06 16.52 -34.82
C ARG E 71 -12.20 17.17 -34.03
N ASP E 72 -12.15 18.48 -33.86
CA ASP E 72 -13.13 19.16 -33.03
C ASP E 72 -14.29 19.71 -33.85
N SER E 73 -14.19 19.56 -35.17
CA SER E 73 -15.12 20.22 -36.09
C SER E 73 -16.58 19.84 -35.87
N HIS E 74 -16.88 18.54 -35.80
CA HIS E 74 -18.26 18.08 -35.73
C HIS E 74 -18.92 18.48 -34.41
N PHE E 75 -18.15 18.48 -33.33
CA PHE E 75 -18.65 18.98 -32.05
C PHE E 75 -18.99 20.47 -32.10
N ILE E 76 -18.12 21.26 -32.70
CA ILE E 76 -18.30 22.70 -32.76
C ILE E 76 -19.38 23.09 -33.78
N THR E 77 -19.28 22.55 -35.00
CA THR E 77 -20.21 22.92 -36.06
C THR E 77 -21.67 22.54 -35.71
N SER E 78 -21.84 21.59 -34.78
CA SER E 78 -23.17 21.15 -34.42
C SER E 78 -23.93 22.29 -33.77
N ARG E 79 -23.19 23.14 -33.06
CA ARG E 79 -23.81 24.27 -32.37
C ARG E 79 -24.24 25.39 -33.32
N ILE E 80 -23.95 25.22 -34.61
CA ILE E 80 -24.40 26.17 -35.62
C ILE E 80 -25.91 26.40 -35.53
N CYS E 81 -26.63 25.37 -35.10
CA CYS E 81 -28.08 25.48 -35.00
C CYS E 81 -28.68 24.56 -33.96
N GLY E 82 -29.76 25.02 -33.35
CA GLY E 82 -30.38 24.29 -32.27
C GLY E 82 -31.45 23.29 -32.69
N ILE E 83 -31.72 23.21 -33.99
CA ILE E 83 -32.73 22.27 -34.45
C ILE E 83 -32.20 21.26 -35.47
N CYS E 84 -31.11 21.60 -36.13
CA CYS E 84 -30.56 20.72 -37.16
C CYS E 84 -29.08 20.40 -36.95
N GLY E 85 -28.55 20.73 -35.77
CA GLY E 85 -27.14 20.54 -35.47
C GLY E 85 -26.57 19.17 -35.79
N ASP E 86 -27.36 18.12 -35.62
CA ASP E 86 -26.91 16.77 -35.92
C ASP E 86 -26.55 16.60 -37.39
N ASN E 87 -27.08 17.49 -38.23
CA ASN E 87 -26.82 17.44 -39.65
C ASN E 87 -25.41 17.97 -39.94
N HIS E 88 -25.05 19.03 -39.25
CA HIS E 88 -23.71 19.58 -39.37
C HIS E 88 -22.66 18.60 -38.86
N ALA E 89 -22.90 18.04 -37.67
CA ALA E 89 -22.00 17.05 -37.08
C ALA E 89 -21.78 15.90 -38.06
N THR E 90 -22.88 15.42 -38.64
CA THR E 90 -22.82 14.34 -39.62
C THR E 90 -22.04 14.77 -40.86
N CYS E 91 -22.42 15.94 -41.38
CA CYS E 91 -21.75 16.51 -42.54
C CYS E 91 -20.27 16.80 -42.26
N SER E 92 -19.97 17.18 -41.03
CA SER E 92 -18.60 17.45 -40.64
C SER E 92 -17.80 16.15 -40.54
N VAL E 93 -18.43 15.12 -39.98
CA VAL E 93 -17.78 13.83 -39.82
C VAL E 93 -17.54 13.18 -41.19
N TYR E 94 -18.42 13.46 -42.13
CA TYR E 94 -18.23 13.05 -43.52
C TYR E 94 -16.93 13.61 -44.09
N ALA E 95 -16.73 14.91 -43.91
CA ALA E 95 -15.57 15.61 -44.47
C ALA E 95 -14.26 15.16 -43.82
N GLN E 96 -14.24 15.04 -42.50
CA GLN E 96 -13.04 14.59 -41.81
C GLN E 96 -12.67 13.20 -42.29
N ASN E 97 -13.70 12.36 -42.47
CA ASN E 97 -13.55 11.05 -43.07
C ASN E 97 -12.80 11.12 -44.39
N MET E 98 -13.17 12.09 -45.20
CA MET E 98 -12.48 12.32 -46.46
C MET E 98 -11.04 12.76 -46.23
N ALA E 99 -10.87 13.80 -45.44
CA ALA E 99 -9.56 14.37 -45.18
C ALA E 99 -8.61 13.36 -44.55
N TYR E 100 -9.08 12.63 -43.55
CA TYR E 100 -8.22 11.69 -42.84
C TYR E 100 -8.06 10.39 -43.63
N GLY E 101 -8.77 10.29 -44.75
CA GLY E 101 -8.75 9.07 -45.54
C GLY E 101 -9.16 7.84 -44.74
N VAL E 102 -10.34 7.89 -44.13
CA VAL E 102 -10.79 6.79 -43.30
C VAL E 102 -12.23 6.38 -43.58
N LYS E 103 -12.46 5.08 -43.64
CA LYS E 103 -13.80 4.53 -43.83
C LYS E 103 -14.25 3.79 -42.59
N PRO E 104 -15.35 4.24 -41.98
CA PRO E 104 -15.85 3.64 -40.74
C PRO E 104 -16.52 2.30 -41.01
N PRO E 105 -16.55 1.40 -40.01
CA PRO E 105 -17.20 0.10 -40.17
C PRO E 105 -18.60 0.25 -40.72
N PRO E 106 -19.05 -0.70 -41.54
CA PRO E 106 -20.33 -0.60 -42.24
C PRO E 106 -21.51 -0.34 -41.30
N ILE E 107 -21.50 -0.98 -40.14
CA ILE E 107 -22.60 -0.85 -39.20
C ILE E 107 -22.70 0.56 -38.66
N ALA E 108 -21.57 1.28 -38.66
CA ALA E 108 -21.51 2.63 -38.12
C ALA E 108 -22.28 3.63 -38.98
N ASP E 109 -22.29 3.44 -40.29
CA ASP E 109 -22.99 4.38 -41.15
C ASP E 109 -24.48 4.04 -41.26
N TRP E 110 -24.85 2.78 -40.98
CA TRP E 110 -26.25 2.44 -40.89
C TRP E 110 -26.84 3.15 -39.67
N ILE E 111 -26.08 3.07 -38.57
CA ILE E 111 -26.44 3.74 -37.34
C ILE E 111 -26.60 5.25 -37.54
N ILE E 112 -25.73 5.84 -38.34
CA ILE E 112 -25.77 7.28 -38.54
C ILE E 112 -26.98 7.63 -39.39
N ASN E 113 -27.31 6.75 -40.33
CA ASN E 113 -28.49 6.94 -41.16
C ASN E 113 -29.79 6.84 -40.35
N LEU E 114 -29.86 5.83 -39.50
CA LEU E 114 -31.00 5.66 -38.61
C LEU E 114 -31.20 6.90 -37.73
N GLY E 115 -30.08 7.53 -37.36
CA GLY E 115 -30.13 8.72 -36.55
C GLY E 115 -30.66 9.90 -37.34
N GLU E 116 -30.15 10.08 -38.55
CA GLU E 116 -30.55 11.20 -39.38
C GLU E 116 -31.98 11.07 -39.85
N ALA E 117 -32.43 9.82 -40.02
CA ALA E 117 -33.81 9.60 -40.44
C ALA E 117 -34.75 10.08 -39.34
N ALA E 118 -34.40 9.76 -38.10
CA ALA E 118 -35.18 10.22 -36.96
C ALA E 118 -35.14 11.74 -36.89
N GLU E 119 -34.04 12.34 -37.31
CA GLU E 119 -33.94 13.79 -37.30
C GLU E 119 -34.93 14.42 -38.27
N TYR E 120 -35.08 13.81 -39.45
CA TYR E 120 -36.10 14.25 -40.39
C TYR E 120 -37.47 14.12 -39.76
N MET E 121 -37.77 12.90 -39.28
CA MET E 121 -39.07 12.59 -38.70
C MET E 121 -39.44 13.56 -37.59
N PHE E 122 -38.48 13.90 -36.75
CA PHE E 122 -38.72 14.85 -35.68
C PHE E 122 -38.95 16.26 -36.22
N ASP E 123 -37.99 16.76 -37.00
CA ASP E 123 -37.99 18.18 -37.37
C ASP E 123 -39.19 18.58 -38.22
N HIS E 124 -39.40 17.86 -39.31
CA HIS E 124 -40.54 18.13 -40.17
C HIS E 124 -41.88 18.05 -39.41
N ASN E 125 -41.99 17.10 -38.49
CA ASN E 125 -43.22 16.93 -37.72
C ASN E 125 -43.47 18.04 -36.71
N ILE E 126 -42.43 18.46 -36.00
CA ILE E 126 -42.55 19.57 -35.06
C ILE E 126 -42.78 20.89 -35.79
N PHE E 127 -42.13 21.05 -36.94
CA PHE E 127 -42.24 22.29 -37.70
C PHE E 127 -43.54 22.39 -38.47
N GLN E 128 -43.96 21.27 -39.06
CA GLN E 128 -45.15 21.23 -39.91
C GLN E 128 -46.43 21.48 -39.13
N ASP E 129 -46.51 20.94 -37.93
CA ASP E 129 -47.78 20.93 -37.20
C ASP E 129 -47.75 21.79 -35.94
N ASN E 130 -46.63 22.45 -35.69
CA ASN E 130 -46.52 23.32 -34.52
C ASN E 130 -45.97 24.70 -34.82
N LEU E 131 -45.34 24.86 -35.98
CA LEU E 131 -44.78 26.16 -36.38
C LEU E 131 -45.49 26.73 -37.61
N VAL E 132 -45.51 25.97 -38.71
CA VAL E 132 -46.22 26.41 -39.91
C VAL E 132 -47.71 26.12 -39.85
N GLY E 133 -48.09 25.15 -39.03
CA GLY E 133 -49.48 24.78 -38.88
C GLY E 133 -50.35 25.91 -38.33
N VAL E 134 -49.79 26.67 -37.41
CA VAL E 134 -50.48 27.82 -36.82
C VAL E 134 -50.95 28.81 -37.88
N ASP E 135 -50.26 28.86 -39.00
CA ASP E 135 -50.67 29.69 -40.14
C ASP E 135 -51.98 29.20 -40.75
N PHE E 136 -52.32 27.94 -40.50
CA PHE E 136 -53.52 27.34 -41.06
C PHE E 136 -54.60 27.08 -40.02
N CYS E 137 -54.29 27.31 -38.75
CA CYS E 137 -55.23 27.01 -37.67
C CYS E 137 -56.44 27.93 -37.71
N GLU E 138 -57.49 27.55 -36.97
CA GLU E 138 -58.73 28.33 -36.93
C GLU E 138 -58.52 29.77 -36.54
N GLN E 139 -57.83 29.98 -35.42
CA GLN E 139 -57.66 31.32 -34.85
C GLN E 139 -57.09 32.30 -35.88
N MET E 140 -56.09 31.87 -36.63
CA MET E 140 -55.47 32.71 -37.65
C MET E 140 -56.42 32.91 -38.84
N VAL E 141 -56.98 31.82 -39.36
CA VAL E 141 -57.91 31.90 -40.48
C VAL E 141 -59.11 32.80 -40.13
N ARG E 142 -59.50 32.80 -38.86
CA ARG E 142 -60.59 33.65 -38.39
C ARG E 142 -60.10 35.07 -38.06
N GLU E 143 -58.85 35.35 -38.40
CA GLU E 143 -58.32 36.70 -38.23
C GLU E 143 -57.85 37.22 -39.58
N THR E 144 -57.56 36.29 -40.48
CA THR E 144 -57.11 36.63 -41.82
C THR E 144 -58.24 36.55 -42.83
N ASN E 145 -58.90 35.39 -42.88
CA ASN E 145 -59.98 35.13 -43.82
C ASN E 145 -61.26 34.62 -43.17
N PRO E 146 -61.96 35.48 -42.41
CA PRO E 146 -63.21 35.13 -41.72
C PRO E 146 -64.19 34.42 -42.63
N GLY E 147 -64.10 34.68 -43.93
CA GLY E 147 -64.92 34.00 -44.91
C GLY E 147 -64.51 32.56 -45.10
N VAL E 148 -63.20 32.30 -45.17
CA VAL E 148 -62.69 30.97 -45.42
C VAL E 148 -63.02 30.00 -44.30
N TRP E 149 -63.13 30.53 -43.08
CA TRP E 149 -63.56 29.76 -41.93
C TRP E 149 -64.99 29.27 -42.14
N GLU E 150 -65.86 30.17 -42.61
CA GLU E 150 -67.25 29.85 -42.91
C GLU E 150 -67.33 28.80 -44.00
N LYS E 151 -66.48 28.94 -45.02
CA LYS E 151 -66.37 27.95 -46.08
C LYS E 151 -65.85 26.62 -45.52
N ALA E 152 -64.89 26.71 -44.62
CA ALA E 152 -64.18 25.55 -44.11
C ALA E 152 -65.07 24.59 -43.33
N LYS E 153 -66.05 25.15 -42.61
CA LYS E 153 -66.92 24.34 -41.77
C LYS E 153 -67.75 23.31 -42.55
N THR E 154 -68.04 23.58 -43.81
CA THR E 154 -68.91 22.69 -44.58
C THR E 154 -68.15 21.78 -45.53
N ALA E 155 -66.83 21.91 -45.55
CA ALA E 155 -66.02 21.05 -46.39
C ALA E 155 -65.66 19.77 -45.66
N GLU E 156 -66.16 18.63 -46.15
CA GLU E 156 -65.81 17.36 -45.52
C GLU E 156 -64.51 16.81 -46.09
N ALA E 157 -63.59 16.47 -45.19
CA ALA E 157 -62.28 15.97 -45.57
C ALA E 157 -62.39 14.64 -46.32
N PRO E 158 -61.86 14.60 -47.55
CA PRO E 158 -61.83 13.42 -48.42
C PRO E 158 -61.27 12.15 -47.77
N HIS E 159 -60.48 12.28 -46.70
CA HIS E 159 -59.87 11.11 -46.06
C HIS E 159 -60.21 10.99 -44.57
N ALA E 160 -61.44 11.35 -44.21
CA ALA E 160 -61.86 11.26 -42.81
C ALA E 160 -61.84 9.80 -42.35
N ALA E 161 -61.79 8.88 -43.31
CA ALA E 161 -61.73 7.46 -42.99
C ALA E 161 -60.38 7.09 -42.41
N GLU E 162 -59.34 7.82 -42.80
CA GLU E 162 -57.98 7.50 -42.36
C GLU E 162 -57.50 8.35 -41.19
N HIS E 163 -58.04 9.56 -41.03
CA HIS E 163 -57.58 10.44 -39.97
C HIS E 163 -58.69 10.91 -39.03
N GLY E 164 -59.90 10.40 -39.25
CA GLY E 164 -61.00 10.62 -38.32
C GLY E 164 -61.54 12.04 -38.16
N TYR E 165 -60.96 13.00 -38.88
CA TYR E 165 -61.48 14.37 -38.85
C TYR E 165 -62.51 14.53 -39.98
N ARG E 166 -63.72 14.94 -39.61
CA ARG E 166 -64.81 14.93 -40.59
C ARG E 166 -64.69 16.08 -41.59
N THR E 167 -64.31 17.25 -41.09
CA THR E 167 -64.27 18.44 -41.93
C THR E 167 -62.94 19.19 -41.81
N ILE E 168 -62.57 19.91 -42.86
CA ILE E 168 -61.35 20.69 -42.85
C ILE E 168 -61.36 21.68 -41.68
N ALA E 169 -62.55 22.16 -41.32
CA ALA E 169 -62.67 23.12 -40.23
C ALA E 169 -62.32 22.48 -38.89
N ASP E 170 -62.60 21.18 -38.77
CA ASP E 170 -62.23 20.42 -37.57
C ASP E 170 -60.72 20.25 -37.49
N ILE E 171 -60.12 19.86 -38.61
CA ILE E 171 -58.67 19.75 -38.71
C ILE E 171 -58.01 21.05 -38.27
N MET E 172 -58.51 22.17 -38.77
CA MET E 172 -57.97 23.50 -38.47
C MET E 172 -58.00 23.80 -36.97
N THR E 173 -59.14 23.52 -36.32
CA THR E 173 -59.28 23.75 -34.89
C THR E 173 -58.31 22.86 -34.13
N ALA E 174 -58.01 21.71 -34.72
CA ALA E 174 -57.10 20.75 -34.10
C ALA E 174 -55.65 21.24 -34.16
N LEU E 175 -55.45 22.45 -34.68
CA LEU E 175 -54.10 23.00 -34.83
C LEU E 175 -53.90 24.26 -33.99
N ASN E 176 -54.97 24.74 -33.36
CA ASN E 176 -54.84 25.86 -32.43
C ASN E 176 -53.79 25.53 -31.39
N PRO E 177 -52.85 26.46 -31.17
CA PRO E 177 -51.71 26.23 -30.27
C PRO E 177 -52.14 25.80 -28.87
N PHE E 178 -51.65 24.64 -28.44
CA PHE E 178 -51.84 24.11 -27.08
C PHE E 178 -53.24 23.59 -26.79
N THR E 179 -54.25 24.12 -27.47
CA THR E 179 -55.61 23.65 -27.24
C THR E 179 -55.99 22.59 -28.27
N GLY E 180 -55.40 22.69 -29.46
CA GLY E 180 -55.72 21.78 -30.54
C GLY E 180 -55.24 20.36 -30.29
N GLU E 181 -56.16 19.41 -30.46
CA GLU E 181 -55.86 18.00 -30.23
C GLU E 181 -54.64 17.50 -31.00
N PHE E 182 -54.52 17.89 -32.27
CA PHE E 182 -53.41 17.40 -33.10
C PHE E 182 -52.13 18.17 -32.78
N TYR E 183 -52.29 19.44 -32.40
CA TYR E 183 -51.18 20.26 -31.96
C TYR E 183 -50.49 19.57 -30.80
N ARG E 184 -51.27 19.25 -29.78
CA ARG E 184 -50.72 18.65 -28.56
C ARG E 184 -50.12 17.27 -28.82
N GLU E 185 -50.68 16.55 -29.79
CA GLU E 185 -50.22 15.20 -30.09
C GLU E 185 -48.84 15.16 -30.75
N THR E 186 -48.60 16.08 -31.69
CA THR E 186 -47.34 16.08 -32.42
C THR E 186 -46.17 16.44 -31.50
N LEU E 187 -46.46 17.13 -30.40
CA LEU E 187 -45.43 17.37 -29.39
C LEU E 187 -44.94 16.04 -28.83
N LEU E 188 -45.90 15.17 -28.53
CA LEU E 188 -45.58 13.82 -28.07
C LEU E 188 -44.78 13.05 -29.12
N VAL E 189 -45.15 13.22 -30.38
CA VAL E 189 -44.50 12.51 -31.47
C VAL E 189 -43.06 13.00 -31.64
N SER E 190 -42.81 14.26 -31.27
CA SER E 190 -41.48 14.82 -31.39
C SER E 190 -40.58 14.34 -30.25
N ARG E 191 -41.18 13.73 -29.25
CA ARG E 191 -40.40 13.27 -28.11
C ARG E 191 -39.89 11.87 -28.33
N TYR E 192 -40.74 10.97 -28.83
CA TYR E 192 -40.29 9.60 -29.02
C TYR E 192 -39.48 9.44 -30.32
N THR E 193 -39.57 10.42 -31.20
CA THR E 193 -38.73 10.40 -32.38
C THR E 193 -37.35 10.90 -31.99
N ARG E 194 -37.32 11.82 -31.03
CA ARG E 194 -36.05 12.24 -30.48
C ARG E 194 -35.42 11.12 -29.66
N GLU E 195 -36.25 10.36 -28.92
CA GLU E 195 -35.77 9.18 -28.22
C GLU E 195 -35.09 8.23 -29.20
N MET E 196 -35.78 7.94 -30.29
CA MET E 196 -35.21 7.15 -31.37
C MET E 196 -33.85 7.70 -31.73
N PHE E 197 -33.81 8.98 -32.05
CA PHE E 197 -32.59 9.66 -32.47
C PHE E 197 -31.49 9.44 -31.44
N CYS E 198 -31.82 9.63 -30.18
CA CYS E 198 -30.86 9.50 -29.09
C CYS E 198 -30.34 8.09 -28.92
N LEU E 199 -31.11 7.10 -29.36
CA LEU E 199 -30.65 5.73 -29.27
C LEU E 199 -29.42 5.57 -30.15
N MET E 200 -29.42 6.27 -31.28
CA MET E 200 -28.36 6.16 -32.27
C MET E 200 -27.23 7.19 -32.11
N GLU E 201 -27.54 8.39 -31.61
CA GLU E 201 -26.53 9.45 -31.57
C GLU E 201 -26.34 10.06 -30.17
N GLY E 202 -26.93 9.43 -29.16
CA GLY E 202 -26.67 9.84 -27.80
C GLY E 202 -27.61 10.88 -27.24
N ARG E 203 -27.67 12.06 -27.87
CA ARG E 203 -28.53 13.15 -27.38
C ARG E 203 -28.83 14.18 -28.46
N HIS E 204 -29.89 14.95 -28.25
CA HIS E 204 -30.42 15.87 -29.25
C HIS E 204 -30.42 17.29 -28.69
N VAL E 205 -30.11 18.30 -29.51
CA VAL E 205 -29.85 18.15 -30.92
C VAL E 205 -28.37 17.89 -31.21
N HIS E 206 -27.52 18.26 -30.26
CA HIS E 206 -26.09 18.04 -30.43
C HIS E 206 -25.69 16.64 -30.02
N PRO E 207 -25.28 15.81 -31.00
CA PRO E 207 -24.89 14.42 -30.79
C PRO E 207 -23.70 14.29 -29.84
N SER E 208 -23.62 13.16 -29.17
CA SER E 208 -22.50 12.89 -28.28
C SER E 208 -21.68 11.69 -28.71
N THR E 209 -22.25 10.84 -29.57
CA THR E 209 -21.60 9.58 -29.93
C THR E 209 -21.05 9.59 -31.34
N LEU E 210 -21.02 10.75 -31.97
CA LEU E 210 -20.53 10.85 -33.35
C LEU E 210 -19.05 11.24 -33.36
N TYR E 211 -18.27 10.54 -34.18
CA TYR E 211 -16.85 10.80 -34.30
C TYR E 211 -16.40 10.63 -35.73
N PRO E 212 -15.24 11.21 -36.08
CA PRO E 212 -14.63 10.79 -37.34
C PRO E 212 -14.20 9.34 -37.25
N GLY E 213 -14.46 8.55 -38.27
CA GLY E 213 -14.07 7.15 -38.27
C GLY E 213 -15.07 6.19 -37.64
N GLY E 214 -16.26 6.69 -37.30
CA GLY E 214 -17.28 5.83 -36.73
C GLY E 214 -18.09 6.46 -35.62
N VAL E 215 -18.77 5.62 -34.83
CA VAL E 215 -19.59 6.11 -33.73
C VAL E 215 -19.21 5.42 -32.42
N GLY E 216 -19.73 5.91 -31.31
CA GLY E 216 -19.48 5.30 -30.02
C GLY E 216 -20.64 4.45 -29.55
N THR E 217 -21.72 4.47 -30.32
CA THR E 217 -22.91 3.67 -30.01
C THR E 217 -22.57 2.18 -29.94
N VAL E 218 -22.95 1.52 -28.85
CA VAL E 218 -22.77 0.09 -28.74
C VAL E 218 -23.91 -0.68 -29.43
N PRO E 219 -23.59 -1.40 -30.50
CA PRO E 219 -24.60 -2.20 -31.23
C PRO E 219 -25.03 -3.43 -30.46
N THR E 220 -26.28 -3.48 -30.03
CA THR E 220 -26.84 -4.69 -29.42
C THR E 220 -28.21 -4.93 -30.00
N ILE E 221 -28.74 -6.13 -29.82
CA ILE E 221 -30.08 -6.43 -30.30
C ILE E 221 -31.10 -5.52 -29.61
N GLN E 222 -30.81 -5.08 -28.38
CA GLN E 222 -31.65 -4.11 -27.68
C GLN E 222 -31.70 -2.76 -28.38
N LEU E 223 -30.54 -2.25 -28.78
CA LEU E 223 -30.46 -0.97 -29.44
C LEU E 223 -31.44 -0.88 -30.61
N PHE E 224 -31.46 -1.92 -31.44
CA PHE E 224 -32.28 -1.92 -32.64
C PHE E 224 -33.71 -2.32 -32.33
N THR E 225 -33.91 -3.02 -31.21
CA THR E 225 -35.25 -3.34 -30.73
C THR E 225 -35.99 -2.08 -30.31
N ASP E 226 -35.31 -1.23 -29.52
CA ASP E 226 -35.90 0.00 -28.99
C ASP E 226 -36.20 1.04 -30.06
N TYR E 227 -35.45 0.96 -31.16
CA TYR E 227 -35.65 1.87 -32.29
C TYR E 227 -36.80 1.40 -33.17
N ILE E 228 -36.81 0.11 -33.51
CA ILE E 228 -37.84 -0.45 -34.38
C ILE E 228 -39.20 -0.38 -33.72
N THR E 229 -39.21 -0.63 -32.42
CA THR E 229 -40.42 -0.56 -31.63
C THR E 229 -41.07 0.81 -31.71
N ARG E 230 -40.24 1.85 -31.67
CA ARG E 230 -40.74 3.22 -31.74
C ARG E 230 -41.06 3.63 -33.17
N LEU E 231 -40.27 3.12 -34.10
CA LEU E 231 -40.47 3.40 -35.53
C LEU E 231 -41.85 2.98 -35.99
N MET E 232 -42.22 1.73 -35.67
CA MET E 232 -43.52 1.18 -36.06
C MET E 232 -44.65 2.10 -35.64
N LYS E 233 -44.48 2.76 -34.49
CA LYS E 233 -45.46 3.71 -34.01
C LYS E 233 -45.49 4.98 -34.86
N TYR E 234 -44.34 5.37 -35.38
CA TYR E 234 -44.27 6.55 -36.24
C TYR E 234 -44.85 6.23 -37.61
N VAL E 235 -44.62 5.01 -38.09
CA VAL E 235 -45.17 4.56 -39.36
C VAL E 235 -46.69 4.67 -39.40
N GLU E 236 -47.35 4.07 -38.42
CA GLU E 236 -48.82 4.12 -38.36
C GLU E 236 -49.32 5.56 -38.29
N PHE E 237 -48.60 6.37 -37.53
CA PHE E 237 -48.92 7.79 -37.39
C PHE E 237 -48.93 8.50 -38.75
N MET E 238 -48.08 8.04 -39.67
CA MET E 238 -47.96 8.66 -40.98
C MET E 238 -49.10 8.25 -41.91
N LYS E 239 -49.59 7.02 -41.75
CA LYS E 239 -50.80 6.58 -42.46
C LYS E 239 -51.96 7.52 -42.19
N LYS E 240 -51.99 8.09 -40.99
CA LYS E 240 -52.97 9.08 -40.60
C LYS E 240 -52.62 10.49 -41.10
N VAL E 241 -51.33 10.84 -41.07
CA VAL E 241 -50.90 12.22 -41.28
C VAL E 241 -50.71 12.58 -42.76
N VAL E 242 -50.36 11.60 -43.59
CA VAL E 242 -50.26 11.86 -45.02
C VAL E 242 -51.60 12.29 -45.60
N PRO E 243 -52.63 11.43 -45.49
CA PRO E 243 -53.97 11.83 -45.93
C PRO E 243 -54.47 13.08 -45.22
N LEU E 244 -54.10 13.24 -43.96
CA LEU E 244 -54.58 14.35 -43.16
C LEU E 244 -54.17 15.68 -43.77
N HIS E 245 -52.96 15.71 -44.34
CA HIS E 245 -52.43 16.96 -44.85
C HIS E 245 -52.77 17.18 -46.31
N ASP E 246 -52.88 16.10 -47.08
CA ASP E 246 -53.32 16.21 -48.47
C ASP E 246 -54.68 16.89 -48.51
N ASP E 247 -55.59 16.42 -47.66
CA ASP E 247 -56.94 16.98 -47.59
C ASP E 247 -56.93 18.46 -47.22
N LEU E 248 -56.06 18.84 -46.29
CA LEU E 248 -56.00 20.25 -45.88
C LEU E 248 -55.37 21.12 -46.96
N PHE E 249 -54.44 20.55 -47.72
CA PHE E 249 -53.76 21.32 -48.76
C PHE E 249 -54.52 21.29 -50.07
N ASP E 250 -55.12 20.14 -50.39
CA ASP E 250 -55.99 20.05 -51.55
C ASP E 250 -57.15 21.02 -51.39
N PHE E 251 -57.53 21.29 -50.15
CA PHE E 251 -58.60 22.22 -49.83
C PHE E 251 -58.30 23.63 -50.33
N PHE E 252 -57.15 24.17 -49.95
CA PHE E 252 -56.79 25.53 -50.37
C PHE E 252 -56.69 25.64 -51.89
N TYR E 253 -56.33 24.55 -52.55
CA TYR E 253 -56.28 24.51 -54.02
C TYR E 253 -57.68 24.54 -54.61
N GLU E 254 -58.64 23.96 -53.88
CA GLU E 254 -60.04 23.99 -54.30
C GLU E 254 -60.73 25.24 -53.73
N ALA E 255 -60.43 25.54 -52.47
CA ALA E 255 -61.04 26.67 -51.78
C ALA E 255 -60.67 27.98 -52.46
N LEU E 256 -59.41 28.09 -52.87
CA LEU E 256 -58.92 29.27 -53.58
C LEU E 256 -58.22 28.87 -54.86
N PRO E 257 -58.97 28.73 -55.97
CA PRO E 257 -58.34 28.34 -57.24
C PRO E 257 -57.25 29.32 -57.65
N GLY E 258 -56.06 28.79 -57.93
CA GLY E 258 -54.95 29.61 -58.34
C GLY E 258 -53.95 29.86 -57.23
N TYR E 259 -54.34 29.55 -55.99
CA TYR E 259 -53.49 29.79 -54.83
C TYR E 259 -52.12 29.15 -55.02
N GLU E 260 -52.06 28.20 -55.95
CA GLU E 260 -50.80 27.59 -56.35
C GLU E 260 -49.73 28.65 -56.65
N GLU E 261 -50.17 29.82 -57.10
CA GLU E 261 -49.23 30.88 -57.49
C GLU E 261 -48.41 31.41 -56.32
N VAL E 262 -48.96 31.36 -55.12
CA VAL E 262 -48.28 31.91 -53.95
C VAL E 262 -47.00 31.14 -53.61
N GLY E 263 -45.89 31.87 -53.48
CA GLY E 263 -44.62 31.28 -53.13
C GLY E 263 -44.01 30.35 -54.17
N ARG E 264 -44.18 30.69 -55.45
CA ARG E 264 -43.64 29.86 -56.52
C ARG E 264 -42.47 30.53 -57.23
N ARG E 265 -41.63 29.69 -57.85
CA ARG E 265 -40.51 30.16 -58.65
C ARG E 265 -40.17 29.10 -59.69
N ARG E 266 -39.16 29.39 -60.51
CA ARG E 266 -38.69 28.40 -61.47
C ARG E 266 -38.10 27.22 -60.72
N ILE E 267 -38.21 26.04 -61.31
CA ILE E 267 -37.68 24.83 -60.68
C ILE E 267 -36.15 24.89 -60.58
N LEU E 268 -35.66 25.60 -59.56
CA LEU E 268 -34.23 25.72 -59.32
C LEU E 268 -33.86 25.00 -58.03
N LEU E 269 -33.83 23.68 -58.09
CA LEU E 269 -33.73 22.86 -56.89
C LEU E 269 -32.37 22.18 -56.67
N GLY E 270 -31.90 22.24 -55.44
CA GLY E 270 -30.68 21.57 -55.07
C GLY E 270 -30.93 20.37 -54.17
N CYS E 271 -30.23 19.28 -54.47
CA CYS E 271 -30.24 18.10 -53.62
C CYS E 271 -28.91 17.40 -53.69
N TRP E 272 -28.18 17.40 -52.57
CA TRP E 272 -26.83 16.87 -52.53
C TRP E 272 -26.77 15.51 -51.86
N GLY E 273 -27.85 14.74 -51.95
CA GLY E 273 -27.87 13.36 -51.49
C GLY E 273 -28.09 13.24 -50.00
N SER E 274 -28.49 12.05 -49.55
CA SER E 274 -28.77 11.83 -48.14
C SER E 274 -28.06 10.62 -47.57
N PHE E 275 -28.83 9.57 -47.30
CA PHE E 275 -28.33 8.39 -46.63
C PHE E 275 -27.38 7.61 -47.54
N GLN E 276 -26.34 7.02 -46.94
CA GLN E 276 -25.22 6.48 -47.71
C GLN E 276 -25.02 4.95 -47.59
N ASP E 277 -24.39 4.39 -48.61
CA ASP E 277 -24.24 2.95 -48.73
C ASP E 277 -22.82 2.49 -48.39
N PRO E 278 -22.63 2.00 -47.15
CA PRO E 278 -21.32 1.47 -46.72
C PRO E 278 -20.80 0.37 -47.65
N ASN E 279 -21.69 -0.22 -48.45
CA ASN E 279 -21.27 -1.20 -49.44
C ASN E 279 -20.39 -0.53 -50.49
N VAL E 280 -20.66 0.74 -50.77
CA VAL E 280 -19.95 1.46 -51.83
C VAL E 280 -19.08 2.63 -51.33
N CYS E 281 -19.55 3.35 -50.33
CA CYS E 281 -18.89 4.58 -49.90
C CYS E 281 -17.60 4.33 -49.09
N ASP E 282 -16.48 4.81 -49.64
CA ASP E 282 -15.18 4.72 -48.98
C ASP E 282 -14.68 6.11 -48.58
N TYR E 283 -15.42 7.14 -48.97
CA TYR E 283 -15.17 8.53 -48.57
C TYR E 283 -13.93 9.13 -49.22
N ASN E 284 -13.69 8.75 -50.47
CA ASN E 284 -12.63 9.35 -51.27
C ASN E 284 -13.24 10.35 -52.25
N TYR E 285 -12.54 11.45 -52.53
CA TYR E 285 -13.10 12.47 -53.40
C TYR E 285 -13.34 11.93 -54.82
N ARG E 286 -12.44 11.07 -55.27
CA ARG E 286 -12.54 10.52 -56.62
C ARG E 286 -13.79 9.66 -56.77
N THR E 287 -13.89 8.63 -55.93
CA THR E 287 -15.03 7.72 -55.94
C THR E 287 -16.30 8.42 -55.46
N MET E 288 -16.17 9.69 -55.07
CA MET E 288 -17.31 10.47 -54.60
C MET E 288 -18.37 10.64 -55.68
N THR E 289 -17.94 10.58 -56.93
CA THR E 289 -18.89 10.60 -58.03
C THR E 289 -19.82 9.39 -57.93
N LYS E 290 -19.22 8.22 -57.78
CA LYS E 290 -19.96 6.96 -57.78
C LYS E 290 -20.92 6.84 -56.59
N TRP E 291 -20.38 6.75 -55.38
CA TRP E 291 -21.23 6.57 -54.21
C TRP E 291 -22.07 7.82 -53.94
N GLY E 292 -21.84 8.88 -54.71
CA GLY E 292 -22.75 10.00 -54.71
C GLY E 292 -24.09 9.55 -55.26
N ARG E 293 -24.03 8.72 -56.31
CA ARG E 293 -25.23 8.20 -56.96
C ARG E 293 -26.04 7.27 -56.06
N GLY E 294 -25.35 6.26 -55.51
CA GLY E 294 -25.99 5.20 -54.77
C GLY E 294 -26.53 5.59 -53.41
N MET E 295 -26.63 6.89 -53.15
CA MET E 295 -27.21 7.36 -51.89
C MET E 295 -28.73 7.26 -51.93
N PHE E 296 -29.32 6.84 -50.82
CA PHE E 296 -30.75 6.50 -50.79
C PHE E 296 -31.65 7.73 -50.91
N VAL E 297 -31.04 8.88 -51.16
CA VAL E 297 -31.74 10.05 -51.68
C VAL E 297 -30.82 10.67 -52.72
N THR E 298 -31.10 10.36 -53.98
CA THR E 298 -30.21 10.71 -55.09
C THR E 298 -29.91 12.20 -55.16
N PRO E 299 -28.62 12.56 -55.21
CA PRO E 299 -28.23 13.96 -55.31
C PRO E 299 -28.48 14.49 -56.69
N GLY E 300 -28.75 15.78 -56.81
CA GLY E 300 -28.85 16.37 -58.14
C GLY E 300 -29.44 17.76 -58.16
N VAL E 301 -29.01 18.55 -59.14
CA VAL E 301 -29.68 19.79 -59.48
C VAL E 301 -30.80 19.46 -60.45
N VAL E 302 -32.00 19.92 -60.16
CA VAL E 302 -33.11 19.78 -61.09
C VAL E 302 -33.44 21.14 -61.67
N VAL E 303 -33.38 21.25 -62.99
CA VAL E 303 -33.70 22.50 -63.66
C VAL E 303 -34.08 22.30 -65.13
N ASP E 304 -35.32 22.64 -65.44
CA ASP E 304 -36.31 22.87 -64.40
C ASP E 304 -37.52 22.04 -64.82
N GLY E 305 -37.65 20.91 -64.15
CA GLY E 305 -38.43 19.81 -64.68
C GLY E 305 -37.44 18.86 -65.32
N GLU E 306 -36.21 19.34 -65.45
CA GLU E 306 -35.11 18.54 -66.00
C GLU E 306 -33.99 18.37 -64.99
N LEU E 307 -33.22 17.29 -65.13
CA LEU E 307 -32.18 16.92 -64.18
C LEU E 307 -30.80 16.90 -64.84
N LEU E 308 -29.87 17.67 -64.26
CA LEU E 308 -28.55 17.88 -64.85
C LEU E 308 -27.50 16.86 -64.41
N THR E 309 -27.40 16.62 -63.10
CA THR E 309 -26.25 15.89 -62.57
C THR E 309 -26.58 14.67 -61.71
N THR E 310 -25.77 13.64 -61.91
CA THR E 310 -25.79 12.43 -61.10
C THR E 310 -24.56 12.44 -60.20
N ASP E 311 -23.74 13.48 -60.36
CA ASP E 311 -22.40 13.53 -59.77
C ASP E 311 -22.21 14.74 -58.84
N LEU E 312 -21.68 14.46 -57.65
CA LEU E 312 -21.43 15.52 -56.66
C LEU E 312 -20.18 16.33 -56.98
N VAL E 313 -19.15 15.66 -57.51
CA VAL E 313 -17.96 16.35 -57.99
C VAL E 313 -18.40 17.40 -58.99
N ASP E 314 -19.32 17.00 -59.86
CA ASP E 314 -19.92 17.89 -60.83
C ASP E 314 -20.55 19.11 -60.18
N ILE E 315 -21.40 18.87 -59.17
CA ILE E 315 -22.14 19.94 -58.52
C ILE E 315 -21.27 20.71 -57.53
N ASN E 316 -20.33 20.02 -56.89
CA ASN E 316 -19.42 20.65 -55.95
C ASN E 316 -18.63 21.79 -56.60
N LEU E 317 -18.01 21.49 -57.74
CA LEU E 317 -17.13 22.45 -58.40
C LEU E 317 -17.85 23.71 -58.82
N ASN E 318 -19.16 23.61 -59.03
CA ASN E 318 -19.92 24.71 -59.61
C ASN E 318 -20.52 25.68 -58.58
N ILE E 319 -20.21 25.48 -57.31
CA ILE E 319 -20.75 26.32 -56.25
C ILE E 319 -19.97 27.62 -56.04
N ARG E 320 -20.69 28.75 -56.05
CA ARG E 320 -20.06 30.06 -55.89
C ARG E 320 -20.79 30.91 -54.86
N ILE E 321 -20.03 31.53 -53.96
CA ILE E 321 -20.62 32.45 -52.98
C ILE E 321 -20.42 33.91 -53.40
N LEU E 322 -21.53 34.59 -53.67
CA LEU E 322 -21.50 35.97 -54.12
C LEU E 322 -21.86 36.90 -52.97
N LEU E 323 -21.74 38.21 -53.16
CA LEU E 323 -21.77 39.11 -52.00
C LEU E 323 -22.42 40.45 -52.26
N GLY E 324 -23.34 40.51 -53.23
CA GLY E 324 -23.94 41.76 -53.62
C GLY E 324 -24.63 42.56 -52.52
N SER E 325 -25.09 41.88 -51.47
CA SER E 325 -25.94 42.54 -50.48
C SER E 325 -25.64 42.18 -49.02
N SER E 326 -24.41 41.76 -48.72
CA SER E 326 -24.09 41.26 -47.38
C SER E 326 -23.05 42.10 -46.64
N PHE E 327 -23.03 42.00 -45.31
CA PHE E 327 -22.11 42.78 -44.48
C PHE E 327 -20.70 42.20 -44.41
N TYR E 328 -20.07 41.97 -45.57
CA TYR E 328 -18.70 41.48 -45.60
C TYR E 328 -17.87 42.29 -46.62
N GLN E 329 -16.55 42.22 -46.52
CA GLN E 329 -15.70 43.05 -47.36
C GLN E 329 -15.25 42.32 -48.63
N ASP E 330 -15.50 41.02 -48.70
CA ASP E 330 -15.13 40.19 -49.84
C ASP E 330 -13.64 39.89 -49.81
N TRP E 331 -13.27 38.68 -50.25
CA TRP E 331 -11.89 38.23 -50.15
C TRP E 331 -11.12 38.32 -51.45
N ASP E 332 -11.23 39.47 -52.13
CA ASP E 332 -10.49 39.72 -53.36
C ASP E 332 -8.99 39.53 -53.13
N HIS E 333 -8.47 40.22 -52.13
CA HIS E 333 -7.05 40.26 -51.87
C HIS E 333 -6.65 39.29 -50.77
N GLU E 334 -7.42 38.23 -50.61
CA GLU E 334 -7.12 37.21 -49.62
C GLU E 334 -6.62 35.94 -50.30
N GLU E 335 -5.59 35.33 -49.73
CA GLU E 335 -4.92 34.21 -50.39
C GLU E 335 -5.76 32.94 -50.46
N THR E 336 -5.81 32.37 -51.65
CA THR E 336 -6.46 31.08 -51.90
C THR E 336 -5.71 29.97 -51.19
N SER E 337 -6.37 28.83 -50.98
CA SER E 337 -5.71 27.70 -50.35
C SER E 337 -5.89 26.43 -51.19
N VAL E 338 -6.93 26.41 -52.02
CA VAL E 338 -7.22 25.26 -52.86
C VAL E 338 -7.40 25.68 -54.33
N LYS E 339 -6.47 25.26 -55.17
CA LYS E 339 -6.51 25.58 -56.59
C LYS E 339 -7.12 24.44 -57.40
N ASN E 340 -6.84 23.21 -56.98
CA ASN E 340 -7.35 22.03 -57.64
C ASN E 340 -7.97 21.05 -56.65
N ASP E 341 -8.96 20.29 -57.10
CA ASP E 341 -9.53 19.21 -56.30
C ASP E 341 -8.60 18.00 -56.34
N PRO E 342 -8.87 16.99 -55.51
CA PRO E 342 -8.06 15.77 -55.47
C PRO E 342 -8.02 14.99 -56.79
N LEU E 343 -8.82 15.40 -57.77
CA LEU E 343 -8.85 14.70 -59.06
C LEU E 343 -8.30 15.54 -60.20
N GLY E 344 -7.73 16.70 -59.86
CA GLY E 344 -7.06 17.53 -60.85
C GLY E 344 -7.88 18.68 -61.39
N ASN E 345 -9.20 18.65 -61.16
CA ASN E 345 -10.10 19.70 -61.64
C ASN E 345 -9.71 21.09 -61.16
N ALA E 346 -10.15 22.11 -61.89
CA ALA E 346 -9.93 23.50 -61.51
C ALA E 346 -10.95 23.93 -60.46
N VAL E 347 -10.51 24.73 -59.49
CA VAL E 347 -11.36 25.19 -58.41
C VAL E 347 -11.46 26.72 -58.37
N ASP E 348 -12.69 27.23 -58.30
CA ASP E 348 -12.94 28.67 -58.34
C ASP E 348 -12.48 29.38 -57.07
N ARG E 349 -12.52 30.71 -57.09
CA ARG E 349 -12.08 31.52 -55.96
C ARG E 349 -13.22 31.82 -54.99
N LYS E 350 -14.42 32.04 -55.53
CA LYS E 350 -15.59 32.33 -54.71
C LYS E 350 -16.20 31.05 -54.16
N HIS E 351 -15.53 29.93 -54.41
CA HIS E 351 -15.95 28.65 -53.84
C HIS E 351 -15.51 28.57 -52.38
N PRO E 352 -16.40 28.05 -51.51
CA PRO E 352 -16.24 27.92 -50.06
C PRO E 352 -14.86 27.47 -49.60
N TRP E 353 -14.21 26.61 -50.36
CA TRP E 353 -12.87 26.14 -50.04
C TRP E 353 -11.88 27.30 -50.02
N ASN E 354 -12.14 28.31 -50.85
CA ASN E 354 -11.23 29.46 -51.00
C ASN E 354 -11.82 30.74 -50.43
N GLN E 355 -12.89 30.61 -49.65
CA GLN E 355 -13.57 31.75 -49.05
C GLN E 355 -12.87 32.26 -47.78
N THR E 356 -12.91 33.57 -47.59
CA THR E 356 -12.45 34.18 -46.35
C THR E 356 -13.47 35.18 -45.83
N THR E 357 -13.95 34.94 -44.61
CA THR E 357 -15.03 35.74 -44.05
C THR E 357 -14.51 36.96 -43.30
N LEU E 358 -14.73 38.12 -43.88
CA LEU E 358 -14.42 39.38 -43.20
C LEU E 358 -15.71 40.02 -42.76
N PRO E 359 -16.02 39.94 -41.46
CA PRO E 359 -17.25 40.49 -40.88
C PRO E 359 -17.24 42.00 -40.83
N ARG E 360 -18.22 42.64 -41.45
CA ARG E 360 -18.26 44.09 -41.52
C ARG E 360 -19.55 44.65 -40.95
N PRO E 361 -19.59 44.84 -39.62
CA PRO E 361 -20.74 45.38 -38.90
C PRO E 361 -21.05 46.81 -39.32
N GLN E 362 -22.22 47.04 -39.89
CA GLN E 362 -22.59 48.36 -40.38
C GLN E 362 -24.11 48.59 -40.37
N LYS E 363 -24.50 49.85 -40.43
CA LYS E 363 -25.91 50.24 -40.42
C LYS E 363 -26.67 49.58 -41.56
N ARG E 364 -27.94 49.28 -41.33
CA ARG E 364 -28.76 48.59 -42.32
C ARG E 364 -29.26 49.56 -43.40
N ASN E 365 -29.29 49.08 -44.64
CA ASN E 365 -29.80 49.86 -45.77
C ASN E 365 -30.15 48.98 -46.95
N PHE E 366 -31.44 48.91 -47.27
CA PHE E 366 -31.93 47.94 -48.26
C PHE E 366 -31.57 48.36 -49.68
N GLY E 367 -30.86 49.47 -49.80
CA GLY E 367 -30.35 49.89 -51.09
C GLY E 367 -29.21 48.99 -51.53
N GLY E 368 -28.39 48.56 -50.58
CA GLY E 368 -27.24 47.74 -50.90
C GLY E 368 -26.81 46.73 -49.85
N ASN E 369 -26.66 47.18 -48.61
CA ASN E 369 -26.16 46.33 -47.53
C ASN E 369 -27.18 46.12 -46.40
N TYR E 370 -27.78 44.93 -46.32
CA TYR E 370 -28.87 44.75 -45.37
C TYR E 370 -29.05 43.33 -44.81
N THR E 371 -28.01 42.49 -44.82
CA THR E 371 -28.15 41.15 -44.24
C THR E 371 -26.83 40.43 -44.00
N TRP E 372 -26.73 39.74 -42.87
CA TRP E 372 -25.54 38.97 -42.54
C TRP E 372 -25.44 37.70 -43.37
N VAL E 373 -26.44 37.44 -44.21
CA VAL E 373 -26.50 36.21 -44.98
C VAL E 373 -25.85 36.36 -46.34
N MET E 374 -24.83 35.55 -46.62
CA MET E 374 -24.15 35.63 -47.92
C MET E 374 -25.05 35.09 -49.04
N SER E 375 -24.63 35.28 -50.28
CA SER E 375 -25.47 35.00 -51.44
C SER E 375 -24.92 33.87 -52.31
N PRO E 376 -25.07 32.62 -51.85
CA PRO E 376 -24.59 31.47 -52.60
C PRO E 376 -25.40 31.25 -53.88
N ARG E 377 -24.72 30.96 -54.99
CA ARG E 377 -25.39 30.65 -56.24
C ARG E 377 -24.75 29.43 -56.90
N TRP E 378 -25.37 28.93 -57.96
CA TRP E 378 -24.81 27.79 -58.66
C TRP E 378 -24.48 28.13 -60.12
N LEU E 379 -23.59 27.34 -60.72
CA LEU E 379 -23.08 27.62 -62.06
C LEU E 379 -23.48 26.55 -63.07
N ASP E 380 -24.29 26.94 -64.05
CA ASP E 380 -24.64 26.04 -65.14
C ASP E 380 -23.58 26.12 -66.23
N LYS E 381 -22.86 25.03 -66.42
CA LYS E 381 -21.80 24.93 -67.42
C LYS E 381 -22.35 25.14 -68.83
N ARG E 382 -23.60 24.72 -69.02
CA ARG E 382 -24.25 24.82 -70.32
C ARG E 382 -24.56 26.26 -70.73
N THR E 383 -24.92 27.09 -69.75
CA THR E 383 -25.50 28.39 -70.05
C THR E 383 -24.72 29.61 -69.53
N GLY E 384 -23.80 29.39 -68.60
CA GLY E 384 -23.04 30.48 -68.02
C GLY E 384 -23.91 31.38 -67.15
N ASP E 385 -24.90 30.78 -66.51
CA ASP E 385 -25.80 31.50 -65.64
C ASP E 385 -25.49 31.14 -64.19
N HIS E 386 -25.64 32.11 -63.29
CA HIS E 386 -25.46 31.87 -61.86
C HIS E 386 -26.79 31.96 -61.12
N LEU E 387 -27.59 30.92 -61.25
CA LEU E 387 -28.96 30.93 -60.75
C LEU E 387 -29.03 30.70 -59.25
N ALA E 388 -30.01 31.35 -58.62
CA ALA E 388 -30.24 31.23 -57.19
C ALA E 388 -30.99 29.94 -56.87
N LEU E 389 -30.26 28.82 -56.93
CA LEU E 389 -30.83 27.51 -56.65
C LEU E 389 -31.40 27.49 -55.23
N ASP E 390 -32.54 26.83 -55.07
CA ASP E 390 -33.20 26.76 -53.77
C ASP E 390 -33.49 25.32 -53.37
N THR E 391 -33.88 25.14 -52.11
CA THR E 391 -34.26 23.84 -51.59
C THR E 391 -35.78 23.75 -51.50
N GLY E 392 -36.39 24.91 -51.26
CA GLY E 392 -37.82 25.00 -51.14
C GLY E 392 -38.31 24.66 -49.74
N GLY E 393 -37.46 23.98 -48.96
CA GLY E 393 -37.91 23.50 -47.67
C GLY E 393 -36.90 22.77 -46.79
N GLY E 394 -36.21 21.78 -47.34
CA GLY E 394 -36.38 21.36 -48.71
C GLY E 394 -36.61 19.87 -48.86
N PRO E 395 -37.73 19.38 -48.33
CA PRO E 395 -38.18 18.01 -48.67
C PRO E 395 -38.71 17.98 -50.11
N ILE E 396 -39.09 19.15 -50.62
CA ILE E 396 -39.59 19.28 -51.98
C ILE E 396 -38.48 19.04 -53.01
N ALA E 397 -37.35 19.71 -52.82
CA ALA E 397 -36.19 19.53 -53.69
C ALA E 397 -35.72 18.08 -53.67
N ARG E 398 -35.66 17.51 -52.48
CA ARG E 398 -35.24 16.12 -52.28
C ARG E 398 -36.07 15.15 -53.12
N LEU E 399 -37.38 15.15 -52.90
CA LEU E 399 -38.29 14.23 -53.59
C LEU E 399 -38.23 14.37 -55.10
N TRP E 400 -38.09 15.60 -55.59
CA TRP E 400 -38.06 15.84 -57.01
C TRP E 400 -36.86 15.16 -57.66
N ALA E 401 -35.69 15.34 -57.07
CA ALA E 401 -34.45 14.78 -57.60
C ALA E 401 -34.46 13.25 -57.67
N THR E 402 -34.92 12.62 -56.60
CA THR E 402 -34.93 11.16 -56.51
C THR E 402 -35.86 10.52 -57.52
N ALA E 403 -37.03 11.12 -57.71
CA ALA E 403 -38.03 10.63 -58.64
C ALA E 403 -37.45 10.50 -60.04
N LEU E 404 -36.66 11.49 -60.43
CA LEU E 404 -36.06 11.53 -61.75
C LEU E 404 -34.93 10.52 -61.90
N ALA E 405 -34.06 10.44 -60.90
CA ALA E 405 -32.91 9.54 -60.94
C ALA E 405 -33.31 8.11 -61.31
N GLY E 406 -34.42 7.65 -60.75
CA GLY E 406 -34.86 6.27 -60.96
C GLY E 406 -33.77 5.31 -60.56
N LEU E 407 -33.05 5.67 -59.50
CA LEU E 407 -31.85 4.95 -59.11
C LEU E 407 -32.01 4.25 -57.77
N VAL E 408 -32.82 4.84 -56.89
CA VAL E 408 -33.09 4.23 -55.59
C VAL E 408 -34.10 3.11 -55.71
N ASP E 409 -33.66 1.88 -55.43
CA ASP E 409 -34.56 0.74 -55.37
C ASP E 409 -34.42 0.09 -54.01
N ILE E 410 -35.22 0.55 -53.06
CA ILE E 410 -35.14 0.04 -51.68
C ILE E 410 -36.34 -0.85 -51.36
N GLY E 411 -37.37 -0.76 -52.20
CA GLY E 411 -38.61 -1.47 -51.94
C GLY E 411 -39.55 -0.52 -51.22
N TYR E 412 -39.21 -0.22 -49.97
CA TYR E 412 -39.93 0.77 -49.18
C TYR E 412 -39.95 2.09 -49.93
N ILE E 413 -38.81 2.43 -50.53
CA ILE E 413 -38.69 3.54 -51.46
C ILE E 413 -38.31 3.01 -52.83
N LYS E 414 -39.08 3.38 -53.84
CA LYS E 414 -38.76 2.97 -55.21
C LYS E 414 -38.94 4.14 -56.15
N SER E 415 -37.94 4.34 -57.00
CA SER E 415 -37.99 5.39 -58.01
C SER E 415 -38.39 4.83 -59.37
N THR E 416 -39.42 5.41 -59.96
CA THR E 416 -39.86 5.04 -61.30
C THR E 416 -39.19 5.96 -62.32
N GLY E 417 -39.40 7.26 -62.12
CA GLY E 417 -38.91 8.28 -63.03
C GLY E 417 -39.88 9.44 -63.02
N HIS E 418 -41.16 9.09 -62.94
CA HIS E 418 -42.23 10.06 -62.90
C HIS E 418 -42.56 10.36 -61.44
N SER E 419 -42.07 9.53 -60.55
CA SER E 419 -42.40 9.66 -59.14
C SER E 419 -41.51 8.79 -58.25
N VAL E 420 -41.86 8.75 -56.97
CA VAL E 420 -41.21 7.86 -56.02
C VAL E 420 -42.28 7.16 -55.17
N LYS E 421 -42.13 5.84 -55.03
CA LYS E 421 -43.14 5.01 -54.37
C LYS E 421 -42.77 4.67 -52.93
N ILE E 422 -43.45 5.33 -52.00
CA ILE E 422 -43.22 5.11 -50.57
C ILE E 422 -44.20 4.08 -50.00
N TYR E 423 -43.67 2.96 -49.53
CA TYR E 423 -44.50 1.88 -49.03
C TYR E 423 -44.32 1.64 -47.52
N LEU E 424 -45.43 1.69 -46.78
CA LEU E 424 -45.43 1.45 -45.35
C LEU E 424 -46.26 0.21 -45.02
N PRO E 425 -45.60 -0.86 -44.56
CA PRO E 425 -46.25 -2.15 -44.28
C PRO E 425 -47.31 -2.06 -43.18
N ARG E 426 -48.06 -3.14 -42.98
CA ARG E 426 -49.15 -3.12 -42.01
C ARG E 426 -48.61 -2.96 -40.59
N THR E 427 -49.22 -2.04 -39.84
CA THR E 427 -48.92 -1.85 -38.43
C THR E 427 -49.84 -2.73 -37.59
N ALA E 428 -50.18 -2.27 -36.39
CA ALA E 428 -51.02 -3.05 -35.50
C ALA E 428 -52.51 -2.82 -35.74
N LEU E 429 -52.85 -1.65 -36.27
CA LEU E 429 -54.26 -1.27 -36.40
C LEU E 429 -54.65 -0.88 -37.83
N LYS E 430 -53.67 -0.63 -38.69
CA LYS E 430 -53.94 -0.33 -40.09
C LYS E 430 -53.21 -1.31 -41.01
N PRO E 431 -53.74 -1.49 -42.23
CA PRO E 431 -53.09 -2.32 -43.26
C PRO E 431 -52.03 -1.54 -44.03
N GLU E 432 -51.53 -2.12 -45.11
CA GLU E 432 -50.49 -1.50 -45.93
C GLU E 432 -50.85 -0.09 -46.38
N ALA E 433 -49.85 0.64 -46.85
CA ALA E 433 -50.07 1.95 -47.43
C ALA E 433 -48.94 2.25 -48.41
N GLU E 434 -49.28 2.89 -49.51
CA GLU E 434 -48.27 3.34 -50.45
C GLU E 434 -48.56 4.79 -50.79
N PHE E 435 -47.50 5.61 -50.79
CA PHE E 435 -47.63 7.01 -51.12
C PHE E 435 -46.72 7.39 -52.27
N GLU E 436 -47.31 7.53 -53.45
CA GLU E 436 -46.58 7.91 -54.65
C GLU E 436 -46.58 9.42 -54.80
N TRP E 437 -45.44 10.04 -54.54
CA TRP E 437 -45.30 11.47 -54.72
C TRP E 437 -44.93 11.78 -56.17
N LYS E 438 -45.89 12.33 -56.90
CA LYS E 438 -45.70 12.69 -58.30
C LYS E 438 -45.16 14.10 -58.43
N ILE E 439 -44.33 14.34 -59.44
CA ILE E 439 -43.81 15.70 -59.64
C ILE E 439 -44.98 16.66 -59.76
N PRO E 440 -44.95 17.73 -58.94
CA PRO E 440 -46.07 18.65 -58.73
C PRO E 440 -46.34 19.58 -59.90
N MET E 441 -45.48 19.58 -60.91
CA MET E 441 -45.62 20.49 -62.06
C MET E 441 -45.35 21.94 -61.65
N TRP E 442 -45.46 22.23 -60.35
CA TRP E 442 -45.24 23.57 -59.83
C TRP E 442 -44.31 23.55 -58.60
N SER E 443 -43.60 24.64 -58.38
CA SER E 443 -42.79 24.79 -57.18
C SER E 443 -43.33 25.95 -56.35
N ASN E 444 -44.38 25.68 -55.59
CA ASN E 444 -45.06 26.70 -54.81
C ASN E 444 -44.93 26.51 -53.31
N ALA E 445 -45.63 27.34 -52.55
CA ALA E 445 -45.62 27.26 -51.10
C ALA E 445 -46.32 26.00 -50.60
N ILE E 446 -47.55 25.78 -51.06
CA ILE E 446 -48.35 24.64 -50.61
C ILE E 446 -47.72 23.29 -50.98
N GLU E 447 -47.17 23.21 -52.19
CA GLU E 447 -46.61 21.95 -52.66
C GLU E 447 -45.34 21.60 -51.87
N ARG E 448 -44.67 22.64 -51.40
CA ARG E 448 -43.57 22.47 -50.46
C ARG E 448 -44.08 21.79 -49.20
N ASP E 449 -45.03 22.45 -48.54
CA ASP E 449 -45.63 21.92 -47.32
C ASP E 449 -46.21 20.54 -47.57
N ARG E 450 -46.76 20.33 -48.76
CA ARG E 450 -47.25 18.99 -49.13
C ARG E 450 -46.08 18.01 -49.16
N ALA E 451 -44.94 18.48 -49.67
CA ALA E 451 -43.75 17.64 -49.80
C ALA E 451 -43.18 17.26 -48.44
N ARG E 452 -43.23 18.19 -47.50
CA ARG E 452 -42.66 17.96 -46.18
C ARG E 452 -43.34 16.78 -45.50
N THR E 453 -44.65 16.69 -45.63
CA THR E 453 -45.39 15.59 -45.04
C THR E 453 -45.04 14.27 -45.75
N TYR E 454 -44.90 14.32 -47.06
CA TYR E 454 -44.60 13.11 -47.81
C TYR E 454 -43.21 12.57 -47.49
N PHE E 455 -42.27 13.45 -47.18
CA PHE E 455 -40.91 12.99 -46.88
C PHE E 455 -40.83 12.33 -45.51
N GLN E 456 -41.74 12.71 -44.61
CA GLN E 456 -41.80 12.05 -43.30
C GLN E 456 -42.07 10.56 -43.49
N ALA E 457 -42.94 10.24 -44.45
CA ALA E 457 -43.20 8.86 -44.82
C ALA E 457 -41.96 8.26 -45.48
N TYR E 458 -41.25 9.10 -46.22
CA TYR E 458 -39.99 8.71 -46.87
C TYR E 458 -38.99 8.27 -45.80
N SER E 459 -38.77 9.13 -44.81
CA SER E 459 -37.82 8.86 -43.74
C SER E 459 -38.18 7.57 -43.00
N ALA E 460 -39.45 7.47 -42.63
CA ALA E 460 -39.95 6.30 -41.91
C ALA E 460 -39.76 5.05 -42.75
N ALA E 461 -39.98 5.18 -44.05
CA ALA E 461 -39.78 4.10 -45.01
C ALA E 461 -38.30 3.72 -45.12
N ALA E 462 -37.46 4.72 -45.35
CA ALA E 462 -36.03 4.50 -45.46
C ALA E 462 -35.47 3.87 -44.19
N ALA E 463 -35.87 4.43 -43.05
CA ALA E 463 -35.40 3.97 -41.74
C ALA E 463 -35.69 2.49 -41.54
N LEU E 464 -36.75 2.01 -42.18
CA LEU E 464 -37.11 0.60 -42.08
C LEU E 464 -36.09 -0.29 -42.79
N TYR E 465 -35.50 0.22 -43.86
CA TYR E 465 -34.50 -0.52 -44.63
C TYR E 465 -33.15 -0.54 -43.92
N PHE E 466 -32.74 0.62 -43.41
CA PHE E 466 -31.47 0.74 -42.68
C PHE E 466 -31.43 -0.18 -41.46
N ALA E 467 -32.58 -0.37 -40.82
CA ALA E 467 -32.67 -1.23 -39.64
C ALA E 467 -32.39 -2.68 -40.02
N GLU E 468 -32.80 -3.06 -41.22
CA GLU E 468 -32.54 -4.39 -41.74
C GLU E 468 -31.03 -4.61 -41.89
N GLN E 469 -30.43 -3.77 -42.72
CA GLN E 469 -28.99 -3.81 -42.99
C GLN E 469 -28.18 -3.88 -41.70
N ALA E 470 -28.54 -3.04 -40.73
CA ALA E 470 -27.83 -2.97 -39.47
C ALA E 470 -27.89 -4.29 -38.72
N LEU E 471 -29.07 -4.91 -38.71
CA LEU E 471 -29.26 -6.15 -37.98
C LEU E 471 -28.47 -7.30 -38.61
N ALA E 472 -28.34 -7.26 -39.93
CA ALA E 472 -27.50 -8.23 -40.62
C ALA E 472 -26.08 -8.13 -40.11
N GLU E 473 -25.53 -6.93 -40.15
CA GLU E 473 -24.16 -6.67 -39.67
C GLU E 473 -24.02 -7.18 -38.25
N LEU E 474 -25.03 -6.95 -37.42
CA LEU E 474 -25.01 -7.40 -36.04
C LEU E 474 -25.08 -8.92 -35.91
N HIS E 475 -25.98 -9.55 -36.69
CA HIS E 475 -26.12 -11.00 -36.65
C HIS E 475 -24.90 -11.68 -37.26
N ALA E 476 -24.27 -11.03 -38.24
CA ALA E 476 -23.03 -11.53 -38.82
C ALA E 476 -21.92 -11.49 -37.78
N GLY E 477 -22.06 -10.61 -36.80
CA GLY E 477 -21.08 -10.50 -35.73
C GLY E 477 -20.15 -9.30 -35.90
N ARG E 478 -20.23 -8.66 -37.06
CA ARG E 478 -19.40 -7.49 -37.36
C ARG E 478 -19.88 -6.26 -36.58
N THR E 479 -19.41 -6.14 -35.34
CA THR E 479 -19.92 -5.12 -34.43
C THR E 479 -18.90 -4.05 -34.07
N ARG E 480 -17.74 -4.06 -34.72
CA ARG E 480 -16.80 -2.96 -34.56
C ARG E 480 -17.46 -1.71 -35.15
N THR E 481 -17.31 -0.60 -34.45
CA THR E 481 -18.07 0.59 -34.76
C THR E 481 -17.14 1.78 -35.10
N PHE E 482 -15.86 1.60 -34.85
CA PHE E 482 -14.87 2.66 -35.06
C PHE E 482 -13.64 2.14 -35.79
N THR E 483 -13.20 2.89 -36.80
CA THR E 483 -11.94 2.60 -37.50
C THR E 483 -10.94 3.71 -37.24
N ASP E 484 -9.79 3.35 -36.67
CA ASP E 484 -8.78 4.33 -36.27
C ASP E 484 -8.24 5.14 -37.45
N PHE E 485 -7.78 6.34 -37.17
CA PHE E 485 -7.36 7.27 -38.20
C PHE E 485 -6.20 8.14 -37.72
N LYS E 486 -5.61 8.89 -38.64
CA LYS E 486 -4.56 9.85 -38.30
C LYS E 486 -4.79 11.18 -39.03
N VAL E 487 -4.60 12.27 -38.30
CA VAL E 487 -4.82 13.61 -38.85
C VAL E 487 -3.66 14.08 -39.72
N PRO E 488 -3.87 14.14 -41.04
CA PRO E 488 -2.84 14.58 -41.99
C PRO E 488 -2.35 15.98 -41.70
N ASP E 489 -1.12 16.27 -42.09
CA ASP E 489 -0.56 17.60 -41.90
C ASP E 489 -1.07 18.54 -42.99
N GLU E 490 -1.29 18.00 -44.19
CA GLU E 490 -1.93 18.75 -45.27
C GLU E 490 -3.02 17.92 -45.94
N ALA E 491 -4.25 18.43 -45.89
CA ALA E 491 -5.39 17.74 -46.50
C ALA E 491 -6.52 18.71 -46.85
N ILE E 492 -7.42 18.28 -47.73
CA ILE E 492 -8.71 18.96 -47.89
C ILE E 492 -9.85 17.98 -47.65
N GLY E 493 -11.06 18.49 -47.69
CA GLY E 493 -12.23 17.67 -47.42
C GLY E 493 -13.54 18.35 -47.77
N CYS E 494 -14.46 17.58 -48.32
CA CYS E 494 -15.78 18.09 -48.62
C CYS E 494 -16.82 17.16 -48.02
N GLY E 495 -17.82 17.74 -47.40
CA GLY E 495 -18.93 16.98 -46.85
C GLY E 495 -20.18 17.31 -47.61
N PHE E 496 -20.86 16.30 -48.12
CA PHE E 496 -22.13 16.50 -48.78
C PHE E 496 -23.21 15.67 -48.12
N HIS E 497 -24.30 16.34 -47.79
CA HIS E 497 -25.35 15.74 -46.98
C HIS E 497 -26.60 16.60 -47.08
N GLU E 498 -27.75 15.97 -47.24
CA GLU E 498 -29.01 16.70 -47.28
C GLU E 498 -29.49 16.90 -45.85
N ALA E 499 -29.54 18.15 -45.40
CA ALA E 499 -30.07 18.46 -44.07
C ALA E 499 -31.58 18.34 -44.09
N VAL E 500 -32.22 18.71 -42.99
CA VAL E 500 -33.68 18.70 -42.93
C VAL E 500 -34.26 19.70 -43.92
N ARG E 501 -33.63 20.88 -43.97
CA ARG E 501 -34.12 21.97 -44.80
C ARG E 501 -33.46 22.00 -46.17
N GLY E 502 -32.73 20.94 -46.50
CA GLY E 502 -32.16 20.81 -47.83
C GLY E 502 -30.65 20.65 -47.88
N VAL E 503 -30.07 21.06 -48.99
CA VAL E 503 -28.64 20.88 -49.28
C VAL E 503 -27.72 21.46 -48.20
N LEU E 504 -26.77 20.66 -47.76
CA LEU E 504 -25.79 21.09 -46.78
C LEU E 504 -24.40 20.62 -47.19
N SER E 505 -23.45 21.56 -47.23
CA SER E 505 -22.07 21.26 -47.59
C SER E 505 -21.10 21.67 -46.49
N HIS E 506 -20.01 20.92 -46.34
CA HIS E 506 -18.97 21.27 -45.38
C HIS E 506 -17.60 21.17 -46.03
N HIS E 507 -17.00 22.32 -46.31
CA HIS E 507 -15.68 22.34 -46.92
C HIS E 507 -14.59 22.63 -45.90
N LEU E 508 -13.68 21.67 -45.75
CA LEU E 508 -12.64 21.72 -44.74
C LEU E 508 -11.25 21.82 -45.36
N VAL E 509 -10.38 22.58 -44.72
CA VAL E 509 -8.99 22.68 -45.16
C VAL E 509 -8.05 22.51 -43.99
N ILE E 510 -7.01 21.71 -44.17
CA ILE E 510 -6.07 21.44 -43.09
C ILE E 510 -4.65 21.81 -43.49
N ARG E 511 -4.04 22.70 -42.72
CA ARG E 511 -2.65 23.10 -42.93
C ARG E 511 -1.92 23.15 -41.59
N ASP E 512 -0.76 22.51 -41.54
CA ASP E 512 0.00 22.38 -40.30
C ASP E 512 -0.81 21.63 -39.24
N GLY E 513 -1.56 20.64 -39.66
CA GLY E 513 -2.32 19.80 -38.76
C GLY E 513 -3.46 20.53 -38.07
N LYS E 514 -3.72 21.76 -38.53
CA LYS E 514 -4.80 22.56 -37.96
C LYS E 514 -5.80 22.98 -39.05
N ILE E 515 -6.97 23.44 -38.61
CA ILE E 515 -7.98 23.94 -39.54
C ILE E 515 -7.53 25.28 -40.11
N ALA E 516 -7.23 25.28 -41.40
CA ALA E 516 -6.89 26.51 -42.12
C ALA E 516 -8.13 27.24 -42.62
N ASN E 517 -9.13 26.46 -43.02
CA ASN E 517 -10.38 27.02 -43.50
C ASN E 517 -11.54 26.05 -43.28
N TYR E 518 -12.65 26.56 -42.77
CA TYR E 518 -13.84 25.74 -42.60
C TYR E 518 -15.10 26.57 -42.84
N HIS E 519 -15.85 26.20 -43.86
CA HIS E 519 -17.10 26.89 -44.18
C HIS E 519 -18.25 25.94 -44.41
N PRO E 520 -19.23 25.94 -43.50
CA PRO E 520 -20.48 25.18 -43.61
C PRO E 520 -21.53 25.97 -44.35
N TYR E 521 -22.19 25.36 -45.32
CA TYR E 521 -23.25 26.05 -46.03
C TYR E 521 -24.53 25.24 -46.04
N PRO E 522 -25.39 25.49 -45.03
CA PRO E 522 -26.72 24.91 -44.88
C PRO E 522 -27.64 25.39 -45.98
N PRO E 523 -28.86 24.84 -46.04
CA PRO E 523 -29.87 25.21 -47.04
C PRO E 523 -30.38 26.65 -46.89
N THR E 524 -30.63 27.08 -45.66
CA THR E 524 -31.14 28.42 -45.40
C THR E 524 -30.31 29.53 -46.05
N PRO E 525 -28.97 29.48 -45.92
CA PRO E 525 -28.06 30.45 -46.53
C PRO E 525 -28.47 30.83 -47.95
N TRP E 526 -28.83 29.83 -48.75
CA TRP E 526 -29.36 30.08 -50.07
C TRP E 526 -30.71 30.81 -49.98
N ASN E 527 -31.69 30.14 -49.40
CA ASN E 527 -33.07 30.61 -49.38
C ASN E 527 -33.22 32.03 -48.83
N ALA E 528 -32.41 32.36 -47.83
CA ALA E 528 -32.53 33.64 -47.14
C ALA E 528 -31.59 34.70 -47.72
N SER E 529 -30.73 34.27 -48.63
CA SER E 529 -29.76 35.15 -49.28
C SER E 529 -30.46 36.30 -49.99
N PRO E 530 -29.77 37.45 -50.12
CA PRO E 530 -30.27 38.48 -51.04
C PRO E 530 -29.79 38.25 -52.47
N ARG E 531 -29.80 39.30 -53.27
CA ARG E 531 -29.43 39.17 -54.67
C ARG E 531 -27.91 39.24 -54.88
N ASP E 532 -27.43 38.45 -55.82
CA ASP E 532 -26.01 38.41 -56.15
C ASP E 532 -25.59 39.66 -56.92
N ILE E 533 -24.32 39.72 -57.31
CA ILE E 533 -23.81 40.83 -58.12
C ILE E 533 -24.61 40.91 -59.42
N TYR E 534 -24.96 39.76 -59.98
CA TYR E 534 -25.80 39.69 -61.17
C TYR E 534 -27.21 40.20 -60.88
N GLY E 535 -27.50 40.42 -59.60
CA GLY E 535 -28.76 41.00 -59.18
C GLY E 535 -29.92 40.04 -59.08
N THR E 536 -29.66 38.74 -59.15
CA THR E 536 -30.72 37.75 -59.11
C THR E 536 -31.24 37.60 -57.68
N PRO E 537 -32.58 37.61 -57.52
CA PRO E 537 -33.24 37.73 -56.21
C PRO E 537 -32.89 36.62 -55.21
N GLY E 538 -33.10 36.89 -53.93
CA GLY E 538 -32.96 35.86 -52.92
C GLY E 538 -34.13 34.90 -52.92
N PRO E 539 -33.85 33.58 -52.92
CA PRO E 539 -34.85 32.52 -53.07
C PRO E 539 -36.17 32.75 -52.31
N TYR E 540 -36.14 33.46 -51.18
CA TYR E 540 -37.40 33.92 -50.59
C TYR E 540 -38.01 34.98 -51.47
N GLU E 541 -37.21 36.00 -51.79
CA GLU E 541 -37.65 37.17 -52.55
C GLU E 541 -38.42 36.78 -53.82
N ASP E 542 -37.81 35.96 -54.66
CA ASP E 542 -38.46 35.55 -55.91
C ASP E 542 -39.75 34.79 -55.62
N ALA E 543 -39.74 33.98 -54.56
CA ALA E 543 -40.91 33.21 -54.20
C ALA E 543 -41.96 34.07 -53.52
N VAL E 544 -41.51 35.07 -52.77
CA VAL E 544 -42.41 35.98 -52.07
C VAL E 544 -42.85 37.12 -52.98
N GLN E 545 -42.14 37.30 -54.09
CA GLN E 545 -42.52 38.31 -55.06
C GLN E 545 -43.60 37.79 -55.99
N ASN E 546 -43.33 36.65 -56.63
CA ASN E 546 -44.31 36.01 -57.50
C ASN E 546 -45.59 35.64 -56.74
N THR E 547 -45.55 35.78 -55.42
CA THR E 547 -46.67 35.45 -54.55
C THR E 547 -47.81 36.46 -54.67
N PRO E 548 -49.00 35.97 -55.08
CA PRO E 548 -50.22 36.77 -55.11
C PRO E 548 -50.69 37.13 -53.71
N ILE E 549 -51.78 37.88 -53.58
CA ILE E 549 -52.35 38.11 -52.27
C ILE E 549 -53.81 37.67 -52.23
N PHE E 550 -54.04 36.42 -51.84
CA PHE E 550 -55.38 35.86 -51.71
C PHE E 550 -56.02 36.24 -50.37
N GLU E 551 -55.50 37.27 -49.71
CA GLU E 551 -55.97 37.62 -48.36
C GLU E 551 -57.24 38.45 -48.37
N GLU E 552 -57.93 38.47 -47.23
CA GLU E 552 -59.19 39.17 -47.10
C GLU E 552 -59.11 40.40 -46.19
N ASN E 553 -57.93 41.00 -46.05
CA ASN E 553 -57.86 42.21 -45.23
C ASN E 553 -57.05 43.33 -45.86
N GLY E 554 -57.45 44.56 -45.56
CA GLY E 554 -56.74 45.75 -46.02
C GLY E 554 -55.85 46.30 -44.93
N PRO E 555 -54.76 46.97 -45.33
CA PRO E 555 -53.58 47.35 -44.53
C PRO E 555 -53.80 47.72 -43.06
N GLU E 556 -54.87 48.44 -42.73
CA GLU E 556 -55.01 49.02 -41.38
C GLU E 556 -54.90 47.99 -40.23
N LYS E 557 -55.70 46.94 -40.29
CA LYS E 557 -55.59 45.85 -39.31
C LYS E 557 -54.72 44.72 -39.86
N PHE E 558 -54.68 44.63 -41.18
CA PHE E 558 -53.86 43.70 -41.95
C PHE E 558 -52.58 43.25 -41.25
N LYS E 559 -52.43 41.92 -41.14
CA LYS E 559 -51.27 41.32 -40.51
C LYS E 559 -50.41 40.61 -41.55
N GLY E 560 -50.98 40.39 -42.73
CA GLY E 560 -50.23 39.89 -43.87
C GLY E 560 -49.84 38.43 -43.77
N ILE E 561 -50.83 37.58 -43.60
CA ILE E 561 -50.59 36.17 -43.39
C ILE E 561 -50.06 35.47 -44.64
N ASP E 562 -50.37 36.02 -45.81
CA ASP E 562 -50.01 35.36 -47.05
C ASP E 562 -48.51 35.40 -47.34
N ILE E 563 -47.84 36.46 -46.90
CA ILE E 563 -46.40 36.52 -47.09
C ILE E 563 -45.72 35.59 -46.09
N MET E 564 -46.22 35.57 -44.86
CA MET E 564 -45.70 34.69 -43.82
C MET E 564 -45.80 33.22 -44.19
N ARG E 565 -46.93 32.84 -44.78
CA ARG E 565 -47.13 31.46 -45.25
C ARG E 565 -46.12 31.10 -46.33
N ALA E 566 -45.57 32.13 -46.98
CA ALA E 566 -44.64 31.93 -48.08
C ALA E 566 -43.21 31.74 -47.56
N VAL E 567 -42.78 32.63 -46.67
CA VAL E 567 -41.46 32.51 -46.07
C VAL E 567 -41.36 31.22 -45.24
N ARG E 568 -42.40 30.92 -44.47
CA ARG E 568 -42.38 29.74 -43.61
C ARG E 568 -42.39 28.44 -44.41
N SER E 569 -42.83 28.50 -45.67
CA SER E 569 -42.79 27.33 -46.53
C SER E 569 -41.34 26.86 -46.74
N PHE E 570 -40.42 27.81 -46.84
CA PHE E 570 -39.01 27.50 -47.04
C PHE E 570 -38.37 26.90 -45.79
N ASP E 571 -39.09 26.96 -44.68
CA ASP E 571 -38.64 26.35 -43.43
C ASP E 571 -37.37 27.03 -42.94
N PRO E 572 -37.42 28.38 -42.82
CA PRO E 572 -36.24 29.18 -42.54
C PRO E 572 -35.56 28.79 -41.25
N CYS E 573 -34.27 29.07 -41.18
CA CYS E 573 -33.46 28.68 -40.05
C CYS E 573 -32.22 29.54 -39.97
N LEU E 574 -32.36 30.70 -39.35
CA LEU E 574 -31.37 31.77 -39.44
C LEU E 574 -30.03 31.51 -38.74
N PRO E 575 -30.04 30.70 -37.67
CA PRO E 575 -28.73 30.28 -37.15
C PRO E 575 -27.91 29.57 -38.22
N CYS E 576 -28.50 28.60 -38.92
CA CYS E 576 -27.85 27.97 -40.07
C CYS E 576 -27.47 29.01 -41.12
N GLY E 577 -28.31 30.03 -41.25
CA GLY E 577 -28.19 30.99 -42.32
C GLY E 577 -26.99 31.93 -42.25
N VAL E 578 -26.57 32.27 -41.04
CA VAL E 578 -25.46 33.20 -40.88
C VAL E 578 -24.22 32.50 -40.33
N HIS E 579 -24.42 31.69 -39.30
CA HIS E 579 -23.35 30.90 -38.66
C HIS E 579 -22.05 31.70 -38.48
N ALA F 5 50.29 59.22 -13.89
CA ALA F 5 50.61 58.04 -13.08
C ALA F 5 49.43 57.06 -13.09
N VAL F 6 49.14 56.51 -14.27
CA VAL F 6 48.01 55.62 -14.44
C VAL F 6 48.43 54.14 -14.55
N PRO F 7 47.96 53.32 -13.60
CA PRO F 7 48.31 51.89 -13.51
C PRO F 7 47.81 51.08 -14.71
N TYR F 8 48.70 50.26 -15.27
CA TYR F 8 48.38 49.40 -16.39
C TYR F 8 47.14 48.55 -16.10
N GLY F 9 46.87 48.36 -14.81
CA GLY F 9 45.73 47.59 -14.38
C GLY F 9 44.40 48.29 -14.62
N ARG F 10 44.44 49.60 -14.85
CA ARG F 10 43.22 50.37 -15.05
C ARG F 10 42.52 49.96 -16.35
N LYS F 11 43.25 49.24 -17.20
CA LYS F 11 42.68 48.76 -18.45
C LYS F 11 41.64 47.67 -18.18
N THR F 12 41.38 47.40 -16.90
CA THR F 12 40.33 46.49 -16.46
C THR F 12 39.05 47.24 -16.12
N GLN F 13 39.18 48.55 -15.92
CA GLN F 13 38.06 49.37 -15.46
C GLN F 13 37.24 49.97 -16.61
N HIS F 14 35.99 49.57 -16.69
CA HIS F 14 35.12 50.02 -17.78
C HIS F 14 34.01 50.92 -17.24
N THR F 15 33.91 52.12 -17.79
CA THR F 15 32.86 53.05 -17.40
C THR F 15 31.50 52.42 -17.62
N PRO F 16 30.59 52.56 -16.64
CA PRO F 16 29.24 51.99 -16.75
C PRO F 16 28.43 52.67 -17.84
N ALA F 17 27.55 51.92 -18.49
CA ALA F 17 26.72 52.46 -19.56
C ALA F 17 25.90 53.64 -19.03
N LEU F 18 25.47 53.54 -17.79
CA LEU F 18 24.76 54.61 -17.12
C LEU F 18 25.61 55.13 -15.96
N LYS F 19 26.09 56.36 -16.08
CA LYS F 19 26.99 56.94 -15.09
C LYS F 19 26.36 57.02 -13.70
N GLU F 20 25.11 57.47 -13.64
CA GLU F 20 24.41 57.64 -12.39
C GLU F 20 22.98 57.13 -12.50
N VAL F 21 22.34 56.93 -11.35
CA VAL F 21 20.94 56.52 -11.33
C VAL F 21 20.32 56.96 -10.02
N HIS F 22 19.15 57.60 -10.11
CA HIS F 22 18.41 57.97 -8.92
C HIS F 22 17.45 56.86 -8.54
N ILE F 23 17.32 56.60 -7.25
CA ILE F 23 16.37 55.61 -6.78
C ILE F 23 15.28 56.29 -5.97
N LEU F 24 14.24 56.70 -6.68
CA LEU F 24 13.08 57.35 -6.08
C LEU F 24 12.23 56.29 -5.39
N TRP F 25 12.17 56.39 -4.06
CA TRP F 25 11.51 55.41 -3.24
C TRP F 25 10.24 56.01 -2.65
N ILE F 26 9.10 55.47 -3.04
CA ILE F 26 7.83 55.97 -2.55
C ILE F 26 7.35 55.07 -1.42
N THR F 27 7.46 55.54 -0.18
CA THR F 27 7.02 54.75 0.97
C THR F 27 5.62 55.13 1.38
N ALA F 28 5.07 56.14 0.70
CA ALA F 28 3.76 56.68 1.05
C ALA F 28 2.62 55.81 0.55
N GLY F 29 2.92 54.61 0.08
CA GLY F 29 1.90 53.65 -0.26
C GLY F 29 1.15 53.22 0.99
N LEU F 30 0.23 52.27 0.83
CA LEU F 30 -0.43 51.69 1.98
C LEU F 30 0.47 50.60 2.56
N GLY F 31 1.36 50.98 3.46
CA GLY F 31 2.30 50.03 4.03
C GLY F 31 2.79 50.39 5.42
N CYS F 32 3.80 49.68 5.91
CA CYS F 32 4.29 49.92 7.25
C CYS F 32 5.76 50.30 7.23
N ASP F 33 6.33 50.39 6.04
CA ASP F 33 7.75 50.74 5.85
C ASP F 33 8.70 49.65 6.34
N GLY F 34 8.17 48.43 6.49
CA GLY F 34 8.96 47.31 6.95
C GLY F 34 9.92 46.78 5.90
N ASP F 35 9.58 46.97 4.63
CA ASP F 35 10.47 46.59 3.55
C ASP F 35 11.66 47.55 3.51
N SER F 36 11.46 48.75 4.04
CA SER F 36 12.54 49.72 4.17
C SER F 36 13.43 49.34 5.35
N VAL F 37 12.79 49.13 6.49
CA VAL F 37 13.51 48.72 7.68
C VAL F 37 14.28 47.45 7.40
N SER F 38 13.69 46.56 6.62
CA SER F 38 14.28 45.24 6.39
C SER F 38 15.58 45.29 5.60
N ILE F 39 15.62 46.10 4.54
CA ILE F 39 16.82 46.12 3.69
C ILE F 39 18.03 46.74 4.37
N THR F 40 17.83 47.46 5.46
CA THR F 40 18.98 48.02 6.18
C THR F 40 19.74 46.89 6.87
N ALA F 41 19.06 45.75 7.04
CA ALA F 41 19.61 44.58 7.69
C ALA F 41 20.46 43.75 6.74
N ALA F 42 20.33 44.00 5.44
CA ALA F 42 21.03 43.26 4.41
C ALA F 42 22.55 43.40 4.54
N SER F 43 23.28 42.41 4.04
CA SER F 43 24.75 42.44 4.09
C SER F 43 25.36 41.89 2.80
N GLN F 44 24.51 41.55 1.84
CA GLN F 44 24.98 40.97 0.59
C GLN F 44 24.13 41.37 -0.61
N PRO F 45 24.23 42.64 -1.03
CA PRO F 45 25.05 43.68 -0.40
C PRO F 45 24.29 44.48 0.62
N SER F 46 24.99 45.25 1.45
CA SER F 46 24.31 46.15 2.37
C SER F 46 23.93 47.42 1.64
N VAL F 47 23.04 48.22 2.23
CA VAL F 47 22.67 49.48 1.63
C VAL F 47 23.89 50.40 1.52
N GLU F 48 24.71 50.43 2.56
CA GLU F 48 25.91 51.27 2.52
C GLU F 48 26.92 50.70 1.51
N ASP F 49 26.87 49.40 1.27
CA ASP F 49 27.62 48.77 0.19
C ASP F 49 27.31 49.44 -1.15
N VAL F 50 26.03 49.68 -1.36
CA VAL F 50 25.53 50.15 -2.65
C VAL F 50 25.72 51.65 -2.81
N VAL F 51 25.42 52.39 -1.75
CA VAL F 51 25.51 53.85 -1.78
C VAL F 51 26.94 54.32 -2.05
N LEU F 52 27.89 53.70 -1.36
CA LEU F 52 29.31 54.03 -1.50
C LEU F 52 29.94 53.36 -2.71
N GLY F 53 29.15 52.58 -3.43
CA GLY F 53 29.62 51.86 -4.59
C GLY F 53 30.79 50.95 -4.26
N ALA F 54 30.58 50.05 -3.32
CA ALA F 54 31.62 49.13 -2.87
C ALA F 54 32.12 48.27 -4.03
N ILE F 55 31.21 47.70 -4.79
CA ILE F 55 31.60 46.95 -5.98
C ILE F 55 31.61 47.88 -7.19
N PRO F 56 32.76 47.97 -7.87
CA PRO F 56 33.00 48.98 -8.91
C PRO F 56 32.45 48.59 -10.27
N GLY F 57 32.51 49.53 -11.20
CA GLY F 57 32.06 49.30 -12.57
C GLY F 57 30.57 49.52 -12.77
N LEU F 58 29.88 49.96 -11.71
CA LEU F 58 28.44 50.15 -11.73
C LEU F 58 28.05 51.62 -11.57
N PRO F 59 26.80 51.96 -11.95
CA PRO F 59 26.30 53.33 -11.85
C PRO F 59 26.36 53.87 -10.43
N LYS F 60 26.64 55.16 -10.29
CA LYS F 60 26.66 55.78 -8.98
C LYS F 60 25.24 55.92 -8.47
N VAL F 61 24.96 55.40 -7.29
CA VAL F 61 23.60 55.36 -6.77
C VAL F 61 23.21 56.54 -5.88
N HIS F 62 22.14 57.23 -6.29
CA HIS F 62 21.51 58.26 -5.47
C HIS F 62 20.22 57.70 -4.88
N LEU F 63 20.27 57.32 -3.61
CA LEU F 63 19.11 56.71 -2.95
C LEU F 63 18.21 57.75 -2.30
N HIS F 64 16.94 57.77 -2.68
CA HIS F 64 15.99 58.71 -2.09
C HIS F 64 14.93 57.99 -1.25
N ASN F 65 15.36 57.33 -0.18
CA ASN F 65 14.44 56.72 0.76
C ASN F 65 14.20 57.65 1.95
N PRO F 66 12.92 57.91 2.27
CA PRO F 66 12.51 58.88 3.29
C PRO F 66 12.97 58.50 4.69
N VAL F 67 13.23 57.21 4.88
CA VAL F 67 13.56 56.69 6.19
C VAL F 67 15.00 57.03 6.58
N LEU F 68 15.83 57.27 5.58
CA LEU F 68 17.27 57.46 5.79
C LEU F 68 17.81 58.79 5.28
N ALA F 69 16.97 59.55 4.60
CA ALA F 69 17.42 60.74 3.87
C ALA F 69 17.87 61.88 4.78
N TYR F 70 19.01 62.47 4.45
CA TYR F 70 19.47 63.70 5.09
C TYR F 70 18.48 64.84 4.80
N GLU F 71 18.15 65.01 3.53
CA GLU F 71 17.21 66.06 3.11
C GLU F 71 15.85 65.80 3.72
N ASN F 72 15.11 66.88 3.99
CA ASN F 72 13.80 66.78 4.65
C ASN F 72 12.76 67.67 3.97
N GLY F 73 11.50 67.28 4.11
CA GLY F 73 10.39 68.06 3.56
C GLY F 73 10.48 68.34 2.07
N ASP F 74 10.28 69.60 1.70
CA ASP F 74 10.26 70.01 0.31
C ASP F 74 11.59 69.77 -0.38
N GLU F 75 12.67 69.84 0.38
CA GLU F 75 14.01 69.64 -0.19
C GLU F 75 14.27 68.16 -0.45
N PHE F 76 13.46 67.30 0.18
CA PHE F 76 13.52 65.87 -0.07
C PHE F 76 12.69 65.51 -1.29
N MET F 77 11.53 66.13 -1.40
CA MET F 77 10.57 65.88 -2.46
C MET F 77 10.99 66.51 -3.79
N ALA F 78 12.00 67.36 -3.72
CA ALA F 78 12.44 68.13 -4.90
C ALA F 78 12.77 67.23 -6.09
N PRO F 79 13.65 66.24 -5.89
CA PRO F 79 14.06 65.36 -6.99
C PRO F 79 12.90 64.51 -7.54
N PHE F 80 11.83 64.34 -6.76
CA PHE F 80 10.64 63.61 -7.21
C PHE F 80 9.82 64.43 -8.19
N HIS F 81 9.65 65.71 -7.86
CA HIS F 81 8.97 66.65 -8.74
C HIS F 81 9.78 66.87 -10.03
N LYS F 82 11.09 67.03 -9.88
CA LYS F 82 11.95 67.22 -11.04
C LYS F 82 11.87 66.01 -11.96
N ALA F 83 11.77 64.82 -11.36
CA ALA F 83 11.61 63.59 -12.12
C ALA F 83 10.27 63.59 -12.84
N ALA F 84 9.22 64.01 -12.13
CA ALA F 84 7.88 64.05 -12.68
C ALA F 84 7.76 65.00 -13.87
N ARG F 85 8.56 66.06 -13.87
CA ARG F 85 8.53 67.04 -14.96
C ARG F 85 9.44 66.63 -16.12
N GLY F 86 10.17 65.53 -15.93
CA GLY F 86 10.98 64.97 -17.00
C GLY F 86 12.37 65.59 -17.13
N GLU F 87 12.87 66.17 -16.03
CA GLU F 87 14.20 66.74 -15.99
C GLU F 87 15.27 65.70 -15.61
N ILE F 88 14.81 64.53 -15.18
CA ILE F 88 15.69 63.44 -14.75
C ILE F 88 15.53 62.19 -15.61
N ASP F 89 16.49 61.96 -16.50
CA ASP F 89 16.42 60.85 -17.45
C ASP F 89 16.92 59.52 -16.87
N ASN F 90 17.49 59.57 -15.67
CA ASN F 90 18.07 58.38 -15.07
C ASN F 90 17.57 58.12 -13.65
N PHE F 91 16.42 57.47 -13.53
CA PHE F 91 15.90 57.13 -12.21
C PHE F 91 15.14 55.81 -12.25
N VAL F 92 14.99 55.22 -11.07
CA VAL F 92 14.27 53.96 -10.89
C VAL F 92 13.25 54.12 -9.77
N LEU F 93 11.99 53.84 -10.07
CA LEU F 93 10.91 54.06 -9.12
C LEU F 93 10.62 52.81 -8.30
N VAL F 94 10.66 52.96 -6.98
CA VAL F 94 10.37 51.86 -6.07
C VAL F 94 9.16 52.21 -5.19
N LEU F 95 8.11 51.39 -5.26
CA LEU F 95 6.95 51.61 -4.40
C LEU F 95 6.92 50.63 -3.24
N GLU F 96 6.47 51.13 -2.09
CA GLU F 96 6.36 50.34 -0.89
C GLU F 96 4.98 50.55 -0.27
N GLY F 97 4.20 49.49 -0.21
CA GLY F 97 2.81 49.59 0.21
C GLY F 97 1.87 49.45 -0.96
N SER F 98 0.61 49.11 -0.67
CA SER F 98 -0.37 48.85 -1.72
C SER F 98 -1.02 50.15 -2.20
N ILE F 99 -1.46 50.14 -3.46
CA ILE F 99 -2.01 51.32 -4.11
C ILE F 99 -3.51 51.45 -3.86
N PRO F 100 -3.93 52.57 -3.27
CA PRO F 100 -5.32 52.78 -2.87
C PRO F 100 -6.23 53.07 -4.06
N ASN F 101 -7.47 52.64 -3.96
CA ASN F 101 -8.49 52.99 -4.95
C ASN F 101 -8.99 54.39 -4.64
N GLU F 102 -8.54 55.36 -5.44
CA GLU F 102 -8.94 56.76 -5.22
C GLU F 102 -10.11 57.18 -6.14
N ARG F 103 -10.69 56.20 -6.83
CA ARG F 103 -11.81 56.47 -7.73
C ARG F 103 -13.10 56.54 -6.94
N ILE F 104 -13.15 55.83 -5.82
CA ILE F 104 -14.31 55.85 -4.95
C ILE F 104 -14.24 57.03 -3.99
N ASN F 105 -13.43 58.02 -4.35
CA ASN F 105 -13.16 59.14 -3.47
C ASN F 105 -13.03 60.46 -4.22
N GLY F 106 -12.07 61.27 -3.78
CA GLY F 106 -11.86 62.61 -4.31
C GLY F 106 -13.11 63.46 -4.45
N GLU F 107 -13.72 63.92 -3.34
CA GLU F 107 -13.36 63.59 -1.96
C GLU F 107 -11.90 63.88 -1.58
N GLY F 108 -11.45 63.24 -0.50
CA GLY F 108 -10.13 63.47 0.05
C GLY F 108 -9.06 62.54 -0.48
N TYR F 109 -8.52 61.69 0.41
CA TYR F 109 -7.44 60.79 0.02
C TYR F 109 -7.19 59.67 1.03
N TRP F 110 -6.75 58.52 0.51
CA TRP F 110 -6.37 57.38 1.33
C TRP F 110 -4.89 57.41 1.67
N ALA F 111 -4.10 57.97 0.76
CA ALA F 111 -2.67 58.06 0.94
C ALA F 111 -2.11 59.19 0.08
N ALA F 112 -1.09 59.86 0.58
CA ALA F 112 -0.48 60.99 -0.12
C ALA F 112 0.95 61.20 0.34
N MET F 113 1.75 61.86 -0.48
CA MET F 113 3.12 62.14 -0.12
C MET F 113 3.46 63.62 -0.30
N GLY F 114 3.56 64.06 -1.55
CA GLY F 114 3.90 65.44 -1.83
C GLY F 114 2.72 66.38 -1.73
N THR F 115 2.98 67.65 -2.01
CA THR F 115 1.90 68.63 -2.12
C THR F 115 2.14 69.50 -3.35
N ASP F 116 1.14 69.55 -4.24
CA ASP F 116 1.26 70.31 -5.48
C ASP F 116 1.55 71.78 -5.18
N PRO F 117 2.62 72.31 -5.80
CA PRO F 117 3.14 73.64 -5.44
C PRO F 117 2.13 74.76 -5.65
N GLN F 118 1.68 74.96 -6.88
CA GLN F 118 0.76 76.05 -7.19
C GLN F 118 -0.64 75.79 -6.66
N THR F 119 -1.08 74.53 -6.68
CA THR F 119 -2.35 74.15 -6.07
C THR F 119 -2.11 73.22 -4.89
N HIS F 120 -1.94 73.83 -3.72
CA HIS F 120 -1.42 73.16 -2.52
C HIS F 120 -2.22 71.95 -2.06
N GLN F 121 -2.15 70.87 -2.84
CA GLN F 121 -2.90 69.66 -2.51
C GLN F 121 -1.97 68.46 -2.35
N PRO F 122 -2.34 67.52 -1.48
CA PRO F 122 -1.60 66.25 -1.39
C PRO F 122 -1.60 65.51 -2.73
N ILE F 123 -0.43 65.02 -3.13
CA ILE F 123 -0.35 64.16 -4.31
C ILE F 123 -0.60 62.72 -3.88
N THR F 124 -1.63 62.09 -4.43
CA THR F 124 -1.96 60.71 -4.10
C THR F 124 -0.96 59.76 -4.72
N ILE F 125 -1.03 58.49 -4.32
CA ILE F 125 -0.14 57.50 -4.91
C ILE F 125 -0.43 57.28 -6.40
N PRO F 126 -1.72 57.19 -6.77
CA PRO F 126 -2.06 57.02 -8.18
C PRO F 126 -1.54 58.18 -9.03
N GLU F 127 -1.61 59.40 -8.49
CA GLU F 127 -1.08 60.56 -9.18
C GLU F 127 0.42 60.42 -9.42
N TRP F 128 1.17 60.14 -8.36
CA TRP F 128 2.63 59.97 -8.45
C TRP F 128 3.01 58.89 -9.46
N LEU F 129 2.25 57.80 -9.48
CA LEU F 129 2.48 56.71 -10.41
C LEU F 129 2.35 57.14 -11.87
N ASP F 130 1.23 57.81 -12.19
CA ASP F 130 0.96 58.22 -13.56
C ASP F 130 1.96 59.27 -14.05
N ARG F 131 2.59 59.96 -13.11
CA ARG F 131 3.56 60.99 -13.43
C ARG F 131 4.95 60.42 -13.63
N LEU F 132 5.34 59.49 -12.77
CA LEU F 132 6.71 58.99 -12.73
C LEU F 132 6.93 57.70 -13.53
N ALA F 133 5.98 56.77 -13.43
CA ALA F 133 6.14 55.41 -13.98
C ALA F 133 6.53 55.35 -15.45
N PRO F 134 5.89 56.16 -16.30
CA PRO F 134 6.22 56.12 -17.72
C PRO F 134 7.50 56.91 -18.07
N LYS F 135 8.23 57.39 -17.06
CA LYS F 135 9.51 58.05 -17.29
C LYS F 135 10.64 57.29 -16.63
N ALA F 136 10.29 56.41 -15.68
CA ALA F 136 11.27 55.65 -14.91
C ALA F 136 11.99 54.61 -15.75
N LEU F 137 13.29 54.44 -15.50
CA LEU F 137 14.06 53.43 -16.21
C LEU F 137 13.51 52.03 -15.90
N ALA F 138 13.00 51.86 -14.69
CA ALA F 138 12.35 50.61 -14.30
C ALA F 138 11.42 50.84 -13.12
N VAL F 139 10.53 49.91 -12.87
CA VAL F 139 9.61 50.05 -11.75
C VAL F 139 9.67 48.79 -10.89
N VAL F 140 9.79 48.98 -9.59
CA VAL F 140 10.03 47.87 -8.68
C VAL F 140 9.07 47.93 -7.52
N GLY F 141 8.44 46.79 -7.21
CA GLY F 141 7.59 46.70 -6.05
C GLY F 141 8.37 46.03 -4.93
N ALA F 142 8.53 46.74 -3.82
CA ALA F 142 9.25 46.20 -2.68
C ALA F 142 8.26 45.78 -1.61
N GLY F 143 8.04 44.47 -1.49
CA GLY F 143 7.08 43.95 -0.53
C GLY F 143 5.78 43.46 -1.16
N THR F 144 5.13 42.51 -0.49
CA THR F 144 3.91 41.92 -1.00
C THR F 144 2.79 42.93 -1.25
N CYS F 145 2.69 43.94 -0.39
CA CYS F 145 1.65 44.94 -0.51
C CYS F 145 1.78 45.68 -1.84
N ALA F 146 3.00 46.08 -2.17
CA ALA F 146 3.23 46.87 -3.38
C ALA F 146 3.20 46.01 -4.64
N THR F 147 3.41 44.70 -4.50
CA THR F 147 3.45 43.83 -5.66
C THR F 147 2.09 43.22 -5.98
N TYR F 148 1.38 42.79 -4.94
CA TYR F 148 0.15 42.02 -5.13
C TYR F 148 -1.02 42.58 -4.32
N GLY F 149 -0.72 43.53 -3.43
CA GLY F 149 -1.77 44.14 -2.64
C GLY F 149 -1.59 43.85 -1.17
N GLY F 150 -1.32 42.59 -0.86
CA GLY F 150 -0.97 42.17 0.48
C GLY F 150 -2.09 42.29 1.49
N ILE F 151 -1.70 42.28 2.77
CA ILE F 151 -2.66 42.25 3.86
C ILE F 151 -3.62 43.45 3.83
N HIS F 152 -3.19 44.57 3.26
CA HIS F 152 -4.03 45.75 3.24
C HIS F 152 -5.07 45.71 2.12
N ALA F 153 -4.83 44.87 1.13
CA ALA F 153 -5.81 44.62 0.08
C ALA F 153 -6.55 43.34 0.40
N MET F 154 -6.92 43.19 1.67
CA MET F 154 -7.58 41.99 2.18
C MET F 154 -9.09 42.13 2.09
N GLU F 155 -9.79 41.00 2.07
CA GLU F 155 -11.25 41.01 2.03
C GLU F 155 -11.86 41.90 3.12
N GLY F 156 -12.58 42.93 2.70
CA GLY F 156 -13.26 43.79 3.65
C GLY F 156 -12.52 45.09 3.91
N ASN F 157 -11.45 45.33 3.17
CA ASN F 157 -10.74 46.60 3.34
C ASN F 157 -11.50 47.75 2.71
N PRO F 158 -11.54 48.89 3.42
CA PRO F 158 -12.27 50.09 3.02
C PRO F 158 -11.54 50.92 1.98
N THR F 159 -10.41 50.43 1.50
CA THR F 159 -9.58 51.23 0.60
C THR F 159 -9.57 50.68 -0.83
N GLY F 160 -9.87 49.38 -0.97
CA GLY F 160 -9.93 48.73 -2.26
C GLY F 160 -8.62 48.79 -3.01
N CYS F 161 -7.51 48.63 -2.27
CA CYS F 161 -6.17 48.76 -2.84
C CYS F 161 -5.72 47.54 -3.66
N MET F 162 -4.57 47.66 -4.31
CA MET F 162 -4.11 46.68 -5.27
C MET F 162 -2.59 46.76 -5.43
N GLY F 163 -2.04 45.96 -6.31
CA GLY F 163 -0.61 46.01 -6.60
C GLY F 163 -0.26 46.81 -7.83
N LEU F 164 1.04 47.00 -8.05
CA LEU F 164 1.55 47.70 -9.22
C LEU F 164 1.08 47.07 -10.53
N ALA F 165 1.03 45.75 -10.58
CA ALA F 165 0.59 45.08 -11.81
C ALA F 165 -0.91 45.22 -11.97
N ASP F 166 -1.60 45.56 -10.89
CA ASP F 166 -3.04 45.78 -10.94
C ASP F 166 -3.33 47.18 -11.44
N TYR F 167 -2.46 48.12 -11.10
CA TYR F 167 -2.67 49.52 -11.46
C TYR F 167 -2.18 49.85 -12.88
N LEU F 168 -0.91 49.55 -13.14
CA LEU F 168 -0.41 49.48 -14.51
C LEU F 168 -0.82 48.11 -15.03
N GLY F 169 -0.52 47.80 -16.29
CA GLY F 169 -0.81 46.47 -16.80
C GLY F 169 0.18 45.42 -16.31
N TRP F 170 -0.25 44.15 -16.31
CA TRP F 170 0.67 43.03 -16.06
C TRP F 170 1.65 42.88 -17.23
N GLN F 171 1.47 43.70 -18.25
CA GLN F 171 2.33 43.72 -19.43
C GLN F 171 3.09 45.02 -19.49
N TRP F 172 2.83 45.90 -18.53
CA TRP F 172 3.42 47.24 -18.54
C TRP F 172 4.93 47.16 -18.63
N LYS F 173 5.51 48.08 -19.40
CA LYS F 173 6.95 48.11 -19.60
C LYS F 173 7.50 49.53 -19.54
N SER F 174 8.61 49.71 -18.85
CA SER F 174 9.33 50.98 -18.86
C SER F 174 9.91 51.26 -20.23
N ARG F 175 10.31 52.51 -20.48
CA ARG F 175 10.88 52.90 -21.76
C ARG F 175 12.22 52.21 -22.01
N ALA F 176 12.76 51.55 -20.99
CA ALA F 176 14.05 50.88 -21.08
C ALA F 176 13.88 49.41 -21.46
N GLY F 177 12.62 48.99 -21.57
CA GLY F 177 12.31 47.62 -21.95
C GLY F 177 11.99 46.72 -20.77
N LEU F 178 12.29 47.18 -19.56
CA LEU F 178 12.07 46.41 -18.35
C LEU F 178 10.60 46.23 -18.00
N PRO F 179 10.21 45.01 -17.61
CA PRO F 179 8.86 44.81 -17.06
C PRO F 179 8.83 45.30 -15.63
N ILE F 180 7.65 45.30 -15.02
CA ILE F 180 7.56 45.56 -13.59
C ILE F 180 8.35 44.50 -12.85
N VAL F 181 9.27 44.91 -11.99
CA VAL F 181 10.04 43.99 -11.18
C VAL F 181 9.42 43.84 -9.78
N ASN F 182 8.99 42.62 -9.46
CA ASN F 182 8.34 42.36 -8.19
C ASN F 182 9.23 41.61 -7.20
N VAL F 183 9.47 42.22 -6.04
CA VAL F 183 10.18 41.56 -4.95
C VAL F 183 9.25 41.46 -3.74
N PRO F 184 8.51 40.35 -3.66
CA PRO F 184 7.53 40.21 -2.59
C PRO F 184 8.12 39.59 -1.32
N GLY F 185 7.24 39.40 -0.34
CA GLY F 185 7.62 38.94 0.98
C GLY F 185 7.08 39.99 1.93
N CYS F 186 6.75 39.60 3.15
CA CYS F 186 6.19 40.57 4.07
C CYS F 186 6.78 40.38 5.48
N PRO F 187 7.85 41.14 5.78
CA PRO F 187 8.49 42.05 4.84
C PRO F 187 9.47 41.34 3.93
N VAL F 188 9.86 42.00 2.85
CA VAL F 188 10.85 41.44 1.94
C VAL F 188 12.09 41.01 2.71
N GLN F 189 12.63 39.85 2.35
CA GLN F 189 13.84 39.35 3.00
C GLN F 189 14.98 40.31 2.66
N PRO F 190 15.76 40.72 3.67
CA PRO F 190 16.80 41.73 3.52
C PRO F 190 17.70 41.53 2.30
N ASP F 191 18.30 40.36 2.13
CA ASP F 191 19.22 40.17 1.02
C ASP F 191 18.49 39.93 -0.31
N ASN F 192 17.27 39.38 -0.25
CA ASN F 192 16.48 39.15 -1.46
C ASN F 192 16.26 40.43 -2.28
N PHE F 193 15.80 41.49 -1.62
CA PHE F 193 15.62 42.77 -2.30
C PHE F 193 16.94 43.40 -2.73
N MET F 194 17.94 43.38 -1.84
CA MET F 194 19.22 44.01 -2.15
C MET F 194 19.96 43.28 -3.26
N GLU F 195 19.82 41.96 -3.31
CA GLU F 195 20.33 41.18 -4.44
C GLU F 195 19.69 41.69 -5.74
N THR F 196 18.36 41.86 -5.72
CA THR F 196 17.60 42.21 -6.91
C THR F 196 17.99 43.60 -7.42
N LEU F 197 18.04 44.56 -6.51
CA LEU F 197 18.45 45.91 -6.86
C LEU F 197 19.82 45.86 -7.50
N LEU F 198 20.67 44.99 -6.97
CA LEU F 198 22.05 44.86 -7.45
C LEU F 198 22.09 44.27 -8.85
N TYR F 199 21.12 43.44 -9.19
CA TYR F 199 21.07 42.90 -10.53
C TYR F 199 20.75 44.01 -11.50
N LEU F 200 19.85 44.90 -11.09
CA LEU F 200 19.46 46.04 -11.92
C LEU F 200 20.65 46.96 -12.15
N LEU F 201 21.41 47.25 -11.11
CA LEU F 201 22.59 48.09 -11.27
C LEU F 201 23.56 47.47 -12.27
N TYR F 202 23.74 46.16 -12.16
CA TYR F 202 24.57 45.44 -13.12
C TYR F 202 23.97 45.57 -14.53
N GLN F 203 22.67 45.37 -14.65
CA GLN F 203 22.00 45.42 -15.95
C GLN F 203 22.05 46.83 -16.53
N LEU F 204 21.77 47.82 -15.68
CA LEU F 204 21.87 49.21 -16.06
C LEU F 204 23.28 49.55 -16.52
N ALA F 205 24.26 48.91 -15.90
CA ALA F 205 25.66 49.18 -16.22
C ALA F 205 26.03 48.63 -17.59
N GLY F 206 25.17 47.77 -18.12
CA GLY F 206 25.46 47.10 -19.38
C GLY F 206 26.23 45.81 -19.17
N LEU F 207 26.34 45.39 -17.92
CA LEU F 207 27.11 44.22 -17.55
C LEU F 207 26.25 43.00 -17.25
N ALA F 208 25.01 42.98 -17.77
CA ALA F 208 24.12 41.86 -17.50
C ALA F 208 22.91 41.83 -18.43
N PRO F 209 22.41 40.63 -18.71
CA PRO F 209 21.24 40.45 -19.57
C PRO F 209 19.99 40.97 -18.89
N MET F 210 18.88 41.00 -19.61
CA MET F 210 17.59 41.34 -19.01
C MET F 210 17.35 40.46 -17.80
N ILE F 211 16.96 41.08 -16.68
CA ILE F 211 16.69 40.32 -15.46
C ILE F 211 15.64 39.24 -15.71
N PRO F 212 15.99 37.99 -15.40
CA PRO F 212 15.08 36.85 -15.59
C PRO F 212 13.92 36.84 -14.59
N LEU F 213 12.73 37.20 -15.05
CA LEU F 213 11.55 37.18 -14.20
C LEU F 213 10.61 36.04 -14.59
N ASP F 214 9.60 35.80 -13.75
CA ASP F 214 8.62 34.77 -14.01
C ASP F 214 7.27 35.41 -14.35
N GLU F 215 6.22 34.59 -14.44
CA GLU F 215 4.91 35.08 -14.85
C GLU F 215 4.28 36.02 -13.80
N ALA F 216 4.69 35.91 -12.55
CA ALA F 216 4.24 36.86 -11.53
C ALA F 216 5.28 37.96 -11.34
N LEU F 217 6.26 38.00 -12.25
CA LEU F 217 7.26 39.07 -12.30
C LEU F 217 8.24 39.03 -11.14
N ARG F 218 8.48 37.83 -10.60
CA ARG F 218 9.46 37.62 -9.54
C ARG F 218 10.80 37.08 -10.05
N PRO F 219 11.92 37.67 -9.60
CA PRO F 219 13.26 37.17 -9.94
C PRO F 219 13.36 35.65 -9.77
N LYS F 220 13.67 34.95 -10.86
CA LYS F 220 13.61 33.49 -10.89
C LYS F 220 14.63 32.77 -10.01
N TRP F 221 15.72 33.43 -9.61
CA TRP F 221 16.70 32.75 -8.79
C TRP F 221 16.27 32.78 -7.33
N LEU F 222 15.24 33.58 -7.05
CA LEU F 222 14.79 33.76 -5.67
C LEU F 222 13.46 33.10 -5.36
N PHE F 223 12.52 33.11 -6.31
CA PHE F 223 11.18 32.66 -5.97
C PHE F 223 10.67 31.51 -6.83
N THR F 224 11.58 30.79 -7.45
CA THR F 224 11.21 29.64 -8.29
C THR F 224 10.94 28.38 -7.47
N ARG F 225 11.73 28.18 -6.42
CA ARG F 225 11.56 26.99 -5.58
C ARG F 225 10.75 27.32 -4.33
N THR F 226 10.16 26.30 -3.73
CA THR F 226 9.17 26.51 -2.67
C THR F 226 9.80 26.56 -1.28
N VAL F 227 9.03 27.02 -0.30
CA VAL F 227 9.47 26.99 1.08
C VAL F 227 9.90 25.58 1.46
N HIS F 228 9.08 24.61 1.06
CA HIS F 228 9.31 23.19 1.36
C HIS F 228 10.60 22.62 0.72
N ASP F 229 10.91 23.05 -0.49
CA ASP F 229 12.11 22.59 -1.19
C ASP F 229 13.40 23.05 -0.51
N GLY F 230 13.26 23.81 0.57
CA GLY F 230 14.42 24.30 1.29
C GLY F 230 14.27 24.19 2.79
N CYS F 231 13.17 23.58 3.23
CA CYS F 231 12.92 23.41 4.66
C CYS F 231 13.75 22.27 5.19
N ASP F 232 14.62 22.55 6.14
CA ASP F 232 15.48 21.51 6.72
C ASP F 232 14.70 20.61 7.67
N ARG F 233 13.38 20.75 7.69
CA ARG F 233 12.52 19.83 8.42
C ARG F 233 11.84 18.87 7.46
N ALA F 234 12.40 18.72 6.26
CA ALA F 234 11.78 17.87 5.24
C ALA F 234 11.92 16.39 5.56
N GLY F 235 13.07 15.99 6.11
CA GLY F 235 13.27 14.61 6.52
C GLY F 235 12.14 14.16 7.41
N SER F 236 11.73 15.06 8.30
CA SER F 236 10.63 14.85 9.23
C SER F 236 9.33 14.56 8.49
N TYR F 237 9.08 15.33 7.43
CA TYR F 237 7.87 15.20 6.63
C TYR F 237 7.85 13.87 5.90
N GLU F 238 8.99 13.51 5.35
CA GLU F 238 9.16 12.30 4.54
C GLU F 238 8.74 11.03 5.26
N GLN F 239 9.10 10.94 6.54
CA GLN F 239 8.80 9.77 7.34
C GLN F 239 7.52 9.94 8.14
N ALA F 240 6.74 10.96 7.81
CA ALA F 240 5.46 11.24 8.46
C ALA F 240 5.59 11.44 9.98
N ILE F 241 6.69 12.06 10.39
CA ILE F 241 6.86 12.43 11.79
C ILE F 241 6.43 13.88 12.01
N PHE F 242 5.12 14.10 12.08
CA PHE F 242 4.57 15.45 12.14
C PHE F 242 4.36 15.94 13.58
N ALA F 243 4.66 17.21 13.81
CA ALA F 243 4.42 17.81 15.12
C ALA F 243 2.94 17.83 15.47
N THR F 244 2.64 17.86 16.76
CA THR F 244 1.26 18.03 17.22
C THR F 244 1.14 19.28 18.11
N GLU F 245 2.29 19.76 18.58
CA GLU F 245 2.36 21.01 19.31
C GLU F 245 3.38 21.94 18.65
N TYR F 246 3.32 23.21 18.98
CA TYR F 246 4.10 24.20 18.24
C TYR F 246 5.58 24.24 18.61
N GLY F 247 5.92 23.76 19.79
CA GLY F 247 7.31 23.80 20.23
C GLY F 247 8.17 22.69 19.65
N ASN F 248 7.52 21.69 19.07
CA ASN F 248 8.20 20.49 18.59
C ASN F 248 9.18 20.78 17.45
N PRO F 249 10.21 19.92 17.28
CA PRO F 249 11.20 20.11 16.21
C PRO F 249 10.86 19.41 14.89
N ASN F 250 9.63 19.00 14.69
CA ASN F 250 9.27 18.29 13.47
C ASN F 250 8.37 19.11 12.55
N CYS F 251 8.08 18.56 11.37
CA CYS F 251 7.24 19.25 10.39
C CYS F 251 5.95 19.73 11.03
N ILE F 252 5.67 21.01 10.83
CA ILE F 252 4.51 21.64 11.43
C ILE F 252 3.36 21.83 10.42
N VAL F 253 3.37 21.03 9.36
CA VAL F 253 2.36 21.19 8.32
C VAL F 253 0.95 21.06 8.89
N LYS F 254 0.75 20.16 9.85
CA LYS F 254 -0.58 19.95 10.44
C LYS F 254 -0.94 21.08 11.39
N LEU F 255 -0.08 22.08 11.49
CA LEU F 255 -0.30 23.19 12.41
C LEU F 255 -0.37 24.53 11.70
N GLY F 256 -0.47 24.52 10.37
CA GLY F 256 -0.67 25.74 9.61
C GLY F 256 0.30 26.05 8.50
N CYS F 257 1.24 25.14 8.26
CA CYS F 257 2.36 25.40 7.36
C CYS F 257 1.97 25.19 5.90
N TRP F 258 2.07 26.26 5.11
CA TRP F 258 1.74 26.17 3.69
C TRP F 258 2.97 25.92 2.83
N GLY F 259 4.08 25.56 3.48
CA GLY F 259 5.36 25.39 2.82
C GLY F 259 5.41 24.78 1.43
N PRO F 260 4.74 23.63 1.24
CA PRO F 260 4.82 22.87 -0.02
C PRO F 260 4.27 23.61 -1.24
N VAL F 261 3.47 24.64 -0.98
CA VAL F 261 2.74 25.33 -2.04
C VAL F 261 3.16 26.80 -2.16
N VAL F 262 4.13 27.21 -1.35
CA VAL F 262 4.53 28.61 -1.28
C VAL F 262 5.92 28.84 -1.85
N GLN F 263 6.07 29.93 -2.62
CA GLN F 263 7.34 30.22 -3.30
C GLN F 263 8.14 31.26 -2.55
N CYS F 264 9.21 30.80 -1.92
CA CYS F 264 9.99 31.63 -1.01
C CYS F 264 11.28 30.91 -0.67
N ASN F 265 12.37 31.65 -0.47
CA ASN F 265 13.65 31.01 -0.21
C ASN F 265 14.14 31.13 1.23
N VAL F 266 13.29 31.66 2.11
CA VAL F 266 13.70 32.01 3.46
C VAL F 266 14.30 30.88 4.28
N PRO F 267 13.67 29.70 4.32
CA PRO F 267 14.29 28.64 5.13
C PRO F 267 15.60 28.15 4.53
N LYS F 268 15.65 28.05 3.20
CA LYS F 268 16.88 27.68 2.52
C LYS F 268 17.96 28.75 2.69
N ARG F 269 17.54 29.97 2.96
CA ARG F 269 18.44 31.11 2.93
C ARG F 269 18.64 31.74 4.31
N GLY F 270 17.75 31.42 5.24
CA GLY F 270 17.78 32.05 6.55
C GLY F 270 17.22 33.45 6.43
N TRP F 271 16.94 34.11 7.54
CA TRP F 271 16.47 35.48 7.48
C TRP F 271 17.63 36.48 7.43
N ILE F 272 18.45 36.53 8.49
CA ILE F 272 19.58 37.45 8.57
C ILE F 272 20.87 36.73 8.90
N ALA F 273 21.80 36.67 7.93
CA ALA F 273 23.07 35.97 8.10
C ALA F 273 22.86 34.50 8.41
N GLY F 274 21.82 33.92 7.80
CA GLY F 274 21.49 32.52 7.99
C GLY F 274 21.02 32.18 9.39
N VAL F 275 20.35 33.11 10.06
CA VAL F 275 20.00 32.87 11.46
C VAL F 275 18.54 32.48 11.70
N GLY F 276 17.60 33.18 11.07
CA GLY F 276 16.20 32.92 11.37
C GLY F 276 15.43 32.12 10.34
N GLY F 277 14.20 32.54 10.07
CA GLY F 277 13.38 31.91 9.07
C GLY F 277 11.98 31.66 9.60
N CYS F 278 11.30 30.66 9.04
CA CYS F 278 9.94 30.36 9.48
C CYS F 278 9.80 28.86 9.86
N PRO F 279 9.31 27.99 8.94
CA PRO F 279 9.10 26.64 9.46
C PRO F 279 10.37 25.95 9.95
N ASN F 280 11.50 26.27 9.33
CA ASN F 280 12.78 25.70 9.77
C ASN F 280 13.09 25.97 11.25
N VAL F 281 12.45 26.98 11.82
CA VAL F 281 12.66 27.30 13.24
C VAL F 281 11.37 27.28 14.04
N GLY F 282 10.31 26.69 13.48
CA GLY F 282 9.07 26.53 14.21
C GLY F 282 8.05 27.63 13.99
N GLY F 283 8.11 28.27 12.83
CA GLY F 283 7.12 29.27 12.46
C GLY F 283 6.38 28.84 11.22
N ILE F 284 5.08 28.56 11.35
CA ILE F 284 4.32 28.10 10.20
C ILE F 284 4.45 29.12 9.07
N CYS F 285 4.55 28.60 7.84
CA CYS F 285 4.55 29.45 6.67
C CYS F 285 3.14 29.88 6.33
N ILE F 286 2.96 31.17 6.12
CA ILE F 286 1.63 31.75 5.94
C ILE F 286 1.51 32.35 4.54
N GLY F 287 2.43 31.98 3.66
CA GLY F 287 2.43 32.42 2.28
C GLY F 287 2.49 33.93 2.06
N CYS F 288 3.32 34.61 2.84
CA CYS F 288 3.36 36.07 2.81
C CYS F 288 3.97 36.65 1.53
N THR F 289 4.53 35.80 0.70
CA THR F 289 5.11 36.25 -0.56
C THR F 289 4.19 36.03 -1.75
N MET F 290 2.97 35.58 -1.50
CA MET F 290 2.13 35.07 -2.57
C MET F 290 0.97 35.98 -2.90
N PRO F 291 0.64 36.07 -4.19
CA PRO F 291 -0.46 36.92 -4.65
C PRO F 291 -1.79 36.65 -3.93
N GLY F 292 -1.92 35.48 -3.31
CA GLY F 292 -3.15 35.14 -2.61
C GLY F 292 -3.13 35.50 -1.14
N PHE F 293 -2.04 36.08 -0.67
CA PHE F 293 -1.91 36.42 0.74
C PHE F 293 -2.76 37.66 1.05
N PRO F 294 -3.48 37.65 2.18
CA PRO F 294 -3.53 36.60 3.20
C PRO F 294 -4.78 35.74 3.12
N ASP F 295 -5.66 36.05 2.18
CA ASP F 295 -7.00 35.50 2.20
C ASP F 295 -7.05 34.01 1.91
N LYS F 296 -6.20 33.55 1.00
CA LYS F 296 -6.21 32.14 0.62
C LYS F 296 -5.44 31.31 1.62
N PHE F 297 -5.08 31.90 2.76
CA PHE F 297 -4.28 31.18 3.74
C PHE F 297 -4.93 31.12 5.11
N MET F 298 -5.88 32.03 5.36
CA MET F 298 -6.53 32.11 6.67
C MET F 298 -7.68 31.12 6.80
N PRO F 299 -7.92 30.60 8.01
CA PRO F 299 -7.16 30.89 9.23
C PRO F 299 -5.76 30.26 9.24
N PHE F 300 -4.78 31.04 9.66
CA PHE F 300 -3.38 30.66 9.54
C PHE F 300 -3.05 29.38 10.30
N MET F 301 -3.49 29.30 11.55
CA MET F 301 -3.13 28.19 12.42
C MET F 301 -3.94 26.92 12.12
N ASP F 302 -4.83 26.98 11.13
CA ASP F 302 -5.48 25.78 10.65
C ASP F 302 -4.57 25.08 9.67
N ALA F 303 -4.62 23.76 9.65
CA ALA F 303 -3.85 22.98 8.69
C ALA F 303 -4.34 23.29 7.28
N PRO F 304 -3.41 23.27 6.31
CA PRO F 304 -3.88 23.38 4.92
C PRO F 304 -4.68 22.16 4.52
N PRO F 305 -5.82 22.38 3.85
CA PRO F 305 -6.72 21.28 3.50
C PRO F 305 -5.99 20.20 2.71
N GLY F 306 -5.39 20.56 1.59
CA GLY F 306 -4.70 19.61 0.74
C GLY F 306 -3.54 18.95 1.46
N ALA F 307 -3.08 19.58 2.53
CA ALA F 307 -1.96 19.08 3.31
C ALA F 307 -2.37 17.84 4.09
N VAL F 308 -3.61 17.85 4.57
CA VAL F 308 -4.20 16.75 5.33
C VAL F 308 -4.04 15.40 4.62
N LEU F 309 -4.02 15.44 3.28
CA LEU F 309 -3.91 14.23 2.46
C LEU F 309 -2.60 13.49 2.73
N SER F 310 -1.49 14.06 2.25
CA SER F 310 -0.19 13.40 2.38
C SER F 310 0.21 13.22 3.84
N SER F 311 -0.50 13.91 4.73
CA SER F 311 -0.28 13.80 6.16
C SER F 311 -0.80 12.46 6.70
N ASN F 312 -2.06 12.16 6.39
CA ASN F 312 -2.68 10.92 6.82
C ASN F 312 -2.44 9.79 5.83
N LEU F 313 -1.60 10.03 4.82
CA LEU F 313 -1.28 9.02 3.83
C LEU F 313 -0.77 7.75 4.50
N ILE F 314 -1.38 6.63 4.14
CA ILE F 314 -1.02 5.36 4.77
C ILE F 314 0.22 4.76 4.12
N LYS F 315 1.36 5.40 4.36
CA LYS F 315 2.64 4.89 3.91
C LYS F 315 3.20 3.97 4.98
N SER F 316 2.80 2.71 4.93
CA SER F 316 3.28 1.74 5.91
C SER F 316 4.66 1.22 5.55
N TYR F 317 5.35 1.90 4.64
CA TYR F 317 6.75 1.60 4.35
C TYR F 317 7.63 2.35 5.34
N GLY F 318 6.98 3.18 6.15
CA GLY F 318 7.68 4.10 7.04
C GLY F 318 8.39 3.46 8.22
N PRO F 319 7.64 2.75 9.06
CA PRO F 319 8.26 2.06 10.21
C PRO F 319 9.31 1.06 9.76
N LEU F 320 9.30 0.70 8.49
CA LEU F 320 10.26 -0.25 7.94
C LEU F 320 11.50 0.46 7.39
N ILE F 321 11.35 1.74 7.04
CA ILE F 321 12.46 2.51 6.50
C ILE F 321 13.32 3.08 7.63
N ARG F 322 12.66 3.48 8.72
CA ARG F 322 13.36 3.98 9.90
C ARG F 322 14.15 2.85 10.57
N SER F 323 13.59 1.65 10.58
CA SER F 323 14.27 0.49 11.15
C SER F 323 15.47 0.12 10.29
N LEU F 324 15.27 0.09 8.98
CA LEU F 324 16.36 -0.23 8.08
C LEU F 324 17.45 0.85 8.15
N ARG F 325 17.10 2.02 8.65
CA ARG F 325 18.07 3.09 8.80
C ARG F 325 18.78 3.02 10.13
N LYS F 326 18.03 2.74 11.18
CA LYS F 326 18.62 2.65 12.51
C LYS F 326 19.62 1.48 12.56
N LEU F 327 19.32 0.40 11.85
CA LEU F 327 20.21 -0.77 11.85
C LEU F 327 21.52 -0.44 11.13
N THR F 328 21.44 0.36 10.08
CA THR F 328 22.64 0.80 9.37
C THR F 328 23.45 1.75 10.23
N LYS F 329 22.75 2.70 10.84
CA LYS F 329 23.38 3.68 11.73
C LYS F 329 24.17 2.99 12.85
N ASP F 330 23.56 2.00 13.48
CA ASP F 330 24.19 1.32 14.60
C ASP F 330 25.52 0.71 14.20
N THR F 331 25.61 0.22 12.96
CA THR F 331 26.85 -0.37 12.49
C THR F 331 27.88 0.70 12.21
N LEU F 332 27.41 1.87 11.81
CA LEU F 332 28.31 3.01 11.56
C LEU F 332 28.76 3.63 12.87
N ASN F 333 28.12 3.21 13.96
CA ASN F 333 28.52 3.63 15.30
C ASN F 333 29.45 2.64 15.99
N ASP F 334 30.05 1.75 15.20
CA ASP F 334 31.02 0.79 15.71
C ASP F 334 32.31 0.92 14.93
N GLU F 335 33.42 1.14 15.64
CA GLU F 335 34.70 1.22 14.96
C GLU F 335 35.09 -0.16 14.49
N PRO F 336 35.85 -0.25 13.39
CA PRO F 336 36.40 -1.55 12.95
C PRO F 336 37.28 -2.18 14.03
N LYS F 337 37.47 -3.50 13.95
CA LYS F 337 38.15 -4.27 14.98
C LYS F 337 39.62 -3.87 15.14
N TRP F 338 40.25 -3.43 14.06
CA TRP F 338 41.70 -3.19 14.07
C TRP F 338 42.10 -1.90 14.79
N ARG F 339 41.18 -1.33 15.56
CA ARG F 339 41.49 -0.15 16.36
C ARG F 339 41.56 -0.54 17.82
N HIS F 340 42.79 -0.66 18.31
CA HIS F 340 43.00 -1.22 19.64
C HIS F 340 44.45 -1.07 20.06
N ASN F 341 44.69 -1.32 21.34
CA ASN F 341 46.02 -1.21 21.89
C ASN F 341 46.61 -2.56 22.27
N GLN F 342 46.51 -3.52 21.36
CA GLN F 342 47.10 -4.84 21.56
C GLN F 342 48.51 -4.88 20.98
N PRO F 343 49.35 -5.78 21.50
CA PRO F 343 50.75 -5.89 21.07
C PRO F 343 50.91 -6.46 19.67
N VAL F 344 49.80 -6.54 18.94
CA VAL F 344 49.83 -7.09 17.59
C VAL F 344 49.07 -6.20 16.61
N LEU F 345 49.78 -5.69 15.60
CA LEU F 345 49.15 -4.92 14.55
C LEU F 345 48.23 -5.81 13.70
N THR F 346 46.96 -5.43 13.58
CA THR F 346 45.99 -6.25 12.84
C THR F 346 45.13 -5.41 11.90
N THR F 347 45.73 -4.42 11.25
CA THR F 347 45.04 -3.58 10.30
C THR F 347 45.08 -4.16 8.89
N GLY F 348 46.06 -5.03 8.66
CA GLY F 348 46.29 -5.60 7.35
C GLY F 348 47.57 -5.05 6.77
N TYR F 349 48.63 -5.10 7.56
CA TYR F 349 49.90 -4.52 7.15
C TYR F 349 51.07 -5.27 7.76
N LYS G 19 -82.43 -32.79 -13.45
CA LYS G 19 -82.21 -32.07 -12.21
C LYS G 19 -81.02 -31.12 -12.36
N LEU G 20 -80.33 -30.87 -11.26
CA LEU G 20 -79.22 -29.93 -11.23
C LEU G 20 -78.09 -30.34 -12.17
N VAL G 21 -77.66 -29.41 -13.00
CA VAL G 21 -76.52 -29.62 -13.88
C VAL G 21 -75.24 -29.24 -13.15
N GLU G 22 -74.18 -30.00 -13.37
CA GLU G 22 -72.90 -29.66 -12.76
C GLU G 22 -72.08 -28.81 -13.70
N MET G 23 -71.77 -27.59 -13.25
CA MET G 23 -70.94 -26.68 -14.00
C MET G 23 -69.71 -26.33 -13.19
N ASN G 24 -68.54 -26.36 -13.84
CA ASN G 24 -67.31 -25.96 -13.15
C ASN G 24 -66.40 -25.10 -14.04
N TRP G 25 -65.77 -24.10 -13.43
CA TRP G 25 -64.79 -23.28 -14.14
C TRP G 25 -63.46 -23.37 -13.40
N ASP G 26 -62.51 -24.08 -14.01
CA ASP G 26 -61.21 -24.33 -13.40
C ASP G 26 -60.21 -24.77 -14.46
N PRO G 27 -59.20 -23.94 -14.72
CA PRO G 27 -58.90 -22.71 -13.97
C PRO G 27 -59.69 -21.49 -14.45
N ILE G 28 -60.01 -20.61 -13.52
CA ILE G 28 -60.60 -19.32 -13.85
C ILE G 28 -59.54 -18.33 -14.36
N THR G 29 -59.86 -17.62 -15.44
CA THR G 29 -58.89 -16.72 -16.05
C THR G 29 -59.24 -15.26 -15.80
N ARG G 30 -58.32 -14.38 -16.18
CA ARG G 30 -58.46 -12.96 -15.87
C ARG G 30 -58.64 -12.75 -14.36
N ILE G 31 -57.93 -13.57 -13.59
CA ILE G 31 -57.65 -13.29 -12.18
C ILE G 31 -56.19 -13.63 -11.98
N VAL G 32 -55.69 -13.48 -10.77
CA VAL G 32 -54.32 -13.85 -10.46
C VAL G 32 -54.29 -15.16 -9.66
N GLY G 33 -53.46 -16.11 -10.12
CA GLY G 33 -53.32 -17.38 -9.44
C GLY G 33 -54.30 -18.46 -9.86
N SER G 34 -54.36 -19.51 -9.05
CA SER G 34 -55.10 -20.73 -9.38
C SER G 34 -56.41 -20.81 -8.60
N LEU G 35 -57.52 -20.58 -9.29
CA LEU G 35 -58.83 -20.66 -8.66
C LEU G 35 -59.77 -21.57 -9.43
N GLY G 36 -60.54 -22.37 -8.69
CA GLY G 36 -61.50 -23.30 -9.26
C GLY G 36 -62.85 -23.10 -8.63
N ILE G 37 -63.88 -23.07 -9.46
CA ILE G 37 -65.25 -22.89 -8.98
C ILE G 37 -66.14 -24.04 -9.46
N TYR G 38 -66.63 -24.83 -8.52
CA TYR G 38 -67.45 -25.99 -8.82
C TYR G 38 -68.85 -25.80 -8.27
N THR G 39 -69.84 -25.88 -9.13
CA THR G 39 -71.22 -25.63 -8.73
C THR G 39 -72.22 -26.64 -9.29
N LYS G 40 -73.38 -26.68 -8.65
CA LYS G 40 -74.55 -27.36 -9.18
C LYS G 40 -75.63 -26.34 -9.52
N ILE G 41 -75.99 -26.25 -10.79
CA ILE G 41 -76.93 -25.24 -11.24
C ILE G 41 -78.32 -25.79 -11.58
N ASP G 42 -79.34 -24.96 -11.33
CA ASP G 42 -80.73 -25.28 -11.64
C ASP G 42 -81.22 -24.36 -12.75
N PHE G 43 -81.08 -24.79 -14.00
CA PHE G 43 -81.36 -23.93 -15.14
C PHE G 43 -82.83 -23.57 -15.25
N GLU G 44 -83.68 -24.45 -14.73
CA GLU G 44 -85.11 -24.22 -14.81
C GLU G 44 -85.53 -23.09 -13.89
N ASN G 45 -84.87 -22.98 -12.74
CA ASN G 45 -85.20 -21.93 -11.78
C ASN G 45 -84.23 -20.75 -11.79
N ARG G 46 -83.18 -20.86 -12.59
CA ARG G 46 -82.18 -19.80 -12.69
C ARG G 46 -81.54 -19.51 -11.33
N ARG G 47 -81.17 -20.58 -10.61
CA ARG G 47 -80.51 -20.43 -9.32
C ARG G 47 -79.26 -21.30 -9.23
N VAL G 48 -78.43 -21.03 -8.23
CA VAL G 48 -77.29 -21.88 -7.93
C VAL G 48 -77.56 -22.66 -6.65
N ALA G 49 -77.50 -23.98 -6.74
CA ALA G 49 -77.80 -24.82 -5.59
C ALA G 49 -76.62 -24.91 -4.61
N GLU G 50 -75.43 -25.14 -5.16
CA GLU G 50 -74.23 -25.32 -4.35
C GLU G 50 -73.01 -24.68 -5.00
N CYS G 51 -72.02 -24.31 -4.19
CA CYS G 51 -70.79 -23.72 -4.72
C CYS G 51 -69.56 -23.99 -3.86
N TYR G 52 -68.51 -24.49 -4.50
CA TYR G 52 -67.25 -24.76 -3.83
C TYR G 52 -66.13 -24.04 -4.55
N SER G 53 -65.21 -23.48 -3.79
CA SER G 53 -64.04 -22.82 -4.37
C SER G 53 -62.79 -23.58 -3.95
N THR G 54 -61.85 -23.72 -4.87
CA THR G 54 -60.66 -24.50 -4.60
C THR G 54 -59.41 -23.84 -5.19
N SER G 55 -58.31 -23.84 -4.44
CA SER G 55 -57.03 -23.43 -5.01
C SER G 55 -56.05 -24.60 -4.95
N SER G 56 -55.33 -24.84 -6.03
CA SER G 56 -54.55 -26.07 -6.15
C SER G 56 -53.04 -25.87 -6.02
N ILE G 57 -52.61 -24.74 -5.44
CA ILE G 57 -51.19 -24.42 -5.36
C ILE G 57 -50.75 -23.98 -3.96
N PHE G 58 -49.82 -24.74 -3.38
CA PHE G 58 -49.29 -24.46 -2.06
C PHE G 58 -47.79 -24.23 -2.14
N ARG G 59 -47.30 -23.21 -1.44
CA ARG G 59 -45.86 -22.92 -1.44
C ARG G 59 -45.27 -22.91 -0.04
N GLY G 60 -46.11 -22.75 0.98
CA GLY G 60 -45.70 -22.89 2.36
C GLY G 60 -44.73 -21.84 2.86
N TYR G 61 -45.07 -20.58 2.67
CA TYR G 61 -44.21 -19.47 3.07
C TYR G 61 -43.95 -19.46 4.55
N SER G 62 -44.99 -19.72 5.34
CA SER G 62 -44.87 -19.67 6.78
C SER G 62 -43.99 -20.81 7.28
N ILE G 63 -43.76 -21.78 6.41
CA ILE G 63 -42.89 -22.90 6.75
C ILE G 63 -41.42 -22.59 6.50
N PHE G 64 -41.06 -22.19 5.27
CA PHE G 64 -39.65 -21.98 4.96
C PHE G 64 -39.12 -20.61 5.42
N MET G 65 -39.93 -19.89 6.17
CA MET G 65 -39.44 -18.67 6.80
C MET G 65 -38.92 -18.92 8.21
N LYS G 66 -39.29 -20.07 8.77
CA LYS G 66 -38.85 -20.43 10.11
C LYS G 66 -37.32 -20.52 10.20
N GLY G 67 -36.75 -19.84 11.20
CA GLY G 67 -35.32 -19.88 11.42
C GLY G 67 -34.54 -18.93 10.55
N LYS G 68 -35.23 -18.22 9.66
CA LYS G 68 -34.60 -17.22 8.81
C LYS G 68 -34.49 -15.92 9.59
N ASP G 69 -33.67 -15.00 9.09
CA ASP G 69 -33.45 -13.69 9.73
C ASP G 69 -34.66 -12.79 9.53
N PRO G 70 -35.22 -12.27 10.63
CA PRO G 70 -36.42 -11.41 10.61
C PRO G 70 -36.32 -10.26 9.63
N ARG G 71 -35.09 -9.80 9.38
CA ARG G 71 -34.87 -8.64 8.51
C ARG G 71 -35.13 -9.00 7.06
N ASP G 72 -35.18 -10.29 6.76
CA ASP G 72 -35.41 -10.75 5.40
C ASP G 72 -36.90 -10.82 5.08
N SER G 73 -37.74 -10.67 6.11
CA SER G 73 -39.19 -10.93 5.98
C SER G 73 -39.85 -10.26 4.79
N HIS G 74 -39.68 -8.95 4.67
CA HIS G 74 -40.43 -8.17 3.70
C HIS G 74 -40.00 -8.54 2.29
N PHE G 75 -38.71 -8.81 2.11
CA PHE G 75 -38.22 -9.25 0.82
C PHE G 75 -38.91 -10.54 0.40
N ILE G 76 -38.97 -11.49 1.32
CA ILE G 76 -39.52 -12.80 1.02
C ILE G 76 -41.05 -12.77 0.84
N THR G 77 -41.77 -12.23 1.81
CA THR G 77 -43.22 -12.25 1.79
C THR G 77 -43.78 -11.45 0.62
N SER G 78 -42.95 -10.59 0.04
CA SER G 78 -43.37 -9.84 -1.13
C SER G 78 -43.61 -10.78 -2.29
N ARG G 79 -42.85 -11.88 -2.32
CA ARG G 79 -42.99 -12.86 -3.38
C ARG G 79 -44.22 -13.75 -3.20
N ILE G 80 -44.97 -13.48 -2.13
CA ILE G 80 -46.25 -14.15 -1.92
C ILE G 80 -47.18 -13.91 -3.10
N CYS G 81 -47.00 -12.78 -3.78
CA CYS G 81 -47.85 -12.50 -4.94
C CYS G 81 -47.25 -11.51 -5.93
N GLY G 82 -47.51 -11.76 -7.22
CA GLY G 82 -46.92 -10.95 -8.27
C GLY G 82 -47.70 -9.72 -8.70
N ILE G 83 -48.74 -9.35 -7.96
CA ILE G 83 -49.46 -8.14 -8.32
C ILE G 83 -49.67 -7.25 -7.08
N CYS G 84 -49.71 -7.85 -5.90
CA CYS G 84 -49.83 -7.06 -4.67
C CYS G 84 -48.63 -7.17 -3.73
N GLY G 85 -47.55 -7.82 -4.19
CA GLY G 85 -46.38 -8.08 -3.36
C GLY G 85 -45.90 -6.93 -2.49
N ASP G 86 -45.96 -5.72 -3.03
CA ASP G 86 -45.57 -4.51 -2.31
C ASP G 86 -46.44 -4.24 -1.09
N ASN G 87 -47.66 -4.75 -1.08
CA ASN G 87 -48.49 -4.61 0.09
C ASN G 87 -47.96 -5.50 1.20
N HIS G 88 -47.29 -6.59 0.80
CA HIS G 88 -46.75 -7.54 1.78
C HIS G 88 -45.46 -7.01 2.35
N ALA G 89 -44.63 -6.45 1.47
CA ALA G 89 -43.39 -5.81 1.87
C ALA G 89 -43.70 -4.73 2.89
N THR G 90 -44.65 -3.88 2.53
CA THR G 90 -45.03 -2.76 3.38
C THR G 90 -45.53 -3.23 4.72
N CYS G 91 -46.38 -4.26 4.71
CA CYS G 91 -47.02 -4.75 5.92
C CYS G 91 -46.00 -5.47 6.81
N SER G 92 -45.09 -6.17 6.14
CA SER G 92 -44.01 -6.83 6.85
C SER G 92 -43.13 -5.81 7.55
N VAL G 93 -42.81 -4.72 6.87
CA VAL G 93 -41.98 -3.69 7.47
C VAL G 93 -42.69 -3.05 8.66
N TYR G 94 -44.00 -2.90 8.53
CA TYR G 94 -44.82 -2.46 9.64
C TYR G 94 -44.62 -3.38 10.85
N ALA G 95 -44.57 -4.68 10.59
CA ALA G 95 -44.44 -5.65 11.66
C ALA G 95 -43.04 -5.65 12.25
N GLN G 96 -42.04 -5.73 11.38
CA GLN G 96 -40.65 -5.67 11.79
C GLN G 96 -40.39 -4.45 12.66
N ASN G 97 -40.91 -3.30 12.23
CA ASN G 97 -40.81 -2.07 13.02
C ASN G 97 -41.33 -2.28 14.44
N MET G 98 -42.52 -2.86 14.56
CA MET G 98 -43.11 -3.09 15.88
C MET G 98 -42.25 -4.07 16.68
N ALA G 99 -41.72 -5.07 16.01
CA ALA G 99 -40.86 -6.05 16.64
C ALA G 99 -39.56 -5.41 17.11
N TYR G 100 -38.95 -4.59 16.27
CA TYR G 100 -37.63 -4.04 16.55
C TYR G 100 -37.67 -2.78 17.44
N GLY G 101 -38.86 -2.21 17.60
CA GLY G 101 -39.02 -0.99 18.38
C GLY G 101 -38.57 0.29 17.67
N VAL G 102 -38.61 0.29 16.35
CA VAL G 102 -38.14 1.43 15.57
C VAL G 102 -39.25 2.16 14.82
N LYS G 103 -39.14 3.48 14.80
CA LYS G 103 -40.00 4.35 14.00
C LYS G 103 -39.18 4.96 12.87
N PRO G 104 -39.66 4.86 11.63
CA PRO G 104 -38.92 5.54 10.55
C PRO G 104 -39.18 7.05 10.56
N PRO G 105 -38.33 7.82 9.86
CA PRO G 105 -38.52 9.26 9.71
C PRO G 105 -39.80 9.55 8.92
N PRO G 106 -40.56 10.58 9.32
CA PRO G 106 -41.80 10.97 8.67
C PRO G 106 -41.73 11.00 7.13
N ILE G 107 -40.64 11.49 6.58
CA ILE G 107 -40.54 11.56 5.12
C ILE G 107 -40.59 10.16 4.54
N ALA G 108 -40.12 9.19 5.32
CA ALA G 108 -40.00 7.83 4.83
C ALA G 108 -41.36 7.16 4.75
N ASP G 109 -42.31 7.63 5.56
CA ASP G 109 -43.65 7.08 5.53
C ASP G 109 -44.49 7.75 4.45
N TRP G 110 -44.24 9.04 4.22
CA TRP G 110 -44.90 9.72 3.12
C TRP G 110 -44.46 9.08 1.81
N ILE G 111 -43.18 8.68 1.74
CA ILE G 111 -42.68 8.05 0.53
C ILE G 111 -43.31 6.67 0.36
N ILE G 112 -43.57 5.98 1.46
CA ILE G 112 -44.24 4.69 1.38
C ILE G 112 -45.72 4.85 1.06
N ASN G 113 -46.38 5.82 1.69
CA ASN G 113 -47.78 6.09 1.36
C ASN G 113 -47.93 6.44 -0.11
N LEU G 114 -46.99 7.23 -0.63
CA LEU G 114 -46.97 7.58 -2.04
C LEU G 114 -46.82 6.30 -2.86
N GLY G 115 -46.07 5.35 -2.32
CA GLY G 115 -45.87 4.09 -3.00
C GLY G 115 -47.17 3.33 -3.09
N GLU G 116 -47.81 3.16 -1.95
CA GLU G 116 -49.00 2.32 -1.87
C GLU G 116 -50.13 2.92 -2.68
N ALA G 117 -50.25 4.25 -2.65
CA ALA G 117 -51.27 4.92 -3.45
C ALA G 117 -51.09 4.62 -4.93
N ALA G 118 -49.86 4.63 -5.40
CA ALA G 118 -49.58 4.35 -6.79
C ALA G 118 -49.92 2.90 -7.10
N GLU G 119 -49.77 2.03 -6.11
CA GLU G 119 -50.12 0.62 -6.29
C GLU G 119 -51.64 0.44 -6.49
N TYR G 120 -52.44 1.10 -5.64
CA TYR G 120 -53.88 1.13 -5.81
C TYR G 120 -54.28 1.64 -7.19
N MET G 121 -53.62 2.70 -7.64
CA MET G 121 -53.96 3.31 -8.92
C MET G 121 -53.66 2.36 -10.04
N PHE G 122 -52.53 1.65 -9.93
CA PHE G 122 -52.14 0.72 -10.97
C PHE G 122 -53.05 -0.48 -11.00
N ASP G 123 -53.19 -1.15 -9.86
CA ASP G 123 -53.84 -2.44 -9.79
C ASP G 123 -55.34 -2.36 -10.10
N HIS G 124 -56.03 -1.43 -9.44
CA HIS G 124 -57.46 -1.22 -9.65
C HIS G 124 -57.71 -0.90 -11.12
N ASN G 125 -56.77 -0.23 -11.76
CA ASN G 125 -56.92 0.13 -13.14
C ASN G 125 -56.76 -1.05 -14.10
N ILE G 126 -55.70 -1.83 -13.92
CA ILE G 126 -55.41 -2.89 -14.89
C ILE G 126 -56.45 -3.99 -14.72
N PHE G 127 -56.84 -4.23 -13.48
CA PHE G 127 -57.78 -5.29 -13.16
C PHE G 127 -59.19 -4.92 -13.58
N GLN G 128 -59.63 -3.71 -13.24
CA GLN G 128 -60.97 -3.25 -13.54
C GLN G 128 -61.25 -3.16 -15.03
N ASP G 129 -60.24 -2.80 -15.80
CA ASP G 129 -60.48 -2.49 -17.22
C ASP G 129 -59.80 -3.45 -18.18
N ASN G 130 -59.05 -4.41 -17.67
CA ASN G 130 -58.43 -5.40 -18.54
C ASN G 130 -58.74 -6.84 -18.13
N LEU G 131 -59.24 -7.03 -16.92
CA LEU G 131 -59.57 -8.36 -16.42
C LEU G 131 -61.06 -8.49 -16.13
N VAL G 132 -61.55 -7.71 -15.17
CA VAL G 132 -62.98 -7.68 -14.87
C VAL G 132 -63.79 -6.98 -15.96
N GLY G 133 -63.18 -6.02 -16.65
CA GLY G 133 -63.88 -5.25 -17.65
C GLY G 133 -64.34 -6.08 -18.84
N VAL G 134 -63.55 -7.09 -19.20
CA VAL G 134 -63.84 -7.91 -20.36
C VAL G 134 -65.13 -8.72 -20.19
N ASP G 135 -65.65 -8.76 -18.97
CA ASP G 135 -66.92 -9.43 -18.71
C ASP G 135 -68.08 -8.51 -19.07
N PHE G 136 -67.75 -7.27 -19.46
CA PHE G 136 -68.76 -6.29 -19.83
C PHE G 136 -68.53 -5.79 -21.25
N CYS G 137 -67.52 -6.33 -21.93
CA CYS G 137 -67.20 -5.90 -23.28
C CYS G 137 -68.26 -6.36 -24.27
N GLU G 138 -68.34 -5.68 -25.41
CA GLU G 138 -69.27 -6.04 -26.48
C GLU G 138 -69.28 -7.54 -26.80
N GLN G 139 -68.10 -8.11 -27.03
CA GLN G 139 -67.99 -9.51 -27.41
C GLN G 139 -68.66 -10.44 -26.39
N MET G 140 -68.39 -10.23 -25.11
CA MET G 140 -68.92 -11.09 -24.05
C MET G 140 -70.43 -10.95 -23.92
N VAL G 141 -70.91 -9.71 -23.89
CA VAL G 141 -72.33 -9.42 -23.73
C VAL G 141 -73.17 -10.02 -24.85
N ARG G 142 -72.63 -10.07 -26.05
CA ARG G 142 -73.40 -10.57 -27.19
C ARG G 142 -73.64 -12.07 -27.13
N GLU G 143 -72.64 -12.83 -26.69
CA GLU G 143 -72.79 -14.27 -26.64
C GLU G 143 -73.38 -14.72 -25.30
N THR G 144 -73.87 -13.77 -24.50
CA THR G 144 -74.50 -14.11 -23.22
C THR G 144 -75.87 -13.44 -23.09
N ASN G 145 -75.97 -12.19 -23.52
CA ASN G 145 -77.22 -11.44 -23.45
C ASN G 145 -77.42 -10.55 -24.65
N PRO G 146 -77.65 -11.16 -25.82
CA PRO G 146 -77.91 -10.46 -27.09
C PRO G 146 -78.99 -9.37 -26.96
N GLY G 147 -79.93 -9.57 -26.05
CA GLY G 147 -80.95 -8.56 -25.79
C GLY G 147 -80.35 -7.31 -25.16
N VAL G 148 -79.50 -7.50 -24.16
CA VAL G 148 -78.82 -6.39 -23.52
C VAL G 148 -78.01 -5.58 -24.53
N TRP G 149 -77.47 -6.24 -25.55
CA TRP G 149 -76.68 -5.54 -26.55
C TRP G 149 -77.54 -4.54 -27.33
N GLU G 150 -78.71 -5.00 -27.76
CA GLU G 150 -79.62 -4.13 -28.51
C GLU G 150 -80.10 -2.98 -27.64
N LYS G 151 -80.39 -3.26 -26.38
CA LYS G 151 -80.79 -2.21 -25.45
C LYS G 151 -79.66 -1.23 -25.20
N ALA G 152 -78.42 -1.72 -25.24
CA ALA G 152 -77.24 -0.89 -25.00
C ALA G 152 -76.90 -0.03 -26.21
N LYS G 153 -77.39 -0.45 -27.38
CA LYS G 153 -77.11 0.27 -28.61
C LYS G 153 -77.92 1.56 -28.73
N THR G 154 -78.99 1.66 -27.95
CA THR G 154 -79.84 2.85 -28.02
C THR G 154 -79.92 3.54 -26.66
N ALA G 155 -79.08 3.10 -25.73
CA ALA G 155 -78.98 3.71 -24.42
C ALA G 155 -77.98 4.87 -24.45
N GLU G 156 -78.49 6.09 -24.48
CA GLU G 156 -77.62 7.26 -24.40
C GLU G 156 -76.91 7.32 -23.05
N ALA G 157 -75.59 7.40 -23.10
CA ALA G 157 -74.79 7.47 -21.88
C ALA G 157 -74.92 8.84 -21.23
N PRO G 158 -75.47 8.87 -20.02
CA PRO G 158 -75.79 10.06 -19.22
C PRO G 158 -74.62 11.03 -19.09
N HIS G 159 -73.39 10.54 -19.25
CA HIS G 159 -72.21 11.39 -19.12
C HIS G 159 -71.40 11.42 -20.40
N ALA G 160 -72.09 11.45 -21.54
CA ALA G 160 -71.42 11.46 -22.83
C ALA G 160 -70.44 12.62 -22.94
N ALA G 161 -70.81 13.75 -22.33
CA ALA G 161 -70.00 14.96 -22.36
C ALA G 161 -68.70 14.84 -21.55
N GLU G 162 -68.62 13.81 -20.71
CA GLU G 162 -67.46 13.63 -19.83
C GLU G 162 -66.44 12.65 -20.39
N HIS G 163 -66.90 11.47 -20.77
CA HIS G 163 -66.02 10.41 -21.27
C HIS G 163 -66.00 10.25 -22.80
N GLY G 164 -66.98 10.84 -23.48
CA GLY G 164 -66.97 10.88 -24.92
C GLY G 164 -67.58 9.68 -25.61
N TYR G 165 -68.25 8.83 -24.85
CA TYR G 165 -68.98 7.71 -25.43
C TYR G 165 -70.49 7.99 -25.41
N ARG G 166 -71.12 8.03 -26.58
CA ARG G 166 -72.53 8.44 -26.67
C ARG G 166 -73.49 7.35 -26.17
N THR G 167 -73.26 6.11 -26.58
CA THR G 167 -74.08 5.00 -26.11
C THR G 167 -73.30 4.05 -25.20
N ILE G 168 -74.02 3.31 -24.39
CA ILE G 168 -73.42 2.28 -23.55
C ILE G 168 -72.76 1.23 -24.45
N ALA G 169 -73.26 1.11 -25.68
CA ALA G 169 -72.70 0.17 -26.64
C ALA G 169 -71.28 0.55 -27.02
N ASP G 170 -71.04 1.86 -27.19
CA ASP G 170 -69.71 2.35 -27.48
C ASP G 170 -68.74 1.97 -26.35
N ILE G 171 -69.17 2.16 -25.12
CA ILE G 171 -68.35 1.82 -23.96
C ILE G 171 -67.98 0.34 -23.97
N MET G 172 -68.95 -0.52 -24.24
CA MET G 172 -68.72 -1.96 -24.27
C MET G 172 -67.73 -2.35 -25.36
N THR G 173 -67.76 -1.63 -26.47
CA THR G 173 -66.85 -1.93 -27.57
C THR G 173 -65.42 -1.56 -27.21
N ALA G 174 -65.26 -0.45 -26.50
CA ALA G 174 -63.91 0.00 -26.11
C ALA G 174 -63.26 -0.98 -25.13
N LEU G 175 -64.06 -1.87 -24.55
CA LEU G 175 -63.58 -2.82 -23.55
C LEU G 175 -63.13 -4.13 -24.19
N ASN G 176 -63.47 -4.31 -25.46
CA ASN G 176 -63.01 -5.48 -26.19
C ASN G 176 -61.49 -5.56 -26.17
N PRO G 177 -60.95 -6.70 -25.71
CA PRO G 177 -59.52 -6.91 -25.53
C PRO G 177 -58.66 -6.67 -26.78
N PHE G 178 -57.70 -5.76 -26.64
CA PHE G 178 -56.69 -5.47 -27.67
C PHE G 178 -57.19 -4.63 -28.84
N THR G 179 -58.51 -4.66 -29.07
CA THR G 179 -59.05 -3.91 -30.19
C THR G 179 -59.76 -2.65 -29.69
N GLY G 180 -60.27 -2.72 -28.47
CA GLY G 180 -60.97 -1.60 -27.86
C GLY G 180 -60.05 -0.46 -27.48
N GLU G 181 -60.48 0.76 -27.77
CA GLU G 181 -59.72 1.97 -27.47
C GLU G 181 -59.38 2.05 -26.00
N PHE G 182 -60.35 1.76 -25.16
CA PHE G 182 -60.20 1.94 -23.71
C PHE G 182 -59.37 0.81 -23.09
N TYR G 183 -59.46 -0.39 -23.65
CA TYR G 183 -58.69 -1.53 -23.14
C TYR G 183 -57.21 -1.27 -23.35
N ARG G 184 -56.90 -0.66 -24.49
CA ARG G 184 -55.52 -0.34 -24.85
C ARG G 184 -55.03 0.88 -24.07
N GLU G 185 -55.95 1.76 -23.71
CA GLU G 185 -55.57 2.99 -23.03
C GLU G 185 -55.19 2.73 -21.60
N THR G 186 -55.98 1.93 -20.89
CA THR G 186 -55.69 1.67 -19.49
C THR G 186 -54.39 0.89 -19.35
N LEU G 187 -54.01 0.15 -20.39
CA LEU G 187 -52.72 -0.53 -20.39
C LEU G 187 -51.57 0.47 -20.33
N LEU G 188 -51.71 1.60 -21.03
CA LEU G 188 -50.69 2.63 -20.99
C LEU G 188 -50.67 3.31 -19.63
N VAL G 189 -51.85 3.44 -19.03
CA VAL G 189 -51.97 4.11 -17.76
C VAL G 189 -51.33 3.25 -16.71
N SER G 190 -51.41 1.94 -16.90
CA SER G 190 -50.90 1.01 -15.91
C SER G 190 -49.37 1.00 -15.97
N ARG G 191 -48.83 1.58 -17.03
CA ARG G 191 -47.39 1.71 -17.14
C ARG G 191 -46.86 2.95 -16.44
N TYR G 192 -47.57 4.08 -16.56
CA TYR G 192 -47.04 5.30 -15.95
C TYR G 192 -47.41 5.40 -14.47
N THR G 193 -48.39 4.60 -14.04
CA THR G 193 -48.68 4.45 -12.62
C THR G 193 -47.56 3.65 -11.94
N ARG G 194 -47.04 2.66 -12.65
CA ARG G 194 -45.98 1.84 -12.11
C ARG G 194 -44.65 2.60 -12.13
N GLU G 195 -44.52 3.54 -13.06
CA GLU G 195 -43.42 4.49 -13.05
C GLU G 195 -43.48 5.33 -11.78
N MET G 196 -44.67 5.85 -11.48
CA MET G 196 -44.89 6.54 -10.22
C MET G 196 -44.50 5.64 -9.04
N PHE G 197 -44.88 4.36 -9.10
CA PHE G 197 -44.59 3.43 -8.02
C PHE G 197 -43.10 3.24 -7.86
N CYS G 198 -42.41 3.12 -8.99
CA CYS G 198 -40.97 2.86 -8.98
C CYS G 198 -40.18 4.05 -8.44
N LEU G 199 -40.69 5.26 -8.66
CA LEU G 199 -40.04 6.44 -8.12
C LEU G 199 -39.90 6.33 -6.60
N MET G 200 -40.95 5.84 -5.94
CA MET G 200 -40.90 5.72 -4.50
C MET G 200 -40.32 4.38 -4.06
N GLU G 201 -40.72 3.29 -4.68
CA GLU G 201 -40.42 1.97 -4.11
C GLU G 201 -39.37 1.19 -4.89
N GLY G 202 -38.81 1.79 -5.92
CA GLY G 202 -37.66 1.23 -6.61
C GLY G 202 -38.02 0.48 -7.87
N ARG G 203 -38.79 -0.59 -7.69
CA ARG G 203 -39.30 -1.39 -8.81
C ARG G 203 -40.57 -2.17 -8.43
N HIS G 204 -41.16 -2.84 -9.42
CA HIS G 204 -42.49 -3.38 -9.26
C HIS G 204 -42.60 -4.73 -9.94
N VAL G 205 -43.32 -5.68 -9.33
CA VAL G 205 -44.12 -5.44 -8.14
C VAL G 205 -43.36 -5.60 -6.83
N HIS G 206 -42.23 -6.30 -6.88
CA HIS G 206 -41.43 -6.52 -5.66
C HIS G 206 -40.44 -5.39 -5.47
N PRO G 207 -40.65 -4.58 -4.42
CA PRO G 207 -39.91 -3.36 -4.13
C PRO G 207 -38.45 -3.62 -3.82
N SER G 208 -37.61 -2.61 -4.03
CA SER G 208 -36.19 -2.72 -3.76
C SER G 208 -35.73 -1.75 -2.68
N THR G 209 -36.47 -0.67 -2.47
CA THR G 209 -36.03 0.39 -1.58
C THR G 209 -36.77 0.43 -0.24
N LEU G 210 -37.48 -0.66 0.08
CA LEU G 210 -38.19 -0.77 1.35
C LEU G 210 -37.32 -1.49 2.38
N TYR G 211 -37.31 -0.98 3.62
CA TYR G 211 -36.51 -1.56 4.68
C TYR G 211 -37.20 -1.38 6.01
N PRO G 212 -36.98 -2.31 6.94
CA PRO G 212 -37.36 -1.95 8.30
C PRO G 212 -36.50 -0.76 8.72
N GLY G 213 -37.11 0.31 9.19
CA GLY G 213 -36.35 1.48 9.56
C GLY G 213 -36.67 2.67 8.67
N GLY G 214 -36.80 2.41 7.37
CA GLY G 214 -37.13 3.46 6.43
C GLY G 214 -36.99 2.96 5.01
N VAL G 215 -36.71 3.88 4.09
CA VAL G 215 -36.53 3.54 2.69
C VAL G 215 -35.16 3.99 2.19
N GLY G 216 -34.73 3.44 1.07
CA GLY G 216 -33.47 3.80 0.45
C GLY G 216 -33.69 4.86 -0.62
N THR G 217 -34.95 5.20 -0.84
CA THR G 217 -35.30 6.25 -1.80
C THR G 217 -34.61 7.54 -1.38
N VAL G 218 -34.00 8.23 -2.33
CA VAL G 218 -33.35 9.51 -2.07
C VAL G 218 -34.30 10.68 -2.26
N PRO G 219 -34.77 11.28 -1.17
CA PRO G 219 -35.71 12.40 -1.24
C PRO G 219 -35.08 13.66 -1.84
N THR G 220 -35.49 14.03 -3.05
CA THR G 220 -35.03 15.26 -3.68
C THR G 220 -36.19 15.96 -4.35
N ILE G 221 -35.98 17.20 -4.80
CA ILE G 221 -37.06 17.96 -5.40
C ILE G 221 -37.45 17.33 -6.74
N GLN G 222 -36.46 16.75 -7.40
CA GLN G 222 -36.67 16.07 -8.68
C GLN G 222 -37.60 14.87 -8.51
N LEU G 223 -37.35 14.10 -7.45
CA LEU G 223 -38.15 12.93 -7.12
C LEU G 223 -39.65 13.20 -7.17
N PHE G 224 -40.08 14.20 -6.41
CA PHE G 224 -41.50 14.41 -6.21
C PHE G 224 -42.17 15.09 -7.39
N THR G 225 -41.43 15.92 -8.13
CA THR G 225 -42.00 16.50 -9.33
C THR G 225 -42.08 15.43 -10.44
N ASP G 226 -41.17 14.47 -10.42
CA ASP G 226 -41.22 13.35 -11.33
C ASP G 226 -42.48 12.53 -11.09
N TYR G 227 -42.90 12.46 -9.83
CA TYR G 227 -44.08 11.71 -9.42
C TYR G 227 -45.36 12.55 -9.58
N ILE G 228 -45.30 13.83 -9.22
CA ILE G 228 -46.49 14.68 -9.28
C ILE G 228 -46.92 14.95 -10.71
N THR G 229 -45.93 15.03 -11.60
CA THR G 229 -46.15 15.18 -13.01
C THR G 229 -47.03 14.10 -13.57
N ARG G 230 -46.77 12.86 -13.16
CA ARG G 230 -47.52 11.71 -13.66
C ARG G 230 -48.88 11.60 -12.97
N LEU G 231 -48.90 11.87 -11.67
CA LEU G 231 -50.13 11.88 -10.90
C LEU G 231 -51.19 12.78 -11.52
N MET G 232 -50.76 13.91 -12.08
CA MET G 232 -51.69 14.86 -12.68
C MET G 232 -52.37 14.26 -13.89
N LYS G 233 -51.63 13.50 -14.69
CA LYS G 233 -52.21 12.81 -15.84
C LYS G 233 -53.30 11.85 -15.36
N TYR G 234 -53.00 11.14 -14.27
CA TYR G 234 -53.93 10.15 -13.76
C TYR G 234 -55.17 10.84 -13.20
N VAL G 235 -54.96 11.95 -12.50
CA VAL G 235 -56.07 12.70 -11.90
C VAL G 235 -57.05 13.16 -12.98
N GLU G 236 -56.53 13.56 -14.13
CA GLU G 236 -57.40 14.00 -15.22
C GLU G 236 -58.07 12.80 -15.90
N PHE G 237 -57.37 11.67 -15.90
CA PHE G 237 -57.92 10.40 -16.38
C PHE G 237 -59.19 10.04 -15.61
N MET G 238 -59.13 10.17 -14.29
CA MET G 238 -60.24 9.77 -13.42
C MET G 238 -61.49 10.62 -13.60
N LYS G 239 -61.32 11.85 -14.07
CA LYS G 239 -62.47 12.71 -14.29
C LYS G 239 -63.35 12.14 -15.38
N LYS G 240 -62.74 11.33 -16.25
CA LYS G 240 -63.46 10.66 -17.32
C LYS G 240 -63.93 9.26 -16.92
N VAL G 241 -63.08 8.54 -16.21
CA VAL G 241 -63.29 7.13 -15.91
C VAL G 241 -64.37 6.88 -14.86
N VAL G 242 -64.46 7.75 -13.86
CA VAL G 242 -65.49 7.61 -12.83
C VAL G 242 -66.90 7.73 -13.41
N PRO G 243 -67.17 8.81 -14.15
CA PRO G 243 -68.50 8.93 -14.76
C PRO G 243 -68.72 7.87 -15.82
N LEU G 244 -67.64 7.39 -16.44
CA LEU G 244 -67.75 6.36 -17.46
C LEU G 244 -68.31 5.07 -16.88
N HIS G 245 -67.65 4.56 -15.86
CA HIS G 245 -68.00 3.28 -15.27
C HIS G 245 -69.39 3.27 -14.64
N ASP G 246 -69.74 4.32 -13.89
CA ASP G 246 -71.05 4.31 -13.26
C ASP G 246 -72.12 4.80 -14.23
N ASP G 247 -71.81 4.72 -15.52
CA ASP G 247 -72.85 4.73 -16.55
C ASP G 247 -73.03 3.29 -16.99
N LEU G 248 -71.92 2.60 -17.20
CA LEU G 248 -71.92 1.19 -17.55
C LEU G 248 -72.63 0.37 -16.48
N PHE G 249 -72.20 0.53 -15.23
CA PHE G 249 -72.79 -0.20 -14.11
C PHE G 249 -74.24 0.20 -13.87
N ASP G 250 -74.53 1.49 -13.88
CA ASP G 250 -75.92 1.95 -13.73
C ASP G 250 -76.81 1.40 -14.84
N PHE G 251 -76.19 1.04 -15.95
CA PHE G 251 -76.93 0.49 -17.08
C PHE G 251 -77.42 -0.92 -16.80
N PHE G 252 -76.59 -1.73 -16.14
CA PHE G 252 -76.91 -3.13 -15.94
C PHE G 252 -78.08 -3.31 -14.97
N TYR G 253 -78.28 -2.35 -14.09
CA TYR G 253 -79.48 -2.33 -13.27
C TYR G 253 -80.71 -2.14 -14.15
N GLU G 254 -80.65 -1.13 -15.02
CA GLU G 254 -81.75 -0.82 -15.93
C GLU G 254 -82.01 -1.98 -16.89
N ALA G 255 -80.96 -2.47 -17.55
CA ALA G 255 -81.12 -3.48 -18.59
C ALA G 255 -81.62 -4.80 -18.06
N LEU G 256 -80.94 -5.34 -17.04
CA LEU G 256 -81.35 -6.60 -16.43
C LEU G 256 -81.92 -6.38 -15.05
N PRO G 257 -83.22 -6.05 -14.97
CA PRO G 257 -83.89 -5.75 -13.71
C PRO G 257 -83.63 -6.83 -12.67
N GLY G 258 -83.15 -6.44 -11.50
CA GLY G 258 -82.88 -7.39 -10.43
C GLY G 258 -81.43 -7.85 -10.37
N TYR G 259 -80.57 -7.25 -11.18
CA TYR G 259 -79.17 -7.65 -11.21
C TYR G 259 -78.45 -7.21 -9.93
N GLU G 260 -79.21 -6.64 -9.01
CA GLU G 260 -78.68 -6.22 -7.72
C GLU G 260 -78.37 -7.44 -6.87
N GLU G 261 -78.93 -8.57 -7.25
CA GLU G 261 -78.79 -9.80 -6.47
C GLU G 261 -77.57 -10.62 -6.90
N VAL G 262 -76.92 -10.19 -7.98
CA VAL G 262 -75.79 -10.96 -8.49
C VAL G 262 -74.58 -10.82 -7.60
N GLY G 263 -74.13 -11.95 -7.05
CA GLY G 263 -72.99 -12.00 -6.16
C GLY G 263 -73.23 -11.27 -4.87
N ARG G 264 -74.48 -11.25 -4.42
CA ARG G 264 -74.85 -10.48 -3.24
C ARG G 264 -74.66 -11.27 -1.95
N ARG G 265 -74.10 -10.62 -0.94
CA ARG G 265 -73.95 -11.21 0.38
C ARG G 265 -74.60 -10.34 1.42
N ARG G 266 -74.75 -10.89 2.62
CA ARG G 266 -75.06 -10.11 3.79
C ARG G 266 -73.87 -9.18 3.98
N ILE G 267 -74.10 -7.98 4.53
CA ILE G 267 -73.02 -7.02 4.72
C ILE G 267 -72.07 -7.43 5.84
N LEU G 268 -70.98 -8.10 5.46
CA LEU G 268 -69.98 -8.55 6.40
C LEU G 268 -68.63 -8.08 5.88
N LEU G 269 -68.26 -6.86 6.26
CA LEU G 269 -67.11 -6.20 5.68
C LEU G 269 -66.01 -5.95 6.68
N GLY G 270 -64.77 -6.13 6.22
CA GLY G 270 -63.60 -5.86 7.03
C GLY G 270 -62.62 -4.90 6.38
N CYS G 271 -62.24 -3.87 7.12
CA CYS G 271 -61.18 -2.97 6.68
C CYS G 271 -60.22 -2.79 7.82
N TRP G 272 -58.93 -2.95 7.56
CA TRP G 272 -57.97 -2.86 8.66
C TRP G 272 -57.12 -1.59 8.59
N GLY G 273 -57.67 -0.53 7.98
CA GLY G 273 -56.96 0.73 7.83
C GLY G 273 -55.93 0.66 6.71
N SER G 274 -55.44 1.82 6.26
CA SER G 274 -54.44 1.80 5.18
C SER G 274 -53.23 2.72 5.37
N PHE G 275 -53.37 4.00 5.04
CA PHE G 275 -52.20 4.89 5.00
C PHE G 275 -51.80 5.41 6.39
N GLN G 276 -50.55 5.16 6.79
CA GLN G 276 -50.07 5.54 8.13
C GLN G 276 -49.79 7.04 8.27
N ASP G 277 -50.18 7.63 9.41
CA ASP G 277 -49.85 9.02 9.71
C ASP G 277 -48.59 9.10 10.58
N PRO G 278 -47.45 9.45 9.97
CA PRO G 278 -46.19 9.51 10.72
C PRO G 278 -46.27 10.47 11.91
N ASN G 279 -47.27 11.33 11.94
CA ASN G 279 -47.46 12.23 13.09
C ASN G 279 -47.91 11.50 14.36
N VAL G 280 -48.61 10.38 14.20
CA VAL G 280 -49.13 9.65 15.36
C VAL G 280 -48.67 8.19 15.41
N CYS G 281 -48.09 7.69 14.33
CA CYS G 281 -47.72 6.29 14.24
C CYS G 281 -46.28 6.04 14.64
N ASP G 282 -46.11 5.43 15.81
CA ASP G 282 -44.80 5.02 16.29
C ASP G 282 -44.65 3.50 16.26
N TYR G 283 -45.55 2.84 15.52
CA TYR G 283 -45.52 1.40 15.31
C TYR G 283 -45.51 0.60 16.61
N ASN G 284 -46.06 1.19 17.67
CA ASN G 284 -46.11 0.53 18.95
C ASN G 284 -47.47 -0.12 19.19
N TYR G 285 -47.47 -1.40 19.57
CA TYR G 285 -48.71 -2.13 19.80
C TYR G 285 -49.56 -1.43 20.86
N ARG G 286 -48.88 -0.92 21.88
CA ARG G 286 -49.55 -0.28 23.02
C ARG G 286 -50.25 1.00 22.63
N THR G 287 -49.93 1.53 21.46
CA THR G 287 -50.55 2.75 20.98
C THR G 287 -51.33 2.49 19.70
N MET G 288 -51.31 1.22 19.25
CA MET G 288 -51.82 0.82 17.94
C MET G 288 -53.27 1.27 17.68
N THR G 289 -54.09 1.25 18.72
CA THR G 289 -55.46 1.74 18.63
C THR G 289 -55.49 3.20 18.20
N LYS G 290 -54.59 3.99 18.80
CA LYS G 290 -54.51 5.41 18.52
C LYS G 290 -54.07 5.68 17.08
N TRP G 291 -53.00 5.05 16.63
CA TRP G 291 -52.53 5.33 15.28
C TRP G 291 -53.26 4.51 14.21
N GLY G 292 -54.12 3.60 14.63
CA GLY G 292 -54.98 2.90 13.69
C GLY G 292 -56.04 3.83 13.14
N ARG G 293 -56.73 4.52 14.05
CA ARG G 293 -57.75 5.49 13.66
C ARG G 293 -57.14 6.74 13.06
N GLY G 294 -55.82 6.85 13.12
CA GLY G 294 -55.13 7.99 12.55
C GLY G 294 -54.79 7.78 11.09
N MET G 295 -54.96 6.55 10.62
CA MET G 295 -54.71 6.21 9.23
C MET G 295 -55.70 6.97 8.34
N PHE G 296 -55.41 7.03 7.04
CA PHE G 296 -56.22 7.81 6.11
C PHE G 296 -57.28 6.95 5.42
N VAL G 297 -57.25 5.67 5.75
CA VAL G 297 -58.39 4.80 5.52
C VAL G 297 -58.70 4.20 6.88
N THR G 298 -59.89 4.49 7.39
CA THR G 298 -60.27 4.09 8.74
C THR G 298 -60.42 2.58 8.87
N PRO G 299 -59.77 1.99 9.90
CA PRO G 299 -59.98 0.57 10.20
C PRO G 299 -61.42 0.34 10.65
N GLY G 300 -61.96 -0.85 10.41
CA GLY G 300 -63.30 -1.14 10.84
C GLY G 300 -63.81 -2.52 10.50
N VAL G 301 -64.79 -2.97 11.28
CA VAL G 301 -65.59 -4.14 10.95
C VAL G 301 -67.03 -3.70 10.78
N VAL G 302 -67.53 -3.81 9.55
CA VAL G 302 -68.90 -3.42 9.26
C VAL G 302 -69.77 -4.66 9.11
N VAL G 303 -70.79 -4.75 9.94
CA VAL G 303 -71.74 -5.85 9.91
C VAL G 303 -73.15 -5.31 9.80
N ASP G 304 -73.86 -5.72 8.75
CA ASP G 304 -75.22 -5.25 8.53
C ASP G 304 -75.29 -3.74 8.42
N GLY G 305 -74.20 -3.14 7.92
CA GLY G 305 -74.16 -1.71 7.66
C GLY G 305 -73.81 -0.88 8.88
N GLU G 306 -73.38 -1.55 9.94
CA GLU G 306 -73.09 -0.88 11.20
C GLU G 306 -71.66 -1.11 11.66
N LEU G 307 -70.98 -0.03 12.00
CA LEU G 307 -69.57 -0.11 12.34
C LEU G 307 -69.39 -0.71 13.74
N LEU G 308 -68.95 -1.96 13.81
CA LEU G 308 -68.79 -2.65 15.09
C LEU G 308 -67.61 -2.11 15.90
N THR G 309 -66.48 -1.90 15.22
CA THR G 309 -65.28 -1.36 15.86
C THR G 309 -64.34 -0.74 14.84
N THR G 310 -63.60 0.27 15.26
CA THR G 310 -62.55 0.85 14.44
C THR G 310 -61.23 0.71 15.18
N ASP G 311 -61.22 -0.22 16.13
CA ASP G 311 -60.08 -0.44 17.01
C ASP G 311 -59.20 -1.59 16.53
N LEU G 312 -57.96 -1.29 16.17
CA LEU G 312 -57.05 -2.29 15.59
C LEU G 312 -56.62 -3.40 16.54
N VAL G 313 -56.60 -3.14 17.85
CA VAL G 313 -56.18 -4.18 18.79
C VAL G 313 -57.35 -5.11 19.04
N ASP G 314 -58.55 -4.56 18.98
CA ASP G 314 -59.77 -5.35 19.13
C ASP G 314 -59.99 -6.19 17.88
N ILE G 315 -59.69 -5.60 16.72
CA ILE G 315 -59.78 -6.33 15.47
C ILE G 315 -58.80 -7.50 15.48
N ASN G 316 -57.61 -7.24 15.96
CA ASN G 316 -56.55 -8.23 16.00
C ASN G 316 -56.92 -9.48 16.80
N LEU G 317 -57.40 -9.25 18.01
CA LEU G 317 -57.66 -10.32 18.96
C LEU G 317 -58.72 -11.32 18.51
N ASN G 318 -59.65 -10.88 17.67
CA ASN G 318 -60.79 -11.71 17.28
C ASN G 318 -60.61 -12.48 15.96
N ILE G 319 -59.47 -12.29 15.32
CA ILE G 319 -59.14 -13.06 14.12
C ILE G 319 -58.95 -14.52 14.54
N ARG G 320 -59.48 -15.45 13.74
CA ARG G 320 -59.38 -16.86 14.05
C ARG G 320 -59.23 -17.67 12.78
N ILE G 321 -58.14 -18.43 12.69
CA ILE G 321 -57.92 -19.26 11.52
C ILE G 321 -58.53 -20.63 11.77
N LEU G 322 -59.58 -20.95 11.01
CA LEU G 322 -60.28 -22.21 11.16
C LEU G 322 -60.02 -23.15 9.98
N LEU G 323 -60.14 -24.45 10.23
CA LEU G 323 -60.08 -25.43 9.14
C LEU G 323 -61.46 -26.06 8.95
N GLY G 324 -61.49 -27.25 8.33
CA GLY G 324 -62.75 -27.90 8.02
C GLY G 324 -62.85 -28.38 6.58
N SER G 325 -62.24 -27.66 5.64
CA SER G 325 -62.28 -28.05 4.25
C SER G 325 -60.90 -27.96 3.57
N SER G 326 -59.87 -27.71 4.37
CA SER G 326 -58.55 -27.41 3.84
C SER G 326 -57.57 -28.57 3.99
N PHE G 327 -56.60 -28.63 3.09
CA PHE G 327 -55.62 -29.73 3.09
C PHE G 327 -54.58 -29.65 4.22
N TYR G 328 -55.03 -29.46 5.46
CA TYR G 328 -54.10 -29.35 6.58
C TYR G 328 -54.51 -30.23 7.77
N GLN G 329 -53.65 -30.31 8.78
CA GLN G 329 -53.92 -31.21 9.92
C GLN G 329 -54.48 -30.52 11.16
N ASP G 330 -54.21 -29.22 11.30
CA ASP G 330 -54.64 -28.43 12.47
C ASP G 330 -53.65 -28.60 13.61
N TRP G 331 -53.44 -27.52 14.35
CA TRP G 331 -52.31 -27.42 15.25
C TRP G 331 -52.72 -27.48 16.72
N ASP G 332 -53.76 -28.24 17.00
CA ASP G 332 -54.29 -28.36 18.35
C ASP G 332 -53.29 -29.03 19.30
N HIS G 333 -52.51 -29.97 18.76
CA HIS G 333 -51.53 -30.68 19.56
C HIS G 333 -50.20 -29.95 19.58
N GLU G 334 -50.09 -28.93 18.75
CA GLU G 334 -48.86 -28.17 18.63
C GLU G 334 -48.72 -27.11 19.72
N GLU G 335 -47.49 -26.78 20.06
CA GLU G 335 -47.23 -25.79 21.10
C GLU G 335 -47.30 -24.38 20.52
N THR G 336 -48.01 -23.51 21.23
CA THR G 336 -48.24 -22.14 20.78
C THR G 336 -47.34 -21.16 21.53
N SER G 337 -46.89 -20.12 20.83
CA SER G 337 -45.82 -19.24 21.32
C SER G 337 -46.28 -17.92 21.95
N VAL G 338 -47.54 -17.54 21.72
CA VAL G 338 -48.02 -16.26 22.25
C VAL G 338 -49.30 -16.37 23.09
N LYS G 339 -49.17 -16.32 24.41
CA LYS G 339 -50.32 -16.43 25.30
C LYS G 339 -51.01 -15.09 25.46
N ASN G 340 -50.22 -14.03 25.57
CA ASN G 340 -50.74 -12.67 25.71
C ASN G 340 -50.18 -11.73 24.65
N ASP G 341 -50.90 -10.64 24.38
CA ASP G 341 -50.33 -9.58 23.53
C ASP G 341 -49.56 -8.58 24.41
N PRO G 342 -48.91 -7.59 23.79
CA PRO G 342 -48.17 -6.59 24.56
C PRO G 342 -49.02 -5.89 25.63
N LEU G 343 -50.32 -5.76 25.41
CA LEU G 343 -51.19 -5.16 26.42
C LEU G 343 -51.67 -6.18 27.45
N GLY G 344 -51.21 -7.42 27.30
CA GLY G 344 -51.59 -8.49 28.21
C GLY G 344 -52.99 -9.04 28.00
N ASN G 345 -53.35 -9.27 26.73
CA ASN G 345 -54.64 -9.85 26.39
C ASN G 345 -54.50 -11.31 25.99
N ALA G 346 -55.47 -12.12 26.39
CA ALA G 346 -55.47 -13.53 26.01
C ALA G 346 -55.49 -13.66 24.50
N VAL G 347 -54.48 -14.32 23.95
CA VAL G 347 -54.40 -14.60 22.52
C VAL G 347 -54.85 -16.04 22.28
N ASP G 348 -55.87 -16.21 21.45
CA ASP G 348 -56.44 -17.53 21.23
C ASP G 348 -55.48 -18.48 20.50
N ARG G 349 -55.78 -19.76 20.54
CA ARG G 349 -54.94 -20.79 19.96
C ARG G 349 -55.04 -20.81 18.42
N LYS G 350 -56.13 -20.27 17.89
CA LYS G 350 -56.35 -20.26 16.46
C LYS G 350 -55.95 -18.92 15.84
N HIS G 351 -55.38 -18.06 16.66
CA HIS G 351 -54.89 -16.77 16.18
C HIS G 351 -53.61 -16.99 15.36
N PRO G 352 -53.37 -16.13 14.36
CA PRO G 352 -52.20 -16.28 13.49
C PRO G 352 -50.87 -16.28 14.26
N TRP G 353 -50.86 -15.66 15.44
CA TRP G 353 -49.66 -15.66 16.29
C TRP G 353 -49.32 -17.07 16.83
N ASN G 354 -50.31 -17.94 16.91
CA ASN G 354 -50.12 -19.27 17.48
C ASN G 354 -50.35 -20.38 16.46
N GLN G 355 -50.53 -20.02 15.20
CA GLN G 355 -50.82 -21.02 14.16
C GLN G 355 -49.59 -21.82 13.75
N THR G 356 -49.82 -23.08 13.37
CA THR G 356 -48.77 -23.90 12.79
C THR G 356 -49.32 -24.58 11.54
N THR G 357 -48.72 -24.25 10.40
CA THR G 357 -49.17 -24.78 9.12
C THR G 357 -48.67 -26.19 8.90
N LEU G 358 -49.59 -27.16 8.93
CA LEU G 358 -49.23 -28.55 8.73
C LEU G 358 -49.81 -29.07 7.43
N PRO G 359 -49.05 -28.95 6.33
CA PRO G 359 -49.46 -29.37 4.98
C PRO G 359 -49.77 -30.85 4.87
N ARG G 360 -50.94 -31.15 4.30
CA ARG G 360 -51.39 -32.53 4.16
C ARG G 360 -51.97 -32.79 2.78
N PRO G 361 -51.10 -32.80 1.76
CA PRO G 361 -51.51 -33.07 0.38
C PRO G 361 -52.38 -34.32 0.32
N GLN G 362 -53.46 -34.28 -0.45
CA GLN G 362 -54.46 -35.36 -0.43
C GLN G 362 -55.49 -35.17 -1.54
N LYS G 363 -56.35 -36.18 -1.71
CA LYS G 363 -57.37 -36.14 -2.76
C LYS G 363 -58.41 -35.05 -2.48
N ARG G 364 -58.92 -34.47 -3.55
CA ARG G 364 -59.91 -33.39 -3.44
C ARG G 364 -61.32 -33.96 -3.20
N ASN G 365 -61.80 -33.81 -1.97
CA ASN G 365 -63.13 -34.28 -1.59
C ASN G 365 -64.03 -33.11 -1.22
N PHE G 366 -65.11 -32.92 -1.99
CA PHE G 366 -65.98 -31.77 -1.76
C PHE G 366 -66.91 -32.03 -0.58
N GLY G 367 -66.80 -33.21 0.00
CA GLY G 367 -67.57 -33.55 1.18
C GLY G 367 -66.73 -33.32 2.42
N GLY G 368 -65.43 -33.07 2.23
CA GLY G 368 -64.51 -32.87 3.33
C GLY G 368 -63.48 -31.78 3.07
N ASN G 369 -62.25 -32.17 2.73
CA ASN G 369 -61.18 -31.23 2.37
C ASN G 369 -61.02 -31.12 0.87
N TYR G 370 -61.14 -29.91 0.32
CA TYR G 370 -61.10 -29.76 -1.12
C TYR G 370 -60.35 -28.52 -1.59
N THR G 371 -59.50 -27.96 -0.74
CA THR G 371 -58.73 -26.78 -1.13
C THR G 371 -57.51 -26.54 -0.22
N TRP G 372 -56.59 -25.72 -0.71
CA TRP G 372 -55.41 -25.36 0.05
C TRP G 372 -55.63 -24.08 0.84
N VAL G 373 -56.77 -23.43 0.58
CA VAL G 373 -57.11 -22.20 1.28
C VAL G 373 -57.75 -22.54 2.62
N MET G 374 -57.22 -21.95 3.69
CA MET G 374 -57.82 -22.11 5.01
C MET G 374 -59.05 -21.22 5.17
N SER G 375 -59.60 -21.19 6.38
CA SER G 375 -60.89 -20.52 6.62
C SER G 375 -60.85 -19.52 7.76
N PRO G 376 -60.26 -18.34 7.51
CA PRO G 376 -60.24 -17.28 8.53
C PRO G 376 -61.62 -16.70 8.77
N ARG G 377 -62.06 -16.69 10.03
CA ARG G 377 -63.31 -16.04 10.43
C ARG G 377 -62.97 -14.94 11.42
N TRP G 378 -63.92 -14.05 11.72
CA TRP G 378 -63.73 -13.04 12.75
C TRP G 378 -64.77 -13.17 13.85
N LEU G 379 -64.31 -13.36 15.09
CA LEU G 379 -65.21 -13.62 16.21
C LEU G 379 -66.01 -12.40 16.67
N ASP G 380 -67.32 -12.44 16.43
CA ASP G 380 -68.23 -11.41 16.94
C ASP G 380 -68.71 -11.80 18.32
N LYS G 381 -68.19 -11.11 19.34
CA LYS G 381 -68.48 -11.46 20.73
C LYS G 381 -69.94 -11.21 21.10
N ARG G 382 -70.60 -10.33 20.35
CA ARG G 382 -72.01 -10.05 20.58
C ARG G 382 -72.85 -11.33 20.46
N THR G 383 -72.59 -12.12 19.43
CA THR G 383 -73.37 -13.32 19.14
C THR G 383 -72.63 -14.60 19.52
N GLY G 384 -71.32 -14.62 19.29
CA GLY G 384 -70.53 -15.81 19.48
C GLY G 384 -70.21 -16.44 18.14
N ASP G 385 -70.80 -15.87 17.09
CA ASP G 385 -70.59 -16.33 15.72
C ASP G 385 -69.17 -16.11 15.23
N HIS G 386 -68.74 -16.95 14.29
CA HIS G 386 -67.50 -16.70 13.56
C HIS G 386 -67.87 -16.18 12.19
N LEU G 387 -67.84 -14.86 12.05
CA LEU G 387 -68.29 -14.18 10.84
C LEU G 387 -67.37 -14.48 9.66
N ALA G 388 -67.97 -14.75 8.51
CA ALA G 388 -67.20 -14.90 7.28
C ALA G 388 -67.10 -13.55 6.59
N LEU G 389 -66.30 -12.67 7.19
CA LEU G 389 -66.10 -11.33 6.65
C LEU G 389 -65.51 -11.38 5.25
N ASP G 390 -66.00 -10.51 4.38
CA ASP G 390 -65.38 -10.36 3.07
C ASP G 390 -64.78 -8.95 2.98
N THR G 391 -63.89 -8.77 2.03
CA THR G 391 -63.35 -7.45 1.73
C THR G 391 -64.15 -6.80 0.61
N GLY G 392 -64.83 -7.64 -0.16
CA GLY G 392 -65.61 -7.17 -1.29
C GLY G 392 -64.82 -6.53 -2.41
N GLY G 393 -63.53 -6.83 -2.52
CA GLY G 393 -62.77 -6.19 -3.56
C GLY G 393 -61.31 -5.86 -3.33
N GLY G 394 -60.98 -5.13 -2.27
CA GLY G 394 -61.96 -4.62 -1.35
C GLY G 394 -61.97 -3.11 -1.20
N PRO G 395 -62.07 -2.39 -2.33
CA PRO G 395 -62.41 -0.97 -2.26
C PRO G 395 -63.75 -0.68 -1.58
N ILE G 396 -64.71 -1.60 -1.65
CA ILE G 396 -66.02 -1.33 -1.06
C ILE G 396 -65.94 -1.31 0.46
N ALA G 397 -65.08 -2.17 1.01
CA ALA G 397 -64.90 -2.23 2.45
C ALA G 397 -64.24 -0.96 2.97
N ARG G 398 -63.20 -0.51 2.27
CA ARG G 398 -62.48 0.70 2.61
C ARG G 398 -63.37 1.93 2.72
N LEU G 399 -64.16 2.15 1.67
CA LEU G 399 -65.05 3.30 1.61
C LEU G 399 -66.16 3.20 2.62
N TRP G 400 -66.71 2.00 2.79
CA TRP G 400 -67.87 1.80 3.66
C TRP G 400 -67.47 2.09 5.09
N ALA G 401 -66.34 1.52 5.49
CA ALA G 401 -65.82 1.73 6.84
C ALA G 401 -65.46 3.20 7.02
N THR G 402 -64.65 3.73 6.10
CA THR G 402 -64.23 5.12 6.16
C THR G 402 -65.41 6.09 6.21
N ALA G 403 -66.35 5.91 5.28
CA ALA G 403 -67.57 6.71 5.27
C ALA G 403 -68.30 6.66 6.60
N LEU G 404 -68.35 5.49 7.24
CA LEU G 404 -69.08 5.34 8.49
C LEU G 404 -68.39 5.99 9.68
N ALA G 405 -67.08 5.75 9.80
CA ALA G 405 -66.31 6.21 10.96
C ALA G 405 -66.26 7.73 11.09
N GLY G 406 -66.51 8.42 9.99
CA GLY G 406 -66.52 9.87 9.97
C GLY G 406 -65.25 10.54 10.50
N LEU G 407 -64.10 9.92 10.25
CA LEU G 407 -62.85 10.40 10.83
C LEU G 407 -61.92 11.05 9.82
N VAL G 408 -61.90 10.53 8.60
CA VAL G 408 -60.97 11.02 7.58
C VAL G 408 -61.38 12.37 7.00
N ASP G 409 -60.55 13.39 7.26
CA ASP G 409 -60.67 14.69 6.61
C ASP G 409 -59.28 15.23 6.26
N ILE G 410 -58.91 15.12 5.00
CA ILE G 410 -57.67 15.72 4.51
C ILE G 410 -57.94 16.64 3.32
N GLY G 411 -59.15 17.20 3.28
CA GLY G 411 -59.52 18.16 2.25
C GLY G 411 -59.94 17.47 0.97
N TYR G 412 -58.98 16.78 0.36
CA TYR G 412 -59.23 16.04 -0.87
C TYR G 412 -60.13 14.84 -0.59
N ILE G 413 -60.01 14.31 0.62
CA ILE G 413 -60.86 13.21 1.07
C ILE G 413 -61.66 13.65 2.27
N LYS G 414 -62.98 13.47 2.20
CA LYS G 414 -63.84 13.89 3.28
C LYS G 414 -64.90 12.83 3.62
N SER G 415 -64.91 12.42 4.89
CA SER G 415 -65.91 11.50 5.42
C SER G 415 -67.05 12.29 6.07
N THR G 416 -68.28 11.81 5.97
CA THR G 416 -69.45 12.67 6.21
C THR G 416 -70.28 12.53 7.52
N GLY G 417 -70.53 11.33 8.04
CA GLY G 417 -70.13 10.07 7.46
C GLY G 417 -71.30 9.18 7.03
N HIS G 418 -71.91 9.56 5.91
CA HIS G 418 -72.86 8.73 5.21
C HIS G 418 -72.34 8.48 3.79
N SER G 419 -71.09 8.88 3.57
CA SER G 419 -70.46 8.88 2.26
C SER G 419 -68.99 9.33 2.33
N VAL G 420 -68.31 9.30 1.19
CA VAL G 420 -66.96 9.84 1.08
C VAL G 420 -66.88 10.84 -0.07
N LYS G 421 -66.48 12.06 0.25
CA LYS G 421 -66.32 13.09 -0.76
C LYS G 421 -64.91 13.06 -1.31
N ILE G 422 -64.77 12.87 -2.62
CA ILE G 422 -63.45 12.86 -3.23
C ILE G 422 -63.29 14.07 -4.15
N TYR G 423 -62.33 14.92 -3.83
CA TYR G 423 -62.11 16.16 -4.57
C TYR G 423 -60.87 16.15 -5.44
N LEU G 424 -61.06 16.23 -6.75
CA LEU G 424 -59.93 16.33 -7.68
C LEU G 424 -59.83 17.73 -8.28
N PRO G 425 -58.68 18.39 -8.10
CA PRO G 425 -58.47 19.79 -8.49
C PRO G 425 -58.41 20.00 -10.02
N ARG G 426 -58.34 21.26 -10.44
CA ARG G 426 -58.30 21.60 -11.87
C ARG G 426 -57.03 21.06 -12.52
N THR G 427 -57.22 20.36 -13.65
CA THR G 427 -56.11 19.77 -14.38
C THR G 427 -55.84 20.52 -15.67
N ALA G 428 -54.94 20.00 -16.49
CA ALA G 428 -54.52 20.66 -17.73
C ALA G 428 -55.68 21.04 -18.64
N LEU G 429 -56.69 20.18 -18.72
CA LEU G 429 -57.74 20.38 -19.73
C LEU G 429 -59.17 20.30 -19.18
N LYS G 430 -59.32 19.95 -17.91
CA LYS G 430 -60.64 19.90 -17.29
C LYS G 430 -60.64 20.49 -15.90
N PRO G 431 -61.78 21.11 -15.52
CA PRO G 431 -61.93 21.81 -14.24
C PRO G 431 -62.10 20.87 -13.05
N GLU G 432 -62.13 21.44 -11.85
CA GLU G 432 -62.24 20.68 -10.61
C GLU G 432 -63.44 19.75 -10.63
N ALA G 433 -63.33 18.66 -9.86
CA ALA G 433 -64.37 17.65 -9.81
C ALA G 433 -64.57 17.15 -8.40
N GLU G 434 -65.82 17.00 -7.99
CA GLU G 434 -66.14 16.32 -6.74
C GLU G 434 -66.90 15.04 -7.05
N PHE G 435 -66.31 13.89 -6.71
CA PHE G 435 -67.02 12.62 -6.79
C PHE G 435 -67.36 12.19 -5.37
N GLU G 436 -68.64 11.96 -5.11
CA GLU G 436 -69.07 11.54 -3.79
C GLU G 436 -69.56 10.10 -3.79
N TRP G 437 -68.84 9.24 -3.08
CA TRP G 437 -69.24 7.85 -2.92
C TRP G 437 -70.24 7.76 -1.78
N LYS G 438 -71.46 7.34 -2.08
CA LYS G 438 -72.45 7.15 -1.05
C LYS G 438 -72.55 5.67 -0.69
N ILE G 439 -73.08 5.39 0.49
CA ILE G 439 -73.25 4.00 0.93
C ILE G 439 -74.36 3.31 0.14
N PRO G 440 -74.03 2.24 -0.59
CA PRO G 440 -75.00 1.53 -1.43
C PRO G 440 -75.94 0.69 -0.58
N MET G 441 -77.01 0.17 -1.17
CA MET G 441 -77.99 -0.59 -0.41
C MET G 441 -77.69 -2.09 -0.40
N TRP G 442 -76.59 -2.48 -1.05
CA TRP G 442 -76.21 -3.88 -1.15
C TRP G 442 -74.69 -4.07 -1.20
N SER G 443 -74.21 -5.14 -0.58
CA SER G 443 -72.87 -5.63 -0.87
C SER G 443 -73.02 -6.64 -2.01
N ASN G 444 -72.82 -6.18 -3.24
CA ASN G 444 -72.97 -7.08 -4.39
C ASN G 444 -71.91 -6.86 -5.46
N ALA G 445 -72.07 -7.52 -6.60
CA ALA G 445 -71.07 -7.51 -7.65
C ALA G 445 -70.91 -6.13 -8.24
N ILE G 446 -72.02 -5.56 -8.69
CA ILE G 446 -72.01 -4.26 -9.36
C ILE G 446 -71.52 -3.17 -8.44
N GLU G 447 -71.80 -3.31 -7.15
CA GLU G 447 -71.44 -2.25 -6.21
C GLU G 447 -70.00 -2.37 -5.79
N ARG G 448 -69.44 -3.58 -5.87
CA ARG G 448 -68.02 -3.78 -5.62
C ARG G 448 -67.22 -3.21 -6.77
N ASP G 449 -67.71 -3.41 -7.99
CA ASP G 449 -67.05 -2.90 -9.17
C ASP G 449 -67.13 -1.37 -9.25
N ARG G 450 -68.24 -0.80 -8.80
CA ARG G 450 -68.37 0.65 -8.77
C ARG G 450 -67.43 1.27 -7.74
N ALA G 451 -67.28 0.62 -6.59
CA ALA G 451 -66.43 1.13 -5.53
C ALA G 451 -64.94 1.12 -5.91
N ARG G 452 -64.56 0.14 -6.73
CA ARG G 452 -63.18 0.02 -7.19
C ARG G 452 -62.75 1.26 -7.98
N THR G 453 -63.61 1.69 -8.90
CA THR G 453 -63.32 2.85 -9.72
C THR G 453 -63.32 4.15 -8.93
N TYR G 454 -64.16 4.22 -7.90
CA TYR G 454 -64.17 5.39 -7.04
C TYR G 454 -62.90 5.43 -6.20
N PHE G 455 -62.35 4.26 -5.89
CA PHE G 455 -61.18 4.26 -5.01
C PHE G 455 -59.92 4.65 -5.78
N GLN G 456 -59.91 4.42 -7.09
CA GLN G 456 -58.83 4.95 -7.92
C GLN G 456 -58.77 6.46 -7.74
N ALA G 457 -59.94 7.09 -7.72
CA ALA G 457 -60.05 8.51 -7.44
C ALA G 457 -59.50 8.83 -6.04
N TYR G 458 -60.02 8.13 -5.04
CA TYR G 458 -59.54 8.22 -3.67
C TYR G 458 -58.00 8.23 -3.60
N SER G 459 -57.37 7.22 -4.20
CA SER G 459 -55.92 7.11 -4.16
C SER G 459 -55.25 8.32 -4.79
N ALA G 460 -55.78 8.76 -5.93
CA ALA G 460 -55.29 9.96 -6.59
C ALA G 460 -55.39 11.15 -5.64
N ALA G 461 -56.61 11.44 -5.19
CA ALA G 461 -56.84 12.55 -4.27
C ALA G 461 -55.95 12.43 -3.04
N ALA G 462 -55.86 11.23 -2.48
CA ALA G 462 -55.04 10.99 -1.30
C ALA G 462 -53.55 11.30 -1.53
N ALA G 463 -53.06 11.00 -2.72
CA ALA G 463 -51.65 11.18 -3.04
C ALA G 463 -51.28 12.65 -3.18
N LEU G 464 -52.27 13.47 -3.53
CA LEU G 464 -52.06 14.90 -3.60
C LEU G 464 -51.61 15.43 -2.24
N TYR G 465 -52.33 15.05 -1.20
CA TYR G 465 -52.02 15.43 0.17
C TYR G 465 -50.66 14.87 0.61
N PHE G 466 -50.43 13.60 0.31
CA PHE G 466 -49.15 12.97 0.62
C PHE G 466 -47.99 13.71 -0.05
N ALA G 467 -48.16 14.08 -1.31
CA ALA G 467 -47.12 14.79 -2.05
C ALA G 467 -46.83 16.14 -1.40
N GLU G 468 -47.89 16.84 -0.98
CA GLU G 468 -47.73 18.09 -0.27
C GLU G 468 -46.89 17.91 0.99
N GLN G 469 -47.25 16.91 1.79
CA GLN G 469 -46.59 16.72 3.08
C GLN G 469 -45.13 16.33 2.93
N ALA G 470 -44.84 15.51 1.92
CA ALA G 470 -43.46 15.13 1.62
C ALA G 470 -42.61 16.35 1.24
N LEU G 471 -43.17 17.22 0.40
CA LEU G 471 -42.47 18.43 -0.02
C LEU G 471 -42.19 19.32 1.17
N ALA G 472 -43.19 19.45 2.03
CA ALA G 472 -43.05 20.20 3.27
C ALA G 472 -41.92 19.62 4.13
N GLU G 473 -41.60 18.36 3.89
CA GLU G 473 -40.53 17.69 4.63
C GLU G 473 -39.18 17.93 3.95
N LEU G 474 -39.19 17.94 2.63
CA LEU G 474 -37.99 18.18 1.84
C LEU G 474 -37.47 19.59 2.12
N HIS G 475 -38.29 20.60 1.87
CA HIS G 475 -38.05 21.91 2.43
C HIS G 475 -38.07 21.66 3.93
N ALA G 476 -37.26 22.39 4.68
CA ALA G 476 -37.05 22.16 6.12
C ALA G 476 -35.96 21.12 6.36
N GLY G 477 -35.38 20.61 5.29
CA GLY G 477 -34.20 19.77 5.37
C GLY G 477 -34.33 18.50 6.19
N ARG G 478 -35.55 18.01 6.38
CA ARG G 478 -35.73 16.72 7.03
C ARG G 478 -35.77 15.58 6.03
N THR G 479 -34.61 15.24 5.45
CA THR G 479 -34.57 14.25 4.38
C THR G 479 -33.88 12.94 4.77
N ARG G 480 -33.69 12.71 6.06
CA ARG G 480 -33.21 11.41 6.51
C ARG G 480 -34.35 10.40 6.35
N THR G 481 -34.06 9.25 5.76
CA THR G 481 -35.12 8.31 5.39
C THR G 481 -35.03 7.00 6.14
N PHE G 482 -34.06 6.89 7.04
CA PHE G 482 -33.79 5.61 7.69
C PHE G 482 -33.47 5.76 9.16
N THR G 483 -34.05 4.90 9.98
CA THR G 483 -33.78 4.88 11.42
C THR G 483 -33.12 3.56 11.79
N ASP G 484 -31.91 3.63 12.35
CA ASP G 484 -31.17 2.41 12.67
C ASP G 484 -31.81 1.66 13.84
N PHE G 485 -31.78 0.33 13.74
CA PHE G 485 -32.48 -0.53 14.68
C PHE G 485 -31.63 -1.74 15.04
N LYS G 486 -31.92 -2.36 16.17
CA LYS G 486 -31.30 -3.63 16.51
C LYS G 486 -32.35 -4.72 16.62
N VAL G 487 -32.09 -5.86 15.98
CA VAL G 487 -33.00 -6.99 16.03
C VAL G 487 -33.03 -7.62 17.42
N PRO G 488 -34.19 -7.55 18.09
CA PRO G 488 -34.36 -8.20 19.40
C PRO G 488 -34.08 -9.69 19.30
N ASP G 489 -33.75 -10.32 20.42
CA ASP G 489 -33.49 -11.74 20.40
C ASP G 489 -34.80 -12.49 20.53
N GLU G 490 -35.75 -11.88 21.22
CA GLU G 490 -37.10 -12.41 21.32
C GLU G 490 -38.10 -11.27 21.42
N ALA G 491 -39.02 -11.24 20.47
CA ALA G 491 -40.10 -10.26 20.48
C ALA G 491 -41.20 -10.66 19.49
N ILE G 492 -42.32 -9.97 19.57
CA ILE G 492 -43.43 -10.20 18.66
C ILE G 492 -43.79 -8.93 17.91
N GLY G 493 -44.27 -9.09 16.68
CA GLY G 493 -44.71 -7.97 15.89
C GLY G 493 -45.92 -8.33 15.07
N CYS G 494 -46.68 -7.33 14.66
CA CYS G 494 -47.82 -7.55 13.79
C CYS G 494 -48.09 -6.30 12.99
N GLY G 495 -48.28 -6.47 11.69
CA GLY G 495 -48.55 -5.31 10.85
C GLY G 495 -49.96 -5.33 10.30
N PHE G 496 -50.59 -4.16 10.26
CA PHE G 496 -51.91 -4.02 9.67
C PHE G 496 -51.90 -2.98 8.57
N HIS G 497 -52.41 -3.37 7.41
CA HIS G 497 -52.34 -2.58 6.20
C HIS G 497 -53.47 -3.00 5.28
N GLU G 498 -53.95 -2.09 4.44
CA GLU G 498 -54.94 -2.46 3.44
C GLU G 498 -54.26 -2.73 2.10
N ALA G 499 -54.27 -3.97 1.64
CA ALA G 499 -53.75 -4.31 0.33
C ALA G 499 -54.77 -3.89 -0.72
N VAL G 500 -54.42 -4.10 -1.98
CA VAL G 500 -55.31 -3.70 -3.07
C VAL G 500 -56.69 -4.33 -2.92
N ARG G 501 -56.73 -5.58 -2.45
CA ARG G 501 -57.97 -6.35 -2.36
C ARG G 501 -58.53 -6.42 -0.95
N GLY G 502 -58.05 -5.55 -0.06
CA GLY G 502 -58.59 -5.47 1.29
C GLY G 502 -57.67 -5.89 2.42
N VAL G 503 -58.27 -6.31 3.54
CA VAL G 503 -57.56 -6.60 4.78
C VAL G 503 -56.29 -7.44 4.59
N LEU G 504 -55.20 -6.97 5.20
CA LEU G 504 -53.92 -7.66 5.18
C LEU G 504 -53.27 -7.54 6.54
N SER G 505 -52.93 -8.68 7.13
CA SER G 505 -52.24 -8.68 8.41
C SER G 505 -51.01 -9.58 8.35
N HIS G 506 -49.93 -9.13 8.98
CA HIS G 506 -48.75 -9.96 9.19
C HIS G 506 -48.49 -10.10 10.68
N HIS G 507 -48.54 -11.31 11.19
CA HIS G 507 -48.16 -11.55 12.58
C HIS G 507 -46.82 -12.25 12.61
N LEU G 508 -45.95 -11.80 13.52
CA LEU G 508 -44.56 -12.22 13.54
C LEU G 508 -44.08 -12.56 14.95
N VAL G 509 -43.36 -13.67 15.07
CA VAL G 509 -42.76 -14.07 16.35
C VAL G 509 -41.27 -14.33 16.15
N ILE G 510 -40.44 -13.67 16.95
CA ILE G 510 -39.00 -13.88 16.88
C ILE G 510 -38.49 -14.57 18.13
N ARG G 511 -37.74 -15.65 17.94
CA ARG G 511 -37.12 -16.39 19.03
C ARG G 511 -35.66 -16.67 18.71
N ASP G 512 -34.76 -16.29 19.61
CA ASP G 512 -33.32 -16.40 19.36
C ASP G 512 -32.91 -15.62 18.12
N GLY G 513 -33.53 -14.44 17.95
CA GLY G 513 -33.24 -13.59 16.80
C GLY G 513 -33.50 -14.22 15.45
N LYS G 514 -34.31 -15.28 15.44
CA LYS G 514 -34.71 -15.90 14.19
C LYS G 514 -36.24 -15.95 14.09
N ILE G 515 -36.75 -16.14 12.88
CA ILE G 515 -38.19 -16.22 12.68
C ILE G 515 -38.75 -17.49 13.33
N ALA G 516 -39.48 -17.31 14.43
CA ALA G 516 -40.10 -18.43 15.12
C ALA G 516 -41.45 -18.74 14.48
N ASN G 517 -42.08 -17.73 13.92
CA ASN G 517 -43.36 -17.89 13.25
C ASN G 517 -43.67 -16.66 12.40
N TYR G 518 -44.15 -16.90 11.17
CA TYR G 518 -44.59 -15.79 10.31
C TYR G 518 -45.83 -16.16 9.53
N HIS G 519 -46.98 -15.64 9.97
CA HIS G 519 -48.22 -15.91 9.26
C HIS G 519 -48.88 -14.64 8.70
N PRO G 520 -48.75 -14.45 7.38
CA PRO G 520 -49.43 -13.37 6.64
C PRO G 520 -50.87 -13.75 6.34
N TYR G 521 -51.82 -12.86 6.60
CA TYR G 521 -53.19 -13.15 6.17
C TYR G 521 -53.83 -11.98 5.40
N PRO G 522 -53.58 -11.96 4.08
CA PRO G 522 -54.16 -11.10 3.04
C PRO G 522 -55.67 -11.35 2.88
N PRO G 523 -56.34 -10.55 2.03
CA PRO G 523 -57.80 -10.57 1.92
C PRO G 523 -58.41 -11.78 1.18
N THR G 524 -57.72 -12.28 0.15
CA THR G 524 -58.23 -13.41 -0.63
C THR G 524 -58.45 -14.66 0.22
N PRO G 525 -57.52 -14.95 1.15
CA PRO G 525 -57.79 -16.02 2.12
C PRO G 525 -59.15 -15.86 2.80
N TRP G 526 -59.51 -14.63 3.17
CA TRP G 526 -60.81 -14.37 3.78
C TRP G 526 -61.95 -14.59 2.78
N ASN G 527 -61.70 -14.27 1.51
CA ASN G 527 -62.78 -14.29 0.53
C ASN G 527 -62.96 -15.65 -0.13
N ALA G 528 -61.86 -16.23 -0.59
CA ALA G 528 -61.90 -17.51 -1.31
C ALA G 528 -61.91 -18.73 -0.37
N SER G 529 -62.03 -18.47 0.93
CA SER G 529 -62.06 -19.56 1.91
C SER G 529 -63.26 -20.48 1.72
N PRO G 530 -63.12 -21.74 2.16
CA PRO G 530 -64.22 -22.70 2.07
C PRO G 530 -65.02 -22.78 3.36
N ARG G 531 -65.66 -23.93 3.57
CA ARG G 531 -66.57 -24.12 4.70
C ARG G 531 -65.81 -24.54 5.95
N ASP G 532 -66.18 -23.95 7.08
CA ASP G 532 -65.45 -24.16 8.32
C ASP G 532 -66.07 -25.27 9.16
N ILE G 533 -65.45 -25.53 10.31
CA ILE G 533 -65.91 -26.56 11.23
C ILE G 533 -67.34 -26.32 11.67
N TYR G 534 -67.82 -25.09 11.48
CA TYR G 534 -69.19 -24.75 11.84
C TYR G 534 -70.09 -24.78 10.61
N GLY G 535 -69.50 -25.13 9.47
CA GLY G 535 -70.25 -25.28 8.23
C GLY G 535 -70.62 -23.97 7.55
N THR G 536 -69.85 -22.92 7.83
CA THR G 536 -70.08 -21.64 7.19
C THR G 536 -69.21 -21.53 5.97
N PRO G 537 -69.84 -21.34 4.80
CA PRO G 537 -69.15 -21.18 3.51
C PRO G 537 -68.42 -19.84 3.40
N GLY G 538 -67.37 -19.79 2.60
CA GLY G 538 -66.65 -18.55 2.38
C GLY G 538 -67.43 -17.62 1.47
N PRO G 539 -67.04 -16.34 1.43
CA PRO G 539 -67.74 -15.31 0.66
C PRO G 539 -67.98 -15.65 -0.83
N TYR G 540 -66.99 -16.20 -1.53
CA TYR G 540 -67.18 -16.59 -2.93
C TYR G 540 -68.37 -17.52 -3.04
N GLU G 541 -68.30 -18.63 -2.31
CA GLU G 541 -69.33 -19.65 -2.34
C GLU G 541 -70.71 -19.07 -1.98
N ASP G 542 -70.76 -18.30 -0.89
CA ASP G 542 -72.01 -17.70 -0.46
C ASP G 542 -72.63 -16.76 -1.51
N ALA G 543 -71.77 -16.02 -2.21
CA ALA G 543 -72.26 -15.03 -3.16
C ALA G 543 -72.62 -15.68 -4.49
N VAL G 544 -71.95 -16.78 -4.82
CA VAL G 544 -72.27 -17.52 -6.03
C VAL G 544 -73.61 -18.22 -5.86
N GLN G 545 -73.88 -18.69 -4.66
CA GLN G 545 -75.10 -19.41 -4.38
C GLN G 545 -76.31 -18.47 -4.43
N ASN G 546 -76.10 -17.23 -4.03
CA ASN G 546 -77.16 -16.22 -4.03
C ASN G 546 -77.36 -15.55 -5.39
N THR G 547 -76.51 -15.90 -6.36
CA THR G 547 -76.56 -15.27 -7.67
C THR G 547 -77.64 -15.87 -8.56
N PRO G 548 -78.60 -15.04 -9.00
CA PRO G 548 -79.61 -15.47 -9.97
C PRO G 548 -78.99 -15.53 -11.36
N ILE G 549 -79.51 -16.36 -12.24
CA ILE G 549 -78.94 -16.51 -13.57
C ILE G 549 -79.69 -15.67 -14.60
N PHE G 550 -78.99 -14.71 -15.21
CA PHE G 550 -79.59 -13.82 -16.21
C PHE G 550 -79.12 -14.17 -17.62
N GLU G 551 -78.05 -14.96 -17.71
CA GLU G 551 -77.51 -15.40 -19.00
C GLU G 551 -78.58 -16.12 -19.82
N GLU G 552 -78.67 -15.77 -21.10
CA GLU G 552 -79.73 -16.29 -21.96
C GLU G 552 -79.38 -17.64 -22.55
N ASN G 553 -78.21 -18.16 -22.21
CA ASN G 553 -77.76 -19.44 -22.78
C ASN G 553 -78.28 -20.64 -21.99
N GLY G 554 -78.46 -21.75 -22.70
CA GLY G 554 -78.82 -23.01 -22.07
C GLY G 554 -77.56 -23.76 -21.69
N PRO G 555 -77.73 -24.97 -21.14
CA PRO G 555 -76.61 -25.78 -20.63
C PRO G 555 -75.53 -26.07 -21.68
N GLU G 556 -75.87 -26.00 -22.96
CA GLU G 556 -74.95 -26.38 -24.02
C GLU G 556 -74.08 -25.21 -24.47
N LYS G 557 -74.54 -23.99 -24.20
CA LYS G 557 -73.79 -22.79 -24.54
C LYS G 557 -73.50 -21.94 -23.30
N PHE G 558 -73.78 -22.49 -22.13
CA PHE G 558 -73.61 -21.77 -20.87
C PHE G 558 -72.15 -21.48 -20.57
N LYS G 559 -71.86 -20.27 -20.08
CA LYS G 559 -70.51 -19.92 -19.66
C LYS G 559 -70.50 -19.27 -18.28
N GLY G 560 -71.68 -19.13 -17.69
CA GLY G 560 -71.81 -18.62 -16.33
C GLY G 560 -71.28 -17.22 -16.11
N ILE G 561 -71.51 -16.34 -17.07
CA ILE G 561 -71.04 -14.95 -16.99
C ILE G 561 -71.46 -14.27 -15.69
N ASP G 562 -72.69 -14.53 -15.23
CA ASP G 562 -73.18 -13.96 -13.98
C ASP G 562 -72.44 -14.53 -12.79
N ILE G 563 -72.14 -15.83 -12.83
CA ILE G 563 -71.36 -16.43 -11.77
C ILE G 563 -69.97 -15.84 -11.75
N MET G 564 -69.43 -15.61 -12.94
CA MET G 564 -68.09 -15.07 -13.09
C MET G 564 -68.00 -13.59 -12.67
N ARG G 565 -68.97 -12.79 -13.09
CA ARG G 565 -69.00 -11.39 -12.69
C ARG G 565 -68.98 -11.28 -11.16
N ALA G 566 -69.67 -12.21 -10.50
CA ALA G 566 -69.72 -12.29 -9.04
C ALA G 566 -68.36 -12.60 -8.41
N VAL G 567 -67.68 -13.63 -8.94
CA VAL G 567 -66.40 -14.03 -8.40
C VAL G 567 -65.32 -12.96 -8.63
N ARG G 568 -65.26 -12.41 -9.84
CA ARG G 568 -64.21 -11.44 -10.16
C ARG G 568 -64.45 -10.09 -9.51
N SER G 569 -65.63 -9.89 -8.92
CA SER G 569 -65.89 -8.64 -8.20
C SER G 569 -65.13 -8.62 -6.87
N PHE G 570 -64.61 -9.77 -6.48
CA PHE G 570 -63.85 -9.90 -5.25
C PHE G 570 -62.36 -9.77 -5.52
N ASP G 571 -62.02 -9.65 -6.80
CA ASP G 571 -60.65 -9.42 -7.23
C ASP G 571 -59.73 -10.54 -6.75
N PRO G 572 -60.08 -11.79 -7.11
CA PRO G 572 -59.36 -12.95 -6.57
C PRO G 572 -57.87 -12.88 -6.80
N CYS G 573 -57.15 -13.20 -5.73
CA CYS G 573 -55.71 -13.32 -5.77
C CYS G 573 -55.26 -14.56 -5.01
N LEU G 574 -55.27 -15.70 -5.69
CA LEU G 574 -55.00 -16.96 -5.03
C LEU G 574 -53.53 -17.21 -4.69
N PRO G 575 -52.62 -16.44 -5.30
CA PRO G 575 -51.27 -16.50 -4.71
C PRO G 575 -51.28 -15.97 -3.28
N CYS G 576 -52.05 -14.91 -3.02
CA CYS G 576 -52.21 -14.41 -1.66
C CYS G 576 -53.06 -15.41 -0.87
N GLY G 577 -54.03 -16.01 -1.56
CA GLY G 577 -54.99 -16.88 -0.91
C GLY G 577 -54.42 -18.09 -0.19
N VAL G 578 -53.31 -18.63 -0.70
CA VAL G 578 -52.72 -19.83 -0.11
C VAL G 578 -51.37 -19.57 0.56
N HIS G 579 -50.50 -18.83 -0.12
CA HIS G 579 -49.10 -18.63 0.28
C HIS G 579 -48.43 -19.94 0.77
N ALA H 5 -0.93 -65.12 42.42
CA ALA H 5 -1.38 -65.43 41.07
C ALA H 5 -1.42 -64.16 40.21
N VAL H 6 -2.58 -63.50 40.18
CA VAL H 6 -2.75 -62.27 39.40
C VAL H 6 -1.94 -61.11 39.94
N PRO H 7 -1.19 -60.43 39.05
CA PRO H 7 -0.45 -59.21 39.37
C PRO H 7 -1.38 -58.07 39.76
N TYR H 8 -0.97 -57.27 40.74
CA TYR H 8 -1.77 -56.16 41.22
C TYR H 8 -2.09 -55.20 40.07
N GLY H 9 -1.16 -55.11 39.12
CA GLY H 9 -1.27 -54.17 38.05
C GLY H 9 -2.30 -54.51 36.98
N ARG H 10 -2.83 -55.73 37.00
CA ARG H 10 -3.74 -56.12 35.93
C ARG H 10 -5.03 -55.33 35.99
N LYS H 11 -5.28 -54.68 37.14
CA LYS H 11 -6.47 -53.84 37.30
C LYS H 11 -6.43 -52.67 36.32
N THR H 12 -5.25 -52.37 35.79
CA THR H 12 -5.09 -51.29 34.83
C THR H 12 -5.56 -51.72 33.44
N GLN H 13 -5.71 -53.02 33.27
CA GLN H 13 -6.10 -53.59 31.98
C GLN H 13 -7.61 -53.78 31.90
N HIS H 14 -8.22 -53.23 30.85
CA HIS H 14 -9.65 -53.34 30.67
C HIS H 14 -9.99 -53.98 29.33
N THR H 15 -11.06 -54.76 29.32
CA THR H 15 -11.53 -55.40 28.11
C THR H 15 -12.08 -54.39 27.12
N PRO H 16 -11.81 -54.62 25.83
CA PRO H 16 -12.38 -53.75 24.79
C PRO H 16 -13.86 -54.08 24.60
N ALA H 17 -14.69 -53.06 24.47
CA ALA H 17 -16.12 -53.22 24.27
C ALA H 17 -16.40 -54.22 23.16
N LEU H 18 -15.55 -54.18 22.14
CA LEU H 18 -15.63 -55.13 21.03
C LEU H 18 -14.37 -56.00 21.07
N LYS H 19 -14.54 -57.26 21.48
CA LYS H 19 -13.39 -58.14 21.70
C LYS H 19 -12.52 -58.35 20.47
N GLU H 20 -13.16 -58.58 19.33
CA GLU H 20 -12.42 -58.85 18.08
C GLU H 20 -13.06 -58.15 16.89
N VAL H 21 -12.33 -58.09 15.79
CA VAL H 21 -12.82 -57.42 14.60
C VAL H 21 -12.10 -57.89 13.33
N HIS H 22 -12.84 -58.05 12.25
CA HIS H 22 -12.26 -58.42 10.97
C HIS H 22 -12.14 -57.19 10.07
N ILE H 23 -11.00 -57.08 9.39
CA ILE H 23 -10.80 -56.06 8.39
C ILE H 23 -10.93 -56.73 7.03
N LEU H 24 -12.10 -56.66 6.44
CA LEU H 24 -12.30 -57.24 5.12
C LEU H 24 -11.84 -56.20 4.11
N TRP H 25 -10.75 -56.52 3.43
CA TRP H 25 -10.09 -55.55 2.56
C TRP H 25 -10.23 -55.94 1.10
N ILE H 26 -11.04 -55.18 0.37
CA ILE H 26 -11.30 -55.44 -1.04
C ILE H 26 -10.42 -54.56 -1.91
N THR H 27 -9.38 -55.16 -2.48
CA THR H 27 -8.44 -54.42 -3.32
C THR H 27 -8.89 -54.45 -4.76
N ALA H 28 -10.00 -55.13 -5.00
CA ALA H 28 -10.44 -55.42 -6.36
C ALA H 28 -11.27 -54.30 -6.96
N GLY H 29 -11.22 -53.11 -6.39
CA GLY H 29 -11.79 -51.93 -7.03
C GLY H 29 -10.94 -51.57 -8.23
N LEU H 30 -11.33 -50.54 -8.97
CA LEU H 30 -10.47 -50.03 -10.03
C LEU H 30 -9.28 -49.32 -9.38
N GLY H 31 -8.13 -49.97 -9.40
CA GLY H 31 -6.99 -49.44 -8.67
C GLY H 31 -5.70 -50.15 -8.98
N CYS H 32 -4.69 -49.88 -8.17
CA CYS H 32 -3.34 -50.36 -8.42
C CYS H 32 -2.71 -51.01 -7.18
N ASP H 33 -3.49 -51.14 -6.11
CA ASP H 33 -2.99 -51.72 -4.88
C ASP H 33 -1.89 -50.87 -4.23
N GLY H 34 -1.83 -49.60 -4.57
CA GLY H 34 -0.76 -48.75 -4.06
C GLY H 34 -0.93 -48.42 -2.59
N ASP H 35 -2.16 -48.46 -2.12
CA ASP H 35 -2.46 -48.11 -0.73
C ASP H 35 -2.18 -49.28 0.19
N SER H 36 -2.42 -50.48 -0.31
CA SER H 36 -2.06 -51.67 0.44
C SER H 36 -0.55 -51.69 0.65
N VAL H 37 0.19 -51.52 -0.44
CA VAL H 37 1.64 -51.54 -0.39
C VAL H 37 2.18 -50.38 0.45
N SER H 38 1.49 -49.25 0.38
CA SER H 38 1.93 -48.05 1.08
C SER H 38 1.91 -48.19 2.59
N ILE H 39 0.96 -48.94 3.11
CA ILE H 39 0.83 -49.06 4.56
C ILE H 39 1.84 -50.03 5.16
N THR H 40 2.39 -50.93 4.35
CA THR H 40 3.47 -51.79 4.84
C THR H 40 4.73 -50.98 5.09
N ALA H 41 4.67 -49.67 4.91
CA ALA H 41 5.81 -48.79 5.19
C ALA H 41 5.60 -48.00 6.48
N ALA H 42 4.40 -48.08 7.04
CA ALA H 42 4.06 -47.32 8.24
C ALA H 42 4.82 -47.84 9.45
N SER H 43 5.08 -46.96 10.41
CA SER H 43 5.76 -47.35 11.64
C SER H 43 5.05 -46.79 12.86
N GLN H 44 4.05 -45.95 12.66
CA GLN H 44 3.33 -45.33 13.76
C GLN H 44 1.82 -45.43 13.60
N PRO H 45 1.25 -46.64 13.76
CA PRO H 45 1.93 -47.90 14.05
C PRO H 45 2.19 -48.68 12.78
N SER H 46 3.04 -49.72 12.87
CA SER H 46 3.28 -50.57 11.72
C SER H 46 2.14 -51.56 11.60
N VAL H 47 1.98 -52.13 10.41
CA VAL H 47 0.93 -53.11 10.18
C VAL H 47 1.11 -54.28 11.17
N GLU H 48 2.32 -54.82 11.25
CA GLU H 48 2.62 -55.91 12.19
C GLU H 48 2.31 -55.50 13.63
N ASP H 49 2.56 -54.24 13.98
CA ASP H 49 2.20 -53.73 15.30
C ASP H 49 0.71 -53.92 15.59
N VAL H 50 -0.13 -53.53 14.65
CA VAL H 50 -1.58 -53.67 14.80
C VAL H 50 -1.99 -55.14 14.82
N VAL H 51 -1.47 -55.90 13.87
CA VAL H 51 -1.77 -57.33 13.75
C VAL H 51 -1.43 -58.13 15.00
N LEU H 52 -0.30 -57.82 15.62
CA LEU H 52 0.17 -58.57 16.79
C LEU H 52 -0.34 -57.96 18.09
N GLY H 53 -0.99 -56.81 18.00
CA GLY H 53 -1.50 -56.13 19.18
C GLY H 53 -0.39 -55.63 20.09
N ALA H 54 0.52 -54.83 19.52
CA ALA H 54 1.59 -54.23 20.30
C ALA H 54 1.02 -53.32 21.38
N ILE H 55 0.12 -52.43 21.00
CA ILE H 55 -0.56 -51.57 21.96
C ILE H 55 -1.85 -52.24 22.45
N PRO H 56 -1.87 -52.63 23.73
CA PRO H 56 -2.88 -53.55 24.28
C PRO H 56 -4.24 -52.91 24.55
N GLY H 57 -5.22 -53.75 24.89
CA GLY H 57 -6.53 -53.27 25.30
C GLY H 57 -7.44 -52.86 24.15
N LEU H 58 -7.11 -53.29 22.95
CA LEU H 58 -7.94 -53.03 21.78
C LEU H 58 -8.55 -54.31 21.24
N PRO H 59 -9.44 -54.19 20.24
CA PRO H 59 -9.98 -55.42 19.63
C PRO H 59 -8.90 -56.18 18.89
N LYS H 60 -8.87 -57.50 19.01
CA LYS H 60 -7.92 -58.29 18.24
C LYS H 60 -8.25 -58.18 16.77
N VAL H 61 -7.24 -57.92 15.95
CA VAL H 61 -7.44 -57.65 14.54
C VAL H 61 -7.16 -58.84 13.65
N HIS H 62 -8.15 -59.25 12.87
CA HIS H 62 -7.94 -60.25 11.84
C HIS H 62 -7.91 -59.55 10.50
N LEU H 63 -6.72 -59.41 9.92
CA LEU H 63 -6.57 -58.66 8.68
C LEU H 63 -6.76 -59.56 7.46
N HIS H 64 -7.77 -59.23 6.65
CA HIS H 64 -8.04 -59.98 5.42
C HIS H 64 -7.73 -59.15 4.19
N ASN H 65 -6.45 -59.12 3.84
CA ASN H 65 -5.97 -58.35 2.70
C ASN H 65 -5.18 -59.23 1.73
N PRO H 66 -5.59 -59.23 0.45
CA PRO H 66 -5.07 -60.13 -0.59
C PRO H 66 -3.54 -60.18 -0.68
N VAL H 67 -2.90 -59.06 -0.44
CA VAL H 67 -1.48 -58.92 -0.73
C VAL H 67 -0.60 -59.67 0.28
N LEU H 68 -1.01 -59.72 1.54
CA LEU H 68 -0.19 -60.38 2.54
C LEU H 68 -0.80 -61.70 3.03
N ALA H 69 -2.10 -61.87 2.82
CA ALA H 69 -2.85 -63.02 3.34
C ALA H 69 -2.24 -64.37 3.00
N TYR H 70 -2.17 -65.24 4.01
CA TYR H 70 -1.64 -66.58 3.85
C TYR H 70 -2.59 -67.46 3.05
N GLU H 71 -3.88 -67.30 3.32
CA GLU H 71 -4.94 -68.02 2.62
C GLU H 71 -4.94 -67.66 1.15
N ASN H 72 -5.45 -68.56 0.32
CA ASN H 72 -5.39 -68.36 -1.13
C ASN H 72 -6.72 -68.65 -1.80
N GLY H 73 -7.06 -67.89 -2.83
CA GLY H 73 -8.26 -68.16 -3.62
C GLY H 73 -9.53 -68.36 -2.81
N ASP H 74 -10.08 -69.57 -2.84
CA ASP H 74 -11.39 -69.84 -2.24
C ASP H 74 -11.37 -69.81 -0.72
N GLU H 75 -10.28 -70.27 -0.11
CA GLU H 75 -10.19 -70.25 1.34
C GLU H 75 -10.02 -68.81 1.86
N PHE H 76 -9.45 -67.93 1.05
CA PHE H 76 -9.29 -66.53 1.47
C PHE H 76 -10.59 -65.76 1.35
N MET H 77 -11.43 -66.18 0.42
CA MET H 77 -12.67 -65.48 0.12
C MET H 77 -13.77 -65.86 1.11
N ALA H 78 -13.56 -66.98 1.81
CA ALA H 78 -14.57 -67.59 2.68
C ALA H 78 -15.14 -66.64 3.73
N PRO H 79 -14.28 -65.93 4.47
CA PRO H 79 -14.81 -64.98 5.45
C PRO H 79 -15.60 -63.85 4.77
N PHE H 80 -15.32 -63.57 3.51
CA PHE H 80 -16.07 -62.56 2.78
C PHE H 80 -17.48 -63.04 2.50
N HIS H 81 -17.59 -64.25 1.95
CA HIS H 81 -18.89 -64.83 1.68
C HIS H 81 -19.69 -65.01 2.97
N LYS H 82 -19.00 -65.39 4.04
CA LYS H 82 -19.61 -65.56 5.35
C LYS H 82 -20.19 -64.25 5.89
N ALA H 83 -19.44 -63.16 5.74
CA ALA H 83 -19.90 -61.85 6.17
C ALA H 83 -21.12 -61.39 5.37
N ALA H 84 -21.11 -61.66 4.07
CA ALA H 84 -22.22 -61.32 3.20
C ALA H 84 -23.48 -62.06 3.63
N ARG H 85 -23.32 -63.30 4.08
CA ARG H 85 -24.43 -64.10 4.60
C ARG H 85 -24.98 -63.53 5.90
N GLY H 86 -24.17 -62.72 6.57
CA GLY H 86 -24.56 -62.12 7.85
C GLY H 86 -24.15 -62.95 9.05
N GLU H 87 -23.22 -63.88 8.83
CA GLU H 87 -22.74 -64.75 9.89
C GLU H 87 -21.49 -64.17 10.57
N ILE H 88 -21.21 -62.90 10.28
CA ILE H 88 -20.11 -62.16 10.91
C ILE H 88 -20.59 -60.76 11.26
N ASP H 89 -20.62 -60.44 12.55
CA ASP H 89 -21.14 -59.16 13.01
C ASP H 89 -20.07 -58.10 13.18
N ASN H 90 -18.83 -58.53 13.38
CA ASN H 90 -17.73 -57.64 13.72
C ASN H 90 -16.68 -57.44 12.63
N PHE H 91 -17.09 -56.95 11.47
CA PHE H 91 -16.12 -56.66 10.42
C PHE H 91 -16.17 -55.20 9.99
N VAL H 92 -14.99 -54.63 9.78
CA VAL H 92 -14.85 -53.34 9.15
C VAL H 92 -14.58 -53.57 7.67
N LEU H 93 -15.18 -52.73 6.82
CA LEU H 93 -15.03 -52.89 5.37
C LEU H 93 -14.17 -51.78 4.78
N VAL H 94 -13.11 -52.18 4.09
CA VAL H 94 -12.18 -51.24 3.47
C VAL H 94 -12.15 -51.44 1.95
N LEU H 95 -12.26 -50.33 1.22
CA LEU H 95 -12.25 -50.38 -0.23
C LEU H 95 -11.03 -49.66 -0.81
N GLU H 96 -10.39 -50.31 -1.77
CA GLU H 96 -9.24 -49.76 -2.45
C GLU H 96 -9.47 -49.82 -3.96
N GLY H 97 -9.45 -48.68 -4.61
CA GLY H 97 -9.75 -48.61 -6.03
C GLY H 97 -11.12 -48.01 -6.26
N SER H 98 -11.39 -47.54 -7.48
CA SER H 98 -12.66 -46.90 -7.80
C SER H 98 -13.77 -47.92 -7.92
N ILE H 99 -15.01 -47.47 -7.68
CA ILE H 99 -16.18 -48.30 -7.85
C ILE H 99 -16.75 -48.12 -9.26
N PRO H 100 -16.59 -49.13 -10.12
CA PRO H 100 -16.97 -49.03 -11.54
C PRO H 100 -18.47 -48.82 -11.75
N ASN H 101 -18.84 -48.29 -12.91
CA ASN H 101 -20.25 -48.26 -13.28
C ASN H 101 -20.58 -49.54 -14.04
N GLU H 102 -21.18 -50.50 -13.35
CA GLU H 102 -21.49 -51.78 -13.97
C GLU H 102 -22.85 -51.79 -14.69
N ARG H 103 -23.53 -50.65 -14.68
CA ARG H 103 -24.84 -50.55 -15.33
C ARG H 103 -24.70 -50.38 -16.84
N ILE H 104 -23.65 -49.71 -17.29
CA ILE H 104 -23.38 -49.56 -18.71
C ILE H 104 -22.82 -50.86 -19.27
N ASN H 105 -22.97 -51.92 -18.48
CA ASN H 105 -22.82 -53.30 -18.90
C ASN H 105 -24.14 -54.01 -18.62
N GLY H 106 -24.34 -55.20 -19.18
CA GLY H 106 -23.30 -55.90 -19.89
C GLY H 106 -22.91 -57.06 -18.99
N GLU H 107 -23.08 -58.27 -19.49
CA GLU H 107 -22.70 -59.46 -18.72
C GLU H 107 -21.20 -59.44 -18.42
N GLY H 108 -20.49 -58.50 -19.03
CA GLY H 108 -19.08 -58.29 -18.75
C GLY H 108 -18.89 -57.60 -17.42
N TYR H 109 -17.65 -57.27 -17.10
CA TYR H 109 -17.32 -56.67 -15.81
C TYR H 109 -16.08 -55.81 -15.90
N TRP H 110 -16.10 -54.67 -15.22
CA TRP H 110 -14.92 -53.82 -15.13
C TRP H 110 -13.99 -54.37 -14.06
N ALA H 111 -14.57 -54.72 -12.92
CA ALA H 111 -13.80 -55.25 -11.79
C ALA H 111 -14.59 -56.35 -11.09
N ALA H 112 -13.86 -57.30 -10.50
CA ALA H 112 -14.47 -58.39 -9.78
C ALA H 112 -13.46 -59.02 -8.83
N MET H 113 -13.93 -59.66 -7.77
CA MET H 113 -13.03 -60.37 -6.87
C MET H 113 -13.43 -61.83 -6.76
N GLY H 114 -14.65 -62.08 -6.29
CA GLY H 114 -15.09 -63.43 -6.12
C GLY H 114 -15.57 -64.11 -7.40
N THR H 115 -16.40 -65.13 -7.21
CA THR H 115 -17.02 -65.85 -8.30
C THR H 115 -18.11 -66.71 -7.71
N ASP H 116 -19.34 -66.47 -8.14
CA ASP H 116 -20.50 -67.16 -7.59
C ASP H 116 -20.48 -68.65 -7.90
N PRO H 117 -20.74 -69.48 -6.88
CA PRO H 117 -20.86 -70.93 -7.13
C PRO H 117 -22.08 -71.20 -8.00
N GLN H 118 -23.14 -70.44 -7.75
CA GLN H 118 -24.38 -70.57 -8.52
C GLN H 118 -24.22 -69.99 -9.91
N THR H 119 -23.77 -68.74 -10.00
CA THR H 119 -23.57 -68.09 -11.29
C THR H 119 -22.42 -68.70 -12.08
N HIS H 120 -21.35 -69.06 -11.37
CA HIS H 120 -20.10 -69.50 -11.98
C HIS H 120 -19.39 -68.34 -12.68
N GLN H 121 -19.89 -67.14 -12.47
CA GLN H 121 -19.28 -65.95 -13.05
C GLN H 121 -18.87 -64.97 -11.95
N PRO H 122 -17.92 -64.07 -12.27
CA PRO H 122 -17.31 -63.11 -11.34
C PRO H 122 -18.30 -62.28 -10.52
N ILE H 123 -17.89 -61.95 -9.30
CA ILE H 123 -18.66 -61.06 -8.43
C ILE H 123 -18.12 -59.64 -8.52
N THR H 124 -18.92 -58.73 -9.07
CA THR H 124 -18.49 -57.35 -9.26
C THR H 124 -18.39 -56.59 -7.94
N ILE H 125 -17.78 -55.42 -7.98
CA ILE H 125 -17.57 -54.63 -6.77
C ILE H 125 -18.87 -54.06 -6.23
N PRO H 126 -19.73 -53.54 -7.11
CA PRO H 126 -21.02 -53.05 -6.62
C PRO H 126 -21.81 -54.18 -5.95
N GLU H 127 -21.64 -55.41 -6.43
CA GLU H 127 -22.29 -56.55 -5.82
C GLU H 127 -21.84 -56.68 -4.36
N TRP H 128 -20.52 -56.75 -4.15
CA TRP H 128 -19.97 -56.90 -2.81
C TRP H 128 -20.41 -55.78 -1.89
N LEU H 129 -20.36 -54.55 -2.39
CA LEU H 129 -20.71 -53.38 -1.58
C LEU H 129 -22.18 -53.49 -1.17
N ASP H 130 -23.03 -53.84 -2.12
CA ASP H 130 -24.45 -54.02 -1.86
C ASP H 130 -24.71 -55.08 -0.81
N ARG H 131 -23.89 -56.12 -0.79
CA ARG H 131 -24.00 -57.16 0.22
C ARG H 131 -23.39 -56.73 1.57
N LEU H 132 -22.15 -56.25 1.54
CA LEU H 132 -21.38 -56.11 2.77
C LEU H 132 -21.54 -54.77 3.47
N ALA H 133 -21.75 -53.70 2.71
CA ALA H 133 -21.83 -52.37 3.29
C ALA H 133 -22.87 -52.23 4.41
N PRO H 134 -24.07 -52.82 4.23
CA PRO H 134 -25.09 -52.70 5.27
C PRO H 134 -24.85 -53.60 6.48
N LYS H 135 -23.88 -54.51 6.38
CA LYS H 135 -23.56 -55.39 7.50
C LYS H 135 -22.28 -54.96 8.23
N ALA H 136 -21.68 -53.87 7.78
CA ALA H 136 -20.37 -53.47 8.30
C ALA H 136 -20.50 -52.53 9.49
N LEU H 137 -19.55 -52.62 10.42
CA LEU H 137 -19.47 -51.66 11.51
C LEU H 137 -19.08 -50.29 10.97
N ALA H 138 -18.17 -50.30 10.00
CA ALA H 138 -17.78 -49.08 9.31
C ALA H 138 -17.31 -49.38 7.89
N VAL H 139 -17.52 -48.43 7.00
CA VAL H 139 -16.95 -48.49 5.66
C VAL H 139 -15.79 -47.51 5.60
N VAL H 140 -14.66 -47.96 5.08
CA VAL H 140 -13.47 -47.10 4.97
C VAL H 140 -12.97 -47.01 3.53
N GLY H 141 -12.61 -45.79 3.11
CA GLY H 141 -12.01 -45.60 1.80
C GLY H 141 -10.51 -45.37 1.90
N ALA H 142 -9.74 -46.29 1.35
CA ALA H 142 -8.29 -46.18 1.39
C ALA H 142 -7.77 -45.75 0.04
N GLY H 143 -7.44 -44.47 -0.09
CA GLY H 143 -6.91 -43.91 -1.32
C GLY H 143 -7.87 -42.93 -1.96
N THR H 144 -7.37 -42.09 -2.86
CA THR H 144 -8.23 -41.13 -3.56
C THR H 144 -9.21 -41.83 -4.51
N CYS H 145 -8.77 -42.94 -5.11
CA CYS H 145 -9.62 -43.70 -6.04
C CYS H 145 -10.89 -44.22 -5.35
N ALA H 146 -10.77 -44.65 -4.09
CA ALA H 146 -11.90 -45.24 -3.38
C ALA H 146 -12.73 -44.19 -2.67
N THR H 147 -12.12 -43.05 -2.40
CA THR H 147 -12.79 -41.99 -1.68
C THR H 147 -13.54 -41.06 -2.62
N TYR H 148 -12.90 -40.71 -3.74
CA TYR H 148 -13.41 -39.66 -4.62
C TYR H 148 -13.38 -40.05 -6.09
N GLY H 149 -12.87 -41.22 -6.40
CA GLY H 149 -12.86 -41.67 -7.79
C GLY H 149 -11.48 -41.63 -8.41
N GLY H 150 -10.76 -40.55 -8.15
CA GLY H 150 -9.34 -40.47 -8.45
C GLY H 150 -8.98 -40.60 -9.92
N ILE H 151 -7.72 -40.89 -10.15
CA ILE H 151 -7.13 -40.85 -11.48
C ILE H 151 -7.86 -41.74 -12.49
N HIS H 152 -8.60 -42.73 -12.00
CA HIS H 152 -9.30 -43.65 -12.88
C HIS H 152 -10.69 -43.11 -13.21
N ALA H 153 -11.17 -42.17 -12.39
CA ALA H 153 -12.45 -41.53 -12.65
C ALA H 153 -12.24 -40.22 -13.42
N MET H 154 -11.10 -40.12 -14.08
CA MET H 154 -10.74 -38.91 -14.82
C MET H 154 -11.55 -38.79 -16.11
N GLU H 155 -11.58 -37.58 -16.66
CA GLU H 155 -12.35 -37.31 -17.88
C GLU H 155 -12.01 -38.27 -19.02
N GLY H 156 -13.03 -38.76 -19.70
CA GLY H 156 -12.83 -39.65 -20.83
C GLY H 156 -12.58 -41.10 -20.44
N ASN H 157 -12.86 -41.46 -19.20
CA ASN H 157 -12.62 -42.82 -18.75
C ASN H 157 -13.73 -43.74 -19.23
N PRO H 158 -13.39 -44.99 -19.58
CA PRO H 158 -14.39 -45.90 -20.14
C PRO H 158 -15.19 -46.69 -19.08
N THR H 159 -14.85 -46.56 -17.80
CA THR H 159 -15.56 -47.32 -16.77
C THR H 159 -16.67 -46.52 -16.11
N GLY H 160 -16.65 -45.20 -16.31
CA GLY H 160 -17.62 -44.31 -15.69
C GLY H 160 -17.63 -44.49 -14.18
N CYS H 161 -16.46 -44.79 -13.64
CA CYS H 161 -16.33 -45.18 -12.24
C CYS H 161 -16.42 -44.00 -11.29
N MET H 162 -16.48 -44.31 -10.00
CA MET H 162 -16.86 -43.33 -8.98
C MET H 162 -16.31 -43.68 -7.61
N GLY H 163 -16.60 -42.82 -6.64
CA GLY H 163 -16.09 -43.01 -5.29
C GLY H 163 -17.06 -43.80 -4.43
N LEU H 164 -16.70 -43.97 -3.17
CA LEU H 164 -17.53 -44.71 -2.23
C LEU H 164 -18.77 -43.92 -1.83
N ALA H 165 -18.56 -42.67 -1.46
CA ALA H 165 -19.65 -41.82 -1.00
C ALA H 165 -20.57 -41.46 -2.17
N ASP H 166 -20.05 -41.57 -3.38
CA ASP H 166 -20.87 -41.37 -4.57
C ASP H 166 -21.86 -42.50 -4.67
N TYR H 167 -21.38 -43.72 -4.42
CA TYR H 167 -22.16 -44.92 -4.62
C TYR H 167 -23.15 -45.19 -3.50
N LEU H 168 -22.76 -44.86 -2.27
CA LEU H 168 -23.59 -45.14 -1.11
C LEU H 168 -24.36 -43.90 -0.64
N GLY H 169 -23.86 -42.73 -0.99
CA GLY H 169 -24.43 -41.47 -0.54
C GLY H 169 -23.56 -40.75 0.48
N TRP H 170 -23.37 -39.45 0.27
CA TRP H 170 -22.52 -38.66 1.16
C TRP H 170 -23.10 -38.50 2.58
N GLN H 171 -24.16 -39.25 2.86
CA GLN H 171 -24.81 -39.19 4.16
C GLN H 171 -24.95 -40.58 4.76
N TRP H 172 -24.51 -41.58 4.00
CA TRP H 172 -24.60 -42.98 4.40
C TRP H 172 -24.01 -43.22 5.76
N LYS H 173 -24.60 -44.15 6.50
CA LYS H 173 -24.05 -44.56 7.79
C LYS H 173 -24.11 -46.06 7.93
N SER H 174 -23.39 -46.58 8.91
CA SER H 174 -23.36 -48.01 9.15
C SER H 174 -24.37 -48.39 10.21
N ARG H 175 -24.59 -49.69 10.35
CA ARG H 175 -25.41 -50.21 11.44
C ARG H 175 -24.80 -49.81 12.78
N ALA H 176 -23.51 -49.50 12.76
CA ALA H 176 -22.80 -49.04 13.96
C ALA H 176 -23.01 -47.55 14.16
N GLY H 177 -23.39 -46.86 13.09
CA GLY H 177 -23.67 -45.43 13.15
C GLY H 177 -22.49 -44.58 12.71
N LEU H 178 -21.59 -45.19 11.95
CA LEU H 178 -20.39 -44.51 11.48
C LEU H 178 -20.56 -43.96 10.07
N PRO H 179 -20.13 -42.70 9.86
CA PRO H 179 -20.10 -42.17 8.49
C PRO H 179 -19.08 -42.92 7.65
N ILE H 180 -19.06 -42.64 6.35
CA ILE H 180 -17.99 -43.18 5.54
C ILE H 180 -16.70 -42.47 5.92
N VAL H 181 -15.69 -43.24 6.29
CA VAL H 181 -14.38 -42.67 6.57
C VAL H 181 -13.54 -42.66 5.30
N ASN H 182 -13.25 -41.47 4.79
CA ASN H 182 -12.39 -41.32 3.62
C ASN H 182 -10.96 -40.99 4.02
N VAL H 183 -10.03 -41.88 3.65
CA VAL H 183 -8.61 -41.59 3.83
C VAL H 183 -7.95 -41.43 2.47
N PRO H 184 -8.03 -40.22 1.91
CA PRO H 184 -7.55 -39.91 0.57
C PRO H 184 -6.02 -39.88 0.45
N GLY H 185 -5.54 -39.57 -0.75
CA GLY H 185 -4.12 -39.63 -1.03
C GLY H 185 -3.84 -40.67 -2.09
N CYS H 186 -2.86 -40.43 -2.93
CA CYS H 186 -2.55 -41.33 -4.02
C CYS H 186 -1.05 -41.52 -4.21
N PRO H 187 -0.49 -42.51 -3.50
CA PRO H 187 -1.25 -43.35 -2.59
C PRO H 187 -1.38 -42.71 -1.23
N VAL H 188 -2.15 -43.36 -0.37
CA VAL H 188 -2.38 -42.92 1.00
C VAL H 188 -1.04 -42.75 1.70
N GLN H 189 -0.89 -41.72 2.52
CA GLN H 189 0.33 -41.55 3.29
C GLN H 189 0.36 -42.61 4.38
N PRO H 190 1.40 -43.47 4.38
CA PRO H 190 1.50 -44.68 5.22
C PRO H 190 0.97 -44.54 6.64
N ASP H 191 1.45 -43.54 7.38
CA ASP H 191 1.03 -43.39 8.76
C ASP H 191 -0.34 -42.74 8.85
N ASN H 192 -0.72 -42.02 7.79
CA ASN H 192 -2.04 -41.37 7.77
C ASN H 192 -3.14 -42.41 7.83
N PHE H 193 -2.92 -43.55 7.18
CA PHE H 193 -3.93 -44.60 7.17
C PHE H 193 -3.91 -45.45 8.44
N MET H 194 -2.73 -45.86 8.87
CA MET H 194 -2.62 -46.61 10.12
C MET H 194 -3.16 -45.78 11.28
N GLU H 195 -2.87 -44.48 11.27
CA GLU H 195 -3.36 -43.58 12.31
C GLU H 195 -4.89 -43.61 12.39
N THR H 196 -5.51 -43.50 11.22
CA THR H 196 -6.96 -43.56 11.13
C THR H 196 -7.46 -44.91 11.60
N LEU H 197 -6.80 -45.97 11.16
CA LEU H 197 -7.17 -47.33 11.53
C LEU H 197 -7.11 -47.51 13.04
N LEU H 198 -5.97 -47.16 13.62
CA LEU H 198 -5.78 -47.23 15.06
C LEU H 198 -6.86 -46.47 15.83
N TYR H 199 -7.29 -45.32 15.30
CA TYR H 199 -8.34 -44.55 15.94
C TYR H 199 -9.63 -45.36 15.97
N LEU H 200 -10.01 -45.90 14.82
CA LEU H 200 -11.20 -46.76 14.73
C LEU H 200 -11.13 -47.92 15.71
N LEU H 201 -9.93 -48.46 15.90
CA LEU H 201 -9.74 -49.55 16.85
C LEU H 201 -9.99 -49.05 18.27
N TYR H 202 -9.47 -47.88 18.59
CA TYR H 202 -9.74 -47.26 19.89
C TYR H 202 -11.24 -47.00 20.10
N GLN H 203 -11.91 -46.51 19.05
CA GLN H 203 -13.32 -46.18 19.12
C GLN H 203 -14.17 -47.42 19.36
N LEU H 204 -13.85 -48.50 18.66
CA LEU H 204 -14.63 -49.74 18.75
C LEU H 204 -14.43 -50.44 20.09
N ALA H 205 -13.34 -50.16 20.78
CA ALA H 205 -13.15 -50.68 22.13
C ALA H 205 -13.69 -49.71 23.17
N GLY H 206 -14.33 -48.64 22.71
CA GLY H 206 -14.97 -47.67 23.58
C GLY H 206 -14.02 -46.70 24.23
N LEU H 207 -12.83 -46.57 23.66
CA LEU H 207 -11.76 -45.77 24.24
C LEU H 207 -11.77 -44.34 23.73
N ALA H 208 -12.44 -44.09 22.62
CA ALA H 208 -12.42 -42.78 22.00
C ALA H 208 -13.80 -42.40 21.48
N PRO H 209 -14.05 -41.09 21.35
CA PRO H 209 -15.30 -40.57 20.78
C PRO H 209 -15.38 -40.80 19.27
N MET H 210 -16.55 -40.54 18.68
CA MET H 210 -16.76 -40.68 17.24
C MET H 210 -15.66 -40.01 16.42
N ILE H 211 -15.12 -40.73 15.44
CA ILE H 211 -14.07 -40.20 14.58
C ILE H 211 -14.55 -38.90 13.96
N PRO H 212 -13.73 -37.83 14.07
CA PRO H 212 -14.08 -36.49 13.61
C PRO H 212 -13.71 -36.25 12.15
N LEU H 213 -14.73 -36.04 11.32
CA LEU H 213 -14.49 -35.88 9.88
C LEU H 213 -14.99 -34.52 9.39
N ASP H 214 -14.41 -34.04 8.29
CA ASP H 214 -14.94 -32.85 7.63
C ASP H 214 -16.05 -33.26 6.66
N GLU H 215 -16.56 -32.30 5.88
CA GLU H 215 -17.65 -32.57 4.95
C GLU H 215 -17.28 -33.62 3.93
N ALA H 216 -16.00 -33.71 3.60
CA ALA H 216 -15.53 -34.75 2.68
C ALA H 216 -15.23 -36.06 3.41
N LEU H 217 -15.66 -36.16 4.67
CA LEU H 217 -15.50 -37.38 5.47
C LEU H 217 -14.04 -37.71 5.77
N ARG H 218 -13.21 -36.67 5.90
CA ARG H 218 -11.79 -36.83 6.13
C ARG H 218 -11.45 -36.62 7.59
N PRO H 219 -10.52 -37.44 8.13
CA PRO H 219 -10.08 -37.28 9.52
C PRO H 219 -9.51 -35.88 9.69
N LYS H 220 -10.05 -35.15 10.66
CA LYS H 220 -9.77 -33.74 10.77
C LYS H 220 -8.31 -33.46 11.09
N TRP H 221 -7.73 -34.23 11.99
CA TRP H 221 -6.36 -33.96 12.43
C TRP H 221 -5.32 -34.29 11.37
N LEU H 222 -5.76 -34.71 10.19
CA LEU H 222 -4.84 -35.07 9.12
C LEU H 222 -5.02 -34.23 7.87
N PHE H 223 -6.26 -33.85 7.57
CA PHE H 223 -6.53 -33.15 6.31
C PHE H 223 -7.21 -31.80 6.45
N THR H 224 -6.99 -31.11 7.56
CA THR H 224 -7.55 -29.77 7.71
C THR H 224 -6.64 -28.71 7.09
N ARG H 225 -5.46 -28.52 7.68
CA ARG H 225 -4.47 -27.60 7.13
C ARG H 225 -4.01 -28.07 5.76
N THR H 226 -3.50 -27.14 4.96
CA THR H 226 -3.15 -27.47 3.58
C THR H 226 -1.70 -27.86 3.42
N VAL H 227 -1.34 -28.21 2.20
CA VAL H 227 0.05 -28.51 1.89
C VAL H 227 0.90 -27.29 2.20
N HIS H 228 0.43 -26.14 1.75
CA HIS H 228 1.14 -24.88 1.93
C HIS H 228 1.34 -24.50 3.41
N ASP H 229 0.32 -24.74 4.24
CA ASP H 229 0.41 -24.42 5.67
C ASP H 229 1.55 -25.18 6.35
N GLY H 230 2.09 -26.19 5.67
CA GLY H 230 3.14 -27.00 6.24
C GLY H 230 4.37 -27.17 5.37
N CYS H 231 4.44 -26.46 4.27
CA CYS H 231 5.60 -26.51 3.37
C CYS H 231 6.72 -25.61 3.89
N ASP H 232 7.95 -26.13 3.93
CA ASP H 232 9.06 -25.33 4.44
C ASP H 232 9.77 -24.61 3.30
N ARG H 233 9.05 -24.39 2.21
CA ARG H 233 9.53 -23.50 1.16
C ARG H 233 8.70 -22.23 1.21
N ALA H 234 7.75 -22.18 2.14
CA ALA H 234 6.83 -21.05 2.27
C ALA H 234 7.59 -19.75 2.52
N GLY H 235 8.74 -19.87 3.16
CA GLY H 235 9.60 -18.73 3.40
C GLY H 235 9.92 -18.01 2.10
N SER H 236 10.28 -18.78 1.07
CA SER H 236 10.66 -18.19 -0.20
C SER H 236 9.46 -17.62 -0.96
N TYR H 237 8.26 -18.10 -0.64
CA TYR H 237 7.05 -17.63 -1.32
C TYR H 237 6.74 -16.19 -0.93
N GLU H 238 6.84 -15.91 0.36
CA GLU H 238 6.62 -14.55 0.85
C GLU H 238 7.65 -13.57 0.28
N GLN H 239 8.93 -13.96 0.29
CA GLN H 239 10.00 -13.13 -0.25
C GLN H 239 9.93 -13.02 -1.77
N ALA H 240 8.88 -13.55 -2.36
CA ALA H 240 8.66 -13.48 -3.80
C ALA H 240 9.79 -14.12 -4.59
N ILE H 241 10.54 -14.99 -3.93
CA ILE H 241 11.59 -15.76 -4.58
C ILE H 241 11.03 -17.07 -5.10
N PHE H 242 10.87 -17.17 -6.42
CA PHE H 242 10.25 -18.32 -7.03
C PHE H 242 11.20 -19.01 -8.00
N ALA H 243 11.52 -20.27 -7.74
CA ALA H 243 12.34 -21.06 -8.63
C ALA H 243 11.78 -21.04 -10.06
N THR H 244 12.67 -21.12 -11.04
CA THR H 244 12.26 -21.05 -12.42
C THR H 244 12.66 -22.29 -13.19
N GLU H 245 13.47 -23.12 -12.55
CA GLU H 245 13.75 -24.47 -13.05
C GLU H 245 13.54 -25.46 -11.89
N TYR H 246 13.42 -26.74 -12.21
CA TYR H 246 12.88 -27.67 -11.25
C TYR H 246 13.83 -28.04 -10.11
N GLY H 247 15.12 -28.07 -10.39
CA GLY H 247 16.07 -28.42 -9.34
C GLY H 247 16.13 -27.46 -8.16
N ASN H 248 15.94 -26.18 -8.44
CA ASN H 248 16.06 -25.10 -7.45
C ASN H 248 15.33 -25.37 -6.12
N PRO H 249 15.92 -24.92 -5.00
CA PRO H 249 15.37 -25.10 -3.65
C PRO H 249 14.25 -24.16 -3.26
N ASN H 250 13.86 -23.24 -4.15
CA ASN H 250 12.83 -22.26 -3.82
C ASN H 250 11.44 -22.73 -4.18
N CYS H 251 10.44 -21.92 -3.84
CA CYS H 251 9.05 -22.28 -4.09
C CYS H 251 8.76 -22.51 -5.56
N ILE H 252 8.12 -23.64 -5.85
CA ILE H 252 7.89 -24.03 -7.22
C ILE H 252 6.42 -23.94 -7.63
N VAL H 253 5.71 -22.92 -7.13
CA VAL H 253 4.31 -22.68 -7.51
C VAL H 253 4.15 -22.35 -8.99
N LYS H 254 5.08 -21.57 -9.53
CA LYS H 254 5.06 -21.21 -10.94
C LYS H 254 5.27 -22.44 -11.80
N LEU H 255 5.86 -23.47 -11.20
CA LEU H 255 6.26 -24.66 -11.94
C LEU H 255 5.23 -25.78 -11.84
N GLY H 256 4.14 -25.53 -11.11
CA GLY H 256 3.01 -26.45 -11.10
C GLY H 256 2.36 -26.74 -9.76
N CYS H 257 3.00 -26.29 -8.69
CA CYS H 257 2.54 -26.63 -7.34
C CYS H 257 1.17 -26.02 -7.04
N TRP H 258 0.28 -26.83 -6.48
CA TRP H 258 -1.06 -26.39 -6.10
C TRP H 258 -1.20 -26.31 -4.59
N GLY H 259 -0.06 -26.42 -3.92
CA GLY H 259 -0.03 -26.49 -2.47
C GLY H 259 -0.93 -25.56 -1.68
N PRO H 260 -1.11 -24.31 -2.14
CA PRO H 260 -1.88 -23.38 -1.31
C PRO H 260 -3.34 -23.75 -1.21
N VAL H 261 -3.83 -24.55 -2.16
CA VAL H 261 -5.24 -24.90 -2.23
C VAL H 261 -5.53 -26.41 -2.17
N VAL H 262 -4.57 -27.18 -1.67
CA VAL H 262 -4.76 -28.62 -1.53
C VAL H 262 -4.71 -29.03 -0.06
N GLN H 263 -5.56 -29.98 0.32
CA GLN H 263 -5.58 -30.46 1.70
C GLN H 263 -4.82 -31.78 1.85
N CYS H 264 -3.71 -31.71 2.57
CA CYS H 264 -2.76 -32.81 2.68
C CYS H 264 -1.70 -32.43 3.68
N ASN H 265 -1.08 -33.41 4.33
CA ASN H 265 -0.12 -33.10 5.37
C ASN H 265 1.25 -33.68 5.10
N VAL H 266 1.45 -34.20 3.89
CA VAL H 266 2.70 -34.88 3.54
C VAL H 266 3.94 -34.04 3.84
N PRO H 267 3.96 -32.78 3.38
CA PRO H 267 5.15 -31.93 3.63
C PRO H 267 5.41 -31.73 5.13
N LYS H 268 4.38 -31.39 5.89
CA LYS H 268 4.52 -31.18 7.33
C LYS H 268 4.93 -32.42 8.09
N ARG H 269 4.67 -33.60 7.53
CA ARG H 269 4.89 -34.84 8.26
C ARG H 269 5.94 -35.71 7.60
N GLY H 270 6.15 -35.50 6.31
CA GLY H 270 7.04 -36.33 5.53
C GLY H 270 6.29 -37.53 4.96
N TRP H 271 7.01 -38.36 4.21
CA TRP H 271 6.43 -39.58 3.68
C TRP H 271 6.68 -40.75 4.62
N ILE H 272 7.95 -41.11 4.78
CA ILE H 272 8.37 -42.20 5.67
C ILE H 272 9.49 -41.75 6.62
N ALA H 273 9.24 -41.83 7.92
CA ALA H 273 10.21 -41.38 8.91
C ALA H 273 10.64 -39.94 8.63
N GLY H 274 9.67 -39.10 8.25
CA GLY H 274 9.95 -37.72 7.94
C GLY H 274 10.82 -37.50 6.71
N VAL H 275 11.10 -38.58 5.96
CA VAL H 275 12.13 -38.52 4.94
C VAL H 275 11.65 -38.03 3.57
N GLY H 276 10.41 -38.32 3.21
CA GLY H 276 9.97 -37.95 1.88
C GLY H 276 9.23 -36.62 1.79
N GLY H 277 8.49 -36.46 0.69
CA GLY H 277 7.57 -35.35 0.54
C GLY H 277 7.23 -35.05 -0.91
N CYS H 278 6.71 -33.85 -1.15
CA CYS H 278 6.52 -33.37 -2.51
C CYS H 278 7.17 -32.00 -2.70
N PRO H 279 6.46 -30.91 -2.36
CA PRO H 279 7.10 -29.63 -2.71
C PRO H 279 8.33 -29.35 -1.83
N ASN H 280 8.22 -29.68 -0.55
CA ASN H 280 9.33 -29.50 0.40
C ASN H 280 10.61 -30.20 -0.03
N VAL H 281 10.54 -30.88 -1.16
CA VAL H 281 11.59 -31.80 -1.59
C VAL H 281 11.88 -31.60 -3.07
N GLY H 282 11.01 -30.84 -3.75
CA GLY H 282 11.21 -30.51 -5.15
C GLY H 282 10.16 -31.08 -6.10
N GLY H 283 9.02 -31.46 -5.53
CA GLY H 283 7.94 -32.06 -6.32
C GLY H 283 6.67 -31.26 -6.20
N ILE H 284 6.25 -30.67 -7.31
CA ILE H 284 4.99 -29.93 -7.35
C ILE H 284 3.85 -30.75 -6.72
N CYS H 285 2.98 -30.10 -5.95
CA CYS H 285 1.82 -30.79 -5.44
C CYS H 285 0.74 -30.87 -6.49
N ILE H 286 0.32 -32.08 -6.83
CA ILE H 286 -0.62 -32.25 -7.92
C ILE H 286 -2.04 -32.48 -7.40
N GLY H 287 -2.26 -32.17 -6.12
CA GLY H 287 -3.57 -32.26 -5.51
C GLY H 287 -4.17 -33.65 -5.42
N CYS H 288 -3.33 -34.65 -5.22
CA CYS H 288 -3.76 -36.06 -5.34
C CYS H 288 -4.68 -36.52 -4.20
N THR H 289 -4.92 -35.66 -3.22
CA THR H 289 -5.78 -36.01 -2.09
C THR H 289 -7.15 -35.36 -2.17
N MET H 290 -7.38 -34.59 -3.23
CA MET H 290 -8.62 -33.83 -3.34
C MET H 290 -9.60 -34.50 -4.29
N PRO H 291 -10.90 -34.36 -4.00
CA PRO H 291 -11.98 -34.84 -4.86
C PRO H 291 -11.83 -34.41 -6.32
N GLY H 292 -11.25 -33.24 -6.55
CA GLY H 292 -11.09 -32.72 -7.90
C GLY H 292 -9.98 -33.37 -8.71
N PHE H 293 -9.10 -34.10 -8.03
CA PHE H 293 -7.98 -34.78 -8.68
C PHE H 293 -8.51 -35.85 -9.64
N PRO H 294 -7.89 -35.98 -10.82
CA PRO H 294 -6.74 -35.21 -11.29
C PRO H 294 -7.13 -34.10 -12.26
N ASP H 295 -8.38 -34.11 -12.69
CA ASP H 295 -8.83 -33.29 -13.83
C ASP H 295 -8.69 -31.79 -13.58
N LYS H 296 -8.94 -31.35 -12.36
CA LYS H 296 -8.89 -29.93 -12.05
C LYS H 296 -7.47 -29.40 -11.80
N PHE H 297 -6.46 -30.24 -12.04
CA PHE H 297 -5.07 -29.88 -11.78
C PHE H 297 -4.21 -30.02 -13.03
N MET H 298 -4.72 -30.72 -14.02
CA MET H 298 -3.97 -30.93 -15.26
C MET H 298 -4.13 -29.73 -16.19
N PRO H 299 -3.07 -29.40 -16.94
CA PRO H 299 -1.75 -30.01 -16.81
C PRO H 299 -1.07 -29.67 -15.48
N PHE H 300 -0.36 -30.64 -14.92
CA PHE H 300 0.28 -30.45 -13.62
C PHE H 300 1.45 -29.49 -13.65
N MET H 301 2.17 -29.46 -14.77
CA MET H 301 3.41 -28.68 -14.82
C MET H 301 3.15 -27.23 -15.23
N ASP H 302 1.89 -26.89 -15.46
CA ASP H 302 1.52 -25.50 -15.66
C ASP H 302 1.29 -24.84 -14.31
N ALA H 303 1.43 -23.52 -14.27
CA ALA H 303 1.11 -22.78 -13.08
C ALA H 303 -0.40 -22.75 -12.86
N PRO H 304 -0.83 -22.88 -11.60
CA PRO H 304 -2.25 -22.68 -11.31
C PRO H 304 -2.65 -21.25 -11.66
N PRO H 305 -3.75 -21.08 -12.40
CA PRO H 305 -4.20 -19.74 -12.81
C PRO H 305 -4.27 -18.77 -11.63
N GLY H 306 -4.66 -19.27 -10.47
CA GLY H 306 -4.74 -18.43 -9.29
C GLY H 306 -3.38 -18.05 -8.77
N ALA H 307 -2.37 -18.83 -9.16
CA ALA H 307 -1.00 -18.60 -8.69
C ALA H 307 -0.34 -17.46 -9.43
N VAL H 308 -0.62 -17.36 -10.73
CA VAL H 308 -0.08 -16.29 -11.57
C VAL H 308 -0.45 -14.91 -11.00
N LEU H 309 -1.66 -14.80 -10.46
CA LEU H 309 -2.08 -13.57 -9.79
C LEU H 309 -1.25 -13.32 -8.53
N SER H 310 -0.95 -14.40 -7.80
CA SER H 310 -0.22 -14.32 -6.54
C SER H 310 1.28 -14.30 -6.79
N SER H 311 1.71 -14.88 -7.91
CA SER H 311 3.12 -14.85 -8.28
C SER H 311 3.44 -13.54 -8.99
N ASN H 312 2.47 -13.00 -9.71
CA ASN H 312 2.60 -11.67 -10.29
C ASN H 312 2.12 -10.60 -9.32
N LEU H 313 1.81 -11.02 -8.09
CA LEU H 313 1.56 -10.09 -7.00
C LEU H 313 2.80 -9.25 -6.83
N ILE H 314 2.64 -8.00 -6.40
CA ILE H 314 3.82 -7.16 -6.27
C ILE H 314 4.13 -6.88 -4.81
N LYS H 315 5.35 -7.22 -4.44
CA LYS H 315 5.86 -6.90 -3.12
C LYS H 315 6.97 -5.89 -3.30
N SER H 316 6.59 -4.61 -3.28
CA SER H 316 7.58 -3.54 -3.26
C SER H 316 8.33 -3.62 -1.94
N TYR H 317 7.66 -4.21 -0.96
CA TYR H 317 8.21 -4.41 0.37
C TYR H 317 9.10 -5.65 0.39
N GLY H 318 9.13 -6.36 -0.72
CA GLY H 318 9.91 -7.59 -0.84
C GLY H 318 11.41 -7.44 -0.65
N PRO H 319 12.02 -6.44 -1.29
CA PRO H 319 13.47 -6.23 -1.15
C PRO H 319 13.85 -5.55 0.15
N LEU H 320 12.98 -4.69 0.68
CA LEU H 320 13.26 -4.02 1.94
C LEU H 320 13.39 -5.01 3.08
N ILE H 321 12.35 -5.82 3.30
CA ILE H 321 12.32 -6.74 4.43
C ILE H 321 13.48 -7.73 4.37
N ARG H 322 14.00 -7.97 3.17
CA ARG H 322 15.13 -8.86 3.00
C ARG H 322 16.42 -8.18 3.39
N SER H 323 16.55 -6.91 3.02
CA SER H 323 17.73 -6.13 3.35
C SER H 323 17.82 -5.88 4.86
N LEU H 324 16.67 -5.72 5.49
CA LEU H 324 16.60 -5.52 6.92
C LEU H 324 16.98 -6.79 7.66
N ARG H 325 16.55 -7.93 7.13
CA ARG H 325 16.88 -9.23 7.72
C ARG H 325 18.38 -9.52 7.66
N LYS H 326 19.00 -9.16 6.54
CA LYS H 326 20.42 -9.43 6.36
C LYS H 326 21.24 -8.64 7.37
N LEU H 327 20.88 -7.37 7.55
CA LEU H 327 21.56 -6.52 8.53
C LEU H 327 21.49 -7.16 9.91
N THR H 328 20.28 -7.46 10.35
CA THR H 328 20.05 -8.09 11.65
C THR H 328 20.85 -9.38 11.79
N LYS H 329 20.94 -10.14 10.72
CA LYS H 329 21.69 -11.39 10.74
C LYS H 329 23.19 -11.11 10.92
N ASP H 330 23.69 -10.11 10.22
CA ASP H 330 25.11 -9.77 10.30
C ASP H 330 25.61 -9.43 11.71
N THR H 331 24.78 -8.74 12.48
CA THR H 331 25.16 -8.38 13.84
C THR H 331 25.09 -9.61 14.73
N LEU H 332 24.26 -10.57 14.32
CA LEU H 332 24.12 -11.83 15.03
C LEU H 332 25.26 -12.76 14.67
N ASN H 333 25.97 -12.43 13.59
CA ASN H 333 27.19 -13.16 13.23
C ASN H 333 28.43 -12.44 13.75
N ASP H 334 28.25 -11.69 14.85
CA ASP H 334 29.36 -11.04 15.51
C ASP H 334 29.35 -11.30 17.01
N GLU H 335 30.39 -12.00 17.49
CA GLU H 335 30.52 -12.27 18.91
C GLU H 335 30.63 -10.95 19.69
N PRO H 336 30.18 -10.95 20.94
CA PRO H 336 30.37 -9.77 21.78
C PRO H 336 31.86 -9.43 21.89
N LYS H 337 32.16 -8.16 22.11
CA LYS H 337 33.55 -7.69 22.17
C LYS H 337 34.33 -8.33 23.32
N TRP H 338 33.63 -8.72 24.38
CA TRP H 338 34.29 -9.17 25.61
C TRP H 338 34.81 -10.61 25.55
N ARG H 339 34.82 -11.22 24.37
CA ARG H 339 35.32 -12.59 24.22
C ARG H 339 36.67 -12.62 23.53
N HIS H 340 37.73 -12.59 24.33
CA HIS H 340 39.10 -12.42 23.84
C HIS H 340 40.09 -13.09 24.77
N ASN H 341 41.36 -13.04 24.40
CA ASN H 341 42.41 -13.64 25.21
C ASN H 341 43.30 -12.59 25.88
N GLN H 342 42.81 -11.35 25.95
CA GLN H 342 43.55 -10.29 26.61
C GLN H 342 43.61 -10.52 28.11
N PRO H 343 44.72 -10.13 28.75
CA PRO H 343 45.00 -10.40 30.17
C PRO H 343 44.07 -9.65 31.14
N VAL H 344 43.11 -8.91 30.60
CA VAL H 344 42.17 -8.16 31.43
C VAL H 344 40.74 -8.50 31.06
N LEU H 345 39.94 -8.88 32.06
CA LEU H 345 38.57 -9.35 31.82
C LEU H 345 37.62 -8.22 31.44
N THR H 346 36.82 -8.43 30.40
CA THR H 346 35.93 -7.39 29.90
C THR H 346 34.46 -7.80 29.97
N THR H 347 34.19 -8.94 30.58
CA THR H 347 32.83 -9.50 30.59
C THR H 347 31.86 -8.75 31.50
N GLY H 348 32.36 -7.75 32.23
CA GLY H 348 31.54 -7.03 33.18
C GLY H 348 31.47 -7.74 34.52
N TYR H 349 32.61 -8.22 35.00
CA TYR H 349 32.66 -8.90 36.29
C TYR H 349 33.97 -8.61 37.00
N LEU I 20 51.39 -48.17 52.16
CA LEU I 20 50.37 -47.57 51.33
C LEU I 20 50.91 -47.23 49.94
N VAL I 21 50.09 -47.43 48.93
CA VAL I 21 50.44 -47.10 47.54
C VAL I 21 49.43 -46.14 46.91
N GLU I 22 49.94 -45.10 46.28
CA GLU I 22 49.10 -44.06 45.67
C GLU I 22 48.71 -44.40 44.23
N MET I 23 47.41 -44.62 44.03
CA MET I 23 46.85 -44.84 42.70
C MET I 23 45.73 -43.83 42.45
N ASN I 24 45.74 -43.20 41.28
CA ASN I 24 44.68 -42.25 40.93
C ASN I 24 44.20 -42.39 39.49
N TRP I 25 43.05 -41.79 39.21
CA TRP I 25 42.49 -41.86 37.87
C TRP I 25 41.91 -40.52 37.43
N ASP I 26 42.57 -39.91 36.46
CA ASP I 26 42.22 -38.57 36.00
C ASP I 26 42.71 -38.41 34.56
N PRO I 27 41.78 -38.17 33.64
CA PRO I 27 40.35 -38.05 33.94
C PRO I 27 39.65 -39.40 33.94
N ILE I 28 38.61 -39.55 34.76
CA ILE I 28 37.80 -40.75 34.72
C ILE I 28 36.89 -40.73 33.50
N THR I 29 36.86 -41.83 32.76
CA THR I 29 36.07 -41.93 31.54
C THR I 29 34.72 -42.61 31.77
N ARG I 30 33.96 -42.76 30.68
CA ARG I 30 32.62 -43.34 30.71
C ARG I 30 31.76 -42.74 31.82
N ILE I 31 31.87 -41.43 31.97
CA ILE I 31 31.01 -40.64 32.81
C ILE I 31 30.90 -39.28 32.12
N VAL I 32 30.16 -38.35 32.70
CA VAL I 32 30.00 -37.06 32.04
C VAL I 32 30.75 -35.95 32.78
N GLY I 33 31.66 -35.30 32.08
CA GLY I 33 32.40 -34.18 32.64
C GLY I 33 33.76 -34.57 33.18
N SER I 34 34.40 -33.64 33.88
CA SER I 34 35.74 -33.84 34.43
C SER I 34 35.70 -34.37 35.85
N LEU I 35 36.26 -35.56 36.05
CA LEU I 35 36.36 -36.15 37.38
C LEU I 35 37.67 -36.91 37.58
N GLY I 36 38.33 -36.63 38.70
CA GLY I 36 39.52 -37.37 39.09
C GLY I 36 39.30 -38.02 40.44
N ILE I 37 39.94 -39.17 40.63
CA ILE I 37 39.86 -39.86 41.91
C ILE I 37 41.24 -40.29 42.37
N TYR I 38 41.72 -39.68 43.45
CA TYR I 38 43.04 -39.95 44.00
C TYR I 38 42.93 -40.77 45.28
N THR I 39 43.71 -41.85 45.37
CA THR I 39 43.65 -42.73 46.53
C THR I 39 45.01 -43.32 46.91
N LYS I 40 45.10 -43.79 48.15
CA LYS I 40 46.22 -44.58 48.63
C LYS I 40 45.72 -45.96 49.01
N ILE I 41 46.34 -47.00 48.46
CA ILE I 41 45.83 -48.36 48.65
C ILE I 41 46.84 -49.29 49.33
N ASP I 42 46.32 -50.09 50.26
CA ASP I 42 47.07 -51.12 50.96
C ASP I 42 46.80 -52.47 50.31
N PHE I 43 47.62 -52.82 49.32
CA PHE I 43 47.35 -54.00 48.50
C PHE I 43 47.31 -55.29 49.31
N GLU I 44 48.14 -55.36 50.34
CA GLU I 44 48.25 -56.57 51.15
C GLU I 44 47.03 -56.81 52.04
N ASN I 45 46.25 -55.75 52.25
CA ASN I 45 45.03 -55.86 53.03
C ASN I 45 43.80 -55.64 52.16
N ARG I 46 44.02 -55.45 50.86
CA ARG I 46 42.96 -55.21 49.91
C ARG I 46 42.08 -54.03 50.32
N ARG I 47 42.70 -53.02 50.93
CA ARG I 47 41.96 -51.91 51.51
C ARG I 47 42.43 -50.55 51.00
N VAL I 48 41.48 -49.64 50.80
CA VAL I 48 41.82 -48.27 50.43
C VAL I 48 41.95 -47.42 51.68
N ALA I 49 43.15 -46.94 51.94
CA ALA I 49 43.42 -46.16 53.14
C ALA I 49 42.62 -44.86 53.14
N GLU I 50 42.80 -44.07 52.09
CA GLU I 50 42.05 -42.81 51.94
C GLU I 50 41.67 -42.60 50.48
N CYS I 51 40.87 -41.55 50.25
CA CYS I 51 40.38 -41.29 48.90
C CYS I 51 39.89 -39.86 48.78
N TYR I 52 40.28 -39.19 47.69
CA TYR I 52 39.84 -37.83 47.43
C TYR I 52 39.17 -37.72 46.07
N SER I 53 38.15 -36.88 45.99
CA SER I 53 37.38 -36.69 44.75
C SER I 53 37.49 -35.26 44.23
N THR I 54 37.98 -35.10 43.01
CA THR I 54 38.16 -33.75 42.46
C THR I 54 37.47 -33.54 41.12
N SER I 55 37.05 -32.30 40.86
CA SER I 55 36.51 -31.92 39.56
C SER I 55 37.15 -30.60 39.13
N SER I 56 37.59 -30.53 37.88
CA SER I 56 38.51 -29.47 37.48
C SER I 56 37.92 -28.40 36.55
N ILE I 57 36.61 -28.35 36.41
CA ILE I 57 36.01 -27.39 35.49
C ILE I 57 34.92 -26.55 36.14
N PHE I 58 35.10 -25.23 36.11
CA PHE I 58 34.13 -24.31 36.68
C PHE I 58 33.65 -23.32 35.64
N ARG I 59 32.34 -23.12 35.59
CA ARG I 59 31.76 -22.23 34.61
C ARG I 59 30.96 -21.11 35.27
N GLY I 60 30.52 -21.37 36.50
CA GLY I 60 29.87 -20.36 37.33
C GLY I 60 28.54 -19.86 36.81
N TYR I 61 27.53 -20.72 36.83
CA TYR I 61 26.20 -20.36 36.35
C TYR I 61 25.53 -19.36 37.28
N SER I 62 25.73 -19.55 38.58
CA SER I 62 25.10 -18.70 39.57
C SER I 62 25.67 -17.29 39.53
N ILE I 63 26.66 -17.08 38.69
CA ILE I 63 27.23 -15.76 38.52
C ILE I 63 26.63 -15.05 37.31
N PHE I 64 26.90 -15.55 36.10
CA PHE I 64 26.50 -14.80 34.91
C PHE I 64 24.98 -14.75 34.74
N MET I 65 24.26 -15.47 35.59
CA MET I 65 22.80 -15.39 35.57
C MET I 65 22.29 -14.14 36.28
N LYS I 66 23.06 -13.65 37.25
CA LYS I 66 22.60 -12.54 38.08
C LYS I 66 22.18 -11.32 37.26
N GLY I 67 20.95 -10.87 37.47
CA GLY I 67 20.46 -9.66 36.84
C GLY I 67 19.88 -9.86 35.45
N LYS I 68 19.65 -11.11 35.08
CA LYS I 68 19.03 -11.44 33.80
C LYS I 68 17.53 -11.63 33.97
N ASP I 69 16.82 -11.77 32.86
CA ASP I 69 15.37 -12.00 32.91
C ASP I 69 15.10 -13.42 33.39
N PRO I 70 14.27 -13.55 34.45
CA PRO I 70 14.00 -14.86 35.08
C PRO I 70 13.37 -15.86 34.12
N ARG I 71 12.78 -15.37 33.04
CA ARG I 71 12.18 -16.24 32.03
C ARG I 71 13.24 -16.84 31.11
N ASP I 72 14.51 -16.60 31.40
CA ASP I 72 15.60 -17.15 30.61
C ASP I 72 16.25 -18.33 31.33
N SER I 73 15.96 -18.46 32.61
CA SER I 73 16.69 -19.37 33.48
C SER I 73 16.48 -20.84 33.15
N HIS I 74 15.36 -21.17 32.51
CA HIS I 74 15.11 -22.55 32.13
C HIS I 74 15.77 -22.88 30.79
N PHE I 75 15.87 -21.89 29.91
CA PHE I 75 16.65 -22.02 28.68
C PHE I 75 18.13 -22.11 29.03
N ILE I 76 18.56 -21.29 29.97
CA ILE I 76 19.98 -21.16 30.31
C ILE I 76 20.50 -22.31 31.18
N THR I 77 19.85 -22.56 32.32
CA THR I 77 20.36 -23.56 33.26
C THR I 77 20.34 -24.97 32.66
N SER I 78 19.59 -25.14 31.59
CA SER I 78 19.56 -26.40 30.87
C SER I 78 20.95 -26.77 30.38
N ARG I 79 21.73 -25.73 30.06
CA ARG I 79 23.07 -25.93 29.52
C ARG I 79 24.06 -26.30 30.61
N ILE I 80 23.58 -26.39 31.85
CA ILE I 80 24.43 -26.86 32.94
C ILE I 80 24.95 -28.24 32.60
N CYS I 81 24.10 -29.08 32.02
CA CYS I 81 24.54 -30.40 31.59
C CYS I 81 24.06 -30.78 30.19
N GLY I 82 24.69 -31.81 29.64
CA GLY I 82 24.39 -32.24 28.28
C GLY I 82 23.80 -33.63 28.19
N ILE I 83 23.32 -34.15 29.32
CA ILE I 83 22.62 -35.43 29.33
C ILE I 83 21.40 -35.36 30.27
N CYS I 84 21.45 -34.43 31.21
CA CYS I 84 20.37 -34.24 32.19
C CYS I 84 19.80 -32.82 32.15
N GLY I 85 20.31 -31.99 31.23
CA GLY I 85 19.93 -30.60 31.15
C GLY I 85 18.42 -30.35 31.11
N ASP I 86 17.68 -31.29 30.55
CA ASP I 86 16.24 -31.18 30.50
C ASP I 86 15.65 -31.25 31.91
N ASN I 87 16.33 -31.95 32.80
CA ASN I 87 15.93 -32.00 34.20
C ASN I 87 16.03 -30.62 34.83
N HIS I 88 17.04 -29.85 34.42
CA HIS I 88 17.19 -28.50 34.94
C HIS I 88 16.13 -27.58 34.37
N ALA I 89 15.91 -27.69 33.07
CA ALA I 89 14.90 -26.88 32.38
C ALA I 89 13.52 -27.08 33.01
N THR I 90 13.24 -28.31 33.42
CA THR I 90 11.98 -28.62 34.08
C THR I 90 11.94 -28.04 35.49
N CYS I 91 13.02 -28.25 36.24
CA CYS I 91 13.11 -27.75 37.60
C CYS I 91 13.05 -26.23 37.62
N SER I 92 13.72 -25.60 36.66
CA SER I 92 13.67 -24.15 36.51
C SER I 92 12.22 -23.69 36.34
N VAL I 93 11.54 -24.25 35.35
CA VAL I 93 10.15 -23.92 35.09
C VAL I 93 9.31 -24.08 36.34
N TYR I 94 9.53 -25.18 37.06
CA TYR I 94 8.88 -25.40 38.34
C TYR I 94 9.12 -24.24 39.31
N ALA I 95 10.35 -23.74 39.36
CA ALA I 95 10.71 -22.66 40.26
C ALA I 95 10.11 -21.34 39.80
N GLN I 96 9.95 -21.18 38.49
CA GLN I 96 9.35 -19.96 37.94
C GLN I 96 7.85 -19.93 38.17
N ASN I 97 7.19 -21.07 37.99
CA ASN I 97 5.74 -21.14 38.19
C ASN I 97 5.38 -20.79 39.63
N MET I 98 6.31 -21.05 40.54
CA MET I 98 6.12 -20.68 41.94
C MET I 98 6.31 -19.17 42.13
N ALA I 99 7.31 -18.62 41.44
CA ALA I 99 7.64 -17.21 41.57
C ALA I 99 6.58 -16.31 40.96
N TYR I 100 6.11 -16.65 39.76
CA TYR I 100 5.15 -15.80 39.05
C TYR I 100 3.72 -16.10 39.48
N GLY I 101 3.56 -17.10 40.36
CA GLY I 101 2.24 -17.54 40.79
C GLY I 101 1.36 -18.01 39.65
N VAL I 102 1.83 -19.00 38.90
CA VAL I 102 1.13 -19.49 37.73
C VAL I 102 1.11 -21.00 37.65
N LYS I 103 -0.05 -21.56 37.31
CA LYS I 103 -0.20 -23.00 37.14
C LYS I 103 -0.55 -23.34 35.69
N PRO I 104 0.20 -24.26 35.08
CA PRO I 104 -0.09 -24.61 33.69
C PRO I 104 -1.25 -25.59 33.59
N PRO I 105 -1.97 -25.56 32.47
CA PRO I 105 -3.05 -26.52 32.21
C PRO I 105 -2.57 -27.95 32.47
N PRO I 106 -3.43 -28.78 33.07
CA PRO I 106 -3.07 -30.16 33.42
C PRO I 106 -2.38 -30.91 32.28
N ILE I 107 -2.84 -30.73 31.04
CA ILE I 107 -2.28 -31.49 29.92
C ILE I 107 -0.79 -31.18 29.76
N ALA I 108 -0.41 -29.96 30.10
CA ALA I 108 0.98 -29.54 30.00
C ALA I 108 1.81 -30.33 31.03
N ASP I 109 1.31 -30.41 32.25
CA ASP I 109 2.00 -31.14 33.29
C ASP I 109 2.10 -32.63 32.91
N TRP I 110 1.10 -33.14 32.21
CA TRP I 110 1.17 -34.52 31.73
C TRP I 110 2.19 -34.67 30.60
N ILE I 111 2.36 -33.62 29.81
CA ILE I 111 3.32 -33.65 28.72
C ILE I 111 4.74 -33.52 29.27
N ILE I 112 4.91 -32.74 30.32
CA ILE I 112 6.22 -32.68 30.98
C ILE I 112 6.57 -34.06 31.53
N ASN I 113 5.62 -34.68 32.22
CA ASN I 113 5.83 -36.02 32.75
C ASN I 113 6.23 -37.00 31.66
N LEU I 114 5.52 -36.93 30.53
CA LEU I 114 5.80 -37.82 29.41
C LEU I 114 7.22 -37.63 28.90
N GLY I 115 7.68 -36.38 28.89
CA GLY I 115 9.01 -36.05 28.44
C GLY I 115 10.06 -36.50 29.41
N GLU I 116 9.90 -36.16 30.69
CA GLU I 116 10.89 -36.52 31.69
C GLU I 116 10.95 -38.03 31.83
N ALA I 117 9.82 -38.70 31.56
CA ALA I 117 9.77 -40.15 31.56
C ALA I 117 10.66 -40.74 30.46
N ALA I 118 10.62 -40.13 29.28
CA ALA I 118 11.48 -40.54 28.18
C ALA I 118 12.94 -40.30 28.55
N GLU I 119 13.18 -39.18 29.22
CA GLU I 119 14.52 -38.84 29.70
C GLU I 119 15.08 -39.96 30.56
N TYR I 120 14.29 -40.41 31.52
CA TYR I 120 14.70 -41.54 32.36
C TYR I 120 15.00 -42.76 31.51
N MET I 121 14.05 -43.14 30.66
CA MET I 121 14.17 -44.35 29.86
C MET I 121 15.39 -44.33 28.94
N PHE I 122 15.82 -43.13 28.53
CA PHE I 122 16.96 -43.00 27.66
C PHE I 122 18.29 -43.06 28.41
N ASP I 123 18.44 -42.21 29.43
CA ASP I 123 19.72 -42.03 30.10
C ASP I 123 20.14 -43.26 30.88
N HIS I 124 19.23 -43.76 31.71
CA HIS I 124 19.48 -44.99 32.45
C HIS I 124 19.92 -46.09 31.50
N ASN I 125 19.29 -46.16 30.32
CA ASN I 125 19.63 -47.19 29.36
C ASN I 125 21.01 -47.04 28.73
N ILE I 126 21.39 -45.82 28.33
CA ILE I 126 22.68 -45.60 27.70
C ILE I 126 23.82 -45.65 28.72
N PHE I 127 23.55 -45.16 29.93
CA PHE I 127 24.59 -45.12 30.94
C PHE I 127 24.85 -46.51 31.48
N GLN I 128 23.77 -47.24 31.70
CA GLN I 128 23.83 -48.54 32.34
C GLN I 128 24.45 -49.61 31.44
N ASP I 129 24.38 -49.42 30.13
CA ASP I 129 24.80 -50.47 29.20
C ASP I 129 25.94 -50.05 28.26
N ASN I 130 26.26 -48.76 28.22
CA ASN I 130 27.33 -48.30 27.35
C ASN I 130 28.47 -47.60 28.10
N LEU I 131 28.22 -47.25 29.36
CA LEU I 131 29.29 -46.74 30.20
C LEU I 131 29.54 -47.70 31.37
N VAL I 132 28.53 -47.81 32.25
CA VAL I 132 28.64 -48.62 33.44
C VAL I 132 28.80 -50.10 33.12
N GLY I 133 28.15 -50.54 32.05
CA GLY I 133 28.18 -51.94 31.65
C GLY I 133 29.55 -52.39 31.19
N VAL I 134 30.34 -51.45 30.71
CA VAL I 134 31.69 -51.76 30.23
C VAL I 134 32.58 -52.31 31.36
N ASP I 135 32.28 -51.93 32.59
CA ASP I 135 33.04 -52.42 33.73
C ASP I 135 32.67 -53.85 34.07
N PHE I 136 31.70 -54.39 33.35
CA PHE I 136 31.27 -55.77 33.56
C PHE I 136 31.41 -56.60 32.29
N CYS I 137 32.01 -56.03 31.25
CA CYS I 137 32.14 -56.75 29.98
C CYS I 137 33.33 -57.72 29.98
N GLU I 138 33.30 -58.67 29.05
CA GLU I 138 34.32 -59.71 28.93
C GLU I 138 35.74 -59.18 28.84
N GLN I 139 35.93 -58.07 28.14
CA GLN I 139 37.27 -57.54 27.98
C GLN I 139 37.83 -57.00 29.30
N MET I 140 36.94 -56.49 30.15
CA MET I 140 37.36 -55.96 31.45
C MET I 140 37.53 -57.07 32.48
N VAL I 141 36.51 -57.92 32.61
CA VAL I 141 36.52 -59.02 33.56
C VAL I 141 37.74 -59.92 33.38
N ARG I 142 38.18 -60.09 32.14
CA ARG I 142 39.31 -60.97 31.84
C ARG I 142 40.61 -60.38 32.34
N GLU I 143 40.76 -59.08 32.20
CA GLU I 143 42.01 -58.42 32.59
C GLU I 143 41.95 -57.88 34.02
N THR I 144 41.03 -58.41 34.82
CA THR I 144 40.93 -58.02 36.22
C THR I 144 40.56 -59.20 37.13
N ASN I 145 39.79 -60.15 36.62
CA ASN I 145 39.36 -61.31 37.38
C ASN I 145 39.14 -62.53 36.48
N PRO I 146 40.24 -63.05 35.89
CA PRO I 146 40.19 -64.17 34.95
C PRO I 146 39.46 -65.39 35.53
N GLY I 147 39.67 -65.67 36.81
CA GLY I 147 38.98 -66.75 37.47
C GLY I 147 37.48 -66.49 37.55
N VAL I 148 37.13 -65.21 37.65
CA VAL I 148 35.74 -64.79 37.66
C VAL I 148 35.14 -64.92 36.28
N TRP I 149 35.99 -64.88 35.25
CA TRP I 149 35.55 -65.11 33.88
C TRP I 149 35.25 -66.59 33.70
N GLU I 150 36.11 -67.43 34.28
CA GLU I 150 35.93 -68.87 34.22
C GLU I 150 34.61 -69.29 34.87
N LYS I 151 34.33 -68.71 36.03
CA LYS I 151 33.11 -69.04 36.76
C LYS I 151 31.89 -68.70 35.93
N ALA I 152 32.00 -67.61 35.17
CA ALA I 152 30.91 -67.09 34.36
C ALA I 152 30.64 -67.94 33.12
N LYS I 153 31.68 -68.60 32.60
CA LYS I 153 31.54 -69.43 31.39
C LYS I 153 30.69 -70.68 31.62
N THR I 154 30.41 -71.01 32.88
CA THR I 154 29.65 -72.21 33.17
C THR I 154 28.52 -71.93 34.16
N ALA I 155 28.28 -70.65 34.41
CA ALA I 155 27.18 -70.25 35.27
C ALA I 155 25.96 -69.92 34.42
N GLU I 156 25.10 -70.91 34.23
CA GLU I 156 23.90 -70.75 33.44
C GLU I 156 23.03 -69.61 33.99
N ALA I 157 22.65 -68.69 33.12
CA ALA I 157 21.82 -67.57 33.53
C ALA I 157 20.44 -68.10 33.88
N PRO I 158 19.96 -67.78 35.10
CA PRO I 158 18.66 -68.24 35.60
C PRO I 158 17.51 -67.81 34.70
N HIS I 159 17.46 -66.54 34.37
CA HIS I 159 16.39 -66.01 33.53
C HIS I 159 16.82 -66.02 32.06
N ALA I 160 17.39 -67.12 31.60
CA ALA I 160 17.81 -67.27 30.21
C ALA I 160 16.61 -67.50 29.29
N ALA I 161 15.44 -67.69 29.89
CA ALA I 161 14.22 -67.87 29.12
C ALA I 161 13.73 -66.55 28.55
N GLU I 162 13.97 -65.45 29.26
CA GLU I 162 13.50 -64.12 28.83
C GLU I 162 14.45 -63.49 27.81
N HIS I 163 15.72 -63.38 28.19
CA HIS I 163 16.74 -62.88 27.28
C HIS I 163 17.45 -64.06 26.63
N GLY I 164 18.10 -63.81 25.49
CA GLY I 164 18.63 -64.92 24.70
C GLY I 164 19.96 -65.46 25.18
N TYR I 165 20.46 -64.94 26.30
CA TYR I 165 21.82 -65.27 26.71
C TYR I 165 21.85 -66.36 27.77
N ARG I 166 22.35 -67.54 27.41
CA ARG I 166 22.60 -68.59 28.39
C ARG I 166 24.02 -68.48 28.92
N THR I 167 24.17 -68.52 30.23
CA THR I 167 25.46 -68.32 30.91
C THR I 167 25.90 -66.85 30.94
N ILE I 168 26.42 -66.42 32.08
CA ILE I 168 26.80 -65.04 32.30
C ILE I 168 27.88 -64.54 31.35
N ALA I 169 28.75 -65.43 30.89
CA ALA I 169 29.82 -65.06 29.98
C ALA I 169 29.29 -64.44 28.69
N ASP I 170 28.25 -65.07 28.15
CA ASP I 170 27.60 -64.57 26.94
C ASP I 170 26.99 -63.19 27.19
N ILE I 171 26.41 -63.01 28.36
CA ILE I 171 25.93 -61.69 28.79
C ILE I 171 27.08 -60.68 28.82
N MET I 172 28.22 -61.12 29.34
CA MET I 172 29.38 -60.25 29.44
C MET I 172 29.91 -59.85 28.07
N THR I 173 29.99 -60.82 27.15
CA THR I 173 30.49 -60.55 25.81
C THR I 173 29.58 -59.60 25.02
N ALA I 174 28.28 -59.69 25.27
CA ALA I 174 27.33 -58.82 24.57
C ALA I 174 27.52 -57.37 25.02
N LEU I 175 28.06 -57.23 26.22
CA LEU I 175 28.29 -55.91 26.80
C LEU I 175 29.60 -55.26 26.32
N ASN I 176 30.45 -56.06 25.69
CA ASN I 176 31.69 -55.55 25.08
C ASN I 176 31.43 -54.36 24.17
N PRO I 177 32.20 -53.27 24.36
CA PRO I 177 32.03 -52.01 23.63
C PRO I 177 32.16 -52.15 22.11
N PHE I 178 31.13 -51.70 21.40
CA PHE I 178 31.08 -51.62 19.94
C PHE I 178 30.99 -52.96 19.19
N THR I 179 31.56 -54.02 19.76
CA THR I 179 31.43 -55.32 19.12
C THR I 179 30.35 -56.17 19.78
N GLY I 180 29.92 -55.74 20.96
CA GLY I 180 28.89 -56.46 21.70
C GLY I 180 27.50 -56.24 21.14
N GLU I 181 26.81 -57.33 20.85
CA GLU I 181 25.45 -57.28 20.32
C GLU I 181 24.55 -56.41 21.18
N PHE I 182 24.60 -56.60 22.50
CA PHE I 182 23.74 -55.84 23.38
C PHE I 182 24.21 -54.40 23.52
N TYR I 183 25.53 -54.20 23.43
CA TYR I 183 26.08 -52.86 23.46
C TYR I 183 25.46 -52.02 22.35
N ARG I 184 25.37 -52.60 21.16
CA ARG I 184 24.78 -51.92 20.01
C ARG I 184 23.27 -51.79 20.12
N GLU I 185 22.61 -52.81 20.66
CA GLU I 185 21.15 -52.77 20.80
C GLU I 185 20.69 -51.61 21.68
N THR I 186 21.44 -51.30 22.74
CA THR I 186 21.08 -50.18 23.61
C THR I 186 21.46 -48.84 23.01
N LEU I 187 22.31 -48.84 22.01
CA LEU I 187 22.55 -47.63 21.24
C LEU I 187 21.31 -47.28 20.43
N LEU I 188 20.76 -48.24 19.70
CA LEU I 188 19.55 -48.00 18.92
C LEU I 188 18.39 -47.58 19.81
N VAL I 189 18.34 -48.17 20.99
CA VAL I 189 17.27 -47.89 21.94
C VAL I 189 17.40 -46.47 22.48
N SER I 190 18.61 -45.94 22.48
CA SER I 190 18.82 -44.61 23.03
C SER I 190 18.33 -43.56 22.05
N ARG I 191 18.17 -43.97 20.79
CA ARG I 191 17.78 -43.05 19.74
C ARG I 191 16.27 -42.87 19.67
N TYR I 192 15.51 -43.96 19.80
CA TYR I 192 14.07 -43.84 19.65
C TYR I 192 13.42 -43.45 20.97
N THR I 193 14.12 -43.66 22.07
CA THR I 193 13.71 -43.07 23.34
C THR I 193 13.85 -41.56 23.25
N ARG I 194 14.91 -41.11 22.59
CA ARG I 194 15.15 -39.68 22.44
C ARG I 194 14.14 -39.06 21.47
N GLU I 195 13.66 -39.85 20.51
CA GLU I 195 12.56 -39.38 19.68
C GLU I 195 11.32 -39.19 20.53
N MET I 196 11.09 -40.14 21.44
CA MET I 196 9.98 -40.05 22.37
C MET I 196 10.05 -38.72 23.09
N PHE I 197 11.26 -38.38 23.51
CA PHE I 197 11.50 -37.14 24.22
C PHE I 197 11.20 -35.93 23.34
N CYS I 198 11.71 -35.96 22.11
CA CYS I 198 11.51 -34.87 21.17
C CYS I 198 10.04 -34.57 20.90
N LEU I 199 9.25 -35.62 20.71
CA LEU I 199 7.81 -35.45 20.48
C LEU I 199 7.22 -34.51 21.54
N MET I 200 7.75 -34.61 22.76
CA MET I 200 7.23 -33.83 23.86
C MET I 200 7.95 -32.50 24.12
N GLU I 201 9.28 -32.51 24.13
CA GLU I 201 10.02 -31.32 24.57
C GLU I 201 10.82 -30.63 23.46
N GLY I 202 10.55 -31.00 22.21
CA GLY I 202 11.17 -30.33 21.09
C GLY I 202 12.44 -30.96 20.58
N ARG I 203 13.46 -31.04 21.44
CA ARG I 203 14.74 -31.62 21.07
C ARG I 203 15.53 -32.00 22.32
N HIS I 204 16.62 -32.73 22.10
CA HIS I 204 17.45 -33.26 23.19
C HIS I 204 18.90 -32.81 23.02
N VAL I 205 19.63 -32.57 24.11
CA VAL I 205 19.14 -32.69 25.48
C VAL I 205 18.43 -31.42 25.94
N HIS I 206 18.80 -30.29 25.33
CA HIS I 206 18.19 -29.02 25.70
C HIS I 206 16.87 -28.80 24.98
N PRO I 207 15.77 -28.81 25.75
CA PRO I 207 14.39 -28.70 25.28
C PRO I 207 14.05 -27.35 24.66
N SER I 208 13.25 -27.37 23.60
CA SER I 208 12.85 -26.15 22.92
C SER I 208 11.43 -25.72 23.27
N THR I 209 10.61 -26.65 23.74
CA THR I 209 9.18 -26.36 23.91
C THR I 209 8.76 -26.24 25.37
N LEU I 210 9.72 -26.10 26.27
CA LEU I 210 9.41 -25.85 27.66
C LEU I 210 9.36 -24.35 27.94
N TYR I 211 8.31 -23.91 28.62
CA TYR I 211 8.15 -22.52 29.00
C TYR I 211 7.66 -22.39 30.44
N PRO I 212 7.85 -21.21 31.04
CA PRO I 212 7.19 -20.97 32.33
C PRO I 212 5.69 -21.00 32.15
N GLY I 213 5.00 -21.81 32.95
CA GLY I 213 3.55 -21.89 32.88
C GLY I 213 3.00 -22.52 31.61
N GLY I 214 3.61 -23.61 31.17
CA GLY I 214 3.09 -24.32 30.02
C GLY I 214 4.10 -24.71 28.97
N VAL I 215 3.63 -25.36 27.91
CA VAL I 215 4.52 -25.87 26.88
C VAL I 215 4.04 -25.49 25.48
N GLY I 216 4.97 -25.42 24.54
CA GLY I 216 4.67 -25.07 23.16
C GLY I 216 4.20 -26.24 22.33
N THR I 217 4.23 -27.43 22.91
CA THR I 217 3.85 -28.66 22.20
C THR I 217 2.39 -28.67 21.78
N VAL I 218 2.14 -29.00 20.52
CA VAL I 218 0.77 -29.04 20.01
C VAL I 218 0.14 -30.41 20.23
N PRO I 219 -0.79 -30.49 21.18
CA PRO I 219 -1.48 -31.73 21.54
C PRO I 219 -2.41 -32.23 20.45
N THR I 220 -2.04 -33.34 19.80
CA THR I 220 -2.91 -34.00 18.85
C THR I 220 -2.99 -35.49 19.18
N ILE I 221 -3.94 -36.19 18.58
CA ILE I 221 -3.97 -37.63 18.73
C ILE I 221 -2.69 -38.21 18.12
N GLN I 222 -2.18 -37.50 17.12
CA GLN I 222 -0.99 -37.95 16.42
C GLN I 222 0.26 -37.92 17.31
N LEU I 223 0.29 -36.98 18.25
CA LEU I 223 1.46 -36.81 19.11
C LEU I 223 1.62 -37.96 20.09
N PHE I 224 0.51 -38.34 20.71
CA PHE I 224 0.53 -39.39 21.72
C PHE I 224 0.62 -40.75 21.05
N THR I 225 0.07 -40.84 19.83
CA THR I 225 0.20 -42.05 19.03
C THR I 225 1.65 -42.36 18.69
N ASP I 226 2.39 -41.34 18.27
CA ASP I 226 3.80 -41.49 17.92
C ASP I 226 4.59 -41.87 19.17
N TYR I 227 4.24 -41.27 20.30
CA TYR I 227 4.86 -41.63 21.57
C TYR I 227 4.56 -43.08 21.96
N ILE I 228 3.28 -43.40 22.14
CA ILE I 228 2.87 -44.73 22.61
C ILE I 228 3.42 -45.85 21.74
N THR I 229 3.41 -45.66 20.42
CA THR I 229 4.00 -46.62 19.50
C THR I 229 5.44 -46.96 19.88
N ARG I 230 6.20 -45.95 20.28
CA ARG I 230 7.61 -46.15 20.62
C ARG I 230 7.73 -46.69 22.02
N LEU I 231 6.94 -46.12 22.94
CA LEU I 231 6.88 -46.61 24.31
C LEU I 231 6.70 -48.12 24.37
N MET I 232 5.81 -48.66 23.53
CA MET I 232 5.51 -50.08 23.56
C MET I 232 6.72 -50.92 23.19
N LYS I 233 7.64 -50.31 22.46
CA LYS I 233 8.87 -51.04 22.11
C LYS I 233 9.78 -51.11 23.32
N TYR I 234 9.75 -50.05 24.13
CA TYR I 234 10.63 -49.97 25.30
C TYR I 234 10.13 -50.90 26.38
N VAL I 235 8.81 -50.91 26.54
CA VAL I 235 8.15 -51.79 27.49
C VAL I 235 8.53 -53.24 27.19
N GLU I 236 8.37 -53.63 25.93
CA GLU I 236 8.77 -54.96 25.50
C GLU I 236 10.27 -55.19 25.68
N PHE I 237 11.04 -54.10 25.63
CA PHE I 237 12.48 -54.18 25.83
C PHE I 237 12.81 -54.46 27.29
N MET I 238 12.15 -53.75 28.19
CA MET I 238 12.41 -53.91 29.62
C MET I 238 12.11 -55.32 30.12
N LYS I 239 11.19 -56.01 29.44
CA LYS I 239 10.84 -57.38 29.80
C LYS I 239 12.05 -58.30 29.66
N LYS I 240 12.94 -57.95 28.75
CA LYS I 240 14.15 -58.73 28.49
C LYS I 240 15.35 -58.17 29.25
N VAL I 241 15.35 -56.87 29.53
CA VAL I 241 16.51 -56.21 30.11
C VAL I 241 16.61 -56.36 31.62
N VAL I 242 15.47 -56.25 32.31
CA VAL I 242 15.45 -56.37 33.76
C VAL I 242 16.00 -57.73 34.22
N PRO I 243 15.48 -58.81 33.66
CA PRO I 243 16.00 -60.16 33.96
C PRO I 243 17.47 -60.35 33.59
N LEU I 244 17.90 -59.70 32.51
CA LEU I 244 19.29 -59.81 32.07
C LEU I 244 20.23 -59.16 33.07
N HIS I 245 19.84 -57.99 33.55
CA HIS I 245 20.65 -57.27 34.51
C HIS I 245 20.56 -57.92 35.88
N ASP I 246 19.43 -58.56 36.16
CA ASP I 246 19.23 -59.12 37.49
C ASP I 246 20.23 -60.23 37.79
N ASP I 247 20.29 -61.25 36.95
CA ASP I 247 21.13 -62.39 37.29
C ASP I 247 22.60 -62.15 36.94
N LEU I 248 22.89 -61.09 36.18
CA LEU I 248 24.28 -60.68 36.00
C LEU I 248 24.85 -60.15 37.30
N PHE I 249 24.17 -59.16 37.88
CA PHE I 249 24.56 -58.61 39.17
C PHE I 249 24.51 -59.68 40.25
N ASP I 250 23.38 -60.38 40.34
CA ASP I 250 23.22 -61.48 41.30
C ASP I 250 24.40 -62.45 41.25
N PHE I 251 24.97 -62.58 40.06
CA PHE I 251 26.12 -63.45 39.84
C PHE I 251 27.37 -62.89 40.51
N PHE I 252 27.57 -61.58 40.40
CA PHE I 252 28.77 -60.96 40.97
C PHE I 252 28.81 -61.04 42.50
N TYR I 253 27.68 -61.35 43.11
CA TYR I 253 27.65 -61.62 44.55
C TYR I 253 28.27 -62.99 44.86
N GLU I 254 28.05 -63.94 43.96
CA GLU I 254 28.49 -65.31 44.19
C GLU I 254 29.93 -65.56 43.74
N ALA I 255 30.37 -64.85 42.70
CA ALA I 255 31.71 -65.05 42.14
C ALA I 255 32.76 -64.35 42.98
N LEU I 256 32.39 -63.23 43.59
CA LEU I 256 33.26 -62.51 44.50
C LEU I 256 32.57 -62.27 45.83
N PRO I 257 32.47 -63.34 46.64
CA PRO I 257 31.78 -63.30 47.95
C PRO I 257 32.25 -62.12 48.78
N GLY I 258 31.34 -61.20 49.05
CA GLY I 258 31.66 -60.02 49.84
C GLY I 258 31.63 -58.79 48.97
N TYR I 259 31.30 -58.97 47.68
CA TYR I 259 31.27 -57.85 46.75
C TYR I 259 30.08 -56.93 47.04
N GLU I 260 29.25 -57.30 48.01
CA GLU I 260 28.16 -56.43 48.43
C GLU I 260 28.69 -55.33 49.33
N GLU I 261 30.01 -55.29 49.52
CA GLU I 261 30.65 -54.23 50.29
C GLU I 261 31.32 -53.21 49.36
N VAL I 262 31.43 -53.55 48.08
CA VAL I 262 32.05 -52.65 47.12
C VAL I 262 31.19 -51.40 46.97
N GLY I 263 31.74 -50.28 47.43
CA GLY I 263 31.06 -48.99 47.34
C GLY I 263 29.95 -48.84 48.36
N ARG I 264 29.95 -49.68 49.39
CA ARG I 264 28.89 -49.65 50.38
C ARG I 264 28.95 -48.39 51.23
N ARG I 265 27.81 -47.99 51.77
CA ARG I 265 27.71 -46.80 52.56
C ARG I 265 26.62 -46.98 53.60
N ARG I 266 26.68 -46.16 54.64
CA ARG I 266 25.55 -46.02 55.53
C ARG I 266 24.38 -45.46 54.71
N ILE I 267 23.20 -46.05 54.88
CA ILE I 267 22.01 -45.64 54.16
C ILE I 267 21.69 -44.18 54.41
N LEU I 268 22.11 -43.32 53.49
CA LEU I 268 21.85 -41.88 53.60
C LEU I 268 21.29 -41.34 52.28
N LEU I 269 20.06 -41.73 51.97
CA LEU I 269 19.47 -41.43 50.67
C LEU I 269 18.53 -40.25 50.74
N GLY I 270 18.53 -39.46 49.67
CA GLY I 270 17.61 -38.35 49.53
C GLY I 270 16.81 -38.46 48.24
N CYS I 271 15.54 -38.08 48.32
CA CYS I 271 14.70 -38.07 47.14
C CYS I 271 13.70 -36.94 47.27
N TRP I 272 13.73 -36.01 46.34
CA TRP I 272 12.91 -34.81 46.46
C TRP I 272 11.67 -34.87 45.55
N GLY I 273 11.24 -36.08 45.22
CA GLY I 273 10.02 -36.28 44.47
C GLY I 273 10.16 -36.11 42.97
N SER I 274 9.23 -36.70 42.22
CA SER I 274 9.26 -36.66 40.76
C SER I 274 7.89 -36.99 40.18
N PHE I 275 7.55 -36.36 39.05
CA PHE I 275 6.25 -36.52 38.37
C PHE I 275 5.11 -35.82 39.10
N GLN I 276 4.82 -34.58 38.70
CA GLN I 276 3.76 -33.78 39.32
C GLN I 276 2.37 -34.29 38.98
N ASP I 277 1.46 -34.23 39.96
CA ASP I 277 0.06 -34.51 39.71
C ASP I 277 -0.66 -33.18 39.56
N PRO I 278 -1.13 -32.90 38.32
CA PRO I 278 -1.83 -31.65 38.02
C PRO I 278 -3.06 -31.43 38.89
N ASN I 279 -3.60 -32.51 39.45
CA ASN I 279 -4.79 -32.43 40.31
C ASN I 279 -4.54 -31.64 41.59
N VAL I 280 -3.46 -31.97 42.30
CA VAL I 280 -3.17 -31.35 43.59
C VAL I 280 -2.00 -30.38 43.53
N CYS I 281 -1.47 -30.12 42.35
CA CYS I 281 -0.30 -29.26 42.24
C CYS I 281 -0.60 -27.90 41.64
N ASP I 282 -0.43 -26.85 42.44
CA ASP I 282 -0.66 -25.48 42.00
C ASP I 282 0.61 -24.65 42.01
N TYR I 283 1.72 -25.28 42.39
CA TYR I 283 3.02 -24.60 42.39
C TYR I 283 3.05 -23.44 43.37
N ASN I 284 2.55 -23.68 44.58
CA ASN I 284 2.59 -22.69 45.63
C ASN I 284 3.32 -23.26 46.83
N TYR I 285 4.18 -22.45 47.46
CA TYR I 285 5.01 -22.94 48.56
C TYR I 285 4.19 -23.39 49.75
N ARG I 286 3.04 -22.75 49.97
CA ARG I 286 2.20 -23.06 51.11
C ARG I 286 1.68 -24.49 51.05
N THR I 287 1.27 -24.90 49.85
CA THR I 287 0.72 -26.23 49.64
C THR I 287 1.78 -27.24 49.20
N MET I 288 3.01 -26.76 49.00
CA MET I 288 4.11 -27.62 48.53
C MET I 288 4.26 -28.87 49.39
N THR I 289 3.89 -28.75 50.65
CA THR I 289 3.95 -29.88 51.57
C THR I 289 3.12 -31.04 51.03
N LYS I 290 1.90 -30.71 50.60
CA LYS I 290 0.92 -31.72 50.25
C LYS I 290 1.09 -32.31 48.84
N TRP I 291 1.27 -31.44 47.83
CA TRP I 291 1.37 -31.96 46.46
C TRP I 291 2.71 -32.60 46.20
N GLY I 292 3.71 -32.26 47.00
CA GLY I 292 4.98 -32.94 46.96
C GLY I 292 4.76 -34.41 47.28
N ARG I 293 3.80 -34.67 48.16
CA ARG I 293 3.44 -36.03 48.53
C ARG I 293 2.47 -36.62 47.51
N GLY I 294 1.90 -35.73 46.69
CA GLY I 294 0.98 -36.13 45.65
C GLY I 294 1.73 -36.45 44.37
N MET I 295 3.04 -36.61 44.47
CA MET I 295 3.88 -36.95 43.33
C MET I 295 3.92 -38.46 43.10
N PHE I 296 4.20 -38.87 41.87
CA PHE I 296 4.27 -40.28 41.52
C PHE I 296 5.66 -40.85 41.78
N VAL I 297 6.49 -40.06 42.45
CA VAL I 297 7.75 -40.52 43.02
C VAL I 297 7.87 -39.80 44.34
N THR I 298 7.63 -40.53 45.43
CA THR I 298 7.44 -39.90 46.72
C THR I 298 8.76 -39.36 47.27
N PRO I 299 8.74 -38.08 47.67
CA PRO I 299 9.88 -37.40 48.29
C PRO I 299 10.19 -38.03 49.64
N GLY I 300 11.47 -38.04 50.01
CA GLY I 300 11.85 -38.59 51.30
C GLY I 300 13.30 -38.43 51.68
N VAL I 301 13.59 -38.76 52.93
CA VAL I 301 14.95 -38.79 53.44
C VAL I 301 15.10 -40.05 54.28
N VAL I 302 15.96 -40.96 53.85
CA VAL I 302 16.11 -42.24 54.54
C VAL I 302 17.47 -42.33 55.24
N VAL I 303 17.43 -42.69 56.52
CA VAL I 303 18.65 -42.81 57.31
C VAL I 303 18.66 -44.12 58.08
N ASP I 304 19.57 -45.01 57.70
CA ASP I 304 19.68 -46.33 58.30
C ASP I 304 18.43 -47.18 57.98
N GLY I 305 17.65 -46.73 57.01
CA GLY I 305 16.46 -47.44 56.60
C GLY I 305 15.19 -46.73 57.01
N GLU I 306 15.30 -45.87 58.01
CA GLU I 306 14.15 -45.13 58.53
C GLU I 306 13.75 -44.00 57.59
N LEU I 307 12.45 -43.81 57.38
CA LEU I 307 11.96 -42.67 56.61
C LEU I 307 11.73 -41.47 57.52
N LEU I 308 12.59 -40.46 57.41
CA LEU I 308 12.53 -39.31 58.31
C LEU I 308 11.40 -38.36 57.95
N THR I 309 11.19 -38.14 56.67
CA THR I 309 10.19 -37.20 56.22
C THR I 309 9.72 -37.45 54.80
N THR I 310 8.61 -36.82 54.44
CA THR I 310 8.13 -36.81 53.07
C THR I 310 7.68 -35.39 52.76
N ASP I 311 7.94 -34.49 53.71
CA ASP I 311 7.58 -33.09 53.56
C ASP I 311 8.67 -32.34 52.80
N LEU I 312 8.27 -31.62 51.75
CA LEU I 312 9.22 -30.85 50.96
C LEU I 312 9.70 -29.61 51.71
N VAL I 313 8.76 -28.81 52.21
CA VAL I 313 9.12 -27.61 52.95
C VAL I 313 9.97 -27.99 54.16
N ASP I 314 9.82 -29.24 54.60
CA ASP I 314 10.62 -29.82 55.67
C ASP I 314 12.07 -30.04 55.22
N ILE I 315 12.22 -30.52 53.99
CA ILE I 315 13.52 -30.85 53.45
C ILE I 315 14.28 -29.62 52.97
N ASN I 316 13.55 -28.71 52.32
CA ASN I 316 14.11 -27.46 51.81
C ASN I 316 14.87 -26.68 52.88
N LEU I 317 14.28 -26.57 54.05
CA LEU I 317 14.82 -25.73 55.11
C LEU I 317 16.06 -26.31 55.78
N ASN I 318 16.25 -27.61 55.68
CA ASN I 318 17.40 -28.25 56.31
C ASN I 318 18.55 -28.51 55.35
N ILE I 319 18.58 -27.76 54.25
CA ILE I 319 19.68 -27.86 53.30
C ILE I 319 20.78 -26.88 53.64
N ARG I 320 21.98 -27.39 53.88
CA ARG I 320 23.12 -26.54 54.21
C ARG I 320 24.27 -26.75 53.23
N ILE I 321 24.64 -25.70 52.52
CA ILE I 321 25.77 -25.76 51.61
C ILE I 321 27.04 -25.33 52.34
N LEU I 322 27.74 -26.30 52.90
CA LEU I 322 29.01 -26.07 53.56
C LEU I 322 30.12 -26.16 52.53
N LEU I 323 31.34 -25.84 52.95
CA LEU I 323 32.48 -26.05 52.08
C LEU I 323 33.75 -26.09 52.91
N GLY I 324 34.60 -27.07 52.63
CA GLY I 324 35.87 -27.19 53.31
C GLY I 324 37.03 -27.24 52.34
N SER I 325 36.86 -28.04 51.29
CA SER I 325 37.95 -28.31 50.37
C SER I 325 37.69 -27.74 48.99
N SER I 326 36.72 -26.84 48.88
CA SER I 326 36.32 -26.31 47.59
C SER I 326 36.97 -24.98 47.30
N PHE I 327 37.33 -24.75 46.04
CA PHE I 327 38.00 -23.51 45.65
C PHE I 327 37.10 -22.29 45.77
N TYR I 328 36.58 -22.03 46.97
CA TYR I 328 35.66 -20.90 47.17
C TYR I 328 35.91 -20.16 48.48
N GLN I 329 35.55 -18.88 48.49
CA GLN I 329 35.53 -18.10 49.72
C GLN I 329 34.10 -18.11 50.27
N ASP I 330 33.97 -18.29 51.58
CA ASP I 330 32.66 -18.34 52.22
C ASP I 330 31.94 -16.99 52.10
N TRP I 331 30.63 -17.04 51.93
CA TRP I 331 29.84 -15.83 51.70
C TRP I 331 29.31 -15.21 52.99
N ASP I 332 30.05 -15.39 54.08
CA ASP I 332 29.62 -14.88 55.37
C ASP I 332 29.72 -13.36 55.47
N HIS I 333 30.32 -12.73 54.46
CA HIS I 333 30.42 -11.28 54.42
C HIS I 333 29.58 -10.71 53.28
N GLU I 334 28.45 -11.36 53.00
CA GLU I 334 27.54 -10.92 51.95
C GLU I 334 26.12 -10.75 52.50
N GLU I 335 25.36 -9.85 51.89
CA GLU I 335 24.02 -9.56 52.37
C GLU I 335 23.01 -10.63 51.97
N THR I 336 22.55 -11.38 52.97
CA THR I 336 21.43 -12.30 52.79
C THR I 336 20.25 -11.57 52.18
N SER I 337 19.51 -12.25 51.30
CA SER I 337 18.36 -11.64 50.64
C SER I 337 17.05 -12.33 50.98
N VAL I 338 17.13 -13.51 51.60
CA VAL I 338 15.95 -14.26 52.01
C VAL I 338 16.00 -14.63 53.49
N LYS I 339 15.19 -13.95 54.31
CA LYS I 339 15.13 -14.22 55.74
C LYS I 339 14.10 -15.31 56.03
N ASN I 340 12.99 -15.28 55.31
CA ASN I 340 11.91 -16.22 55.54
C ASN I 340 11.27 -16.73 54.25
N ASP I 341 10.67 -17.92 54.33
CA ASP I 341 9.88 -18.44 53.23
C ASP I 341 8.44 -17.97 53.36
N PRO I 342 7.63 -18.20 52.32
CA PRO I 342 6.21 -17.84 52.36
C PRO I 342 5.43 -18.47 53.51
N LEU I 343 6.02 -19.43 54.22
CA LEU I 343 5.42 -19.98 55.43
C LEU I 343 5.98 -19.29 56.66
N GLY I 344 6.96 -18.41 56.44
CA GLY I 344 7.56 -17.64 57.51
C GLY I 344 8.53 -18.44 58.36
N ASN I 345 9.17 -19.44 57.76
CA ASN I 345 10.14 -20.26 58.48
C ASN I 345 11.55 -19.69 58.41
N ALA I 346 12.35 -19.97 59.43
CA ALA I 346 13.71 -19.45 59.53
C ALA I 346 14.59 -19.95 58.40
N VAL I 347 14.90 -19.07 57.45
CA VAL I 347 15.78 -19.42 56.34
C VAL I 347 17.23 -19.16 56.68
N ASP I 348 18.01 -20.24 56.81
CA ASP I 348 19.43 -20.15 57.14
C ASP I 348 20.21 -19.36 56.08
N ARG I 349 21.42 -18.94 56.41
CA ARG I 349 22.26 -18.22 55.47
C ARG I 349 23.02 -19.19 54.56
N LYS I 350 23.35 -20.36 55.09
CA LYS I 350 24.02 -21.39 54.31
C LYS I 350 23.06 -22.14 53.38
N HIS I 351 21.85 -21.61 53.24
CA HIS I 351 20.85 -22.18 52.34
C HIS I 351 21.03 -21.62 50.93
N PRO I 352 20.77 -22.45 49.90
CA PRO I 352 20.87 -22.10 48.48
C PRO I 352 20.18 -20.79 48.10
N TRP I 353 19.27 -20.31 48.94
CA TRP I 353 18.55 -19.08 48.69
C TRP I 353 19.36 -17.84 49.08
N ASN I 354 20.20 -18.01 50.10
CA ASN I 354 21.04 -16.91 50.57
C ASN I 354 22.50 -17.10 50.16
N GLN I 355 22.79 -18.21 49.47
CA GLN I 355 24.15 -18.50 49.06
C GLN I 355 24.66 -17.52 48.02
N THR I 356 25.96 -17.22 48.11
CA THR I 356 26.62 -16.38 47.14
C THR I 356 27.94 -17.03 46.75
N THR I 357 28.17 -17.17 45.45
CA THR I 357 29.35 -17.86 44.95
C THR I 357 30.53 -16.91 44.79
N LEU I 358 31.65 -17.26 45.42
CA LEU I 358 32.87 -16.47 45.31
C LEU I 358 34.04 -17.35 44.87
N PRO I 359 34.11 -17.66 43.57
CA PRO I 359 35.12 -18.54 42.97
C PRO I 359 36.55 -18.07 43.21
N ARG I 360 37.43 -19.00 43.61
CA ARG I 360 38.81 -18.68 43.98
C ARG I 360 39.81 -19.71 43.44
N PRO I 361 40.27 -19.51 42.20
CA PRO I 361 41.28 -20.37 41.56
C PRO I 361 42.58 -20.45 42.36
N GLN I 362 42.95 -21.67 42.74
CA GLN I 362 44.14 -21.92 43.55
C GLN I 362 44.84 -23.23 43.17
N LYS I 363 46.00 -23.49 43.75
CA LYS I 363 46.71 -24.74 43.50
C LYS I 363 45.93 -25.89 44.13
N ARG I 364 45.93 -27.05 43.47
CA ARG I 364 45.23 -28.20 44.03
C ARG I 364 46.01 -28.75 45.22
N ASN I 365 45.39 -28.68 46.40
CA ASN I 365 46.02 -29.13 47.63
C ASN I 365 45.11 -30.08 48.43
N PHE I 366 45.51 -31.34 48.55
CA PHE I 366 44.70 -32.34 49.24
C PHE I 366 44.81 -32.20 50.76
N GLY I 367 45.26 -31.04 51.21
CA GLY I 367 45.38 -30.78 52.63
C GLY I 367 44.46 -29.65 53.02
N GLY I 368 43.97 -28.94 52.02
CA GLY I 368 43.03 -27.87 52.21
C GLY I 368 41.96 -27.92 51.14
N ASN I 369 42.14 -27.14 50.09
CA ASN I 369 41.19 -27.10 48.99
C ASN I 369 41.70 -27.88 47.79
N TYR I 370 40.86 -28.76 47.24
CA TYR I 370 41.30 -29.63 46.16
C TYR I 370 40.27 -29.88 45.04
N THR I 371 39.11 -29.23 45.10
CA THR I 371 38.08 -29.45 44.08
C THR I 371 37.25 -28.19 43.83
N TRP I 372 36.39 -28.26 42.82
CA TRP I 372 35.46 -27.19 42.52
C TRP I 372 34.06 -27.50 43.06
N VAL I 373 33.87 -28.75 43.48
CA VAL I 373 32.58 -29.17 44.01
C VAL I 373 32.44 -28.71 45.46
N MET I 374 31.37 -28.01 45.77
CA MET I 374 31.12 -27.60 47.14
C MET I 374 30.68 -28.79 47.98
N SER I 375 30.23 -28.53 49.20
CA SER I 375 29.82 -29.59 50.11
C SER I 375 28.42 -29.37 50.66
N PRO I 376 27.38 -29.60 49.83
CA PRO I 376 26.00 -29.51 50.33
C PRO I 376 25.70 -30.61 51.35
N ARG I 377 24.91 -30.26 52.37
CA ARG I 377 24.54 -31.21 53.43
C ARG I 377 23.10 -30.98 53.90
N TRP I 378 22.50 -32.03 54.43
CA TRP I 378 21.15 -31.94 54.98
C TRP I 378 21.23 -32.04 56.50
N LEU I 379 20.72 -31.02 57.17
CA LEU I 379 20.82 -30.94 58.63
C LEU I 379 19.80 -31.85 59.33
N ASP I 380 20.33 -32.82 60.08
CA ASP I 380 19.51 -33.73 60.86
C ASP I 380 19.38 -33.23 62.30
N LYS I 381 18.28 -32.54 62.58
CA LYS I 381 18.12 -31.86 63.86
C LYS I 381 18.11 -32.80 65.07
N ARG I 382 17.90 -34.10 64.83
CA ARG I 382 17.96 -35.08 65.91
C ARG I 382 19.37 -35.10 66.51
N THR I 383 20.36 -35.34 65.66
CA THR I 383 21.74 -35.41 66.12
C THR I 383 22.45 -34.06 65.92
N GLY I 384 21.82 -33.19 65.14
CA GLY I 384 22.39 -31.88 64.84
C GLY I 384 23.49 -31.94 63.79
N ASP I 385 23.78 -33.14 63.32
CA ASP I 385 24.84 -33.36 62.34
C ASP I 385 24.43 -32.88 60.95
N HIS I 386 25.41 -32.46 60.17
CA HIS I 386 25.20 -32.10 58.78
C HIS I 386 25.49 -33.30 57.88
N LEU I 387 24.48 -34.16 57.72
CA LEU I 387 24.62 -35.44 57.01
C LEU I 387 25.01 -35.30 55.55
N ALA I 388 25.94 -36.15 55.11
CA ALA I 388 26.36 -36.19 53.72
C ALA I 388 25.48 -37.17 52.96
N LEU I 389 24.37 -36.67 52.42
CA LEU I 389 23.40 -37.51 51.74
C LEU I 389 23.83 -37.83 50.31
N ASP I 390 23.52 -39.03 49.85
CA ASP I 390 23.79 -39.42 48.47
C ASP I 390 22.55 -39.98 47.79
N THR I 391 22.41 -39.69 46.50
CA THR I 391 21.28 -40.18 45.72
C THR I 391 21.48 -41.65 45.39
N GLY I 392 22.73 -42.07 45.34
CA GLY I 392 23.08 -43.45 45.06
C GLY I 392 22.64 -43.85 43.65
N GLY I 393 22.50 -42.88 42.76
CA GLY I 393 22.02 -43.18 41.43
C GLY I 393 21.37 -42.03 40.69
N GLY I 394 20.19 -41.59 41.16
CA GLY I 394 19.56 -42.17 42.33
C GLY I 394 18.21 -42.84 42.10
N PRO I 395 18.18 -43.90 41.28
CA PRO I 395 17.02 -44.80 41.24
C PRO I 395 16.77 -45.47 42.59
N ILE I 396 17.85 -45.86 43.27
CA ILE I 396 17.74 -46.52 44.56
C ILE I 396 17.19 -45.55 45.60
N ALA I 397 17.44 -44.27 45.39
CA ALA I 397 16.90 -43.23 46.28
C ALA I 397 15.42 -42.99 45.99
N ARG I 398 15.08 -42.96 44.70
CA ARG I 398 13.69 -42.84 44.26
C ARG I 398 12.88 -44.06 44.69
N LEU I 399 13.45 -45.24 44.49
CA LEU I 399 12.75 -46.48 44.78
C LEU I 399 12.62 -46.76 46.27
N TRP I 400 13.57 -46.29 47.07
CA TRP I 400 13.54 -46.55 48.50
C TRP I 400 12.50 -45.65 49.17
N ALA I 401 12.62 -44.36 48.94
CA ALA I 401 11.68 -43.40 49.51
C ALA I 401 10.24 -43.74 49.13
N THR I 402 10.01 -44.02 47.86
CA THR I 402 8.66 -44.29 47.38
C THR I 402 8.11 -45.60 47.97
N ALA I 403 8.99 -46.58 48.12
CA ALA I 403 8.60 -47.87 48.67
C ALA I 403 8.12 -47.76 50.12
N LEU I 404 8.87 -47.03 50.93
CA LEU I 404 8.58 -46.93 52.36
C LEU I 404 7.38 -46.04 52.69
N ALA I 405 7.22 -44.96 51.93
CA ALA I 405 6.15 -44.00 52.17
C ALA I 405 4.77 -44.63 52.02
N GLY I 406 4.59 -45.44 50.98
CA GLY I 406 3.32 -46.10 50.73
C GLY I 406 2.25 -45.15 50.23
N LEU I 407 2.69 -44.12 49.51
CA LEU I 407 1.80 -43.06 49.06
C LEU I 407 1.43 -43.17 47.59
N VAL I 408 2.03 -44.12 46.89
CA VAL I 408 1.88 -44.21 45.43
C VAL I 408 1.07 -45.42 44.97
N ASP I 409 0.04 -45.15 44.17
CA ASP I 409 -0.77 -46.20 43.57
C ASP I 409 -1.44 -45.74 42.28
N ILE I 410 -0.91 -46.22 41.16
CA ILE I 410 -1.55 -46.00 39.86
C ILE I 410 -1.61 -47.33 39.11
N GLY I 411 -1.76 -48.41 39.87
CA GLY I 411 -1.80 -49.75 39.29
C GLY I 411 -0.47 -50.11 38.67
N TYR I 412 -0.07 -49.36 37.66
CA TYR I 412 1.23 -49.56 37.02
C TYR I 412 2.34 -49.45 38.05
N ILE I 413 2.17 -48.52 38.98
CA ILE I 413 3.09 -48.36 40.10
C ILE I 413 2.32 -48.51 41.41
N LYS I 414 2.89 -49.25 42.35
CA LYS I 414 2.23 -49.50 43.63
C LYS I 414 3.25 -49.63 44.75
N SER I 415 3.13 -48.77 45.75
CA SER I 415 3.98 -48.85 46.92
C SER I 415 3.38 -49.80 47.93
N THR I 416 4.16 -50.77 48.37
CA THR I 416 3.69 -51.77 49.31
C THR I 416 4.20 -51.48 50.72
N GLY I 417 4.96 -50.41 50.85
CA GLY I 417 5.53 -50.04 52.13
C GLY I 417 6.90 -50.66 52.34
N HIS I 418 7.14 -51.79 51.67
CA HIS I 418 8.39 -52.51 51.78
C HIS I 418 8.99 -52.81 50.41
N SER I 419 8.32 -52.32 49.37
CA SER I 419 8.79 -52.54 47.99
C SER I 419 7.97 -51.72 47.00
N VAL I 420 8.32 -51.84 45.73
CA VAL I 420 7.56 -51.18 44.67
C VAL I 420 7.14 -52.19 43.61
N LYS I 421 5.85 -52.18 43.27
CA LYS I 421 5.33 -53.08 42.24
C LYS I 421 5.23 -52.38 40.88
N ILE I 422 5.98 -52.90 39.92
CA ILE I 422 6.02 -52.33 38.58
C ILE I 422 5.36 -53.28 37.59
N TYR I 423 4.20 -52.90 37.08
CA TYR I 423 3.45 -53.76 36.18
C TYR I 423 3.54 -53.30 34.74
N LEU I 424 3.97 -54.20 33.86
CA LEU I 424 4.07 -53.92 32.43
C LEU I 424 3.08 -54.75 31.62
N PRO I 425 2.24 -54.08 30.81
CA PRO I 425 1.19 -54.78 30.06
C PRO I 425 1.79 -55.74 29.04
N ARG I 426 0.97 -56.60 28.46
CA ARG I 426 1.44 -57.50 27.41
C ARG I 426 1.80 -56.71 26.15
N THR I 427 2.92 -57.08 25.55
CA THR I 427 3.41 -56.45 24.35
C THR I 427 3.01 -57.29 23.16
N ALA I 428 3.58 -56.98 22.00
CA ALA I 428 3.22 -57.72 20.78
C ALA I 428 3.75 -59.15 20.78
N LEU I 429 4.75 -59.42 21.62
CA LEU I 429 5.43 -60.72 21.60
C LEU I 429 5.70 -61.32 22.97
N LYS I 430 5.32 -60.61 24.03
CA LYS I 430 5.54 -61.11 25.39
C LYS I 430 4.34 -60.81 26.28
N PRO I 431 4.01 -61.74 27.19
CA PRO I 431 2.87 -61.55 28.09
C PRO I 431 3.17 -60.48 29.15
N GLU I 432 2.23 -60.23 30.06
CA GLU I 432 2.43 -59.20 31.09
C GLU I 432 3.64 -59.52 31.98
N ALA I 433 4.13 -58.52 32.69
CA ALA I 433 5.25 -58.73 33.58
C ALA I 433 5.15 -57.84 34.82
N GLU I 434 5.33 -58.43 35.99
CA GLU I 434 5.41 -57.64 37.20
C GLU I 434 6.81 -57.74 37.77
N PHE I 435 7.40 -56.57 38.04
CA PHE I 435 8.68 -56.51 38.71
C PHE I 435 8.49 -55.85 40.07
N GLU I 436 8.88 -56.57 41.12
CA GLU I 436 8.75 -56.07 42.47
C GLU I 436 10.12 -55.76 43.05
N TRP I 437 10.49 -54.49 43.06
CA TRP I 437 11.75 -54.09 43.65
C TRP I 437 11.67 -54.19 45.17
N LYS I 438 12.42 -55.13 45.73
CA LYS I 438 12.45 -55.28 47.17
C LYS I 438 13.55 -54.43 47.76
N ILE I 439 13.26 -53.78 48.87
CA ILE I 439 14.27 -52.97 49.57
C ILE I 439 15.43 -53.86 49.99
N PRO I 440 16.64 -53.51 49.53
CA PRO I 440 17.83 -54.34 49.69
C PRO I 440 18.44 -54.30 51.08
N MET I 441 19.40 -55.18 51.33
CA MET I 441 20.06 -55.26 52.64
C MET I 441 21.20 -54.25 52.77
N TRP I 442 21.63 -53.66 51.66
CA TRP I 442 22.71 -52.67 51.70
C TRP I 442 22.52 -51.56 50.67
N SER I 443 23.14 -50.41 50.93
CA SER I 443 23.32 -49.38 49.91
C SER I 443 24.75 -49.49 49.36
N ASN I 444 24.97 -50.42 48.43
CA ASN I 444 26.29 -50.62 47.85
C ASN I 444 26.30 -50.31 46.35
N ALA I 445 27.33 -50.79 45.65
CA ALA I 445 27.50 -50.50 44.24
C ALA I 445 26.49 -51.25 43.37
N ILE I 446 26.42 -52.57 43.55
CA ILE I 446 25.50 -53.40 42.78
C ILE I 446 24.05 -52.99 42.95
N GLU I 447 23.64 -52.73 44.19
CA GLU I 447 22.25 -52.40 44.47
C GLU I 447 21.82 -51.05 43.89
N ARG I 448 22.79 -50.18 43.64
CA ARG I 448 22.53 -48.94 42.93
C ARG I 448 22.24 -49.24 41.45
N ASP I 449 22.98 -50.22 40.93
CA ASP I 449 22.88 -50.61 39.53
C ASP I 449 21.61 -51.40 39.22
N ARG I 450 21.24 -52.28 40.14
CA ARG I 450 20.00 -53.03 39.99
C ARG I 450 18.84 -52.05 40.02
N ALA I 451 18.94 -51.07 40.90
CA ALA I 451 17.93 -50.02 41.02
C ALA I 451 17.72 -49.32 39.68
N ARG I 452 18.81 -49.04 38.99
CA ARG I 452 18.78 -48.33 37.72
C ARG I 452 17.92 -49.04 36.68
N THR I 453 18.11 -50.36 36.55
CA THR I 453 17.35 -51.13 35.57
C THR I 453 15.87 -51.19 35.94
N TYR I 454 15.60 -51.48 37.21
CA TYR I 454 14.22 -51.52 37.68
C TYR I 454 13.51 -50.18 37.45
N PHE I 455 14.24 -49.07 37.62
CA PHE I 455 13.57 -47.78 37.51
C PHE I 455 13.31 -47.43 36.04
N GLN I 456 14.06 -48.03 35.14
CA GLN I 456 13.77 -47.86 33.71
C GLN I 456 12.35 -48.36 33.43
N ALA I 457 12.03 -49.53 33.96
CA ALA I 457 10.70 -50.13 33.81
C ALA I 457 9.65 -49.31 34.57
N TYR I 458 10.08 -48.72 35.68
CA TYR I 458 9.24 -47.84 36.48
C TYR I 458 8.79 -46.66 35.62
N SER I 459 9.73 -46.08 34.90
CA SER I 459 9.46 -44.95 34.02
C SER I 459 8.52 -45.35 32.89
N ALA I 460 8.78 -46.51 32.29
CA ALA I 460 7.92 -47.01 31.22
C ALA I 460 6.49 -47.19 31.73
N ALA I 461 6.36 -47.82 32.90
CA ALA I 461 5.06 -48.02 33.52
C ALA I 461 4.38 -46.68 33.78
N ALA I 462 5.10 -45.75 34.38
CA ALA I 462 4.58 -44.43 34.68
C ALA I 462 4.13 -43.71 33.40
N ALA I 463 4.86 -43.93 32.32
CA ALA I 463 4.55 -43.28 31.06
C ALA I 463 3.21 -43.74 30.51
N LEU I 464 2.95 -45.04 30.63
CA LEU I 464 1.68 -45.61 30.23
C LEU I 464 0.55 -44.86 30.93
N TYR I 465 0.75 -44.60 32.22
CA TYR I 465 -0.25 -43.91 33.01
C TYR I 465 -0.44 -42.48 32.50
N PHE I 466 0.67 -41.78 32.29
CA PHE I 466 0.60 -40.38 31.88
C PHE I 466 -0.12 -40.30 30.54
N ALA I 467 0.27 -41.16 29.61
CA ALA I 467 -0.35 -41.19 28.30
C ALA I 467 -1.88 -41.31 28.38
N GLU I 468 -2.35 -42.14 29.32
CA GLU I 468 -3.79 -42.31 29.49
C GLU I 468 -4.42 -41.03 29.99
N GLN I 469 -3.70 -40.33 30.86
CA GLN I 469 -4.20 -39.09 31.45
C GLN I 469 -4.18 -37.94 30.46
N ALA I 470 -3.11 -37.86 29.69
CA ALA I 470 -2.99 -36.82 28.68
C ALA I 470 -4.00 -37.05 27.57
N LEU I 471 -4.18 -38.32 27.22
CA LEU I 471 -5.13 -38.68 26.18
C LEU I 471 -6.54 -38.29 26.60
N ALA I 472 -6.85 -38.46 27.88
CA ALA I 472 -8.16 -38.11 28.43
C ALA I 472 -8.45 -36.62 28.27
N GLU I 473 -7.43 -35.81 28.47
CA GLU I 473 -7.57 -34.36 28.36
C GLU I 473 -7.85 -33.96 26.92
N LEU I 474 -7.09 -34.55 26.00
CA LEU I 474 -7.27 -34.31 24.58
C LEU I 474 -8.71 -34.57 24.16
N HIS I 475 -9.25 -35.69 24.62
CA HIS I 475 -10.59 -36.11 24.26
C HIS I 475 -11.65 -35.23 24.89
N ALA I 476 -11.30 -34.58 25.99
CA ALA I 476 -12.22 -33.65 26.65
C ALA I 476 -12.10 -32.25 26.05
N GLY I 477 -11.30 -32.10 25.00
CA GLY I 477 -11.18 -30.83 24.32
C GLY I 477 -10.28 -29.82 25.00
N ARG I 478 -9.74 -30.18 26.17
CA ARG I 478 -8.82 -29.29 26.88
C ARG I 478 -7.42 -29.44 26.30
N THR I 479 -7.13 -28.63 25.28
CA THR I 479 -5.84 -28.72 24.59
C THR I 479 -5.05 -27.42 24.71
N ARG I 480 -5.46 -26.57 25.63
CA ARG I 480 -4.69 -25.39 25.97
C ARG I 480 -3.50 -25.83 26.80
N THR I 481 -2.31 -25.35 26.45
CA THR I 481 -1.09 -25.82 27.08
C THR I 481 -0.28 -24.72 27.76
N PHE I 482 -0.85 -23.51 27.79
CA PHE I 482 -0.12 -22.35 28.30
C PHE I 482 -1.03 -21.34 28.97
N THR I 483 -0.85 -21.15 30.27
CA THR I 483 -1.55 -20.08 30.97
C THR I 483 -0.61 -18.88 31.08
N ASP I 484 -1.09 -17.72 30.63
CA ASP I 484 -0.29 -16.50 30.67
C ASP I 484 0.07 -16.13 32.11
N PHE I 485 1.02 -15.22 32.26
CA PHE I 485 1.54 -14.88 33.58
C PHE I 485 2.21 -13.52 33.55
N LYS I 486 2.43 -12.95 34.73
CA LYS I 486 3.22 -11.73 34.87
C LYS I 486 4.43 -11.96 35.76
N VAL I 487 5.60 -11.56 35.28
CA VAL I 487 6.80 -11.65 36.09
C VAL I 487 6.85 -10.50 37.08
N PRO I 488 6.85 -10.82 38.39
CA PRO I 488 6.82 -9.81 39.45
C PRO I 488 8.17 -9.16 39.67
N ASP I 489 8.20 -8.01 40.32
CA ASP I 489 9.48 -7.37 40.64
C ASP I 489 10.10 -8.01 41.88
N GLU I 490 9.27 -8.35 42.86
CA GLU I 490 9.74 -9.01 44.07
C GLU I 490 9.08 -10.37 44.26
N ALA I 491 9.91 -11.41 44.34
CA ALA I 491 9.43 -12.77 44.55
C ALA I 491 10.57 -13.77 44.74
N ILE I 492 10.27 -14.89 45.38
CA ILE I 492 11.21 -15.99 45.51
C ILE I 492 10.64 -17.21 44.81
N GLY I 493 11.21 -18.37 45.08
CA GLY I 493 10.71 -19.60 44.49
C GLY I 493 11.74 -20.71 44.47
N CYS I 494 11.25 -21.95 44.60
CA CYS I 494 12.14 -23.10 44.55
C CYS I 494 11.50 -24.26 43.79
N GLY I 495 12.23 -24.78 42.81
CA GLY I 495 11.80 -25.93 42.07
C GLY I 495 12.27 -27.21 42.74
N PHE I 496 11.37 -28.18 42.87
CA PHE I 496 11.73 -29.48 43.40
C PHE I 496 11.35 -30.57 42.44
N HIS I 497 12.33 -31.43 42.16
CA HIS I 497 12.26 -32.37 41.04
C HIS I 497 13.39 -33.38 41.21
N GLU I 498 13.24 -34.55 40.60
CA GLU I 498 14.29 -35.56 40.63
C GLU I 498 14.91 -35.69 39.24
N ALA I 499 16.21 -35.47 39.14
CA ALA I 499 16.94 -35.65 37.90
C ALA I 499 17.19 -37.14 37.67
N VAL I 500 17.79 -37.46 36.54
CA VAL I 500 18.17 -38.84 36.24
C VAL I 500 19.04 -39.45 37.33
N ARG I 501 19.75 -38.60 38.05
CA ARG I 501 20.78 -39.04 38.99
C ARG I 501 20.46 -38.75 40.45
N GLY I 502 19.27 -38.23 40.71
CA GLY I 502 18.86 -37.97 42.09
C GLY I 502 18.32 -36.58 42.34
N VAL I 503 18.33 -36.19 43.61
CA VAL I 503 17.72 -34.94 44.05
C VAL I 503 18.22 -33.71 43.29
N LEU I 504 17.27 -32.89 42.85
CA LEU I 504 17.58 -31.64 42.16
C LEU I 504 16.76 -30.49 42.73
N SER I 505 17.44 -29.41 43.07
CA SER I 505 16.78 -28.22 43.61
C SER I 505 17.15 -26.97 42.82
N HIS I 506 16.16 -26.14 42.53
CA HIS I 506 16.39 -24.84 41.92
C HIS I 506 15.84 -23.73 42.78
N HIS I 507 16.73 -22.98 43.43
CA HIS I 507 16.30 -21.88 44.30
C HIS I 507 16.55 -20.53 43.64
N LEU I 508 15.46 -19.88 43.26
CA LEU I 508 15.49 -18.63 42.53
C LEU I 508 15.15 -17.44 43.43
N VAL I 509 15.67 -16.27 43.06
CA VAL I 509 15.36 -15.03 43.78
C VAL I 509 15.25 -13.88 42.80
N ILE I 510 14.08 -13.25 42.75
CA ILE I 510 13.82 -12.16 41.81
C ILE I 510 13.63 -10.82 42.50
N ARG I 511 14.60 -9.93 42.33
CA ARG I 511 14.51 -8.56 42.84
C ARG I 511 14.66 -7.56 41.70
N ASP I 512 13.79 -6.55 41.68
CA ASP I 512 13.82 -5.53 40.63
C ASP I 512 13.41 -6.11 39.28
N GLY I 513 12.74 -7.26 39.32
CA GLY I 513 12.31 -7.92 38.10
C GLY I 513 13.41 -8.65 37.37
N LYS I 514 14.52 -8.88 38.07
CA LYS I 514 15.65 -9.61 37.52
C LYS I 514 16.17 -10.63 38.53
N ILE I 515 17.07 -11.49 38.09
CA ILE I 515 17.51 -12.61 38.92
C ILE I 515 18.53 -12.19 39.98
N ALA I 516 18.04 -12.01 41.21
CA ALA I 516 18.90 -11.67 42.33
C ALA I 516 19.88 -12.80 42.61
N ASN I 517 19.33 -13.96 42.90
CA ASN I 517 20.11 -15.15 43.16
C ASN I 517 19.48 -16.35 42.46
N TYR I 518 20.32 -17.24 41.94
CA TYR I 518 19.82 -18.49 41.37
C TYR I 518 20.84 -19.60 41.60
N HIS I 519 20.51 -20.52 42.50
CA HIS I 519 21.41 -21.61 42.79
C HIS I 519 20.75 -22.95 42.53
N PRO I 520 21.22 -23.66 41.49
CA PRO I 520 20.73 -25.00 41.16
C PRO I 520 21.54 -26.04 41.91
N TYR I 521 20.89 -27.04 42.48
CA TYR I 521 21.65 -28.08 43.14
C TYR I 521 21.18 -29.49 42.75
N PRO I 522 21.84 -30.06 41.72
CA PRO I 522 21.68 -31.42 41.21
C PRO I 522 22.27 -32.46 42.16
N PRO I 523 22.04 -33.75 41.87
CA PRO I 523 22.44 -34.81 42.79
C PRO I 523 23.96 -35.01 42.90
N THR I 524 24.70 -34.80 41.83
CA THR I 524 26.15 -35.06 41.85
C THR I 524 26.93 -34.15 42.82
N PRO I 525 26.55 -32.87 42.91
CA PRO I 525 27.20 -32.00 43.91
C PRO I 525 27.20 -32.61 45.31
N TRP I 526 26.16 -33.36 45.64
CA TRP I 526 26.11 -34.07 46.91
C TRP I 526 27.08 -35.25 46.91
N ASN I 527 26.88 -36.19 45.98
CA ASN I 527 27.66 -37.42 45.93
C ASN I 527 29.15 -37.17 45.69
N ALA I 528 29.46 -36.13 44.94
CA ALA I 528 30.83 -35.85 44.50
C ALA I 528 31.51 -34.84 45.41
N SER I 529 30.85 -34.48 46.50
CA SER I 529 31.37 -33.45 47.39
C SER I 529 32.65 -33.88 48.08
N PRO I 530 33.53 -32.91 48.36
CA PRO I 530 34.76 -33.09 49.14
C PRO I 530 34.50 -32.94 50.64
N ARG I 531 35.49 -33.31 51.46
CA ARG I 531 35.36 -33.22 52.91
C ARG I 531 34.96 -31.82 53.37
N ASP I 532 33.91 -31.74 54.17
CA ASP I 532 33.36 -30.46 54.59
C ASP I 532 34.11 -29.87 55.79
N ILE I 533 33.59 -28.76 56.31
CA ILE I 533 34.17 -28.09 57.47
C ILE I 533 34.29 -29.04 58.66
N TYR I 534 33.27 -29.86 58.87
CA TYR I 534 33.24 -30.73 60.05
C TYR I 534 34.02 -32.03 59.83
N GLY I 535 34.72 -32.11 58.71
CA GLY I 535 35.56 -33.25 58.41
C GLY I 535 34.83 -34.41 57.74
N THR I 536 33.52 -34.26 57.56
CA THR I 536 32.71 -35.30 56.93
C THR I 536 33.03 -35.45 55.45
N PRO I 537 33.55 -36.62 55.06
CA PRO I 537 33.90 -36.90 53.66
C PRO I 537 32.66 -37.09 52.79
N GLY I 538 32.78 -36.76 51.51
CA GLY I 538 31.68 -36.92 50.57
C GLY I 538 31.35 -38.39 50.31
N PRO I 539 30.24 -38.63 49.62
CA PRO I 539 29.76 -39.95 49.20
C PRO I 539 30.78 -40.77 48.41
N TYR I 540 31.38 -40.18 47.38
CA TYR I 540 32.39 -40.87 46.57
C TYR I 540 33.52 -41.39 47.44
N GLU I 541 34.14 -40.47 48.17
CA GLU I 541 35.28 -40.77 49.02
C GLU I 541 34.93 -41.78 50.09
N ASP I 542 33.76 -41.62 50.71
CA ASP I 542 33.29 -42.57 51.71
C ASP I 542 33.12 -43.95 51.13
N ALA I 543 32.39 -44.04 50.01
CA ALA I 543 32.13 -45.32 49.36
C ALA I 543 33.42 -46.01 48.89
N VAL I 544 34.41 -45.22 48.49
CA VAL I 544 35.67 -45.79 48.02
C VAL I 544 36.52 -46.28 49.20
N GLN I 545 36.52 -45.53 50.29
CA GLN I 545 37.31 -45.89 51.47
C GLN I 545 36.72 -47.09 52.20
N ASN I 546 35.61 -47.60 51.66
CA ASN I 546 34.97 -48.79 52.20
C ASN I 546 34.95 -49.94 51.21
N THR I 547 35.72 -49.81 50.13
CA THR I 547 35.66 -50.76 49.04
C THR I 547 36.82 -51.74 49.06
N PRO I 548 36.54 -52.99 49.46
CA PRO I 548 37.54 -54.06 49.40
C PRO I 548 38.03 -54.30 47.98
N ILE I 549 39.30 -54.66 47.83
CA ILE I 549 39.87 -54.95 46.52
C ILE I 549 39.73 -56.44 46.17
N PHE I 550 39.09 -56.72 45.04
CA PHE I 550 38.91 -58.10 44.59
C PHE I 550 39.65 -58.32 43.28
N GLU I 551 40.13 -57.24 42.68
CA GLU I 551 40.88 -57.32 41.43
C GLU I 551 42.16 -58.11 41.62
N GLU I 552 42.38 -59.10 40.77
CA GLU I 552 43.51 -60.02 40.90
C GLU I 552 44.79 -59.42 40.34
N ASN I 553 45.07 -58.17 40.68
CA ASN I 553 46.24 -57.49 40.15
C ASN I 553 47.13 -56.95 41.25
N GLY I 554 48.43 -56.96 40.99
CA GLY I 554 49.38 -56.24 41.82
C GLY I 554 49.34 -54.78 41.38
N PRO I 555 50.36 -54.00 41.79
CA PRO I 555 50.37 -52.56 41.53
C PRO I 555 50.82 -52.17 40.12
N GLU I 556 51.24 -53.12 39.28
CA GLU I 556 51.79 -52.77 37.97
C GLU I 556 50.93 -53.23 36.79
N LYS I 557 49.75 -53.77 37.09
CA LYS I 557 48.74 -54.02 36.07
C LYS I 557 47.40 -53.52 36.58
N PHE I 558 47.34 -53.32 37.89
CA PHE I 558 46.18 -52.76 38.60
C PHE I 558 45.45 -51.72 37.78
N LYS I 559 44.12 -51.77 37.82
CA LYS I 559 43.29 -50.80 37.12
C LYS I 559 42.24 -50.23 38.06
N GLY I 560 42.12 -50.85 39.23
CA GLY I 560 41.15 -50.44 40.23
C GLY I 560 39.71 -50.55 39.78
N ILE I 561 39.36 -51.68 39.16
CA ILE I 561 38.02 -51.87 38.64
C ILE I 561 36.97 -51.76 39.74
N ASP I 562 37.32 -52.25 40.92
CA ASP I 562 36.41 -52.23 42.05
C ASP I 562 36.05 -50.80 42.44
N ILE I 563 37.07 -49.95 42.55
CA ILE I 563 36.85 -48.53 42.83
C ILE I 563 35.99 -47.87 41.76
N MET I 564 36.37 -48.07 40.50
CA MET I 564 35.68 -47.45 39.38
C MET I 564 34.22 -47.88 39.29
N ARG I 565 33.92 -49.09 39.77
CA ARG I 565 32.54 -49.56 39.82
C ARG I 565 31.78 -48.86 40.94
N ALA I 566 32.50 -48.54 42.00
CA ALA I 566 31.91 -47.83 43.13
C ALA I 566 31.54 -46.41 42.71
N VAL I 567 32.39 -45.79 41.92
CA VAL I 567 32.18 -44.41 41.54
C VAL I 567 31.06 -44.30 40.54
N ARG I 568 31.13 -45.15 39.51
CA ARG I 568 30.16 -45.12 38.43
C ARG I 568 28.75 -45.52 38.88
N SER I 569 28.66 -46.33 39.92
CA SER I 569 27.36 -46.75 40.44
C SER I 569 26.59 -45.52 40.93
N PHE I 570 27.32 -44.45 41.18
CA PHE I 570 26.73 -43.16 41.52
C PHE I 570 26.36 -42.40 40.26
N ASP I 571 26.96 -42.82 39.14
CA ASP I 571 26.76 -42.17 37.84
C ASP I 571 27.14 -40.70 37.91
N PRO I 572 28.45 -40.42 37.92
CA PRO I 572 28.93 -39.04 38.04
C PRO I 572 28.47 -38.17 36.88
N CYS I 573 28.13 -36.94 37.21
CA CYS I 573 27.82 -35.93 36.21
C CYS I 573 28.41 -34.61 36.69
N LEU I 574 29.69 -34.41 36.43
CA LEU I 574 30.43 -33.31 37.04
C LEU I 574 30.07 -31.92 36.51
N PRO I 575 29.62 -31.83 35.24
CA PRO I 575 29.09 -30.51 34.85
C PRO I 575 27.96 -30.10 35.77
N CYS I 576 27.08 -31.04 36.08
CA CYS I 576 26.04 -30.81 37.08
C CYS I 576 26.67 -30.49 38.42
N GLY I 577 27.79 -31.14 38.72
CA GLY I 577 28.42 -31.05 40.03
C GLY I 577 29.11 -29.74 40.34
N VAL I 578 29.34 -28.92 39.33
CA VAL I 578 30.03 -27.65 39.55
C VAL I 578 29.22 -26.46 39.09
N HIS I 579 28.62 -26.60 37.91
CA HIS I 579 27.86 -25.53 37.24
C HIS I 579 28.50 -24.14 37.45
N LYS J 19 -8.42 -89.34 -15.65
CA LYS J 19 -9.61 -88.61 -15.24
C LYS J 19 -9.25 -87.22 -14.68
N LEU J 20 -9.89 -86.19 -15.21
CA LEU J 20 -9.54 -84.81 -14.84
C LEU J 20 -10.47 -84.22 -13.78
N VAL J 21 -9.89 -83.44 -12.87
CA VAL J 21 -10.67 -82.73 -11.86
C VAL J 21 -10.49 -81.23 -12.01
N GLU J 22 -11.52 -80.46 -11.70
CA GLU J 22 -11.45 -79.02 -11.88
C GLU J 22 -10.93 -78.31 -10.64
N MET J 23 -9.67 -77.87 -10.70
CA MET J 23 -9.07 -77.11 -9.60
C MET J 23 -8.79 -75.66 -10.02
N ASN J 24 -9.10 -74.71 -9.15
CA ASN J 24 -8.88 -73.31 -9.46
C ASN J 24 -8.64 -72.43 -8.24
N TRP J 25 -7.99 -71.29 -8.45
CA TRP J 25 -7.69 -70.35 -7.38
C TRP J 25 -7.93 -68.93 -7.88
N ASP J 26 -8.85 -68.22 -7.23
CA ASP J 26 -9.31 -66.93 -7.70
C ASP J 26 -10.09 -66.24 -6.58
N PRO J 27 -9.54 -65.14 -6.06
CA PRO J 27 -8.28 -64.55 -6.52
C PRO J 27 -7.05 -65.17 -5.86
N ILE J 28 -5.95 -65.21 -6.62
CA ILE J 28 -4.66 -65.58 -6.07
C ILE J 28 -4.15 -64.46 -5.16
N THR J 29 -3.65 -64.83 -4.00
CA THR J 29 -3.17 -63.86 -3.03
C THR J 29 -1.66 -63.76 -2.99
N ARG J 30 -1.16 -62.84 -2.17
CA ARG J 30 0.27 -62.58 -2.03
C ARG J 30 0.88 -62.34 -3.40
N ILE J 31 0.14 -61.59 -4.19
CA ILE J 31 0.64 -61.02 -5.43
C ILE J 31 0.13 -59.58 -5.49
N VAL J 32 0.30 -58.94 -6.63
CA VAL J 32 -0.27 -57.62 -6.81
C VAL J 32 -1.36 -57.68 -7.88
N GLY J 33 -2.58 -57.33 -7.49
CA GLY J 33 -3.67 -57.28 -8.43
C GLY J 33 -4.51 -58.54 -8.49
N SER J 34 -5.55 -58.49 -9.32
CA SER J 34 -6.53 -59.56 -9.41
C SER J 34 -6.09 -60.63 -10.42
N LEU J 35 -5.80 -61.82 -9.93
CA LEU J 35 -5.39 -62.92 -10.79
C LEU J 35 -6.22 -64.17 -10.51
N GLY J 36 -6.29 -65.07 -11.48
CA GLY J 36 -7.03 -66.30 -11.32
C GLY J 36 -6.41 -67.42 -12.13
N ILE J 37 -6.09 -68.53 -11.48
CA ILE J 37 -5.55 -69.70 -12.16
C ILE J 37 -6.59 -70.82 -12.21
N TYR J 38 -6.97 -71.21 -13.43
CA TYR J 38 -7.97 -72.26 -13.61
C TYR J 38 -7.35 -73.45 -14.35
N THR J 39 -7.48 -74.65 -13.77
CA THR J 39 -6.78 -75.82 -14.30
C THR J 39 -7.57 -77.12 -14.21
N LYS J 40 -7.26 -78.05 -15.12
CA LYS J 40 -7.68 -79.44 -14.98
C LYS J 40 -6.46 -80.29 -14.61
N ILE J 41 -6.57 -81.04 -13.52
CA ILE J 41 -5.42 -81.81 -13.03
C ILE J 41 -5.68 -83.32 -13.02
N ASP J 42 -4.65 -84.07 -13.39
CA ASP J 42 -4.70 -85.52 -13.44
C ASP J 42 -4.00 -86.10 -12.20
N PHE J 43 -4.77 -86.25 -11.12
CA PHE J 43 -4.20 -86.68 -9.84
C PHE J 43 -3.50 -88.04 -9.93
N GLU J 44 -3.98 -88.89 -10.84
CA GLU J 44 -3.38 -90.21 -11.02
C GLU J 44 -1.89 -90.12 -11.37
N ASN J 45 -1.52 -89.14 -12.18
CA ASN J 45 -0.15 -89.05 -12.68
C ASN J 45 0.63 -87.83 -12.18
N ARG J 46 0.01 -87.03 -11.33
CA ARG J 46 0.63 -85.81 -10.83
C ARG J 46 0.95 -84.84 -11.97
N ARG J 47 -0.02 -84.61 -12.85
CA ARG J 47 0.20 -83.70 -13.98
C ARG J 47 -0.96 -82.73 -14.20
N VAL J 48 -0.64 -81.59 -14.80
CA VAL J 48 -1.64 -80.59 -15.09
C VAL J 48 -2.07 -80.63 -16.54
N ALA J 49 -3.36 -80.89 -16.77
CA ALA J 49 -3.90 -81.05 -18.12
C ALA J 49 -3.87 -79.72 -18.88
N GLU J 50 -4.63 -78.75 -18.41
CA GLU J 50 -4.68 -77.43 -19.04
C GLU J 50 -4.74 -76.32 -17.99
N CYS J 51 -4.23 -75.15 -18.34
CA CYS J 51 -4.30 -73.99 -17.45
C CYS J 51 -4.79 -72.73 -18.16
N TYR J 52 -5.58 -71.94 -17.46
CA TYR J 52 -6.08 -70.67 -17.98
C TYR J 52 -5.86 -69.57 -16.96
N SER J 53 -5.20 -68.48 -17.34
CA SER J 53 -4.99 -67.37 -16.43
C SER J 53 -5.81 -66.16 -16.83
N THR J 54 -6.63 -65.68 -15.90
CA THR J 54 -7.55 -64.59 -16.17
C THR J 54 -7.35 -63.43 -15.19
N SER J 55 -7.45 -62.21 -15.70
CA SER J 55 -7.42 -61.03 -14.85
C SER J 55 -8.75 -60.29 -14.99
N SER J 56 -9.34 -59.92 -13.87
CA SER J 56 -10.72 -59.46 -13.87
C SER J 56 -10.88 -57.95 -13.73
N ILE J 57 -9.78 -57.20 -13.82
CA ILE J 57 -9.87 -55.76 -13.60
C ILE J 57 -9.32 -54.93 -14.76
N PHE J 58 -10.13 -54.00 -15.24
CA PHE J 58 -9.77 -53.13 -16.35
C PHE J 58 -9.99 -51.65 -15.98
N ARG J 59 -9.04 -50.81 -16.37
CA ARG J 59 -9.09 -49.39 -16.05
C ARG J 59 -8.94 -48.53 -17.30
N GLY J 60 -8.18 -49.04 -18.26
CA GLY J 60 -8.06 -48.43 -19.57
C GLY J 60 -7.26 -47.15 -19.64
N TYR J 61 -5.96 -47.24 -19.35
CA TYR J 61 -5.09 -46.07 -19.38
C TYR J 61 -4.92 -45.53 -20.80
N SER J 62 -4.68 -46.44 -21.73
CA SER J 62 -4.49 -46.09 -23.14
C SER J 62 -5.66 -45.27 -23.68
N ILE J 63 -6.81 -45.42 -23.04
CA ILE J 63 -8.03 -44.76 -23.48
C ILE J 63 -8.14 -43.33 -22.95
N PHE J 64 -8.12 -43.16 -21.63
CA PHE J 64 -8.31 -41.83 -21.07
C PHE J 64 -7.06 -40.95 -21.10
N MET J 65 -5.98 -41.44 -21.68
CA MET J 65 -4.80 -40.60 -21.87
C MET J 65 -4.84 -39.84 -23.20
N LYS J 66 -5.70 -40.31 -24.11
CA LYS J 66 -5.88 -39.62 -25.39
C LYS J 66 -6.38 -38.19 -25.19
N GLY J 67 -5.74 -37.26 -25.89
CA GLY J 67 -6.16 -35.88 -25.87
C GLY J 67 -5.61 -35.12 -24.69
N LYS J 68 -4.86 -35.81 -23.84
CA LYS J 68 -4.27 -35.19 -22.65
C LYS J 68 -2.89 -34.60 -22.96
N ASP J 69 -2.39 -33.77 -22.07
CA ASP J 69 -1.05 -33.18 -22.23
C ASP J 69 0.03 -34.22 -22.00
N PRO J 70 0.96 -34.35 -22.97
CA PRO J 70 2.11 -35.26 -22.88
C PRO J 70 2.93 -35.10 -21.60
N ARG J 71 3.00 -33.89 -21.06
CA ARG J 71 3.78 -33.63 -19.86
C ARG J 71 3.21 -34.31 -18.62
N ASP J 72 1.97 -34.78 -18.71
CA ASP J 72 1.32 -35.40 -17.55
C ASP J 72 1.49 -36.92 -17.49
N SER J 73 1.99 -37.51 -18.57
CA SER J 73 1.97 -38.96 -18.72
C SER J 73 2.82 -39.73 -17.70
N HIS J 74 3.92 -39.15 -17.26
CA HIS J 74 4.75 -39.81 -16.27
C HIS J 74 4.10 -39.76 -14.88
N PHE J 75 3.30 -38.73 -14.63
CA PHE J 75 2.51 -38.68 -13.39
C PHE J 75 1.33 -39.64 -13.46
N ILE J 76 0.72 -39.74 -14.63
CA ILE J 76 -0.47 -40.55 -14.78
C ILE J 76 -0.17 -42.03 -14.87
N THR J 77 0.81 -42.42 -15.69
CA THR J 77 1.08 -43.85 -15.88
C THR J 77 1.75 -44.48 -14.67
N SER J 78 2.24 -43.66 -13.76
CA SER J 78 2.79 -44.20 -12.53
C SER J 78 1.68 -44.87 -11.75
N ARG J 79 0.48 -44.31 -11.86
CA ARG J 79 -0.67 -44.85 -11.18
C ARG J 79 -1.13 -46.15 -11.82
N ILE J 80 -0.42 -46.59 -12.85
CA ILE J 80 -0.70 -47.89 -13.43
C ILE J 80 -0.56 -48.99 -12.38
N CYS J 81 0.42 -48.87 -11.50
CA CYS J 81 0.64 -49.87 -10.45
C CYS J 81 1.13 -49.32 -9.12
N GLY J 82 0.78 -50.00 -8.05
CA GLY J 82 1.04 -49.55 -6.71
C GLY J 82 2.35 -50.02 -6.11
N ILE J 83 3.04 -50.90 -6.80
CA ILE J 83 4.32 -51.38 -6.30
C ILE J 83 5.45 -51.10 -7.28
N CYS J 84 5.11 -50.86 -8.55
CA CYS J 84 6.12 -50.61 -9.59
C CYS J 84 5.88 -49.31 -10.38
N GLY J 85 4.98 -48.47 -9.89
CA GLY J 85 4.60 -47.25 -10.59
C GLY J 85 5.74 -46.34 -11.02
N ASP J 86 6.72 -46.18 -10.15
CA ASP J 86 7.90 -45.37 -10.44
C ASP J 86 8.66 -45.89 -11.67
N ASN J 87 8.54 -47.19 -11.93
CA ASN J 87 9.14 -47.75 -13.12
C ASN J 87 8.51 -47.15 -14.37
N HIS J 88 7.19 -46.99 -14.34
CA HIS J 88 6.49 -46.31 -15.43
C HIS J 88 6.89 -44.83 -15.49
N ALA J 89 6.88 -44.17 -14.34
CA ALA J 89 7.20 -42.74 -14.30
C ALA J 89 8.58 -42.47 -14.86
N THR J 90 9.45 -43.48 -14.81
CA THR J 90 10.76 -43.38 -15.41
C THR J 90 10.70 -43.71 -16.91
N CYS J 91 10.03 -44.82 -17.23
CA CYS J 91 9.89 -45.23 -18.63
C CYS J 91 9.17 -44.16 -19.44
N SER J 92 8.23 -43.49 -18.79
CA SER J 92 7.46 -42.41 -19.42
C SER J 92 8.33 -41.19 -19.67
N VAL J 93 9.22 -40.89 -18.73
CA VAL J 93 10.11 -39.76 -18.89
C VAL J 93 11.12 -40.05 -19.99
N TYR J 94 11.63 -41.28 -20.01
CA TYR J 94 12.50 -41.73 -21.09
C TYR J 94 11.85 -41.50 -22.47
N ALA J 95 10.54 -41.67 -22.54
CA ALA J 95 9.83 -41.59 -23.82
C ALA J 95 9.47 -40.16 -24.17
N GLN J 96 9.14 -39.36 -23.15
CA GLN J 96 8.92 -37.95 -23.38
C GLN J 96 10.23 -37.31 -23.83
N ASN J 97 11.33 -37.69 -23.17
CA ASN J 97 12.65 -37.20 -23.52
C ASN J 97 12.94 -37.45 -25.00
N MET J 98 12.53 -38.61 -25.52
CA MET J 98 12.75 -38.93 -26.93
C MET J 98 11.87 -38.11 -27.87
N ALA J 99 10.62 -37.86 -27.46
CA ALA J 99 9.69 -37.10 -28.28
C ALA J 99 10.03 -35.61 -28.25
N TYR J 100 10.17 -35.06 -27.05
CA TYR J 100 10.55 -33.67 -26.87
C TYR J 100 11.96 -33.39 -27.39
N GLY J 101 12.72 -34.46 -27.64
CA GLY J 101 14.12 -34.33 -28.05
C GLY J 101 14.96 -33.53 -27.07
N VAL J 102 15.14 -34.07 -25.87
CA VAL J 102 15.88 -33.39 -24.81
C VAL J 102 16.65 -34.39 -23.96
N LYS J 103 17.77 -33.96 -23.39
CA LYS J 103 18.58 -34.80 -22.54
C LYS J 103 18.88 -34.10 -21.22
N PRO J 104 18.55 -34.75 -20.10
CA PRO J 104 18.77 -34.16 -18.78
C PRO J 104 20.26 -34.05 -18.45
N PRO J 105 20.59 -33.24 -17.44
CA PRO J 105 21.96 -33.18 -16.93
C PRO J 105 22.40 -34.54 -16.42
N PRO J 106 23.68 -34.91 -16.65
CA PRO J 106 24.18 -36.25 -16.33
C PRO J 106 23.85 -36.67 -14.89
N ILE J 107 23.89 -35.73 -13.97
CA ILE J 107 23.68 -36.05 -12.56
C ILE J 107 22.24 -36.51 -12.31
N ALA J 108 21.30 -35.99 -13.10
CA ALA J 108 19.91 -36.37 -12.96
C ALA J 108 19.69 -37.85 -13.31
N ASP J 109 20.32 -38.31 -14.38
CA ASP J 109 20.21 -39.72 -14.75
C ASP J 109 20.83 -40.62 -13.70
N TRP J 110 21.86 -40.13 -13.02
CA TRP J 110 22.43 -40.87 -11.91
C TRP J 110 21.44 -40.95 -10.76
N ILE J 111 20.73 -39.86 -10.51
CA ILE J 111 19.75 -39.83 -9.44
C ILE J 111 18.56 -40.74 -9.77
N ILE J 112 18.21 -40.83 -11.05
CA ILE J 112 17.14 -41.72 -11.47
C ILE J 112 17.62 -43.16 -11.39
N ASN J 113 18.86 -43.40 -11.76
CA ASN J 113 19.43 -44.74 -11.61
C ASN J 113 19.48 -45.14 -10.15
N LEU J 114 19.81 -44.21 -9.28
CA LEU J 114 19.89 -44.49 -7.85
C LEU J 114 18.53 -44.86 -7.30
N GLY J 115 17.52 -44.10 -7.69
CA GLY J 115 16.16 -44.33 -7.23
C GLY J 115 15.62 -45.65 -7.74
N GLU J 116 15.89 -45.95 -9.02
CA GLU J 116 15.40 -47.20 -9.59
C GLU J 116 16.09 -48.35 -8.89
N ALA J 117 17.35 -48.15 -8.53
CA ALA J 117 18.10 -49.18 -7.83
C ALA J 117 17.50 -49.41 -6.46
N ALA J 118 17.02 -48.34 -5.83
CA ALA J 118 16.36 -48.46 -4.53
C ALA J 118 15.04 -49.22 -4.66
N GLU J 119 14.37 -49.02 -5.78
CA GLU J 119 13.10 -49.68 -6.08
C GLU J 119 13.30 -51.19 -6.15
N TYR J 120 14.34 -51.61 -6.88
CA TYR J 120 14.72 -53.02 -6.96
C TYR J 120 14.95 -53.59 -5.56
N MET J 121 15.82 -52.94 -4.81
CA MET J 121 16.19 -53.41 -3.48
C MET J 121 14.98 -53.52 -2.55
N PHE J 122 13.96 -52.71 -2.80
CA PHE J 122 12.74 -52.76 -2.00
C PHE J 122 11.79 -53.86 -2.43
N ASP J 123 11.52 -53.90 -3.72
CA ASP J 123 10.46 -54.73 -4.27
C ASP J 123 10.82 -56.21 -4.18
N HIS J 124 12.02 -56.54 -4.64
CA HIS J 124 12.50 -57.91 -4.61
C HIS J 124 12.48 -58.44 -3.18
N ASN J 125 12.90 -57.59 -2.26
CA ASN J 125 12.93 -57.95 -0.85
C ASN J 125 11.55 -58.25 -0.31
N ILE J 126 10.61 -57.32 -0.49
CA ILE J 126 9.31 -57.47 0.13
C ILE J 126 8.56 -58.62 -0.52
N PHE J 127 8.74 -58.79 -1.82
CA PHE J 127 8.06 -59.84 -2.53
C PHE J 127 8.69 -61.20 -2.25
N GLN J 128 10.03 -61.25 -2.24
CA GLN J 128 10.72 -62.51 -2.04
C GLN J 128 10.40 -63.11 -0.69
N ASP J 129 10.39 -62.29 0.35
CA ASP J 129 10.35 -62.84 1.69
C ASP J 129 9.09 -62.52 2.47
N ASN J 130 8.16 -61.79 1.87
CA ASN J 130 6.89 -61.56 2.54
C ASN J 130 5.71 -62.08 1.73
N LEU J 131 5.97 -62.48 0.50
CA LEU J 131 4.90 -62.94 -0.38
C LEU J 131 5.16 -64.33 -0.96
N VAL J 132 6.16 -64.43 -1.83
CA VAL J 132 6.51 -65.72 -2.41
C VAL J 132 7.28 -66.58 -1.40
N GLY J 133 7.75 -65.95 -0.33
CA GLY J 133 8.49 -66.66 0.70
C GLY J 133 7.60 -67.50 1.59
N VAL J 134 6.34 -67.09 1.70
CA VAL J 134 5.36 -67.81 2.51
C VAL J 134 5.06 -69.18 1.91
N ASP J 135 5.28 -69.32 0.61
CA ASP J 135 5.16 -70.60 -0.05
C ASP J 135 6.22 -71.60 0.43
N PHE J 136 7.18 -71.10 1.21
CA PHE J 136 8.31 -71.92 1.68
C PHE J 136 8.42 -71.93 3.20
N CYS J 137 7.42 -71.44 3.92
CA CYS J 137 7.50 -71.33 5.37
C CYS J 137 6.99 -72.60 6.07
N GLU J 138 7.19 -72.65 7.38
CA GLU J 138 6.87 -73.85 8.15
C GLU J 138 5.41 -74.26 7.99
N GLN J 139 4.50 -73.30 8.12
CA GLN J 139 3.07 -73.55 7.96
C GLN J 139 2.77 -74.23 6.63
N MET J 140 3.21 -73.59 5.55
CA MET J 140 2.90 -74.05 4.21
C MET J 140 3.46 -75.43 3.92
N VAL J 141 4.74 -75.63 4.23
CA VAL J 141 5.42 -76.88 3.93
C VAL J 141 4.80 -78.05 4.70
N ARG J 142 4.28 -77.76 5.90
CA ARG J 142 3.64 -78.75 6.74
C ARG J 142 2.26 -79.19 6.23
N GLU J 143 1.49 -78.25 5.70
CA GLU J 143 0.15 -78.52 5.21
C GLU J 143 0.15 -79.17 3.83
N THR J 144 1.33 -79.28 3.22
CA THR J 144 1.39 -79.76 1.84
C THR J 144 2.51 -80.77 1.58
N ASN J 145 3.52 -80.79 2.44
CA ASN J 145 4.63 -81.74 2.31
C ASN J 145 5.28 -82.10 3.65
N PRO J 146 4.51 -82.72 4.55
CA PRO J 146 4.94 -83.12 5.89
C PRO J 146 6.29 -83.85 5.88
N GLY J 147 6.50 -84.66 4.85
CA GLY J 147 7.74 -85.41 4.72
C GLY J 147 8.93 -84.48 4.55
N VAL J 148 8.70 -83.37 3.86
CA VAL J 148 9.77 -82.40 3.62
C VAL J 148 10.13 -81.63 4.89
N TRP J 149 9.12 -81.25 5.67
CA TRP J 149 9.37 -80.58 6.94
C TRP J 149 10.23 -81.46 7.84
N GLU J 150 10.01 -82.77 7.77
CA GLU J 150 10.83 -83.74 8.50
C GLU J 150 12.30 -83.68 8.09
N LYS J 151 12.55 -83.75 6.78
CA LYS J 151 13.92 -83.66 6.27
C LYS J 151 14.56 -82.34 6.64
N ALA J 152 13.73 -81.30 6.76
CA ALA J 152 14.23 -79.97 7.07
C ALA J 152 14.81 -79.89 8.49
N LYS J 153 14.17 -80.59 9.43
CA LYS J 153 14.57 -80.50 10.83
C LYS J 153 15.94 -81.14 11.10
N THR J 154 16.39 -82.03 10.22
CA THR J 154 17.69 -82.65 10.38
C THR J 154 18.62 -82.33 9.22
N ALA J 155 18.41 -81.18 8.59
CA ALA J 155 19.27 -80.75 7.50
C ALA J 155 20.04 -79.50 7.88
N GLU J 156 21.34 -79.67 8.16
CA GLU J 156 22.20 -78.54 8.48
C GLU J 156 22.28 -77.57 7.30
N ALA J 157 22.15 -76.28 7.59
CA ALA J 157 22.30 -75.28 6.55
C ALA J 157 23.77 -75.16 6.18
N PRO J 158 24.08 -75.36 4.89
CA PRO J 158 25.45 -75.23 4.37
C PRO J 158 26.13 -73.92 4.79
N HIS J 159 25.38 -72.82 4.79
CA HIS J 159 25.92 -71.52 5.15
C HIS J 159 25.37 -71.04 6.49
N ALA J 160 25.20 -71.97 7.42
CA ALA J 160 24.70 -71.63 8.76
C ALA J 160 25.65 -70.65 9.45
N ALA J 161 26.90 -70.63 9.01
CA ALA J 161 27.90 -69.72 9.55
C ALA J 161 27.78 -68.32 8.93
N GLU J 162 26.62 -68.00 8.38
CA GLU J 162 26.40 -66.69 7.76
C GLU J 162 25.06 -66.07 8.13
N HIS J 163 24.02 -66.90 8.26
CA HIS J 163 22.65 -66.40 8.41
C HIS J 163 22.35 -65.80 9.79
N GLY J 164 22.58 -66.56 10.86
CA GLY J 164 23.01 -67.94 10.79
C GLY J 164 21.94 -68.85 11.35
N TYR J 165 21.17 -69.47 10.46
CA TYR J 165 20.16 -70.45 10.85
C TYR J 165 20.75 -71.85 10.73
N ARG J 166 20.67 -72.64 11.80
CA ARG J 166 21.37 -73.92 11.85
C ARG J 166 20.76 -74.92 10.88
N THR J 167 19.45 -75.15 10.98
CA THR J 167 18.79 -76.09 10.09
C THR J 167 17.89 -75.36 9.09
N ILE J 168 17.60 -76.03 7.99
CA ILE J 168 16.73 -75.47 6.97
C ILE J 168 15.35 -75.20 7.55
N ALA J 169 14.92 -76.03 8.49
CA ALA J 169 13.65 -75.83 9.17
C ALA J 169 13.67 -74.56 10.02
N ASP J 170 14.85 -74.11 10.43
CA ASP J 170 14.98 -72.85 11.15
C ASP J 170 14.75 -71.67 10.20
N ILE J 171 15.13 -71.86 8.93
CA ILE J 171 14.88 -70.86 7.91
C ILE J 171 13.39 -70.80 7.61
N MET J 172 12.78 -71.96 7.39
CA MET J 172 11.36 -72.06 7.09
C MET J 172 10.46 -71.51 8.18
N THR J 173 10.92 -71.60 9.43
CA THR J 173 10.11 -71.13 10.56
C THR J 173 10.16 -69.60 10.66
N ALA J 174 11.31 -69.03 10.28
CA ALA J 174 11.50 -67.59 10.35
C ALA J 174 10.80 -66.90 9.19
N LEU J 175 10.28 -67.70 8.26
CA LEU J 175 9.53 -67.17 7.11
C LEU J 175 8.02 -67.07 7.38
N ASN J 176 7.56 -67.64 8.49
CA ASN J 176 6.14 -67.58 8.87
C ASN J 176 5.67 -66.13 9.04
N PRO J 177 4.51 -65.79 8.43
CA PRO J 177 3.96 -64.43 8.41
C PRO J 177 3.76 -63.82 9.81
N PHE J 178 4.34 -62.64 10.02
CA PHE J 178 4.19 -61.85 11.23
C PHE J 178 4.87 -62.46 12.47
N THR J 179 4.78 -63.77 12.63
CA THR J 179 5.41 -64.40 13.77
C THR J 179 6.88 -64.74 13.47
N GLY J 180 7.17 -65.12 12.23
CA GLY J 180 8.54 -65.45 11.84
C GLY J 180 9.51 -64.30 12.02
N GLU J 181 10.78 -64.61 12.30
CA GLU J 181 11.76 -63.57 12.61
C GLU J 181 12.30 -62.86 11.38
N PHE J 182 12.55 -63.63 10.33
CA PHE J 182 13.08 -63.07 9.09
C PHE J 182 12.01 -62.32 8.32
N TYR J 183 10.77 -62.82 8.39
CA TYR J 183 9.62 -62.15 7.81
C TYR J 183 9.46 -60.75 8.39
N ARG J 184 9.71 -60.64 9.69
CA ARG J 184 9.62 -59.34 10.35
C ARG J 184 10.78 -58.44 9.92
N GLU J 185 11.94 -59.05 9.73
CA GLU J 185 13.15 -58.31 9.37
C GLU J 185 13.04 -57.69 7.98
N THR J 186 12.45 -58.42 7.04
CA THR J 186 12.36 -57.92 5.68
C THR J 186 11.39 -56.74 5.57
N LEU J 187 10.39 -56.67 6.44
CA LEU J 187 9.51 -55.51 6.48
C LEU J 187 10.29 -54.27 6.92
N LEU J 188 11.20 -54.43 7.89
CA LEU J 188 12.02 -53.30 8.32
C LEU J 188 12.90 -52.84 7.17
N VAL J 189 13.53 -53.80 6.49
CA VAL J 189 14.40 -53.46 5.36
C VAL J 189 13.60 -52.78 4.25
N SER J 190 12.36 -53.19 4.05
CA SER J 190 11.54 -52.59 3.01
C SER J 190 11.25 -51.13 3.31
N ARG J 191 11.50 -50.71 4.55
CA ARG J 191 11.16 -49.35 4.92
C ARG J 191 12.31 -48.38 4.76
N TYR J 192 13.54 -48.85 4.94
CA TYR J 192 14.68 -47.95 4.76
C TYR J 192 15.24 -47.99 3.34
N THR J 193 14.92 -49.03 2.59
CA THR J 193 15.20 -49.00 1.15
C THR J 193 14.24 -48.04 0.48
N ARG J 194 13.01 -47.98 1.00
CA ARG J 194 12.03 -47.05 0.46
C ARG J 194 12.42 -45.61 0.82
N GLU J 195 13.03 -45.44 1.98
CA GLU J 195 13.59 -44.15 2.32
C GLU J 195 14.63 -43.76 1.28
N MET J 196 15.53 -44.70 0.93
CA MET J 196 16.58 -44.40 -0.04
C MET J 196 15.92 -43.89 -1.30
N PHE J 197 14.85 -44.57 -1.67
CA PHE J 197 14.07 -44.20 -2.86
C PHE J 197 13.53 -42.79 -2.76
N CYS J 198 12.91 -42.46 -1.63
CA CYS J 198 12.31 -41.13 -1.45
C CYS J 198 13.33 -40.01 -1.39
N LEU J 199 14.57 -40.33 -1.01
CA LEU J 199 15.64 -39.36 -1.08
C LEU J 199 15.83 -38.85 -2.51
N MET J 200 15.63 -39.74 -3.48
CA MET J 200 15.94 -39.46 -4.87
C MET J 200 14.72 -39.10 -5.73
N GLU J 201 13.54 -39.62 -5.35
CA GLU J 201 12.39 -39.44 -6.22
C GLU J 201 11.23 -38.85 -5.47
N GLY J 202 11.42 -38.56 -4.18
CA GLY J 202 10.45 -37.78 -3.44
C GLY J 202 9.54 -38.58 -2.52
N ARG J 203 8.79 -39.50 -3.10
CA ARG J 203 7.95 -40.39 -2.32
C ARG J 203 7.64 -41.66 -3.09
N HIS J 204 6.96 -42.59 -2.44
CA HIS J 204 6.77 -43.94 -2.96
C HIS J 204 5.32 -44.38 -2.77
N VAL J 205 4.76 -45.09 -3.75
CA VAL J 205 5.47 -45.57 -4.92
C VAL J 205 5.46 -44.57 -6.07
N HIS J 206 4.48 -43.67 -6.07
CA HIS J 206 4.38 -42.68 -7.13
C HIS J 206 5.27 -41.49 -6.83
N PRO J 207 6.38 -41.35 -7.59
CA PRO J 207 7.41 -40.33 -7.37
C PRO J 207 6.91 -38.90 -7.58
N SER J 208 7.42 -37.97 -6.78
CA SER J 208 6.99 -36.58 -6.86
C SER J 208 7.99 -35.68 -7.59
N THR J 209 9.24 -36.10 -7.67
CA THR J 209 10.29 -35.22 -8.20
C THR J 209 10.83 -35.60 -9.57
N LEU J 210 10.16 -36.51 -10.26
CA LEU J 210 10.55 -36.85 -11.64
C LEU J 210 9.77 -36.00 -12.63
N TYR J 211 10.51 -35.35 -13.53
CA TYR J 211 9.89 -34.55 -14.60
C TYR J 211 10.53 -34.94 -15.91
N PRO J 212 9.87 -34.61 -17.03
CA PRO J 212 10.64 -34.77 -18.26
C PRO J 212 11.79 -33.78 -18.26
N GLY J 213 12.95 -34.19 -18.77
CA GLY J 213 14.12 -33.31 -18.80
C GLY J 213 14.86 -33.14 -17.49
N GLY J 214 14.55 -33.96 -16.49
CA GLY J 214 15.30 -33.94 -15.24
C GLY J 214 14.52 -34.20 -13.96
N VAL J 215 15.17 -34.00 -12.82
CA VAL J 215 14.56 -34.22 -11.52
C VAL J 215 14.49 -32.96 -10.68
N GLY J 216 13.60 -32.92 -9.71
CA GLY J 216 13.43 -31.76 -8.84
C GLY J 216 14.20 -31.94 -7.55
N THR J 217 14.81 -33.11 -7.41
CA THR J 217 15.66 -33.42 -6.27
C THR J 217 16.82 -32.46 -6.19
N VAL J 218 17.10 -31.96 -5.01
CA VAL J 218 18.20 -31.01 -4.87
C VAL J 218 19.50 -31.72 -4.47
N PRO J 219 20.47 -31.81 -5.39
CA PRO J 219 21.76 -32.47 -5.15
C PRO J 219 22.59 -31.79 -4.07
N THR J 220 22.85 -32.50 -2.97
CA THR J 220 23.76 -32.00 -1.95
C THR J 220 24.60 -33.15 -1.44
N ILE J 221 25.65 -32.85 -0.68
CA ILE J 221 26.48 -33.90 -0.12
C ILE J 221 25.60 -34.68 0.83
N GLN J 222 24.73 -33.96 1.53
CA GLN J 222 23.82 -34.57 2.50
C GLN J 222 22.91 -35.61 1.86
N LEU J 223 22.37 -35.29 0.69
CA LEU J 223 21.47 -36.21 0.01
C LEU J 223 22.12 -37.57 -0.20
N PHE J 224 23.32 -37.57 -0.78
CA PHE J 224 24.01 -38.80 -1.13
C PHE J 224 24.61 -39.48 0.10
N THR J 225 24.86 -38.69 1.13
CA THR J 225 25.32 -39.27 2.38
C THR J 225 24.19 -40.00 3.07
N ASP J 226 23.01 -39.37 3.11
CA ASP J 226 21.82 -39.99 3.66
C ASP J 226 21.50 -41.30 2.95
N TYR J 227 21.90 -41.40 1.68
CA TYR J 227 21.54 -42.55 0.86
C TYR J 227 22.56 -43.66 1.01
N ILE J 228 23.83 -43.28 1.06
CA ILE J 228 24.92 -44.25 1.14
C ILE J 228 24.90 -45.00 2.47
N THR J 229 24.67 -44.28 3.56
CA THR J 229 24.59 -44.91 4.88
C THR J 229 23.54 -46.01 4.89
N ARG J 230 22.39 -45.73 4.28
CA ARG J 230 21.33 -46.73 4.14
C ARG J 230 21.75 -47.86 3.20
N LEU J 231 22.39 -47.51 2.08
CA LEU J 231 22.90 -48.51 1.14
C LEU J 231 23.85 -49.47 1.83
N MET J 232 24.66 -48.95 2.74
CA MET J 232 25.63 -49.78 3.46
C MET J 232 24.92 -50.84 4.29
N LYS J 233 23.87 -50.43 5.00
CA LYS J 233 23.04 -51.38 5.73
C LYS J 233 22.51 -52.48 4.82
N TYR J 234 22.02 -52.11 3.64
CA TYR J 234 21.47 -53.09 2.71
C TYR J 234 22.54 -54.04 2.19
N VAL J 235 23.68 -53.48 1.81
CA VAL J 235 24.81 -54.28 1.34
C VAL J 235 25.21 -55.34 2.35
N GLU J 236 25.28 -54.96 3.63
CA GLU J 236 25.63 -55.92 4.67
C GLU J 236 24.54 -56.97 4.83
N PHE J 237 23.31 -56.59 4.51
CA PHE J 237 22.16 -57.47 4.61
C PHE J 237 22.21 -58.55 3.55
N MET J 238 22.60 -58.18 2.33
CA MET J 238 22.67 -59.12 1.22
C MET J 238 23.73 -60.19 1.43
N LYS J 239 24.78 -59.86 2.18
CA LYS J 239 25.82 -60.84 2.49
C LYS J 239 25.23 -62.05 3.24
N LYS J 240 24.25 -61.77 4.10
CA LYS J 240 23.54 -62.82 4.82
C LYS J 240 22.46 -63.47 3.97
N VAL J 241 21.75 -62.66 3.18
CA VAL J 241 20.55 -63.10 2.48
C VAL J 241 20.81 -63.97 1.25
N VAL J 242 21.84 -63.65 0.49
CA VAL J 242 22.15 -64.43 -0.70
C VAL J 242 22.44 -65.89 -0.35
N PRO J 243 23.33 -66.13 0.62
CA PRO J 243 23.57 -67.53 1.03
C PRO J 243 22.35 -68.17 1.69
N LEU J 244 21.53 -67.38 2.37
CA LEU J 244 20.33 -67.88 3.03
C LEU J 244 19.36 -68.54 2.05
N HIS J 245 19.06 -67.84 0.96
CA HIS J 245 18.12 -68.35 -0.03
C HIS J 245 18.72 -69.49 -0.85
N ASP J 246 20.04 -69.48 -1.03
CA ASP J 246 20.70 -70.54 -1.76
C ASP J 246 20.59 -71.86 -1.01
N ASP J 247 20.67 -71.79 0.32
CA ASP J 247 20.52 -72.97 1.14
C ASP J 247 19.07 -73.43 1.15
N LEU J 248 18.14 -72.48 1.18
CA LEU J 248 16.73 -72.80 1.15
C LEU J 248 16.32 -73.44 -0.17
N PHE J 249 16.81 -72.89 -1.27
CA PHE J 249 16.39 -73.35 -2.59
C PHE J 249 17.12 -74.61 -3.03
N ASP J 250 18.37 -74.76 -2.61
CA ASP J 250 19.10 -75.99 -2.93
C ASP J 250 18.52 -77.17 -2.16
N PHE J 251 17.89 -76.89 -1.03
CA PHE J 251 17.28 -77.91 -0.21
C PHE J 251 16.07 -78.55 -0.90
N PHE J 252 15.37 -77.76 -1.72
CA PHE J 252 14.15 -78.23 -2.37
C PHE J 252 14.40 -79.16 -3.55
N TYR J 253 15.50 -78.95 -4.28
CA TYR J 253 15.91 -79.91 -5.30
C TYR J 253 16.16 -81.27 -4.65
N GLU J 254 16.83 -81.26 -3.51
CA GLU J 254 17.22 -82.48 -2.83
C GLU J 254 16.02 -83.16 -2.17
N ALA J 255 15.21 -82.37 -1.48
CA ALA J 255 14.08 -82.91 -0.72
C ALA J 255 13.02 -83.52 -1.64
N LEU J 256 12.73 -82.82 -2.73
CA LEU J 256 11.76 -83.29 -3.70
C LEU J 256 12.42 -83.49 -5.06
N PRO J 257 13.22 -84.56 -5.19
CA PRO J 257 13.95 -84.89 -6.42
C PRO J 257 13.05 -84.89 -7.65
N GLY J 258 13.27 -83.93 -8.53
CA GLY J 258 12.44 -83.76 -9.72
C GLY J 258 11.78 -82.39 -9.73
N TYR J 259 12.05 -81.60 -8.70
CA TYR J 259 11.41 -80.30 -8.53
C TYR J 259 12.01 -79.28 -9.48
N GLU J 260 13.04 -79.70 -10.21
CA GLU J 260 13.62 -78.86 -11.25
C GLU J 260 12.61 -78.67 -12.37
N GLU J 261 11.52 -79.42 -12.28
CA GLU J 261 10.46 -79.41 -13.28
C GLU J 261 9.39 -78.38 -12.98
N VAL J 262 9.31 -77.96 -11.73
CA VAL J 262 8.24 -77.07 -11.29
C VAL J 262 8.31 -75.72 -11.96
N GLY J 263 7.27 -75.39 -12.73
CA GLY J 263 7.18 -74.12 -13.43
C GLY J 263 8.15 -74.02 -14.58
N ARG J 264 8.52 -75.16 -15.14
CA ARG J 264 9.57 -75.20 -16.15
C ARG J 264 9.04 -74.87 -17.54
N ARG J 265 9.67 -73.90 -18.18
CA ARG J 265 9.31 -73.47 -19.52
C ARG J 265 10.49 -73.55 -20.46
N ARG J 266 10.22 -73.53 -21.76
CA ARG J 266 11.29 -73.39 -22.73
C ARG J 266 11.93 -72.02 -22.55
N ILE J 267 13.25 -71.96 -22.65
CA ILE J 267 13.98 -70.72 -22.42
C ILE J 267 13.64 -69.65 -23.47
N LEU J 268 12.70 -68.77 -23.13
CA LEU J 268 12.27 -67.68 -24.00
C LEU J 268 12.23 -66.37 -23.22
N LEU J 269 13.38 -65.72 -23.11
CA LEU J 269 13.55 -64.58 -22.22
C LEU J 269 13.71 -63.24 -22.95
N GLY J 270 13.06 -62.21 -22.43
CA GLY J 270 13.23 -60.86 -22.94
C GLY J 270 13.76 -59.94 -21.86
N CYS J 271 14.69 -59.06 -22.23
CA CYS J 271 15.22 -58.06 -21.32
C CYS J 271 15.59 -56.82 -22.12
N TRP J 272 15.17 -55.65 -21.66
CA TRP J 272 15.31 -54.47 -22.50
C TRP J 272 16.20 -53.37 -21.91
N GLY J 273 17.20 -53.77 -21.14
CA GLY J 273 18.14 -52.83 -20.54
C GLY J 273 17.53 -52.07 -19.39
N SER J 274 18.33 -51.69 -18.40
CA SER J 274 17.78 -51.13 -17.18
C SER J 274 18.29 -49.74 -16.80
N PHE J 275 19.59 -49.60 -16.61
CA PHE J 275 20.13 -48.32 -16.13
C PHE J 275 20.79 -47.52 -17.24
N GLN J 276 20.35 -46.28 -17.42
CA GLN J 276 20.88 -45.44 -18.50
C GLN J 276 22.29 -44.97 -18.21
N ASP J 277 23.04 -44.75 -19.28
CA ASP J 277 24.40 -44.24 -19.20
C ASP J 277 24.48 -42.85 -19.84
N PRO J 278 24.49 -41.80 -19.02
CA PRO J 278 24.43 -40.43 -19.54
C PRO J 278 25.63 -40.03 -20.41
N ASN J 279 26.63 -40.91 -20.54
CA ASN J 279 27.78 -40.63 -21.39
C ASN J 279 27.48 -40.92 -22.84
N VAL J 280 26.42 -41.69 -23.07
CA VAL J 280 26.12 -42.19 -24.40
C VAL J 280 24.62 -42.05 -24.73
N CYS J 281 23.80 -41.89 -23.70
CA CYS J 281 22.35 -41.84 -23.88
C CYS J 281 21.84 -40.41 -24.03
N ASP J 282 21.60 -40.00 -25.29
CA ASP J 282 21.07 -38.68 -25.57
C ASP J 282 19.57 -38.75 -25.83
N TYR J 283 18.98 -39.90 -25.55
CA TYR J 283 17.56 -40.15 -25.75
C TYR J 283 17.12 -39.86 -27.19
N ASN J 284 17.84 -40.46 -28.13
CA ASN J 284 17.53 -40.30 -29.54
C ASN J 284 17.39 -41.66 -30.22
N TYR J 285 16.27 -41.85 -30.92
CA TYR J 285 15.95 -43.14 -31.52
C TYR J 285 17.07 -43.64 -32.43
N ARG J 286 17.79 -42.70 -33.04
CA ARG J 286 18.84 -43.05 -33.99
C ARG J 286 20.03 -43.73 -33.31
N THR J 287 20.48 -43.13 -32.21
CA THR J 287 21.61 -43.67 -31.47
C THR J 287 21.20 -44.71 -30.43
N MET J 288 19.90 -45.01 -30.36
CA MET J 288 19.37 -45.91 -29.35
C MET J 288 20.07 -47.25 -29.35
N THR J 289 20.45 -47.71 -30.53
CA THR J 289 21.15 -48.98 -30.65
C THR J 289 22.40 -49.00 -29.79
N LYS J 290 23.15 -47.90 -29.81
CA LYS J 290 24.42 -47.83 -29.10
C LYS J 290 24.22 -47.63 -27.60
N TRP J 291 23.36 -46.69 -27.20
CA TRP J 291 23.19 -46.43 -25.76
C TRP J 291 22.26 -47.46 -25.13
N GLY J 292 21.53 -48.20 -25.95
CA GLY J 292 20.88 -49.40 -25.46
C GLY J 292 21.95 -50.32 -24.93
N ARG J 293 22.97 -50.57 -25.75
CA ARG J 293 24.07 -51.46 -25.37
C ARG J 293 24.93 -50.88 -24.27
N GLY J 294 24.69 -49.61 -23.94
CA GLY J 294 25.49 -48.93 -22.93
C GLY J 294 24.91 -49.03 -21.54
N MET J 295 23.72 -49.61 -21.44
CA MET J 295 23.03 -49.72 -20.16
C MET J 295 23.70 -50.76 -19.26
N PHE J 296 23.56 -50.58 -17.95
CA PHE J 296 24.24 -51.41 -16.97
C PHE J 296 23.46 -52.68 -16.66
N VAL J 297 22.30 -52.81 -17.30
CA VAL J 297 21.70 -54.12 -17.48
C VAL J 297 21.50 -54.26 -18.98
N THR J 298 22.01 -55.36 -19.54
CA THR J 298 22.12 -55.47 -20.99
C THR J 298 20.85 -55.95 -21.68
N PRO J 299 20.33 -55.13 -22.61
CA PRO J 299 19.17 -55.52 -23.40
C PRO J 299 19.48 -56.75 -24.23
N GLY J 300 18.56 -57.71 -24.27
CA GLY J 300 18.77 -58.91 -25.07
C GLY J 300 17.55 -59.79 -25.19
N VAL J 301 17.67 -60.82 -26.01
CA VAL J 301 16.63 -61.83 -26.15
C VAL J 301 17.29 -63.19 -26.15
N VAL J 302 16.97 -64.02 -25.17
CA VAL J 302 17.53 -65.36 -25.07
C VAL J 302 16.51 -66.41 -25.49
N VAL J 303 16.85 -67.22 -26.49
CA VAL J 303 15.98 -68.31 -26.89
C VAL J 303 16.76 -69.62 -26.93
N ASP J 304 16.45 -70.50 -25.99
CA ASP J 304 17.08 -71.82 -25.87
C ASP J 304 18.57 -71.67 -25.55
N GLY J 305 18.89 -70.68 -24.72
CA GLY J 305 20.26 -70.47 -24.28
C GLY J 305 21.07 -69.62 -25.23
N GLU J 306 20.45 -69.23 -26.33
CA GLU J 306 21.13 -68.44 -27.36
C GLU J 306 20.67 -67.00 -27.33
N LEU J 307 21.62 -66.09 -27.23
CA LEU J 307 21.35 -64.66 -27.29
C LEU J 307 21.15 -64.25 -28.75
N LEU J 308 19.97 -63.73 -29.06
CA LEU J 308 19.60 -63.41 -30.43
C LEU J 308 20.06 -62.00 -30.84
N THR J 309 19.69 -61.01 -30.05
CA THR J 309 20.00 -59.63 -30.37
C THR J 309 20.18 -58.78 -29.11
N THR J 310 20.95 -57.69 -29.23
CA THR J 310 21.05 -56.72 -28.15
C THR J 310 20.70 -55.34 -28.68
N ASP J 311 19.86 -55.32 -29.71
CA ASP J 311 19.52 -54.09 -30.40
C ASP J 311 18.10 -53.64 -30.05
N LEU J 312 18.00 -52.53 -29.32
CA LEU J 312 16.71 -52.05 -28.84
C LEU J 312 15.75 -51.73 -29.98
N VAL J 313 16.26 -51.09 -31.02
CA VAL J 313 15.42 -50.74 -32.15
C VAL J 313 14.97 -52.00 -32.90
N ASP J 314 15.83 -53.01 -32.97
CA ASP J 314 15.46 -54.28 -33.58
C ASP J 314 14.46 -55.00 -32.68
N ILE J 315 14.71 -54.96 -31.38
CA ILE J 315 13.80 -55.55 -30.39
C ILE J 315 12.45 -54.84 -30.44
N ASN J 316 12.50 -53.52 -30.59
CA ASN J 316 11.29 -52.69 -30.68
C ASN J 316 10.41 -53.04 -31.88
N LEU J 317 11.02 -53.31 -33.03
CA LEU J 317 10.26 -53.49 -34.25
C LEU J 317 9.67 -54.89 -34.42
N ASN J 318 9.84 -55.75 -33.42
CA ASN J 318 9.30 -57.09 -33.53
C ASN J 318 8.20 -57.37 -32.50
N ILE J 319 7.93 -56.40 -31.65
CA ILE J 319 6.85 -56.52 -30.68
C ILE J 319 5.49 -56.56 -31.40
N ARG J 320 4.68 -57.56 -31.05
CA ARG J 320 3.33 -57.68 -31.61
C ARG J 320 2.32 -57.90 -30.50
N ILE J 321 1.29 -57.06 -30.47
CA ILE J 321 0.21 -57.30 -29.54
C ILE J 321 -0.94 -58.00 -30.26
N LEU J 322 -1.04 -59.31 -30.04
CA LEU J 322 -2.09 -60.12 -30.62
C LEU J 322 -3.20 -60.35 -29.60
N LEU J 323 -4.42 -60.55 -30.10
CA LEU J 323 -5.55 -60.91 -29.25
C LEU J 323 -5.79 -62.43 -29.35
N GLY J 324 -7.06 -62.84 -29.34
CA GLY J 324 -7.39 -64.24 -29.50
C GLY J 324 -8.12 -64.84 -28.31
N SER J 325 -7.90 -64.27 -27.13
CA SER J 325 -8.53 -64.75 -25.91
C SER J 325 -8.90 -63.60 -24.97
N SER J 326 -8.77 -62.37 -25.47
CA SER J 326 -8.97 -61.19 -24.63
C SER J 326 -10.29 -60.48 -24.93
N PHE J 327 -10.70 -59.61 -24.01
CA PHE J 327 -11.99 -58.93 -24.10
C PHE J 327 -11.96 -57.68 -24.98
N TYR J 328 -11.35 -57.78 -26.16
CA TYR J 328 -11.19 -56.61 -27.01
C TYR J 328 -11.55 -56.88 -28.46
N GLN J 329 -11.72 -55.80 -29.20
CA GLN J 329 -11.89 -55.88 -30.65
C GLN J 329 -10.61 -55.43 -31.35
N ASP J 330 -10.12 -56.24 -32.28
CA ASP J 330 -8.91 -55.93 -33.04
C ASP J 330 -9.02 -54.54 -33.68
N TRP J 331 -7.87 -53.87 -33.82
CA TRP J 331 -7.85 -52.49 -34.31
C TRP J 331 -7.58 -52.40 -35.82
N ASP J 332 -7.92 -53.46 -36.54
CA ASP J 332 -7.68 -53.51 -37.98
C ASP J 332 -8.53 -52.55 -38.80
N HIS J 333 -9.45 -51.84 -38.15
CA HIS J 333 -10.26 -50.86 -38.86
C HIS J 333 -9.94 -49.45 -38.42
N GLU J 334 -9.01 -49.33 -37.49
CA GLU J 334 -8.58 -48.03 -37.01
C GLU J 334 -7.37 -47.56 -37.83
N GLU J 335 -7.02 -46.29 -37.68
CA GLU J 335 -5.97 -45.68 -38.48
C GLU J 335 -4.59 -45.83 -37.83
N THR J 336 -3.66 -46.42 -38.57
CA THR J 336 -2.31 -46.64 -38.07
C THR J 336 -1.47 -45.37 -38.12
N SER J 337 -1.22 -44.77 -36.96
CA SER J 337 -0.62 -43.44 -36.90
C SER J 337 0.88 -43.39 -37.21
N VAL J 338 1.53 -44.56 -37.17
CA VAL J 338 2.98 -44.60 -37.38
C VAL J 338 3.37 -45.55 -38.50
N LYS J 339 3.85 -44.99 -39.61
CA LYS J 339 4.27 -45.79 -40.74
C LYS J 339 5.67 -46.36 -40.52
N ASN J 340 6.60 -45.49 -40.15
CA ASN J 340 7.99 -45.89 -39.94
C ASN J 340 8.58 -45.28 -38.68
N ASP J 341 9.69 -45.85 -38.21
CA ASP J 341 10.41 -45.28 -37.08
C ASP J 341 11.32 -44.17 -37.57
N PRO J 342 11.98 -43.47 -36.65
CA PRO J 342 12.89 -42.39 -37.05
C PRO J 342 14.05 -42.87 -37.94
N LEU J 343 14.21 -44.18 -38.12
CA LEU J 343 15.24 -44.71 -39.00
C LEU J 343 14.65 -45.25 -40.30
N GLY J 344 13.33 -45.11 -40.44
CA GLY J 344 12.65 -45.49 -41.67
C GLY J 344 12.33 -46.97 -41.82
N ASN J 345 12.08 -47.64 -40.70
CA ASN J 345 11.71 -49.05 -40.74
C ASN J 345 10.20 -49.23 -40.65
N ALA J 346 9.72 -50.30 -41.28
CA ALA J 346 8.29 -50.60 -41.28
C ALA J 346 7.80 -50.92 -39.87
N VAL J 347 6.91 -50.08 -39.35
CA VAL J 347 6.26 -50.35 -38.09
C VAL J 347 4.96 -51.08 -38.33
N ASP J 348 4.90 -52.34 -37.90
CA ASP J 348 3.75 -53.21 -38.12
C ASP J 348 2.43 -52.62 -37.60
N ARG J 349 1.33 -53.20 -38.06
CA ARG J 349 -0.01 -52.76 -37.66
C ARG J 349 -0.30 -53.14 -36.20
N LYS J 350 0.36 -54.20 -35.73
CA LYS J 350 0.09 -54.72 -34.39
C LYS J 350 1.14 -54.27 -33.37
N HIS J 351 2.01 -53.35 -33.79
CA HIS J 351 3.00 -52.77 -32.88
C HIS J 351 2.35 -51.73 -31.98
N PRO J 352 2.78 -51.68 -30.71
CA PRO J 352 2.27 -50.77 -29.68
C PRO J 352 2.07 -49.33 -30.14
N TRP J 353 2.80 -48.90 -31.17
CA TRP J 353 2.67 -47.54 -31.70
C TRP J 353 1.37 -47.35 -32.49
N ASN J 354 0.82 -48.45 -33.01
CA ASN J 354 -0.36 -48.38 -33.87
C ASN J 354 -1.62 -48.95 -33.24
N GLN J 355 -1.47 -49.60 -32.10
CA GLN J 355 -2.57 -50.28 -31.44
C GLN J 355 -3.69 -49.32 -31.02
N THR J 356 -4.91 -49.83 -31.05
CA THR J 356 -6.03 -49.10 -30.49
C THR J 356 -6.82 -50.05 -29.58
N THR J 357 -7.11 -49.57 -28.38
CA THR J 357 -7.79 -50.39 -27.38
C THR J 357 -9.29 -50.24 -27.50
N LEU J 358 -9.94 -51.31 -27.92
CA LEU J 358 -11.38 -51.32 -28.07
C LEU J 358 -11.99 -52.36 -27.14
N PRO J 359 -12.23 -51.98 -25.86
CA PRO J 359 -12.73 -52.89 -24.83
C PRO J 359 -14.12 -53.44 -25.14
N ARG J 360 -14.28 -54.75 -24.94
CA ARG J 360 -15.52 -55.43 -25.23
C ARG J 360 -15.92 -56.36 -24.10
N PRO J 361 -16.44 -55.80 -23.00
CA PRO J 361 -16.94 -56.51 -21.83
C PRO J 361 -17.87 -57.65 -22.21
N GLN J 362 -17.78 -58.78 -21.50
CA GLN J 362 -18.55 -59.97 -21.85
C GLN J 362 -18.44 -61.08 -20.79
N LYS J 363 -19.29 -62.09 -20.87
CA LYS J 363 -19.17 -63.25 -19.99
C LYS J 363 -17.81 -63.91 -20.19
N ARG J 364 -17.22 -64.43 -19.13
CA ARG J 364 -15.95 -65.15 -19.24
C ARG J 364 -16.17 -66.49 -19.92
N ASN J 365 -15.33 -66.83 -20.90
CA ASN J 365 -15.42 -68.11 -21.60
C ASN J 365 -14.04 -68.66 -21.95
N PHE J 366 -13.60 -69.68 -21.22
CA PHE J 366 -12.25 -70.22 -21.42
C PHE J 366 -12.15 -70.93 -22.77
N GLY J 367 -13.29 -71.05 -23.43
CA GLY J 367 -13.34 -71.56 -24.80
C GLY J 367 -13.31 -70.42 -25.80
N GLY J 368 -13.40 -69.19 -25.30
CA GLY J 368 -13.35 -68.01 -26.14
C GLY J 368 -12.49 -66.91 -25.53
N ASN J 369 -13.12 -65.81 -25.16
CA ASN J 369 -12.45 -64.72 -24.45
C ASN J 369 -12.67 -64.83 -22.94
N TYR J 370 -11.60 -64.81 -22.16
CA TYR J 370 -11.74 -65.03 -20.73
C TYR J 370 -10.88 -64.12 -19.87
N THR J 371 -10.31 -63.08 -20.45
CA THR J 371 -9.46 -62.20 -19.66
C THR J 371 -9.31 -60.80 -20.26
N TRP J 372 -8.93 -59.84 -19.42
CA TRP J 372 -8.67 -58.48 -19.85
C TRP J 372 -7.22 -58.28 -20.33
N VAL J 373 -6.37 -59.28 -20.12
CA VAL J 373 -4.98 -59.19 -20.56
C VAL J 373 -4.86 -59.54 -22.04
N MET J 374 -4.03 -58.81 -22.76
CA MET J 374 -3.79 -59.09 -24.18
C MET J 374 -2.61 -60.03 -24.34
N SER J 375 -2.19 -60.28 -25.57
CA SER J 375 -1.13 -61.26 -25.83
C SER J 375 0.07 -60.71 -26.61
N PRO J 376 0.93 -59.93 -25.95
CA PRO J 376 2.13 -59.49 -26.66
C PRO J 376 3.04 -60.68 -26.96
N ARG J 377 3.63 -60.68 -28.15
CA ARG J 377 4.53 -61.76 -28.54
C ARG J 377 5.72 -61.14 -29.24
N TRP J 378 6.77 -61.94 -29.46
CA TRP J 378 7.95 -61.45 -30.17
C TRP J 378 8.18 -62.22 -31.46
N LEU J 379 8.42 -61.49 -32.55
CA LEU J 379 8.55 -62.11 -33.86
C LEU J 379 9.97 -62.60 -34.10
N ASP J 380 10.14 -63.92 -34.11
CA ASP J 380 11.42 -64.54 -34.40
C ASP J 380 11.58 -64.74 -35.90
N LYS J 381 12.24 -63.78 -36.57
CA LYS J 381 12.36 -63.80 -38.02
C LYS J 381 13.14 -65.00 -38.56
N ARG J 382 13.85 -65.69 -37.68
CA ARG J 382 14.58 -66.89 -38.07
C ARG J 382 13.60 -68.00 -38.46
N THR J 383 12.34 -67.85 -38.04
CA THR J 383 11.32 -68.86 -38.27
C THR J 383 9.96 -68.25 -38.62
N GLY J 384 9.65 -67.12 -38.00
CA GLY J 384 8.37 -66.47 -38.21
C GLY J 384 7.42 -66.70 -37.05
N ASP J 385 7.82 -67.58 -36.13
CA ASP J 385 7.00 -67.87 -34.95
C ASP J 385 6.83 -66.62 -34.10
N HIS J 386 5.61 -66.39 -33.63
CA HIS J 386 5.37 -65.31 -32.66
C HIS J 386 5.63 -65.86 -31.26
N LEU J 387 6.84 -65.64 -30.76
CA LEU J 387 7.30 -66.23 -29.50
C LEU J 387 6.66 -65.59 -28.27
N ALA J 388 6.17 -66.43 -27.36
CA ALA J 388 5.66 -65.95 -26.10
C ALA J 388 6.81 -65.80 -25.11
N LEU J 389 7.46 -64.64 -25.14
CA LEU J 389 8.57 -64.38 -24.25
C LEU J 389 8.09 -64.14 -22.84
N ASP J 390 8.81 -64.69 -21.86
CA ASP J 390 8.59 -64.35 -20.45
C ASP J 390 9.82 -63.60 -19.95
N THR J 391 9.80 -63.26 -18.66
CA THR J 391 10.94 -62.57 -18.07
C THR J 391 11.34 -63.19 -16.73
N GLY J 392 10.74 -64.34 -16.40
CA GLY J 392 10.84 -64.85 -15.05
C GLY J 392 10.28 -63.77 -14.15
N GLY J 393 10.75 -63.69 -12.91
CA GLY J 393 10.31 -62.61 -12.04
C GLY J 393 10.89 -61.28 -12.50
N GLY J 394 11.72 -61.33 -13.53
CA GLY J 394 12.50 -60.17 -13.96
C GLY J 394 13.99 -60.45 -13.91
N PRO J 395 14.56 -60.67 -12.71
CA PRO J 395 15.99 -60.90 -12.49
C PRO J 395 16.61 -61.95 -13.40
N ILE J 396 15.95 -63.09 -13.57
CA ILE J 396 16.51 -64.14 -14.38
C ILE J 396 16.68 -63.70 -15.84
N ALA J 397 15.87 -62.74 -16.28
CA ALA J 397 15.96 -62.26 -17.65
C ALA J 397 17.17 -61.34 -17.79
N ARG J 398 17.30 -60.42 -16.83
CA ARG J 398 18.41 -59.48 -16.81
C ARG J 398 19.75 -60.18 -16.65
N LEU J 399 19.81 -61.14 -15.72
CA LEU J 399 21.06 -61.84 -15.43
C LEU J 399 21.49 -62.74 -16.59
N TRP J 400 20.52 -63.32 -17.29
CA TRP J 400 20.84 -64.21 -18.41
C TRP J 400 21.35 -63.45 -19.63
N ALA J 401 20.70 -62.35 -19.96
CA ALA J 401 21.10 -61.50 -21.08
C ALA J 401 22.42 -60.79 -20.79
N THR J 402 22.52 -60.24 -19.58
CA THR J 402 23.71 -59.51 -19.18
C THR J 402 24.89 -60.44 -19.03
N ALA J 403 24.61 -61.70 -18.70
CA ALA J 403 25.66 -62.71 -18.55
C ALA J 403 26.23 -63.13 -19.90
N LEU J 404 25.36 -63.21 -20.90
CA LEU J 404 25.75 -63.72 -22.22
C LEU J 404 26.44 -62.67 -23.09
N ALA J 405 26.08 -61.40 -22.91
CA ALA J 405 26.57 -60.34 -23.78
C ALA J 405 28.00 -59.92 -23.45
N GLY J 406 28.39 -60.07 -22.19
CA GLY J 406 29.72 -59.69 -21.75
C GLY J 406 29.99 -58.20 -21.83
N LEU J 407 28.95 -57.41 -22.06
CA LEU J 407 29.08 -55.98 -22.27
C LEU J 407 29.27 -55.16 -20.98
N VAL J 408 28.65 -55.60 -19.89
CA VAL J 408 28.65 -54.81 -18.66
C VAL J 408 29.93 -54.97 -17.85
N ASP J 409 30.49 -53.83 -17.43
CA ASP J 409 31.70 -53.80 -16.61
C ASP J 409 31.82 -52.44 -15.92
N ILE J 410 31.49 -52.41 -14.64
CA ILE J 410 31.65 -51.22 -13.81
C ILE J 410 32.41 -51.58 -12.54
N GLY J 411 33.12 -52.69 -12.56
CA GLY J 411 33.87 -53.16 -11.42
C GLY J 411 32.99 -53.98 -10.49
N TYR J 412 32.05 -53.32 -9.83
CA TYR J 412 31.07 -53.97 -8.98
C TYR J 412 30.22 -54.98 -9.75
N ILE J 413 30.08 -54.76 -11.05
CA ILE J 413 29.34 -55.64 -11.92
C ILE J 413 30.21 -56.01 -13.11
N LYS J 414 30.42 -57.30 -13.32
CA LYS J 414 31.25 -57.75 -14.43
C LYS J 414 30.62 -58.95 -15.12
N SER J 415 30.54 -58.89 -16.44
CA SER J 415 29.94 -59.96 -17.22
C SER J 415 31.03 -60.85 -17.83
N THR J 416 30.94 -62.15 -17.57
CA THR J 416 32.00 -63.07 -17.96
C THR J 416 31.68 -63.84 -19.23
N GLY J 417 30.53 -63.54 -19.82
CA GLY J 417 30.12 -64.21 -21.04
C GLY J 417 29.40 -65.51 -20.76
N HIS J 418 29.24 -65.83 -19.48
CA HIS J 418 28.55 -67.05 -19.07
C HIS J 418 28.09 -66.93 -17.63
N SER J 419 28.22 -65.72 -17.09
CA SER J 419 27.80 -65.43 -15.72
C SER J 419 27.94 -63.94 -15.40
N VAL J 420 27.44 -63.55 -14.23
CA VAL J 420 27.62 -62.19 -13.74
C VAL J 420 28.33 -62.21 -12.40
N LYS J 421 29.48 -61.55 -12.33
CA LYS J 421 30.21 -61.46 -11.08
C LYS J 421 29.78 -60.21 -10.35
N ILE J 422 29.20 -60.41 -9.17
CA ILE J 422 28.71 -59.31 -8.36
C ILE J 422 29.55 -59.14 -7.11
N TYR J 423 30.16 -57.98 -6.96
CA TYR J 423 31.07 -57.73 -5.85
C TYR J 423 30.53 -56.77 -4.82
N LEU J 424 30.43 -57.23 -3.57
CA LEU J 424 30.07 -56.36 -2.47
C LEU J 424 31.28 -56.14 -1.56
N PRO J 425 31.65 -54.87 -1.35
CA PRO J 425 32.83 -54.46 -0.57
C PRO J 425 32.72 -54.75 0.93
N ARG J 426 33.79 -54.49 1.66
CA ARG J 426 33.80 -54.68 3.10
C ARG J 426 32.80 -53.75 3.80
N THR J 427 32.05 -54.30 4.73
CA THR J 427 31.09 -53.53 5.52
C THR J 427 31.54 -53.49 6.98
N ALA J 428 30.68 -52.98 7.87
CA ALA J 428 31.05 -52.81 9.28
C ALA J 428 31.43 -54.13 9.97
N LEU J 429 30.61 -55.16 9.80
CA LEU J 429 30.79 -56.40 10.55
C LEU J 429 31.27 -57.56 9.69
N LYS J 430 31.30 -57.37 8.38
CA LYS J 430 31.66 -58.46 7.48
C LYS J 430 32.53 -58.01 6.32
N PRO J 431 33.43 -58.89 5.85
CA PRO J 431 34.38 -58.65 4.76
C PRO J 431 33.75 -58.77 3.37
N GLU J 432 34.48 -58.38 2.34
CA GLU J 432 33.93 -58.31 0.98
C GLU J 432 33.38 -59.65 0.52
N ALA J 433 32.64 -59.64 -0.58
CA ALA J 433 31.95 -60.84 -1.03
C ALA J 433 31.70 -60.82 -2.53
N GLU J 434 32.09 -61.90 -3.20
CA GLU J 434 31.78 -62.05 -4.62
C GLU J 434 30.60 -63.00 -4.76
N PHE J 435 29.59 -62.56 -5.49
CA PHE J 435 28.37 -63.35 -5.67
C PHE J 435 28.14 -63.70 -7.13
N GLU J 436 28.94 -64.63 -7.65
CA GLU J 436 28.83 -65.02 -9.06
C GLU J 436 27.56 -65.81 -9.34
N TRP J 437 26.61 -65.16 -10.01
CA TRP J 437 25.43 -65.87 -10.50
C TRP J 437 25.78 -66.58 -11.79
N LYS J 438 25.71 -67.90 -11.78
CA LYS J 438 26.03 -68.68 -12.97
C LYS J 438 24.76 -69.01 -13.74
N ILE J 439 24.89 -69.14 -15.06
CA ILE J 439 23.73 -69.44 -15.89
C ILE J 439 23.15 -70.79 -15.51
N PRO J 440 21.86 -70.81 -15.18
CA PRO J 440 21.15 -71.99 -14.69
C PRO J 440 20.91 -72.98 -15.82
N MET J 441 20.45 -74.17 -15.47
CA MET J 441 20.21 -75.23 -16.44
C MET J 441 18.79 -75.15 -16.99
N TRP J 442 17.87 -74.65 -16.18
CA TRP J 442 16.45 -74.61 -16.55
C TRP J 442 15.85 -73.24 -16.31
N SER J 443 14.86 -72.88 -17.12
CA SER J 443 14.02 -71.73 -16.82
C SER J 443 12.83 -72.22 -16.00
N ASN J 444 13.07 -72.45 -14.71
CA ASN J 444 12.03 -73.01 -13.84
C ASN J 444 11.73 -72.09 -12.67
N ALA J 445 10.75 -72.48 -11.87
CA ALA J 445 10.30 -71.66 -10.75
C ALA J 445 11.41 -71.36 -9.76
N ILE J 446 12.19 -72.36 -9.40
CA ILE J 446 13.19 -72.19 -8.36
C ILE J 446 14.35 -71.33 -8.84
N GLU J 447 14.69 -71.40 -10.12
CA GLU J 447 15.78 -70.60 -10.65
C GLU J 447 15.39 -69.13 -10.75
N ARG J 448 14.13 -68.87 -11.09
CA ARG J 448 13.62 -67.51 -11.16
C ARG J 448 13.66 -66.87 -9.79
N ASP J 449 13.43 -67.69 -8.76
CA ASP J 449 13.42 -67.21 -7.38
C ASP J 449 14.84 -67.01 -6.87
N ARG J 450 15.79 -67.75 -7.44
CA ARG J 450 17.19 -67.58 -7.08
C ARG J 450 17.77 -66.33 -7.78
N ALA J 451 17.37 -66.12 -9.02
CA ALA J 451 17.84 -64.95 -9.77
C ALA J 451 17.41 -63.65 -9.10
N ARG J 452 16.27 -63.71 -8.41
CA ARG J 452 15.71 -62.53 -7.75
C ARG J 452 16.49 -62.15 -6.50
N THR J 453 17.06 -63.13 -5.81
CA THR J 453 17.86 -62.84 -4.64
C THR J 453 19.21 -62.29 -5.07
N TYR J 454 19.71 -62.77 -6.20
CA TYR J 454 21.00 -62.30 -6.70
C TYR J 454 20.92 -60.86 -7.20
N PHE J 455 19.85 -60.53 -7.93
CA PHE J 455 19.72 -59.20 -8.48
C PHE J 455 19.61 -58.15 -7.38
N GLN J 456 19.10 -58.56 -6.21
CA GLN J 456 19.07 -57.66 -5.06
C GLN J 456 20.50 -57.17 -4.78
N ALA J 457 21.46 -58.09 -4.88
CA ALA J 457 22.86 -57.75 -4.70
C ALA J 457 23.40 -57.00 -5.92
N TYR J 458 22.89 -57.35 -7.10
CA TYR J 458 23.31 -56.70 -8.35
C TYR J 458 23.07 -55.20 -8.30
N SER J 459 21.85 -54.81 -7.91
CA SER J 459 21.45 -53.41 -7.94
C SER J 459 21.97 -52.66 -6.73
N ALA J 460 22.34 -53.39 -5.69
CA ALA J 460 23.00 -52.78 -4.55
C ALA J 460 24.44 -52.45 -4.94
N ALA J 461 25.08 -53.37 -5.66
CA ALA J 461 26.44 -53.16 -6.13
C ALA J 461 26.50 -51.99 -7.10
N ALA J 462 25.62 -52.01 -8.10
CA ALA J 462 25.52 -50.93 -9.07
C ALA J 462 25.28 -49.57 -8.39
N ALA J 463 24.46 -49.56 -7.35
CA ALA J 463 24.18 -48.32 -6.62
C ALA J 463 25.47 -47.71 -6.06
N LEU J 464 26.34 -48.57 -5.56
CA LEU J 464 27.67 -48.14 -5.13
C LEU J 464 28.36 -47.37 -6.24
N TYR J 465 28.30 -47.91 -7.45
CA TYR J 465 28.88 -47.28 -8.63
C TYR J 465 28.19 -45.96 -8.97
N PHE J 466 26.85 -45.97 -8.98
CA PHE J 466 26.08 -44.78 -9.34
C PHE J 466 26.37 -43.62 -8.40
N ALA J 467 26.42 -43.91 -7.10
CA ALA J 467 26.71 -42.87 -6.11
C ALA J 467 28.11 -42.31 -6.35
N GLU J 468 29.02 -43.15 -6.83
CA GLU J 468 30.36 -42.69 -7.19
C GLU J 468 30.24 -41.65 -8.30
N GLN J 469 29.42 -41.95 -9.30
CA GLN J 469 29.21 -41.06 -10.44
C GLN J 469 28.57 -39.75 -10.02
N ALA J 470 27.55 -39.84 -9.17
CA ALA J 470 26.82 -38.66 -8.72
C ALA J 470 27.69 -37.74 -7.90
N LEU J 471 28.39 -38.31 -6.93
CA LEU J 471 29.27 -37.53 -6.07
C LEU J 471 30.33 -36.78 -6.88
N ALA J 472 30.77 -37.39 -7.98
CA ALA J 472 31.71 -36.75 -8.88
C ALA J 472 31.13 -35.48 -9.48
N GLU J 473 29.94 -35.60 -10.06
CA GLU J 473 29.24 -34.46 -10.65
C GLU J 473 29.00 -33.37 -9.61
N LEU J 474 28.69 -33.78 -8.38
CA LEU J 474 28.48 -32.82 -7.31
C LEU J 474 29.74 -32.04 -7.01
N HIS J 475 30.76 -32.73 -6.53
CA HIS J 475 32.05 -32.13 -6.21
C HIS J 475 32.65 -31.31 -7.36
N ALA J 476 32.17 -31.54 -8.58
CA ALA J 476 32.69 -30.82 -9.76
C ALA J 476 31.82 -29.62 -10.14
N GLY J 477 30.72 -29.41 -9.41
CA GLY J 477 29.89 -28.23 -9.61
C GLY J 477 28.64 -28.38 -10.46
N ARG J 478 28.60 -29.41 -11.31
CA ARG J 478 27.45 -29.62 -12.19
C ARG J 478 26.19 -30.07 -11.43
N THR J 479 25.50 -29.14 -10.79
CA THR J 479 24.34 -29.51 -9.99
C THR J 479 23.01 -29.11 -10.63
N ARG J 480 23.04 -28.56 -11.84
CA ARG J 480 21.80 -28.34 -12.57
C ARG J 480 21.16 -29.71 -12.81
N THR J 481 19.87 -29.83 -12.50
CA THR J 481 19.21 -31.13 -12.63
C THR J 481 18.09 -31.16 -13.66
N PHE J 482 17.86 -30.05 -14.38
CA PHE J 482 16.75 -29.96 -15.32
C PHE J 482 17.10 -29.24 -16.63
N THR J 483 16.76 -29.88 -17.73
CA THR J 483 16.96 -29.32 -19.06
C THR J 483 15.62 -28.88 -19.64
N ASP J 484 15.49 -27.60 -19.91
CA ASP J 484 14.23 -27.05 -20.39
C ASP J 484 13.93 -27.53 -21.81
N PHE J 485 12.65 -27.68 -22.12
CA PHE J 485 12.22 -28.29 -23.37
C PHE J 485 10.97 -27.64 -23.91
N LYS J 486 10.59 -28.01 -25.13
CA LYS J 486 9.35 -27.55 -25.74
C LYS J 486 8.58 -28.73 -26.31
N VAL J 487 7.31 -28.82 -25.95
CA VAL J 487 6.43 -29.86 -26.48
C VAL J 487 6.13 -29.65 -27.95
N PRO J 488 6.55 -30.60 -28.80
CA PRO J 488 6.33 -30.51 -30.25
C PRO J 488 4.84 -30.65 -30.59
N ASP J 489 4.48 -30.43 -31.84
CA ASP J 489 3.10 -30.59 -32.24
C ASP J 489 2.87 -32.02 -32.72
N GLU J 490 3.88 -32.57 -33.36
CA GLU J 490 3.81 -33.95 -33.84
C GLU J 490 5.13 -34.68 -33.59
N ALA J 491 5.07 -35.73 -32.77
CA ALA J 491 6.26 -36.47 -32.41
C ALA J 491 5.95 -37.91 -32.02
N ILE J 492 6.97 -38.75 -32.05
CA ILE J 492 6.87 -40.12 -31.55
C ILE J 492 8.10 -40.45 -30.72
N GLY J 493 7.85 -40.87 -29.48
CA GLY J 493 8.92 -41.33 -28.61
C GLY J 493 8.57 -42.65 -27.98
N CYS J 494 9.58 -43.49 -27.77
CA CYS J 494 9.37 -44.70 -27.00
C CYS J 494 10.30 -44.67 -25.79
N GLY J 495 10.08 -45.59 -24.85
CA GLY J 495 10.90 -45.69 -23.66
C GLY J 495 11.14 -47.14 -23.32
N PHE J 496 12.41 -47.52 -23.21
CA PHE J 496 12.72 -48.90 -22.85
C PHE J 496 13.46 -48.97 -21.54
N HIS J 497 12.86 -49.70 -20.59
CA HIS J 497 13.33 -49.75 -19.23
C HIS J 497 12.99 -51.12 -18.65
N GLU J 498 13.89 -51.67 -17.83
CA GLU J 498 13.60 -52.92 -17.16
C GLU J 498 12.92 -52.64 -15.82
N ALA J 499 11.68 -53.07 -15.69
CA ALA J 499 10.95 -52.87 -14.44
C ALA J 499 11.36 -53.94 -13.43
N VAL J 500 10.83 -53.83 -12.23
CA VAL J 500 11.13 -54.80 -11.18
C VAL J 500 10.82 -56.24 -11.59
N ARG J 501 9.94 -56.40 -12.57
CA ARG J 501 9.47 -57.72 -12.97
C ARG J 501 9.83 -58.06 -14.41
N GLY J 502 10.52 -57.15 -15.08
CA GLY J 502 10.96 -57.40 -16.44
C GLY J 502 10.71 -56.32 -17.47
N VAL J 503 10.62 -56.72 -18.74
CA VAL J 503 10.51 -55.82 -19.88
C VAL J 503 9.40 -54.78 -19.73
N LEU J 504 9.75 -53.51 -19.91
CA LEU J 504 8.80 -52.42 -19.84
C LEU J 504 8.98 -51.46 -21.00
N SER J 505 7.89 -51.19 -21.73
CA SER J 505 7.97 -50.29 -22.86
C SER J 505 6.81 -49.30 -22.85
N HIS J 506 7.13 -48.03 -23.02
CA HIS J 506 6.12 -47.01 -23.25
C HIS J 506 6.23 -46.51 -24.70
N HIS J 507 5.09 -46.35 -25.36
CA HIS J 507 5.08 -45.84 -26.73
C HIS J 507 4.15 -44.64 -26.86
N LEU J 508 4.77 -43.52 -27.20
CA LEU J 508 4.10 -42.23 -27.18
C LEU J 508 3.91 -41.69 -28.57
N VAL J 509 2.75 -41.10 -28.82
CA VAL J 509 2.46 -40.42 -30.08
C VAL J 509 1.80 -39.06 -29.80
N ILE J 510 2.34 -38.00 -30.38
CA ILE J 510 1.85 -36.65 -30.13
C ILE J 510 1.28 -36.00 -31.37
N ARG J 511 0.02 -35.56 -31.29
CA ARG J 511 -0.61 -34.83 -32.38
C ARG J 511 -1.29 -33.57 -31.85
N ASP J 512 -0.94 -32.42 -32.43
CA ASP J 512 -1.42 -31.13 -31.94
C ASP J 512 -0.97 -30.87 -30.50
N GLY J 513 0.21 -31.37 -30.16
CA GLY J 513 0.76 -31.15 -28.83
C GLY J 513 -0.05 -31.82 -27.73
N LYS J 514 -0.70 -32.92 -28.07
CA LYS J 514 -1.47 -33.69 -27.10
C LYS J 514 -1.25 -35.18 -27.33
N ILE J 515 -1.61 -36.00 -26.35
CA ILE J 515 -1.38 -37.43 -26.47
C ILE J 515 -2.30 -38.03 -27.52
N ALA J 516 -1.71 -38.61 -28.56
CA ALA J 516 -2.50 -39.25 -29.60
C ALA J 516 -2.68 -40.73 -29.28
N ASN J 517 -1.56 -41.44 -29.17
CA ASN J 517 -1.56 -42.84 -28.79
C ASN J 517 -0.59 -43.00 -27.62
N TYR J 518 -0.97 -43.79 -26.62
CA TYR J 518 -0.05 -44.08 -25.53
C TYR J 518 -0.23 -45.50 -25.02
N HIS J 519 0.79 -46.33 -25.18
CA HIS J 519 0.67 -47.73 -24.82
C HIS J 519 1.85 -48.26 -24.02
N PRO J 520 1.66 -48.39 -22.70
CA PRO J 520 2.67 -48.95 -21.82
C PRO J 520 2.60 -50.47 -21.81
N TYR J 521 3.71 -51.15 -22.08
CA TYR J 521 3.70 -52.60 -21.99
C TYR J 521 4.75 -53.12 -21.01
N PRO J 522 4.37 -53.22 -19.74
CA PRO J 522 5.12 -53.89 -18.67
C PRO J 522 5.25 -55.40 -18.94
N PRO J 523 6.00 -56.11 -18.09
CA PRO J 523 6.27 -57.54 -18.29
C PRO J 523 5.11 -58.48 -17.95
N THR J 524 4.27 -58.12 -16.98
CA THR J 524 3.17 -59.01 -16.59
C THR J 524 2.24 -59.29 -17.77
N PRO J 525 1.91 -58.27 -18.58
CA PRO J 525 1.10 -58.52 -19.78
C PRO J 525 1.73 -59.60 -20.66
N TRP J 526 3.05 -59.67 -20.67
CA TRP J 526 3.76 -60.69 -21.44
C TRP J 526 3.55 -62.06 -20.80
N ASN J 527 3.77 -62.15 -19.50
CA ASN J 527 3.78 -63.42 -18.78
C ASN J 527 2.39 -63.99 -18.54
N ALA J 528 1.40 -63.13 -18.34
CA ALA J 528 0.06 -63.56 -17.97
C ALA J 528 -0.87 -63.57 -19.18
N SER J 529 -0.30 -63.30 -20.35
CA SER J 529 -1.08 -63.28 -21.58
C SER J 529 -1.72 -64.64 -21.81
N PRO J 530 -3.00 -64.64 -22.25
CA PRO J 530 -3.70 -65.87 -22.58
C PRO J 530 -3.30 -66.36 -23.97
N ARG J 531 -4.00 -67.37 -24.46
CA ARG J 531 -3.71 -67.95 -25.77
C ARG J 531 -4.02 -66.96 -26.88
N ASP J 532 -3.12 -66.85 -27.85
CA ASP J 532 -3.25 -65.90 -28.95
C ASP J 532 -3.94 -66.50 -30.18
N ILE J 533 -3.92 -65.75 -31.27
CA ILE J 533 -4.61 -66.16 -32.49
C ILE J 533 -3.92 -67.31 -33.20
N TYR J 534 -2.88 -67.87 -32.59
CA TYR J 534 -2.16 -69.00 -33.18
C TYR J 534 -2.14 -70.17 -32.22
N GLY J 535 -2.94 -70.10 -31.16
CA GLY J 535 -3.07 -71.20 -30.22
C GLY J 535 -2.01 -71.27 -29.15
N THR J 536 -0.89 -70.58 -29.34
CA THR J 536 0.19 -70.62 -28.35
C THR J 536 -0.27 -70.03 -27.01
N PRO J 537 -0.01 -70.75 -25.91
CA PRO J 537 -0.38 -70.30 -24.57
C PRO J 537 0.64 -69.32 -23.98
N GLY J 538 0.26 -68.63 -22.91
CA GLY J 538 1.15 -67.68 -22.26
C GLY J 538 2.09 -68.36 -21.29
N PRO J 539 3.11 -67.62 -20.82
CA PRO J 539 4.14 -68.08 -19.88
C PRO J 539 3.56 -68.77 -18.64
N TYR J 540 2.65 -68.11 -17.93
CA TYR J 540 1.93 -68.73 -16.82
C TYR J 540 1.35 -70.08 -17.22
N GLU J 541 0.39 -70.05 -18.14
CA GLU J 541 -0.35 -71.24 -18.56
C GLU J 541 0.58 -72.34 -19.02
N ASP J 542 1.64 -71.97 -19.73
CA ASP J 542 2.62 -72.91 -20.22
C ASP J 542 3.44 -73.52 -19.07
N ALA J 543 3.95 -72.66 -18.19
CA ALA J 543 4.74 -73.13 -17.05
C ALA J 543 3.93 -74.04 -16.14
N VAL J 544 2.65 -73.72 -15.97
CA VAL J 544 1.79 -74.49 -15.09
C VAL J 544 1.46 -75.86 -15.68
N GLN J 545 1.31 -75.94 -17.00
CA GLN J 545 0.98 -77.21 -17.64
C GLN J 545 2.18 -78.16 -17.64
N ASN J 546 3.36 -77.61 -17.38
CA ASN J 546 4.58 -78.40 -17.30
C ASN J 546 4.93 -78.78 -15.87
N THR J 547 4.15 -78.27 -14.93
CA THR J 547 4.41 -78.50 -13.52
C THR J 547 3.78 -79.79 -13.02
N PRO J 548 4.62 -80.71 -12.52
CA PRO J 548 4.19 -81.94 -11.86
C PRO J 548 3.80 -81.69 -10.41
N ILE J 549 2.89 -82.51 -9.88
CA ILE J 549 2.32 -82.29 -8.55
C ILE J 549 3.03 -83.08 -7.46
N PHE J 550 3.87 -82.39 -6.69
CA PHE J 550 4.64 -83.02 -5.63
C PHE J 550 3.94 -82.99 -4.28
N GLU J 551 2.73 -82.45 -4.24
CA GLU J 551 1.97 -82.34 -3.00
C GLU J 551 1.48 -83.71 -2.51
N GLU J 552 1.54 -83.90 -1.20
CA GLU J 552 1.10 -85.14 -0.55
C GLU J 552 -0.37 -85.05 -0.16
N ASN J 553 -1.12 -84.18 -0.85
CA ASN J 553 -2.53 -83.99 -0.53
C ASN J 553 -3.47 -84.64 -1.53
N GLY J 554 -4.58 -85.19 -1.01
CA GLY J 554 -5.65 -85.66 -1.85
C GLY J 554 -6.51 -84.47 -2.24
N PRO J 555 -7.47 -84.68 -3.14
CA PRO J 555 -8.29 -83.62 -3.72
C PRO J 555 -8.98 -82.71 -2.70
N GLU J 556 -9.15 -83.18 -1.46
CA GLU J 556 -9.85 -82.40 -0.45
C GLU J 556 -8.93 -81.46 0.32
N LYS J 557 -7.73 -81.92 0.62
CA LYS J 557 -6.75 -81.13 1.36
C LYS J 557 -5.75 -80.43 0.42
N PHE J 558 -5.95 -80.62 -0.87
CA PHE J 558 -5.07 -80.08 -1.90
C PHE J 558 -5.12 -78.57 -1.99
N LYS J 559 -3.96 -77.92 -1.88
CA LYS J 559 -3.85 -76.47 -2.00
C LYS J 559 -3.20 -76.07 -3.32
N GLY J 560 -2.59 -77.05 -3.99
CA GLY J 560 -1.93 -76.80 -5.26
C GLY J 560 -0.73 -75.91 -5.09
N ILE J 561 0.04 -76.16 -4.05
CA ILE J 561 1.17 -75.32 -3.68
C ILE J 561 2.29 -75.35 -4.74
N ASP J 562 2.25 -76.33 -5.62
CA ASP J 562 3.24 -76.42 -6.70
C ASP J 562 2.88 -75.49 -7.83
N ILE J 563 1.58 -75.34 -8.06
CA ILE J 563 1.06 -74.44 -9.07
C ILE J 563 1.26 -73.00 -8.61
N MET J 564 1.10 -72.77 -7.32
CA MET J 564 1.33 -71.45 -6.75
C MET J 564 2.82 -71.09 -6.81
N ARG J 565 3.69 -72.03 -6.45
CA ARG J 565 5.12 -71.75 -6.47
C ARG J 565 5.61 -71.47 -7.90
N ALA J 566 4.93 -72.06 -8.88
CA ALA J 566 5.30 -71.87 -10.27
C ALA J 566 4.84 -70.50 -10.77
N VAL J 567 3.61 -70.13 -10.41
CA VAL J 567 3.04 -68.88 -10.86
C VAL J 567 3.69 -67.69 -10.15
N ARG J 568 3.82 -67.78 -8.84
CA ARG J 568 4.40 -66.70 -8.06
C ARG J 568 5.91 -66.53 -8.33
N SER J 569 6.48 -67.44 -9.10
CA SER J 569 7.88 -67.31 -9.48
C SER J 569 8.03 -66.24 -10.55
N PHE J 570 6.91 -65.86 -11.16
CA PHE J 570 6.91 -64.82 -12.18
C PHE J 570 6.66 -63.43 -11.59
N ASP J 571 6.35 -63.37 -10.29
CA ASP J 571 6.09 -62.12 -9.59
C ASP J 571 4.90 -61.39 -10.21
N PRO J 572 3.72 -62.02 -10.17
CA PRO J 572 2.55 -61.47 -10.85
C PRO J 572 2.17 -60.09 -10.34
N CYS J 573 1.80 -59.24 -11.28
CA CYS J 573 1.42 -57.86 -10.99
C CYS J 573 0.43 -57.40 -12.05
N LEU J 574 -0.86 -57.61 -11.80
CA LEU J 574 -1.86 -57.46 -12.84
C LEU J 574 -2.45 -56.06 -13.04
N PRO J 575 -2.20 -55.13 -12.09
CA PRO J 575 -2.53 -53.78 -12.51
C PRO J 575 -1.65 -53.37 -13.70
N CYS J 576 -0.39 -53.81 -13.70
CA CYS J 576 0.48 -53.60 -14.86
C CYS J 576 -0.05 -54.46 -16.02
N GLY J 577 -0.45 -55.68 -15.69
CA GLY J 577 -0.84 -56.68 -16.67
C GLY J 577 -1.99 -56.27 -17.58
N VAL J 578 -2.87 -55.42 -17.07
CA VAL J 578 -4.02 -55.01 -17.85
C VAL J 578 -4.02 -53.51 -18.15
N HIS J 579 -3.58 -52.73 -17.16
CA HIS J 579 -3.62 -51.26 -17.19
C HIS J 579 -4.88 -50.71 -17.90
N LEU K 20 4.22 87.19 11.00
CA LEU K 20 4.41 85.75 10.97
C LEU K 20 4.75 85.25 9.57
N VAL K 21 5.55 84.19 9.51
CA VAL K 21 5.95 83.59 8.24
C VAL K 21 5.52 82.13 8.22
N GLU K 22 5.26 81.61 7.03
CA GLU K 22 4.73 80.27 6.87
C GLU K 22 5.83 79.24 6.59
N MET K 23 5.90 78.22 7.44
CA MET K 23 6.93 77.18 7.31
C MET K 23 6.32 75.78 7.47
N ASN K 24 6.70 74.86 6.58
CA ASN K 24 6.20 73.49 6.66
C ASN K 24 7.17 72.46 6.09
N TRP K 25 7.11 71.24 6.62
CA TRP K 25 7.94 70.14 6.15
C TRP K 25 7.10 68.91 5.96
N ASP K 26 6.88 68.53 4.71
CA ASP K 26 6.05 67.36 4.40
C ASP K 26 6.48 66.74 3.08
N PRO K 27 6.87 65.45 3.12
CA PRO K 27 6.87 64.64 4.33
C PRO K 27 8.10 64.86 5.20
N ILE K 28 8.05 64.42 6.46
CA ILE K 28 9.21 64.50 7.34
C ILE K 28 10.08 63.26 7.19
N THR K 29 11.36 63.47 6.93
CA THR K 29 12.30 62.38 6.72
C THR K 29 12.83 61.85 8.05
N ARG K 30 13.49 60.69 7.98
CA ARG K 30 14.10 60.02 9.13
C ARG K 30 13.14 59.82 10.30
N ILE K 31 11.88 59.57 9.96
CA ILE K 31 10.90 59.04 10.90
C ILE K 31 10.30 57.81 10.24
N VAL K 32 9.20 57.31 10.79
CA VAL K 32 8.53 56.16 10.19
C VAL K 32 7.11 56.53 9.74
N GLY K 33 6.80 56.26 8.48
CA GLY K 33 5.49 56.57 7.96
C GLY K 33 5.41 57.97 7.39
N SER K 34 4.20 58.38 7.03
CA SER K 34 3.98 59.69 6.40
C SER K 34 3.56 60.74 7.43
N LEU K 35 4.45 61.69 7.70
CA LEU K 35 4.14 62.81 8.62
C LEU K 35 4.45 64.19 8.03
N GLY K 36 3.66 65.18 8.41
CA GLY K 36 3.87 66.54 7.96
C GLY K 36 3.75 67.58 9.08
N ILE K 37 4.61 68.58 9.08
CA ILE K 37 4.55 69.65 10.07
C ILE K 37 4.40 71.03 9.42
N TYR K 38 3.28 71.69 9.69
CA TYR K 38 3.00 73.03 9.17
C TYR K 38 3.02 74.04 10.33
N THR K 39 3.78 75.11 10.19
CA THR K 39 3.94 76.08 11.30
C THR K 39 3.86 77.54 10.86
N LYS K 40 3.41 78.40 11.78
CA LYS K 40 3.56 79.84 11.65
C LYS K 40 4.66 80.28 12.60
N ILE K 41 5.71 80.88 12.05
CA ILE K 41 6.90 81.20 12.85
C ILE K 41 7.10 82.70 13.05
N ASP K 42 7.69 83.06 14.19
CA ASP K 42 7.93 84.45 14.54
C ASP K 42 9.39 84.85 14.28
N PHE K 43 9.69 85.26 13.05
CA PHE K 43 11.01 85.80 12.72
C PHE K 43 11.10 87.24 13.21
N GLU K 44 12.32 87.75 13.32
CA GLU K 44 12.59 88.95 14.09
C GLU K 44 12.18 88.64 15.54
N ASN K 45 12.36 87.37 15.89
CA ASN K 45 12.03 86.84 17.21
C ASN K 45 12.54 85.40 17.25
N ARG K 46 12.19 84.65 18.30
CA ARG K 46 12.67 83.29 18.41
C ARG K 46 11.56 82.30 18.78
N ARG K 47 10.35 82.82 18.96
CA ARG K 47 9.21 81.98 19.33
C ARG K 47 8.48 81.49 18.08
N VAL K 48 7.73 80.39 18.21
CA VAL K 48 6.91 79.91 17.11
C VAL K 48 5.43 80.15 17.41
N ALA K 49 4.72 80.71 16.43
CA ALA K 49 3.32 81.05 16.61
C ALA K 49 2.48 79.81 16.82
N GLU K 50 2.32 79.03 15.76
CA GLU K 50 1.53 77.80 15.84
C GLU K 50 1.95 76.77 14.80
N CYS K 51 1.65 75.50 15.08
CA CYS K 51 1.97 74.42 14.17
C CYS K 51 0.94 73.30 14.23
N TYR K 52 0.77 72.61 13.10
CA TYR K 52 -0.14 71.47 13.02
C TYR K 52 0.59 70.20 12.58
N SER K 53 0.10 69.04 12.99
CA SER K 53 0.73 67.77 12.61
C SER K 53 -0.28 66.84 11.95
N THR K 54 0.03 66.38 10.74
CA THR K 54 -0.91 65.56 9.98
C THR K 54 -0.27 64.28 9.47
N SER K 55 -1.10 63.23 9.37
CA SER K 55 -0.70 61.98 8.76
C SER K 55 -1.68 61.66 7.65
N SER K 56 -1.17 61.34 6.45
CA SER K 56 -2.00 61.28 5.26
C SER K 56 -2.28 59.86 4.74
N ILE K 57 -1.99 58.85 5.55
CA ILE K 57 -2.16 57.46 5.10
C ILE K 57 -3.09 56.67 6.02
N PHE K 58 -4.00 55.91 5.41
CA PHE K 58 -4.98 55.15 6.18
C PHE K 58 -5.23 53.78 5.59
N ARG K 59 -5.16 52.76 6.43
CA ARG K 59 -5.33 51.38 5.99
C ARG K 59 -6.51 50.72 6.70
N GLY K 60 -6.86 51.24 7.88
CA GLY K 60 -8.05 50.82 8.58
C GLY K 60 -8.07 49.37 8.97
N TYR K 61 -7.18 49.00 9.89
CA TYR K 61 -7.06 47.62 10.35
C TYR K 61 -8.30 47.14 11.09
N SER K 62 -8.88 48.03 11.90
CA SER K 62 -10.04 47.68 12.72
C SER K 62 -11.28 47.43 11.87
N ILE K 63 -11.20 47.76 10.58
CA ILE K 63 -12.30 47.54 9.66
C ILE K 63 -12.23 46.16 8.98
N PHE K 64 -11.10 45.85 8.34
CA PHE K 64 -10.98 44.58 7.61
C PHE K 64 -10.64 43.41 8.55
N MET K 65 -10.41 43.73 9.82
CA MET K 65 -10.16 42.69 10.82
C MET K 65 -11.46 42.10 11.33
N LYS K 66 -12.56 42.81 11.14
CA LYS K 66 -13.86 42.34 11.60
C LYS K 66 -14.26 41.07 10.85
N GLY K 67 -14.61 40.03 11.61
CA GLY K 67 -15.11 38.79 11.04
C GLY K 67 -14.03 37.77 10.76
N LYS K 68 -12.79 38.12 11.10
CA LYS K 68 -11.67 37.21 10.90
C LYS K 68 -11.49 36.31 12.12
N ASP K 69 -10.91 35.12 11.92
CA ASP K 69 -10.62 34.24 13.05
C ASP K 69 -9.63 34.94 13.97
N PRO K 70 -9.91 34.93 15.28
CA PRO K 70 -9.09 35.63 16.29
C PRO K 70 -7.64 35.15 16.34
N ARG K 71 -7.40 33.87 16.05
CA ARG K 71 -6.05 33.32 16.12
C ARG K 71 -5.08 33.95 15.11
N ASP K 72 -5.60 34.80 14.24
CA ASP K 72 -4.76 35.45 13.22
C ASP K 72 -4.45 36.91 13.57
N SER K 73 -4.95 37.35 14.71
CA SER K 73 -4.78 38.73 15.15
C SER K 73 -3.32 39.16 15.19
N HIS K 74 -2.52 38.41 15.93
CA HIS K 74 -1.12 38.76 16.11
C HIS K 74 -0.36 38.74 14.78
N PHE K 75 -0.68 37.77 13.92
CA PHE K 75 -0.13 37.73 12.57
C PHE K 75 -0.48 38.99 11.78
N ILE K 76 -1.77 39.30 11.74
CA ILE K 76 -2.25 40.45 11.00
C ILE K 76 -1.75 41.75 11.61
N THR K 77 -1.96 41.89 12.91
CA THR K 77 -1.64 43.10 13.64
C THR K 77 -0.17 43.51 13.55
N SER K 78 0.71 42.53 13.54
CA SER K 78 2.14 42.79 13.43
C SER K 78 2.45 43.74 12.29
N ARG K 79 1.63 43.66 11.24
CA ARG K 79 1.87 44.40 10.01
C ARG K 79 1.27 45.78 10.05
N ILE K 80 1.00 46.26 11.27
CA ILE K 80 0.62 47.65 11.47
C ILE K 80 1.84 48.55 11.28
N CYS K 81 3.02 48.01 11.57
CA CYS K 81 4.24 48.78 11.46
C CYS K 81 5.49 47.95 11.13
N GLY K 82 6.31 48.47 10.23
CA GLY K 82 7.50 47.75 9.81
C GLY K 82 8.71 47.81 10.75
N ILE K 83 8.64 48.64 11.78
CA ILE K 83 9.76 48.73 12.71
C ILE K 83 9.37 48.19 14.08
N CYS K 84 8.09 48.21 14.42
CA CYS K 84 7.62 47.86 15.77
C CYS K 84 6.53 46.79 15.75
N GLY K 85 6.39 46.10 14.62
CA GLY K 85 5.34 45.11 14.44
C GLY K 85 5.32 44.01 15.48
N ASP K 86 6.50 43.53 15.87
CA ASP K 86 6.58 42.46 16.85
C ASP K 86 5.90 42.88 18.15
N ASN K 87 5.97 44.17 18.46
CA ASN K 87 5.32 44.69 19.66
C ASN K 87 3.81 44.54 19.56
N HIS K 88 3.26 44.74 18.37
CA HIS K 88 1.84 44.54 18.15
C HIS K 88 1.48 43.07 18.29
N ALA K 89 2.25 42.22 17.63
CA ALA K 89 2.08 40.78 17.69
C ALA K 89 2.13 40.28 19.13
N THR K 90 3.11 40.77 19.89
CA THR K 90 3.25 40.36 21.27
C THR K 90 2.10 40.87 22.12
N CYS K 91 1.74 42.13 21.95
CA CYS K 91 0.63 42.70 22.69
C CYS K 91 -0.68 42.01 22.30
N SER K 92 -0.73 41.49 21.08
CA SER K 92 -1.92 40.81 20.57
C SER K 92 -2.08 39.44 21.22
N VAL K 93 -0.98 38.72 21.40
CA VAL K 93 -1.05 37.41 22.02
C VAL K 93 -1.47 37.53 23.47
N TYR K 94 -1.03 38.60 24.13
CA TYR K 94 -1.46 38.89 25.49
C TYR K 94 -2.99 38.97 25.52
N ALA K 95 -3.54 39.73 24.58
CA ALA K 95 -4.98 39.95 24.51
C ALA K 95 -5.74 38.67 24.19
N GLN K 96 -5.12 37.78 23.42
CA GLN K 96 -5.75 36.52 23.07
C GLN K 96 -5.68 35.51 24.23
N ASN K 97 -4.60 35.59 25.01
CA ASN K 97 -4.42 34.68 26.14
C ASN K 97 -5.48 34.96 27.21
N MET K 98 -5.72 36.23 27.47
CA MET K 98 -6.76 36.64 28.41
C MET K 98 -8.14 36.23 27.91
N ALA K 99 -8.29 36.25 26.59
CA ALA K 99 -9.56 35.90 25.95
C ALA K 99 -9.83 34.40 26.01
N TYR K 100 -8.89 33.60 25.51
CA TYR K 100 -9.04 32.15 25.51
C TYR K 100 -8.79 31.57 26.90
N GLY K 101 -8.42 32.44 27.84
CA GLY K 101 -8.16 32.03 29.21
C GLY K 101 -7.09 30.96 29.33
N VAL K 102 -5.91 31.24 28.78
CA VAL K 102 -4.82 30.27 28.77
C VAL K 102 -3.51 30.90 29.20
N LYS K 103 -2.64 30.12 29.84
CA LYS K 103 -1.30 30.59 30.17
C LYS K 103 -0.24 29.76 29.46
N PRO K 104 0.73 30.44 28.86
CA PRO K 104 1.87 29.77 28.24
C PRO K 104 2.88 29.27 29.29
N PRO K 105 3.70 28.27 28.92
CA PRO K 105 4.77 27.80 29.81
C PRO K 105 5.72 28.94 30.14
N PRO K 106 6.26 28.96 31.36
CA PRO K 106 7.12 30.05 31.82
C PRO K 106 8.25 30.31 30.85
N ILE K 107 8.80 29.25 30.24
CA ILE K 107 9.91 29.40 29.32
C ILE K 107 9.51 30.16 28.06
N ALA K 108 8.26 30.00 27.64
CA ALA K 108 7.77 30.71 26.48
C ALA K 108 7.77 32.20 26.75
N ASP K 109 7.35 32.57 27.96
CA ASP K 109 7.29 33.98 28.34
C ASP K 109 8.67 34.61 28.41
N TRP K 110 9.66 33.83 28.84
CA TRP K 110 11.03 34.33 28.88
C TRP K 110 11.55 34.55 27.46
N ILE K 111 11.23 33.63 26.57
CA ILE K 111 11.64 33.74 25.18
C ILE K 111 11.01 34.96 24.52
N ILE K 112 9.77 35.28 24.88
CA ILE K 112 9.12 36.48 24.38
C ILE K 112 9.76 37.72 25.03
N ASN K 113 10.09 37.61 26.31
CA ASN K 113 10.80 38.67 27.02
C ASN K 113 12.19 38.90 26.43
N LEU K 114 12.87 37.81 26.09
CA LEU K 114 14.18 37.90 25.46
C LEU K 114 14.05 38.52 24.07
N GLY K 115 12.93 38.23 23.41
CA GLY K 115 12.70 38.75 22.08
C GLY K 115 12.52 40.26 22.12
N GLU K 116 11.59 40.71 22.95
CA GLU K 116 11.28 42.13 23.05
C GLU K 116 12.51 42.96 23.45
N ALA K 117 13.31 42.43 24.35
CA ALA K 117 14.52 43.14 24.77
C ALA K 117 15.45 43.36 23.59
N ALA K 118 15.52 42.37 22.71
CA ALA K 118 16.35 42.46 21.51
C ALA K 118 15.81 43.57 20.62
N GLU K 119 14.49 43.61 20.48
CA GLU K 119 13.82 44.62 19.66
C GLU K 119 14.09 46.02 20.20
N TYR K 120 14.08 46.16 21.52
CA TYR K 120 14.45 47.42 22.15
C TYR K 120 15.84 47.82 21.72
N MET K 121 16.80 46.91 21.95
CA MET K 121 18.21 47.17 21.68
C MET K 121 18.44 47.51 20.22
N PHE K 122 17.59 46.96 19.36
CA PHE K 122 17.70 47.24 17.93
C PHE K 122 17.11 48.60 17.57
N ASP K 123 15.86 48.81 17.97
CA ASP K 123 15.11 49.98 17.55
C ASP K 123 15.72 51.27 18.09
N HIS K 124 15.91 51.32 19.40
CA HIS K 124 16.52 52.49 20.04
C HIS K 124 17.90 52.78 19.46
N ASN K 125 18.68 51.73 19.20
CA ASN K 125 20.00 51.90 18.64
C ASN K 125 19.99 52.53 17.25
N ILE K 126 19.15 52.02 16.35
CA ILE K 126 19.18 52.47 14.96
C ILE K 126 18.49 53.82 14.77
N PHE K 127 17.39 54.02 15.47
CA PHE K 127 16.66 55.28 15.35
C PHE K 127 17.44 56.44 15.96
N GLN K 128 18.06 56.18 17.09
CA GLN K 128 18.83 57.19 17.79
C GLN K 128 20.05 57.61 16.98
N ASP K 129 20.71 56.65 16.34
CA ASP K 129 22.02 56.91 15.76
C ASP K 129 22.05 56.93 14.24
N ASN K 130 20.88 56.88 13.61
CA ASN K 130 20.84 56.94 12.15
C ASN K 130 19.69 57.81 11.64
N LEU K 131 18.80 58.19 12.55
CA LEU K 131 17.70 59.10 12.23
C LEU K 131 17.76 60.38 13.07
N VAL K 132 17.60 60.23 14.39
CA VAL K 132 17.72 61.38 15.29
C VAL K 132 19.16 61.89 15.33
N GLY K 133 20.09 60.99 15.04
CA GLY K 133 21.51 61.30 15.12
C GLY K 133 22.03 62.27 14.07
N VAL K 134 21.38 62.30 12.91
CA VAL K 134 21.76 63.22 11.84
C VAL K 134 21.36 64.65 12.20
N ASP K 135 20.44 64.78 13.13
CA ASP K 135 20.05 66.10 13.63
C ASP K 135 21.20 66.79 14.37
N PHE K 136 22.12 65.99 14.89
CA PHE K 136 23.28 66.50 15.61
C PHE K 136 24.53 66.29 14.78
N CYS K 137 24.34 65.72 13.60
CA CYS K 137 25.37 65.56 12.59
C CYS K 137 26.24 66.81 12.44
N GLU K 138 27.49 66.63 12.01
CA GLU K 138 28.33 67.77 11.68
C GLU K 138 27.72 68.57 10.53
N GLN K 139 27.20 67.87 9.54
CA GLN K 139 26.56 68.49 8.38
C GLN K 139 25.40 69.36 8.81
N MET K 140 24.52 68.82 9.64
CA MET K 140 23.35 69.54 10.10
C MET K 140 23.74 70.82 10.86
N VAL K 141 24.66 70.69 11.81
CA VAL K 141 25.09 71.83 12.62
C VAL K 141 25.76 72.93 11.80
N ARG K 142 26.54 72.53 10.80
CA ARG K 142 27.26 73.47 9.95
C ARG K 142 26.35 74.13 8.91
N GLU K 143 25.06 73.85 8.98
CA GLU K 143 24.07 74.47 8.10
C GLU K 143 23.05 75.24 8.92
N THR K 144 23.06 75.03 10.24
CA THR K 144 22.06 75.61 11.12
C THR K 144 22.68 76.49 12.20
N ASN K 145 23.89 76.15 12.61
CA ASN K 145 24.59 76.83 13.69
C ASN K 145 26.11 76.81 13.53
N PRO K 146 26.64 77.53 12.53
CA PRO K 146 28.09 77.58 12.30
C PRO K 146 28.87 77.94 13.57
N GLY K 147 28.21 78.66 14.48
CA GLY K 147 28.84 79.12 15.70
C GLY K 147 28.93 78.06 16.77
N VAL K 148 27.94 77.18 16.82
CA VAL K 148 27.95 76.09 17.80
C VAL K 148 28.89 74.96 17.37
N TRP K 149 29.03 74.78 16.06
CA TRP K 149 30.00 73.82 15.54
C TRP K 149 31.43 74.25 15.90
N GLU K 150 31.64 75.56 15.98
CA GLU K 150 32.94 76.12 16.36
C GLU K 150 33.24 75.83 17.82
N LYS K 151 32.23 76.01 18.66
CA LYS K 151 32.34 75.69 20.08
C LYS K 151 32.57 74.20 20.31
N ALA K 152 32.13 73.39 19.35
CA ALA K 152 32.24 71.94 19.47
C ALA K 152 33.61 71.42 19.05
N LYS K 153 34.34 72.22 18.28
CA LYS K 153 35.67 71.81 17.83
C LYS K 153 36.69 71.93 18.97
N THR K 154 36.45 72.86 19.90
CA THR K 154 37.33 73.07 21.03
C THR K 154 36.77 72.46 22.32
N ALA K 155 35.50 72.07 22.28
CA ALA K 155 34.85 71.44 23.42
C ALA K 155 35.26 69.98 23.54
N GLU K 156 36.21 69.71 24.44
CA GLU K 156 36.70 68.36 24.63
C GLU K 156 35.61 67.48 25.23
N ALA K 157 35.75 66.17 25.04
CA ALA K 157 34.79 65.21 25.60
C ALA K 157 35.20 64.78 27.00
N PRO K 158 34.28 64.92 27.96
CA PRO K 158 34.44 64.45 29.35
C PRO K 158 34.85 62.99 29.45
N HIS K 159 34.25 62.12 28.64
CA HIS K 159 34.57 60.70 28.68
C HIS K 159 35.36 60.26 27.44
N ALA K 160 36.36 61.05 27.07
CA ALA K 160 37.15 60.76 25.88
C ALA K 160 37.85 59.40 25.95
N ALA K 161 37.91 58.80 27.13
CA ALA K 161 38.54 57.49 27.28
C ALA K 161 37.55 56.37 26.96
N GLU K 162 36.28 56.73 26.77
CA GLU K 162 35.25 55.75 26.45
C GLU K 162 34.47 56.12 25.19
N HIS K 163 35.17 56.61 24.16
CA HIS K 163 34.51 56.88 22.89
C HIS K 163 35.20 56.17 21.72
N GLY K 164 36.45 56.49 21.44
CA GLY K 164 37.20 57.52 22.15
C GLY K 164 37.44 58.72 21.26
N TYR K 165 36.45 59.61 21.21
CA TYR K 165 36.54 60.84 20.46
C TYR K 165 37.02 61.94 21.38
N ARG K 166 38.06 62.65 20.99
CA ARG K 166 38.65 63.69 21.83
C ARG K 166 37.66 64.82 22.06
N THR K 167 37.23 65.48 20.98
CA THR K 167 36.28 66.58 21.08
C THR K 167 34.87 66.10 20.75
N ILE K 168 33.89 66.92 21.08
CA ILE K 168 32.50 66.61 20.79
C ILE K 168 32.24 66.80 19.30
N ALA K 169 33.15 67.49 18.62
CA ALA K 169 33.06 67.66 17.18
C ALA K 169 33.44 66.37 16.45
N ASP K 170 34.26 65.54 17.08
CA ASP K 170 34.62 64.27 16.50
C ASP K 170 33.41 63.33 16.51
N ILE K 171 32.59 63.50 17.54
CA ILE K 171 31.34 62.76 17.68
C ILE K 171 30.38 63.14 16.56
N MET K 172 30.18 64.44 16.38
CA MET K 172 29.31 64.96 15.33
C MET K 172 29.74 64.47 13.95
N THR K 173 31.05 64.46 13.70
CA THR K 173 31.57 64.05 12.41
C THR K 173 31.35 62.55 12.17
N ALA K 174 31.25 61.80 13.25
CA ALA K 174 31.03 60.36 13.16
C ALA K 174 29.54 60.04 12.95
N LEU K 175 28.69 61.04 13.12
CA LEU K 175 27.25 60.86 12.95
C LEU K 175 26.80 61.22 11.53
N ASN K 176 27.72 61.73 10.72
CA ASN K 176 27.46 62.00 9.31
C ASN K 176 27.04 60.71 8.60
N PRO K 177 25.92 60.76 7.87
CA PRO K 177 25.38 59.58 7.18
C PRO K 177 26.34 58.99 6.15
N PHE K 178 26.57 57.68 6.26
CA PHE K 178 27.34 56.90 5.30
C PHE K 178 28.84 57.26 5.23
N THR K 179 29.21 58.44 5.74
CA THR K 179 30.63 58.79 5.81
C THR K 179 31.13 58.69 7.24
N GLY K 180 30.22 58.86 8.19
CA GLY K 180 30.55 58.74 9.61
C GLY K 180 30.97 57.35 10.03
N GLU K 181 32.03 57.28 10.83
CA GLU K 181 32.53 56.01 11.35
C GLU K 181 31.52 55.39 12.32
N PHE K 182 30.87 56.23 13.11
CA PHE K 182 29.91 55.77 14.11
C PHE K 182 28.57 55.40 13.49
N TYR K 183 28.17 56.15 12.47
CA TYR K 183 26.95 55.86 11.71
C TYR K 183 27.02 54.45 11.13
N ARG K 184 28.15 54.14 10.52
CA ARG K 184 28.34 52.83 9.94
C ARG K 184 28.32 51.77 11.03
N GLU K 185 28.81 52.15 12.20
CA GLU K 185 28.94 51.22 13.32
C GLU K 185 27.58 50.76 13.85
N THR K 186 26.68 51.71 14.05
CA THR K 186 25.35 51.41 14.58
C THR K 186 24.52 50.55 13.62
N LEU K 187 24.78 50.69 12.31
CA LEU K 187 24.13 49.83 11.33
C LEU K 187 24.51 48.39 11.59
N LEU K 188 25.77 48.17 11.98
CA LEU K 188 26.27 46.83 12.23
C LEU K 188 25.65 46.25 13.51
N VAL K 189 25.59 47.06 14.55
CA VAL K 189 24.96 46.65 15.80
C VAL K 189 23.47 46.36 15.56
N SER K 190 22.87 47.08 14.63
CA SER K 190 21.46 46.88 14.34
C SER K 190 21.20 45.51 13.70
N ARG K 191 22.26 44.83 13.27
CA ARG K 191 22.08 43.58 12.54
C ARG K 191 22.23 42.35 13.43
N TYR K 192 23.21 42.34 14.35
CA TYR K 192 23.33 41.21 15.26
C TYR K 192 22.36 41.39 16.42
N THR K 193 21.83 42.60 16.55
CA THR K 193 20.82 42.87 17.55
C THR K 193 19.47 42.32 17.06
N ARG K 194 19.29 42.27 15.74
CA ARG K 194 18.12 41.66 15.14
C ARG K 194 18.28 40.15 15.01
N GLU K 195 19.52 39.70 14.87
CA GLU K 195 19.78 38.27 14.90
C GLU K 195 19.39 37.71 16.25
N MET K 196 19.63 38.49 17.31
CA MET K 196 19.22 38.08 18.64
C MET K 196 17.71 37.91 18.69
N PHE K 197 17.01 38.81 18.02
CA PHE K 197 15.56 38.75 17.91
C PHE K 197 15.10 37.48 17.20
N CYS K 198 15.75 37.18 16.09
CA CYS K 198 15.28 36.11 15.22
C CYS K 198 15.43 34.75 15.88
N LEU K 199 16.42 34.62 16.76
CA LEU K 199 16.64 33.37 17.46
C LEU K 199 15.42 33.06 18.33
N MET K 200 14.77 34.11 18.79
CA MET K 200 13.63 33.95 19.70
C MET K 200 12.30 33.95 18.96
N GLU K 201 12.15 34.85 17.98
CA GLU K 201 10.87 35.06 17.31
C GLU K 201 10.89 34.80 15.80
N GLY K 202 11.95 34.15 15.32
CA GLY K 202 11.96 33.67 13.95
C GLY K 202 12.49 34.63 12.90
N ARG K 203 11.77 35.72 12.68
CA ARG K 203 12.22 36.73 11.73
C ARG K 203 11.73 38.11 12.15
N HIS K 204 12.37 39.14 11.59
CA HIS K 204 12.09 40.52 11.96
C HIS K 204 11.71 41.27 10.70
N VAL K 205 10.74 42.18 10.80
CA VAL K 205 10.18 42.58 12.07
C VAL K 205 8.96 41.75 12.47
N HIS K 206 8.22 41.24 11.49
CA HIS K 206 7.05 40.43 11.80
C HIS K 206 7.47 39.01 12.17
N PRO K 207 7.27 38.65 13.44
CA PRO K 207 7.72 37.35 13.97
C PRO K 207 6.99 36.18 13.32
N SER K 208 7.54 34.98 13.47
CA SER K 208 6.97 33.80 12.85
C SER K 208 6.74 32.68 13.86
N THR K 209 7.33 32.81 15.04
CA THR K 209 7.23 31.77 16.06
C THR K 209 6.34 32.19 17.23
N LEU K 210 5.70 33.35 17.12
CA LEU K 210 4.76 33.78 18.14
C LEU K 210 3.37 33.22 17.88
N TYR K 211 2.79 32.58 18.90
CA TYR K 211 1.42 32.07 18.83
C TYR K 211 0.68 32.38 20.12
N PRO K 212 -0.66 32.45 20.04
CA PRO K 212 -1.41 32.53 21.29
C PRO K 212 -1.10 31.30 22.14
N GLY K 213 -0.73 31.51 23.40
CA GLY K 213 -0.45 30.41 24.30
C GLY K 213 0.94 29.80 24.17
N GLY K 214 1.92 30.62 23.79
CA GLY K 214 3.30 30.16 23.75
C GLY K 214 4.04 30.51 22.48
N VAL K 215 5.05 29.72 22.16
CA VAL K 215 5.91 29.97 21.01
C VAL K 215 6.32 28.68 20.32
N GLY K 216 6.73 28.81 19.06
CA GLY K 216 7.17 27.67 18.27
C GLY K 216 8.67 27.50 18.35
N THR K 217 9.32 28.48 18.99
CA THR K 217 10.77 28.49 19.17
C THR K 217 11.21 27.26 19.95
N VAL K 218 12.20 26.55 19.41
CA VAL K 218 12.72 25.35 20.06
C VAL K 218 13.81 25.68 21.09
N PRO K 219 13.54 25.37 22.37
CA PRO K 219 14.48 25.55 23.49
C PRO K 219 15.68 24.59 23.44
N THR K 220 16.88 25.16 23.52
CA THR K 220 18.12 24.40 23.39
C THR K 220 19.28 25.18 23.99
N ILE K 221 20.28 24.48 24.49
CA ILE K 221 21.44 25.16 25.06
C ILE K 221 22.09 26.04 23.97
N GLN K 222 21.97 25.59 22.71
CA GLN K 222 22.49 26.34 21.57
C GLN K 222 21.79 27.68 21.42
N LEU K 223 20.47 27.62 21.47
CA LEU K 223 19.64 28.78 21.24
C LEU K 223 20.03 29.91 22.19
N PHE K 224 20.20 29.56 23.46
CA PHE K 224 20.46 30.56 24.48
C PHE K 224 21.93 31.01 24.48
N THR K 225 22.83 30.14 24.06
CA THR K 225 24.23 30.54 23.99
C THR K 225 24.48 31.32 22.70
N ASP K 226 23.69 31.03 21.67
CA ASP K 226 23.74 31.83 20.44
C ASP K 226 23.27 33.26 20.71
N TYR K 227 22.35 33.39 21.66
CA TYR K 227 21.76 34.68 22.02
C TYR K 227 22.68 35.50 22.93
N ILE K 228 23.25 34.83 23.92
CA ILE K 228 24.12 35.48 24.91
C ILE K 228 25.44 36.00 24.33
N THR K 229 26.05 35.26 23.42
CA THR K 229 27.31 35.69 22.82
C THR K 229 27.13 36.99 22.05
N ARG K 230 25.93 37.20 21.52
CA ARG K 230 25.60 38.44 20.85
C ARG K 230 25.28 39.53 21.87
N LEU K 231 24.61 39.13 22.96
CA LEU K 231 24.23 40.06 23.99
C LEU K 231 25.44 40.73 24.67
N MET K 232 26.50 39.96 24.93
CA MET K 232 27.68 40.51 25.59
C MET K 232 28.38 41.53 24.69
N LYS K 233 28.24 41.34 23.38
CA LYS K 233 28.73 42.33 22.42
C LYS K 233 27.99 43.64 22.61
N TYR K 234 26.68 43.56 22.86
CA TYR K 234 25.85 44.75 23.00
C TYR K 234 26.04 45.42 24.35
N VAL K 235 26.25 44.60 25.39
CA VAL K 235 26.53 45.12 26.71
C VAL K 235 27.81 45.97 26.71
N GLU K 236 28.87 45.46 26.09
CA GLU K 236 30.11 46.23 26.00
C GLU K 236 29.90 47.50 25.18
N PHE K 237 29.21 47.38 24.06
CA PHE K 237 28.88 48.52 23.21
C PHE K 237 28.20 49.63 24.00
N MET K 238 27.32 49.23 24.93
CA MET K 238 26.57 50.18 25.74
C MET K 238 27.47 51.06 26.60
N LYS K 239 28.45 50.46 27.27
CA LYS K 239 29.30 51.22 28.19
C LYS K 239 30.21 52.17 27.42
N LYS K 240 30.17 52.09 26.09
CA LYS K 240 30.86 53.03 25.22
C LYS K 240 29.91 54.09 24.70
N VAL K 241 28.62 53.77 24.66
CA VAL K 241 27.61 54.61 24.01
C VAL K 241 26.83 55.49 24.99
N VAL K 242 26.58 54.99 26.20
CA VAL K 242 25.86 55.78 27.19
C VAL K 242 26.61 57.07 27.50
N PRO K 243 27.91 56.96 27.81
CA PRO K 243 28.74 58.15 28.00
C PRO K 243 28.91 58.98 26.73
N LEU K 244 28.88 58.31 25.57
CA LEU K 244 29.03 58.98 24.30
C LEU K 244 27.92 60.01 24.07
N HIS K 245 26.70 59.64 24.45
CA HIS K 245 25.55 60.50 24.23
C HIS K 245 25.40 61.57 25.31
N ASP K 246 25.85 61.26 26.52
CA ASP K 246 25.81 62.24 27.61
C ASP K 246 26.72 63.42 27.28
N ASP K 247 27.92 63.13 26.78
CA ASP K 247 28.84 64.18 26.35
C ASP K 247 28.31 64.93 25.12
N LEU K 248 27.47 64.27 24.33
CA LEU K 248 26.89 64.89 23.14
C LEU K 248 25.68 65.77 23.46
N PHE K 249 24.86 65.32 24.42
CA PHE K 249 23.64 66.03 24.76
C PHE K 249 23.91 67.17 25.74
N ASP K 250 24.87 66.96 26.63
CA ASP K 250 25.25 68.00 27.58
C ASP K 250 25.83 69.21 26.86
N PHE K 251 26.60 68.96 25.81
CA PHE K 251 27.23 70.02 25.03
C PHE K 251 26.22 71.02 24.49
N PHE K 252 25.07 70.52 24.04
CA PHE K 252 24.05 71.38 23.47
C PHE K 252 23.39 72.28 24.50
N TYR K 253 23.58 71.96 25.77
CA TYR K 253 23.03 72.76 26.85
C TYR K 253 23.86 74.02 27.12
N GLU K 254 25.12 74.03 26.68
CA GLU K 254 25.99 75.17 26.91
C GLU K 254 26.32 75.94 25.63
N ALA K 255 26.40 75.23 24.51
CA ALA K 255 26.63 75.88 23.22
C ALA K 255 25.40 76.70 22.83
N LEU K 256 24.22 76.15 23.14
CA LEU K 256 22.98 76.88 22.98
C LEU K 256 22.31 77.07 24.33
N PRO K 257 22.80 78.06 25.08
CA PRO K 257 22.33 78.41 26.43
C PRO K 257 20.81 78.47 26.55
N GLY K 258 20.24 77.52 27.26
CA GLY K 258 18.79 77.45 27.42
C GLY K 258 18.15 76.65 26.29
N TYR K 259 18.91 75.69 25.75
CA TYR K 259 18.39 74.84 24.70
C TYR K 259 17.42 73.81 25.26
N GLU K 260 17.41 73.70 26.58
CA GLU K 260 16.53 72.78 27.30
C GLU K 260 15.06 73.06 27.00
N GLU K 261 14.80 74.25 26.47
CA GLU K 261 13.43 74.66 26.14
C GLU K 261 12.90 74.00 24.87
N VAL K 262 13.81 73.46 24.06
CA VAL K 262 13.44 72.84 22.78
C VAL K 262 12.46 71.67 22.97
N GLY K 263 11.30 71.78 22.33
CA GLY K 263 10.30 70.72 22.39
C GLY K 263 9.88 70.40 23.81
N ARG K 264 10.09 71.35 24.72
CA ARG K 264 9.71 71.16 26.11
C ARG K 264 8.19 71.02 26.23
N ARG K 265 7.76 69.97 26.90
CA ARG K 265 6.35 69.76 27.19
C ARG K 265 6.12 69.86 28.69
N ARG K 266 4.86 69.98 29.09
CA ARG K 266 4.52 69.77 30.48
C ARG K 266 4.67 68.28 30.75
N ILE K 267 5.16 67.94 31.94
CA ILE K 267 5.41 66.54 32.25
C ILE K 267 4.09 65.78 32.42
N LEU K 268 3.57 65.28 31.31
CA LEU K 268 2.40 64.39 31.31
C LEU K 268 2.73 63.11 30.56
N LEU K 269 3.22 62.11 31.29
CA LEU K 269 3.73 60.90 30.64
C LEU K 269 2.95 59.66 31.05
N GLY K 270 3.08 58.62 30.24
CA GLY K 270 2.41 57.36 30.49
C GLY K 270 3.26 56.15 30.18
N CYS K 271 3.06 55.09 30.96
CA CYS K 271 3.71 53.81 30.74
C CYS K 271 2.77 52.69 31.17
N TRP K 272 2.65 51.65 30.38
CA TRP K 272 1.73 50.57 30.71
C TRP K 272 2.46 49.28 31.03
N GLY K 273 3.78 49.37 31.15
CA GLY K 273 4.59 48.26 31.61
C GLY K 273 5.11 47.35 30.50
N SER K 274 6.34 46.88 30.69
CA SER K 274 6.95 45.96 29.74
C SER K 274 7.55 44.74 30.45
N PHE K 275 7.68 43.64 29.70
CA PHE K 275 8.26 42.39 30.21
C PHE K 275 7.38 41.71 31.27
N GLN K 276 6.72 40.63 30.86
CA GLN K 276 5.84 39.89 31.76
C GLN K 276 6.62 39.02 32.72
N ASP K 277 6.00 38.68 33.84
CA ASP K 277 6.61 37.81 34.84
C ASP K 277 5.75 36.57 35.06
N PRO K 278 6.18 35.42 34.48
CA PRO K 278 5.45 34.15 34.50
C PRO K 278 5.08 33.66 35.89
N ASN K 279 5.73 34.20 36.92
CA ASN K 279 5.41 33.84 38.29
C ASN K 279 3.99 34.25 38.67
N VAL K 280 3.66 35.51 38.41
CA VAL K 280 2.37 36.04 38.79
C VAL K 280 1.45 36.32 37.60
N CYS K 281 1.94 36.03 36.40
CA CYS K 281 1.17 36.35 35.21
C CYS K 281 0.38 35.16 34.68
N ASP K 282 -0.92 35.15 34.96
CA ASP K 282 -1.81 34.09 34.53
C ASP K 282 -2.69 34.54 33.37
N TYR K 283 -2.50 35.78 32.94
CA TYR K 283 -3.26 36.36 31.84
C TYR K 283 -4.75 36.32 32.15
N ASN K 284 -5.17 37.18 33.07
CA ASN K 284 -6.54 37.21 33.53
C ASN K 284 -6.85 38.61 34.04
N TYR K 285 -7.93 39.19 33.55
CA TYR K 285 -8.22 40.59 33.81
C TYR K 285 -8.41 40.89 35.31
N ARG K 286 -8.91 39.91 36.04
CA ARG K 286 -9.18 40.12 37.46
C ARG K 286 -7.89 40.33 38.26
N THR K 287 -6.96 39.39 38.11
CA THR K 287 -5.68 39.46 38.81
C THR K 287 -4.73 40.43 38.12
N MET K 288 -5.15 41.00 37.01
CA MET K 288 -4.29 41.83 36.18
C MET K 288 -3.70 43.02 36.92
N THR K 289 -4.40 43.48 37.95
CA THR K 289 -3.89 44.60 38.75
C THR K 289 -2.59 44.22 39.45
N LYS K 290 -2.43 42.94 39.76
CA LYS K 290 -1.25 42.47 40.47
C LYS K 290 -0.05 42.29 39.53
N TRP K 291 -0.18 41.40 38.56
CA TRP K 291 0.95 41.10 37.66
C TRP K 291 1.30 42.28 36.75
N GLY K 292 0.47 43.30 36.75
CA GLY K 292 0.78 44.53 36.06
C GLY K 292 1.95 45.22 36.75
N ARG K 293 2.04 45.01 38.05
CA ARG K 293 3.14 45.54 38.85
C ARG K 293 4.29 44.55 38.91
N GLY K 294 4.03 43.34 38.44
CA GLY K 294 5.03 42.29 38.43
C GLY K 294 5.93 42.39 37.23
N MET K 295 5.60 43.30 36.31
CA MET K 295 6.41 43.53 35.14
C MET K 295 7.74 44.17 35.53
N PHE K 296 8.73 44.10 34.64
CA PHE K 296 10.06 44.59 34.96
C PHE K 296 10.26 46.01 34.41
N VAL K 297 9.21 46.53 33.79
CA VAL K 297 9.07 47.96 33.58
C VAL K 297 7.71 48.32 34.15
N THR K 298 7.68 49.08 35.23
CA THR K 298 6.44 49.33 35.95
C THR K 298 5.53 50.30 35.18
N PRO K 299 4.23 49.96 35.09
CA PRO K 299 3.21 50.82 34.47
C PRO K 299 2.74 51.94 35.40
N GLY K 300 2.45 53.11 34.81
CA GLY K 300 1.92 54.23 35.58
C GLY K 300 1.67 55.48 34.76
N VAL K 301 1.16 56.52 35.41
CA VAL K 301 0.95 57.81 34.75
C VAL K 301 1.60 58.92 35.56
N VAL K 302 2.25 59.87 34.88
CA VAL K 302 3.02 60.91 35.56
C VAL K 302 2.65 62.32 35.11
N VAL K 303 2.22 63.15 36.05
CA VAL K 303 1.94 64.56 35.78
C VAL K 303 2.72 65.49 36.72
N ASP K 304 3.62 66.28 36.15
CA ASP K 304 4.41 67.27 36.88
C ASP K 304 5.45 66.64 37.81
N GLY K 305 5.83 65.40 37.52
CA GLY K 305 6.81 64.69 38.33
C GLY K 305 6.15 63.95 39.47
N GLU K 306 4.85 63.70 39.33
CA GLU K 306 4.06 63.04 40.37
C GLU K 306 3.45 61.72 39.90
N LEU K 307 3.67 60.66 40.67
CA LEU K 307 3.08 59.37 40.35
C LEU K 307 1.60 59.36 40.71
N LEU K 308 0.76 58.91 39.79
CA LEU K 308 -0.67 58.91 40.01
C LEU K 308 -1.19 57.51 40.30
N THR K 309 -0.91 56.57 39.40
CA THR K 309 -1.40 55.20 39.53
C THR K 309 -0.41 54.18 38.98
N THR K 310 -0.53 52.94 39.44
CA THR K 310 0.27 51.83 38.93
C THR K 310 -0.61 50.63 38.59
N ASP K 311 -1.91 50.80 38.83
CA ASP K 311 -2.90 49.78 38.47
C ASP K 311 -3.20 49.87 36.97
N LEU K 312 -3.01 48.76 36.27
CA LEU K 312 -3.34 48.68 34.85
C LEU K 312 -4.83 48.85 34.62
N VAL K 313 -5.63 48.07 35.34
CA VAL K 313 -7.08 48.11 35.23
C VAL K 313 -7.60 49.53 35.41
N ASP K 314 -6.90 50.32 36.21
CA ASP K 314 -7.27 51.71 36.43
C ASP K 314 -6.86 52.57 35.25
N ILE K 315 -5.65 52.32 34.74
CA ILE K 315 -5.18 52.99 33.54
C ILE K 315 -6.07 52.62 32.36
N ASN K 316 -6.56 51.38 32.38
CA ASN K 316 -7.43 50.87 31.32
C ASN K 316 -8.75 51.61 31.22
N LEU K 317 -9.39 51.83 32.36
CA LEU K 317 -10.76 52.34 32.39
C LEU K 317 -10.88 53.84 32.17
N ASN K 318 -9.76 54.51 31.90
CA ASN K 318 -9.79 55.96 31.73
C ASN K 318 -9.21 56.43 30.40
N ILE K 319 -9.05 55.52 29.46
CA ILE K 319 -8.56 55.88 28.14
C ILE K 319 -9.71 56.38 27.25
N ARG K 320 -9.57 57.59 26.72
CA ARG K 320 -10.58 58.16 25.86
C ARG K 320 -10.03 58.44 24.47
N ILE K 321 -10.80 58.07 23.45
CA ILE K 321 -10.44 58.37 22.08
C ILE K 321 -11.33 59.49 21.54
N LEU K 322 -10.86 60.72 21.66
CA LEU K 322 -11.63 61.88 21.24
C LEU K 322 -11.39 62.23 19.77
N LEU K 323 -12.32 62.99 19.18
CA LEU K 323 -12.18 63.40 17.79
C LEU K 323 -12.14 64.92 17.67
N GLY K 324 -12.64 65.43 16.55
CA GLY K 324 -12.47 66.82 16.21
C GLY K 324 -11.11 66.99 15.55
N SER K 325 -11.10 67.61 14.37
CA SER K 325 -9.87 67.85 13.60
C SER K 325 -9.37 66.61 12.84
N SER K 326 -10.06 65.49 12.99
CA SER K 326 -9.61 64.23 12.38
C SER K 326 -10.63 63.63 11.41
N PHE K 327 -10.12 63.02 10.34
CA PHE K 327 -10.93 62.56 9.21
C PHE K 327 -11.88 61.38 9.49
N TYR K 328 -12.63 61.46 10.57
CA TYR K 328 -13.59 60.41 10.88
C TYR K 328 -14.96 60.99 11.23
N GLN K 329 -15.90 60.09 11.52
CA GLN K 329 -17.21 60.48 11.99
C GLN K 329 -17.49 59.76 13.31
N ASP K 330 -17.70 60.53 14.37
CA ASP K 330 -17.93 59.99 15.71
C ASP K 330 -18.95 58.86 15.70
N TRP K 331 -18.76 57.89 16.60
CA TRP K 331 -19.62 56.71 16.64
C TRP K 331 -20.73 56.84 17.68
N ASP K 332 -21.43 57.98 17.63
CA ASP K 332 -22.53 58.27 18.54
C ASP K 332 -23.67 57.26 18.43
N HIS K 333 -24.10 57.01 17.19
CA HIS K 333 -25.27 56.19 16.94
C HIS K 333 -24.92 54.72 16.74
N GLU K 334 -23.65 54.38 16.95
CA GLU K 334 -23.20 53.00 16.81
C GLU K 334 -23.41 52.23 18.12
N GLU K 335 -23.83 50.97 18.00
CA GLU K 335 -24.14 50.15 19.16
C GLU K 335 -22.89 49.63 19.86
N THR K 336 -22.82 49.89 21.17
CA THR K 336 -21.70 49.44 22.00
C THR K 336 -21.74 47.93 22.21
N SER K 337 -20.61 47.36 22.62
CA SER K 337 -20.51 45.92 22.81
C SER K 337 -20.12 45.53 24.24
N VAL K 338 -19.25 46.34 24.85
CA VAL K 338 -18.77 46.02 26.19
C VAL K 338 -19.27 47.05 27.20
N LYS K 339 -20.13 46.61 28.10
CA LYS K 339 -20.67 47.47 29.14
C LYS K 339 -19.71 47.55 30.31
N ASN K 340 -19.25 46.39 30.76
CA ASN K 340 -18.38 46.30 31.94
C ASN K 340 -17.24 45.30 31.75
N ASP K 341 -16.11 45.57 32.39
CA ASP K 341 -14.99 44.64 32.38
C ASP K 341 -15.25 43.47 33.32
N PRO K 342 -14.45 42.40 33.21
CA PRO K 342 -14.61 41.18 34.02
C PRO K 342 -14.68 41.43 35.53
N LEU K 343 -14.33 42.64 35.98
CA LEU K 343 -14.51 42.99 37.39
C LEU K 343 -15.76 43.83 37.58
N GLY K 344 -16.59 43.88 36.54
CA GLY K 344 -17.85 44.61 36.59
C GLY K 344 -17.67 46.11 36.76
N ASN K 345 -16.88 46.71 35.87
CA ASN K 345 -16.66 48.15 35.88
C ASN K 345 -17.19 48.81 34.61
N ALA K 346 -17.92 49.91 34.79
CA ALA K 346 -18.55 50.62 33.68
C ALA K 346 -17.52 50.97 32.60
N VAL K 347 -17.76 50.48 31.39
CA VAL K 347 -16.88 50.74 30.27
C VAL K 347 -17.42 51.88 29.40
N ASP K 348 -16.63 52.95 29.30
CA ASP K 348 -16.99 54.13 28.50
C ASP K 348 -17.14 53.77 27.02
N ARG K 349 -17.76 54.67 26.25
CA ARG K 349 -17.95 54.47 24.82
C ARG K 349 -16.73 54.93 24.01
N LYS K 350 -16.02 55.92 24.53
CA LYS K 350 -14.84 56.48 23.87
C LYS K 350 -13.60 55.66 24.22
N HIS K 351 -13.84 54.48 24.77
CA HIS K 351 -12.80 53.53 25.08
C HIS K 351 -12.75 52.47 23.99
N PRO K 352 -11.55 51.97 23.65
CA PRO K 352 -11.32 51.01 22.57
C PRO K 352 -12.25 49.79 22.56
N TRP K 353 -12.77 49.40 23.72
CA TRP K 353 -13.70 48.26 23.81
C TRP K 353 -14.95 48.47 22.94
N ASN K 354 -15.33 49.73 22.76
CA ASN K 354 -16.60 50.05 22.10
C ASN K 354 -16.45 50.75 20.76
N GLN K 355 -15.34 51.47 20.58
CA GLN K 355 -15.13 52.28 19.39
C GLN K 355 -15.45 51.55 18.08
N THR K 356 -16.09 52.28 17.17
CA THR K 356 -16.25 51.81 15.81
C THR K 356 -15.65 52.86 14.89
N THR K 357 -14.74 52.41 14.03
CA THR K 357 -14.07 53.34 13.14
C THR K 357 -14.91 53.62 11.89
N LEU K 358 -15.27 54.89 11.72
CA LEU K 358 -16.02 55.35 10.56
C LEU K 358 -15.18 56.35 9.78
N PRO K 359 -14.42 55.84 8.80
CA PRO K 359 -13.51 56.67 8.01
C PRO K 359 -14.26 57.56 7.01
N ARG K 360 -13.85 58.82 6.92
CA ARG K 360 -14.47 59.78 6.01
C ARG K 360 -13.42 60.67 5.38
N PRO K 361 -12.86 60.24 4.23
CA PRO K 361 -11.93 61.09 3.48
C PRO K 361 -12.54 62.46 3.17
N GLN K 362 -11.69 63.46 2.99
CA GLN K 362 -12.17 64.83 2.79
C GLN K 362 -11.02 65.81 2.57
N LYS K 363 -11.37 67.04 2.25
CA LYS K 363 -10.37 68.09 2.04
C LYS K 363 -9.66 68.44 3.35
N ARG K 364 -8.33 68.46 3.34
CA ARG K 364 -7.58 68.79 4.54
C ARG K 364 -7.80 70.24 4.91
N ASN K 365 -8.41 70.47 6.08
CA ASN K 365 -8.70 71.84 6.53
C ASN K 365 -8.21 72.10 7.96
N PHE K 366 -7.11 72.84 8.08
CA PHE K 366 -6.48 73.10 9.37
C PHE K 366 -7.40 73.83 10.34
N GLY K 367 -8.56 74.27 9.85
CA GLY K 367 -9.55 74.92 10.69
C GLY K 367 -10.55 73.90 11.23
N GLY K 368 -10.81 72.87 10.45
CA GLY K 368 -11.69 71.80 10.86
C GLY K 368 -10.90 70.53 11.11
N ASN K 369 -11.02 69.58 10.19
CA ASN K 369 -10.26 68.33 10.26
C ASN K 369 -9.09 68.38 9.29
N TYR K 370 -7.93 67.85 9.70
CA TYR K 370 -6.75 67.89 8.84
C TYR K 370 -5.83 66.69 8.97
N THR K 371 -6.22 65.67 9.73
CA THR K 371 -5.35 64.51 9.93
C THR K 371 -6.10 63.19 10.10
N TRP K 372 -5.46 62.11 9.66
CA TRP K 372 -6.00 60.76 9.78
C TRP K 372 -5.81 60.19 11.17
N VAL K 373 -4.87 60.75 11.90
CA VAL K 373 -4.64 60.32 13.28
C VAL K 373 -5.78 60.82 14.15
N MET K 374 -6.24 59.97 15.06
CA MET K 374 -7.26 60.40 16.02
C MET K 374 -6.60 61.05 17.23
N SER K 375 -7.41 61.37 18.24
CA SER K 375 -6.91 62.04 19.43
C SER K 375 -7.17 61.23 20.69
N PRO K 376 -6.25 60.32 21.03
CA PRO K 376 -6.37 59.57 22.28
C PRO K 376 -6.17 60.48 23.49
N ARG K 377 -6.94 60.26 24.54
CA ARG K 377 -6.80 61.06 25.76
C ARG K 377 -7.02 60.19 27.00
N TRP K 378 -6.37 60.56 28.09
CA TRP K 378 -6.57 59.86 29.36
C TRP K 378 -7.24 60.79 30.36
N LEU K 379 -8.27 60.28 31.03
CA LEU K 379 -9.08 61.10 31.92
C LEU K 379 -8.49 61.17 33.34
N ASP K 380 -7.80 62.28 33.62
CA ASP K 380 -7.29 62.56 34.96
C ASP K 380 -8.47 62.95 35.86
N LYS K 381 -9.02 61.96 36.56
CA LYS K 381 -10.25 62.16 37.32
C LYS K 381 -10.11 63.12 38.51
N ARG K 382 -8.90 63.65 38.71
CA ARG K 382 -8.66 64.64 39.75
C ARG K 382 -9.21 66.00 39.34
N THR K 383 -9.59 66.12 38.06
CA THR K 383 -10.16 67.35 37.55
C THR K 383 -11.23 67.05 36.51
N GLY K 384 -11.31 65.78 36.09
CA GLY K 384 -12.23 65.37 35.06
C GLY K 384 -11.79 65.82 33.69
N ASP K 385 -10.56 66.35 33.61
CA ASP K 385 -10.01 66.83 32.35
C ASP K 385 -9.27 65.71 31.62
N HIS K 386 -9.43 65.67 30.31
CA HIS K 386 -8.78 64.65 29.49
C HIS K 386 -7.36 65.05 29.14
N LEU K 387 -6.41 64.18 29.47
CA LEU K 387 -4.99 64.51 29.37
C LEU K 387 -4.35 64.04 28.06
N ALA K 388 -3.46 64.88 27.53
CA ALA K 388 -2.68 64.52 26.36
C ALA K 388 -1.35 63.91 26.78
N LEU K 389 -1.39 62.65 27.19
CA LEU K 389 -0.20 61.95 27.67
C LEU K 389 0.72 61.58 26.51
N ASP K 390 1.98 61.97 26.59
CA ASP K 390 2.97 61.53 25.62
C ASP K 390 3.75 60.34 26.17
N THR K 391 4.76 59.90 25.43
CA THR K 391 5.68 58.89 25.90
C THR K 391 7.10 59.38 25.72
N GLY K 392 7.24 60.54 25.10
CA GLY K 392 8.54 61.12 24.82
C GLY K 392 9.35 60.25 23.87
N GLY K 393 8.71 59.24 23.29
CA GLY K 393 9.37 58.31 22.42
C GLY K 393 9.56 56.95 23.07
N GLY K 394 9.08 56.82 24.30
CA GLY K 394 9.14 55.55 25.01
C GLY K 394 10.06 55.51 26.22
N PRO K 395 11.37 55.70 26.01
CA PRO K 395 12.35 55.52 27.08
C PRO K 395 12.09 56.44 28.26
N ILE K 396 11.99 57.74 28.00
CA ILE K 396 11.87 58.72 29.08
C ILE K 396 10.58 58.52 29.89
N ALA K 397 9.69 57.69 29.37
CA ALA K 397 8.44 57.39 30.05
C ALA K 397 8.59 56.23 31.02
N ARG K 398 9.13 55.12 30.53
CA ARG K 398 9.34 53.94 31.37
C ARG K 398 10.36 54.21 32.48
N LEU K 399 11.43 54.91 32.13
CA LEU K 399 12.48 55.24 33.09
C LEU K 399 11.93 56.17 34.18
N TRP K 400 11.07 57.09 33.78
CA TRP K 400 10.42 57.97 34.75
C TRP K 400 9.33 57.20 35.52
N ALA K 401 8.60 56.36 34.79
CA ALA K 401 7.52 55.57 35.40
C ALA K 401 8.05 54.59 36.44
N THR K 402 9.18 53.96 36.14
CA THR K 402 9.71 52.90 37.00
C THR K 402 10.60 53.46 38.11
N ALA K 403 11.18 54.63 37.88
CA ALA K 403 12.04 55.27 38.87
C ALA K 403 11.28 55.61 40.15
N LEU K 404 10.21 56.39 40.02
CA LEU K 404 9.41 56.81 41.16
C LEU K 404 8.42 55.74 41.63
N ALA K 405 8.24 54.70 40.81
CA ALA K 405 7.38 53.59 41.20
C ALA K 405 8.03 52.82 42.34
N GLY K 406 9.33 52.54 42.17
CA GLY K 406 10.11 51.84 43.18
C GLY K 406 9.69 50.40 43.44
N LEU K 407 9.54 49.63 42.37
CA LEU K 407 9.06 48.25 42.50
C LEU K 407 9.81 47.26 41.63
N VAL K 408 11.00 47.61 41.17
CA VAL K 408 11.80 46.69 40.35
C VAL K 408 13.19 46.48 40.92
N ASP K 409 13.51 45.22 41.22
CA ASP K 409 14.81 44.85 41.72
C ASP K 409 15.16 43.45 41.22
N ILE K 410 16.00 43.39 40.20
CA ILE K 410 16.49 42.12 39.67
C ILE K 410 18.01 42.11 39.67
N GLY K 411 18.60 43.03 40.41
CA GLY K 411 20.04 43.19 40.47
C GLY K 411 20.52 44.14 39.39
N TYR K 412 20.39 43.69 38.15
CA TYR K 412 20.79 44.50 37.00
C TYR K 412 19.96 45.77 36.92
N ILE K 413 18.73 45.71 37.43
CA ILE K 413 17.83 46.85 37.42
C ILE K 413 17.23 47.11 38.80
N LYS K 414 17.57 48.25 39.39
CA LYS K 414 17.05 48.64 40.69
C LYS K 414 16.31 49.98 40.63
N SER K 415 15.13 50.03 41.22
CA SER K 415 14.34 51.26 41.29
C SER K 415 14.50 51.94 42.64
N THR K 416 15.12 53.11 42.65
CA THR K 416 15.39 53.82 43.88
C THR K 416 14.21 54.67 44.32
N GLY K 417 13.68 55.47 43.40
CA GLY K 417 12.59 56.37 43.72
C GLY K 417 12.86 57.73 43.11
N HIS K 418 14.14 58.10 43.03
CA HIS K 418 14.57 59.31 42.37
C HIS K 418 15.43 58.96 41.15
N SER K 419 15.50 57.67 40.86
CA SER K 419 16.28 57.16 39.74
C SER K 419 16.12 55.64 39.59
N VAL K 420 16.62 55.10 38.48
CA VAL K 420 16.70 53.66 38.28
C VAL K 420 18.14 53.29 37.97
N LYS K 421 18.64 52.24 38.64
CA LYS K 421 20.03 51.83 38.51
C LYS K 421 20.18 50.58 37.64
N ILE K 422 21.06 50.67 36.66
CA ILE K 422 21.29 49.60 35.70
C ILE K 422 22.72 49.06 35.82
N TYR K 423 22.87 47.75 35.92
CA TYR K 423 24.18 47.15 36.12
C TYR K 423 24.65 46.33 34.92
N LEU K 424 25.85 46.63 34.43
CA LEU K 424 26.43 45.88 33.32
C LEU K 424 27.75 45.24 33.73
N PRO K 425 27.78 43.89 33.79
CA PRO K 425 28.90 43.07 34.27
C PRO K 425 30.21 43.27 33.52
N ARG K 426 31.26 42.57 33.95
CA ARG K 426 32.54 42.65 33.27
C ARG K 426 32.45 42.07 31.86
N THR K 427 32.90 42.84 30.87
CA THR K 427 33.01 42.35 29.52
C THR K 427 34.47 42.00 29.20
N ALA K 428 34.73 41.56 27.97
CA ALA K 428 36.06 41.07 27.60
C ALA K 428 37.10 42.19 27.41
N LEU K 429 36.72 43.42 27.70
CA LEU K 429 37.65 44.54 27.52
C LEU K 429 37.42 45.65 28.54
N LYS K 430 36.27 45.58 29.23
CA LYS K 430 35.91 46.60 30.20
C LYS K 430 35.39 45.99 31.48
N PRO K 431 35.73 46.60 32.62
CA PRO K 431 35.19 46.13 33.90
C PRO K 431 33.70 46.42 33.98
N GLU K 432 33.09 46.06 35.10
CA GLU K 432 31.67 46.33 35.32
C GLU K 432 31.33 47.80 35.12
N ALA K 433 30.04 48.12 35.12
CA ALA K 433 29.60 49.49 35.04
C ALA K 433 28.16 49.64 35.49
N GLU K 434 27.90 50.68 36.27
CA GLU K 434 26.54 50.97 36.71
C GLU K 434 26.11 52.32 36.20
N PHE K 435 25.20 52.31 35.23
CA PHE K 435 24.59 53.53 34.75
C PHE K 435 23.32 53.80 35.54
N GLU K 436 23.21 55.00 36.11
CA GLU K 436 22.06 55.34 36.94
C GLU K 436 21.32 56.55 36.40
N TRP K 437 20.29 56.30 35.60
CA TRP K 437 19.51 57.37 35.00
C TRP K 437 18.86 58.24 36.07
N LYS K 438 19.20 59.53 36.07
CA LYS K 438 18.63 60.50 36.99
C LYS K 438 17.38 61.16 36.40
N ILE K 439 16.34 61.29 37.23
CA ILE K 439 15.10 61.93 36.80
C ILE K 439 15.31 63.41 36.58
N PRO K 440 15.07 63.87 35.34
CA PRO K 440 15.37 65.26 34.94
C PRO K 440 14.36 66.26 35.46
N MET K 441 14.75 67.53 35.50
CA MET K 441 13.84 68.59 35.90
C MET K 441 12.80 68.88 34.80
N TRP K 442 13.06 68.41 33.59
CA TRP K 442 12.21 68.76 32.46
C TRP K 442 11.87 67.57 31.56
N SER K 443 10.70 67.65 30.92
CA SER K 443 10.31 66.69 29.90
C SER K 443 10.41 67.36 28.54
N ASN K 444 11.61 67.36 27.96
CA ASN K 444 11.84 67.99 26.67
C ASN K 444 12.57 67.07 25.70
N ALA K 445 12.89 67.60 24.52
CA ALA K 445 13.49 66.83 23.43
C ALA K 445 14.85 66.23 23.79
N ILE K 446 15.70 66.99 24.48
CA ILE K 446 17.03 66.51 24.84
C ILE K 446 16.95 65.33 25.80
N GLU K 447 16.13 65.46 26.85
CA GLU K 447 16.03 64.43 27.88
C GLU K 447 15.30 63.18 27.35
N ARG K 448 14.54 63.35 26.28
CA ARG K 448 13.91 62.21 25.61
C ARG K 448 14.97 61.41 24.87
N ASP K 449 15.90 62.12 24.24
CA ASP K 449 17.01 61.50 23.51
C ASP K 449 18.02 60.89 24.49
N ARG K 450 18.06 61.44 25.70
CA ARG K 450 18.95 60.93 26.74
C ARG K 450 18.43 59.60 27.29
N ALA K 451 17.13 59.57 27.61
CA ALA K 451 16.49 58.38 28.16
C ALA K 451 16.50 57.20 27.19
N ARG K 452 16.64 57.47 25.90
CA ARG K 452 16.65 56.41 24.90
C ARG K 452 17.98 55.66 24.94
N THR K 453 19.04 56.37 25.29
CA THR K 453 20.35 55.74 25.43
C THR K 453 20.41 54.87 26.69
N TYR K 454 19.81 55.36 27.78
CA TYR K 454 19.84 54.63 29.05
C TYR K 454 18.94 53.41 29.04
N PHE K 455 17.85 53.44 28.29
CA PHE K 455 16.97 52.28 28.23
C PHE K 455 17.54 51.18 27.32
N GLN K 456 18.39 51.56 26.38
CA GLN K 456 19.12 50.55 25.61
C GLN K 456 19.95 49.68 26.58
N ALA K 457 20.63 50.33 27.51
CA ALA K 457 21.39 49.63 28.52
C ALA K 457 20.46 48.92 29.51
N TYR K 458 19.29 49.51 29.73
CA TYR K 458 18.28 48.92 30.62
C TYR K 458 17.89 47.52 30.16
N SER K 459 17.31 47.45 28.96
CA SER K 459 16.84 46.18 28.44
C SER K 459 17.99 45.19 28.21
N ALA K 460 19.20 45.72 28.07
CA ALA K 460 20.40 44.89 27.96
C ALA K 460 20.65 44.16 29.27
N ALA K 461 20.60 44.89 30.37
CA ALA K 461 20.71 44.29 31.69
C ALA K 461 19.53 43.37 31.94
N ALA K 462 18.35 43.82 31.54
CA ALA K 462 17.13 43.04 31.69
C ALA K 462 17.28 41.69 31.01
N ALA K 463 17.92 41.69 29.84
CA ALA K 463 18.09 40.48 29.06
C ALA K 463 19.02 39.48 29.76
N LEU K 464 19.95 40.00 30.56
CA LEU K 464 20.85 39.12 31.32
C LEU K 464 20.04 38.34 32.36
N TYR K 465 19.13 39.05 33.02
CA TYR K 465 18.24 38.43 33.99
C TYR K 465 17.37 37.38 33.30
N PHE K 466 16.76 37.77 32.20
CA PHE K 466 15.87 36.88 31.47
C PHE K 466 16.60 35.62 31.00
N ALA K 467 17.85 35.78 30.58
CA ALA K 467 18.62 34.63 30.09
C ALA K 467 18.81 33.60 31.21
N GLU K 468 19.15 34.06 32.40
CA GLU K 468 19.28 33.17 33.55
C GLU K 468 18.00 32.36 33.74
N GLN K 469 16.90 33.07 33.96
CA GLN K 469 15.60 32.46 34.25
C GLN K 469 15.17 31.45 33.18
N ALA K 470 15.63 31.66 31.95
CA ALA K 470 15.29 30.76 30.86
C ALA K 470 16.14 29.49 30.92
N LEU K 471 17.44 29.67 31.12
CA LEU K 471 18.37 28.54 31.22
C LEU K 471 17.97 27.64 32.39
N ALA K 472 17.51 28.26 33.47
CA ALA K 472 17.05 27.53 34.63
C ALA K 472 15.93 26.58 34.25
N GLU K 473 14.96 27.10 33.50
CA GLU K 473 13.85 26.32 32.99
C GLU K 473 14.34 25.17 32.11
N LEU K 474 15.28 25.47 31.22
CA LEU K 474 15.84 24.47 30.33
C LEU K 474 16.57 23.38 31.08
N HIS K 475 17.34 23.79 32.10
CA HIS K 475 18.12 22.85 32.91
C HIS K 475 17.21 22.06 33.83
N ALA K 476 16.00 22.56 34.01
CA ALA K 476 15.03 21.92 34.90
C ALA K 476 14.14 20.97 34.12
N GLY K 477 14.40 20.83 32.83
CA GLY K 477 13.64 19.93 31.97
C GLY K 477 12.31 20.47 31.47
N ARG K 478 12.05 21.76 31.72
CA ARG K 478 10.82 22.42 31.27
C ARG K 478 10.98 23.03 29.88
N THR K 479 10.95 22.19 28.86
CA THR K 479 11.20 22.63 27.48
C THR K 479 9.94 22.65 26.61
N ARG K 480 8.78 22.40 27.21
CA ARG K 480 7.52 22.60 26.50
C ARG K 480 7.30 24.10 26.35
N THR K 481 6.76 24.54 25.21
CA THR K 481 6.64 25.97 24.96
C THR K 481 5.25 26.40 24.53
N PHE K 482 4.33 25.45 24.40
CA PHE K 482 2.99 25.79 23.93
C PHE K 482 1.88 25.09 24.71
N THR K 483 0.98 25.90 25.27
CA THR K 483 -0.18 25.39 25.99
C THR K 483 -1.43 25.46 25.13
N ASP K 484 -2.05 24.32 24.87
CA ASP K 484 -3.18 24.26 23.95
C ASP K 484 -4.41 24.94 24.56
N PHE K 485 -5.37 25.28 23.71
CA PHE K 485 -6.47 26.12 24.15
C PHE K 485 -7.72 25.92 23.30
N LYS K 486 -8.75 26.72 23.60
CA LYS K 486 -9.97 26.74 22.82
C LYS K 486 -10.48 28.17 22.67
N VAL K 487 -10.97 28.50 21.48
CA VAL K 487 -11.52 29.83 21.22
C VAL K 487 -13.02 29.88 21.53
N PRO K 488 -13.40 30.63 22.57
CA PRO K 488 -14.79 30.75 23.01
C PRO K 488 -15.63 31.56 22.03
N ASP K 489 -16.94 31.37 22.05
CA ASP K 489 -17.82 32.11 21.16
C ASP K 489 -17.89 33.58 21.54
N GLU K 490 -18.07 33.84 22.82
CA GLU K 490 -18.17 35.21 23.31
C GLU K 490 -17.07 35.45 24.35
N ALA K 491 -16.33 36.53 24.19
CA ALA K 491 -15.23 36.82 25.12
C ALA K 491 -14.69 38.23 24.93
N ILE K 492 -14.04 38.73 25.98
CA ILE K 492 -13.36 40.00 25.94
C ILE K 492 -11.86 39.69 26.11
N GLY K 493 -11.01 40.71 26.10
CA GLY K 493 -9.59 40.49 26.29
C GLY K 493 -8.71 41.64 25.85
N CYS K 494 -7.94 42.17 26.78
CA CYS K 494 -7.03 43.27 26.48
C CYS K 494 -5.58 42.87 26.75
N GLY K 495 -4.65 43.60 26.15
CA GLY K 495 -3.24 43.36 26.36
C GLY K 495 -2.52 44.68 26.54
N PHE K 496 -1.68 44.75 27.57
CA PHE K 496 -0.89 45.95 27.79
C PHE K 496 0.58 45.61 27.79
N HIS K 497 1.37 46.46 27.17
CA HIS K 497 2.77 46.14 26.93
C HIS K 497 3.45 47.34 26.28
N GLU K 498 4.48 47.85 26.93
CA GLU K 498 5.22 48.97 26.38
C GLU K 498 5.92 48.54 25.09
N ALA K 499 5.67 49.28 24.01
CA ALA K 499 6.39 49.06 22.76
C ALA K 499 7.56 50.04 22.71
N VAL K 500 8.43 49.88 21.73
CA VAL K 500 9.65 50.66 21.64
C VAL K 500 9.45 52.17 21.86
N ARG K 501 8.28 52.67 21.50
CA ARG K 501 8.02 54.11 21.57
C ARG K 501 7.10 54.50 22.72
N GLY K 502 6.62 53.51 23.46
CA GLY K 502 5.82 53.79 24.64
C GLY K 502 4.61 52.90 24.80
N VAL K 503 3.58 53.45 25.42
CA VAL K 503 2.36 52.72 25.73
C VAL K 503 1.75 52.04 24.52
N LEU K 504 1.29 50.81 24.73
CA LEU K 504 0.65 50.03 23.68
C LEU K 504 -0.46 49.16 24.23
N SER K 505 -1.69 49.41 23.80
CA SER K 505 -2.82 48.61 24.24
C SER K 505 -3.47 47.90 23.06
N HIS K 506 -3.97 46.69 23.30
CA HIS K 506 -4.81 46.01 22.34
C HIS K 506 -6.12 45.60 22.99
N HIS K 507 -7.23 45.95 22.35
CA HIS K 507 -8.55 45.60 22.87
C HIS K 507 -9.34 44.76 21.89
N LEU K 508 -9.70 43.55 22.31
CA LEU K 508 -10.26 42.54 21.42
C LEU K 508 -11.62 42.04 21.89
N VAL K 509 -12.58 42.01 20.97
CA VAL K 509 -13.90 41.47 21.28
C VAL K 509 -14.25 40.33 20.34
N ILE K 510 -14.56 39.17 20.91
CA ILE K 510 -14.89 38.00 20.12
C ILE K 510 -16.37 37.69 20.20
N ARG K 511 -16.99 37.43 19.05
CA ARG K 511 -18.42 37.14 18.95
C ARG K 511 -18.71 36.09 17.87
N ASP K 512 -19.48 35.07 18.26
CA ASP K 512 -19.88 34.03 17.32
C ASP K 512 -18.70 33.15 16.89
N GLY K 513 -17.61 33.25 17.63
CA GLY K 513 -16.41 32.47 17.33
C GLY K 513 -15.36 33.25 16.57
N LYS K 514 -15.74 34.43 16.08
CA LYS K 514 -14.84 35.30 15.33
C LYS K 514 -14.77 36.68 15.99
N ILE K 515 -13.94 37.57 15.44
CA ILE K 515 -13.70 38.86 16.07
C ILE K 515 -14.76 39.90 15.68
N ALA K 516 -15.36 40.51 16.69
CA ALA K 516 -16.39 41.52 16.48
C ALA K 516 -15.80 42.92 16.60
N ASN K 517 -14.65 43.02 17.28
CA ASN K 517 -13.98 44.30 17.42
C ASN K 517 -12.52 44.14 17.80
N TYR K 518 -11.70 45.10 17.39
CA TYR K 518 -10.27 45.07 17.65
C TYR K 518 -9.69 46.46 17.44
N HIS K 519 -9.20 47.08 18.51
CA HIS K 519 -8.58 48.38 18.38
C HIS K 519 -7.22 48.45 19.07
N PRO K 520 -6.16 48.57 18.27
CA PRO K 520 -4.80 48.75 18.77
C PRO K 520 -4.48 50.23 18.97
N TYR K 521 -3.85 50.58 20.09
CA TYR K 521 -3.51 51.98 20.31
C TYR K 521 -2.06 52.14 20.79
N PRO K 522 -1.13 52.13 19.83
CA PRO K 522 0.29 52.43 19.99
C PRO K 522 0.52 53.80 20.61
N PRO K 523 1.78 54.12 20.93
CA PRO K 523 2.13 55.39 21.59
C PRO K 523 2.05 56.60 20.66
N THR K 524 2.35 56.40 19.38
CA THR K 524 2.35 57.51 18.41
C THR K 524 0.97 58.15 18.23
N PRO K 525 -0.11 57.35 18.25
CA PRO K 525 -1.46 57.94 18.26
C PRO K 525 -1.63 59.01 19.34
N TRP K 526 -1.05 58.78 20.51
CA TRP K 526 -1.06 59.79 21.57
C TRP K 526 -0.16 60.96 21.19
N ASN K 527 1.07 60.65 20.78
CA ASN K 527 2.07 61.66 20.47
C ASN K 527 1.67 62.63 19.36
N ALA K 528 1.32 62.10 18.19
CA ALA K 528 1.08 62.93 17.00
C ALA K 528 -0.38 63.35 16.84
N SER K 529 -1.18 63.14 17.88
CA SER K 529 -2.61 63.43 17.82
C SER K 529 -2.90 64.88 17.45
N PRO K 530 -4.04 65.12 16.79
CA PRO K 530 -4.49 66.48 16.48
C PRO K 530 -5.24 67.10 17.65
N ARG K 531 -5.62 68.36 17.51
CA ARG K 531 -6.40 69.05 18.53
C ARG K 531 -7.77 68.40 18.69
N ASP K 532 -8.11 68.01 19.91
CA ASP K 532 -9.34 67.27 20.15
C ASP K 532 -10.55 68.20 20.35
N ILE K 533 -11.70 67.60 20.66
CA ILE K 533 -12.96 68.34 20.71
C ILE K 533 -12.96 69.46 21.74
N TYR K 534 -11.91 69.52 22.56
CA TYR K 534 -11.84 70.52 23.63
C TYR K 534 -10.80 71.59 23.35
N GLY K 535 -9.99 71.37 22.32
CA GLY K 535 -8.92 72.31 21.99
C GLY K 535 -7.61 71.92 22.64
N THR K 536 -7.54 70.71 23.20
CA THR K 536 -6.32 70.20 23.81
C THR K 536 -5.36 69.69 22.75
N PRO K 537 -4.34 70.49 22.41
CA PRO K 537 -3.42 70.18 21.32
C PRO K 537 -2.59 68.92 21.58
N GLY K 538 -2.27 68.19 20.51
CA GLY K 538 -1.46 66.99 20.63
C GLY K 538 -0.03 67.33 20.98
N PRO K 539 0.69 66.35 21.52
CA PRO K 539 2.09 66.49 21.96
C PRO K 539 3.01 67.17 20.95
N TYR K 540 3.06 66.70 19.69
CA TYR K 540 3.90 67.32 18.67
C TYR K 540 3.58 68.82 18.58
N GLU K 541 2.34 69.12 18.24
CA GLU K 541 1.86 70.51 18.15
C GLU K 541 2.12 71.24 19.46
N ASP K 542 1.90 70.55 20.57
CA ASP K 542 2.09 71.11 21.91
C ASP K 542 3.55 71.46 22.17
N ALA K 543 4.44 70.52 21.89
CA ALA K 543 5.86 70.71 22.19
C ALA K 543 6.53 71.71 21.24
N VAL K 544 6.07 71.76 19.99
CA VAL K 544 6.67 72.65 19.00
C VAL K 544 6.37 74.11 19.34
N GLN K 545 5.16 74.37 19.82
CA GLN K 545 4.75 75.73 20.14
C GLN K 545 5.52 76.29 21.33
N ASN K 546 6.13 75.39 22.11
CA ASN K 546 6.93 75.80 23.26
C ASN K 546 8.39 76.02 22.87
N THR K 547 8.77 75.47 21.72
CA THR K 547 10.16 75.46 21.29
C THR K 547 10.65 76.82 20.79
N PRO K 548 11.63 77.41 21.50
CA PRO K 548 12.30 78.62 21.00
C PRO K 548 13.23 78.26 19.86
N ILE K 549 13.50 79.20 18.96
CA ILE K 549 14.32 78.90 17.80
C ILE K 549 15.74 79.41 17.97
N PHE K 550 16.71 78.51 17.82
CA PHE K 550 18.10 78.83 18.04
C PHE K 550 18.90 78.82 16.74
N GLU K 551 18.20 78.71 15.63
CA GLU K 551 18.85 78.60 14.32
C GLU K 551 19.36 79.95 13.84
N GLU K 552 20.53 79.94 13.21
CA GLU K 552 21.15 81.16 12.72
C GLU K 552 20.78 81.40 11.26
N ASN K 553 19.55 81.06 10.90
CA ASN K 553 19.09 81.24 9.52
C ASN K 553 17.83 82.09 9.43
N GLY K 554 17.80 82.98 8.43
CA GLY K 554 16.60 83.75 8.13
C GLY K 554 15.55 82.86 7.48
N PRO K 555 14.48 83.48 6.97
CA PRO K 555 13.38 82.71 6.36
C PRO K 555 13.72 82.21 4.97
N GLU K 556 14.94 82.47 4.49
CA GLU K 556 15.33 82.09 3.14
C GLU K 556 16.19 80.83 3.15
N LYS K 557 16.73 80.48 4.31
CA LYS K 557 17.57 79.30 4.45
C LYS K 557 17.14 78.44 5.63
N PHE K 558 16.09 78.89 6.33
CA PHE K 558 15.58 78.22 7.51
C PHE K 558 15.15 76.77 7.25
N LYS K 559 15.79 75.85 7.95
CA LYS K 559 15.46 74.43 7.86
C LYS K 559 14.57 73.99 9.02
N GLY K 560 14.67 74.72 10.13
CA GLY K 560 13.86 74.42 11.30
C GLY K 560 14.35 73.18 12.03
N ILE K 561 15.64 73.13 12.31
CA ILE K 561 16.24 71.96 12.95
C ILE K 561 15.84 71.84 14.41
N ASP K 562 15.52 72.97 15.03
CA ASP K 562 15.08 72.97 16.42
C ASP K 562 13.68 72.39 16.53
N ILE K 563 12.90 72.53 15.46
CA ILE K 563 11.55 71.99 15.40
C ILE K 563 11.57 70.50 15.10
N MET K 564 12.40 70.12 14.12
CA MET K 564 12.62 68.72 13.80
C MET K 564 13.15 67.97 15.01
N ARG K 565 14.22 68.50 15.61
CA ARG K 565 14.82 67.91 16.81
C ARG K 565 13.77 67.71 17.89
N ALA K 566 12.91 68.70 18.06
CA ALA K 566 11.80 68.59 19.01
C ALA K 566 10.83 67.50 18.61
N VAL K 567 10.54 67.40 17.32
CA VAL K 567 9.57 66.41 16.84
C VAL K 567 10.16 65.00 16.80
N ARG K 568 11.34 64.86 16.19
CA ARG K 568 11.98 63.55 16.08
C ARG K 568 12.45 63.02 17.43
N SER K 569 12.19 63.77 18.49
CA SER K 569 12.54 63.31 19.83
C SER K 569 11.47 62.38 20.38
N PHE K 570 10.30 62.37 19.74
CA PHE K 570 9.22 61.49 20.17
C PHE K 570 9.26 60.16 19.45
N ASP K 571 10.17 60.04 18.50
CA ASP K 571 10.30 58.83 17.69
C ASP K 571 9.02 58.57 16.90
N PRO K 572 8.66 59.49 15.99
CA PRO K 572 7.39 59.43 15.25
C PRO K 572 7.27 58.16 14.43
N CYS K 573 6.27 57.35 14.77
CA CYS K 573 5.99 56.14 14.01
C CYS K 573 4.53 56.14 13.59
N LEU K 574 4.23 56.81 12.48
CA LEU K 574 2.84 57.06 12.11
C LEU K 574 2.10 55.87 11.51
N PRO K 575 2.82 54.88 10.95
CA PRO K 575 2.10 53.65 10.63
C PRO K 575 1.35 53.12 11.85
N CYS K 576 1.98 53.17 13.02
CA CYS K 576 1.30 52.83 14.26
C CYS K 576 0.23 53.87 14.53
N GLY K 577 0.59 55.13 14.25
CA GLY K 577 -0.23 56.26 14.61
C GLY K 577 -1.63 56.25 14.01
N VAL K 578 -1.74 55.71 12.80
CA VAL K 578 -3.02 55.69 12.10
C VAL K 578 -3.59 54.28 11.99
N HIS K 579 -2.73 53.33 11.67
CA HIS K 579 -3.10 51.93 11.41
C HIS K 579 -4.42 51.78 10.66
N ALA L 5 42.03 -66.49 -3.54
CA ALA L 5 41.38 -66.14 -4.79
C ALA L 5 40.71 -64.77 -4.71
N VAL L 6 41.44 -63.73 -5.11
CA VAL L 6 40.94 -62.36 -5.05
C VAL L 6 39.90 -62.08 -6.13
N PRO L 7 38.80 -61.41 -5.76
CA PRO L 7 37.70 -61.13 -6.68
C PRO L 7 37.96 -59.97 -7.65
N TYR L 8 37.66 -60.19 -8.92
CA TYR L 8 37.51 -59.09 -9.85
C TYR L 8 36.42 -58.19 -9.30
N GLY L 9 36.81 -57.00 -8.84
CA GLY L 9 35.85 -56.12 -8.23
C GLY L 9 36.50 -55.42 -7.05
N ARG L 10 37.58 -56.02 -6.57
CA ARG L 10 38.40 -55.37 -5.57
C ARG L 10 39.13 -54.20 -6.21
N LYS L 11 39.08 -54.12 -7.53
CA LYS L 11 39.70 -53.01 -8.25
C LYS L 11 38.95 -51.73 -7.99
N THR L 12 37.67 -51.85 -7.67
CA THR L 12 36.86 -50.69 -7.31
C THR L 12 37.34 -50.14 -5.96
N GLN L 13 38.00 -51.00 -5.20
CA GLN L 13 38.56 -50.62 -3.91
C GLN L 13 39.86 -49.86 -4.08
N HIS L 14 39.97 -48.72 -3.40
CA HIS L 14 41.21 -47.95 -3.40
C HIS L 14 41.57 -47.51 -1.98
N THR L 15 42.83 -47.70 -1.61
CA THR L 15 43.29 -47.30 -0.30
C THR L 15 43.18 -45.80 -0.09
N PRO L 16 42.76 -45.39 1.12
CA PRO L 16 42.75 -43.98 1.49
C PRO L 16 44.15 -43.40 1.45
N ALA L 17 44.24 -42.11 1.14
CA ALA L 17 45.50 -41.39 1.18
C ALA L 17 46.13 -41.57 2.55
N LEU L 18 45.34 -41.29 3.57
CA LEU L 18 45.73 -41.46 4.95
C LEU L 18 45.09 -42.72 5.53
N LYS L 19 45.91 -43.73 5.82
CA LYS L 19 45.42 -45.03 6.28
C LYS L 19 44.63 -44.96 7.59
N GLU L 20 45.22 -44.36 8.62
CA GLU L 20 44.59 -44.23 9.92
C GLU L 20 44.47 -42.77 10.29
N VAL L 21 43.64 -42.47 11.28
CA VAL L 21 43.58 -41.12 11.84
C VAL L 21 43.09 -41.19 13.28
N HIS L 22 43.72 -40.41 14.16
CA HIS L 22 43.30 -40.35 15.55
C HIS L 22 42.47 -39.10 15.79
N ILE L 23 41.27 -39.30 16.31
CA ILE L 23 40.43 -38.17 16.66
C ILE L 23 40.56 -37.90 18.16
N LEU L 24 41.37 -36.91 18.48
CA LEU L 24 41.57 -36.52 19.87
C LEU L 24 40.49 -35.52 20.27
N TRP L 25 39.64 -35.95 21.19
CA TRP L 25 38.49 -35.16 21.58
C TRP L 25 38.66 -34.60 22.98
N ILE L 26 38.92 -33.31 23.07
CA ILE L 26 39.02 -32.64 24.36
C ILE L 26 37.66 -32.14 24.81
N THR L 27 37.02 -32.89 25.71
CA THR L 27 35.70 -32.51 26.21
C THR L 27 35.82 -31.59 27.41
N ALA L 28 37.04 -31.16 27.70
CA ALA L 28 37.32 -30.48 28.95
C ALA L 28 37.40 -28.95 28.82
N GLY L 29 36.76 -28.40 27.80
CA GLY L 29 36.59 -26.96 27.73
C GLY L 29 35.51 -26.54 28.72
N LEU L 30 35.10 -25.28 28.69
CA LEU L 30 33.98 -24.86 29.52
C LEU L 30 32.67 -25.31 28.88
N GLY L 31 32.30 -26.56 29.12
CA GLY L 31 31.14 -27.14 28.45
C GLY L 31 30.40 -28.16 29.29
N CYS L 32 29.40 -28.79 28.70
CA CYS L 32 28.52 -29.70 29.42
C CYS L 32 28.55 -31.11 28.85
N ASP L 33 29.29 -31.29 27.75
CA ASP L 33 29.40 -32.57 27.06
C ASP L 33 28.16 -32.90 26.26
N GLY L 34 27.31 -31.90 26.04
CA GLY L 34 26.08 -32.09 25.30
C GLY L 34 26.27 -32.47 23.85
N ASP L 35 27.30 -31.92 23.23
CA ASP L 35 27.59 -32.19 21.83
C ASP L 35 28.17 -33.61 21.70
N SER L 36 28.84 -34.05 22.76
CA SER L 36 29.38 -35.40 22.79
C SER L 36 28.23 -36.41 22.92
N VAL L 37 27.32 -36.15 23.84
CA VAL L 37 26.14 -36.99 23.99
C VAL L 37 25.29 -36.94 22.72
N SER L 38 25.17 -35.76 22.14
CA SER L 38 24.30 -35.54 21.00
C SER L 38 24.60 -36.46 19.83
N ILE L 39 25.88 -36.65 19.51
CA ILE L 39 26.24 -37.38 18.31
C ILE L 39 26.02 -38.88 18.42
N THR L 40 25.68 -39.36 19.61
CA THR L 40 25.29 -40.76 19.78
C THR L 40 23.82 -40.97 19.40
N ALA L 41 23.15 -39.90 18.98
CA ALA L 41 21.79 -40.01 18.48
C ALA L 41 21.79 -40.00 16.95
N ALA L 42 22.97 -39.79 16.39
CA ALA L 42 23.13 -39.71 14.94
C ALA L 42 22.89 -41.06 14.29
N SER L 43 22.52 -41.03 13.00
CA SER L 43 22.37 -42.26 12.22
C SER L 43 22.93 -42.14 10.80
N GLN L 44 23.25 -40.93 10.39
CA GLN L 44 23.69 -40.70 9.02
C GLN L 44 24.92 -39.78 8.91
N PRO L 45 26.10 -40.30 9.26
CA PRO L 45 26.32 -41.65 9.77
C PRO L 45 26.19 -41.71 11.30
N SER L 46 26.10 -42.90 11.86
CA SER L 46 26.11 -43.04 13.32
C SER L 46 27.55 -43.18 13.81
N VAL L 47 27.76 -42.93 15.09
CA VAL L 47 29.12 -43.03 15.64
C VAL L 47 29.69 -44.42 15.39
N GLU L 48 28.87 -45.43 15.59
CA GLU L 48 29.32 -46.82 15.45
C GLU L 48 29.67 -47.13 14.00
N ASP L 49 28.92 -46.56 13.05
CA ASP L 49 29.19 -46.74 11.62
C ASP L 49 30.58 -46.25 11.26
N VAL L 50 30.94 -45.10 11.84
CA VAL L 50 32.23 -44.50 11.56
C VAL L 50 33.35 -45.33 12.18
N VAL L 51 33.17 -45.72 13.43
CA VAL L 51 34.19 -46.48 14.18
C VAL L 51 34.48 -47.86 13.59
N LEU L 52 33.47 -48.46 12.97
CA LEU L 52 33.62 -49.77 12.36
C LEU L 52 33.90 -49.68 10.87
N GLY L 53 33.95 -48.45 10.34
CA GLY L 53 34.20 -48.23 8.94
C GLY L 53 33.12 -48.79 8.03
N ALA L 54 31.90 -48.31 8.22
CA ALA L 54 30.75 -48.78 7.44
C ALA L 54 30.97 -48.45 5.98
N ILE L 55 31.36 -47.20 5.71
CA ILE L 55 31.68 -46.79 4.36
C ILE L 55 33.13 -47.14 4.05
N PRO L 56 33.33 -48.06 3.09
CA PRO L 56 34.66 -48.52 2.69
C PRO L 56 35.50 -47.43 2.04
N GLY L 57 36.82 -47.58 2.05
CA GLY L 57 37.70 -46.69 1.33
C GLY L 57 38.09 -45.44 2.12
N LEU L 58 37.77 -45.44 3.41
CA LEU L 58 38.09 -44.32 4.28
C LEU L 58 39.13 -44.70 5.33
N PRO L 59 39.72 -43.68 5.99
CA PRO L 59 40.76 -43.87 7.01
C PRO L 59 40.23 -44.57 8.26
N LYS L 60 40.96 -45.57 8.75
CA LYS L 60 40.61 -46.24 9.98
C LYS L 60 40.56 -45.24 11.12
N VAL L 61 39.40 -45.11 11.74
CA VAL L 61 39.21 -44.09 12.76
C VAL L 61 39.56 -44.63 14.14
N HIS L 62 40.34 -43.85 14.87
CA HIS L 62 40.60 -44.13 16.27
C HIS L 62 40.01 -43.00 17.09
N LEU L 63 38.82 -43.22 17.63
CA LEU L 63 38.15 -42.18 18.38
C LEU L 63 38.58 -42.17 19.84
N HIS L 64 39.04 -41.01 20.31
CA HIS L 64 39.45 -40.86 21.70
C HIS L 64 38.55 -39.88 22.44
N ASN L 65 37.32 -40.32 22.72
CA ASN L 65 36.33 -39.52 23.44
C ASN L 65 36.09 -40.10 24.83
N PRO L 66 36.32 -39.27 25.87
CA PRO L 66 36.30 -39.72 27.26
C PRO L 66 34.97 -40.36 27.67
N VAL L 67 33.88 -39.93 27.05
CA VAL L 67 32.55 -40.39 27.46
C VAL L 67 32.27 -41.84 27.08
N LEU L 68 32.86 -42.32 25.99
CA LEU L 68 32.64 -43.70 25.56
C LEU L 68 33.90 -44.58 25.62
N ALA L 69 35.07 -43.96 25.80
CA ALA L 69 36.35 -44.68 25.72
C ALA L 69 36.46 -45.87 26.66
N TYR L 70 37.11 -46.93 26.20
CA TYR L 70 37.34 -48.08 27.06
C TYR L 70 38.38 -47.76 28.12
N GLU L 71 39.52 -47.27 27.64
CA GLU L 71 40.63 -46.88 28.51
C GLU L 71 40.19 -45.84 29.52
N ASN L 72 40.85 -45.85 30.67
CA ASN L 72 40.49 -44.97 31.77
C ASN L 72 41.71 -44.26 32.30
N GLY L 73 41.52 -43.04 32.84
CA GLY L 73 42.60 -42.31 33.47
C GLY L 73 43.82 -42.07 32.60
N ASP L 74 44.99 -42.40 33.13
CA ASP L 74 46.26 -42.17 32.43
C ASP L 74 46.33 -42.98 31.14
N GLU L 75 45.76 -44.17 31.17
CA GLU L 75 45.72 -45.04 30.00
C GLU L 75 45.00 -44.35 28.83
N PHE L 76 44.10 -43.43 29.16
CA PHE L 76 43.30 -42.71 28.18
C PHE L 76 44.00 -41.45 27.66
N MET L 77 44.87 -40.88 28.48
CA MET L 77 45.56 -39.66 28.11
C MET L 77 46.79 -39.89 27.22
N ALA L 78 47.24 -41.13 27.15
CA ALA L 78 48.50 -41.45 26.48
C ALA L 78 48.62 -40.85 25.08
N PRO L 79 47.64 -41.13 24.20
CA PRO L 79 47.72 -40.61 22.83
C PRO L 79 47.74 -39.09 22.81
N PHE L 80 47.10 -38.48 23.80
CA PHE L 80 47.10 -37.03 23.93
C PHE L 80 48.50 -36.51 24.25
N HIS L 81 49.18 -37.16 25.19
CA HIS L 81 50.55 -36.77 25.54
C HIS L 81 51.50 -37.17 24.41
N LYS L 82 51.22 -38.31 23.79
CA LYS L 82 52.00 -38.78 22.64
C LYS L 82 51.94 -37.77 21.49
N ALA L 83 50.77 -37.26 21.18
CA ALA L 83 50.63 -36.29 20.09
C ALA L 83 51.36 -34.98 20.38
N ALA L 84 51.36 -34.55 21.64
CA ALA L 84 52.01 -33.31 22.04
C ALA L 84 53.53 -33.39 21.86
N ARG L 85 54.10 -34.56 22.12
CA ARG L 85 55.53 -34.80 21.89
C ARG L 85 55.83 -35.09 20.41
N GLY L 86 54.84 -34.85 19.54
CA GLY L 86 55.02 -35.04 18.12
C GLY L 86 55.26 -36.49 17.72
N GLU L 87 54.75 -37.41 18.53
CA GLU L 87 54.88 -38.83 18.25
C GLU L 87 53.75 -39.33 17.35
N ILE L 88 52.86 -38.42 16.98
CA ILE L 88 51.71 -38.77 16.14
C ILE L 88 51.51 -37.70 15.08
N ASP L 89 51.43 -38.14 13.82
CA ASP L 89 51.36 -37.23 12.67
C ASP L 89 50.06 -37.39 11.89
N ASN L 90 49.10 -38.07 12.50
CA ASN L 90 47.84 -38.36 11.85
C ASN L 90 46.66 -38.26 12.81
N PHE L 91 46.53 -37.11 13.48
CA PHE L 91 45.39 -36.90 14.35
C PHE L 91 44.64 -35.61 14.03
N VAL L 92 43.33 -35.66 14.32
CA VAL L 92 42.46 -34.50 14.24
C VAL L 92 42.11 -34.07 15.66
N LEU L 93 42.12 -32.77 15.93
CA LEU L 93 41.75 -32.29 17.26
C LEU L 93 40.35 -31.71 17.26
N VAL L 94 39.53 -32.16 18.21
CA VAL L 94 38.18 -31.65 18.36
C VAL L 94 38.02 -31.03 19.75
N LEU L 95 37.37 -29.88 19.83
CA LEU L 95 37.18 -29.23 21.11
C LEU L 95 35.71 -29.03 21.42
N GLU L 96 35.35 -29.27 22.67
CA GLU L 96 33.99 -29.12 23.13
C GLU L 96 34.02 -28.30 24.41
N GLY L 97 33.21 -27.25 24.45
CA GLY L 97 33.18 -26.33 25.59
C GLY L 97 34.00 -25.09 25.30
N SER L 98 33.69 -24.00 25.99
CA SER L 98 34.42 -22.75 25.79
C SER L 98 35.88 -22.84 26.23
N ILE L 99 36.71 -21.98 25.66
CA ILE L 99 38.12 -21.88 26.07
C ILE L 99 38.31 -20.78 27.10
N PRO L 100 38.76 -21.14 28.31
CA PRO L 100 38.78 -20.16 29.39
C PRO L 100 39.96 -19.21 29.31
N ASN L 101 39.79 -18.01 29.86
CA ASN L 101 40.87 -17.05 29.98
C ASN L 101 41.70 -17.36 31.23
N GLU L 102 42.87 -17.96 31.04
CA GLU L 102 43.70 -18.38 32.16
C GLU L 102 44.73 -17.31 32.53
N ARG L 103 44.70 -16.19 31.82
CA ARG L 103 45.66 -15.10 32.05
C ARG L 103 45.24 -14.21 33.22
N ILE L 104 43.95 -14.21 33.54
CA ILE L 104 43.42 -13.49 34.69
C ILE L 104 43.64 -14.33 35.95
N ASN L 105 44.16 -15.54 35.74
CA ASN L 105 44.74 -16.35 36.80
C ASN L 105 46.26 -16.28 36.67
N GLY L 106 46.97 -16.52 37.75
CA GLY L 106 46.37 -16.97 39.00
C GLY L 106 47.26 -18.10 39.48
N GLU L 107 46.81 -18.80 40.50
CA GLU L 107 47.53 -19.97 40.97
C GLU L 107 46.88 -21.22 40.42
N GLY L 108 45.64 -21.07 39.96
CA GLY L 108 44.82 -22.22 39.65
C GLY L 108 44.46 -22.44 38.19
N TYR L 109 43.23 -22.89 37.99
CA TYR L 109 42.77 -23.28 36.66
C TYR L 109 41.24 -23.27 36.59
N TRP L 110 40.72 -22.58 35.59
CA TRP L 110 39.30 -22.61 35.31
C TRP L 110 38.87 -23.99 34.87
N ALA L 111 39.69 -24.60 34.03
CA ALA L 111 39.41 -25.95 33.53
C ALA L 111 40.71 -26.63 33.11
N ALA L 112 40.78 -27.94 33.33
CA ALA L 112 41.94 -28.71 32.94
C ALA L 112 41.53 -30.15 32.64
N MET L 113 42.42 -30.89 31.97
CA MET L 113 42.12 -32.28 31.66
C MET L 113 43.13 -33.22 32.33
N GLY L 114 44.35 -33.26 31.82
CA GLY L 114 45.36 -34.13 32.40
C GLY L 114 46.15 -33.51 33.54
N THR L 115 47.23 -34.17 33.91
CA THR L 115 48.19 -33.62 34.86
C THR L 115 49.58 -33.95 34.36
N ASP L 116 50.47 -32.96 34.38
CA ASP L 116 51.86 -33.13 33.96
C ASP L 116 52.65 -33.91 35.01
N PRO L 117 53.32 -34.98 34.58
CA PRO L 117 54.17 -35.79 35.48
C PRO L 117 55.18 -34.95 36.28
N GLN L 118 55.94 -34.12 35.60
CA GLN L 118 56.99 -33.34 36.25
C GLN L 118 56.40 -32.26 37.16
N THR L 119 55.34 -31.63 36.70
CA THR L 119 54.70 -30.53 37.43
C THR L 119 53.70 -31.05 38.46
N HIS L 120 53.00 -32.12 38.10
CA HIS L 120 51.98 -32.72 38.95
C HIS L 120 50.71 -31.87 39.07
N GLN L 121 50.74 -30.68 38.49
CA GLN L 121 49.55 -29.84 38.46
C GLN L 121 48.74 -30.15 37.20
N PRO L 122 47.43 -29.87 37.23
CA PRO L 122 46.55 -30.06 36.08
C PRO L 122 47.01 -29.29 34.84
N ILE L 123 46.77 -29.87 33.67
CA ILE L 123 47.07 -29.23 32.39
C ILE L 123 45.85 -28.46 31.88
N THR L 124 45.99 -27.16 31.67
CA THR L 124 44.89 -26.33 31.21
C THR L 124 44.63 -26.52 29.71
N ILE L 125 43.41 -26.19 29.30
CA ILE L 125 43.03 -26.31 27.89
C ILE L 125 43.91 -25.46 26.98
N PRO L 126 44.08 -24.17 27.33
CA PRO L 126 44.91 -23.28 26.51
C PRO L 126 46.32 -23.83 26.32
N GLU L 127 46.84 -24.55 27.31
CA GLU L 127 48.10 -25.27 27.15
C GLU L 127 47.91 -26.40 26.13
N TRP L 128 46.90 -27.24 26.35
CA TRP L 128 46.59 -28.34 25.45
C TRP L 128 46.48 -27.89 24.00
N LEU L 129 45.83 -26.76 23.78
CA LEU L 129 45.70 -26.21 22.44
C LEU L 129 47.07 -25.82 21.91
N ASP L 130 47.85 -25.16 22.76
CA ASP L 130 49.20 -24.78 22.43
C ASP L 130 50.05 -25.97 22.02
N ARG L 131 49.93 -27.08 22.76
CA ARG L 131 50.72 -28.26 22.50
C ARG L 131 50.23 -29.02 21.26
N LEU L 132 48.92 -29.01 21.03
CA LEU L 132 48.31 -29.90 20.04
C LEU L 132 47.94 -29.24 18.70
N ALA L 133 47.24 -28.11 18.75
CA ALA L 133 46.73 -27.45 17.55
C ALA L 133 47.74 -27.32 16.40
N PRO L 134 48.95 -26.83 16.67
CA PRO L 134 49.92 -26.65 15.60
C PRO L 134 50.47 -27.97 15.05
N LYS L 135 50.07 -29.09 15.65
CA LYS L 135 50.54 -30.39 15.17
C LYS L 135 49.39 -31.22 14.61
N ALA L 136 48.19 -30.65 14.63
CA ALA L 136 46.98 -31.33 14.18
C ALA L 136 46.83 -31.30 12.66
N LEU L 137 46.25 -32.37 12.10
CA LEU L 137 45.92 -32.37 10.69
C LEU L 137 44.79 -31.40 10.41
N ALA L 138 43.89 -31.26 11.38
CA ALA L 138 42.81 -30.29 11.30
C ALA L 138 42.21 -30.06 12.67
N VAL L 139 41.58 -28.89 12.84
CA VAL L 139 41.01 -28.52 14.13
C VAL L 139 39.51 -28.29 14.00
N VAL L 140 38.72 -28.97 14.84
CA VAL L 140 37.27 -28.89 14.75
C VAL L 140 36.64 -28.33 16.03
N GLY L 141 35.69 -27.41 15.86
CA GLY L 141 34.93 -26.88 16.98
C GLY L 141 33.57 -27.55 17.09
N ALA L 142 33.38 -28.33 18.15
CA ALA L 142 32.11 -29.04 18.36
C ALA L 142 31.19 -28.23 19.25
N GLY L 143 30.18 -27.62 18.64
CA GLY L 143 29.18 -26.90 19.40
C GLY L 143 29.48 -25.42 19.47
N THR L 144 28.49 -24.65 19.92
CA THR L 144 28.56 -23.21 19.88
C THR L 144 29.57 -22.67 20.89
N CYS L 145 29.71 -23.35 22.02
CA CYS L 145 30.68 -22.93 23.04
C CYS L 145 32.07 -22.93 22.45
N ALA L 146 32.45 -24.08 21.91
CA ALA L 146 33.78 -24.27 21.36
C ALA L 146 33.99 -23.40 20.12
N THR L 147 32.92 -23.06 19.43
CA THR L 147 33.01 -22.31 18.17
C THR L 147 33.05 -20.80 18.37
N TYR L 148 32.14 -20.29 19.21
CA TYR L 148 31.94 -18.85 19.34
C TYR L 148 31.89 -18.36 20.78
N GLY L 149 32.26 -19.21 21.73
CA GLY L 149 32.17 -18.83 23.13
C GLY L 149 30.93 -19.39 23.80
N GLY L 150 29.76 -19.10 23.21
CA GLY L 150 28.52 -19.71 23.63
C GLY L 150 27.92 -19.17 24.91
N ILE L 151 27.03 -19.93 25.51
CA ILE L 151 26.27 -19.47 26.67
C ILE L 151 27.16 -19.21 27.87
N HIS L 152 28.38 -19.74 27.82
CA HIS L 152 29.30 -19.62 28.94
C HIS L 152 30.18 -18.39 28.76
N ALA L 153 30.32 -17.93 27.52
CA ALA L 153 30.97 -16.66 27.23
C ALA L 153 29.93 -15.56 27.30
N MET L 154 28.99 -15.73 28.22
CA MET L 154 27.87 -14.81 28.37
C MET L 154 28.31 -13.55 29.10
N GLU L 155 27.61 -12.46 28.85
CA GLU L 155 27.94 -11.19 29.48
C GLU L 155 27.83 -11.26 31.00
N GLY L 156 28.99 -11.29 31.67
CA GLY L 156 29.03 -11.30 33.12
C GLY L 156 29.67 -12.55 33.68
N ASN L 157 30.27 -13.35 32.80
CA ASN L 157 30.93 -14.58 33.19
C ASN L 157 32.31 -14.34 33.82
N PRO L 158 32.65 -15.11 34.86
CA PRO L 158 33.90 -14.94 35.59
C PRO L 158 35.09 -15.60 34.89
N THR L 159 34.85 -16.21 33.73
CA THR L 159 35.92 -16.91 33.03
C THR L 159 36.49 -16.09 31.88
N GLY L 160 35.68 -15.19 31.33
CA GLY L 160 36.07 -14.41 30.16
C GLY L 160 36.42 -15.31 28.99
N CYS L 161 35.72 -16.42 28.86
CA CYS L 161 36.04 -17.46 27.89
C CYS L 161 35.67 -17.06 26.46
N MET L 162 36.00 -17.94 25.53
CA MET L 162 35.98 -17.61 24.11
C MET L 162 35.99 -18.88 23.27
N GLY L 163 35.87 -18.72 21.95
CA GLY L 163 35.86 -19.86 21.05
C GLY L 163 37.20 -20.13 20.42
N LEU L 164 37.24 -21.12 19.51
CA LEU L 164 38.50 -21.51 18.88
C LEU L 164 39.09 -20.37 18.09
N ALA L 165 38.34 -19.89 17.11
CA ALA L 165 38.81 -18.84 16.20
C ALA L 165 39.22 -17.60 16.96
N ASP L 166 38.70 -17.43 18.17
CA ASP L 166 39.12 -16.34 19.03
C ASP L 166 40.52 -16.58 19.56
N TYR L 167 40.74 -17.79 20.10
CA TYR L 167 42.01 -18.14 20.72
C TYR L 167 43.15 -18.21 19.71
N LEU L 168 42.90 -18.85 18.58
CA LEU L 168 43.81 -18.79 17.43
C LEU L 168 43.36 -17.63 16.57
N GLY L 169 43.81 -17.59 15.32
CA GLY L 169 43.31 -16.57 14.41
C GLY L 169 42.08 -17.07 13.68
N TRP L 170 41.26 -16.16 13.18
CA TRP L 170 40.16 -16.54 12.30
C TRP L 170 40.72 -17.04 10.98
N GLN L 171 41.96 -16.66 10.67
CA GLN L 171 42.62 -17.14 9.45
C GLN L 171 43.60 -18.29 9.74
N TRP L 172 43.61 -18.78 10.97
CA TRP L 172 44.44 -19.90 11.36
C TRP L 172 44.28 -21.10 10.41
N LYS L 173 45.39 -21.71 10.04
CA LYS L 173 45.37 -22.88 9.17
C LYS L 173 46.09 -24.05 9.81
N SER L 174 45.62 -25.26 9.53
CA SER L 174 46.34 -26.47 9.94
C SER L 174 47.62 -26.58 9.15
N ARG L 175 48.52 -27.45 9.59
CA ARG L 175 49.73 -27.71 8.84
C ARG L 175 49.39 -28.39 7.52
N ALA L 176 48.16 -28.92 7.44
CA ALA L 176 47.68 -29.58 6.23
C ALA L 176 46.93 -28.59 5.37
N GLY L 177 46.69 -27.40 5.90
CA GLY L 177 46.10 -26.32 5.14
C GLY L 177 44.62 -26.15 5.34
N LEU L 178 44.07 -26.81 6.35
CA LEU L 178 42.64 -26.69 6.63
C LEU L 178 42.36 -25.64 7.70
N PRO L 179 41.41 -24.75 7.43
CA PRO L 179 41.04 -23.75 8.43
C PRO L 179 40.32 -24.41 9.58
N ILE L 180 40.13 -23.70 10.68
CA ILE L 180 39.32 -24.21 11.79
C ILE L 180 37.92 -24.54 11.27
N VAL L 181 37.42 -25.73 11.57
CA VAL L 181 36.10 -26.13 11.11
C VAL L 181 35.05 -26.01 12.22
N ASN L 182 34.21 -24.98 12.12
CA ASN L 182 33.19 -24.70 13.13
C ASN L 182 31.85 -25.41 12.87
N VAL L 183 31.50 -26.35 13.74
CA VAL L 183 30.17 -26.92 13.71
C VAL L 183 29.37 -26.45 14.93
N PRO L 184 28.77 -25.26 14.82
CA PRO L 184 27.98 -24.64 15.90
C PRO L 184 26.68 -25.40 16.19
N GLY L 185 25.88 -24.86 17.11
CA GLY L 185 24.70 -25.55 17.59
C GLY L 185 24.86 -25.88 19.05
N CYS L 186 23.78 -25.75 19.82
CA CYS L 186 23.85 -25.96 21.25
C CYS L 186 22.65 -26.77 21.76
N PRO L 187 22.78 -28.10 21.78
CA PRO L 187 23.94 -28.85 21.29
C PRO L 187 23.94 -28.98 19.79
N VAL L 188 25.05 -29.43 19.24
CA VAL L 188 25.17 -29.65 17.80
C VAL L 188 24.10 -30.63 17.35
N GLN L 189 23.50 -30.38 16.19
CA GLN L 189 22.52 -31.32 15.64
C GLN L 189 23.25 -32.61 15.32
N PRO L 190 22.76 -33.76 15.84
CA PRO L 190 23.49 -35.03 15.79
C PRO L 190 24.02 -35.38 14.40
N ASP L 191 23.16 -35.42 13.39
CA ASP L 191 23.60 -35.74 12.04
C ASP L 191 24.48 -34.64 11.46
N ASN L 192 24.32 -33.41 11.97
CA ASN L 192 25.09 -32.27 11.46
C ASN L 192 26.60 -32.46 11.62
N PHE L 193 27.02 -32.70 12.85
CA PHE L 193 28.42 -32.92 13.14
C PHE L 193 28.97 -34.18 12.48
N MET L 194 28.16 -35.24 12.43
CA MET L 194 28.60 -36.51 11.86
C MET L 194 28.78 -36.42 10.34
N GLU L 195 27.99 -35.57 9.68
CA GLU L 195 28.20 -35.32 8.25
C GLU L 195 29.51 -34.57 8.02
N THR L 196 29.76 -33.56 8.84
CA THR L 196 30.98 -32.78 8.74
C THR L 196 32.20 -33.66 8.99
N LEU L 197 32.13 -34.48 10.04
CA LEU L 197 33.20 -35.41 10.35
C LEU L 197 33.41 -36.37 9.18
N LEU L 198 32.31 -36.81 8.59
CA LEU L 198 32.37 -37.74 7.48
C LEU L 198 33.05 -37.08 6.27
N TYR L 199 32.86 -35.77 6.13
CA TYR L 199 33.46 -35.04 5.00
C TYR L 199 34.97 -34.95 5.18
N LEU L 200 35.41 -34.63 6.39
CA LEU L 200 36.83 -34.60 6.71
C LEU L 200 37.50 -35.94 6.40
N LEU L 201 36.80 -37.03 6.69
CA LEU L 201 37.33 -38.36 6.37
C LEU L 201 37.46 -38.55 4.86
N TYR L 202 36.42 -38.19 4.10
CA TYR L 202 36.48 -38.28 2.65
C TYR L 202 37.61 -37.44 2.06
N GLN L 203 37.85 -36.28 2.69
CA GLN L 203 38.90 -35.38 2.24
C GLN L 203 40.27 -35.96 2.55
N LEU L 204 40.50 -36.30 3.81
CA LEU L 204 41.77 -36.88 4.27
C LEU L 204 42.13 -38.15 3.48
N ALA L 205 41.12 -38.81 2.95
CA ALA L 205 41.34 -39.98 2.10
C ALA L 205 41.69 -39.54 0.67
N GLY L 206 41.46 -38.26 0.39
CA GLY L 206 41.71 -37.70 -0.93
C GLY L 206 40.58 -38.01 -1.90
N LEU L 207 39.34 -37.92 -1.42
CA LEU L 207 38.18 -38.22 -2.25
C LEU L 207 37.25 -37.02 -2.41
N ALA L 208 37.62 -35.89 -1.82
CA ALA L 208 36.82 -34.68 -1.92
C ALA L 208 37.69 -33.44 -1.81
N PRO L 209 37.21 -32.31 -2.37
CA PRO L 209 37.89 -31.02 -2.30
C PRO L 209 37.91 -30.46 -0.89
N MET L 210 38.63 -29.34 -0.70
CA MET L 210 38.66 -28.66 0.59
C MET L 210 37.24 -28.40 1.08
N ILE L 211 37.02 -28.62 2.38
CA ILE L 211 35.69 -28.45 2.96
C ILE L 211 35.25 -26.98 2.87
N PRO L 212 34.16 -26.72 2.15
CA PRO L 212 33.62 -25.37 1.95
C PRO L 212 33.01 -24.77 3.21
N LEU L 213 33.50 -23.61 3.62
CA LEU L 213 33.03 -22.94 4.83
C LEU L 213 32.76 -21.45 4.57
N ASP L 214 31.90 -20.83 5.36
CA ASP L 214 31.62 -19.41 5.20
C ASP L 214 32.54 -18.58 6.07
N GLU L 215 32.17 -17.32 6.28
CA GLU L 215 33.01 -16.37 7.01
C GLU L 215 33.15 -16.80 8.46
N ALA L 216 32.08 -17.36 9.02
CA ALA L 216 32.11 -17.86 10.39
C ALA L 216 32.67 -19.28 10.44
N LEU L 217 33.23 -19.73 9.33
CA LEU L 217 33.89 -21.04 9.24
C LEU L 217 32.92 -22.24 9.32
N ARG L 218 31.63 -21.99 9.15
CA ARG L 218 30.62 -23.05 9.20
C ARG L 218 30.47 -23.79 7.86
N PRO L 219 30.35 -25.13 7.91
CA PRO L 219 30.13 -25.91 6.68
C PRO L 219 28.89 -25.42 5.91
N LYS L 220 29.07 -25.24 4.62
CA LYS L 220 28.16 -24.40 3.84
C LYS L 220 26.84 -25.07 3.54
N TRP L 221 26.83 -26.39 3.41
CA TRP L 221 25.62 -27.08 3.04
C TRP L 221 24.69 -27.24 4.23
N LEU L 222 25.13 -26.75 5.38
CA LEU L 222 24.40 -26.93 6.62
C LEU L 222 23.94 -25.61 7.24
N PHE L 223 24.72 -24.54 7.05
CA PHE L 223 24.48 -23.32 7.81
C PHE L 223 24.26 -22.05 6.97
N THR L 224 24.11 -22.22 5.67
CA THR L 224 23.84 -21.10 4.76
C THR L 224 22.40 -20.60 4.88
N ARG L 225 21.45 -21.50 4.63
CA ARG L 225 20.02 -21.17 4.70
C ARG L 225 19.60 -20.95 6.15
N THR L 226 18.53 -20.21 6.37
CA THR L 226 18.10 -19.84 7.72
C THR L 226 17.07 -20.82 8.28
N VAL L 227 16.78 -20.69 9.57
CA VAL L 227 15.70 -21.45 10.18
C VAL L 227 14.36 -21.15 9.51
N HIS L 228 14.06 -19.87 9.35
CA HIS L 228 12.87 -19.46 8.63
C HIS L 228 12.81 -20.09 7.23
N ASP L 229 13.96 -20.17 6.56
CA ASP L 229 14.00 -20.70 5.20
C ASP L 229 13.57 -22.17 5.11
N GLY L 230 13.50 -22.83 6.25
CA GLY L 230 13.16 -24.24 6.29
C GLY L 230 12.15 -24.53 7.37
N CYS L 231 11.41 -23.50 7.78
CA CYS L 231 10.38 -23.65 8.81
C CYS L 231 9.02 -23.90 8.18
N ASP L 232 8.35 -24.97 8.58
CA ASP L 232 7.05 -25.32 7.99
C ASP L 232 5.89 -24.58 8.64
N ARG L 233 6.19 -23.52 9.38
CA ARG L 233 5.14 -22.63 9.88
C ARG L 233 5.15 -21.31 9.11
N ALA L 234 6.04 -21.21 8.13
CA ALA L 234 6.15 -20.02 7.31
C ALA L 234 4.86 -19.75 6.55
N GLY L 235 4.14 -20.82 6.21
CA GLY L 235 2.86 -20.71 5.56
C GLY L 235 1.93 -19.79 6.33
N SER L 236 1.88 -19.96 7.64
CA SER L 236 1.04 -19.10 8.47
C SER L 236 1.61 -17.70 8.52
N TYR L 237 2.92 -17.60 8.34
CA TYR L 237 3.62 -16.32 8.32
C TYR L 237 3.28 -15.55 7.04
N GLU L 238 3.32 -16.25 5.92
CA GLU L 238 3.03 -15.64 4.63
C GLU L 238 1.56 -15.24 4.53
N GLN L 239 0.71 -15.88 5.32
CA GLN L 239 -0.72 -15.61 5.29
C GLN L 239 -1.15 -14.73 6.46
N ALA L 240 -0.18 -14.13 7.15
CA ALA L 240 -0.45 -13.20 8.24
C ALA L 240 -1.31 -13.84 9.32
N ILE L 241 -0.82 -14.95 9.87
CA ILE L 241 -1.52 -15.68 10.94
C ILE L 241 -0.53 -16.01 12.04
N PHE L 242 -0.57 -15.24 13.13
CA PHE L 242 0.47 -15.34 14.16
C PHE L 242 -0.10 -15.74 15.51
N ALA L 243 0.58 -16.66 16.17
CA ALA L 243 0.15 -17.18 17.47
C ALA L 243 0.21 -16.10 18.54
N THR L 244 -0.72 -16.17 19.49
CA THR L 244 -0.75 -15.21 20.58
C THR L 244 -0.27 -15.84 21.88
N GLU L 245 -0.48 -17.14 22.01
CA GLU L 245 -0.03 -17.89 23.17
C GLU L 245 0.84 -19.07 22.73
N TYR L 246 1.68 -19.59 23.63
CA TYR L 246 2.46 -20.76 23.30
C TYR L 246 1.53 -21.97 23.19
N GLY L 247 1.82 -22.85 22.24
CA GLY L 247 1.01 -24.03 22.03
C GLY L 247 0.19 -23.92 20.76
N ASN L 248 0.00 -22.70 20.29
CA ASN L 248 -0.66 -22.47 19.03
C ASN L 248 0.16 -23.05 17.89
N PRO L 249 -0.49 -23.64 16.88
CA PRO L 249 0.18 -24.31 15.76
C PRO L 249 0.72 -23.35 14.69
N ASN L 250 0.49 -22.05 14.85
CA ASN L 250 0.94 -21.10 13.84
C ASN L 250 2.30 -20.51 14.18
N CYS L 251 2.78 -19.59 13.35
CA CYS L 251 4.06 -18.94 13.58
C CYS L 251 4.12 -18.31 14.97
N ILE L 252 5.30 -18.36 15.58
CA ILE L 252 5.45 -17.88 16.93
C ILE L 252 6.51 -16.79 17.04
N VAL L 253 6.73 -16.09 15.94
CA VAL L 253 7.69 -14.99 15.91
C VAL L 253 7.39 -13.93 16.99
N LYS L 254 6.11 -13.65 17.20
CA LYS L 254 5.72 -12.68 18.22
C LYS L 254 5.86 -13.22 19.64
N LEU L 255 6.29 -14.48 19.76
CA LEU L 255 6.42 -15.12 21.06
C LEU L 255 7.90 -15.33 21.40
N GLY L 256 8.77 -15.01 20.45
CA GLY L 256 10.20 -14.97 20.70
C GLY L 256 11.05 -15.60 19.64
N CYS L 257 10.42 -15.98 18.53
CA CYS L 257 11.15 -16.69 17.50
C CYS L 257 12.05 -15.74 16.73
N TRP L 258 13.36 -15.97 16.82
CA TRP L 258 14.34 -15.23 16.04
C TRP L 258 14.61 -15.88 14.69
N GLY L 259 13.65 -16.66 14.20
CA GLY L 259 13.87 -17.55 13.09
C GLY L 259 14.44 -16.96 11.81
N PRO L 260 13.84 -15.87 11.32
CA PRO L 260 14.18 -15.35 9.99
C PRO L 260 15.60 -14.81 9.87
N VAL L 261 16.31 -14.64 10.98
CA VAL L 261 17.67 -14.11 10.91
C VAL L 261 18.74 -15.03 11.48
N VAL L 262 18.34 -16.25 11.84
CA VAL L 262 19.28 -17.23 12.41
C VAL L 262 19.68 -18.29 11.39
N GLN L 263 20.96 -18.64 11.37
CA GLN L 263 21.48 -19.63 10.43
C GLN L 263 21.55 -21.03 11.04
N CYS L 264 20.64 -21.90 10.60
CA CYS L 264 20.51 -23.24 11.15
C CYS L 264 19.85 -24.15 10.11
N ASN L 265 19.55 -25.39 10.50
CA ASN L 265 18.80 -26.27 9.61
C ASN L 265 17.92 -27.26 10.34
N VAL L 266 17.85 -27.12 11.66
CA VAL L 266 17.12 -28.07 12.48
C VAL L 266 15.66 -28.26 12.02
N PRO L 267 14.90 -27.16 11.91
CA PRO L 267 13.49 -27.33 11.51
C PRO L 267 13.34 -28.03 10.15
N LYS L 268 14.21 -27.67 9.20
CA LYS L 268 14.20 -28.27 7.88
C LYS L 268 14.66 -29.72 7.92
N ARG L 269 15.35 -30.07 8.99
CA ARG L 269 16.04 -31.34 9.06
C ARG L 269 15.46 -32.22 10.15
N GLY L 270 14.83 -31.58 11.13
CA GLY L 270 14.35 -32.27 12.32
C GLY L 270 15.52 -32.52 13.24
N TRP L 271 15.26 -33.06 14.42
CA TRP L 271 16.33 -33.31 15.37
C TRP L 271 16.94 -34.70 15.19
N ILE L 272 16.23 -35.73 15.61
CA ILE L 272 16.64 -37.12 15.35
C ILE L 272 15.63 -37.75 14.41
N ALA L 273 16.11 -38.41 13.35
CA ALA L 273 15.24 -39.04 12.35
C ALA L 273 13.99 -38.21 12.02
N GLY L 274 14.19 -36.91 11.88
CA GLY L 274 13.15 -35.99 11.45
C GLY L 274 12.01 -35.84 12.42
N VAL L 275 12.25 -36.12 13.69
CA VAL L 275 11.16 -36.11 14.65
C VAL L 275 10.91 -34.76 15.31
N GLY L 276 11.97 -34.07 15.70
CA GLY L 276 11.78 -32.87 16.49
C GLY L 276 12.24 -31.56 15.87
N GLY L 277 12.64 -30.64 16.73
CA GLY L 277 13.20 -29.39 16.27
C GLY L 277 12.84 -28.26 17.20
N CYS L 278 12.71 -27.06 16.64
CA CYS L 278 12.42 -25.90 17.45
C CYS L 278 11.10 -25.23 17.02
N PRO L 279 11.14 -24.25 16.10
CA PRO L 279 9.87 -23.54 15.90
C PRO L 279 8.82 -24.41 15.20
N ASN L 280 9.27 -25.26 14.29
CA ASN L 280 8.39 -26.18 13.57
C ASN L 280 7.46 -26.98 14.47
N VAL L 281 7.85 -27.14 15.73
CA VAL L 281 7.04 -27.91 16.68
C VAL L 281 6.65 -27.12 17.93
N GLY L 282 6.78 -25.79 17.87
CA GLY L 282 6.31 -24.94 18.95
C GLY L 282 7.34 -24.39 19.91
N GLY L 283 8.62 -24.46 19.52
CA GLY L 283 9.70 -23.95 20.33
C GLY L 283 10.37 -22.76 19.66
N ILE L 284 10.36 -21.62 20.33
CA ILE L 284 10.97 -20.43 19.76
C ILE L 284 12.45 -20.69 19.50
N CYS L 285 12.95 -20.23 18.34
CA CYS L 285 14.36 -20.37 18.03
C CYS L 285 15.18 -19.30 18.74
N ILE L 286 16.08 -19.72 19.61
CA ILE L 286 16.81 -18.77 20.44
C ILE L 286 18.21 -18.51 19.87
N GLY L 287 18.39 -18.82 18.59
CA GLY L 287 19.63 -18.57 17.88
C GLY L 287 20.88 -19.17 18.50
N CYS L 288 20.75 -20.41 19.00
CA CYS L 288 21.81 -21.06 19.73
C CYS L 288 23.01 -21.42 18.87
N THR L 289 22.87 -21.28 17.56
CA THR L 289 23.97 -21.53 16.64
C THR L 289 24.70 -20.27 16.21
N MET L 290 24.16 -19.11 16.57
CA MET L 290 24.74 -17.84 16.11
C MET L 290 25.87 -17.37 17.03
N PRO L 291 26.91 -16.78 16.43
CA PRO L 291 28.04 -16.21 17.16
C PRO L 291 27.61 -15.19 18.21
N GLY L 292 26.44 -14.59 18.02
CA GLY L 292 25.92 -13.63 18.98
C GLY L 292 25.19 -14.26 20.15
N PHE L 293 24.99 -15.58 20.09
CA PHE L 293 24.27 -16.30 21.15
C PHE L 293 25.08 -16.31 22.44
N PRO L 294 24.41 -16.07 23.58
CA PRO L 294 22.97 -15.82 23.76
C PRO L 294 22.61 -14.37 24.00
N ASP L 295 23.61 -13.52 24.24
CA ASP L 295 23.36 -12.15 24.71
C ASP L 295 22.53 -11.33 23.73
N LYS L 296 22.81 -11.47 22.43
CA LYS L 296 22.09 -10.67 21.45
C LYS L 296 20.67 -11.18 21.19
N PHE L 297 20.22 -12.15 21.97
CA PHE L 297 18.89 -12.73 21.79
C PHE L 297 18.02 -12.61 23.04
N MET L 298 18.67 -12.55 24.20
CA MET L 298 17.91 -12.43 25.44
C MET L 298 17.27 -11.05 25.54
N PRO L 299 16.11 -10.97 26.22
CA PRO L 299 15.45 -12.14 26.81
C PRO L 299 14.65 -12.91 25.76
N PHE L 300 14.74 -14.24 25.82
CA PHE L 300 14.26 -15.09 24.75
C PHE L 300 12.75 -15.01 24.47
N MET L 301 11.94 -14.96 25.52
CA MET L 301 10.48 -15.02 25.35
C MET L 301 9.86 -13.66 25.04
N ASP L 302 10.68 -12.73 24.55
CA ASP L 302 10.18 -11.45 24.05
C ASP L 302 10.30 -11.41 22.53
N ALA L 303 9.32 -10.80 21.86
CA ALA L 303 9.37 -10.67 20.41
C ALA L 303 10.63 -9.91 19.97
N PRO L 304 11.31 -10.41 18.94
CA PRO L 304 12.45 -9.71 18.35
C PRO L 304 12.00 -8.39 17.72
N PRO L 305 12.72 -7.31 17.98
CA PRO L 305 12.32 -5.93 17.64
C PRO L 305 11.87 -5.75 16.19
N GLY L 306 12.51 -6.44 15.26
CA GLY L 306 12.18 -6.27 13.85
C GLY L 306 11.02 -7.11 13.35
N ALA L 307 10.37 -7.85 14.24
CA ALA L 307 9.33 -8.80 13.83
C ALA L 307 8.03 -8.10 13.46
N VAL L 308 7.50 -7.34 14.41
CA VAL L 308 6.21 -6.68 14.27
C VAL L 308 6.11 -5.85 12.98
N LEU L 309 7.26 -5.47 12.43
CA LEU L 309 7.31 -4.66 11.22
C LEU L 309 6.68 -5.36 10.02
N SER L 310 7.25 -6.50 9.64
CA SER L 310 6.80 -7.24 8.47
C SER L 310 5.37 -7.77 8.62
N SER L 311 4.89 -7.80 9.86
CA SER L 311 3.55 -8.27 10.16
C SER L 311 2.48 -7.30 9.67
N ASN L 312 2.74 -6.01 9.86
CA ASN L 312 1.71 -4.98 9.74
C ASN L 312 1.39 -4.51 8.32
N LEU L 313 2.10 -5.02 7.32
CA LEU L 313 1.79 -4.68 5.94
C LEU L 313 1.08 -5.85 5.25
N ILE L 314 1.48 -7.07 5.59
CA ILE L 314 0.88 -8.28 5.03
C ILE L 314 -0.56 -8.44 5.51
N LYS L 315 -0.96 -7.65 6.50
CA LYS L 315 -2.31 -7.69 7.03
C LYS L 315 -3.30 -6.99 6.09
N SER L 316 -2.77 -6.27 5.12
CA SER L 316 -3.60 -5.55 4.17
C SER L 316 -4.01 -6.47 3.01
N TYR L 317 -3.26 -7.55 2.82
CA TYR L 317 -3.50 -8.46 1.71
C TYR L 317 -3.59 -9.90 2.17
N GLY L 318 -3.67 -10.09 3.48
CA GLY L 318 -3.78 -11.42 4.04
C GLY L 318 -5.17 -12.02 3.84
N PRO L 319 -6.19 -11.38 4.42
CA PRO L 319 -7.59 -11.81 4.31
C PRO L 319 -8.05 -11.92 2.86
N LEU L 320 -7.43 -11.13 1.98
CA LEU L 320 -7.74 -11.22 0.56
C LEU L 320 -7.25 -12.53 -0.05
N ILE L 321 -5.94 -12.75 0.00
CA ILE L 321 -5.34 -13.97 -0.51
C ILE L 321 -5.90 -15.21 0.18
N ARG L 322 -6.32 -15.03 1.43
CA ARG L 322 -6.86 -16.14 2.21
C ARG L 322 -8.21 -16.57 1.65
N SER L 323 -9.06 -15.60 1.35
CA SER L 323 -10.37 -15.87 0.79
C SER L 323 -10.26 -16.44 -0.61
N LEU L 324 -9.37 -15.86 -1.42
CA LEU L 324 -9.19 -16.30 -2.78
C LEU L 324 -8.70 -17.75 -2.83
N ARG L 325 -8.08 -18.18 -1.74
CA ARG L 325 -7.59 -19.55 -1.66
C ARG L 325 -8.66 -20.48 -1.12
N LYS L 326 -9.48 -19.99 -0.21
CA LYS L 326 -10.60 -20.77 0.31
C LYS L 326 -11.61 -21.11 -0.79
N LEU L 327 -11.78 -20.22 -1.76
CA LEU L 327 -12.76 -20.41 -2.82
C LEU L 327 -12.33 -21.43 -3.86
N THR L 328 -11.09 -21.31 -4.34
CA THR L 328 -10.56 -22.27 -5.30
C THR L 328 -10.50 -23.65 -4.66
N LYS L 329 -10.17 -23.66 -3.38
CA LYS L 329 -10.12 -24.88 -2.59
C LYS L 329 -11.45 -25.62 -2.68
N ASP L 330 -12.53 -24.86 -2.58
CA ASP L 330 -13.87 -25.42 -2.61
C ASP L 330 -14.20 -26.02 -3.96
N THR L 331 -13.75 -25.38 -5.02
CA THR L 331 -13.90 -25.94 -6.35
C THR L 331 -13.16 -27.28 -6.47
N LEU L 332 -11.98 -27.35 -5.84
CA LEU L 332 -11.18 -28.56 -5.87
C LEU L 332 -11.74 -29.62 -4.91
N ASN L 333 -12.62 -29.19 -4.02
CA ASN L 333 -13.27 -30.11 -3.11
C ASN L 333 -14.57 -30.66 -3.71
N ASP L 334 -14.74 -30.48 -5.02
CA ASP L 334 -15.90 -31.00 -5.75
C ASP L 334 -15.49 -31.93 -6.88
N GLU L 335 -16.04 -33.14 -6.90
CA GLU L 335 -15.74 -34.08 -7.97
C GLU L 335 -16.39 -33.65 -9.27
N PRO L 336 -15.73 -33.95 -10.40
CA PRO L 336 -16.30 -33.72 -11.72
C PRO L 336 -17.70 -34.34 -11.83
N LYS L 337 -18.57 -33.75 -12.65
CA LYS L 337 -19.97 -34.20 -12.74
C LYS L 337 -20.13 -35.64 -13.24
N TRP L 338 -19.18 -36.12 -14.03
CA TRP L 338 -19.32 -37.41 -14.67
C TRP L 338 -19.07 -38.60 -13.73
N ARG L 339 -18.96 -38.35 -12.44
CA ARG L 339 -18.74 -39.45 -11.47
C ARG L 339 -20.04 -39.84 -10.76
N HIS L 340 -20.74 -40.80 -11.34
CA HIS L 340 -22.05 -41.18 -10.84
C HIS L 340 -22.38 -42.62 -11.23
N ASN L 341 -23.51 -43.09 -10.75
CA ASN L 341 -23.97 -44.46 -11.02
C ASN L 341 -25.21 -44.46 -11.90
N GLN L 342 -25.32 -43.45 -12.76
CA GLN L 342 -26.47 -43.34 -13.64
C GLN L 342 -26.40 -44.35 -14.79
N PRO L 343 -27.55 -44.66 -15.39
CA PRO L 343 -27.73 -45.61 -16.48
C PRO L 343 -26.83 -45.37 -17.69
N VAL L 344 -26.40 -44.12 -17.89
CA VAL L 344 -25.58 -43.80 -19.07
C VAL L 344 -24.26 -43.15 -18.69
N LEU L 345 -23.21 -43.53 -19.41
CA LEU L 345 -21.88 -42.97 -19.24
C LEU L 345 -21.82 -41.52 -19.68
N THR L 346 -21.22 -40.64 -18.89
CA THR L 346 -21.12 -39.24 -19.28
C THR L 346 -19.73 -38.66 -19.05
N THR L 347 -18.71 -39.51 -19.16
CA THR L 347 -17.33 -39.08 -18.92
C THR L 347 -16.68 -38.45 -20.14
N GLY L 348 -17.33 -38.58 -21.29
CA GLY L 348 -16.78 -38.04 -22.53
C GLY L 348 -16.33 -39.13 -23.47
N TYR L 349 -16.32 -40.36 -22.98
CA TYR L 349 -15.94 -41.52 -23.78
C TYR L 349 -17.06 -41.93 -24.75
#